data_8CYE
#
_entry.id   8CYE
#
_cell.length_a   1.00
_cell.length_b   1.00
_cell.length_c   1.00
_cell.angle_alpha   90.00
_cell.angle_beta   90.00
_cell.angle_gamma   90.00
#
_symmetry.space_group_name_H-M   'P 1'
#
_entity_poly.entity_id   1
_entity_poly.type   'polypeptide(L)'
_entity_poly.pdbx_seq_one_letter_code
;MAQVINTNSLSLITQNNINKNQSALSSSIERLSSGLRINSAKDDAAGQAIANRFTSNIKGLTQAARNANDGISVAQTTEG
ALSEINNNLQRIRELTVQASTGTNSDSDLDSIQDEIKSRLDEIDRVSGQTQFNGVNVLAKDGSMKIQVGANDGQTITIDL
KKIDSDTLGLNGFNVNGKGETANTAATLKDMSGFTAAAAPGGTVGVTQYTDKSAVASSVDILNAVAGADGNKVTTSADVG
FGTPAAAVTYTYNKDTNSYSAASDDISSANLAAFLNPQARDTTKATVTIGGKDQDVNIDKSGNLTAADDGAVLYMDATGN
LTKNNAGGDTQATLAKVATATGAKAATIQTDKGTFTSDGTAFDGASMSIDANTFANAVKNDTYTATVGAKTYSVTTGSAA
ADTAYMSNGVLSDTPPTYYAQADGSITTTEDAAAGKLVYKGSDGKLTTDTTSKAESTSDPLAALDDAISQIDKFRSSLGA
VQNRLDSAVTNLNNTTTNLSEAQSRIQDADYATEVSNMSKAQIIQQAGNSVLAKANQVPQQVLSLLQG
;
_entity_poly.pdbx_strand_id   B,A,M,C,N,D,O,E,P,F,Q,G,R,H,S,I,T,J,U,K,V,L
#
# COMPACT_ATOMS: atom_id res chain seq x y z
N ALA A 2 31.30 13.06 -89.21
CA ALA A 2 30.78 11.70 -89.36
C ALA A 2 31.31 11.05 -90.62
N GLN A 3 31.66 9.77 -90.53
CA GLN A 3 32.21 9.02 -91.65
C GLN A 3 31.20 8.04 -92.23
N VAL A 4 30.63 7.17 -91.41
CA VAL A 4 29.82 6.05 -91.86
C VAL A 4 28.45 6.13 -91.22
N ILE A 5 27.41 5.84 -92.00
CA ILE A 5 26.06 5.84 -91.49
C ILE A 5 25.54 4.41 -91.35
N ASN A 6 26.27 3.45 -91.91
CA ASN A 6 25.81 2.06 -91.86
C ASN A 6 26.22 1.37 -90.56
N THR A 7 27.03 2.03 -89.74
CA THR A 7 27.53 1.43 -88.51
C THR A 7 27.69 2.52 -87.44
N ASN A 8 27.26 2.22 -86.23
CA ASN A 8 27.45 3.10 -85.07
C ASN A 8 28.12 2.26 -83.99
N SER A 9 29.47 2.31 -83.94
CA SER A 9 30.21 1.54 -82.96
C SER A 9 29.94 2.05 -81.55
N LEU A 10 29.74 3.36 -81.40
CA LEU A 10 29.50 3.94 -80.08
C LEU A 10 28.22 3.38 -79.45
N SER A 11 27.16 3.25 -80.25
CA SER A 11 25.93 2.68 -79.73
C SER A 11 26.15 1.25 -79.25
N LEU A 12 26.89 0.45 -80.03
CA LEU A 12 27.13 -0.94 -79.65
C LEU A 12 27.94 -1.04 -78.36
N ILE A 13 28.99 -0.22 -78.22
CA ILE A 13 29.81 -0.30 -77.02
C ILE A 13 29.02 0.18 -75.80
N THR A 14 28.19 1.22 -75.97
CA THR A 14 27.34 1.65 -74.87
C THR A 14 26.36 0.55 -74.48
N GLN A 15 25.80 -0.16 -75.47
CA GLN A 15 24.91 -1.27 -75.17
C GLN A 15 25.64 -2.36 -74.39
N ASN A 16 26.89 -2.63 -74.77
CA ASN A 16 27.67 -3.63 -74.04
C ASN A 16 27.85 -3.22 -72.58
N ASN A 17 28.21 -1.96 -72.34
CA ASN A 17 28.35 -1.52 -70.95
C ASN A 17 27.03 -1.55 -70.20
N ILE A 18 25.92 -1.25 -70.89
CA ILE A 18 24.62 -1.31 -70.25
C ILE A 18 24.27 -2.74 -69.84
N ASN A 19 24.59 -3.72 -70.69
CA ASN A 19 24.36 -5.12 -70.31
C ASN A 19 25.23 -5.51 -69.12
N LYS A 20 26.50 -5.08 -69.13
CA LYS A 20 27.39 -5.36 -68.02
C LYS A 20 26.85 -4.80 -66.72
N ASN A 21 26.26 -3.59 -66.79
CA ASN A 21 25.62 -3.04 -65.60
C ASN A 21 24.37 -3.82 -65.23
N GLN A 22 23.57 -4.21 -66.21
CA GLN A 22 22.29 -4.86 -65.94
C GLN A 22 22.48 -6.16 -65.18
N SER A 23 23.52 -6.91 -65.53
CA SER A 23 23.80 -8.15 -64.79
C SER A 23 23.95 -7.87 -63.29
N ALA A 24 24.83 -6.91 -62.95
CA ALA A 24 25.08 -6.60 -61.54
C ALA A 24 23.86 -5.98 -60.89
N LEU A 25 23.09 -5.19 -61.64
CA LEU A 25 21.90 -4.56 -61.09
C LEU A 25 20.88 -5.62 -60.69
N SER A 26 20.57 -6.54 -61.60
CA SER A 26 19.63 -7.61 -61.29
C SER A 26 20.13 -8.45 -60.13
N SER A 27 21.43 -8.78 -60.12
CA SER A 27 21.98 -9.58 -59.03
C SER A 27 21.81 -8.86 -57.70
N SER A 28 22.13 -7.56 -57.66
CA SER A 28 22.05 -6.82 -56.41
C SER A 28 20.62 -6.67 -55.92
N ILE A 29 19.69 -6.36 -56.82
CA ILE A 29 18.30 -6.19 -56.40
C ILE A 29 17.75 -7.51 -55.90
N GLU A 30 18.04 -8.59 -56.62
CA GLU A 30 17.55 -9.91 -56.21
C GLU A 30 18.15 -10.32 -54.87
N ARG A 31 19.44 -10.04 -54.67
CA ARG A 31 20.09 -10.34 -53.40
C ARG A 31 19.47 -9.54 -52.25
N LEU A 32 18.88 -8.43 -52.62
CA LEU A 32 18.25 -7.58 -51.65
C LEU A 32 17.06 -8.22 -50.97
N SER A 33 16.12 -8.74 -51.75
CA SER A 33 14.92 -9.31 -51.17
C SER A 33 15.18 -10.51 -50.30
N SER A 34 16.04 -11.40 -50.75
CA SER A 34 16.35 -12.57 -49.97
C SER A 34 17.08 -12.15 -48.74
N GLY A 35 16.81 -12.79 -47.62
CA GLY A 35 17.58 -12.44 -46.45
C GLY A 35 19.03 -12.84 -46.72
N LEU A 36 19.22 -14.04 -47.24
CA LEU A 36 20.55 -14.59 -47.49
C LEU A 36 21.32 -14.06 -48.68
N ARG A 37 22.63 -13.98 -48.47
CA ARG A 37 23.60 -13.55 -49.46
C ARG A 37 23.79 -14.49 -50.63
N ILE A 38 23.85 -15.79 -50.34
N ILE A 38 23.83 -15.79 -50.33
CA ILE A 38 24.05 -16.82 -51.34
CA ILE A 38 24.06 -16.82 -51.34
C ILE A 38 23.05 -16.93 -52.46
C ILE A 38 23.05 -16.96 -52.46
N ASN A 39 21.77 -16.85 -52.11
CA ASN A 39 20.68 -16.99 -53.08
C ASN A 39 20.74 -18.35 -53.72
N SER A 40 20.85 -18.37 -55.03
CA SER A 40 20.87 -19.59 -55.80
C SER A 40 22.22 -20.28 -55.83
N ALA A 41 22.34 -21.24 -56.74
CA ALA A 41 23.56 -22.01 -56.92
C ALA A 41 24.55 -21.31 -57.85
N LYS A 42 24.22 -20.12 -58.34
CA LYS A 42 25.15 -19.40 -59.18
C LYS A 42 26.37 -19.19 -58.33
N ASP A 43 26.18 -19.17 -57.01
CA ASP A 43 27.33 -18.98 -56.16
C ASP A 43 27.98 -20.30 -55.78
N ASP A 44 29.17 -20.18 -55.23
CA ASP A 44 29.99 -21.32 -54.91
C ASP A 44 29.31 -22.35 -54.06
N ALA A 45 29.58 -23.60 -54.42
CA ALA A 45 29.06 -24.75 -53.73
C ALA A 45 29.56 -24.80 -52.30
N ALA A 46 30.81 -24.40 -52.06
CA ALA A 46 31.38 -24.46 -50.72
C ALA A 46 30.54 -23.63 -49.77
N GLY A 47 30.16 -22.44 -50.18
CA GLY A 47 29.29 -21.64 -49.38
C GLY A 47 27.93 -22.31 -49.32
N GLN A 48 27.47 -22.81 -50.46
CA GLN A 48 26.17 -23.42 -50.52
C GLN A 48 25.98 -24.63 -49.63
N ALA A 49 26.78 -25.62 -49.92
CA ALA A 49 26.74 -26.96 -49.33
C ALA A 49 27.01 -26.90 -47.83
N ILE A 50 27.97 -26.07 -47.41
CA ILE A 50 28.29 -25.97 -46.00
C ILE A 50 27.10 -25.42 -45.22
N ALA A 51 26.42 -24.40 -45.77
CA ALA A 51 25.24 -23.85 -45.12
C ALA A 51 24.09 -24.85 -45.06
N ASN A 52 23.93 -25.64 -46.12
CA ASN A 52 22.91 -26.69 -46.11
C ASN A 52 23.20 -27.72 -45.01
N ARG A 53 24.47 -28.11 -44.88
CA ARG A 53 24.85 -29.01 -43.80
C ARG A 53 24.54 -28.40 -42.44
N PHE A 54 24.83 -27.11 -42.29
CA PHE A 54 24.55 -26.45 -41.01
C PHE A 54 23.06 -26.45 -40.71
N THR A 55 22.23 -26.16 -41.70
CA THR A 55 20.79 -26.16 -41.48
C THR A 55 20.29 -27.54 -41.08
N SER A 56 20.78 -28.58 -41.75
CA SER A 56 20.38 -29.94 -41.39
C SER A 56 20.81 -30.28 -39.97
N ASN A 57 22.04 -29.93 -39.60
CA ASN A 57 22.52 -30.20 -38.24
C ASN A 57 21.70 -29.44 -37.20
N ILE A 58 21.33 -28.19 -37.52
CA ILE A 58 20.54 -27.38 -36.60
C ILE A 58 19.17 -28.00 -36.39
N LYS A 59 18.52 -28.44 -37.47
CA LYS A 59 17.21 -29.09 -37.32
C LYS A 59 17.33 -30.37 -36.51
N GLY A 60 18.39 -31.15 -36.75
CA GLY A 60 18.59 -32.37 -35.98
C GLY A 60 18.75 -32.09 -34.50
N LEU A 61 19.56 -31.08 -34.15
CA LEU A 61 19.74 -30.74 -32.74
C LEU A 61 18.44 -30.21 -32.13
N THR A 62 17.66 -29.45 -32.90
CA THR A 62 16.38 -28.98 -32.40
C THR A 62 15.46 -30.14 -32.06
N GLN A 63 15.41 -31.16 -32.93
CA GLN A 63 14.61 -32.33 -32.63
C GLN A 63 15.17 -33.10 -31.43
N ALA A 64 16.49 -33.15 -31.31
CA ALA A 64 17.11 -33.82 -30.18
C ALA A 64 16.74 -33.15 -28.86
N ALA A 65 16.55 -31.84 -28.89
CA ALA A 65 16.11 -31.14 -27.68
C ALA A 65 14.75 -31.64 -27.21
N ARG A 66 13.82 -31.80 -28.14
CA ARG A 66 12.50 -32.33 -27.79
C ARG A 66 12.60 -33.76 -27.30
N ASN A 67 13.48 -34.55 -27.93
CA ASN A 67 13.69 -35.92 -27.46
C ASN A 67 14.19 -35.94 -26.02
N ALA A 68 15.14 -35.05 -25.69
CA ALA A 68 15.66 -34.98 -24.33
C ALA A 68 14.59 -34.54 -23.34
N ASN A 69 13.73 -33.60 -23.76
CA ASN A 69 12.62 -33.21 -22.90
C ASN A 69 11.68 -34.38 -22.63
N ASP A 70 11.39 -35.17 -23.66
CA ASP A 70 10.57 -36.36 -23.46
C ASP A 70 11.23 -37.32 -22.49
N GLY A 71 12.55 -37.51 -22.62
CA GLY A 71 13.26 -38.42 -21.72
C GLY A 71 13.25 -37.95 -20.28
N ILE A 72 13.47 -36.65 -20.05
CA ILE A 72 13.45 -36.16 -18.68
C ILE A 72 12.04 -36.27 -18.10
N SER A 73 11.02 -36.11 -18.94
CA SER A 73 9.66 -36.37 -18.47
C SER A 73 9.49 -37.83 -18.06
N VAL A 74 10.05 -38.76 -18.85
CA VAL A 74 10.00 -40.17 -18.51
C VAL A 74 10.61 -40.40 -17.13
N ALA A 75 11.79 -39.83 -16.90
CA ALA A 75 12.47 -40.04 -15.63
C ALA A 75 11.68 -39.43 -14.47
N GLN A 76 11.15 -38.22 -14.67
CA GLN A 76 10.45 -37.54 -13.58
C GLN A 76 9.20 -38.29 -13.17
N THR A 77 8.43 -38.79 -14.14
CA THR A 77 7.23 -39.54 -13.79
C THR A 77 7.58 -40.79 -12.98
N THR A 78 8.63 -41.51 -13.39
CA THR A 78 9.03 -42.71 -12.69
C THR A 78 9.48 -42.41 -11.26
N GLU A 79 10.28 -41.36 -11.08
CA GLU A 79 10.72 -41.03 -9.72
C GLU A 79 9.55 -40.62 -8.84
N GLY A 80 8.60 -39.86 -9.40
CA GLY A 80 7.40 -39.54 -8.65
C GLY A 80 6.63 -40.78 -8.25
N ALA A 81 6.60 -41.78 -9.12
CA ALA A 81 5.95 -43.05 -8.77
C ALA A 81 6.68 -43.75 -7.63
N LEU A 82 8.02 -43.81 -7.71
CA LEU A 82 8.78 -44.57 -6.70
C LEU A 82 8.73 -43.91 -5.32
N SER A 83 8.60 -42.58 -5.26
CA SER A 83 8.50 -41.93 -3.96
C SER A 83 7.31 -42.45 -3.18
N GLU A 84 6.19 -42.63 -3.87
CA GLU A 84 4.95 -43.10 -3.24
C GLU A 84 5.12 -44.51 -2.68
N ILE A 85 5.81 -45.37 -3.42
CA ILE A 85 6.07 -46.73 -2.94
C ILE A 85 7.02 -46.70 -1.74
N ASN A 86 7.99 -45.80 -1.76
CA ASN A 86 8.92 -45.68 -0.64
C ASN A 86 8.18 -45.30 0.64
N ASN A 87 7.23 -44.37 0.53
CA ASN A 87 6.43 -43.99 1.70
C ASN A 87 5.66 -45.18 2.25
N ASN A 88 5.07 -45.98 1.36
CA ASN A 88 4.32 -47.16 1.80
C ASN A 88 5.23 -48.18 2.49
N LEU A 89 6.43 -48.36 1.95
CA LEU A 89 7.39 -49.28 2.58
C LEU A 89 7.75 -48.81 3.99
N GLN A 90 7.97 -47.50 4.14
CA GLN A 90 8.27 -46.96 5.46
C GLN A 90 7.11 -47.19 6.42
N ARG A 91 5.89 -46.96 5.96
CA ARG A 91 4.71 -47.17 6.81
C ARG A 91 4.59 -48.63 7.21
N ILE A 92 4.87 -49.55 6.27
CA ILE A 92 4.80 -50.98 6.58
C ILE A 92 5.83 -51.34 7.64
N ARG A 93 7.06 -50.85 7.48
CA ARG A 93 8.11 -51.14 8.47
C ARG A 93 7.71 -50.65 9.85
N GLU A 94 7.10 -49.46 9.92
CA GLU A 94 6.72 -48.92 11.22
C GLU A 94 5.72 -49.83 11.92
N LEU A 95 4.76 -50.39 11.17
CA LEU A 95 3.80 -51.30 11.78
C LEU A 95 4.38 -52.66 12.08
N THR A 96 5.36 -53.11 11.29
CA THR A 96 6.02 -54.38 11.62
C THR A 96 6.76 -54.27 12.94
N VAL A 97 7.35 -53.10 13.21
CA VAL A 97 8.00 -52.88 14.51
C VAL A 97 6.99 -53.09 15.64
N GLN A 98 5.77 -52.58 15.47
CA GLN A 98 4.73 -52.78 16.48
C GLN A 98 4.34 -54.25 16.58
N ALA A 99 4.15 -54.91 15.44
CA ALA A 99 3.70 -56.30 15.45
C ALA A 99 4.72 -57.20 16.12
N SER A 100 6.00 -56.82 16.06
CA SER A 100 7.05 -57.63 16.68
C SER A 100 6.89 -57.69 18.19
N THR A 101 6.21 -56.70 18.78
CA THR A 101 6.01 -56.69 20.22
C THR A 101 5.07 -57.81 20.64
N GLY A 102 5.46 -58.53 21.70
CA GLY A 102 4.70 -59.70 22.12
C GLY A 102 3.48 -59.36 22.95
N THR A 103 3.40 -58.14 23.48
CA THR A 103 2.26 -57.76 24.30
C THR A 103 0.97 -57.76 23.49
N ASN A 104 1.07 -57.60 22.17
CA ASN A 104 -0.10 -57.65 21.32
C ASN A 104 -0.64 -59.08 21.25
N SER A 105 -1.97 -59.21 21.28
CA SER A 105 -2.61 -60.51 21.24
C SER A 105 -2.79 -60.97 19.79
N ASP A 106 -3.28 -62.21 19.63
CA ASP A 106 -3.38 -62.80 18.30
C ASP A 106 -4.33 -62.00 17.41
N SER A 107 -5.44 -61.51 17.96
CA SER A 107 -6.33 -60.65 17.19
C SER A 107 -5.64 -59.37 16.79
N ASP A 108 -4.82 -58.81 17.68
CA ASP A 108 -4.06 -57.61 17.34
C ASP A 108 -3.09 -57.88 16.20
N LEU A 109 -2.41 -59.04 16.23
CA LEU A 109 -1.52 -59.39 15.12
C LEU A 109 -2.30 -59.58 13.83
N ASP A 110 -3.49 -60.16 13.90
CA ASP A 110 -4.33 -60.29 12.70
C ASP A 110 -4.70 -58.93 12.14
N SER A 111 -5.11 -58.00 13.01
CA SER A 111 -5.48 -56.66 12.54
C SER A 111 -4.29 -55.94 11.93
N ILE A 112 -3.11 -56.10 12.53
CA ILE A 112 -1.91 -55.48 11.97
C ILE A 112 -1.58 -56.09 10.61
N GLN A 113 -1.66 -57.43 10.51
CA GLN A 113 -1.38 -58.10 9.26
C GLN A 113 -2.35 -57.66 8.17
N ASP A 114 -3.59 -57.34 8.56
CA ASP A 114 -4.53 -56.79 7.58
C ASP A 114 -3.98 -55.51 6.96
N GLU A 115 -3.46 -54.60 7.78
CA GLU A 115 -2.88 -53.37 7.27
C GLU A 115 -1.65 -53.63 6.41
N ILE A 116 -0.80 -54.56 6.85
CA ILE A 116 0.41 -54.87 6.08
C ILE A 116 0.04 -55.42 4.71
N LYS A 117 -0.91 -56.35 4.66
CA LYS A 117 -1.35 -56.93 3.39
C LYS A 117 -1.98 -55.87 2.51
N SER A 118 -2.79 -54.98 3.10
CA SER A 118 -3.42 -53.92 2.33
C SER A 118 -2.38 -52.98 1.71
N ARG A 119 -1.37 -52.60 2.49
CA ARG A 119 -0.33 -51.73 1.97
C ARG A 119 0.51 -52.43 0.89
N LEU A 120 0.79 -53.73 1.07
CA LEU A 120 1.51 -54.46 0.03
C LEU A 120 0.69 -54.56 -1.24
N ASP A 121 -0.63 -54.73 -1.10
CA ASP A 121 -1.50 -54.72 -2.27
C ASP A 121 -1.46 -53.37 -2.97
N GLU A 122 -1.44 -52.29 -2.19
CA GLU A 122 -1.31 -50.96 -2.78
C GLU A 122 0.01 -50.81 -3.53
N ILE A 123 1.10 -51.35 -2.96
CA ILE A 123 2.40 -51.31 -3.63
C ILE A 123 2.33 -52.05 -4.96
N ASP A 124 1.78 -53.25 -4.94
CA ASP A 124 1.68 -54.03 -6.18
C ASP A 124 0.83 -53.29 -7.21
N ARG A 125 -0.29 -52.72 -6.77
CA ARG A 125 -1.16 -51.96 -7.66
C ARG A 125 -0.42 -50.80 -8.30
N VAL A 126 0.22 -49.96 -7.49
CA VAL A 126 0.87 -48.77 -8.03
C VAL A 126 2.03 -49.15 -8.93
N SER A 127 2.75 -50.23 -8.59
CA SER A 127 3.82 -50.69 -9.45
C SER A 127 3.29 -51.15 -10.81
N GLY A 128 2.18 -51.88 -10.80
CA GLY A 128 1.63 -52.36 -12.05
C GLY A 128 1.09 -51.25 -12.93
N GLN A 129 0.34 -50.31 -12.34
CA GLN A 129 -0.42 -49.37 -13.16
C GLN A 129 0.46 -48.27 -13.76
N THR A 130 1.48 -47.84 -13.02
CA THR A 130 2.25 -46.67 -13.46
C THR A 130 2.81 -46.88 -14.86
N GLN A 131 2.55 -45.91 -15.74
CA GLN A 131 2.96 -46.03 -17.13
C GLN A 131 3.16 -44.63 -17.70
N PHE A 132 3.95 -44.58 -18.77
CA PHE A 132 4.22 -43.33 -19.47
C PHE A 132 4.03 -43.56 -20.96
N ASN A 133 3.19 -42.73 -21.59
CA ASN A 133 2.96 -42.79 -23.04
C ASN A 133 2.56 -44.19 -23.47
N GLY A 134 1.74 -44.84 -22.65
CA GLY A 134 1.31 -46.19 -22.93
C GLY A 134 2.34 -47.26 -22.67
N VAL A 135 3.46 -46.93 -22.04
CA VAL A 135 4.52 -47.87 -21.74
C VAL A 135 4.60 -48.04 -20.23
N ASN A 136 4.41 -49.27 -19.76
CA ASN A 136 4.45 -49.57 -18.33
C ASN A 136 5.90 -49.49 -17.84
N VAL A 137 6.18 -48.48 -17.02
CA VAL A 137 7.56 -48.20 -16.63
C VAL A 137 8.10 -49.29 -15.70
N LEU A 138 7.25 -49.81 -14.81
CA LEU A 138 7.70 -50.74 -13.78
C LEU A 138 7.18 -52.15 -13.96
N ALA A 139 6.40 -52.42 -15.01
CA ALA A 139 5.88 -53.77 -15.19
C ALA A 139 6.98 -54.74 -15.60
N LYS A 140 7.95 -54.28 -16.39
CA LYS A 140 9.05 -55.12 -16.85
C LYS A 140 10.34 -54.33 -16.85
N ASP A 141 11.44 -55.04 -16.62
CA ASP A 141 12.76 -54.44 -16.76
C ASP A 141 13.03 -54.15 -18.23
N GLY A 142 13.64 -53.00 -18.50
CA GLY A 142 13.92 -52.60 -19.87
C GLY A 142 14.70 -51.32 -19.92
N SER A 143 14.94 -50.87 -21.14
CA SER A 143 15.70 -49.65 -21.39
C SER A 143 14.96 -48.77 -22.38
N MET A 144 15.17 -47.47 -22.26
CA MET A 144 14.63 -46.49 -23.18
C MET A 144 15.78 -45.75 -23.85
N LYS A 145 15.64 -45.51 -25.14
CA LYS A 145 16.72 -44.98 -25.97
C LYS A 145 16.40 -43.54 -26.35
N ILE A 146 17.33 -42.63 -26.06
CA ILE A 146 17.12 -41.19 -26.24
C ILE A 146 18.27 -40.65 -27.07
N GLN A 147 17.96 -40.14 -28.26
CA GLN A 147 18.97 -39.60 -29.16
C GLN A 147 19.33 -38.18 -28.72
N VAL A 148 20.62 -37.96 -28.46
CA VAL A 148 21.13 -36.66 -28.05
C VAL A 148 22.19 -36.14 -29.01
N GLY A 149 22.30 -36.73 -30.19
CA GLY A 149 23.26 -36.28 -31.20
C GLY A 149 22.60 -36.18 -32.55
N ALA A 150 23.07 -35.22 -33.35
CA ALA A 150 22.53 -35.04 -34.70
C ALA A 150 22.81 -36.25 -35.58
N ASN A 151 24.02 -36.79 -35.48
CA ASN A 151 24.39 -37.95 -36.29
C ASN A 151 23.70 -39.21 -35.79
N ASP A 152 23.59 -40.20 -36.67
CA ASP A 152 22.87 -41.42 -36.35
C ASP A 152 23.65 -42.25 -35.32
N GLY A 153 22.91 -43.00 -34.52
CA GLY A 153 23.49 -43.98 -33.62
C GLY A 153 24.07 -43.44 -32.34
N GLN A 154 23.86 -42.17 -32.01
CA GLN A 154 24.37 -41.59 -30.76
C GLN A 154 23.20 -41.35 -29.83
N THR A 155 23.28 -41.88 -28.62
CA THR A 155 22.14 -41.94 -27.73
C THR A 155 22.58 -42.01 -26.27
N ILE A 156 21.62 -41.76 -25.39
CA ILE A 156 21.75 -41.99 -23.95
C ILE A 156 20.56 -42.83 -23.52
N THR A 157 20.81 -43.80 -22.65
CA THR A 157 19.81 -44.81 -22.30
C THR A 157 19.35 -44.61 -20.86
N ILE A 158 18.04 -44.83 -20.64
CA ILE A 158 17.51 -44.83 -19.28
C ILE A 158 17.32 -46.27 -18.81
N ASP A 159 17.77 -46.55 -17.60
CA ASP A 159 17.66 -47.89 -17.01
C ASP A 159 16.36 -48.00 -16.26
N LEU A 160 15.54 -48.97 -16.64
CA LEU A 160 14.26 -49.24 -15.99
C LEU A 160 14.25 -50.68 -15.49
N LYS A 161 13.85 -50.88 -14.25
CA LYS A 161 13.85 -52.19 -13.62
C LYS A 161 12.43 -52.58 -13.22
N LYS A 162 12.08 -53.85 -13.47
CA LYS A 162 10.82 -54.38 -12.97
C LYS A 162 10.82 -54.37 -11.45
N ILE A 163 9.81 -53.76 -10.86
CA ILE A 163 9.78 -53.57 -9.41
C ILE A 163 8.40 -53.92 -8.86
N ASP A 164 8.31 -55.05 -8.16
CA ASP A 164 7.12 -55.45 -7.45
C ASP A 164 7.50 -56.12 -6.13
N SER A 165 6.49 -56.34 -5.28
CA SER A 165 6.75 -56.91 -3.96
C SER A 165 7.50 -58.24 -4.06
N ASP A 166 7.16 -59.06 -5.05
CA ASP A 166 7.91 -60.29 -5.28
C ASP A 166 9.34 -59.97 -5.69
N THR A 167 9.53 -59.00 -6.57
CA THR A 167 10.87 -58.64 -7.04
C THR A 167 11.74 -58.15 -5.89
N LEU A 168 11.17 -57.31 -5.02
CA LEU A 168 11.92 -56.82 -3.87
C LEU A 168 12.16 -57.92 -2.85
N GLY A 169 11.56 -59.08 -3.04
CA GLY A 169 11.66 -60.08 -2.01
C GLY A 169 10.29 -60.61 -1.62
N LEU A 170 9.84 -60.15 -0.45
CA LEU A 170 8.96 -60.86 0.48
C LEU A 170 7.89 -61.69 -0.24
N ASN A 171 6.94 -61.06 -0.94
CA ASN A 171 5.93 -61.77 -1.73
C ASN A 171 5.00 -62.61 -0.85
N GLY A 172 5.34 -62.76 0.43
CA GLY A 172 4.60 -63.58 1.36
C GLY A 172 4.56 -63.07 2.78
N PHE A 173 4.80 -61.77 2.99
CA PHE A 173 4.97 -61.23 4.33
C PHE A 173 3.77 -61.50 5.22
N ASN A 174 4.05 -61.99 6.42
CA ASN A 174 3.03 -62.27 7.43
C ASN A 174 3.64 -61.98 8.79
N VAL A 175 2.85 -61.35 9.66
CA VAL A 175 3.33 -61.02 11.00
C VAL A 175 2.57 -61.84 12.03
N ASN A 176 1.35 -62.25 11.71
CA ASN A 176 0.56 -63.06 12.64
C ASN A 176 1.15 -64.45 12.78
N GLY A 177 1.64 -65.03 11.69
CA GLY A 177 2.21 -66.36 11.73
C GLY A 177 1.16 -67.46 11.74
N GLU A 455 3.23 -68.95 9.30
CA GLU A 455 4.64 -68.88 9.62
C GLU A 455 5.17 -67.46 9.40
N SER A 456 5.51 -66.79 10.49
CA SER A 456 6.00 -65.43 10.41
C SER A 456 7.38 -65.39 9.75
N THR A 457 7.71 -64.25 9.16
CA THR A 457 9.00 -64.08 8.52
C THR A 457 10.12 -64.13 9.55
N SER A 458 11.24 -64.77 9.19
CA SER A 458 12.35 -64.94 10.11
C SER A 458 12.94 -63.60 10.52
N ASP A 459 13.29 -62.77 9.53
CA ASP A 459 13.90 -61.46 9.78
C ASP A 459 13.10 -60.39 9.03
N PRO A 460 11.96 -59.98 9.59
CA PRO A 460 11.12 -58.97 8.91
C PRO A 460 11.84 -57.65 8.67
N LEU A 461 12.38 -57.07 9.75
CA LEU A 461 12.93 -55.71 9.66
C LEU A 461 14.11 -55.65 8.70
N ALA A 462 14.96 -56.67 8.70
CA ALA A 462 16.09 -56.69 7.79
C ALA A 462 15.62 -56.73 6.34
N ALA A 463 14.61 -57.54 6.04
CA ALA A 463 14.08 -57.60 4.68
C ALA A 463 13.45 -56.28 4.26
N LEU A 464 12.71 -55.65 5.17
CA LEU A 464 12.13 -54.34 4.86
C LEU A 464 13.22 -53.31 4.59
N ASP A 465 14.28 -53.32 5.40
CA ASP A 465 15.39 -52.39 5.17
C ASP A 465 16.06 -52.64 3.84
N ASP A 466 16.23 -53.91 3.47
CA ASP A 466 16.84 -54.23 2.18
C ASP A 466 15.97 -53.77 1.02
N ALA A 467 14.64 -53.95 1.14
CA ALA A 467 13.74 -53.50 0.09
C ALA A 467 13.79 -51.98 -0.04
N ILE A 468 13.79 -51.27 1.09
CA ILE A 468 13.86 -49.81 1.05
C ILE A 468 15.19 -49.36 0.43
N SER A 469 16.29 -50.06 0.75
CA SER A 469 17.58 -49.73 0.17
C SER A 469 17.57 -49.96 -1.35
N GLN A 470 16.93 -51.04 -1.80
CA GLN A 470 16.81 -51.27 -3.23
C GLN A 470 16.04 -50.15 -3.92
N ILE A 471 14.92 -49.73 -3.31
CA ILE A 471 14.13 -48.64 -3.89
C ILE A 471 14.96 -47.36 -3.95
N ASP A 472 15.68 -47.05 -2.87
CA ASP A 472 16.48 -45.83 -2.84
C ASP A 472 17.61 -45.89 -3.86
N LYS A 473 18.22 -47.06 -4.04
CA LYS A 473 19.26 -47.21 -5.05
C LYS A 473 18.71 -46.95 -6.45
N PHE A 474 17.52 -47.49 -6.74
CA PHE A 474 16.90 -47.21 -8.04
C PHE A 474 16.63 -45.73 -8.21
N ARG A 475 16.11 -45.08 -7.16
CA ARG A 475 15.85 -43.64 -7.23
C ARG A 475 17.12 -42.85 -7.47
N SER A 476 18.22 -43.23 -6.82
CA SER A 476 19.48 -42.53 -7.02
C SER A 476 19.98 -42.69 -8.46
N SER A 477 19.94 -43.93 -8.97
CA SER A 477 20.36 -44.16 -10.35
C SER A 477 19.49 -43.37 -11.32
N LEU A 478 18.22 -43.19 -11.00
CA LEU A 478 17.32 -42.48 -11.90
C LEU A 478 17.55 -40.97 -11.82
N GLY A 479 17.80 -40.44 -10.62
CA GLY A 479 18.10 -39.03 -10.50
C GLY A 479 19.39 -38.65 -11.18
N ALA A 480 20.37 -39.56 -11.15
CA ALA A 480 21.62 -39.31 -11.87
C ALA A 480 21.35 -39.11 -13.36
N VAL A 481 20.52 -39.96 -13.96
CA VAL A 481 20.25 -39.83 -15.38
C VAL A 481 19.38 -38.61 -15.65
N GLN A 482 18.56 -38.20 -14.67
CA GLN A 482 17.86 -36.92 -14.81
C GLN A 482 18.84 -35.77 -14.98
N ASN A 483 19.80 -35.65 -14.05
CA ASN A 483 20.80 -34.59 -14.16
C ASN A 483 21.59 -34.72 -15.46
N ARG A 484 21.85 -35.95 -15.87
CA ARG A 484 22.62 -36.20 -17.09
C ARG A 484 21.89 -35.67 -18.32
N LEU A 485 20.60 -35.99 -18.43
CA LEU A 485 19.80 -35.49 -19.56
C LEU A 485 19.68 -33.97 -19.52
N ASP A 486 19.56 -33.38 -18.33
CA ASP A 486 19.45 -31.92 -18.28
C ASP A 486 20.75 -31.26 -18.73
N SER A 487 21.90 -31.83 -18.36
CA SER A 487 23.16 -31.32 -18.89
C SER A 487 23.19 -31.45 -20.41
N ALA A 488 22.67 -32.56 -20.94
CA ALA A 488 22.58 -32.71 -22.39
C ALA A 488 21.73 -31.61 -23.01
N VAL A 489 20.61 -31.28 -22.37
CA VAL A 489 19.73 -30.23 -22.88
C VAL A 489 20.46 -28.89 -22.93
N THR A 490 21.21 -28.57 -21.88
CA THR A 490 21.99 -27.33 -21.89
C THR A 490 22.99 -27.34 -23.03
N ASN A 491 23.68 -28.47 -23.22
CA ASN A 491 24.61 -28.59 -24.33
C ASN A 491 23.93 -28.31 -25.66
N LEU A 492 22.71 -28.85 -25.85
CA LEU A 492 22.07 -28.76 -27.15
C LEU A 492 21.79 -27.31 -27.55
N ASN A 493 21.14 -26.53 -26.69
CA ASN A 493 20.83 -25.16 -27.06
C ASN A 493 22.11 -24.33 -27.16
N ASN A 494 23.08 -24.58 -26.26
CA ASN A 494 24.33 -23.83 -26.34
C ASN A 494 25.03 -24.05 -27.67
N THR A 495 25.05 -25.29 -28.17
CA THR A 495 25.74 -25.54 -29.42
C THR A 495 24.92 -25.08 -30.62
N THR A 496 23.58 -25.18 -30.54
CA THR A 496 22.78 -24.79 -31.69
C THR A 496 22.83 -23.29 -31.92
N THR A 497 22.95 -22.50 -30.86
CA THR A 497 23.09 -21.05 -31.07
C THR A 497 24.38 -20.72 -31.81
N ASN A 498 25.48 -21.36 -31.44
CA ASN A 498 26.74 -21.13 -32.14
C ASN A 498 26.66 -21.59 -33.59
N LEU A 499 26.04 -22.75 -33.83
CA LEU A 499 25.90 -23.24 -35.20
C LEU A 499 25.04 -22.29 -36.02
N SER A 500 23.96 -21.76 -35.43
CA SER A 500 23.12 -20.80 -36.13
C SER A 500 23.88 -19.53 -36.47
N GLU A 501 24.68 -19.03 -35.52
CA GLU A 501 25.48 -17.83 -35.79
C GLU A 501 26.45 -18.08 -36.94
N ALA A 502 27.13 -19.23 -36.92
CA ALA A 502 28.08 -19.54 -37.99
C ALA A 502 27.37 -19.66 -39.34
N GLN A 503 26.22 -20.35 -39.36
CA GLN A 503 25.48 -20.53 -40.60
C GLN A 503 25.00 -19.19 -41.16
N SER A 504 24.55 -18.29 -40.28
CA SER A 504 24.18 -16.95 -40.74
C SER A 504 25.38 -16.20 -41.27
N ARG A 505 26.54 -16.35 -40.63
CA ARG A 505 27.76 -15.71 -41.12
C ARG A 505 28.12 -16.21 -42.51
N ILE A 506 27.87 -17.49 -42.79
CA ILE A 506 28.17 -18.03 -44.11
C ILE A 506 27.33 -17.35 -45.18
N GLN A 507 26.02 -17.24 -44.96
CA GLN A 507 25.10 -16.71 -45.97
C GLN A 507 24.15 -15.69 -45.32
N ASP A 508 24.43 -14.41 -45.55
CA ASP A 508 23.52 -13.35 -45.20
C ASP A 508 23.87 -12.11 -46.01
N ALA A 509 22.84 -11.29 -46.27
CA ALA A 509 22.99 -10.18 -47.22
C ALA A 509 23.99 -9.15 -46.73
N ASP A 510 23.93 -8.79 -45.45
CA ASP A 510 24.66 -7.63 -44.91
C ASP A 510 24.23 -6.37 -45.66
N TYR A 511 22.96 -6.03 -45.45
CA TYR A 511 22.28 -5.00 -46.24
C TYR A 511 23.06 -3.70 -46.32
N ALA A 512 23.95 -3.44 -45.37
CA ALA A 512 24.68 -2.18 -45.35
C ALA A 512 25.46 -1.96 -46.64
N THR A 513 26.25 -2.95 -47.05
CA THR A 513 26.96 -2.84 -48.32
C THR A 513 26.06 -3.16 -49.50
N GLU A 514 24.95 -3.86 -49.25
CA GLU A 514 24.05 -4.23 -50.33
C GLU A 514 23.34 -3.02 -50.93
N VAL A 515 22.89 -2.10 -50.07
CA VAL A 515 22.09 -0.98 -50.55
C VAL A 515 22.93 -0.02 -51.38
N SER A 516 24.22 0.10 -51.07
CA SER A 516 25.06 1.05 -51.77
C SER A 516 25.30 0.65 -53.22
N ASN A 517 25.67 -0.62 -53.44
CA ASN A 517 25.90 -1.09 -54.80
C ASN A 517 24.63 -1.03 -55.63
N MET A 518 23.49 -1.26 -54.97
CA MET A 518 22.18 -1.05 -55.59
C MET A 518 22.08 0.32 -56.25
N SER A 519 22.18 1.39 -55.44
CA SER A 519 21.99 2.72 -55.98
C SER A 519 23.09 3.08 -56.97
N LYS A 520 24.31 2.58 -56.73
CA LYS A 520 25.40 2.82 -57.67
C LYS A 520 25.07 2.23 -59.04
N ALA A 521 24.57 1.00 -59.08
CA ALA A 521 24.21 0.38 -60.34
C ALA A 521 23.06 1.12 -61.01
N GLN A 522 22.07 1.56 -60.24
CA GLN A 522 20.96 2.29 -60.85
C GLN A 522 21.43 3.62 -61.45
N ILE A 523 22.30 4.34 -60.74
CA ILE A 523 22.88 5.56 -61.27
C ILE A 523 23.65 5.29 -62.56
N ILE A 524 24.46 4.23 -62.56
CA ILE A 524 25.25 3.93 -63.76
C ILE A 524 24.33 3.56 -64.90
N GLN A 525 23.20 2.89 -64.61
CA GLN A 525 22.25 2.55 -65.66
C GLN A 525 21.65 3.79 -66.28
N GLN A 526 21.23 4.74 -65.46
CA GLN A 526 20.63 5.96 -66.02
C GLN A 526 21.65 6.76 -66.81
N ALA A 527 22.90 6.78 -66.33
CA ALA A 527 23.96 7.44 -67.09
C ALA A 527 24.20 6.75 -68.43
N GLY A 528 24.19 5.41 -68.44
CA GLY A 528 24.35 4.69 -69.68
C GLY A 528 23.21 4.91 -70.65
N ASN A 529 21.99 4.99 -70.12
CA ASN A 529 20.84 5.32 -70.96
C ASN A 529 21.01 6.69 -71.60
N SER A 530 21.43 7.68 -70.81
CA SER A 530 21.64 9.02 -71.36
C SER A 530 22.72 9.03 -72.43
N VAL A 531 23.84 8.34 -72.17
CA VAL A 531 24.96 8.39 -73.10
C VAL A 531 24.62 7.66 -74.38
N LEU A 532 23.91 6.54 -74.29
CA LEU A 532 23.42 5.86 -75.49
C LEU A 532 22.46 6.75 -76.25
N ALA A 533 21.54 7.41 -75.53
CA ALA A 533 20.59 8.29 -76.19
C ALA A 533 21.30 9.33 -77.04
N LYS A 534 22.25 10.05 -76.45
CA LYS A 534 22.92 11.12 -77.19
C LYS A 534 23.84 10.57 -78.27
N ALA A 535 24.45 9.40 -78.02
CA ALA A 535 25.23 8.74 -79.05
C ALA A 535 24.37 8.41 -80.27
N ASN A 536 23.06 8.25 -80.06
CA ASN A 536 22.18 8.00 -81.20
C ASN A 536 22.13 9.18 -82.16
N GLN A 537 22.05 10.42 -81.65
CA GLN A 537 22.01 11.57 -82.56
C GLN A 537 23.40 12.05 -82.93
N VAL A 538 24.44 11.48 -82.32
CA VAL A 538 25.80 11.80 -82.77
C VAL A 538 25.96 11.61 -84.28
N PRO A 539 25.50 10.49 -84.89
CA PRO A 539 25.62 10.38 -86.35
C PRO A 539 24.48 11.05 -87.10
N GLN A 540 24.11 12.26 -86.71
CA GLN A 540 23.11 13.04 -87.44
C GLN A 540 23.74 13.99 -88.46
N GLN A 541 25.08 14.00 -88.56
CA GLN A 541 25.74 15.01 -89.37
C GLN A 541 25.65 14.70 -90.86
N VAL A 542 25.23 13.49 -91.22
CA VAL A 542 25.12 13.16 -92.63
C VAL A 542 24.07 14.03 -93.31
N LEU A 543 22.95 14.27 -92.62
CA LEU A 543 21.91 15.14 -93.19
C LEU A 543 22.43 16.55 -93.38
N SER A 544 23.20 17.06 -92.40
CA SER A 544 23.76 18.40 -92.53
C SER A 544 24.76 18.47 -93.68
N LEU A 545 25.58 17.43 -93.85
CA LEU A 545 26.61 17.45 -94.88
C LEU A 545 26.00 17.28 -96.27
N LEU A 546 24.84 16.62 -96.36
CA LEU A 546 24.28 16.30 -97.67
C LEU A 546 23.92 17.56 -98.45
N GLN A 547 23.34 18.56 -97.80
CA GLN A 547 23.04 19.81 -98.48
C GLN A 547 23.91 20.94 -97.92
N ALA B 2 23.15 -2.06 -38.89
CA ALA B 2 22.24 -2.71 -39.81
C ALA B 2 23.01 -3.57 -40.80
N GLN B 3 23.49 -4.73 -40.34
CA GLN B 3 24.30 -5.62 -41.15
C GLN B 3 23.83 -7.06 -41.11
N VAL B 4 22.70 -7.33 -40.45
CA VAL B 4 22.21 -8.70 -40.31
C VAL B 4 20.71 -8.64 -40.08
N ILE B 5 19.98 -9.45 -40.85
CA ILE B 5 18.51 -9.50 -40.72
C ILE B 5 17.97 -10.91 -40.55
N ASN B 6 18.67 -11.96 -40.99
CA ASN B 6 18.09 -13.30 -40.94
C ASN B 6 18.06 -13.85 -39.53
N THR B 7 19.11 -13.63 -38.75
CA THR B 7 19.22 -14.15 -37.41
C THR B 7 19.70 -13.06 -36.47
N ASN B 8 18.98 -12.86 -35.37
CA ASN B 8 19.42 -11.95 -34.32
C ASN B 8 20.23 -12.77 -33.33
N SER B 9 21.56 -12.79 -33.54
CA SER B 9 22.42 -13.55 -32.64
C SER B 9 22.30 -13.06 -31.21
N LEU B 10 22.09 -11.76 -31.03
CA LEU B 10 21.86 -11.22 -29.70
C LEU B 10 20.59 -11.80 -29.09
N SER B 11 19.54 -11.94 -29.90
CA SER B 11 18.30 -12.53 -29.40
C SER B 11 18.53 -13.97 -28.92
N LEU B 12 19.26 -14.76 -29.70
CA LEU B 12 19.51 -16.14 -29.31
C LEU B 12 20.37 -16.23 -28.05
N ILE B 13 21.41 -15.40 -27.96
CA ILE B 13 22.29 -15.47 -26.80
C ILE B 13 21.54 -14.99 -25.54
N THR B 14 20.65 -14.02 -25.70
CA THR B 14 19.82 -13.61 -24.57
C THR B 14 18.86 -14.72 -24.16
N GLN B 15 18.25 -15.40 -25.15
CA GLN B 15 17.33 -16.49 -24.84
C GLN B 15 18.04 -17.62 -24.11
N ASN B 16 19.32 -17.82 -24.41
CA ASN B 16 20.09 -18.83 -23.68
C ASN B 16 20.13 -18.54 -22.18
N ASN B 17 20.48 -17.31 -21.82
CA ASN B 17 20.55 -16.96 -20.40
C ASN B 17 19.15 -16.94 -19.77
N ILE B 18 18.14 -16.56 -20.55
CA ILE B 18 16.77 -16.62 -20.03
C ILE B 18 16.38 -18.06 -19.69
N ASN B 19 16.70 -19.00 -20.59
CA ASN B 19 16.42 -20.40 -20.31
C ASN B 19 17.22 -20.90 -19.12
N LYS B 20 18.47 -20.46 -19.00
CA LYS B 20 19.27 -20.85 -17.84
C LYS B 20 18.66 -20.33 -16.54
N ASN B 21 18.14 -19.11 -16.55
CA ASN B 21 17.57 -18.53 -15.34
C ASN B 21 16.22 -19.13 -15.00
N GLN B 22 15.50 -19.63 -16.01
CA GLN B 22 14.21 -20.25 -15.76
C GLN B 22 14.34 -21.44 -14.82
N SER B 23 15.35 -22.27 -15.03
CA SER B 23 15.55 -23.43 -14.17
C SER B 23 15.82 -23.02 -12.73
N ALA B 24 16.69 -22.01 -12.54
CA ALA B 24 16.99 -21.54 -11.19
C ALA B 24 15.74 -20.96 -10.53
N LEU B 25 14.94 -20.20 -11.27
CA LEU B 25 13.73 -19.63 -10.70
C LEU B 25 12.75 -20.71 -10.28
N SER B 26 12.51 -21.69 -11.16
CA SER B 26 11.58 -22.76 -10.83
C SER B 26 12.08 -23.58 -9.64
N SER B 27 13.39 -23.87 -9.60
CA SER B 27 13.94 -24.62 -8.49
C SER B 27 13.78 -23.84 -7.19
N SER B 28 14.04 -22.53 -7.22
CA SER B 28 13.89 -21.71 -6.02
C SER B 28 12.44 -21.72 -5.54
N ILE B 29 11.49 -21.57 -6.46
CA ILE B 29 10.08 -21.55 -6.09
C ILE B 29 9.67 -22.88 -5.46
N GLU B 30 10.03 -23.99 -6.11
CA GLU B 30 9.61 -25.29 -5.59
C GLU B 30 10.32 -25.64 -4.29
N ARG B 31 11.55 -25.16 -4.12
CA ARG B 31 12.27 -25.43 -2.86
C ARG B 31 11.73 -24.56 -1.74
N LEU B 32 11.26 -23.36 -2.06
CA LEU B 32 10.65 -22.51 -1.03
C LEU B 32 9.29 -23.05 -0.61
N SER B 33 8.49 -23.50 -1.59
CA SER B 33 7.16 -24.01 -1.28
C SER B 33 7.23 -25.25 -0.40
N SER B 34 8.11 -26.20 -0.75
CA SER B 34 8.26 -27.41 0.04
C SER B 34 9.28 -27.21 1.15
N GLY B 35 8.90 -27.58 2.37
CA GLY B 35 9.83 -27.46 3.48
C GLY B 35 11.07 -28.31 3.29
N LEU B 36 10.93 -29.43 2.60
CA LEU B 36 12.07 -30.30 2.34
C LEU B 36 13.04 -29.65 1.36
N ARG B 37 14.31 -29.59 1.76
CA ARG B 37 15.34 -29.12 0.85
C ARG B 37 15.53 -30.07 -0.32
N ILE B 38 15.46 -31.37 -0.07
N ILE B 38 15.46 -31.37 -0.07
CA ILE B 38 15.73 -32.36 -1.11
CA ILE B 38 15.74 -32.36 -1.10
C ILE B 38 14.73 -32.23 -2.26
C ILE B 38 14.74 -32.23 -2.25
N ASN B 39 13.45 -32.23 -1.93
CA ASN B 39 12.39 -31.91 -2.89
C ASN B 39 12.45 -32.77 -4.15
N SER B 40 12.16 -34.07 -4.01
CA SER B 40 12.10 -34.95 -5.17
C SER B 40 13.47 -35.06 -5.85
N ALA B 41 14.37 -35.86 -5.28
CA ALA B 41 15.80 -35.64 -5.36
C ALA B 41 16.37 -35.76 -6.77
N LYS B 42 16.10 -34.73 -7.58
CA LYS B 42 16.96 -34.40 -8.70
C LYS B 42 18.38 -34.08 -8.25
N ASP B 43 18.53 -33.59 -7.02
CA ASP B 43 19.82 -33.25 -6.44
C ASP B 43 20.48 -34.55 -5.96
N ASP B 44 21.57 -34.45 -5.20
CA ASP B 44 22.28 -35.63 -4.72
C ASP B 44 21.35 -36.52 -3.91
N ALA B 45 21.33 -37.80 -4.26
CA ALA B 45 20.45 -38.76 -3.60
C ALA B 45 21.12 -39.45 -2.41
N ALA B 46 22.41 -39.22 -2.19
CA ALA B 46 23.06 -39.77 -1.00
C ALA B 46 22.41 -39.22 0.27
N GLY B 47 22.25 -37.91 0.33
CA GLY B 47 21.53 -37.30 1.44
C GLY B 47 20.09 -37.76 1.51
N GLN B 48 19.48 -38.02 0.35
CA GLN B 48 18.11 -38.52 0.33
C GLN B 48 18.02 -39.87 1.02
N ALA B 49 18.92 -40.79 0.67
CA ALA B 49 18.93 -42.10 1.31
C ALA B 49 19.26 -42.01 2.79
N ILE B 50 20.19 -41.11 3.16
CA ILE B 50 20.54 -40.94 4.56
C ILE B 50 19.33 -40.45 5.36
N ALA B 51 18.58 -39.49 4.79
CA ALA B 51 17.39 -38.99 5.45
C ALA B 51 16.31 -40.07 5.55
N ASN B 52 16.17 -40.89 4.51
CA ASN B 52 15.23 -42.00 4.56
C ASN B 52 15.59 -42.95 5.69
N ARG B 53 16.87 -43.27 5.83
CA ARG B 53 17.31 -44.18 6.89
C ARG B 53 17.07 -43.57 8.27
N PHE B 54 17.29 -42.26 8.41
CA PHE B 54 16.99 -41.62 9.69
C PHE B 54 15.50 -41.67 9.99
N THR B 55 14.65 -41.44 8.99
CA THR B 55 13.21 -41.50 9.22
C THR B 55 12.77 -42.90 9.64
N SER B 56 13.37 -43.93 9.02
CA SER B 56 13.07 -45.31 9.43
C SER B 56 13.32 -45.50 10.92
N ASN B 57 14.51 -45.10 11.39
CA ASN B 57 14.84 -45.25 12.80
C ASN B 57 13.92 -44.41 13.66
N ILE B 58 13.57 -43.20 13.21
CA ILE B 58 12.71 -42.33 14.01
C ILE B 58 11.36 -42.99 14.26
N LYS B 59 10.72 -43.47 13.19
CA LYS B 59 9.42 -44.11 13.34
C LYS B 59 9.52 -45.38 14.18
N GLY B 60 10.54 -46.20 13.92
CA GLY B 60 10.70 -47.42 14.68
C GLY B 60 10.90 -47.17 16.17
N LEU B 61 11.70 -46.15 16.51
CA LEU B 61 11.93 -45.82 17.90
C LEU B 61 10.69 -45.26 18.57
N THR B 62 9.91 -44.43 17.87
CA THR B 62 8.65 -43.97 18.46
C THR B 62 7.74 -45.16 18.78
N GLN B 63 7.61 -46.09 17.83
CA GLN B 63 6.74 -47.23 18.06
C GLN B 63 7.27 -48.11 19.19
N ALA B 64 8.59 -48.29 19.26
CA ALA B 64 9.19 -49.11 20.31
C ALA B 64 9.01 -48.46 21.67
N ALA B 65 9.07 -47.13 21.73
CA ALA B 65 8.81 -46.43 22.98
C ALA B 65 7.38 -46.65 23.45
N ARG B 66 6.42 -46.58 22.51
CA ARG B 66 5.03 -46.87 22.88
C ARG B 66 4.89 -48.30 23.39
N ASN B 67 5.58 -49.25 22.73
CA ASN B 67 5.53 -50.64 23.18
C ASN B 67 6.13 -50.78 24.59
N ALA B 68 7.21 -50.07 24.87
CA ALA B 68 7.82 -50.12 26.19
C ALA B 68 6.88 -49.54 27.25
N ASN B 69 6.14 -48.49 26.90
CA ASN B 69 5.13 -47.97 27.82
C ASN B 69 4.05 -49.01 28.10
N ASP B 70 3.61 -49.73 27.05
CA ASP B 70 2.65 -50.80 27.29
C ASP B 70 3.23 -51.87 28.20
N GLY B 71 4.49 -52.22 28.01
CA GLY B 71 5.12 -53.22 28.85
C GLY B 71 5.21 -52.79 30.30
N ILE B 72 5.56 -51.53 30.54
CA ILE B 72 5.62 -51.06 31.93
C ILE B 72 4.23 -51.00 32.55
N SER B 73 3.20 -50.73 31.74
CA SER B 73 1.83 -50.85 32.25
C SER B 73 1.53 -52.29 32.67
N VAL B 74 1.95 -53.27 31.87
CA VAL B 74 1.77 -54.66 32.24
C VAL B 74 2.46 -54.97 33.56
N ALA B 75 3.70 -54.50 33.71
CA ALA B 75 4.45 -54.77 34.93
C ALA B 75 3.77 -54.14 36.14
N GLN B 76 3.25 -52.91 35.98
CA GLN B 76 2.54 -52.26 37.08
C GLN B 76 1.30 -53.05 37.48
N THR B 77 0.55 -53.54 36.51
CA THR B 77 -0.63 -54.35 36.83
C THR B 77 -0.25 -55.61 37.59
N THR B 78 0.81 -56.29 37.14
CA THR B 78 1.24 -57.51 37.82
C THR B 78 1.69 -57.23 39.24
N GLU B 79 2.43 -56.14 39.44
CA GLU B 79 2.90 -55.82 40.80
C GLU B 79 1.73 -55.45 41.71
N GLY B 80 0.73 -54.75 41.18
CA GLY B 80 -0.45 -54.48 41.98
C GLY B 80 -1.17 -55.75 42.40
N ALA B 81 -1.30 -56.70 41.48
CA ALA B 81 -1.91 -57.98 41.84
C ALA B 81 -1.08 -58.70 42.90
N LEU B 82 0.24 -58.67 42.77
CA LEU B 82 1.10 -59.33 43.76
C LEU B 82 0.94 -58.69 45.14
N SER B 83 0.84 -57.36 45.19
CA SER B 83 0.62 -56.69 46.47
C SER B 83 -0.72 -57.10 47.08
N GLU B 84 -1.77 -57.16 46.26
CA GLU B 84 -3.07 -57.57 46.76
C GLU B 84 -3.02 -58.98 47.32
N ILE B 85 -2.23 -59.87 46.71
CA ILE B 85 -2.06 -61.22 47.25
C ILE B 85 -1.27 -61.18 48.55
N ASN B 86 -0.20 -60.39 48.58
CA ASN B 86 0.71 -60.41 49.73
C ASN B 86 0.03 -59.90 50.99
N ASN B 87 -0.89 -58.93 50.84
CA ASN B 87 -1.62 -58.46 52.01
C ASN B 87 -2.38 -59.61 52.69
N ASN B 88 -3.14 -60.37 51.91
CA ASN B 88 -3.89 -61.49 52.48
C ASN B 88 -2.95 -62.57 53.00
N LEU B 89 -1.82 -62.79 52.33
CA LEU B 89 -0.87 -63.79 52.80
C LEU B 89 -0.31 -63.41 54.17
N GLN B 90 0.03 -62.13 54.36
CA GLN B 90 0.54 -61.68 55.65
C GLN B 90 -0.55 -61.77 56.72
N ARG B 91 -1.80 -61.47 56.35
CA ARG B 91 -2.90 -61.65 57.30
C ARG B 91 -3.03 -63.11 57.71
N ILE B 92 -2.88 -64.03 56.75
CA ILE B 92 -2.94 -65.46 57.04
C ILE B 92 -1.84 -65.83 58.02
N ARG B 93 -0.63 -65.33 57.79
CA ARG B 93 0.48 -65.58 58.72
C ARG B 93 0.16 -65.06 60.13
N GLU B 94 -0.36 -63.84 60.21
CA GLU B 94 -0.64 -63.24 61.51
C GLU B 94 -1.67 -64.05 62.28
N LEU B 95 -2.75 -64.48 61.60
CA LEU B 95 -3.78 -65.22 62.32
C LEU B 95 -3.36 -66.66 62.58
N THR B 96 -2.46 -67.22 61.75
CA THR B 96 -1.91 -68.53 62.06
C THR B 96 -1.07 -68.48 63.33
N VAL B 97 -0.34 -67.39 63.54
CA VAL B 97 0.40 -67.22 64.79
C VAL B 97 -0.55 -67.31 65.98
N GLN B 98 -1.72 -66.69 65.89
CA GLN B 98 -2.73 -66.83 66.93
C GLN B 98 -3.19 -68.28 67.04
N ALA B 99 -3.39 -68.94 65.90
CA ALA B 99 -3.85 -70.33 65.92
C ALA B 99 -2.84 -71.24 66.61
N SER B 100 -1.57 -70.85 66.63
CA SER B 100 -0.53 -71.70 67.20
C SER B 100 -0.69 -71.87 68.71
N THR B 101 -1.37 -70.94 69.38
CA THR B 101 -1.47 -70.99 70.84
C THR B 101 -2.24 -72.22 71.28
N GLY B 102 -1.78 -72.83 72.38
CA GLY B 102 -2.40 -74.05 72.87
C GLY B 102 -3.65 -73.80 73.68
N THR B 103 -3.92 -72.55 74.05
CA THR B 103 -5.07 -72.24 74.88
C THR B 103 -6.38 -72.42 74.10
N ASN B 104 -6.30 -72.40 72.77
CA ASN B 104 -7.50 -72.51 71.95
C ASN B 104 -8.06 -73.93 71.99
N SER B 105 -9.37 -74.04 71.82
CA SER B 105 -10.04 -75.33 71.73
C SER B 105 -10.25 -75.71 70.26
N ASP B 106 -10.68 -76.95 70.04
CA ASP B 106 -10.83 -77.47 68.68
C ASP B 106 -11.83 -76.65 67.86
N SER B 107 -12.92 -76.20 68.50
CA SER B 107 -13.86 -75.32 67.81
C SER B 107 -13.18 -74.02 67.38
N ASP B 108 -12.31 -73.48 68.23
CA ASP B 108 -11.56 -72.30 67.86
C ASP B 108 -10.62 -72.58 66.70
N LEU B 109 -9.99 -73.76 66.69
CA LEU B 109 -9.14 -74.12 65.57
C LEU B 109 -9.94 -74.20 64.27
N ASP B 110 -11.17 -74.71 64.33
CA ASP B 110 -12.01 -74.73 63.15
C ASP B 110 -12.41 -73.32 62.72
N SER B 111 -12.73 -72.45 63.71
CA SER B 111 -13.13 -71.09 63.39
C SER B 111 -11.96 -70.26 62.89
N ILE B 112 -10.74 -70.79 63.04
CA ILE B 112 -9.59 -70.15 62.40
C ILE B 112 -9.34 -70.79 61.03
N GLN B 113 -9.54 -72.09 60.92
CA GLN B 113 -9.23 -72.80 59.69
C GLN B 113 -10.17 -72.42 58.57
N ASP B 114 -11.43 -72.11 58.89
CA ASP B 114 -12.35 -71.70 57.83
C ASP B 114 -11.92 -70.37 57.22
N GLU B 115 -11.45 -69.44 58.06
CA GLU B 115 -10.91 -68.19 57.54
C GLU B 115 -9.63 -68.44 56.74
N ILE B 116 -8.78 -69.36 57.21
CA ILE B 116 -7.61 -69.75 56.43
C ILE B 116 -8.01 -70.20 55.05
N LYS B 117 -9.01 -71.09 54.97
CA LYS B 117 -9.47 -71.62 53.69
C LYS B 117 -10.04 -70.53 52.82
N SER B 118 -10.83 -69.62 53.40
CA SER B 118 -11.42 -68.53 52.63
C SER B 118 -10.35 -67.63 52.03
N ARG B 119 -9.32 -67.29 52.81
CA ARG B 119 -8.28 -66.40 52.31
C ARG B 119 -7.41 -67.09 51.27
N LEU B 120 -7.12 -68.38 51.47
CA LEU B 120 -6.39 -69.11 50.44
C LEU B 120 -7.19 -69.20 49.14
N ASP B 121 -8.50 -69.43 49.26
CA ASP B 121 -9.35 -69.45 48.08
C ASP B 121 -9.37 -68.09 47.39
N GLU B 122 -9.36 -67.01 48.18
CA GLU B 122 -9.30 -65.67 47.60
C GLU B 122 -7.98 -65.45 46.87
N ILE B 123 -6.88 -65.96 47.44
CA ILE B 123 -5.59 -65.87 46.76
C ILE B 123 -5.63 -66.61 45.42
N ASP B 124 -6.19 -67.82 45.42
CA ASP B 124 -6.31 -68.57 44.18
C ASP B 124 -7.17 -67.82 43.17
N ARG B 125 -8.28 -67.25 43.64
CA ARG B 125 -9.19 -66.52 42.76
C ARG B 125 -8.50 -65.33 42.13
N VAL B 126 -7.80 -64.53 42.93
CA VAL B 126 -7.16 -63.34 42.39
C VAL B 126 -5.99 -63.72 41.48
N SER B 127 -5.29 -64.81 41.79
CA SER B 127 -4.20 -65.25 40.92
C SER B 127 -4.73 -65.71 39.57
N GLY B 128 -5.85 -66.46 39.57
CA GLY B 128 -6.38 -66.93 38.30
C GLY B 128 -7.04 -65.83 37.49
N GLN B 129 -7.78 -64.95 38.18
CA GLN B 129 -8.62 -63.99 37.46
C GLN B 129 -7.80 -62.84 36.87
N THR B 130 -6.66 -62.50 37.49
CA THR B 130 -5.88 -61.37 37.01
C THR B 130 -5.35 -61.65 35.61
N GLN B 131 -5.45 -60.66 34.74
CA GLN B 131 -5.04 -60.81 33.36
C GLN B 131 -4.92 -59.44 32.71
N PHE B 132 -4.06 -59.35 31.69
CA PHE B 132 -3.90 -58.14 30.89
C PHE B 132 -4.05 -58.49 29.43
N ASN B 133 -4.97 -57.80 28.75
CA ASN B 133 -5.17 -57.93 27.30
C ASN B 133 -5.38 -59.39 26.91
N GLY B 134 -6.19 -60.09 27.70
CA GLY B 134 -6.47 -61.48 27.42
C GLY B 134 -5.38 -62.46 27.79
N VAL B 135 -4.36 -62.01 28.52
CA VAL B 135 -3.24 -62.86 28.93
C VAL B 135 -3.20 -62.89 30.45
N ASN B 136 -3.33 -64.09 31.01
CA ASN B 136 -3.28 -64.27 32.46
C ASN B 136 -1.83 -64.26 32.90
N VAL B 137 -1.39 -63.17 33.53
CA VAL B 137 0.01 -63.00 33.88
C VAL B 137 0.44 -64.01 34.94
N LEU B 138 -0.46 -64.34 35.87
CA LEU B 138 -0.10 -65.18 37.00
C LEU B 138 -0.52 -66.64 36.84
N ALA B 139 -1.25 -66.98 35.78
CA ALA B 139 -1.73 -68.34 35.63
C ALA B 139 -0.59 -69.31 35.30
N LYS B 140 0.27 -68.94 34.35
CA LYS B 140 1.31 -69.83 33.87
C LYS B 140 2.65 -69.11 33.85
N ASP B 141 3.71 -69.85 34.13
CA ASP B 141 5.06 -69.33 33.96
C ASP B 141 5.34 -69.17 32.47
N GLY B 142 5.91 -68.03 32.09
CA GLY B 142 6.18 -67.76 30.70
C GLY B 142 7.00 -66.52 30.51
N SER B 143 7.37 -66.26 29.26
CA SER B 143 8.18 -65.12 28.89
C SER B 143 7.35 -64.15 28.06
N MET B 144 7.50 -62.86 28.34
CA MET B 144 6.82 -61.82 27.61
C MET B 144 7.82 -61.08 26.74
N LYS B 145 7.38 -60.64 25.57
CA LYS B 145 8.25 -60.24 24.48
C LYS B 145 8.04 -58.76 24.19
N ILE B 146 9.09 -57.95 24.34
CA ILE B 146 9.03 -56.52 24.10
C ILE B 146 10.30 -56.09 23.38
N GLN B 147 10.14 -55.24 22.36
CA GLN B 147 11.27 -54.71 21.61
C GLN B 147 11.49 -53.24 21.96
N VAL B 148 12.74 -52.88 22.21
CA VAL B 148 13.14 -51.49 22.45
C VAL B 148 14.29 -51.07 21.54
N GLY B 149 14.41 -51.67 20.37
CA GLY B 149 15.45 -51.32 19.43
C GLY B 149 14.92 -51.25 18.01
N ALA B 150 15.59 -50.44 17.18
CA ALA B 150 15.15 -50.29 15.80
C ALA B 150 15.42 -51.55 14.99
N ASN B 151 16.62 -52.11 15.12
CA ASN B 151 17.00 -53.25 14.30
C ASN B 151 16.26 -54.52 14.74
N ASP B 152 16.26 -55.51 13.86
CA ASP B 152 15.55 -56.75 14.14
C ASP B 152 16.27 -57.56 15.22
N GLY B 153 15.48 -58.18 16.10
CA GLY B 153 15.99 -59.13 17.03
C GLY B 153 16.51 -58.58 18.34
N GLN B 154 16.60 -57.27 18.50
CA GLN B 154 17.02 -56.66 19.76
C GLN B 154 15.78 -56.36 20.59
N THR B 155 15.64 -57.10 21.70
CA THR B 155 14.41 -57.08 22.47
C THR B 155 14.74 -56.97 23.96
N ILE B 156 13.70 -56.76 24.75
CA ILE B 156 13.79 -56.75 26.20
C ILE B 156 12.71 -57.67 26.75
N THR B 157 13.07 -58.48 27.75
CA THR B 157 12.24 -59.59 28.18
C THR B 157 11.79 -59.38 29.62
N ILE B 158 10.47 -59.50 29.84
CA ILE B 158 9.92 -59.53 31.19
C ILE B 158 9.72 -60.98 31.60
N ASP B 159 10.06 -61.30 32.84
CA ASP B 159 9.96 -62.65 33.37
C ASP B 159 8.71 -62.78 34.22
N LEU B 160 7.86 -63.74 33.87
CA LEU B 160 6.61 -64.00 34.59
C LEU B 160 6.65 -65.41 35.17
N LYS B 161 6.35 -65.52 36.46
CA LYS B 161 6.29 -66.80 37.16
C LYS B 161 4.89 -67.00 37.71
N LYS B 162 4.30 -68.16 37.45
CA LYS B 162 2.96 -68.45 37.94
C LYS B 162 2.95 -68.54 39.46
N ILE B 163 2.01 -67.85 40.08
CA ILE B 163 1.89 -67.80 41.53
C ILE B 163 0.50 -68.28 41.95
N ASP B 164 0.39 -69.55 42.30
CA ASP B 164 -0.84 -70.08 42.88
C ASP B 164 -0.53 -70.78 44.21
N SER B 165 -1.58 -71.27 44.86
CA SER B 165 -1.39 -71.93 46.16
C SER B 165 -0.51 -73.17 46.02
N ASP B 166 -0.70 -73.95 44.96
CA ASP B 166 0.16 -75.09 44.73
C ASP B 166 1.61 -74.66 44.49
N THR B 167 1.80 -73.58 43.72
CA THR B 167 3.16 -73.12 43.44
C THR B 167 3.83 -72.56 44.68
N LEU B 168 3.15 -71.68 45.42
CA LEU B 168 3.75 -71.12 46.62
C LEU B 168 4.01 -72.19 47.67
N GLY B 169 3.10 -73.15 47.79
CA GLY B 169 3.43 -74.35 48.54
C GLY B 169 2.37 -74.97 49.42
N LEU B 170 2.56 -76.28 49.66
CA LEU B 170 1.88 -77.13 50.61
C LEU B 170 0.45 -77.48 50.21
N ASN B 171 -0.15 -76.73 49.29
CA ASN B 171 -1.31 -77.15 48.52
C ASN B 171 -2.53 -77.46 49.40
N GLY B 172 -2.32 -77.58 50.71
CA GLY B 172 -3.32 -78.15 51.58
C GLY B 172 -3.40 -77.59 53.00
N PHE B 173 -3.07 -76.31 53.19
CA PHE B 173 -2.85 -75.74 54.52
C PHE B 173 -4.04 -76.04 55.44
N ASN B 174 -3.74 -76.61 56.61
CA ASN B 174 -4.73 -76.97 57.60
C ASN B 174 -4.09 -76.83 58.98
N VAL B 175 -4.90 -76.46 59.97
CA VAL B 175 -4.41 -76.26 61.33
C VAL B 175 -5.02 -77.25 62.31
N ASN B 176 -6.32 -77.49 62.24
CA ASN B 176 -6.94 -78.44 63.17
C ASN B 176 -6.64 -79.88 62.75
N GLY B 177 -6.60 -80.15 61.45
CA GLY B 177 -6.34 -81.49 60.96
C GLY B 177 -7.59 -82.26 60.63
N GLU B 455 -4.15 -82.91 58.20
CA GLU B 455 -3.32 -82.85 59.39
C GLU B 455 -2.61 -81.50 59.49
N SER B 456 -2.36 -81.05 60.72
CA SER B 456 -1.68 -79.78 60.94
C SER B 456 -0.30 -79.79 60.32
N THR B 457 0.08 -78.66 59.76
CA THR B 457 1.40 -78.53 59.12
C THR B 457 2.50 -78.67 60.16
N SER B 458 3.60 -79.31 59.76
CA SER B 458 4.72 -79.52 60.68
C SER B 458 5.32 -78.19 61.13
N ASP B 459 5.66 -77.31 60.18
CA ASP B 459 6.25 -76.00 60.48
C ASP B 459 5.48 -74.92 59.73
N PRO B 460 4.28 -74.58 60.21
CA PRO B 460 3.45 -73.60 59.50
C PRO B 460 4.12 -72.24 59.34
N LEU B 461 4.72 -71.74 60.43
CA LEU B 461 5.30 -70.41 60.39
C LEU B 461 6.44 -70.32 59.37
N ALA B 462 7.30 -71.33 59.33
CA ALA B 462 8.37 -71.34 58.33
C ALA B 462 7.81 -71.46 56.93
N ALA B 463 6.74 -72.25 56.76
CA ALA B 463 6.14 -72.42 55.44
C ALA B 463 5.63 -71.08 54.90
N LEU B 464 4.83 -70.37 55.70
CA LEU B 464 4.34 -69.08 55.25
C LEU B 464 5.46 -68.06 55.14
N ASP B 465 6.49 -68.18 55.98
CA ASP B 465 7.63 -67.27 55.87
C ASP B 465 8.32 -67.42 54.51
N ASP B 466 8.57 -68.66 54.07
CA ASP B 466 9.23 -68.82 52.79
C ASP B 466 8.29 -68.53 51.64
N ALA B 467 6.98 -68.70 51.84
CA ALA B 467 6.04 -68.27 50.81
C ALA B 467 6.08 -66.75 50.62
N ILE B 468 6.05 -66.00 51.72
CA ILE B 468 6.17 -64.55 51.64
C ILE B 468 7.52 -64.17 51.03
N SER B 469 8.57 -64.93 51.37
CA SER B 469 9.89 -64.67 50.80
C SER B 469 9.90 -64.86 49.29
N GLN B 470 9.24 -65.92 48.80
CA GLN B 470 9.13 -66.13 47.36
C GLN B 470 8.38 -64.98 46.70
N ILE B 471 7.29 -64.53 47.33
CA ILE B 471 6.55 -63.39 46.80
C ILE B 471 7.46 -62.16 46.74
N ASP B 472 8.26 -61.94 47.78
CA ASP B 472 9.12 -60.77 47.84
C ASP B 472 10.20 -60.82 46.77
N LYS B 473 10.80 -61.99 46.55
CA LYS B 473 11.77 -62.12 45.46
C LYS B 473 11.14 -61.88 44.10
N PHE B 474 9.92 -62.38 43.88
CA PHE B 474 9.25 -62.12 42.62
C PHE B 474 9.03 -60.62 42.42
N ARG B 475 8.54 -59.95 43.47
CA ARG B 475 8.29 -58.51 43.37
C ARG B 475 9.59 -57.73 43.15
N SER B 476 10.66 -58.12 43.85
CA SER B 476 11.94 -57.45 43.68
C SER B 476 12.48 -57.62 42.26
N SER B 477 12.35 -58.84 41.71
CA SER B 477 12.76 -59.06 40.33
C SER B 477 11.94 -58.22 39.37
N LEU B 478 10.64 -58.09 39.64
CA LEU B 478 9.78 -57.28 38.79
C LEU B 478 10.16 -55.80 38.85
N GLY B 479 10.58 -55.32 40.02
CA GLY B 479 10.99 -53.93 40.14
C GLY B 479 12.18 -53.61 39.26
N ALA B 480 13.12 -54.54 39.16
CA ALA B 480 14.30 -54.32 38.31
C ALA B 480 13.91 -54.15 36.85
N VAL B 481 13.01 -55.00 36.36
CA VAL B 481 12.60 -54.88 34.95
C VAL B 481 11.74 -53.64 34.75
N GLN B 482 11.02 -53.21 35.79
CA GLN B 482 10.31 -51.93 35.70
C GLN B 482 11.28 -50.77 35.49
N ASN B 483 12.32 -50.71 36.32
CA ASN B 483 13.31 -49.66 36.18
C ASN B 483 14.03 -49.76 34.83
N ARG B 484 14.30 -50.98 34.38
CA ARG B 484 14.93 -51.19 33.08
C ARG B 484 14.03 -50.65 31.96
N LEU B 485 12.72 -50.90 32.04
CA LEU B 485 11.80 -50.37 31.05
C LEU B 485 11.76 -48.85 31.06
N ASP B 486 11.78 -48.25 32.26
CA ASP B 486 11.79 -46.78 32.33
C ASP B 486 13.05 -46.21 31.70
N SER B 487 14.21 -46.82 31.98
CA SER B 487 15.46 -46.36 31.37
C SER B 487 15.42 -46.52 29.85
N ALA B 488 14.86 -47.63 29.38
CA ALA B 488 14.70 -47.82 27.94
C ALA B 488 13.80 -46.74 27.35
N VAL B 489 12.72 -46.40 28.05
CA VAL B 489 11.80 -45.37 27.56
C VAL B 489 12.51 -44.04 27.41
N THR B 490 13.29 -43.64 28.41
CA THR B 490 13.99 -42.36 28.31
C THR B 490 15.09 -42.40 27.25
N ASN B 491 15.73 -43.57 27.08
CA ASN B 491 16.74 -43.75 26.04
C ASN B 491 16.20 -43.40 24.66
N LEU B 492 15.06 -43.98 24.30
CA LEU B 492 14.53 -43.81 22.96
C LEU B 492 14.18 -42.36 22.68
N ASN B 493 13.57 -41.67 23.65
CA ASN B 493 13.27 -40.25 23.46
C ASN B 493 14.54 -39.43 23.31
N ASN B 494 15.53 -39.68 24.17
CA ASN B 494 16.75 -38.89 24.13
C ASN B 494 17.47 -39.05 22.80
N THR B 495 17.57 -40.28 22.30
CA THR B 495 18.26 -40.48 21.03
C THR B 495 17.38 -40.08 19.84
N THR B 496 16.06 -40.13 19.99
CA THR B 496 15.17 -39.73 18.91
C THR B 496 15.26 -38.23 18.67
N THR B 497 15.42 -37.44 19.74
CA THR B 497 15.63 -36.01 19.55
C THR B 497 16.84 -35.74 18.68
N ASN B 498 17.97 -36.40 18.97
CA ASN B 498 19.18 -36.20 18.19
C ASN B 498 18.99 -36.69 16.75
N LEU B 499 18.34 -37.84 16.57
CA LEU B 499 18.12 -38.34 15.21
C LEU B 499 17.26 -37.38 14.40
N SER B 500 16.19 -36.86 14.99
CA SER B 500 15.33 -35.92 14.28
C SER B 500 16.10 -34.63 13.95
N GLU B 501 16.90 -34.15 14.90
CA GLU B 501 17.66 -32.93 14.66
C GLU B 501 18.67 -33.12 13.54
N ALA B 502 19.33 -34.28 13.51
CA ALA B 502 20.29 -34.56 12.45
C ALA B 502 19.60 -34.71 11.10
N GLN B 503 18.46 -35.40 11.07
CA GLN B 503 17.72 -35.55 9.83
C GLN B 503 17.27 -34.21 9.29
N SER B 504 16.83 -33.32 10.17
CA SER B 504 16.50 -31.96 9.74
C SER B 504 17.73 -31.24 9.22
N ARG B 505 18.86 -31.32 9.95
CA ARG B 505 20.09 -30.69 9.51
C ARG B 505 20.46 -31.14 8.10
N ILE B 506 20.19 -32.41 7.77
CA ILE B 506 20.37 -32.85 6.39
C ILE B 506 19.35 -32.20 5.46
N GLN B 507 18.07 -32.16 5.87
CA GLN B 507 16.98 -31.80 4.98
C GLN B 507 16.05 -30.76 5.64
N ASP B 508 16.46 -29.49 5.56
CA ASP B 508 15.59 -28.34 5.80
C ASP B 508 15.82 -27.31 4.70
N ALA B 509 14.76 -26.57 4.39
CA ALA B 509 14.85 -25.55 3.35
C ALA B 509 15.81 -24.43 3.74
N ASP B 510 15.75 -23.97 4.99
CA ASP B 510 16.54 -22.84 5.46
C ASP B 510 16.26 -21.60 4.60
N TYR B 511 15.02 -21.10 4.73
CA TYR B 511 14.44 -20.20 3.74
C TYR B 511 15.27 -18.93 3.54
N ALA B 512 16.11 -18.60 4.53
CA ALA B 512 16.84 -17.33 4.50
C ALA B 512 17.68 -17.19 3.23
N THR B 513 18.20 -18.31 2.72
CA THR B 513 19.07 -18.22 1.56
C THR B 513 18.30 -18.35 0.24
N GLU B 514 17.21 -19.11 0.23
CA GLU B 514 16.46 -19.28 -1.01
C GLU B 514 15.60 -18.04 -1.32
N VAL B 515 15.20 -17.30 -0.29
CA VAL B 515 14.43 -16.08 -0.55
C VAL B 515 15.29 -15.09 -1.35
N SER B 516 16.56 -14.95 -0.99
CA SER B 516 17.46 -14.10 -1.75
C SER B 516 17.66 -14.64 -3.16
N ASN B 517 17.78 -15.96 -3.29
CA ASN B 517 17.90 -16.56 -4.62
C ASN B 517 16.66 -16.31 -5.46
N MET B 518 15.47 -16.41 -4.84
CA MET B 518 14.25 -16.14 -5.58
C MET B 518 14.19 -14.71 -6.06
N SER B 519 14.54 -13.75 -5.19
CA SER B 519 14.56 -12.35 -5.59
C SER B 519 15.55 -12.11 -6.72
N LYS B 520 16.76 -12.66 -6.59
CA LYS B 520 17.77 -12.50 -7.64
C LYS B 520 17.28 -13.09 -8.96
N ALA B 521 16.67 -14.27 -8.91
CA ALA B 521 16.21 -14.92 -10.13
C ALA B 521 15.10 -14.11 -10.81
N GLN B 522 14.14 -13.60 -10.04
CA GLN B 522 13.07 -12.83 -10.65
C GLN B 522 13.58 -11.52 -11.24
N ILE B 523 14.52 -10.85 -10.54
CA ILE B 523 15.11 -9.64 -11.08
C ILE B 523 15.85 -9.93 -12.38
N ILE B 524 16.63 -11.01 -12.40
CA ILE B 524 17.38 -11.36 -13.60
C ILE B 524 16.42 -11.72 -14.74
N GLN B 525 15.30 -12.37 -14.41
CA GLN B 525 14.33 -12.72 -15.44
C GLN B 525 13.71 -11.48 -16.08
N GLN B 526 13.33 -10.50 -15.25
CA GLN B 526 12.80 -9.26 -15.80
C GLN B 526 13.85 -8.53 -16.63
N ALA B 527 15.10 -8.50 -16.15
CA ALA B 527 16.18 -7.88 -16.92
C ALA B 527 16.39 -8.58 -18.24
N GLY B 528 16.26 -9.92 -18.25
CA GLY B 528 16.40 -10.67 -19.49
C GLY B 528 15.29 -10.34 -20.47
N ASN B 529 14.06 -10.21 -19.98
CA ASN B 529 12.98 -9.78 -20.86
C ASN B 529 13.28 -8.41 -21.46
N SER B 530 13.75 -7.48 -20.64
CA SER B 530 14.05 -6.13 -21.13
C SER B 530 15.15 -6.15 -22.19
N VAL B 531 16.23 -6.89 -21.93
CA VAL B 531 17.35 -6.89 -22.87
C VAL B 531 16.97 -7.64 -24.15
N LEU B 532 16.13 -8.67 -24.04
CA LEU B 532 15.61 -9.33 -25.24
C LEU B 532 14.77 -8.37 -26.07
N ALA B 533 13.92 -7.58 -25.41
CA ALA B 533 13.13 -6.59 -26.13
C ALA B 533 14.02 -5.59 -26.85
N LYS B 534 15.11 -5.16 -26.19
CA LYS B 534 16.07 -4.29 -26.85
C LYS B 534 16.72 -4.99 -28.05
N ALA B 535 17.09 -6.25 -27.89
CA ALA B 535 17.79 -6.99 -28.94
C ALA B 535 16.93 -7.14 -30.18
N ASN B 536 15.63 -7.41 -30.00
CA ASN B 536 14.75 -7.51 -31.16
C ASN B 536 14.57 -6.16 -31.84
N GLN B 537 14.67 -5.07 -31.08
CA GLN B 537 14.55 -3.75 -31.67
C GLN B 537 15.82 -3.37 -32.43
N VAL B 538 16.95 -3.96 -32.06
CA VAL B 538 18.23 -3.62 -32.69
C VAL B 538 18.20 -3.73 -34.21
N PRO B 539 17.67 -4.79 -34.83
CA PRO B 539 17.73 -4.88 -36.29
C PRO B 539 16.77 -3.95 -37.03
N GLN B 540 16.15 -2.98 -36.36
CA GLN B 540 15.10 -2.19 -36.99
C GLN B 540 15.63 -1.26 -38.08
N GLN B 541 16.89 -0.82 -37.96
CA GLN B 541 17.36 0.27 -38.83
C GLN B 541 17.54 -0.18 -40.28
N VAL B 542 17.40 -1.47 -40.56
CA VAL B 542 17.51 -1.93 -41.95
C VAL B 542 16.42 -1.31 -42.81
N LEU B 543 15.22 -1.16 -42.25
CA LEU B 543 14.13 -0.52 -43.00
C LEU B 543 14.45 0.92 -43.31
N SER B 544 15.02 1.65 -42.34
CA SER B 544 15.43 3.03 -42.59
C SER B 544 16.54 3.08 -43.65
N LEU B 545 17.47 2.13 -43.61
CA LEU B 545 18.55 2.10 -44.58
C LEU B 545 18.02 1.84 -45.98
N LEU B 546 16.95 1.04 -46.09
CA LEU B 546 16.39 0.74 -47.41
C LEU B 546 15.90 1.99 -48.11
N GLN B 547 15.23 2.88 -47.39
CA GLN B 547 14.70 4.11 -47.99
C GLN B 547 15.72 5.24 -47.91
N ALA C 2 39.18 32.19 -107.77
CA ALA C 2 39.40 30.76 -108.00
C ALA C 2 40.28 30.55 -109.24
N GLN C 3 41.11 29.51 -109.18
CA GLN C 3 42.04 29.20 -110.26
C GLN C 3 41.72 27.87 -110.94
N VAL C 4 41.60 26.79 -110.16
CA VAL C 4 41.44 25.44 -110.71
C VAL C 4 40.30 24.76 -109.96
N ILE C 5 39.65 23.80 -110.63
CA ILE C 5 38.53 23.08 -110.04
C ILE C 5 38.76 21.60 -109.89
N ASN C 6 39.87 21.07 -110.43
CA ASN C 6 40.13 19.64 -110.35
C ASN C 6 40.29 19.19 -108.90
N THR C 7 40.99 19.98 -108.08
CA THR C 7 41.23 19.65 -106.69
C THR C 7 40.87 20.83 -105.82
N ASN C 8 40.09 20.59 -104.76
CA ASN C 8 39.72 21.61 -103.80
C ASN C 8 40.47 21.30 -102.50
N SER C 9 41.71 21.81 -102.41
CA SER C 9 42.61 21.39 -101.34
C SER C 9 42.08 21.77 -99.96
N LEU C 10 41.52 22.98 -99.84
CA LEU C 10 41.02 23.44 -98.55
C LEU C 10 39.90 22.53 -98.04
N SER C 11 39.11 21.97 -98.95
CA SER C 11 38.10 20.99 -98.55
C SER C 11 38.74 19.75 -97.94
N LEU C 12 39.83 19.26 -98.56
CA LEU C 12 40.53 18.11 -98.00
C LEU C 12 41.11 18.43 -96.63
N ILE C 13 41.67 19.63 -96.46
CA ILE C 13 42.22 20.01 -95.16
C ILE C 13 41.11 20.06 -94.11
N THR C 14 39.95 20.59 -94.49
CA THR C 14 38.81 20.60 -93.57
C THR C 14 38.43 19.17 -93.20
N GLN C 15 38.41 18.26 -94.18
CA GLN C 15 38.09 16.86 -93.87
C GLN C 15 39.11 16.27 -92.92
N ASN C 16 40.39 16.59 -93.11
CA ASN C 16 41.42 16.11 -92.19
C ASN C 16 41.16 16.61 -90.78
N ASN C 17 40.76 17.88 -90.65
CA ASN C 17 40.47 18.41 -89.33
C ASN C 17 39.29 17.70 -88.68
N ILE C 18 38.24 17.45 -89.46
CA ILE C 18 37.09 16.72 -88.91
C ILE C 18 37.48 15.31 -88.48
N ASN C 19 38.30 14.63 -89.29
CA ASN C 19 38.75 13.30 -88.90
C ASN C 19 39.58 13.34 -87.62
N LYS C 20 40.44 14.36 -87.48
CA LYS C 20 41.20 14.49 -86.25
C LYS C 20 40.30 14.70 -85.04
N ASN C 21 39.27 15.54 -85.19
CA ASN C 21 38.34 15.78 -84.07
C ASN C 21 37.50 14.54 -83.78
N GLN C 22 37.28 13.70 -84.79
CA GLN C 22 36.41 12.54 -84.61
C GLN C 22 36.98 11.57 -83.59
N SER C 23 38.31 11.38 -83.59
CA SER C 23 38.92 10.48 -82.62
C SER C 23 38.68 10.95 -81.20
N ALA C 24 38.86 12.25 -80.95
CA ALA C 24 38.59 12.80 -79.62
C ALA C 24 37.12 12.65 -79.25
N LEU C 25 36.23 12.89 -80.21
CA LEU C 25 34.79 12.76 -79.91
C LEU C 25 34.44 11.32 -79.55
N SER C 26 34.94 10.35 -80.31
CA SER C 26 34.65 8.95 -80.04
C SER C 26 35.23 8.52 -78.70
N SER C 27 36.47 8.94 -78.40
CA SER C 27 37.06 8.62 -77.11
C SER C 27 36.24 9.21 -75.97
N SER C 28 35.79 10.45 -76.13
CA SER C 28 34.96 11.08 -75.11
C SER C 28 33.67 10.31 -74.91
N ILE C 29 33.03 9.90 -76.00
CA ILE C 29 31.76 9.19 -75.86
C ILE C 29 31.96 7.85 -75.14
N GLU C 30 33.00 7.10 -75.54
CA GLU C 30 33.19 5.78 -74.96
C GLU C 30 33.61 5.88 -73.50
N ARG C 31 34.41 6.90 -73.15
CA ARG C 31 34.79 7.07 -71.75
C ARG C 31 33.60 7.55 -70.92
N LEU C 32 32.71 8.33 -71.52
CA LEU C 32 31.50 8.74 -70.80
C LEU C 32 30.54 7.57 -70.64
N SER C 33 30.62 6.58 -71.54
CA SER C 33 29.71 5.44 -71.48
C SER C 33 29.91 4.62 -70.21
N SER C 34 31.16 4.33 -69.85
CA SER C 34 31.47 3.47 -68.73
C SER C 34 32.30 4.23 -67.70
N GLY C 35 32.17 3.83 -66.44
CA GLY C 35 32.91 4.51 -65.38
C GLY C 35 34.41 4.38 -65.53
N LEU C 36 34.88 3.26 -66.07
CA LEU C 36 36.31 3.01 -66.17
C LEU C 36 37.00 4.04 -67.04
N ARG C 37 37.93 4.78 -66.44
CA ARG C 37 38.74 5.72 -67.20
C ARG C 37 39.64 5.00 -68.19
N ILE C 38 40.16 3.83 -67.81
N ILE C 38 40.17 3.83 -67.81
CA ILE C 38 41.07 3.08 -68.68
CA ILE C 38 41.07 3.08 -68.68
C ILE C 38 40.35 2.61 -69.93
C ILE C 38 40.35 2.61 -69.93
N ASN C 39 39.32 1.79 -69.77
CA ASN C 39 38.47 1.35 -70.89
C ASN C 39 39.29 0.66 -71.99
N SER C 40 39.89 -0.48 -71.65
CA SER C 40 40.64 -1.29 -72.62
C SER C 40 41.78 -0.48 -73.20
N ALA C 41 42.82 -0.25 -72.39
CA ALA C 41 43.75 0.85 -72.60
C ALA C 41 44.59 0.71 -73.84
N LYS C 42 44.06 1.18 -74.97
CA LYS C 42 44.92 1.69 -76.04
C LYS C 42 45.91 2.71 -75.49
N ASP C 43 45.58 3.31 -74.34
CA ASP C 43 46.41 4.25 -73.60
C ASP C 43 47.59 3.53 -72.95
N ASP C 44 48.29 4.24 -72.08
CA ASP C 44 49.43 3.68 -71.36
C ASP C 44 48.98 2.53 -70.46
N ALA C 45 49.77 1.46 -70.43
CA ALA C 45 49.35 0.21 -69.81
C ALA C 45 49.88 0.02 -68.39
N ALA C 46 50.70 0.94 -67.89
CA ALA C 46 51.18 0.78 -66.52
C ALA C 46 50.05 0.87 -65.51
N GLY C 47 49.18 1.88 -65.66
CA GLY C 47 48.10 2.07 -64.71
C GLY C 47 47.14 0.89 -64.69
N GLN C 48 46.82 0.34 -65.86
CA GLN C 48 45.95 -0.82 -65.89
C GLN C 48 46.61 -2.03 -65.25
N ALA C 49 47.93 -2.17 -65.41
CA ALA C 49 48.63 -3.26 -64.75
C ALA C 49 48.54 -3.13 -63.23
N ILE C 50 48.77 -1.92 -62.71
CA ILE C 50 48.72 -1.72 -61.26
C ILE C 50 47.31 -1.94 -60.74
N ALA C 51 46.30 -1.44 -61.47
CA ALA C 51 44.91 -1.61 -61.05
C ALA C 51 44.49 -3.08 -61.11
N ASN C 52 44.97 -3.82 -62.12
CA ASN C 52 44.68 -5.24 -62.21
C ASN C 52 45.28 -6.00 -61.03
N ARG C 53 46.50 -5.62 -60.62
CA ARG C 53 47.05 -6.21 -59.40
C ARG C 53 46.20 -5.86 -58.19
N PHE C 54 45.78 -4.60 -58.08
CA PHE C 54 45.03 -4.15 -56.90
C PHE C 54 43.67 -4.83 -56.80
N THR C 55 42.97 -5.04 -57.91
CA THR C 55 41.64 -5.65 -57.83
C THR C 55 41.73 -7.09 -57.35
N SER C 56 42.69 -7.85 -57.86
CA SER C 56 42.90 -9.21 -57.38
C SER C 56 43.29 -9.20 -55.91
N ASN C 57 44.12 -8.24 -55.52
CA ASN C 57 44.50 -8.10 -54.11
C ASN C 57 43.27 -7.84 -53.24
N ILE C 58 42.35 -6.99 -53.72
CA ILE C 58 41.16 -6.65 -52.95
C ILE C 58 40.25 -7.85 -52.79
N LYS C 59 39.99 -8.59 -53.88
CA LYS C 59 39.17 -9.79 -53.73
C LYS C 59 39.83 -10.80 -52.81
N GLY C 60 41.16 -10.93 -52.89
CA GLY C 60 41.86 -11.82 -51.97
C GLY C 60 41.67 -11.42 -50.51
N LEU C 61 41.80 -10.12 -50.22
CA LEU C 61 41.60 -9.65 -48.85
C LEU C 61 40.17 -9.90 -48.36
N THR C 62 39.19 -9.63 -49.22
CA THR C 62 37.80 -9.85 -48.82
C THR C 62 37.55 -11.32 -48.51
N GLN C 63 38.02 -12.21 -49.39
CA GLN C 63 37.83 -13.63 -49.16
C GLN C 63 38.58 -14.11 -47.91
N ALA C 64 39.77 -13.52 -47.67
CA ALA C 64 40.53 -13.89 -46.49
C ALA C 64 39.81 -13.52 -45.21
N ALA C 65 39.22 -12.31 -45.17
CA ALA C 65 38.44 -11.93 -44.00
C ALA C 65 37.23 -12.84 -43.82
N ARG C 66 36.54 -13.15 -44.92
CA ARG C 66 35.38 -14.03 -44.81
C ARG C 66 35.79 -15.41 -44.32
N ASN C 67 37.02 -15.84 -44.64
CA ASN C 67 37.52 -17.11 -44.13
C ASN C 67 37.88 -17.01 -42.66
N ALA C 68 38.43 -15.87 -42.23
CA ALA C 68 38.75 -15.70 -40.82
C ALA C 68 37.50 -15.73 -39.96
N ASN C 69 36.36 -15.31 -40.54
CA ASN C 69 35.09 -15.50 -39.83
C ASN C 69 34.83 -16.98 -39.52
N ASP C 70 35.22 -17.88 -40.43
CA ASP C 70 35.09 -19.30 -40.15
C ASP C 70 35.93 -19.69 -38.94
N GLY C 71 37.13 -19.12 -38.82
CA GLY C 71 37.98 -19.43 -37.68
C GLY C 71 37.40 -18.94 -36.37
N ILE C 72 36.83 -17.73 -36.37
CA ILE C 72 36.24 -17.24 -35.13
C ILE C 72 35.03 -18.11 -34.75
N SER C 73 34.29 -18.59 -35.74
CA SER C 73 33.20 -19.52 -35.46
C SER C 73 33.73 -20.83 -34.86
N VAL C 74 34.84 -21.33 -35.40
CA VAL C 74 35.47 -22.54 -34.87
C VAL C 74 35.79 -22.35 -33.40
N ALA C 75 36.46 -21.24 -33.07
CA ALA C 75 36.90 -21.01 -31.71
C ALA C 75 35.72 -20.84 -30.78
N GLN C 76 34.67 -20.14 -31.22
CA GLN C 76 33.49 -19.96 -30.38
C GLN C 76 32.82 -21.29 -30.07
N THR C 77 32.66 -22.15 -31.08
CA THR C 77 32.04 -23.44 -30.84
C THR C 77 32.87 -24.29 -29.87
N THR C 78 34.20 -24.29 -30.06
CA THR C 78 35.04 -25.12 -29.20
C THR C 78 35.03 -24.61 -27.77
N GLU C 79 35.09 -23.29 -27.57
CA GLU C 79 35.05 -22.76 -26.21
C GLU C 79 33.68 -23.01 -25.58
N GLY C 80 32.63 -23.01 -26.39
CA GLY C 80 31.33 -23.43 -25.86
C GLY C 80 31.34 -24.85 -25.35
N ALA C 81 31.91 -25.78 -26.13
CA ALA C 81 31.98 -27.17 -25.69
C ALA C 81 32.77 -27.29 -24.38
N LEU C 82 33.90 -26.60 -24.29
CA LEU C 82 34.64 -26.56 -23.03
C LEU C 82 33.79 -25.97 -21.92
N SER C 83 32.89 -25.04 -22.27
CA SER C 83 32.01 -24.46 -21.25
C SER C 83 31.07 -25.49 -20.67
N GLU C 84 30.50 -26.38 -21.50
CA GLU C 84 29.70 -27.45 -20.88
C GLU C 84 30.58 -28.39 -20.06
N ILE C 85 31.76 -28.73 -20.58
CA ILE C 85 32.59 -29.74 -19.91
C ILE C 85 33.01 -29.26 -18.52
N ASN C 86 33.34 -27.97 -18.40
CA ASN C 86 33.85 -27.44 -17.15
C ASN C 86 32.81 -27.55 -16.04
N ASN C 87 31.53 -27.33 -16.36
CA ASN C 87 30.50 -27.39 -15.33
C ASN C 87 30.38 -28.79 -14.74
N ASN C 88 30.38 -29.81 -15.60
CA ASN C 88 30.32 -31.19 -15.11
C ASN C 88 31.55 -31.52 -14.27
N LEU C 89 32.73 -31.07 -14.71
CA LEU C 89 33.94 -31.37 -13.96
C LEU C 89 33.91 -30.69 -12.59
N GLN C 90 33.40 -29.45 -12.54
CA GLN C 90 33.25 -28.76 -11.27
C GLN C 90 32.27 -29.49 -10.36
N ARG C 91 31.18 -30.02 -10.94
CA ARG C 91 30.25 -30.82 -10.13
C ARG C 91 30.95 -32.04 -9.54
N ILE C 92 31.77 -32.71 -10.35
CA ILE C 92 32.56 -33.85 -9.85
C ILE C 92 33.41 -33.44 -8.68
N ARG C 93 34.15 -32.33 -8.82
CA ARG C 93 34.98 -31.85 -7.72
C ARG C 93 34.12 -31.47 -6.52
N GLU C 94 32.87 -31.06 -6.77
CA GLU C 94 32.00 -30.63 -5.69
C GLU C 94 31.54 -31.80 -4.84
N LEU C 95 31.18 -32.92 -5.44
CA LEU C 95 30.74 -34.04 -4.61
C LEU C 95 31.90 -34.96 -4.21
N THR C 96 33.09 -34.77 -4.76
CA THR C 96 34.22 -35.58 -4.29
C THR C 96 34.51 -35.30 -2.82
N VAL C 97 34.26 -34.07 -2.36
CA VAL C 97 34.48 -33.76 -0.96
C VAL C 97 33.44 -34.43 -0.07
N GLN C 98 32.22 -34.60 -0.59
CA GLN C 98 31.27 -35.47 0.10
C GLN C 98 31.79 -36.88 0.20
N ALA C 99 32.38 -37.37 -0.89
CA ALA C 99 32.87 -38.75 -0.91
C ALA C 99 33.94 -38.99 0.16
N SER C 100 34.65 -37.93 0.57
CA SER C 100 35.74 -38.10 1.52
C SER C 100 35.23 -38.23 2.96
N THR C 101 33.97 -37.86 3.21
CA THR C 101 33.46 -37.87 4.57
C THR C 101 33.33 -39.29 5.10
N GLY C 102 33.72 -39.49 6.36
CA GLY C 102 33.66 -40.81 6.95
C GLY C 102 32.27 -41.19 7.44
N THR C 103 31.39 -40.20 7.57
CA THR C 103 30.05 -40.48 8.09
C THR C 103 29.24 -41.33 7.11
N ASN C 104 29.55 -41.25 5.82
CA ASN C 104 28.76 -41.95 4.81
C ASN C 104 28.95 -43.45 4.92
N SER C 105 27.89 -44.19 4.59
CA SER C 105 27.95 -45.64 4.52
C SER C 105 28.40 -46.07 3.13
N ASP C 106 28.45 -47.39 2.92
CA ASP C 106 28.87 -47.92 1.62
C ASP C 106 27.88 -47.54 0.53
N SER C 107 26.58 -47.57 0.82
CA SER C 107 25.58 -47.22 -0.18
C SER C 107 25.69 -45.75 -0.58
N ASP C 108 26.05 -44.88 0.38
CA ASP C 108 26.26 -43.47 0.05
C ASP C 108 27.40 -43.30 -0.95
N LEU C 109 28.52 -43.99 -0.70
CA LEU C 109 29.63 -43.94 -1.64
C LEU C 109 29.25 -44.56 -2.98
N ASP C 110 28.38 -45.57 -2.97
CA ASP C 110 27.92 -46.17 -4.21
C ASP C 110 27.13 -45.17 -5.04
N SER C 111 26.20 -44.44 -4.39
CA SER C 111 25.44 -43.43 -5.11
C SER C 111 26.34 -42.31 -5.62
N ILE C 112 27.30 -41.89 -4.80
CA ILE C 112 28.25 -40.86 -5.23
C ILE C 112 29.03 -41.34 -6.45
N GLN C 113 29.48 -42.60 -6.44
CA GLN C 113 30.22 -43.15 -7.56
C GLN C 113 29.36 -43.23 -8.80
N ASP C 114 28.10 -43.59 -8.66
CA ASP C 114 27.19 -43.64 -9.80
C ASP C 114 27.05 -42.24 -10.42
N GLU C 115 26.86 -41.23 -9.59
CA GLU C 115 26.74 -39.87 -10.10
C GLU C 115 28.04 -39.44 -10.79
N ILE C 116 29.18 -39.79 -10.18
CA ILE C 116 30.48 -39.44 -10.74
C ILE C 116 30.67 -40.08 -12.12
N LYS C 117 30.34 -41.36 -12.23
CA LYS C 117 30.55 -42.06 -13.51
C LYS C 117 29.58 -41.55 -14.57
N SER C 118 28.37 -41.19 -14.18
CA SER C 118 27.46 -40.55 -15.15
C SER C 118 28.05 -39.24 -15.65
N ARG C 119 28.60 -38.43 -14.74
CA ARG C 119 29.27 -37.20 -15.18
C ARG C 119 30.39 -37.50 -16.15
N LEU C 120 31.30 -38.41 -15.79
CA LEU C 120 32.46 -38.68 -16.64
C LEU C 120 32.02 -39.21 -18.00
N ASP C 121 30.95 -40.01 -18.03
CA ASP C 121 30.37 -40.44 -19.30
C ASP C 121 29.91 -39.24 -20.12
N GLU C 122 29.32 -38.24 -19.46
CA GLU C 122 28.98 -37.02 -20.19
C GLU C 122 30.20 -36.28 -20.73
N ILE C 123 31.27 -36.19 -19.94
CA ILE C 123 32.48 -35.55 -20.49
C ILE C 123 32.95 -36.29 -21.74
N ASP C 124 33.04 -37.61 -21.68
CA ASP C 124 33.50 -38.36 -22.85
C ASP C 124 32.55 -38.17 -24.04
N ARG C 125 31.24 -38.22 -23.78
CA ARG C 125 30.25 -38.08 -24.86
C ARG C 125 30.37 -36.71 -25.52
N VAL C 126 30.40 -35.65 -24.70
CA VAL C 126 30.46 -34.29 -25.25
C VAL C 126 31.76 -34.09 -26.01
N SER C 127 32.87 -34.64 -25.51
CA SER C 127 34.13 -34.52 -26.22
C SER C 127 34.06 -35.23 -27.57
N GLY C 128 33.49 -36.44 -27.60
CA GLY C 128 33.44 -37.20 -28.84
C GLY C 128 32.50 -36.59 -29.87
N GLN C 129 31.37 -36.04 -29.43
CA GLN C 129 30.29 -35.74 -30.36
C GLN C 129 30.42 -34.35 -30.95
N THR C 130 31.01 -33.41 -30.23
CA THR C 130 31.12 -32.05 -30.74
C THR C 130 31.95 -32.04 -32.02
N GLN C 131 31.42 -31.40 -33.05
CA GLN C 131 32.08 -31.33 -34.34
C GLN C 131 31.57 -30.12 -35.10
N PHE C 132 32.41 -29.54 -35.94
CA PHE C 132 32.06 -28.35 -36.70
C PHE C 132 32.09 -28.77 -38.17
N ASN C 133 30.91 -28.75 -38.80
CA ASN C 133 30.68 -29.15 -40.21
C ASN C 133 31.61 -30.28 -40.66
N GLY C 134 31.61 -31.37 -39.90
CA GLY C 134 32.29 -32.59 -40.28
C GLY C 134 33.62 -32.83 -39.62
N VAL C 135 34.17 -31.85 -38.90
CA VAL C 135 35.47 -31.98 -38.25
C VAL C 135 35.26 -32.06 -36.75
N ASN C 136 35.69 -33.17 -36.15
CA ASN C 136 35.53 -33.39 -34.71
C ASN C 136 36.63 -32.63 -33.97
N VAL C 137 36.24 -31.56 -33.28
CA VAL C 137 37.22 -30.68 -32.66
C VAL C 137 37.90 -31.34 -31.47
N LEU C 138 37.13 -32.07 -30.66
CA LEU C 138 37.65 -32.62 -29.40
C LEU C 138 37.82 -34.13 -29.43
N ALA C 139 37.50 -34.80 -30.54
CA ALA C 139 37.64 -36.25 -30.58
C ALA C 139 39.09 -36.66 -30.72
N LYS C 140 39.90 -35.87 -31.41
CA LYS C 140 41.30 -36.19 -31.64
C LYS C 140 42.14 -34.93 -31.59
N ASP C 141 43.41 -35.09 -31.23
CA ASP C 141 44.34 -33.98 -31.22
C ASP C 141 44.71 -33.59 -32.64
N GLY C 142 44.87 -32.30 -32.88
CA GLY C 142 45.23 -31.82 -34.20
C GLY C 142 45.34 -30.31 -34.23
N SER C 143 45.61 -29.79 -35.42
CA SER C 143 45.74 -28.36 -35.65
C SER C 143 44.91 -27.97 -36.87
N MET C 144 44.42 -26.73 -36.88
CA MET C 144 43.63 -26.21 -37.98
C MET C 144 44.32 -24.98 -38.55
N LYS C 145 44.30 -24.87 -39.88
CA LYS C 145 44.97 -23.79 -40.59
C LYS C 145 43.95 -22.88 -41.23
N ILE C 146 44.16 -21.57 -41.11
CA ILE C 146 43.20 -20.56 -41.58
C ILE C 146 43.95 -19.56 -42.44
N GLN C 147 43.39 -19.25 -43.61
CA GLN C 147 43.98 -18.28 -44.53
C GLN C 147 43.45 -16.89 -44.21
N VAL C 148 44.36 -15.94 -44.00
CA VAL C 148 43.99 -14.57 -43.65
C VAL C 148 44.68 -13.56 -44.55
N GLY C 149 45.42 -14.01 -45.56
CA GLY C 149 46.12 -13.10 -46.45
C GLY C 149 45.94 -13.49 -47.89
N ALA C 150 45.96 -12.46 -48.76
CA ALA C 150 45.84 -12.72 -50.19
C ALA C 150 47.03 -13.51 -50.72
N ASN C 151 48.24 -13.11 -50.35
CA ASN C 151 49.43 -13.84 -50.75
C ASN C 151 49.46 -15.20 -50.05
N ASP C 152 50.02 -16.19 -50.74
CA ASP C 152 50.08 -17.54 -50.21
C ASP C 152 51.05 -17.60 -49.04
N GLY C 153 50.67 -18.34 -47.99
CA GLY C 153 51.52 -18.54 -46.84
C GLY C 153 51.23 -17.66 -45.65
N GLN C 154 50.46 -16.58 -45.81
CA GLN C 154 50.10 -15.71 -44.69
C GLN C 154 48.88 -16.31 -44.01
N THR C 155 49.11 -17.32 -43.18
CA THR C 155 48.04 -18.08 -42.56
C THR C 155 48.20 -18.07 -41.04
N ILE C 156 47.10 -18.39 -40.36
CA ILE C 156 47.06 -18.44 -38.91
C ILE C 156 46.52 -19.81 -38.50
N THR C 157 47.05 -20.35 -37.40
CA THR C 157 46.73 -21.69 -36.94
C THR C 157 46.08 -21.65 -35.57
N ILE C 158 45.02 -22.45 -35.40
CA ILE C 158 44.46 -22.66 -34.08
C ILE C 158 44.93 -24.00 -33.55
N ASP C 159 45.38 -24.02 -32.29
CA ASP C 159 45.90 -25.22 -31.66
C ASP C 159 44.76 -25.95 -30.97
N LEU C 160 44.51 -27.18 -31.38
CA LEU C 160 43.46 -28.01 -30.79
C LEU C 160 44.10 -29.20 -30.09
N LYS C 161 43.38 -29.74 -29.12
CA LYS C 161 43.84 -30.88 -28.36
C LYS C 161 42.67 -31.82 -28.09
N LYS C 162 42.94 -33.12 -28.15
CA LYS C 162 41.96 -34.10 -27.73
C LYS C 162 41.73 -33.99 -26.23
N ILE C 163 40.47 -33.83 -25.84
CA ILE C 163 40.15 -33.67 -24.43
C ILE C 163 39.07 -34.65 -23.98
N ASP C 164 39.50 -35.83 -23.53
CA ASP C 164 38.61 -36.79 -22.90
C ASP C 164 39.21 -37.25 -21.57
N SER C 165 38.57 -38.25 -20.97
CA SER C 165 38.83 -38.56 -19.57
C SER C 165 40.28 -38.98 -19.33
N ASP C 166 40.84 -39.81 -20.20
CA ASP C 166 42.18 -40.35 -19.95
C ASP C 166 43.26 -39.30 -20.18
N THR C 167 43.16 -38.53 -21.26
CA THR C 167 44.23 -37.62 -21.61
C THR C 167 44.40 -36.52 -20.56
N LEU C 168 43.30 -36.04 -19.99
CA LEU C 168 43.40 -35.04 -18.95
C LEU C 168 43.68 -35.68 -17.60
N GLY C 169 43.61 -37.00 -17.52
CA GLY C 169 43.62 -37.63 -16.22
C GLY C 169 42.91 -38.96 -16.10
N LEU C 170 41.91 -38.95 -15.22
CA LEU C 170 41.37 -40.12 -14.49
C LEU C 170 41.21 -41.34 -15.39
N ASN C 171 40.30 -41.33 -16.36
CA ASN C 171 39.85 -42.52 -17.11
C ASN C 171 39.12 -43.47 -16.16
N GLY C 172 39.18 -43.18 -14.87
CA GLY C 172 38.51 -43.95 -13.84
C GLY C 172 38.59 -43.22 -12.52
N PHE C 173 37.46 -43.06 -11.84
CA PHE C 173 37.40 -42.34 -10.58
C PHE C 173 36.62 -43.17 -9.57
N ASN C 174 37.30 -43.62 -8.52
CA ASN C 174 36.71 -44.45 -7.50
C ASN C 174 36.73 -43.70 -6.17
N VAL C 175 35.61 -43.73 -5.46
CA VAL C 175 35.53 -43.16 -4.12
C VAL C 175 35.03 -44.17 -3.09
N ASN C 176 34.41 -45.26 -3.51
CA ASN C 176 33.95 -46.29 -2.60
C ASN C 176 34.99 -47.38 -2.34
N GLY C 177 36.18 -47.23 -2.88
CA GLY C 177 37.24 -48.21 -2.69
C GLY C 177 37.21 -49.30 -3.74
N GLU C 455 39.43 -49.46 -6.30
CA GLU C 455 40.33 -48.79 -5.36
C GLU C 455 40.19 -47.27 -5.44
N SER C 456 39.88 -46.66 -4.30
CA SER C 456 39.70 -45.21 -4.27
C SER C 456 40.99 -44.49 -4.67
N THR C 457 40.83 -43.44 -5.48
CA THR C 457 41.98 -42.69 -5.95
C THR C 457 42.72 -42.04 -4.78
N SER C 458 44.04 -42.02 -4.87
CA SER C 458 44.86 -41.54 -3.77
C SER C 458 44.65 -40.04 -3.51
N ASP C 459 44.73 -39.23 -4.56
CA ASP C 459 44.60 -37.77 -4.44
C ASP C 459 43.55 -37.29 -5.43
N PRO C 460 42.26 -37.50 -5.13
CA PRO C 460 41.20 -37.13 -6.07
C PRO C 460 41.15 -35.64 -6.37
N LEU C 461 41.17 -34.82 -5.31
CA LEU C 461 41.05 -33.38 -5.49
C LEU C 461 42.22 -32.81 -6.27
N ALA C 462 43.43 -33.32 -6.05
CA ALA C 462 44.58 -32.84 -6.80
C ALA C 462 44.43 -33.13 -8.29
N ALA C 463 44.00 -34.34 -8.64
CA ALA C 463 43.79 -34.67 -10.04
C ALA C 463 42.70 -33.82 -10.66
N LEU C 464 41.61 -33.60 -9.92
CA LEU C 464 40.53 -32.77 -10.43
C LEU C 464 40.99 -31.33 -10.65
N ASP C 465 41.82 -30.81 -9.73
CA ASP C 465 42.36 -29.47 -9.90
C ASP C 465 43.29 -29.39 -11.11
N ASP C 466 44.07 -30.45 -11.34
CA ASP C 466 44.92 -30.48 -12.54
C ASP C 466 44.08 -30.48 -13.81
N ALA C 467 42.97 -31.23 -13.81
CA ALA C 467 42.04 -31.19 -14.93
C ALA C 467 41.47 -29.78 -15.12
N ILE C 468 41.14 -29.12 -14.01
CA ILE C 468 40.67 -27.74 -14.08
C ILE C 468 41.71 -26.85 -14.75
N SER C 469 42.97 -27.02 -14.36
CA SER C 469 44.05 -26.22 -14.93
C SER C 469 44.18 -26.46 -16.43
N GLN C 470 44.12 -27.73 -16.84
CA GLN C 470 44.21 -28.05 -18.26
C GLN C 470 43.07 -27.42 -19.05
N ILE C 471 41.85 -27.53 -18.54
CA ILE C 471 40.70 -26.94 -19.21
C ILE C 471 40.85 -25.43 -19.30
N ASP C 472 41.32 -24.81 -18.22
CA ASP C 472 41.48 -23.35 -18.22
C ASP C 472 42.52 -22.91 -19.23
N LYS C 473 43.65 -23.64 -19.31
CA LYS C 473 44.66 -23.29 -20.30
C LYS C 473 44.13 -23.43 -21.73
N PHE C 474 43.39 -24.50 -21.99
CA PHE C 474 42.83 -24.68 -23.33
C PHE C 474 41.84 -23.58 -23.65
N ARG C 475 41.05 -23.15 -22.66
CA ARG C 475 40.12 -22.04 -22.85
C ARG C 475 40.86 -20.74 -23.14
N SER C 476 41.95 -20.49 -22.41
CA SER C 476 42.70 -19.25 -22.58
C SER C 476 43.33 -19.16 -23.96
N SER C 477 43.84 -20.29 -24.46
CA SER C 477 44.39 -20.30 -25.82
C SER C 477 43.31 -19.93 -26.83
N LEU C 478 42.10 -20.45 -26.64
CA LEU C 478 40.99 -20.11 -27.54
C LEU C 478 40.66 -18.63 -27.47
N GLY C 479 40.64 -18.06 -26.26
CA GLY C 479 40.40 -16.63 -26.14
C GLY C 479 41.45 -15.81 -26.87
N ALA C 480 42.72 -16.19 -26.72
CA ALA C 480 43.80 -15.47 -27.39
C ALA C 480 43.66 -15.54 -28.91
N VAL C 481 43.35 -16.73 -29.43
CA VAL C 481 43.24 -16.84 -30.89
C VAL C 481 42.01 -16.09 -31.39
N GLN C 482 40.93 -16.05 -30.59
CA GLN C 482 39.78 -15.24 -30.96
C GLN C 482 40.16 -13.77 -31.07
N ASN C 483 40.89 -13.26 -30.08
CA ASN C 483 41.28 -11.85 -30.12
C ASN C 483 42.15 -11.56 -31.33
N ARG C 484 43.13 -12.43 -31.60
CA ARG C 484 44.01 -12.20 -32.74
C ARG C 484 43.24 -12.27 -34.05
N LEU C 485 42.29 -13.21 -34.17
CA LEU C 485 41.49 -13.30 -35.38
C LEU C 485 40.64 -12.05 -35.59
N ASP C 486 40.06 -11.51 -34.52
CA ASP C 486 39.26 -10.31 -34.65
C ASP C 486 40.11 -9.12 -35.08
N SER C 487 41.32 -9.00 -34.50
CA SER C 487 42.24 -7.95 -34.93
C SER C 487 42.61 -8.12 -36.40
N ALA C 488 42.84 -9.37 -36.83
CA ALA C 488 43.14 -9.62 -38.23
C ALA C 488 41.99 -9.19 -39.13
N VAL C 489 40.75 -9.50 -38.72
CA VAL C 489 39.59 -9.16 -39.54
C VAL C 489 39.47 -7.64 -39.70
N THR C 490 39.59 -6.90 -38.59
CA THR C 490 39.46 -5.45 -38.71
C THR C 490 40.59 -4.85 -39.53
N ASN C 491 41.82 -5.37 -39.37
CA ASN C 491 42.92 -4.89 -40.19
C ASN C 491 42.67 -5.18 -41.67
N LEU C 492 42.15 -6.36 -41.98
CA LEU C 492 41.87 -6.71 -43.37
C LEU C 492 40.81 -5.80 -43.96
N ASN C 493 39.78 -5.48 -43.18
CA ASN C 493 38.75 -4.56 -43.67
C ASN C 493 39.32 -3.17 -43.95
N ASN C 494 40.15 -2.66 -43.03
CA ASN C 494 40.76 -1.35 -43.26
C ASN C 494 41.64 -1.36 -44.50
N THR C 495 42.44 -2.42 -44.68
CA THR C 495 43.28 -2.52 -45.85
C THR C 495 42.46 -2.60 -47.13
N THR C 496 41.34 -3.33 -47.09
CA THR C 496 40.47 -3.40 -48.25
C THR C 496 39.92 -2.03 -48.61
N THR C 497 39.51 -1.25 -47.60
CA THR C 497 39.03 0.10 -47.88
C THR C 497 40.13 0.97 -48.48
N ASN C 498 41.35 0.87 -47.95
CA ASN C 498 42.45 1.69 -48.48
C ASN C 498 42.77 1.33 -49.92
N LEU C 499 42.82 0.03 -50.23
CA LEU C 499 43.11 -0.37 -51.61
C LEU C 499 41.95 -0.02 -52.54
N SER C 500 40.72 -0.03 -52.04
CA SER C 500 39.62 0.46 -52.84
C SER C 500 39.80 1.94 -53.18
N GLU C 501 40.21 2.74 -52.18
CA GLU C 501 40.54 4.14 -52.43
C GLU C 501 41.60 4.26 -53.53
N ALA C 502 42.68 3.49 -53.40
CA ALA C 502 43.80 3.61 -54.33
C ALA C 502 43.39 3.21 -55.75
N GLN C 503 42.62 2.12 -55.88
CA GLN C 503 42.20 1.69 -57.21
C GLN C 503 41.20 2.67 -57.81
N SER C 504 40.34 3.27 -56.98
CA SER C 504 39.44 4.30 -57.47
C SER C 504 40.22 5.49 -58.00
N ARG C 505 41.31 5.86 -57.32
CA ARG C 505 42.09 7.01 -57.77
C ARG C 505 42.70 6.78 -59.15
N ILE C 506 43.19 5.57 -59.40
CA ILE C 506 43.91 5.30 -60.65
C ILE C 506 42.96 5.39 -61.85
N GLN C 507 41.79 4.76 -61.75
CA GLN C 507 40.80 4.73 -62.83
C GLN C 507 39.53 5.41 -62.34
N ASP C 508 39.45 6.72 -62.55
CA ASP C 508 38.32 7.52 -62.11
C ASP C 508 37.56 8.08 -63.31
N ALA C 509 36.23 8.11 -63.19
CA ALA C 509 35.40 8.56 -64.31
C ALA C 509 35.60 10.05 -64.58
N ASP C 510 35.50 10.88 -63.55
CA ASP C 510 35.67 12.33 -63.66
C ASP C 510 34.72 12.89 -64.72
N TYR C 511 33.42 12.76 -64.47
CA TYR C 511 32.42 13.25 -65.40
C TYR C 511 32.55 14.75 -65.65
N ALA C 512 33.09 15.49 -64.67
CA ALA C 512 33.16 16.94 -64.79
C ALA C 512 33.95 17.37 -66.02
N THR C 513 35.16 16.85 -66.19
CA THR C 513 35.93 17.16 -67.39
C THR C 513 35.39 16.41 -68.60
N GLU C 514 34.78 15.25 -68.36
CA GLU C 514 34.42 14.35 -69.45
C GLU C 514 33.30 14.93 -70.30
N VAL C 515 32.23 15.42 -69.65
CA VAL C 515 31.11 15.98 -70.41
C VAL C 515 31.55 17.24 -71.12
N SER C 516 32.42 18.03 -70.50
CA SER C 516 32.91 19.25 -71.14
C SER C 516 33.70 18.92 -72.39
N ASN C 517 34.60 17.93 -72.31
CA ASN C 517 35.35 17.54 -73.51
C ASN C 517 34.44 16.96 -74.58
N MET C 518 33.41 16.21 -74.17
CA MET C 518 32.47 15.67 -75.14
C MET C 518 31.73 16.77 -75.90
N SER C 519 31.19 17.75 -75.17
CA SER C 519 30.50 18.86 -75.82
C SER C 519 31.48 19.68 -76.67
N LYS C 520 32.71 19.85 -76.17
CA LYS C 520 33.77 20.48 -76.93
C LYS C 520 33.93 19.83 -78.30
N ALA C 521 34.07 18.50 -78.31
CA ALA C 521 34.26 17.79 -79.56
C ALA C 521 33.04 17.90 -80.47
N GLN C 522 31.83 17.84 -79.88
CA GLN C 522 30.63 17.98 -80.71
C GLN C 522 30.57 19.34 -81.38
N ILE C 523 30.88 20.41 -80.65
CA ILE C 523 30.86 21.74 -81.24
C ILE C 523 31.93 21.84 -82.34
N ILE C 524 33.11 21.27 -82.11
CA ILE C 524 34.16 21.32 -83.12
C ILE C 524 33.71 20.58 -84.38
N GLN C 525 33.07 19.42 -84.23
CA GLN C 525 32.60 18.66 -85.38
C GLN C 525 31.52 19.41 -86.14
N GLN C 526 30.59 20.04 -85.42
CA GLN C 526 29.56 20.82 -86.09
C GLN C 526 30.17 21.99 -86.86
N ALA C 527 31.16 22.65 -86.26
CA ALA C 527 31.86 23.74 -86.96
C ALA C 527 32.56 23.23 -88.21
N GLY C 528 33.20 22.06 -88.12
CA GLY C 528 33.87 21.49 -89.28
C GLY C 528 32.90 21.20 -90.40
N ASN C 529 31.73 20.62 -90.08
CA ASN C 529 30.74 20.36 -91.11
C ASN C 529 30.22 21.66 -91.71
N SER C 530 29.98 22.67 -90.88
CA SER C 530 29.48 23.95 -91.37
C SER C 530 30.46 24.60 -92.33
N VAL C 531 31.76 24.55 -92.00
CA VAL C 531 32.75 25.16 -92.90
C VAL C 531 32.96 24.29 -94.13
N LEU C 532 32.75 22.97 -94.00
CA LEU C 532 32.84 22.11 -95.17
C LEU C 532 31.75 22.43 -96.18
N ALA C 533 30.56 22.79 -95.70
CA ALA C 533 29.50 23.21 -96.61
C ALA C 533 29.95 24.38 -97.47
N LYS C 534 30.51 25.42 -96.85
CA LYS C 534 31.00 26.56 -97.61
C LYS C 534 32.15 26.17 -98.51
N ALA C 535 33.02 25.27 -98.04
CA ALA C 535 34.13 24.80 -98.86
C ALA C 535 33.64 24.17 -100.16
N ASN C 536 32.62 23.32 -100.06
CA ASN C 536 32.03 22.75 -101.26
C ASN C 536 31.32 23.80 -102.10
N GLN C 537 30.80 24.84 -101.45
CA GLN C 537 30.11 25.90 -102.18
C GLN C 537 31.09 26.74 -103.00
N VAL C 538 32.35 26.82 -102.56
CA VAL C 538 33.33 27.74 -103.15
C VAL C 538 33.48 27.62 -104.67
N PRO C 539 33.66 26.43 -105.26
CA PRO C 539 34.09 26.37 -106.67
C PRO C 539 33.12 26.96 -107.70
N GLN C 540 32.01 27.56 -107.28
CA GLN C 540 30.98 27.97 -108.25
C GLN C 540 31.39 29.20 -109.05
N GLN C 541 32.38 29.96 -108.59
CA GLN C 541 32.79 31.15 -109.34
C GLN C 541 33.32 30.78 -110.72
N VAL C 542 34.00 29.63 -110.84
CA VAL C 542 34.49 29.22 -112.15
C VAL C 542 33.33 28.95 -113.10
N LEU C 543 32.34 28.18 -112.63
CA LEU C 543 31.16 27.91 -113.46
C LEU C 543 30.47 29.21 -113.86
N SER C 544 30.43 30.19 -112.97
CA SER C 544 29.92 31.49 -113.34
C SER C 544 30.84 32.18 -114.35
N LEU C 545 32.13 31.86 -114.31
CA LEU C 545 33.10 32.55 -115.16
C LEU C 545 33.03 32.05 -116.60
N LEU C 546 32.69 30.78 -116.81
CA LEU C 546 32.63 30.26 -118.17
C LEU C 546 31.70 31.08 -119.06
N GLN C 547 30.50 31.36 -118.58
CA GLN C 547 29.55 32.14 -119.39
C GLN C 547 28.94 33.28 -118.58
N ALA D 2 30.10 15.17 -59.32
CA ALA D 2 31.11 14.32 -58.68
C ALA D 2 32.21 13.96 -59.66
N GLN D 3 33.23 13.27 -59.17
CA GLN D 3 34.32 12.80 -60.03
C GLN D 3 34.26 11.29 -60.19
N VAL D 4 34.26 10.57 -59.07
CA VAL D 4 34.22 9.11 -59.13
C VAL D 4 32.78 8.63 -59.08
N ILE D 5 32.41 7.78 -60.03
CA ILE D 5 31.10 7.17 -60.04
C ILE D 5 31.30 5.65 -60.07
N ASN D 6 32.49 5.22 -60.46
CA ASN D 6 32.80 3.80 -60.48
C ASN D 6 32.73 3.20 -59.09
N THR D 7 33.24 3.94 -58.10
CA THR D 7 33.14 3.54 -56.70
C THR D 7 32.78 4.75 -55.87
N ASN D 8 31.93 4.55 -54.87
CA ASN D 8 31.58 5.58 -53.90
C ASN D 8 32.44 5.33 -52.66
N SER D 9 33.70 5.76 -52.72
CA SER D 9 34.67 5.43 -51.69
C SER D 9 34.24 5.98 -50.33
N LEU D 10 33.53 7.11 -50.32
CA LEU D 10 33.03 7.67 -49.08
C LEU D 10 32.06 6.71 -48.40
N SER D 11 31.21 6.05 -49.20
CA SER D 11 30.32 5.04 -48.65
C SER D 11 31.10 3.87 -48.06
N LEU D 12 32.20 3.48 -48.70
CA LEU D 12 33.05 2.43 -48.15
C LEU D 12 33.62 2.84 -46.80
N ILE D 13 34.08 4.09 -46.69
CA ILE D 13 34.59 4.58 -45.41
C ILE D 13 33.49 4.54 -44.35
N THR D 14 32.28 4.97 -44.71
CA THR D 14 31.17 4.94 -43.77
C THR D 14 30.88 3.53 -43.30
N GLN D 15 30.83 2.57 -44.23
CA GLN D 15 30.56 1.18 -43.83
C GLN D 15 31.67 0.65 -42.94
N ASN D 16 32.93 0.96 -43.26
CA ASN D 16 34.04 0.53 -42.41
C ASN D 16 33.89 1.09 -41.00
N ASN D 17 33.47 2.34 -40.89
CA ASN D 17 33.30 2.95 -39.57
C ASN D 17 32.15 2.28 -38.80
N ILE D 18 31.06 1.97 -39.48
CA ILE D 18 29.90 1.39 -38.78
C ILE D 18 30.19 -0.04 -38.34
N ASN D 19 31.01 -0.76 -39.11
CA ASN D 19 31.32 -2.14 -38.75
C ASN D 19 31.97 -2.23 -37.38
N LYS D 20 32.87 -1.29 -37.08
CA LYS D 20 33.52 -1.30 -35.77
C LYS D 20 32.54 -1.05 -34.65
N ASN D 21 31.62 -0.10 -34.85
CA ASN D 21 30.65 0.23 -33.81
C ASN D 21 29.67 -0.93 -33.58
N GLN D 22 29.39 -1.70 -34.62
CA GLN D 22 28.47 -2.83 -34.47
C GLN D 22 29.02 -3.86 -33.49
N SER D 23 30.33 -4.11 -33.53
CA SER D 23 30.93 -5.05 -32.58
C SER D 23 30.77 -4.57 -31.14
N ALA D 24 31.00 -3.27 -30.90
CA ALA D 24 30.82 -2.73 -29.57
C ALA D 24 29.37 -2.83 -29.13
N LEU D 25 28.43 -2.56 -30.04
CA LEU D 25 27.01 -2.71 -29.70
C LEU D 25 26.69 -4.14 -29.30
N SER D 26 27.14 -5.11 -30.09
CA SER D 26 26.85 -6.51 -29.78
C SER D 26 27.46 -6.92 -28.46
N SER D 27 28.71 -6.52 -28.21
CA SER D 27 29.34 -6.86 -26.94
C SER D 27 28.59 -6.24 -25.77
N SER D 28 28.19 -4.98 -25.90
CA SER D 28 27.46 -4.31 -24.83
C SER D 28 26.15 -5.01 -24.54
N ILE D 29 25.40 -5.37 -25.59
CA ILE D 29 24.11 -6.02 -25.38
C ILE D 29 24.30 -7.38 -24.71
N GLU D 30 25.26 -8.17 -25.19
CA GLU D 30 25.43 -9.51 -24.65
C GLU D 30 25.97 -9.48 -23.22
N ARG D 31 26.78 -8.47 -22.90
CA ARG D 31 27.26 -8.35 -21.53
C ARG D 31 26.16 -7.84 -20.61
N LEU D 32 25.29 -6.97 -21.12
CA LEU D 32 24.16 -6.50 -20.32
C LEU D 32 23.20 -7.63 -20.02
N SER D 33 22.94 -8.49 -21.01
CA SER D 33 22.05 -9.63 -20.79
C SER D 33 22.65 -10.61 -19.79
N SER D 34 23.93 -10.93 -19.93
CA SER D 34 24.56 -11.91 -19.07
C SER D 34 24.96 -11.29 -17.74
N GLY D 35 24.72 -12.03 -16.65
CA GLY D 35 25.11 -11.54 -15.34
C GLY D 35 26.61 -11.41 -15.19
N LEU D 36 27.36 -12.34 -15.76
CA LEU D 36 28.80 -12.35 -15.58
C LEU D 36 29.48 -11.30 -16.46
N ARG D 37 30.52 -10.67 -15.92
CA ARG D 37 31.25 -9.66 -16.67
C ARG D 37 32.13 -10.28 -17.75
N ILE D 38 32.72 -11.43 -17.47
N ILE D 38 32.72 -11.44 -17.47
CA ILE D 38 33.63 -12.07 -18.42
CA ILE D 38 33.63 -12.07 -18.42
C ILE D 38 32.88 -12.48 -19.68
C ILE D 38 32.88 -12.48 -19.68
N ASN D 39 31.68 -13.05 -19.53
CA ASN D 39 30.83 -13.45 -20.66
C ASN D 39 31.53 -14.45 -21.57
N SER D 40 31.80 -15.64 -21.03
CA SER D 40 32.30 -16.78 -21.79
C SER D 40 33.71 -16.57 -22.32
N ALA D 41 34.60 -16.03 -21.47
CA ALA D 41 36.04 -16.01 -21.72
C ALA D 41 36.43 -15.44 -23.08
N LYS D 42 35.62 -14.55 -23.64
CA LYS D 42 36.04 -13.85 -24.85
C LYS D 42 37.05 -12.77 -24.52
N ASP D 43 37.00 -12.24 -23.30
CA ASP D 43 37.96 -11.26 -22.82
C ASP D 43 39.21 -11.94 -22.29
N ASP D 44 40.04 -11.17 -21.59
CA ASP D 44 41.25 -11.71 -20.99
C ASP D 44 40.92 -12.84 -20.03
N ALA D 45 41.61 -13.97 -20.19
CA ALA D 45 41.27 -15.16 -19.41
C ALA D 45 42.08 -15.24 -18.13
N ALA D 46 43.00 -14.29 -17.91
CA ALA D 46 43.84 -14.32 -16.72
C ALA D 46 42.99 -14.24 -15.45
N GLY D 47 41.99 -13.36 -15.44
CA GLY D 47 41.06 -13.33 -14.33
C GLY D 47 40.00 -14.41 -14.44
N GLN D 48 39.75 -14.90 -15.65
CA GLN D 48 38.73 -15.94 -15.84
C GLN D 48 39.14 -17.22 -15.14
N ALA D 49 40.41 -17.61 -15.24
CA ALA D 49 40.87 -18.81 -14.55
C ALA D 49 40.77 -18.66 -13.04
N ILE D 50 41.10 -17.47 -12.52
CA ILE D 50 41.02 -17.24 -11.08
C ILE D 50 39.57 -17.31 -10.61
N ALA D 51 38.65 -16.73 -11.39
CA ALA D 51 37.24 -16.85 -11.06
C ALA D 51 36.79 -18.31 -11.09
N ASN D 52 37.27 -19.08 -12.07
CA ASN D 52 36.92 -20.48 -12.16
C ASN D 52 37.38 -21.24 -10.92
N ARG D 53 38.60 -20.97 -10.45
CA ARG D 53 39.08 -21.67 -9.27
C ARG D 53 38.37 -21.19 -8.01
N PHE D 54 37.93 -19.94 -7.98
CA PHE D 54 37.10 -19.47 -6.87
C PHE D 54 35.76 -20.18 -6.84
N THR D 55 35.19 -20.51 -8.00
CA THR D 55 33.96 -21.30 -7.98
C THR D 55 34.18 -22.63 -7.27
N SER D 56 35.28 -23.32 -7.62
CA SER D 56 35.61 -24.58 -6.97
C SER D 56 35.80 -24.40 -5.48
N ASN D 57 36.53 -23.35 -5.09
CA ASN D 57 36.79 -23.11 -3.67
C ASN D 57 35.49 -22.86 -2.91
N ILE D 58 34.60 -22.04 -3.47
CA ILE D 58 33.35 -21.71 -2.79
C ILE D 58 32.47 -22.93 -2.63
N LYS D 59 32.26 -23.68 -3.72
CA LYS D 59 31.41 -24.86 -3.60
C LYS D 59 32.03 -25.89 -2.66
N GLY D 60 33.35 -26.06 -2.72
CA GLY D 60 34.00 -27.01 -1.84
C GLY D 60 33.88 -26.63 -0.37
N LEU D 61 34.07 -25.35 -0.06
CA LEU D 61 33.95 -24.91 1.32
C LEU D 61 32.53 -25.06 1.83
N THR D 62 31.54 -24.68 1.01
CA THR D 62 30.15 -24.80 1.44
C THR D 62 29.79 -26.27 1.70
N GLN D 63 30.14 -27.15 0.77
CA GLN D 63 29.79 -28.56 0.94
C GLN D 63 30.58 -29.18 2.08
N ALA D 64 31.82 -28.72 2.30
CA ALA D 64 32.62 -29.21 3.41
C ALA D 64 32.00 -28.84 4.75
N ALA D 65 31.48 -27.60 4.86
CA ALA D 65 30.76 -27.24 6.08
C ALA D 65 29.51 -28.08 6.25
N ARG D 66 28.78 -28.32 5.16
CA ARG D 66 27.60 -29.18 5.22
C ARG D 66 27.96 -30.57 5.75
N ASN D 67 29.07 -31.13 5.29
CA ASN D 67 29.48 -32.45 5.77
C ASN D 67 30.00 -32.39 7.20
N ALA D 68 30.64 -31.28 7.57
CA ALA D 68 31.17 -31.13 8.92
C ALA D 68 30.05 -31.10 9.94
N ASN D 69 28.89 -30.56 9.56
CA ASN D 69 27.72 -30.58 10.45
C ASN D 69 27.38 -32.01 10.89
N ASP D 70 27.61 -33.00 10.02
CA ASP D 70 27.44 -34.39 10.42
C ASP D 70 28.35 -34.74 11.59
N GLY D 71 29.51 -34.06 11.69
CA GLY D 71 30.39 -34.28 12.81
C GLY D 71 29.73 -33.95 14.14
N ILE D 72 29.11 -32.78 14.23
CA ILE D 72 28.43 -32.42 15.47
C ILE D 72 27.22 -33.31 15.68
N SER D 73 26.60 -33.77 14.59
CA SER D 73 25.50 -34.72 14.73
C SER D 73 25.96 -35.99 15.45
N VAL D 74 27.03 -36.60 14.97
CA VAL D 74 27.57 -37.82 15.59
C VAL D 74 28.01 -37.53 17.02
N ALA D 75 28.70 -36.41 17.22
CA ALA D 75 29.22 -36.09 18.54
C ALA D 75 28.10 -35.93 19.56
N GLN D 76 27.02 -35.23 19.18
CA GLN D 76 25.93 -35.02 20.12
C GLN D 76 25.15 -36.31 20.36
N THR D 77 25.01 -37.16 19.35
CA THR D 77 24.36 -38.45 19.59
C THR D 77 25.16 -39.29 20.58
N THR D 78 26.48 -39.33 20.40
CA THR D 78 27.33 -40.09 21.33
C THR D 78 27.28 -39.48 22.72
N GLU D 79 27.25 -38.15 22.81
CA GLU D 79 27.18 -37.51 24.12
C GLU D 79 25.87 -37.86 24.81
N GLY D 80 24.77 -37.90 24.06
CA GLY D 80 23.51 -38.34 24.65
C GLY D 80 23.58 -39.77 25.14
N ALA D 81 24.25 -40.65 24.36
CA ALA D 81 24.37 -42.04 24.77
C ALA D 81 25.14 -42.17 26.08
N LEU D 82 26.28 -41.48 26.20
CA LEU D 82 27.02 -41.53 27.47
C LEU D 82 26.26 -40.88 28.62
N SER D 83 25.51 -39.82 28.34
CA SER D 83 24.67 -39.23 29.38
C SER D 83 23.65 -40.24 29.89
N GLU D 84 23.09 -41.03 28.97
CA GLU D 84 22.20 -42.12 29.37
C GLU D 84 22.92 -43.15 30.23
N ILE D 85 24.14 -43.53 29.83
CA ILE D 85 24.86 -44.58 30.55
C ILE D 85 25.24 -44.11 31.96
N ASN D 86 25.57 -42.82 32.12
CA ASN D 86 26.11 -42.35 33.38
C ASN D 86 25.13 -42.56 34.54
N ASN D 87 23.83 -42.40 34.28
CA ASN D 87 22.85 -42.52 35.35
C ASN D 87 22.84 -43.92 35.94
N ASN D 88 22.97 -44.95 35.10
CA ASN D 88 23.03 -46.31 35.59
C ASN D 88 24.25 -46.53 36.47
N LEU D 89 25.40 -45.98 36.05
CA LEU D 89 26.61 -46.12 36.85
C LEU D 89 26.46 -45.44 38.20
N GLN D 90 25.87 -44.25 38.23
CA GLN D 90 25.66 -43.58 39.51
C GLN D 90 24.69 -44.35 40.40
N ARG D 91 23.65 -44.92 39.79
CA ARG D 91 22.71 -45.73 40.56
C ARG D 91 23.41 -46.93 41.18
N ILE D 92 24.24 -47.62 40.39
CA ILE D 92 25.00 -48.75 40.91
C ILE D 92 25.94 -48.31 42.01
N ARG D 93 26.57 -47.14 41.84
CA ARG D 93 27.52 -46.64 42.84
C ARG D 93 26.83 -46.36 44.17
N GLU D 94 25.66 -45.73 44.13
CA GLU D 94 24.97 -45.42 45.38
C GLU D 94 24.18 -46.61 45.91
N LEU D 95 24.06 -47.68 45.11
CA LEU D 95 23.44 -48.90 45.61
C LEU D 95 24.49 -49.81 46.26
N THR D 96 25.74 -49.72 45.81
CA THR D 96 26.80 -50.54 46.39
C THR D 96 27.02 -50.21 47.85
N VAL D 97 26.97 -48.91 48.20
CA VAL D 97 27.17 -48.53 49.59
C VAL D 97 26.06 -49.06 50.47
N GLN D 98 24.83 -49.11 49.95
CA GLN D 98 23.73 -49.74 50.67
C GLN D 98 23.98 -51.24 50.82
N ALA D 99 24.48 -51.88 49.76
CA ALA D 99 24.74 -53.32 49.83
C ALA D 99 25.85 -53.63 50.83
N SER D 100 26.74 -52.67 51.07
CA SER D 100 27.84 -52.90 52.01
C SER D 100 27.38 -52.90 53.46
N THR D 101 26.14 -52.50 53.73
CA THR D 101 25.65 -52.46 55.10
C THR D 101 25.58 -53.86 55.68
N GLY D 102 26.05 -54.01 56.93
CA GLY D 102 26.20 -55.33 57.49
C GLY D 102 24.89 -56.00 57.87
N THR D 103 23.87 -55.20 58.21
CA THR D 103 22.64 -55.78 58.74
C THR D 103 21.85 -56.52 57.67
N ASN D 104 22.22 -56.34 56.39
CA ASN D 104 21.49 -56.96 55.31
C ASN D 104 21.59 -58.48 55.38
N SER D 105 20.49 -59.16 55.10
CA SER D 105 20.47 -60.62 55.04
C SER D 105 20.84 -61.09 53.64
N ASP D 106 20.80 -62.40 53.46
CA ASP D 106 21.15 -62.99 52.16
C ASP D 106 20.12 -62.61 51.09
N SER D 107 18.84 -62.59 51.46
CA SER D 107 17.81 -62.25 50.48
C SER D 107 17.94 -60.80 50.03
N ASP D 108 18.27 -59.90 50.95
CA ASP D 108 18.46 -58.50 50.59
C ASP D 108 19.62 -58.34 49.61
N LEU D 109 20.74 -59.02 49.88
CA LEU D 109 21.87 -58.97 48.97
C LEU D 109 21.51 -59.59 47.63
N ASP D 110 20.70 -60.64 47.62
CA ASP D 110 20.25 -61.25 46.37
C ASP D 110 19.44 -60.26 45.55
N SER D 111 18.52 -59.55 46.18
CA SER D 111 17.71 -58.56 45.47
C SER D 111 18.58 -57.44 44.93
N ILE D 112 19.52 -56.94 45.74
CA ILE D 112 20.41 -55.89 45.28
C ILE D 112 21.26 -56.37 44.10
N GLN D 113 21.74 -57.61 44.17
CA GLN D 113 22.53 -58.16 43.08
C GLN D 113 21.71 -58.30 41.81
N ASP D 114 20.43 -58.70 41.94
CA ASP D 114 19.56 -58.75 40.78
C ASP D 114 19.40 -57.37 40.16
N GLU D 115 19.24 -56.34 41.00
CA GLU D 115 19.13 -54.99 40.48
C GLU D 115 20.40 -54.57 39.74
N ILE D 116 21.57 -54.88 40.30
CA ILE D 116 22.83 -54.51 39.65
C ILE D 116 22.99 -55.28 38.34
N LYS D 117 22.58 -56.54 38.32
CA LYS D 117 22.66 -57.33 37.10
C LYS D 117 21.79 -56.71 36.00
N SER D 118 20.56 -56.32 36.35
CA SER D 118 19.70 -55.67 35.37
C SER D 118 20.31 -54.37 34.87
N ARG D 119 20.87 -53.58 35.78
CA ARG D 119 21.48 -52.32 35.37
C ARG D 119 22.67 -52.54 34.44
N LEU D 120 23.53 -53.53 34.74
CA LEU D 120 24.67 -53.80 33.90
C LEU D 120 24.25 -54.31 32.53
N ASP D 121 23.23 -55.16 32.48
CA ASP D 121 22.70 -55.61 31.21
C ASP D 121 22.15 -54.44 30.40
N GLU D 122 21.47 -53.51 31.06
CA GLU D 122 21.00 -52.31 30.38
C GLU D 122 22.14 -51.49 29.82
N ILE D 123 23.22 -51.34 30.60
CA ILE D 123 24.39 -50.60 30.14
C ILE D 123 24.98 -51.24 28.88
N ASP D 124 25.15 -52.56 28.92
CA ASP D 124 25.72 -53.24 27.75
C ASP D 124 24.80 -53.11 26.54
N ARG D 125 23.49 -53.24 26.75
CA ARG D 125 22.56 -53.12 25.64
C ARG D 125 22.58 -51.73 25.01
N VAL D 126 22.55 -50.69 25.85
CA VAL D 126 22.52 -49.33 25.31
C VAL D 126 23.85 -49.01 24.63
N SER D 127 24.96 -49.54 25.16
CA SER D 127 26.24 -49.37 24.49
C SER D 127 26.23 -50.03 23.11
N GLY D 128 25.68 -51.24 23.01
CA GLY D 128 25.67 -51.94 21.74
C GLY D 128 24.75 -51.29 20.72
N GLN D 129 23.60 -50.80 21.16
CA GLN D 129 22.54 -50.41 20.24
C GLN D 129 22.82 -49.07 19.55
N THR D 130 23.42 -48.13 20.26
CA THR D 130 23.58 -46.78 19.70
C THR D 130 24.38 -46.80 18.41
N GLN D 131 23.77 -46.29 17.34
CA GLN D 131 24.40 -46.29 16.03
C GLN D 131 23.92 -45.08 15.24
N PHE D 132 24.71 -44.68 14.26
CA PHE D 132 24.41 -43.52 13.42
C PHE D 132 24.59 -43.95 11.96
N ASN D 133 23.48 -44.19 11.27
CA ASN D 133 23.49 -44.55 9.86
C ASN D 133 24.25 -45.86 9.64
N GLY D 134 23.83 -46.89 10.36
CA GLY D 134 24.36 -48.23 10.17
C GLY D 134 25.70 -48.49 10.84
N VAL D 135 26.34 -47.46 11.41
CA VAL D 135 27.63 -47.60 12.05
C VAL D 135 27.43 -47.54 13.55
N ASN D 136 27.74 -48.65 14.22
CA ASN D 136 27.62 -48.71 15.67
C ASN D 136 28.75 -47.90 16.30
N VAL D 137 28.40 -46.78 16.94
CA VAL D 137 29.41 -45.83 17.38
C VAL D 137 30.25 -46.39 18.52
N LEU D 138 29.64 -47.13 19.43
CA LEU D 138 30.32 -47.60 20.63
C LEU D 138 30.57 -49.10 20.64
N ALA D 139 30.32 -49.79 19.53
CA ALA D 139 30.56 -51.23 19.51
C ALA D 139 32.05 -51.55 19.43
N LYS D 140 32.80 -50.79 18.63
CA LYS D 140 34.19 -51.11 18.39
C LYS D 140 35.02 -49.83 18.50
N ASP D 141 36.22 -49.97 19.05
CA ASP D 141 37.11 -48.83 19.20
C ASP D 141 37.72 -48.46 17.86
N GLY D 142 37.37 -47.29 17.36
CA GLY D 142 37.88 -46.85 16.07
C GLY D 142 37.88 -45.34 15.96
N SER D 143 38.43 -44.86 14.84
CA SER D 143 38.55 -43.42 14.60
C SER D 143 37.63 -43.03 13.46
N MET D 144 37.02 -41.85 13.58
CA MET D 144 36.13 -41.31 12.55
C MET D 144 36.80 -40.08 11.94
N LYS D 145 36.81 -40.01 10.62
CA LYS D 145 37.49 -38.95 9.88
C LYS D 145 36.46 -38.12 9.15
N ILE D 146 36.47 -36.81 9.38
CA ILE D 146 35.50 -35.88 8.78
C ILE D 146 36.26 -34.87 7.95
N GLN D 147 35.85 -34.70 6.70
CA GLN D 147 36.55 -33.86 5.72
C GLN D 147 35.90 -32.48 5.71
N VAL D 148 36.71 -31.44 5.89
CA VAL D 148 36.21 -30.10 6.19
C VAL D 148 36.85 -29.02 5.34
N GLY D 149 37.52 -29.38 4.25
CA GLY D 149 38.23 -28.40 3.45
C GLY D 149 38.22 -28.74 1.97
N ALA D 150 38.25 -27.71 1.15
CA ALA D 150 38.25 -27.91 -0.30
C ALA D 150 39.52 -28.61 -0.76
N ASN D 151 40.67 -28.23 -0.19
CA ASN D 151 41.92 -28.89 -0.54
C ASN D 151 41.97 -30.29 0.05
N ASP D 152 42.85 -31.12 -0.50
CA ASP D 152 42.91 -32.51 -0.08
C ASP D 152 43.58 -32.64 1.27
N GLY D 153 43.30 -33.74 1.97
CA GLY D 153 43.87 -33.99 3.27
C GLY D 153 43.39 -33.04 4.35
N GLN D 154 42.12 -32.68 4.32
CA GLN D 154 41.50 -31.87 5.37
C GLN D 154 40.63 -32.78 6.20
N THR D 155 40.94 -32.90 7.49
CA THR D 155 40.26 -33.88 8.33
C THR D 155 40.19 -33.40 9.77
N ILE D 156 39.01 -33.60 10.37
CA ILE D 156 38.82 -33.49 11.81
C ILE D 156 38.53 -34.89 12.34
N THR D 157 39.34 -35.33 13.29
CA THR D 157 39.34 -36.71 13.76
C THR D 157 38.59 -36.83 15.08
N ILE D 158 37.44 -37.50 15.04
CA ILE D 158 36.75 -37.86 16.28
C ILE D 158 37.23 -39.23 16.75
N ASP D 159 37.59 -39.30 18.04
CA ASP D 159 38.12 -40.52 18.62
C ASP D 159 37.00 -41.27 19.32
N LEU D 160 36.77 -42.51 18.91
CA LEU D 160 35.73 -43.37 19.49
C LEU D 160 36.38 -44.60 20.10
N LYS D 161 36.16 -44.80 21.40
CA LYS D 161 36.60 -45.99 22.10
C LYS D 161 35.37 -46.78 22.54
N LYS D 162 35.36 -48.07 22.22
CA LYS D 162 34.23 -48.92 22.58
C LYS D 162 34.05 -48.95 24.10
N ILE D 163 32.81 -48.77 24.54
CA ILE D 163 32.51 -48.68 25.96
C ILE D 163 31.44 -49.71 26.34
N ASP D 164 31.88 -50.86 26.82
CA ASP D 164 30.96 -51.83 27.41
C ASP D 164 31.42 -52.18 28.83
N SER D 165 30.62 -53.01 29.49
CA SER D 165 30.95 -53.40 30.87
C SER D 165 32.31 -54.08 30.94
N ASP D 166 32.74 -54.71 29.85
CA ASP D 166 34.02 -55.40 29.85
C ASP D 166 35.18 -54.42 29.94
N THR D 167 35.26 -53.46 29.03
CA THR D 167 36.34 -52.48 29.07
C THR D 167 36.17 -51.51 30.22
N LEU D 168 34.94 -51.28 30.66
CA LEU D 168 34.70 -50.37 31.78
C LEU D 168 35.24 -50.94 33.08
N GLY D 169 35.63 -52.19 33.10
CA GLY D 169 35.93 -52.80 34.36
C GLY D 169 35.10 -54.06 34.56
N LEU D 170 34.06 -53.92 35.39
CA LEU D 170 33.43 -54.97 36.19
C LEU D 170 33.35 -56.28 35.42
N ASN D 171 32.58 -56.38 34.33
CA ASN D 171 32.41 -57.59 33.52
C ASN D 171 31.66 -58.64 34.33
N GLY D 172 31.51 -58.39 35.63
CA GLY D 172 30.78 -59.23 36.55
C GLY D 172 30.87 -58.62 37.93
N PHE D 173 29.74 -58.47 38.62
CA PHE D 173 29.70 -57.77 39.90
C PHE D 173 29.01 -58.65 40.94
N ASN D 174 29.73 -58.94 42.02
CA ASN D 174 29.20 -59.71 43.14
C ASN D 174 29.24 -58.83 44.38
N VAL D 175 28.11 -58.75 45.07
CA VAL D 175 28.04 -58.08 46.37
C VAL D 175 27.53 -59.00 47.47
N ASN D 176 26.97 -60.15 47.12
CA ASN D 176 26.45 -61.10 48.10
C ASN D 176 27.48 -62.14 48.51
N GLY D 177 28.72 -62.02 48.05
CA GLY D 177 29.75 -62.98 48.39
C GLY D 177 29.60 -64.28 47.64
N GLU D 455 32.12 -64.68 44.21
CA GLU D 455 32.96 -63.98 45.17
C GLU D 455 32.80 -62.47 45.04
N SER D 456 32.44 -61.83 46.15
CA SER D 456 32.25 -60.39 46.15
C SER D 456 33.56 -59.67 45.85
N THR D 457 33.48 -58.62 45.03
CA THR D 457 34.67 -57.87 44.64
C THR D 457 35.27 -57.18 45.85
N SER D 458 36.61 -57.14 45.88
CA SER D 458 37.31 -56.62 47.07
C SER D 458 37.06 -55.14 47.25
N ASP D 459 37.17 -54.35 46.18
CA ASP D 459 37.02 -52.89 46.24
C ASP D 459 36.01 -52.44 45.19
N PRO D 460 34.72 -52.68 45.43
CA PRO D 460 33.71 -52.21 44.46
C PRO D 460 33.73 -50.71 44.25
N LEU D 461 33.98 -49.93 45.32
CA LEU D 461 33.93 -48.48 45.22
C LEU D 461 35.00 -47.96 44.26
N ALA D 462 36.23 -48.47 44.39
CA ALA D 462 37.31 -47.97 43.54
C ALA D 462 37.07 -48.32 42.07
N ALA D 463 36.63 -49.54 41.80
CA ALA D 463 36.34 -49.94 40.42
C ALA D 463 35.22 -49.11 39.83
N LEU D 464 34.16 -48.88 40.61
CA LEU D 464 33.05 -48.07 40.13
C LEU D 464 33.49 -46.63 39.85
N ASP D 465 34.32 -46.07 40.74
CA ASP D 465 34.80 -44.71 40.55
C ASP D 465 35.67 -44.61 39.30
N ASP D 466 36.53 -45.61 39.07
CA ASP D 466 37.36 -45.59 37.86
C ASP D 466 36.51 -45.73 36.60
N ALA D 467 35.47 -46.57 36.65
CA ALA D 467 34.57 -46.71 35.52
C ALA D 467 33.87 -45.38 35.22
N ILE D 468 33.44 -44.68 36.27
CA ILE D 468 32.81 -43.37 36.09
C ILE D 468 33.81 -42.38 35.51
N SER D 469 35.05 -42.42 36.00
CA SER D 469 36.07 -41.49 35.54
C SER D 469 36.40 -41.68 34.07
N GLN D 470 36.43 -42.93 33.60
CA GLN D 470 36.67 -43.19 32.19
C GLN D 470 35.56 -42.60 31.33
N ILE D 471 34.31 -42.77 31.77
CA ILE D 471 33.18 -42.18 31.05
C ILE D 471 33.30 -40.66 31.03
N ASP D 472 33.69 -40.06 32.15
CA ASP D 472 33.85 -38.61 32.20
C ASP D 472 34.94 -38.13 31.26
N LYS D 473 36.05 -38.88 31.18
CA LYS D 473 37.12 -38.53 30.25
C LYS D 473 36.64 -38.60 28.80
N PHE D 474 35.86 -39.64 28.47
CA PHE D 474 35.33 -39.75 27.12
C PHE D 474 34.38 -38.59 26.82
N ARG D 475 33.57 -38.20 27.81
CA ARG D 475 32.69 -37.04 27.62
C ARG D 475 33.48 -35.75 27.43
N SER D 476 34.59 -35.60 28.17
CA SER D 476 35.42 -34.41 28.00
C SER D 476 36.03 -34.35 26.60
N SER D 477 36.50 -35.49 26.10
CA SER D 477 37.00 -35.54 24.72
C SER D 477 35.89 -35.19 23.74
N LEU D 478 34.68 -35.70 23.98
CA LEU D 478 33.56 -35.35 23.11
C LEU D 478 33.32 -33.85 23.09
N GLY D 479 33.29 -33.21 24.27
CA GLY D 479 33.12 -31.77 24.32
C GLY D 479 34.20 -31.04 23.55
N ALA D 480 35.45 -31.49 23.71
CA ALA D 480 36.54 -30.93 22.94
C ALA D 480 36.30 -31.05 21.45
N VAL D 481 35.62 -32.11 21.01
CA VAL D 481 35.43 -32.25 19.57
C VAL D 481 34.25 -31.41 19.08
N GLN D 482 33.19 -31.22 19.90
CA GLN D 482 32.16 -30.29 19.42
C GLN D 482 32.73 -28.89 19.30
N ASN D 483 33.59 -28.49 20.26
CA ASN D 483 34.17 -27.14 20.16
C ASN D 483 34.98 -26.98 18.88
N ARG D 484 35.82 -27.97 18.56
CA ARG D 484 36.58 -27.92 17.32
C ARG D 484 35.66 -27.84 16.12
N LEU D 485 34.62 -28.68 16.08
CA LEU D 485 33.74 -28.73 14.91
C LEU D 485 32.99 -27.43 14.71
N ASP D 486 32.48 -26.82 15.78
CA ASP D 486 31.69 -25.60 15.59
C ASP D 486 32.60 -24.42 15.25
N SER D 487 33.81 -24.39 15.82
CA SER D 487 34.77 -23.37 15.39
C SER D 487 35.10 -23.54 13.91
N ALA D 488 35.29 -24.78 13.46
CA ALA D 488 35.59 -25.01 12.05
C ALA D 488 34.45 -24.56 11.16
N VAL D 489 33.20 -24.89 11.53
CA VAL D 489 32.09 -24.58 10.65
C VAL D 489 31.85 -23.07 10.60
N THR D 490 32.01 -22.38 11.73
CA THR D 490 31.84 -20.93 11.68
C THR D 490 32.97 -20.27 10.88
N ASN D 491 34.19 -20.82 10.95
CA ASN D 491 35.27 -20.31 10.12
C ASN D 491 34.95 -20.51 8.63
N LEU D 492 34.44 -21.68 8.27
CA LEU D 492 34.11 -21.94 6.88
C LEU D 492 33.02 -21.01 6.38
N ASN D 493 31.98 -20.80 7.21
CA ASN D 493 30.91 -19.90 6.84
C ASN D 493 31.42 -18.47 6.66
N ASN D 494 32.32 -18.04 7.55
CA ASN D 494 32.90 -16.70 7.40
C ASN D 494 33.71 -16.59 6.12
N THR D 495 34.48 -17.63 5.78
CA THR D 495 35.37 -17.56 4.63
C THR D 495 34.58 -17.63 3.32
N THR D 496 33.45 -18.34 3.32
CA THR D 496 32.67 -18.49 2.10
C THR D 496 32.18 -17.15 1.57
N THR D 497 31.69 -16.28 2.47
CA THR D 497 31.21 -14.97 2.03
C THR D 497 32.34 -14.13 1.43
N ASN D 498 33.51 -14.18 2.06
CA ASN D 498 34.65 -13.41 1.54
C ASN D 498 35.04 -13.89 0.15
N LEU D 499 35.10 -15.22 -0.05
CA LEU D 499 35.43 -15.72 -1.39
C LEU D 499 34.32 -15.41 -2.39
N SER D 500 33.07 -15.39 -1.94
CA SER D 500 31.98 -15.00 -2.83
C SER D 500 32.15 -13.56 -3.30
N GLU D 501 32.49 -12.65 -2.38
CA GLU D 501 32.74 -11.27 -2.77
C GLU D 501 33.96 -11.18 -3.67
N ALA D 502 34.98 -12.00 -3.42
CA ALA D 502 36.16 -12.02 -4.28
C ALA D 502 35.79 -12.40 -5.71
N GLN D 503 34.97 -13.44 -5.87
CA GLN D 503 34.52 -13.83 -7.20
C GLN D 503 33.66 -12.74 -7.83
N SER D 504 32.80 -12.11 -7.03
CA SER D 504 31.93 -11.07 -7.57
C SER D 504 32.73 -9.89 -8.09
N ARG D 505 33.82 -9.53 -7.41
CA ARG D 505 34.65 -8.41 -7.86
C ARG D 505 35.23 -8.67 -9.24
N ILE D 506 35.72 -9.88 -9.49
CA ILE D 506 36.34 -10.19 -10.78
C ILE D 506 35.31 -10.12 -11.90
N GLN D 507 34.14 -10.72 -11.68
CA GLN D 507 33.06 -10.73 -12.66
C GLN D 507 31.83 -10.03 -12.07
N ASP D 508 31.71 -8.74 -12.35
CA ASP D 508 30.58 -7.93 -11.91
C ASP D 508 29.97 -7.19 -13.09
N ALA D 509 28.64 -7.14 -13.12
CA ALA D 509 27.97 -6.51 -14.24
C ALA D 509 28.02 -4.99 -14.14
N ASP D 510 27.52 -4.44 -13.03
CA ASP D 510 27.50 -2.99 -12.80
C ASP D 510 26.78 -2.27 -13.94
N TYR D 511 25.48 -2.57 -14.04
CA TYR D 511 24.67 -2.18 -15.19
C TYR D 511 24.81 -0.71 -15.58
N ALA D 512 25.25 0.13 -14.64
CA ALA D 512 25.25 1.57 -14.86
C ALA D 512 26.10 1.95 -16.07
N THR D 513 27.30 1.36 -16.19
CA THR D 513 28.18 1.73 -17.29
C THR D 513 27.73 1.08 -18.61
N GLU D 514 27.26 -0.17 -18.55
CA GLU D 514 26.92 -0.85 -19.81
C GLU D 514 25.63 -0.32 -20.42
N VAL D 515 24.69 0.16 -19.59
CA VAL D 515 23.48 0.74 -20.18
C VAL D 515 23.84 2.00 -20.97
N SER D 516 24.72 2.83 -20.41
CA SER D 516 25.18 4.01 -21.13
C SER D 516 25.95 3.63 -22.39
N ASN D 517 26.82 2.61 -22.29
CA ASN D 517 27.59 2.19 -23.45
C ASN D 517 26.69 1.67 -24.56
N MET D 518 25.70 0.84 -24.23
CA MET D 518 24.80 0.32 -25.24
C MET D 518 23.96 1.43 -25.86
N SER D 519 23.47 2.37 -25.05
CA SER D 519 22.72 3.49 -25.59
C SER D 519 23.56 4.29 -26.57
N LYS D 520 24.81 4.62 -26.17
CA LYS D 520 25.74 5.25 -27.09
C LYS D 520 25.91 4.43 -28.35
N ALA D 521 25.90 3.11 -28.22
CA ALA D 521 26.09 2.24 -29.38
C ALA D 521 24.96 2.41 -30.39
N GLN D 522 23.69 2.38 -29.95
CA GLN D 522 22.63 2.54 -30.94
C GLN D 522 22.57 3.98 -31.44
N ILE D 523 22.98 4.95 -30.63
CA ILE D 523 23.05 6.32 -31.14
C ILE D 523 24.04 6.41 -32.29
N ILE D 524 25.23 5.84 -32.11
CA ILE D 524 26.24 5.85 -33.17
C ILE D 524 25.75 5.09 -34.39
N GLN D 525 25.10 3.94 -34.17
CA GLN D 525 24.59 3.14 -35.29
C GLN D 525 23.57 3.92 -36.11
N GLN D 526 22.59 4.53 -35.44
CA GLN D 526 21.55 5.26 -36.16
C GLN D 526 22.11 6.48 -36.86
N ALA D 527 23.06 7.18 -36.21
CA ALA D 527 23.71 8.30 -36.88
C ALA D 527 24.46 7.83 -38.12
N GLY D 528 25.14 6.69 -38.03
CA GLY D 528 25.85 6.17 -39.18
C GLY D 528 24.94 5.79 -40.32
N ASN D 529 23.80 5.17 -40.02
CA ASN D 529 22.85 4.86 -41.08
C ASN D 529 22.29 6.13 -41.71
N SER D 530 21.99 7.13 -40.89
CA SER D 530 21.47 8.39 -41.41
C SER D 530 22.48 9.06 -42.34
N VAL D 531 23.77 9.02 -41.97
CA VAL D 531 24.77 9.68 -42.81
C VAL D 531 25.07 8.82 -44.04
N LEU D 532 24.90 7.51 -43.92
CA LEU D 532 25.08 6.62 -45.07
C LEU D 532 24.02 6.89 -46.13
N ALA D 533 22.80 7.24 -45.69
CA ALA D 533 21.77 7.65 -46.63
C ALA D 533 22.25 8.82 -47.49
N LYS D 534 22.79 9.86 -46.86
CA LYS D 534 23.29 11.01 -47.62
C LYS D 534 24.52 10.64 -48.44
N ALA D 535 25.33 9.70 -47.93
CA ALA D 535 26.48 9.22 -48.69
C ALA D 535 26.05 8.60 -50.01
N ASN D 536 25.02 7.76 -49.96
CA ASN D 536 24.46 7.21 -51.20
C ASN D 536 23.82 8.31 -52.04
N GLN D 537 23.30 9.35 -51.38
CA GLN D 537 22.68 10.45 -52.12
C GLN D 537 23.69 11.26 -52.92
N VAL D 538 24.92 11.35 -52.42
CA VAL D 538 25.94 12.24 -53.00
C VAL D 538 26.11 12.09 -54.50
N PRO D 539 26.33 10.89 -55.06
CA PRO D 539 26.61 10.79 -56.51
C PRO D 539 25.39 10.94 -57.41
N GLN D 540 24.25 11.35 -56.88
CA GLN D 540 23.03 11.41 -57.69
C GLN D 540 23.09 12.55 -58.71
N GLN D 541 23.71 13.66 -58.34
CA GLN D 541 23.58 14.88 -59.16
C GLN D 541 24.37 14.78 -60.46
N VAL D 542 25.18 13.72 -60.63
CA VAL D 542 25.88 13.52 -61.88
C VAL D 542 24.90 13.36 -63.03
N LEU D 543 23.73 12.79 -62.75
CA LEU D 543 22.71 12.64 -63.79
C LEU D 543 22.26 13.99 -64.33
N SER D 544 22.00 14.95 -63.43
CA SER D 544 21.68 16.30 -63.88
C SER D 544 22.89 16.96 -64.54
N LEU D 545 24.09 16.60 -64.09
CA LEU D 545 25.29 17.11 -64.75
C LEU D 545 25.38 16.63 -66.19
N LEU D 546 24.81 15.46 -66.49
CA LEU D 546 24.90 14.91 -67.85
C LEU D 546 24.20 15.80 -68.85
N GLN D 547 23.01 16.30 -68.52
CA GLN D 547 22.24 17.13 -69.45
C GLN D 547 21.52 18.26 -68.75
N ALA E 2 30.96 35.51 -77.82
CA ALA E 2 31.95 34.44 -77.81
C ALA E 2 33.03 34.67 -78.86
N GLN E 3 34.27 34.34 -78.53
CA GLN E 3 35.37 34.52 -79.46
C GLN E 3 36.27 33.29 -79.50
N VAL E 4 36.15 32.41 -78.52
CA VAL E 4 37.08 31.29 -78.39
C VAL E 4 36.34 29.96 -78.58
N ILE E 5 36.56 29.35 -79.74
CA ILE E 5 35.96 28.04 -80.03
C ILE E 5 36.79 26.94 -79.40
N ASN E 6 38.11 27.10 -79.40
CA ASN E 6 39.01 25.98 -79.14
C ASN E 6 38.96 25.52 -77.69
N THR E 7 39.01 26.45 -76.74
CA THR E 7 39.19 26.12 -75.33
C THR E 7 38.17 26.86 -74.47
N ASN E 8 37.54 26.16 -73.54
CA ASN E 8 36.62 26.77 -72.58
C ASN E 8 37.34 26.90 -71.23
N SER E 9 38.13 27.97 -71.10
CA SER E 9 38.90 28.18 -69.88
C SER E 9 37.98 28.50 -68.71
N LEU E 10 36.88 29.20 -68.96
CA LEU E 10 35.94 29.54 -67.90
C LEU E 10 35.35 28.29 -67.26
N SER E 11 34.96 27.32 -68.09
CA SER E 11 34.48 26.05 -67.55
C SER E 11 35.57 25.36 -66.74
N LEU E 12 36.83 25.48 -67.18
CA LEU E 12 37.93 24.90 -66.42
C LEU E 12 38.06 25.55 -65.05
N ILE E 13 37.90 26.87 -64.97
CA ILE E 13 37.96 27.56 -63.69
C ILE E 13 36.83 27.10 -62.78
N THR E 14 35.62 26.95 -63.33
CA THR E 14 34.50 26.47 -62.53
C THR E 14 34.76 25.05 -62.03
N GLN E 15 35.32 24.20 -62.88
CA GLN E 15 35.64 22.83 -62.49
C GLN E 15 36.68 22.81 -61.37
N ASN E 16 37.70 23.65 -61.47
CA ASN E 16 38.70 23.76 -60.42
C ASN E 16 38.07 24.25 -59.12
N ASN E 17 37.11 25.17 -59.22
CA ASN E 17 36.40 25.62 -58.03
C ASN E 17 35.64 24.46 -57.37
N ILE E 18 34.98 23.63 -58.18
CA ILE E 18 34.24 22.50 -57.64
C ILE E 18 35.18 21.51 -56.98
N ASN E 19 36.35 21.30 -57.58
CA ASN E 19 37.29 20.30 -57.07
C ASN E 19 37.76 20.63 -55.66
N LYS E 20 38.05 21.91 -55.39
CA LYS E 20 38.47 22.28 -54.04
C LYS E 20 37.36 22.04 -53.02
N ASN E 21 36.11 22.31 -53.41
CA ASN E 21 34.99 22.05 -52.52
C ASN E 21 34.83 20.56 -52.24
N GLN E 22 35.13 19.72 -53.23
CA GLN E 22 34.86 18.29 -53.09
C GLN E 22 35.68 17.68 -51.95
N SER E 23 36.94 18.09 -51.80
CA SER E 23 37.76 17.56 -50.72
C SER E 23 37.19 17.93 -49.35
N ALA E 24 36.77 19.18 -49.19
CA ALA E 24 36.18 19.61 -47.93
C ALA E 24 34.88 18.85 -47.65
N LEU E 25 34.08 18.62 -48.70
CA LEU E 25 32.86 17.83 -48.54
C LEU E 25 33.17 16.43 -48.06
N SER E 26 34.15 15.76 -48.69
CA SER E 26 34.50 14.41 -48.29
C SER E 26 35.00 14.36 -46.87
N SER E 27 35.87 15.31 -46.49
CA SER E 27 36.39 15.33 -45.13
C SER E 27 35.27 15.56 -44.11
N SER E 28 34.36 16.50 -44.41
CA SER E 28 33.26 16.77 -43.50
C SER E 28 32.37 15.54 -43.34
N ILE E 29 32.07 14.85 -44.43
CA ILE E 29 31.16 13.71 -44.34
C ILE E 29 31.82 12.54 -43.61
N GLU E 30 33.12 12.32 -43.86
CA GLU E 30 33.80 11.23 -43.16
C GLU E 30 33.93 11.54 -41.68
N ARG E 31 34.15 12.80 -41.32
CA ARG E 31 34.13 13.18 -39.92
C ARG E 31 32.73 13.03 -39.33
N LEU E 32 31.71 13.22 -40.16
CA LEU E 32 30.33 13.10 -39.71
C LEU E 32 29.98 11.65 -39.39
N SER E 33 30.38 10.73 -40.27
CA SER E 33 30.05 9.32 -40.06
C SER E 33 30.80 8.76 -38.85
N SER E 34 32.08 9.08 -38.72
CA SER E 34 32.87 8.62 -37.59
C SER E 34 32.63 9.49 -36.37
N GLY E 35 32.95 8.95 -35.20
CA GLY E 35 32.85 9.74 -33.98
C GLY E 35 34.10 10.57 -33.73
N LEU E 36 35.14 10.37 -34.55
CA LEU E 36 36.45 10.96 -34.33
C LEU E 36 36.64 12.16 -35.26
N ARG E 37 36.98 13.31 -34.67
CA ARG E 37 37.44 14.44 -35.48
C ARG E 37 38.88 14.23 -35.92
N ILE E 38 39.65 13.46 -35.15
N ILE E 38 39.65 13.46 -35.15
CA ILE E 38 41.06 13.26 -35.47
CA ILE E 38 41.06 13.26 -35.47
C ILE E 38 41.20 12.44 -36.75
C ILE E 38 41.20 12.44 -36.75
N ASN E 39 40.72 11.19 -36.73
CA ASN E 39 40.66 10.35 -37.93
C ASN E 39 42.02 10.17 -38.60
N SER E 40 42.93 9.47 -37.91
CA SER E 40 44.23 9.14 -38.51
C SER E 40 45.00 10.41 -38.86
N ALA E 41 45.52 11.09 -37.85
CA ALA E 41 45.74 12.53 -37.90
C ALA E 41 46.78 12.97 -38.91
N LYS E 42 46.39 12.99 -40.18
CA LYS E 42 46.95 13.90 -41.16
C LYS E 42 46.72 15.35 -40.80
N ASP E 43 45.73 15.65 -39.94
CA ASP E 43 45.37 17.02 -39.62
C ASP E 43 46.16 17.45 -38.39
N ASP E 44 46.00 16.79 -37.25
CA ASP E 44 46.67 17.22 -36.02
C ASP E 44 47.35 16.00 -35.37
N ALA E 45 48.57 15.74 -35.83
CA ALA E 45 49.32 14.61 -35.30
C ALA E 45 49.62 14.79 -33.81
N ALA E 46 49.94 16.02 -33.41
CA ALA E 46 50.19 16.29 -31.99
C ALA E 46 48.96 15.96 -31.16
N GLY E 47 47.76 16.25 -31.67
CA GLY E 47 46.56 15.86 -30.96
C GLY E 47 46.43 14.37 -30.81
N GLN E 48 46.74 13.62 -31.88
CA GLN E 48 46.61 12.17 -31.82
C GLN E 48 47.60 11.56 -30.82
N ALA E 49 48.80 12.12 -30.74
CA ALA E 49 49.77 11.61 -29.78
C ALA E 49 49.27 11.77 -28.36
N ILE E 50 48.74 12.94 -28.02
CA ILE E 50 48.22 13.17 -26.68
C ILE E 50 47.02 12.28 -26.42
N ALA E 51 46.16 12.09 -27.42
CA ALA E 51 45.02 11.21 -27.25
C ALA E 51 45.45 9.77 -26.98
N ASN E 52 46.47 9.30 -27.70
CA ASN E 52 46.97 7.95 -27.48
C ASN E 52 47.54 7.79 -26.09
N ARG E 53 48.33 8.77 -25.64
CA ARG E 53 48.88 8.69 -24.28
C ARG E 53 47.78 8.72 -23.24
N PHE E 54 46.75 9.56 -23.46
CA PHE E 54 45.61 9.60 -22.55
C PHE E 54 44.93 8.26 -22.47
N THR E 55 44.68 7.62 -23.61
CA THR E 55 44.02 6.32 -23.61
C THR E 55 44.87 5.28 -22.89
N SER E 56 46.18 5.30 -23.11
CA SER E 56 47.06 4.35 -22.43
C SER E 56 46.97 4.50 -20.92
N ASN E 57 47.09 5.74 -20.43
CA ASN E 57 47.03 5.95 -18.99
C ASN E 57 45.65 5.59 -18.43
N ILE E 58 44.58 5.91 -19.17
CA ILE E 58 43.24 5.61 -18.69
C ILE E 58 43.05 4.11 -18.54
N LYS E 59 43.48 3.34 -19.54
CA LYS E 59 43.34 1.89 -19.47
C LYS E 59 44.17 1.33 -18.32
N GLY E 60 45.40 1.86 -18.13
CA GLY E 60 46.21 1.40 -17.02
C GLY E 60 45.54 1.63 -15.68
N LEU E 61 44.96 2.81 -15.48
CA LEU E 61 44.28 3.08 -14.21
C LEU E 61 43.04 2.22 -14.04
N THR E 62 42.31 1.98 -15.13
CA THR E 62 41.12 1.12 -15.02
C THR E 62 41.53 -0.28 -14.58
N GLN E 63 42.63 -0.81 -15.11
CA GLN E 63 43.10 -2.12 -14.65
C GLN E 63 43.57 -2.07 -13.20
N ALA E 64 44.28 -1.00 -12.83
CA ALA E 64 44.78 -0.88 -11.46
C ALA E 64 43.65 -0.82 -10.44
N ALA E 65 42.48 -0.29 -10.85
CA ALA E 65 41.33 -0.28 -9.96
C ALA E 65 40.92 -1.71 -9.58
N ARG E 66 40.78 -2.58 -10.57
CA ARG E 66 40.46 -3.97 -10.28
C ARG E 66 41.57 -4.64 -9.49
N ASN E 67 42.81 -4.24 -9.73
CA ASN E 67 43.91 -4.75 -8.92
C ASN E 67 43.72 -4.40 -7.44
N ALA E 68 43.33 -3.15 -7.17
CA ALA E 68 43.13 -2.73 -5.78
C ALA E 68 41.94 -3.43 -5.15
N ASN E 69 40.89 -3.69 -5.93
CA ASN E 69 39.78 -4.48 -5.40
C ASN E 69 40.21 -5.90 -5.05
N ASP E 70 41.05 -6.51 -5.89
CA ASP E 70 41.60 -7.80 -5.53
C ASP E 70 42.40 -7.72 -4.23
N GLY E 71 43.17 -6.64 -4.06
CA GLY E 71 43.94 -6.48 -2.83
C GLY E 71 43.07 -6.39 -1.60
N ILE E 72 42.00 -5.58 -1.66
CA ILE E 72 41.13 -5.44 -0.49
C ILE E 72 40.43 -6.76 -0.20
N SER E 73 40.08 -7.52 -1.25
CA SER E 73 39.49 -8.84 -1.02
C SER E 73 40.47 -9.75 -0.27
N VAL E 74 41.73 -9.74 -0.70
CA VAL E 74 42.74 -10.57 -0.03
C VAL E 74 42.86 -10.17 1.44
N ALA E 75 42.91 -8.86 1.70
CA ALA E 75 43.06 -8.39 3.08
C ALA E 75 41.87 -8.81 3.93
N GLN E 76 40.66 -8.69 3.41
CA GLN E 76 39.48 -9.08 4.19
C GLN E 76 39.48 -10.58 4.46
N THR E 77 39.86 -11.39 3.48
CA THR E 77 39.93 -12.83 3.69
C THR E 77 40.92 -13.17 4.78
N THR E 78 42.08 -12.50 4.79
CA THR E 78 43.05 -12.71 5.87
C THR E 78 42.46 -12.31 7.22
N GLU E 79 41.78 -11.16 7.27
CA GLU E 79 41.28 -10.65 8.53
C GLU E 79 40.25 -11.59 9.15
N GLY E 80 39.46 -12.26 8.30
CA GLY E 80 38.52 -13.24 8.84
C GLY E 80 39.20 -14.35 9.62
N ALA E 81 40.26 -14.92 9.06
CA ALA E 81 40.99 -15.99 9.76
C ALA E 81 41.64 -15.45 11.03
N LEU E 82 42.17 -14.23 10.99
CA LEU E 82 42.71 -13.64 12.22
C LEU E 82 41.63 -13.50 13.29
N SER E 83 40.41 -13.10 12.90
CA SER E 83 39.33 -13.00 13.88
C SER E 83 39.00 -14.36 14.49
N GLU E 84 38.98 -15.41 13.66
CA GLU E 84 38.72 -16.75 14.19
C GLU E 84 39.79 -17.17 15.18
N ILE E 85 41.06 -16.92 14.84
CA ILE E 85 42.15 -17.25 15.76
C ILE E 85 42.01 -16.47 17.05
N ASN E 86 41.57 -15.20 16.95
CA ASN E 86 41.33 -14.40 18.14
C ASN E 86 40.30 -15.06 19.05
N ASN E 87 39.17 -15.49 18.49
CA ASN E 87 38.13 -16.11 19.31
C ASN E 87 38.65 -17.38 19.98
N ASN E 88 39.42 -18.17 19.23
CA ASN E 88 40.01 -19.37 19.82
C ASN E 88 40.92 -19.02 21.00
N LEU E 89 41.74 -17.99 20.84
CA LEU E 89 42.63 -17.57 21.93
C LEU E 89 41.85 -17.11 23.15
N GLN E 90 40.75 -16.39 22.93
CA GLN E 90 39.95 -15.95 24.06
C GLN E 90 39.34 -17.12 24.81
N ARG E 91 38.84 -18.14 24.09
CA ARG E 91 38.34 -19.33 24.79
C ARG E 91 39.45 -20.02 25.57
N ILE E 92 40.65 -20.09 24.97
CA ILE E 92 41.78 -20.70 25.67
C ILE E 92 42.07 -19.97 26.98
N ARG E 93 42.10 -18.64 26.94
CA ARG E 93 42.41 -17.88 28.15
C ARG E 93 41.31 -18.03 29.19
N GLU E 94 40.06 -17.99 28.75
CA GLU E 94 38.94 -18.39 29.61
C GLU E 94 39.23 -19.66 30.40
N LEU E 95 39.42 -20.77 29.70
CA LEU E 95 39.42 -22.03 30.44
C LEU E 95 40.77 -22.28 31.11
N THR E 96 41.83 -21.57 30.68
CA THR E 96 43.06 -21.54 31.45
C THR E 96 42.83 -20.88 32.81
N VAL E 97 42.05 -19.80 32.83
CA VAL E 97 41.71 -19.15 34.11
C VAL E 97 41.01 -20.15 35.03
N GLN E 98 40.11 -20.97 34.48
CA GLN E 98 39.48 -22.01 35.27
C GLN E 98 40.52 -23.01 35.79
N ALA E 99 41.46 -23.40 34.93
CA ALA E 99 42.48 -24.37 35.34
C ALA E 99 43.39 -23.82 36.43
N SER E 100 43.49 -22.49 36.52
CA SER E 100 44.50 -21.89 37.39
C SER E 100 44.28 -22.23 38.87
N THR E 101 43.03 -22.23 39.31
CA THR E 101 42.74 -22.42 40.73
C THR E 101 43.15 -23.82 41.19
N GLY E 102 43.65 -23.91 42.43
CA GLY E 102 44.12 -25.17 42.96
C GLY E 102 43.01 -26.11 43.41
N THR E 103 41.76 -25.65 43.43
CA THR E 103 40.67 -26.53 43.86
C THR E 103 40.44 -27.64 42.85
N ASN E 104 40.87 -27.45 41.61
CA ASN E 104 40.69 -28.47 40.58
C ASN E 104 41.57 -29.68 40.88
N SER E 105 41.00 -30.87 40.68
CA SER E 105 41.77 -32.10 40.83
C SER E 105 42.56 -32.38 39.55
N ASP E 106 43.43 -33.39 39.62
CA ASP E 106 44.24 -33.74 38.47
C ASP E 106 43.37 -34.22 37.30
N SER E 107 42.32 -34.98 37.60
CA SER E 107 41.44 -35.48 36.54
C SER E 107 40.77 -34.33 35.80
N ASP E 108 40.32 -33.32 36.54
CA ASP E 108 39.73 -32.14 35.90
C ASP E 108 40.76 -31.43 35.04
N LEU E 109 41.98 -31.29 35.56
CA LEU E 109 43.04 -30.64 34.79
C LEU E 109 43.34 -31.41 33.51
N ASP E 110 43.14 -32.74 33.53
CA ASP E 110 43.32 -33.51 32.31
C ASP E 110 42.31 -33.08 31.24
N SER E 111 41.05 -32.89 31.62
CA SER E 111 40.05 -32.42 30.67
C SER E 111 40.38 -31.02 30.18
N ILE E 112 40.85 -30.15 31.08
CA ILE E 112 41.23 -28.81 30.67
C ILE E 112 42.37 -28.86 29.66
N GLN E 113 43.38 -29.71 29.90
CA GLN E 113 44.49 -29.85 28.97
C GLN E 113 44.02 -30.43 27.64
N ASP E 114 43.07 -31.36 27.68
CA ASP E 114 42.52 -31.91 26.44
C ASP E 114 41.86 -30.82 25.62
N GLU E 115 41.09 -29.95 26.26
CA GLU E 115 40.44 -28.86 25.53
C GLU E 115 41.46 -27.85 25.01
N ILE E 116 42.51 -27.58 25.79
CA ILE E 116 43.63 -26.79 25.31
C ILE E 116 44.22 -27.39 24.03
N LYS E 117 44.46 -28.70 24.04
CA LYS E 117 45.09 -29.32 22.88
C LYS E 117 44.17 -29.26 21.67
N SER E 118 42.86 -29.46 21.88
CA SER E 118 41.91 -29.32 20.78
C SER E 118 41.92 -27.91 20.21
N ARG E 119 41.93 -26.90 21.08
CA ARG E 119 41.95 -25.51 20.62
C ARG E 119 43.24 -25.19 19.88
N LEU E 120 44.37 -25.69 20.38
CA LEU E 120 45.65 -25.45 19.70
C LEU E 120 45.67 -26.13 18.34
N ASP E 121 45.11 -27.34 18.25
CA ASP E 121 45.04 -28.01 16.95
C ASP E 121 44.15 -27.23 15.99
N GLU E 122 43.05 -26.66 16.49
CA GLU E 122 42.21 -25.83 15.64
C GLU E 122 42.96 -24.59 15.16
N ILE E 123 43.71 -23.95 16.05
CA ILE E 123 44.51 -22.80 15.65
C ILE E 123 45.53 -23.21 14.60
N ASP E 124 46.15 -24.38 14.79
CA ASP E 124 47.12 -24.89 13.84
C ASP E 124 46.50 -25.09 12.46
N ARG E 125 45.31 -25.70 12.42
CA ARG E 125 44.65 -25.97 11.16
C ARG E 125 44.25 -24.67 10.47
N VAL E 126 43.66 -23.74 11.22
CA VAL E 126 43.24 -22.47 10.61
C VAL E 126 44.43 -21.69 10.11
N SER E 127 45.56 -21.76 10.83
CA SER E 127 46.77 -21.09 10.38
C SER E 127 47.31 -21.72 9.11
N GLY E 128 47.31 -23.06 9.06
CA GLY E 128 48.00 -23.73 7.97
C GLY E 128 47.20 -23.75 6.68
N GLN E 129 45.98 -24.27 6.73
CA GLN E 129 45.31 -24.64 5.49
C GLN E 129 44.35 -23.55 5.00
N THR E 130 44.31 -22.40 5.66
CA THR E 130 43.61 -21.27 5.07
C THR E 130 44.39 -20.73 3.89
N GLN E 131 43.68 -20.28 2.86
CA GLN E 131 44.34 -19.79 1.66
C GLN E 131 43.37 -18.98 0.83
N PHE E 132 43.93 -18.15 -0.05
CA PHE E 132 43.16 -17.39 -1.02
C PHE E 132 43.88 -17.49 -2.36
N ASN E 133 43.14 -17.82 -3.41
CA ASN E 133 43.69 -17.98 -4.76
C ASN E 133 44.84 -18.98 -4.75
N GLY E 134 44.69 -20.04 -3.97
CA GLY E 134 45.71 -21.06 -3.86
C GLY E 134 46.98 -20.63 -3.17
N VAL E 135 46.95 -19.52 -2.42
CA VAL E 135 48.13 -19.01 -1.73
C VAL E 135 47.87 -19.05 -0.23
N ASN E 136 48.72 -19.80 0.48
CA ASN E 136 48.61 -19.92 1.93
C ASN E 136 49.13 -18.64 2.55
N VAL E 137 48.21 -17.70 2.83
CA VAL E 137 48.61 -16.36 3.26
C VAL E 137 49.16 -16.38 4.69
N LEU E 138 48.58 -17.19 5.57
CA LEU E 138 49.02 -17.17 6.97
C LEU E 138 50.10 -18.20 7.23
N ALA E 139 50.23 -19.20 6.36
CA ALA E 139 51.14 -20.31 6.64
C ALA E 139 52.60 -19.87 6.66
N LYS E 140 53.01 -19.06 5.69
CA LYS E 140 54.41 -18.70 5.51
C LYS E 140 54.57 -17.19 5.48
N ASP E 141 55.60 -16.70 6.18
CA ASP E 141 55.90 -15.28 6.20
C ASP E 141 56.31 -14.84 4.80
N GLY E 142 55.79 -13.70 4.37
CA GLY E 142 56.11 -13.17 3.05
C GLY E 142 55.60 -11.77 2.87
N SER E 143 56.09 -11.12 1.82
CA SER E 143 55.69 -9.77 1.46
C SER E 143 55.05 -9.81 0.07
N MET E 144 53.88 -9.20 -0.07
CA MET E 144 53.12 -9.24 -1.31
C MET E 144 52.92 -7.84 -1.85
N LYS E 145 53.11 -7.69 -3.15
CA LYS E 145 53.01 -6.39 -3.83
C LYS E 145 51.66 -6.29 -4.55
N ILE E 146 51.12 -5.08 -4.60
CA ILE E 146 49.85 -4.80 -5.27
C ILE E 146 50.04 -3.64 -6.23
N GLN E 147 49.77 -3.88 -7.50
CA GLN E 147 49.85 -2.84 -8.51
C GLN E 147 48.73 -1.82 -8.28
N VAL E 148 49.08 -0.53 -8.35
CA VAL E 148 48.11 0.52 -8.06
C VAL E 148 48.14 1.60 -9.13
N GLY E 149 49.18 1.63 -9.96
CA GLY E 149 49.37 2.72 -10.89
C GLY E 149 49.68 2.24 -12.28
N ALA E 150 49.51 3.16 -13.24
CA ALA E 150 49.79 2.83 -14.64
C ALA E 150 51.27 2.77 -14.93
N ASN E 151 52.04 3.71 -14.38
CA ASN E 151 53.47 3.77 -14.66
C ASN E 151 54.19 2.60 -14.00
N ASP E 152 55.28 2.15 -14.64
CA ASP E 152 56.05 1.05 -14.09
C ASP E 152 56.79 1.48 -12.82
N GLY E 153 56.77 0.61 -11.82
CA GLY E 153 57.46 0.87 -10.58
C GLY E 153 56.63 1.49 -9.48
N GLN E 154 55.30 1.52 -9.61
CA GLN E 154 54.42 2.06 -8.59
C GLN E 154 53.72 0.91 -7.88
N THR E 155 54.11 0.67 -6.63
CA THR E 155 53.53 -0.41 -5.86
C THR E 155 53.46 -0.02 -4.39
N ILE E 156 52.46 -0.54 -3.69
CA ILE E 156 52.32 -0.39 -2.26
C ILE E 156 52.46 -1.76 -1.62
N THR E 157 53.26 -1.85 -0.56
CA THR E 157 53.58 -3.13 0.02
C THR E 157 52.57 -3.54 1.08
N ILE E 158 52.03 -4.74 0.93
CA ILE E 158 51.20 -5.38 1.96
C ILE E 158 52.07 -6.41 2.66
N ASP E 159 52.20 -6.28 3.98
CA ASP E 159 53.08 -7.13 4.76
C ASP E 159 52.29 -8.27 5.39
N LEU E 160 52.79 -9.48 5.20
CA LEU E 160 52.21 -10.67 5.80
C LEU E 160 53.23 -11.36 6.69
N LYS E 161 52.74 -11.95 7.77
CA LYS E 161 53.56 -12.68 8.71
C LYS E 161 52.99 -14.07 8.89
N LYS E 162 53.87 -15.06 9.04
CA LYS E 162 53.40 -16.39 9.40
C LYS E 162 52.86 -16.38 10.82
N ILE E 163 51.65 -16.90 10.99
CA ILE E 163 51.00 -16.86 12.29
C ILE E 163 50.54 -18.26 12.66
N ASP E 164 51.40 -18.99 13.36
CA ASP E 164 51.08 -20.31 13.84
C ASP E 164 51.36 -20.37 15.34
N SER E 165 50.78 -21.38 16.01
CA SER E 165 51.00 -21.54 17.43
C SER E 165 52.48 -21.71 17.75
N ASP E 166 53.27 -22.14 16.76
CA ASP E 166 54.70 -22.24 16.95
C ASP E 166 55.35 -20.86 17.01
N THR E 167 55.21 -20.07 15.94
CA THR E 167 55.93 -18.81 15.85
C THR E 167 55.36 -17.76 16.79
N LEU E 168 54.04 -17.80 17.04
CA LEU E 168 53.42 -16.75 17.85
C LEU E 168 53.93 -16.81 19.29
N GLY E 169 54.35 -17.98 19.75
CA GLY E 169 54.75 -18.07 21.14
C GLY E 169 54.85 -19.49 21.66
N LEU E 170 54.14 -19.71 22.75
CA LEU E 170 54.34 -20.76 23.77
C LEU E 170 54.66 -22.12 23.18
N ASN E 171 53.71 -22.82 22.54
CA ASN E 171 53.90 -24.11 21.88
C ASN E 171 54.27 -25.23 22.87
N GLY E 172 54.82 -24.86 24.03
CA GLY E 172 55.11 -25.79 25.09
C GLY E 172 54.15 -25.74 26.26
N PHE E 173 52.85 -25.85 26.00
CA PHE E 173 51.86 -25.40 26.97
C PHE E 173 51.20 -26.60 27.64
N ASN E 174 51.21 -26.60 28.97
CA ASN E 174 50.56 -27.65 29.75
C ASN E 174 50.00 -27.04 31.03
N VAL E 175 48.85 -27.54 31.47
CA VAL E 175 48.22 -27.07 32.70
C VAL E 175 48.09 -28.16 33.76
N ASN E 176 48.18 -29.44 33.38
CA ASN E 176 48.05 -30.53 34.33
C ASN E 176 49.39 -31.12 34.74
N GLY E 177 50.49 -30.49 34.37
CA GLY E 177 51.81 -30.97 34.72
C GLY E 177 52.28 -32.11 33.83
N GLU E 455 54.96 -30.92 31.75
CA GLU E 455 55.26 -29.95 32.78
C GLU E 455 54.37 -28.71 32.65
N SER E 456 53.76 -28.32 33.76
CA SER E 456 52.85 -27.16 33.75
C SER E 456 53.60 -25.90 33.34
N THR E 457 52.97 -25.10 32.48
CA THR E 457 53.58 -23.87 32.02
C THR E 457 53.81 -22.92 33.20
N SER E 458 54.97 -22.25 33.20
CA SER E 458 55.36 -21.45 34.36
C SER E 458 54.40 -20.28 34.59
N ASP E 459 54.01 -19.57 33.53
CA ASP E 459 53.21 -18.36 33.66
C ASP E 459 52.34 -18.20 32.41
N PRO E 460 51.27 -18.99 32.31
CA PRO E 460 50.44 -18.96 31.09
C PRO E 460 49.74 -17.63 30.82
N LEU E 461 49.34 -16.93 31.88
CA LEU E 461 48.41 -15.81 31.72
C LEU E 461 49.03 -14.68 30.92
N ALA E 462 50.28 -14.33 31.23
CA ALA E 462 50.95 -13.26 30.49
C ALA E 462 51.27 -13.69 29.07
N ALA E 463 51.64 -14.96 28.89
CA ALA E 463 51.97 -15.45 27.55
C ALA E 463 50.76 -15.40 26.63
N LEU E 464 49.58 -15.74 27.15
CA LEU E 464 48.39 -15.70 26.31
C LEU E 464 48.05 -14.27 25.88
N ASP E 465 48.18 -13.32 26.80
CA ASP E 465 47.93 -11.92 26.45
C ASP E 465 48.95 -11.43 25.43
N ASP E 466 50.22 -11.83 25.60
CA ASP E 466 51.24 -11.48 24.62
C ASP E 466 50.89 -12.05 23.25
N ALA E 467 50.38 -13.28 23.21
CA ALA E 467 49.96 -13.88 21.96
C ALA E 467 48.82 -13.10 21.32
N ILE E 468 47.84 -12.69 22.13
CA ILE E 468 46.71 -11.91 21.61
C ILE E 468 47.20 -10.58 21.05
N SER E 469 48.25 -10.02 21.66
CA SER E 469 48.76 -8.72 21.23
C SER E 469 49.26 -8.77 19.78
N GLN E 470 49.94 -9.86 19.40
CA GLN E 470 50.44 -9.97 18.04
C GLN E 470 49.29 -10.05 17.03
N ILE E 471 48.25 -10.81 17.38
CA ILE E 471 47.07 -10.90 16.51
C ILE E 471 46.46 -9.53 16.33
N ASP E 472 46.32 -8.78 17.42
CA ASP E 472 45.75 -7.44 17.33
C ASP E 472 46.62 -6.51 16.48
N LYS E 473 47.94 -6.61 16.64
CA LYS E 473 48.84 -5.78 15.84
C LYS E 473 48.69 -6.06 14.35
N PHE E 474 48.67 -7.34 13.98
CA PHE E 474 48.53 -7.70 12.57
C PHE E 474 47.17 -7.26 12.04
N ARG E 475 46.12 -7.40 12.84
CA ARG E 475 44.79 -6.96 12.41
C ARG E 475 44.77 -5.45 12.18
N SER E 476 45.42 -4.69 13.07
CA SER E 476 45.49 -3.24 12.89
C SER E 476 46.23 -2.88 11.59
N SER E 477 47.34 -3.58 11.32
CA SER E 477 48.07 -3.33 10.08
C SER E 477 47.19 -3.61 8.86
N LEU E 478 46.49 -4.74 8.88
CA LEU E 478 45.58 -5.04 7.77
C LEU E 478 44.50 -3.98 7.63
N GLY E 479 43.95 -3.53 8.76
CA GLY E 479 42.91 -2.51 8.73
C GLY E 479 43.39 -1.21 8.09
N ALA E 480 44.63 -0.83 8.40
CA ALA E 480 45.23 0.30 7.69
C ALA E 480 45.34 0.01 6.19
N VAL E 481 45.61 -1.25 5.86
CA VAL E 481 45.79 -1.62 4.45
C VAL E 481 44.51 -1.38 3.64
N GLN E 482 43.35 -1.81 4.15
CA GLN E 482 42.16 -1.62 3.30
C GLN E 482 41.87 -0.14 3.13
N ASN E 483 42.13 0.67 4.16
CA ASN E 483 41.92 2.10 4.04
C ASN E 483 42.82 2.72 2.97
N ARG E 484 44.09 2.31 2.95
CA ARG E 484 44.99 2.81 1.92
C ARG E 484 44.51 2.40 0.53
N LEU E 485 44.07 1.16 0.36
CA LEU E 485 43.60 0.72 -0.94
C LEU E 485 42.31 1.43 -1.35
N ASP E 486 41.44 1.71 -0.39
CA ASP E 486 40.23 2.46 -0.70
C ASP E 486 40.56 3.88 -1.16
N SER E 487 41.53 4.52 -0.49
CA SER E 487 42.00 5.81 -0.97
C SER E 487 42.54 5.72 -2.38
N ALA E 488 43.29 4.65 -2.67
CA ALA E 488 43.80 4.45 -4.03
C ALA E 488 42.67 4.31 -5.04
N VAL E 489 41.62 3.55 -4.68
CA VAL E 489 40.51 3.32 -5.59
C VAL E 489 39.78 4.63 -5.89
N THR E 490 39.48 5.41 -4.85
CA THR E 490 38.77 6.67 -5.09
C THR E 490 39.67 7.68 -5.79
N ASN E 491 40.99 7.50 -5.68
CA ASN E 491 41.90 8.27 -6.52
C ASN E 491 41.76 7.89 -7.99
N LEU E 492 41.81 6.60 -8.29
CA LEU E 492 41.83 6.14 -9.67
C LEU E 492 40.52 6.47 -10.38
N ASN E 493 39.39 6.31 -9.68
CA ASN E 493 38.11 6.63 -10.32
C ASN E 493 38.06 8.08 -10.78
N ASN E 494 38.35 9.02 -9.87
CA ASN E 494 38.30 10.43 -10.23
C ASN E 494 39.33 10.78 -11.28
N THR E 495 40.54 10.24 -11.17
CA THR E 495 41.59 10.56 -12.15
C THR E 495 41.20 10.06 -13.54
N THR E 496 40.66 8.84 -13.61
CA THR E 496 40.20 8.32 -14.90
C THR E 496 39.10 9.19 -15.48
N THR E 497 38.16 9.62 -14.63
CA THR E 497 37.09 10.49 -15.12
C THR E 497 37.65 11.80 -15.66
N ASN E 498 38.61 12.40 -14.95
CA ASN E 498 39.19 13.67 -15.37
C ASN E 498 39.92 13.53 -16.70
N LEU E 499 40.75 12.48 -16.84
CA LEU E 499 41.46 12.31 -18.11
C LEU E 499 40.51 11.94 -19.24
N SER E 500 39.41 11.24 -18.94
CA SER E 500 38.43 10.96 -19.99
C SER E 500 37.78 12.24 -20.50
N GLU E 501 37.29 13.08 -19.58
CA GLU E 501 36.67 14.33 -20.00
C GLU E 501 37.70 15.26 -20.62
N ALA E 502 38.98 15.09 -20.27
CA ALA E 502 40.03 15.89 -20.89
C ALA E 502 40.27 15.46 -22.33
N GLN E 503 40.39 14.16 -22.58
CA GLN E 503 40.63 13.70 -23.95
C GLN E 503 39.40 13.96 -24.81
N SER E 504 38.22 14.03 -24.19
CA SER E 504 37.01 14.36 -24.95
C SER E 504 37.16 15.70 -25.66
N ARG E 505 37.86 16.66 -25.05
CA ARG E 505 38.06 17.95 -25.67
C ARG E 505 38.95 17.84 -26.91
N ILE E 506 40.03 17.06 -26.82
CA ILE E 506 40.93 16.91 -27.95
C ILE E 506 40.26 16.11 -29.07
N GLN E 507 39.55 15.04 -28.71
CA GLN E 507 38.93 14.11 -29.65
C GLN E 507 37.41 14.11 -29.46
N ASP E 508 36.70 14.81 -30.34
CA ASP E 508 35.24 14.84 -30.36
C ASP E 508 34.77 15.35 -31.71
N ALA E 509 33.67 14.78 -32.19
CA ALA E 509 33.19 15.10 -33.54
C ALA E 509 32.60 16.50 -33.61
N ASP E 510 31.80 16.88 -32.61
CA ASP E 510 31.14 18.18 -32.56
C ASP E 510 30.26 18.38 -33.80
N TYR E 511 29.19 17.57 -33.87
CA TYR E 511 28.33 17.58 -35.05
C TYR E 511 27.72 18.96 -35.30
N ALA E 512 27.60 19.78 -34.25
CA ALA E 512 26.96 21.08 -34.37
C ALA E 512 27.64 21.94 -35.43
N THR E 513 28.96 21.85 -35.54
CA THR E 513 29.68 22.59 -36.56
C THR E 513 29.84 21.77 -37.83
N GLU E 514 29.85 20.44 -37.71
CA GLU E 514 30.14 19.60 -38.87
C GLU E 514 28.96 19.53 -39.83
N VAL E 515 27.74 19.47 -39.31
CA VAL E 515 26.57 19.34 -40.18
C VAL E 515 26.38 20.60 -41.01
N SER E 516 26.67 21.76 -40.42
CA SER E 516 26.58 23.01 -41.18
C SER E 516 27.63 23.05 -42.29
N ASN E 517 28.85 22.59 -41.99
CA ASN E 517 29.88 22.52 -43.02
C ASN E 517 29.45 21.59 -44.16
N MET E 518 28.90 20.44 -43.82
CA MET E 518 28.42 19.50 -44.84
C MET E 518 27.35 20.14 -45.71
N SER E 519 26.35 20.78 -45.08
CA SER E 519 25.26 21.37 -45.85
C SER E 519 25.77 22.48 -46.75
N LYS E 520 26.66 23.34 -46.23
CA LYS E 520 27.19 24.44 -47.02
C LYS E 520 27.99 23.91 -48.21
N ALA E 521 28.79 22.86 -47.97
CA ALA E 521 29.56 22.27 -49.06
C ALA E 521 28.66 21.68 -50.12
N GLN E 522 27.58 21.00 -49.72
CA GLN E 522 26.64 20.48 -50.71
C GLN E 522 26.01 21.59 -51.52
N ILE E 523 25.58 22.66 -50.85
CA ILE E 523 24.94 23.77 -51.58
C ILE E 523 25.91 24.35 -52.60
N ILE E 524 27.16 24.57 -52.19
CA ILE E 524 28.15 25.11 -53.11
C ILE E 524 28.41 24.15 -54.25
N GLN E 525 28.37 22.84 -53.96
CA GLN E 525 28.60 21.85 -55.02
C GLN E 525 27.51 21.88 -56.07
N GLN E 526 26.24 21.88 -55.65
CA GLN E 526 25.17 21.94 -56.64
C GLN E 526 25.19 23.25 -57.41
N ALA E 527 25.51 24.36 -56.72
CA ALA E 527 25.63 25.63 -57.43
C ALA E 527 26.74 25.58 -58.48
N GLY E 528 27.88 24.98 -58.12
CA GLY E 528 28.98 24.87 -59.06
C GLY E 528 28.63 24.01 -60.26
N ASN E 529 27.92 22.91 -60.03
CA ASN E 529 27.53 22.05 -61.15
C ASN E 529 26.53 22.75 -62.06
N SER E 530 25.58 23.49 -61.47
CA SER E 530 24.63 24.23 -62.30
C SER E 530 25.32 25.29 -63.15
N VAL E 531 26.24 26.05 -62.53
CA VAL E 531 26.94 27.08 -63.30
C VAL E 531 27.87 26.44 -64.32
N LEU E 532 28.37 25.24 -64.03
CA LEU E 532 29.16 24.50 -65.02
C LEU E 532 28.31 24.12 -66.24
N ALA E 533 27.08 23.67 -66.00
CA ALA E 533 26.20 23.38 -67.13
C ALA E 533 25.91 24.64 -67.94
N LYS E 534 25.62 25.74 -67.26
CA LYS E 534 25.36 26.99 -67.98
C LYS E 534 26.61 27.48 -68.70
N ALA E 535 27.80 27.11 -68.19
CA ALA E 535 29.05 27.47 -68.85
C ALA E 535 29.29 26.63 -70.10
N ASN E 536 28.96 25.34 -70.02
CA ASN E 536 29.02 24.51 -71.21
C ASN E 536 28.03 25.00 -72.27
N GLN E 537 26.95 25.63 -71.82
CA GLN E 537 26.00 26.22 -72.77
C GLN E 537 26.60 27.40 -73.52
N VAL E 538 27.65 28.02 -72.99
CA VAL E 538 28.18 29.28 -73.53
C VAL E 538 28.70 29.17 -74.96
N PRO E 539 29.59 28.24 -75.30
CA PRO E 539 30.23 28.29 -76.63
C PRO E 539 29.28 27.98 -77.79
N GLN E 540 27.98 27.82 -77.55
CA GLN E 540 27.07 27.43 -78.61
C GLN E 540 26.80 28.57 -79.58
N GLN E 541 27.12 29.81 -79.21
CA GLN E 541 26.79 30.95 -80.05
C GLN E 541 27.60 30.97 -81.34
N VAL E 542 28.68 30.20 -81.41
CA VAL E 542 29.53 30.21 -82.60
C VAL E 542 28.78 29.64 -83.80
N LEU E 543 27.89 28.68 -83.56
CA LEU E 543 27.18 28.03 -84.66
C LEU E 543 26.35 29.03 -85.45
N SER E 544 25.71 29.98 -84.77
CA SER E 544 24.96 31.02 -85.47
C SER E 544 25.89 31.88 -86.32
N LEU E 545 27.08 32.18 -85.79
CA LEU E 545 28.05 32.98 -86.55
C LEU E 545 28.48 32.25 -87.82
N LEU E 546 28.72 30.94 -87.71
CA LEU E 546 29.19 30.18 -88.87
C LEU E 546 28.16 30.17 -89.99
N GLN E 547 26.88 30.01 -89.64
CA GLN E 547 25.82 29.99 -90.64
C GLN E 547 24.85 31.14 -90.42
N ALA F 2 24.52 20.39 -29.45
CA ALA F 2 25.11 19.44 -28.51
C ALA F 2 26.54 19.10 -28.92
N GLN F 3 27.34 18.70 -27.94
CA GLN F 3 28.74 18.36 -28.18
C GLN F 3 29.09 16.97 -27.67
N VAL F 4 28.35 16.47 -26.67
CA VAL F 4 28.69 15.18 -26.08
C VAL F 4 28.28 14.05 -27.02
N ILE F 5 29.27 13.29 -27.46
CA ILE F 5 29.06 12.33 -28.55
C ILE F 5 29.57 10.95 -28.16
N ASN F 6 30.86 10.88 -27.81
CA ASN F 6 31.47 9.60 -27.51
C ASN F 6 31.44 9.31 -26.02
N THR F 7 32.07 10.17 -25.22
CA THR F 7 32.13 9.99 -23.77
C THR F 7 31.06 10.86 -23.15
N ASN F 8 29.99 10.23 -22.66
CA ASN F 8 28.92 10.97 -21.99
C ASN F 8 29.42 11.36 -20.62
N SER F 9 30.25 12.43 -20.61
CA SER F 9 31.00 12.78 -19.42
C SER F 9 30.07 13.13 -18.26
N LEU F 10 28.94 13.77 -18.54
CA LEU F 10 28.03 14.16 -17.47
C LEU F 10 27.45 12.93 -16.77
N SER F 11 26.89 12.01 -17.55
CA SER F 11 26.41 10.75 -16.98
C SER F 11 27.57 9.96 -16.38
N LEU F 12 28.78 10.17 -16.89
CA LEU F 12 29.95 9.48 -16.35
C LEU F 12 30.25 9.95 -14.93
N ILE F 13 30.23 11.26 -14.69
CA ILE F 13 30.40 11.77 -13.32
C ILE F 13 29.22 11.36 -12.46
N THR F 14 28.03 11.26 -13.05
CA THR F 14 26.88 10.74 -12.31
C THR F 14 27.17 9.34 -11.80
N GLN F 15 27.64 8.45 -12.68
CA GLN F 15 27.98 7.10 -12.26
C GLN F 15 29.09 7.09 -11.23
N ASN F 16 30.07 7.98 -11.37
CA ASN F 16 31.12 8.09 -10.36
C ASN F 16 30.52 8.44 -9.00
N ASN F 17 29.58 9.38 -8.96
CA ASN F 17 28.94 9.74 -7.70
C ASN F 17 28.17 8.57 -7.12
N ILE F 18 27.52 7.78 -7.97
CA ILE F 18 26.75 6.64 -7.48
C ILE F 18 27.64 5.65 -6.74
N ASN F 19 28.87 5.45 -7.22
CA ASN F 19 29.77 4.50 -6.54
C ASN F 19 30.19 5.01 -5.17
N LYS F 20 30.51 6.30 -5.06
CA LYS F 20 30.84 6.88 -3.77
C LYS F 20 29.66 6.78 -2.81
N ASN F 21 28.45 6.93 -3.33
CA ASN F 21 27.26 6.68 -2.51
C ASN F 21 27.19 5.23 -2.06
N GLN F 22 27.42 4.30 -2.99
CA GLN F 22 27.22 2.88 -2.69
C GLN F 22 28.22 2.38 -1.66
N SER F 23 29.42 2.96 -1.64
CA SER F 23 30.38 2.58 -0.60
C SER F 23 29.82 2.85 0.79
N ALA F 24 29.34 4.07 1.02
CA ALA F 24 28.75 4.42 2.31
C ALA F 24 27.49 3.62 2.59
N LEU F 25 26.70 3.35 1.53
CA LEU F 25 25.51 2.53 1.71
C LEU F 25 25.85 1.14 2.21
N SER F 26 26.87 0.51 1.61
CA SER F 26 27.28 -0.82 2.04
C SER F 26 27.80 -0.79 3.46
N SER F 27 28.63 0.21 3.80
CA SER F 27 29.14 0.31 5.16
C SER F 27 28.00 0.47 6.17
N SER F 28 27.04 1.34 5.85
CA SER F 28 25.92 1.57 6.76
C SER F 28 25.07 0.32 6.93
N ILE F 29 24.77 -0.38 5.84
CA ILE F 29 23.89 -1.54 5.94
C ILE F 29 24.59 -2.68 6.68
N GLU F 30 25.90 -2.86 6.47
CA GLU F 30 26.60 -3.92 7.17
C GLU F 30 26.77 -3.59 8.64
N ARG F 31 26.90 -2.30 8.97
CA ARG F 31 26.95 -1.93 10.39
C ARG F 31 25.59 -2.08 11.05
N LEU F 32 24.52 -1.81 10.31
CA LEU F 32 23.18 -1.93 10.87
C LEU F 32 22.77 -3.38 11.07
N SER F 33 23.17 -4.25 10.14
CA SER F 33 22.78 -5.66 10.24
C SER F 33 23.34 -6.31 11.50
N SER F 34 24.60 -6.03 11.81
CA SER F 34 25.22 -6.56 13.02
C SER F 34 25.04 -5.58 14.18
N GLY F 35 25.24 -6.10 15.39
CA GLY F 35 25.18 -5.25 16.57
C GLY F 35 26.49 -4.52 16.82
N LEU F 36 27.54 -4.88 16.08
CA LEU F 36 28.87 -4.32 16.26
C LEU F 36 29.07 -3.16 15.30
N ARG F 37 29.38 -1.97 15.85
CA ARG F 37 29.67 -0.83 15.00
C ARG F 37 31.06 -0.94 14.41
N ILE F 38 31.99 -1.55 15.14
N ILE F 38 32.00 -1.55 15.15
CA ILE F 38 33.38 -1.60 14.70
CA ILE F 38 33.38 -1.60 14.70
C ILE F 38 33.52 -2.46 13.45
C ILE F 38 33.52 -2.46 13.45
N ASN F 39 32.95 -3.66 13.48
CA ASN F 39 32.81 -4.51 12.29
C ASN F 39 34.15 -4.80 11.61
N SER F 40 35.00 -5.57 12.30
CA SER F 40 36.25 -6.02 11.67
C SER F 40 37.13 -4.83 11.32
N ALA F 41 37.78 -4.25 12.32
CA ALA F 41 38.16 -2.85 12.31
C ALA F 41 39.20 -2.47 11.27
N LYS F 42 38.74 -2.30 10.04
CA LYS F 42 39.37 -1.39 9.11
C LYS F 42 39.07 0.06 9.44
N ASP F 43 38.14 0.33 10.37
CA ASP F 43 37.75 1.69 10.71
C ASP F 43 38.53 2.12 11.94
N ASP F 44 38.37 1.48 13.10
CA ASP F 44 39.01 1.89 14.34
C ASP F 44 39.74 0.70 14.94
N ALA F 45 41.00 0.52 14.55
CA ALA F 45 41.77 -0.63 15.03
C ALA F 45 41.99 -0.56 16.53
N ALA F 46 42.38 0.60 17.04
CA ALA F 46 42.66 0.73 18.47
C ALA F 46 41.41 0.47 19.31
N GLY F 47 40.28 1.03 18.90
CA GLY F 47 39.05 0.77 19.62
C GLY F 47 38.67 -0.70 19.63
N GLN F 48 38.91 -1.38 18.51
CA GLN F 48 38.61 -2.81 18.45
C GLN F 48 39.52 -3.61 19.36
N ALA F 49 40.82 -3.26 19.40
CA ALA F 49 41.73 -3.95 20.32
C ALA F 49 41.32 -3.72 21.76
N ILE F 50 40.90 -2.49 22.09
CA ILE F 50 40.45 -2.20 23.45
C ILE F 50 39.19 -2.99 23.78
N ALA F 51 38.26 -3.10 22.84
CA ALA F 51 37.06 -3.91 23.06
C ALA F 51 37.43 -5.37 23.28
N ASN F 52 38.40 -5.87 22.51
CA ASN F 52 38.89 -7.23 22.70
C ASN F 52 39.42 -7.42 24.12
N ARG F 53 40.22 -6.47 24.59
CA ARG F 53 40.80 -6.61 25.93
C ARG F 53 39.72 -6.52 27.00
N PHE F 54 38.71 -5.66 26.80
CA PHE F 54 37.59 -5.62 27.73
C PHE F 54 36.87 -6.96 27.79
N THR F 55 36.61 -7.57 26.63
CA THR F 55 35.95 -8.87 26.64
C THR F 55 36.79 -9.90 27.38
N SER F 56 38.10 -9.92 27.11
CA SER F 56 39.00 -10.86 27.77
C SER F 56 38.93 -10.70 29.29
N ASN F 57 39.10 -9.46 29.76
CA ASN F 57 39.10 -9.22 31.21
C ASN F 57 37.75 -9.55 31.83
N ILE F 58 36.65 -9.19 31.16
CA ILE F 58 35.32 -9.44 31.72
C ILE F 58 35.08 -10.93 31.89
N LYS F 59 35.33 -11.71 30.83
CA LYS F 59 35.08 -13.14 30.91
C LYS F 59 36.01 -13.81 31.93
N GLY F 60 37.28 -13.38 31.98
CA GLY F 60 38.16 -13.90 33.00
C GLY F 60 37.69 -13.60 34.41
N LEU F 61 37.17 -12.38 34.63
CA LEU F 61 36.70 -12.00 35.96
C LEU F 61 35.48 -12.82 36.35
N THR F 62 34.59 -13.09 35.40
CA THR F 62 33.44 -13.95 35.71
C THR F 62 33.88 -15.35 36.09
N GLN F 63 34.86 -15.89 35.36
CA GLN F 63 35.39 -17.21 35.72
C GLN F 63 36.02 -17.18 37.10
N ALA F 64 36.74 -16.10 37.43
CA ALA F 64 37.34 -15.97 38.74
C ALA F 64 36.28 -15.91 39.84
N ALA F 65 35.15 -15.25 39.55
CA ALA F 65 34.05 -15.23 40.50
C ALA F 65 33.52 -16.64 40.76
N ARG F 66 33.34 -17.43 39.70
CA ARG F 66 32.92 -18.81 39.89
C ARG F 66 33.94 -19.58 40.73
N ASN F 67 35.23 -19.32 40.50
CA ASN F 67 36.28 -19.96 41.29
C ASN F 67 36.16 -19.59 42.77
N ALA F 68 35.84 -18.32 43.05
CA ALA F 68 35.69 -17.89 44.43
C ALA F 68 34.47 -18.54 45.09
N ASN F 69 33.40 -18.76 44.33
CA ASN F 69 32.28 -19.53 44.86
C ASN F 69 32.68 -20.96 45.20
N ASP F 70 33.50 -21.58 44.34
CA ASP F 70 34.03 -22.90 44.69
C ASP F 70 34.81 -22.83 46.01
N GLY F 71 35.61 -21.78 46.17
CA GLY F 71 36.38 -21.63 47.40
C GLY F 71 35.51 -21.49 48.64
N ILE F 72 34.44 -20.69 48.54
CA ILE F 72 33.58 -20.51 49.72
C ILE F 72 32.89 -21.82 50.05
N SER F 73 32.53 -22.61 49.03
CA SER F 73 31.96 -23.92 49.29
C SER F 73 32.95 -24.80 50.06
N VAL F 74 34.21 -24.80 49.63
CA VAL F 74 35.24 -25.55 50.36
C VAL F 74 35.28 -25.12 51.81
N ALA F 75 35.30 -23.80 52.03
CA ALA F 75 35.45 -23.27 53.38
C ALA F 75 34.28 -23.68 54.27
N GLN F 76 33.06 -23.58 53.76
CA GLN F 76 31.90 -23.90 54.60
C GLN F 76 31.84 -25.39 54.91
N THR F 77 32.23 -26.24 53.95
CA THR F 77 32.28 -27.67 54.24
C THR F 77 33.28 -27.98 55.34
N THR F 78 34.47 -27.38 55.27
CA THR F 78 35.47 -27.61 56.30
C THR F 78 34.98 -27.09 57.65
N GLU F 79 34.28 -25.95 57.66
CA GLU F 79 33.72 -25.42 58.89
C GLU F 79 32.71 -26.38 59.51
N GLY F 80 31.85 -26.96 58.68
CA GLY F 80 30.90 -27.93 59.19
C GLY F 80 31.59 -29.14 59.82
N ALA F 81 32.64 -29.64 59.16
CA ALA F 81 33.39 -30.76 59.74
C ALA F 81 34.00 -30.38 61.08
N LEU F 82 34.57 -29.17 61.17
CA LEU F 82 35.19 -28.74 62.42
C LEU F 82 34.16 -28.62 63.54
N SER F 83 32.96 -28.10 63.22
CA SER F 83 31.91 -28.03 64.23
C SER F 83 31.50 -29.43 64.70
N GLU F 84 31.39 -30.37 63.75
CA GLU F 84 31.08 -31.75 64.12
C GLU F 84 32.11 -32.31 65.09
N ILE F 85 33.39 -32.00 64.87
CA ILE F 85 34.43 -32.45 65.79
C ILE F 85 34.30 -31.74 67.15
N ASN F 86 34.00 -30.44 67.12
CA ASN F 86 33.99 -29.64 68.35
C ASN F 86 32.90 -30.11 69.29
N ASN F 87 31.74 -30.50 68.76
CA ASN F 87 30.67 -30.98 69.64
C ASN F 87 31.10 -32.23 70.42
N ASN F 88 31.74 -33.18 69.73
CA ASN F 88 32.23 -34.36 70.42
C ASN F 88 33.33 -34.01 71.41
N LEU F 89 34.15 -33.00 71.09
CA LEU F 89 35.15 -32.54 72.05
C LEU F 89 34.49 -32.01 73.32
N GLN F 90 33.40 -31.27 73.17
CA GLN F 90 32.66 -30.79 74.34
C GLN F 90 32.09 -31.95 75.16
N ARG F 91 31.56 -32.96 74.46
CA ARG F 91 31.07 -34.15 75.16
C ARG F 91 32.18 -34.81 75.97
N ILE F 92 33.36 -34.96 75.36
CA ILE F 92 34.50 -35.54 76.06
C ILE F 92 34.87 -34.69 77.27
N ARG F 93 34.89 -33.37 77.11
CA ARG F 93 35.21 -32.48 78.22
C ARG F 93 34.26 -32.71 79.39
N GLU F 94 32.95 -32.69 79.14
CA GLU F 94 32.01 -32.76 80.26
C GLU F 94 32.05 -34.13 80.91
N LEU F 95 32.20 -35.19 80.10
CA LEU F 95 32.21 -36.53 80.69
C LEU F 95 33.53 -36.80 81.43
N THR F 96 34.63 -36.18 80.99
CA THR F 96 35.86 -36.26 81.76
C THR F 96 35.72 -35.53 83.09
N VAL F 97 35.04 -34.37 83.08
CA VAL F 97 34.76 -33.67 84.33
C VAL F 97 33.94 -34.56 85.26
N GLN F 98 32.97 -35.29 84.70
CA GLN F 98 32.23 -36.26 85.51
C GLN F 98 33.17 -37.33 86.06
N ALA F 99 34.12 -37.80 85.26
CA ALA F 99 35.03 -38.85 85.70
C ALA F 99 35.98 -38.36 86.77
N SER F 100 36.26 -37.06 86.80
CA SER F 100 37.32 -36.53 87.66
C SER F 100 37.01 -36.77 89.14
N THR F 101 35.73 -36.76 89.51
CA THR F 101 35.36 -36.95 90.91
C THR F 101 35.79 -38.33 91.39
N GLY F 102 36.41 -38.36 92.57
CA GLY F 102 37.01 -39.58 93.07
C GLY F 102 36.02 -40.54 93.71
N THR F 103 34.74 -40.20 93.75
CA THR F 103 33.76 -41.08 94.37
C THR F 103 33.54 -42.35 93.54
N ASN F 104 33.76 -42.26 92.23
CA ASN F 104 33.47 -43.37 91.34
C ASN F 104 34.39 -44.55 91.59
N SER F 105 33.83 -45.76 91.50
CA SER F 105 34.61 -46.98 91.60
C SER F 105 35.13 -47.41 90.23
N ASP F 106 36.16 -48.26 90.24
CA ASP F 106 36.91 -48.56 89.02
C ASP F 106 36.02 -49.05 87.89
N SER F 107 34.94 -49.75 88.23
CA SER F 107 34.02 -50.22 87.21
C SER F 107 33.38 -49.05 86.46
N ASP F 108 33.05 -47.99 87.18
CA ASP F 108 32.50 -46.80 86.54
C ASP F 108 33.52 -46.17 85.58
N LEU F 109 34.76 -46.04 86.04
CA LEU F 109 35.79 -45.45 85.18
C LEU F 109 36.07 -46.33 83.97
N ASP F 110 35.80 -47.63 84.07
CA ASP F 110 35.94 -48.49 82.91
C ASP F 110 34.97 -48.08 81.80
N SER F 111 33.70 -47.89 82.15
CA SER F 111 32.71 -47.44 81.16
C SER F 111 33.04 -46.02 80.69
N ILE F 112 33.56 -45.18 81.58
CA ILE F 112 34.00 -43.85 81.19
C ILE F 112 35.08 -43.94 80.12
N GLN F 113 36.07 -44.81 80.32
CA GLN F 113 37.13 -44.98 79.35
C GLN F 113 36.59 -45.54 78.05
N ASP F 114 35.63 -46.46 78.11
CA ASP F 114 35.01 -46.97 76.90
C ASP F 114 34.36 -45.84 76.11
N GLU F 115 33.60 -44.98 76.78
CA GLU F 115 32.95 -43.87 76.09
C GLU F 115 33.96 -42.91 75.49
N ILE F 116 35.02 -42.60 76.24
CA ILE F 116 36.05 -41.69 75.74
C ILE F 116 36.74 -42.28 74.52
N LYS F 117 37.06 -43.58 74.57
CA LYS F 117 37.72 -44.22 73.44
C LYS F 117 36.81 -44.22 72.21
N SER F 118 35.52 -44.49 72.40
CA SER F 118 34.59 -44.44 71.27
C SER F 118 34.52 -43.04 70.69
N ARG F 119 34.49 -42.01 71.55
CA ARG F 119 34.48 -40.64 71.06
C ARG F 119 35.73 -40.32 70.26
N LEU F 120 36.90 -40.74 70.74
CA LEU F 120 38.13 -40.46 70.03
C LEU F 120 38.17 -41.19 68.69
N ASP F 121 37.63 -42.41 68.64
CA ASP F 121 37.49 -43.11 67.37
C ASP F 121 36.59 -42.34 66.44
N GLU F 122 35.51 -41.73 66.96
CA GLU F 122 34.68 -40.89 66.11
C GLU F 122 35.48 -39.70 65.58
N ILE F 123 36.30 -39.07 66.43
CA ILE F 123 37.08 -37.92 65.99
C ILE F 123 38.01 -38.30 64.85
N ASP F 124 38.82 -39.34 65.01
CA ASP F 124 39.80 -39.62 63.97
C ASP F 124 39.13 -40.23 62.75
N ARG F 125 37.97 -40.89 62.93
CA ARG F 125 37.22 -41.39 61.78
C ARG F 125 36.71 -40.24 60.92
N VAL F 126 36.07 -39.24 61.54
CA VAL F 126 35.55 -38.13 60.75
C VAL F 126 36.71 -37.31 60.18
N SER F 127 37.84 -37.26 60.89
CA SER F 127 39.01 -36.58 60.37
C SER F 127 39.51 -37.25 59.09
N GLY F 128 39.62 -38.58 59.11
CA GLY F 128 40.13 -39.28 57.93
C GLY F 128 39.15 -39.26 56.77
N GLN F 129 37.86 -39.49 57.05
CA GLN F 129 36.91 -39.76 55.98
C GLN F 129 36.51 -38.48 55.23
N THR F 130 36.42 -37.35 55.94
CA THR F 130 35.89 -36.14 55.31
C THR F 130 36.81 -35.65 54.21
N GLN F 131 36.21 -35.12 53.15
CA GLN F 131 36.95 -34.63 51.99
C GLN F 131 36.01 -33.84 51.10
N PHE F 132 36.60 -33.04 50.21
CA PHE F 132 35.86 -32.34 49.18
C PHE F 132 36.54 -32.56 47.84
N ASN F 133 35.78 -32.99 46.84
CA ASN F 133 36.26 -33.15 45.47
C ASN F 133 37.51 -34.04 45.44
N GLY F 134 37.48 -35.10 46.24
CA GLY F 134 38.57 -36.04 46.30
C GLY F 134 39.82 -35.54 47.02
N VAL F 135 39.73 -34.43 47.74
CA VAL F 135 40.86 -33.86 48.46
C VAL F 135 40.56 -33.95 49.95
N ASN F 136 41.40 -34.69 50.68
CA ASN F 136 41.25 -34.84 52.13
C ASN F 136 41.70 -33.54 52.78
N VAL F 137 40.74 -32.66 53.05
CA VAL F 137 41.07 -31.34 53.59
C VAL F 137 41.58 -31.45 55.02
N LEU F 138 41.04 -32.39 55.79
CA LEU F 138 41.35 -32.43 57.22
C LEU F 138 42.46 -33.43 57.53
N ALA F 139 42.74 -34.35 56.61
CA ALA F 139 43.69 -35.42 56.90
C ALA F 139 45.12 -34.91 57.02
N LYS F 140 45.54 -34.04 56.11
CA LYS F 140 46.93 -33.64 56.01
C LYS F 140 47.07 -32.12 56.02
N ASP F 141 48.13 -31.65 56.66
CA ASP F 141 48.48 -30.23 56.61
C ASP F 141 48.78 -29.84 55.16
N GLY F 142 48.24 -28.69 54.75
CA GLY F 142 48.47 -28.22 53.39
C GLY F 142 48.00 -26.80 53.21
N SER F 143 48.37 -26.23 52.06
CA SER F 143 47.99 -24.88 51.68
C SER F 143 47.37 -24.93 50.29
N MET F 144 46.29 -24.18 50.10
CA MET F 144 45.54 -24.18 48.85
C MET F 144 45.49 -22.77 48.29
N LYS F 145 45.84 -22.64 47.01
CA LYS F 145 45.80 -21.35 46.31
C LYS F 145 44.53 -21.30 45.45
N ILE F 146 43.81 -20.19 45.54
CA ILE F 146 42.55 -20.02 44.83
C ILE F 146 42.68 -18.80 43.91
N GLN F 147 42.54 -19.03 42.61
CA GLN F 147 42.68 -17.97 41.61
C GLN F 147 41.37 -17.21 41.55
N VAL F 148 41.34 -16.03 42.16
CA VAL F 148 40.13 -15.21 42.17
C VAL F 148 40.26 -13.93 41.35
N GLY F 149 41.18 -13.87 40.41
CA GLY F 149 41.34 -12.70 39.57
C GLY F 149 41.59 -13.08 38.14
N ALA F 150 41.18 -12.19 37.24
CA ALA F 150 41.48 -12.39 35.82
C ALA F 150 42.94 -12.06 35.52
N ASN F 151 43.59 -11.30 36.41
CA ASN F 151 44.98 -10.95 36.23
C ASN F 151 45.88 -12.14 36.51
N ASP F 152 47.13 -12.01 36.08
CA ASP F 152 48.10 -13.09 36.26
C ASP F 152 48.60 -13.17 37.69
N GLY F 153 48.75 -14.40 38.19
CA GLY F 153 49.44 -14.64 39.44
C GLY F 153 48.80 -14.03 40.67
N GLN F 154 47.47 -13.99 40.73
CA GLN F 154 46.76 -13.46 41.89
C GLN F 154 46.04 -14.61 42.59
N THR F 155 46.26 -14.74 43.89
CA THR F 155 45.58 -15.76 44.67
C THR F 155 45.61 -15.38 46.15
N ILE F 156 44.67 -15.93 46.90
CA ILE F 156 44.66 -15.84 48.36
C ILE F 156 44.69 -17.26 48.91
N THR F 157 45.55 -17.51 49.88
CA THR F 157 45.86 -18.85 50.32
C THR F 157 44.97 -19.22 51.50
N ILE F 158 44.02 -20.13 51.27
CA ILE F 158 43.31 -20.75 52.38
C ILE F 158 44.24 -21.73 53.07
N ASP F 159 44.47 -21.53 54.36
CA ASP F 159 45.43 -22.32 55.13
C ASP F 159 44.70 -23.51 55.73
N LEU F 160 45.22 -24.70 55.46
CA LEU F 160 44.63 -25.94 55.97
C LEU F 160 45.60 -26.57 56.96
N LYS F 161 45.05 -27.24 57.95
CA LYS F 161 45.81 -27.97 58.95
C LYS F 161 45.21 -29.36 59.09
N LYS F 162 45.99 -30.28 59.65
CA LYS F 162 45.44 -31.60 59.92
C LYS F 162 44.87 -31.64 61.33
N ILE F 163 43.63 -32.13 61.46
CA ILE F 163 42.96 -32.22 62.75
C ILE F 163 42.70 -33.67 63.06
N ASP F 164 43.62 -34.29 63.80
CA ASP F 164 43.54 -35.69 64.19
C ASP F 164 43.88 -35.80 65.67
N SER F 165 43.50 -36.92 66.29
CA SER F 165 43.72 -37.11 67.72
C SER F 165 45.19 -36.92 68.10
N ASP F 166 46.10 -37.27 67.19
CA ASP F 166 47.52 -37.08 67.49
C ASP F 166 47.93 -35.61 67.39
N THR F 167 47.43 -34.91 66.38
CA THR F 167 47.92 -33.56 66.10
C THR F 167 47.56 -32.59 67.22
N LEU F 168 46.32 -32.67 67.72
CA LEU F 168 45.88 -31.74 68.76
C LEU F 168 46.61 -31.99 70.07
N GLY F 169 47.26 -33.14 70.20
CA GLY F 169 47.64 -33.59 71.50
C GLY F 169 47.53 -35.07 71.77
N LEU F 170 46.58 -35.41 72.63
CA LEU F 170 46.69 -36.46 73.65
C LEU F 170 47.43 -37.73 73.21
N ASN F 171 46.88 -38.48 72.27
CA ASN F 171 47.27 -39.84 71.98
C ASN F 171 47.04 -40.76 73.19
N GLY F 172 46.73 -40.18 74.36
CA GLY F 172 46.96 -40.89 75.61
C GLY F 172 46.16 -40.60 76.86
N PHE F 173 44.89 -40.18 76.79
CA PHE F 173 44.09 -40.10 78.00
C PHE F 173 43.74 -41.49 78.50
N ASN F 174 44.15 -41.76 79.74
CA ASN F 174 43.63 -42.83 80.58
C ASN F 174 42.82 -42.17 81.69
N VAL F 175 41.62 -42.68 81.95
CA VAL F 175 40.80 -42.17 83.04
C VAL F 175 40.68 -43.18 84.19
N ASN F 176 40.80 -44.47 83.93
CA ASN F 176 40.72 -45.49 84.97
C ASN F 176 42.06 -45.78 85.64
N GLY F 177 43.10 -45.02 85.30
CA GLY F 177 44.39 -45.19 85.95
C GLY F 177 45.17 -46.40 85.46
N GLU F 455 47.89 -45.77 83.61
CA GLU F 455 48.19 -44.54 84.32
C GLU F 455 47.39 -43.36 83.77
N SER F 456 46.53 -42.81 84.61
CA SER F 456 45.68 -41.70 84.21
C SER F 456 46.51 -40.46 83.89
N THR F 457 46.05 -39.69 82.91
CA THR F 457 46.73 -38.46 82.54
C THR F 457 46.76 -37.49 83.73
N SER F 458 47.90 -36.81 83.89
CA SER F 458 48.10 -35.96 85.06
C SER F 458 47.09 -34.81 85.10
N ASP F 459 46.96 -34.06 84.01
CA ASP F 459 46.09 -32.89 83.97
C ASP F 459 45.21 -32.98 82.74
N PRO F 460 44.14 -33.78 82.80
CA PRO F 460 43.23 -33.85 81.64
C PRO F 460 42.55 -32.53 81.32
N LEU F 461 42.27 -31.71 82.34
CA LEU F 461 41.52 -30.47 82.12
C LEU F 461 42.29 -29.52 81.21
N ALA F 462 43.56 -29.25 81.55
CA ALA F 462 44.36 -28.33 80.76
C ALA F 462 44.56 -28.87 79.35
N ALA F 463 44.78 -30.17 79.21
CA ALA F 463 44.97 -30.76 77.89
C ALA F 463 43.72 -30.60 77.02
N LEU F 464 42.55 -30.87 77.60
CA LEU F 464 41.31 -30.72 76.83
C LEU F 464 41.07 -29.26 76.46
N ASP F 465 41.34 -28.33 77.38
CA ASP F 465 41.17 -26.92 77.07
C ASP F 465 42.11 -26.49 75.95
N ASP F 466 43.36 -26.93 76.00
CA ASP F 466 44.31 -26.61 74.95
C ASP F 466 43.87 -27.18 73.62
N ALA F 467 43.36 -28.43 73.62
CA ALA F 467 42.89 -29.04 72.39
C ALA F 467 41.71 -28.26 71.80
N ILE F 468 40.78 -27.83 72.64
CA ILE F 468 39.64 -27.05 72.16
C ILE F 468 40.12 -25.69 71.62
N SER F 469 41.19 -25.16 72.19
CA SER F 469 41.71 -23.87 71.75
C SER F 469 42.16 -23.90 70.29
N GLN F 470 42.85 -24.98 69.89
CA GLN F 470 43.29 -25.08 68.50
C GLN F 470 42.11 -25.15 67.55
N ILE F 471 41.09 -25.92 67.92
CA ILE F 471 39.87 -26.00 67.11
C ILE F 471 39.25 -24.61 66.98
N ASP F 472 39.19 -23.87 68.08
CA ASP F 472 38.62 -22.52 68.04
C ASP F 472 39.40 -21.62 67.09
N LYS F 473 40.74 -21.66 67.16
CA LYS F 473 41.54 -20.81 66.29
C LYS F 473 41.37 -21.19 64.83
N PHE F 474 41.35 -22.49 64.53
CA PHE F 474 41.16 -22.92 63.15
C PHE F 474 39.80 -22.51 62.63
N ARG F 475 38.76 -22.64 63.46
CA ARG F 475 37.43 -22.20 63.06
C ARG F 475 37.40 -20.70 62.83
N SER F 476 38.14 -19.93 63.64
CA SER F 476 38.22 -18.50 63.43
C SER F 476 38.85 -18.16 62.08
N SER F 477 39.93 -18.87 61.73
CA SER F 477 40.55 -18.65 60.43
C SER F 477 39.59 -19.00 59.28
N LEU F 478 38.88 -20.12 59.41
CA LEU F 478 37.90 -20.50 58.40
C LEU F 478 36.81 -19.45 58.28
N GLY F 479 36.29 -18.96 59.40
CA GLY F 479 35.30 -17.89 59.34
C GLY F 479 35.84 -16.64 58.69
N ALA F 480 37.12 -16.34 58.92
CA ALA F 480 37.73 -15.15 58.34
C ALA F 480 37.81 -15.24 56.81
N VAL F 481 38.20 -16.42 56.29
CA VAL F 481 38.54 -16.48 54.86
C VAL F 481 37.31 -16.26 53.99
N GLN F 482 36.13 -16.70 54.44
CA GLN F 482 34.93 -16.52 53.62
C GLN F 482 34.61 -15.05 53.41
N ASN F 483 34.90 -14.21 54.41
CA ASN F 483 34.63 -12.79 54.26
C ASN F 483 35.48 -12.18 53.13
N ARG F 484 36.77 -12.52 53.10
CA ARG F 484 37.62 -12.05 52.01
C ARG F 484 37.13 -12.59 50.67
N LEU F 485 36.71 -13.86 50.64
CA LEU F 485 36.22 -14.44 49.40
C LEU F 485 34.96 -13.72 48.91
N ASP F 486 34.04 -13.41 49.83
CA ASP F 486 32.81 -12.72 49.45
C ASP F 486 33.12 -11.31 48.96
N SER F 487 34.05 -10.62 49.63
CA SER F 487 34.46 -9.30 49.15
C SER F 487 35.05 -9.39 47.75
N ALA F 488 35.85 -10.42 47.50
CA ALA F 488 36.39 -10.63 46.15
C ALA F 488 35.27 -10.85 45.15
N VAL F 489 34.26 -11.65 45.51
CA VAL F 489 33.16 -11.93 44.58
C VAL F 489 32.44 -10.64 44.22
N THR F 490 32.09 -9.83 45.21
CA THR F 490 31.34 -8.60 44.91
C THR F 490 32.20 -7.61 44.13
N ASN F 491 33.50 -7.55 44.44
CA ASN F 491 34.40 -6.71 43.66
C ASN F 491 34.44 -7.15 42.21
N LEU F 492 34.56 -8.46 41.97
CA LEU F 492 34.61 -8.95 40.60
C LEU F 492 33.32 -8.67 39.86
N ASN F 493 32.17 -8.85 40.52
CA ASN F 493 30.89 -8.54 39.87
C ASN F 493 30.79 -7.07 39.50
N ASN F 494 31.15 -6.18 40.43
CA ASN F 494 31.09 -4.75 40.13
C ASN F 494 32.02 -4.38 38.99
N THR F 495 33.25 -4.91 39.01
CA THR F 495 34.22 -4.60 37.96
C THR F 495 33.74 -5.14 36.61
N THR F 496 33.16 -6.34 36.60
CA THR F 496 32.63 -6.90 35.35
C THR F 496 31.53 -6.02 34.78
N THR F 497 30.58 -5.61 35.61
CA THR F 497 29.50 -4.76 35.12
C THR F 497 30.05 -3.43 34.60
N ASN F 498 30.97 -2.82 35.34
CA ASN F 498 31.53 -1.53 34.92
C ASN F 498 32.28 -1.67 33.61
N LEU F 499 33.06 -2.74 33.45
CA LEU F 499 33.85 -2.91 32.24
C LEU F 499 32.96 -3.24 31.04
N SER F 500 31.87 -3.98 31.27
CA SER F 500 30.92 -4.23 30.19
C SER F 500 30.26 -2.92 29.74
N GLU F 501 29.84 -2.09 30.70
CA GLU F 501 29.28 -0.80 30.32
C GLU F 501 30.30 0.07 29.61
N ALA F 502 31.57 -0.04 29.99
CA ALA F 502 32.62 0.73 29.33
C ALA F 502 32.82 0.27 27.90
N GLN F 503 32.90 -1.04 27.67
CA GLN F 503 33.12 -1.53 26.32
C GLN F 503 31.91 -1.28 25.44
N SER F 504 30.72 -1.21 26.04
CA SER F 504 29.52 -0.92 25.25
C SER F 504 29.63 0.43 24.55
N ARG F 505 30.27 1.40 25.19
CA ARG F 505 30.42 2.72 24.58
C ARG F 505 31.31 2.64 23.33
N ILE F 506 32.39 1.87 23.39
CA ILE F 506 33.28 1.75 22.24
C ILE F 506 32.60 0.98 21.12
N GLN F 507 31.83 -0.06 21.47
CA GLN F 507 31.17 -0.93 20.49
C GLN F 507 29.66 -1.01 20.79
N ASP F 508 28.89 -0.23 20.03
CA ASP F 508 27.43 -0.29 20.08
C ASP F 508 26.89 0.13 18.72
N ALA F 509 25.90 -0.62 18.23
CA ALA F 509 25.38 -0.38 16.89
C ALA F 509 24.80 1.02 16.75
N ASP F 510 24.05 1.47 17.75
CA ASP F 510 23.41 2.78 17.73
C ASP F 510 22.52 2.94 16.50
N TYR F 511 21.47 2.11 16.47
CA TYR F 511 20.61 2.03 15.30
C TYR F 511 19.97 3.38 14.97
N ALA F 512 19.77 4.22 15.98
CA ALA F 512 19.11 5.51 15.75
C ALA F 512 19.88 6.36 14.76
N THR F 513 21.21 6.38 14.88
CA THR F 513 22.02 7.15 13.93
C THR F 513 22.15 6.43 12.60
N GLU F 514 22.21 5.09 12.63
CA GLU F 514 22.52 4.34 11.42
C GLU F 514 21.34 4.30 10.45
N VAL F 515 20.12 4.26 10.98
CA VAL F 515 18.94 4.20 10.13
C VAL F 515 18.84 5.45 9.27
N SER F 516 19.10 6.62 9.86
CA SER F 516 19.05 7.86 9.10
C SER F 516 20.10 7.87 7.99
N ASN F 517 21.31 7.40 8.31
CA ASN F 517 22.35 7.33 7.29
C ASN F 517 21.96 6.40 6.14
N MET F 518 21.42 5.24 6.48
CA MET F 518 20.97 4.30 5.45
C MET F 518 19.88 4.92 4.59
N SER F 519 18.92 5.59 5.21
CA SER F 519 17.84 6.22 4.46
C SER F 519 18.37 7.30 3.53
N LYS F 520 19.29 8.13 4.02
CA LYS F 520 19.86 9.18 3.18
C LYS F 520 20.61 8.59 2.00
N ALA F 521 21.39 7.53 2.24
CA ALA F 521 22.12 6.89 1.15
C ALA F 521 21.16 6.29 0.13
N GLN F 522 20.07 5.68 0.60
CA GLN F 522 19.09 5.13 -0.32
C GLN F 522 18.44 6.23 -1.16
N ILE F 523 18.10 7.35 -0.54
CA ILE F 523 17.51 8.46 -1.29
C ILE F 523 18.48 8.97 -2.34
N ILE F 524 19.76 9.11 -1.99
CA ILE F 524 20.75 9.58 -2.94
C ILE F 524 20.88 8.59 -4.09
N GLN F 525 20.83 7.30 -3.79
CA GLN F 525 20.94 6.29 -4.84
C GLN F 525 19.76 6.34 -5.79
N GLN F 526 18.54 6.48 -5.26
CA GLN F 526 17.37 6.59 -6.13
C GLN F 526 17.43 7.86 -6.96
N ALA F 527 17.93 8.96 -6.38
CA ALA F 527 18.09 10.19 -7.15
C ALA F 527 19.08 9.99 -8.29
N GLY F 528 20.19 9.30 -8.03
CA GLY F 528 21.14 9.01 -9.08
C GLY F 528 20.55 8.15 -10.19
N ASN F 529 19.78 7.13 -9.80
CA ASN F 529 19.12 6.29 -10.80
C ASN F 529 18.15 7.10 -11.63
N SER F 530 17.41 8.01 -11.00
CA SER F 530 16.45 8.84 -11.74
C SER F 530 17.18 9.77 -12.71
N VAL F 531 18.29 10.37 -12.27
CA VAL F 531 18.93 11.40 -13.08
C VAL F 531 19.75 10.77 -14.20
N LEU F 532 20.19 9.51 -14.03
CA LEU F 532 21.02 8.89 -15.05
C LEU F 532 20.27 8.72 -16.36
N ALA F 533 18.97 8.43 -16.29
CA ALA F 533 18.19 8.28 -17.51
C ALA F 533 18.14 9.59 -18.30
N LYS F 534 17.86 10.70 -17.62
CA LYS F 534 17.83 11.99 -18.30
C LYS F 534 19.22 12.37 -18.81
N ALA F 535 20.26 11.96 -18.08
CA ALA F 535 21.62 12.19 -18.56
C ALA F 535 21.90 11.43 -19.84
N ASN F 536 21.41 10.19 -19.93
CA ASN F 536 21.57 9.42 -21.16
C ASN F 536 20.72 9.98 -22.28
N GLN F 537 19.63 10.68 -21.94
CA GLN F 537 18.77 11.26 -22.97
C GLN F 537 19.43 12.42 -23.69
N VAL F 538 20.54 12.93 -23.16
CA VAL F 538 21.17 14.15 -23.68
C VAL F 538 21.62 13.99 -25.14
N PRO F 539 22.38 12.95 -25.52
CA PRO F 539 22.86 12.87 -26.91
C PRO F 539 21.76 12.62 -27.94
N GLN F 540 20.50 12.52 -27.53
CA GLN F 540 19.44 12.18 -28.48
C GLN F 540 19.24 13.26 -29.53
N GLN F 541 19.54 14.52 -29.21
CA GLN F 541 19.27 15.62 -30.13
C GLN F 541 20.14 15.53 -31.38
N VAL F 542 21.27 14.83 -31.28
CA VAL F 542 22.13 14.66 -32.45
C VAL F 542 21.39 13.95 -33.56
N LEU F 543 20.56 12.97 -33.21
CA LEU F 543 19.75 12.27 -34.21
C LEU F 543 18.80 13.24 -34.90
N SER F 544 18.20 14.16 -34.14
CA SER F 544 17.30 15.14 -34.74
C SER F 544 18.05 16.08 -35.67
N LEU F 545 19.29 16.44 -35.31
CA LEU F 545 20.07 17.33 -36.17
C LEU F 545 20.27 16.73 -37.57
N LEU F 546 20.69 15.47 -37.64
CA LEU F 546 21.06 14.89 -38.93
C LEU F 546 19.87 14.77 -39.86
N GLN F 547 18.71 14.35 -39.33
CA GLN F 547 17.53 14.18 -40.17
C GLN F 547 16.75 15.49 -40.26
N ALA G 2 26.02 51.28 -100.92
CA ALA G 2 27.12 51.29 -99.95
C ALA G 2 28.28 52.14 -100.44
N GLN G 3 29.15 52.54 -99.51
CA GLN G 3 30.28 53.38 -99.85
C GLN G 3 31.49 52.55 -100.25
N VAL G 4 31.95 51.68 -99.34
CA VAL G 4 33.15 50.88 -99.55
C VAL G 4 32.81 49.42 -99.25
N ILE G 5 33.42 48.51 -100.01
CA ILE G 5 33.21 47.08 -99.83
C ILE G 5 34.34 46.42 -99.06
N ASN G 6 35.50 47.08 -98.95
CA ASN G 6 36.68 46.46 -98.37
C ASN G 6 36.52 46.22 -96.88
N THR G 7 36.36 47.29 -96.10
CA THR G 7 36.41 47.19 -94.64
C THR G 7 35.02 47.35 -94.04
N ASN G 8 34.67 46.43 -93.13
CA ASN G 8 33.38 46.48 -92.42
C ASN G 8 33.64 47.02 -91.01
N SER G 9 33.56 48.34 -90.88
CA SER G 9 33.85 49.00 -89.61
C SER G 9 32.81 48.65 -88.55
N LEU G 10 31.54 48.56 -88.95
CA LEU G 10 30.47 48.26 -88.00
C LEU G 10 30.67 46.88 -87.38
N SER G 11 31.18 45.93 -88.18
CA SER G 11 31.53 44.63 -87.63
C SER G 11 32.60 44.76 -86.56
N LEU G 12 33.61 45.59 -86.80
CA LEU G 12 34.66 45.81 -85.81
C LEU G 12 34.08 46.42 -84.54
N ILE G 13 33.15 47.37 -84.68
CA ILE G 13 32.52 47.97 -83.50
C ILE G 13 31.78 46.91 -82.70
N THR G 14 31.02 46.05 -83.38
CA THR G 14 30.29 45.00 -82.69
C THR G 14 31.24 44.05 -81.98
N GLN G 15 32.32 43.64 -82.66
CA GLN G 15 33.28 42.74 -82.03
C GLN G 15 33.92 43.38 -80.81
N ASN G 16 34.26 44.68 -80.89
CA ASN G 16 34.84 45.36 -79.74
C ASN G 16 33.85 45.40 -78.57
N ASN G 17 32.57 45.64 -78.87
CA ASN G 17 31.56 45.58 -77.82
C ASN G 17 31.53 44.21 -77.14
N ILE G 18 31.52 43.14 -77.95
CA ILE G 18 31.45 41.80 -77.37
C ILE G 18 32.71 41.50 -76.56
N ASN G 19 33.88 41.94 -77.02
CA ASN G 19 35.10 41.74 -76.25
C ASN G 19 35.03 42.49 -74.92
N LYS G 20 34.47 43.70 -74.92
CA LYS G 20 34.31 44.44 -73.67
C LYS G 20 33.39 43.69 -72.71
N ASN G 21 32.31 43.11 -73.23
CA ASN G 21 31.31 42.49 -72.34
C ASN G 21 31.74 41.09 -71.91
N GLN G 22 32.70 40.51 -72.63
CA GLN G 22 33.16 39.16 -72.29
C GLN G 22 33.80 39.12 -70.91
N SER G 23 34.57 40.15 -70.55
CA SER G 23 35.18 40.19 -69.23
C SER G 23 34.13 40.22 -68.14
N ALA G 24 33.08 41.02 -68.33
CA ALA G 24 32.00 41.07 -67.34
C ALA G 24 31.32 39.72 -67.21
N LEU G 25 31.02 39.06 -68.33
CA LEU G 25 30.39 37.75 -68.26
C LEU G 25 31.27 36.73 -67.55
N SER G 26 32.56 36.72 -67.89
CA SER G 26 33.48 35.76 -67.28
C SER G 26 33.60 36.00 -65.79
N SER G 27 33.74 37.25 -65.37
CA SER G 27 33.83 37.56 -63.95
C SER G 27 32.55 37.16 -63.23
N SER G 28 31.40 37.44 -63.82
CA SER G 28 30.13 37.07 -63.19
C SER G 28 30.04 35.56 -62.99
N ILE G 29 30.39 34.79 -64.01
CA ILE G 29 30.29 33.33 -63.90
C ILE G 29 31.28 32.79 -62.88
N GLU G 30 32.54 33.25 -62.94
CA GLU G 30 33.54 32.68 -62.04
C GLU G 30 33.26 33.08 -60.60
N ARG G 31 32.63 34.23 -60.38
CA ARG G 31 32.21 34.58 -59.03
C ARG G 31 30.98 33.77 -58.62
N LEU G 32 30.15 33.39 -59.59
CA LEU G 32 29.03 32.50 -59.30
C LEU G 32 29.52 31.11 -58.90
N SER G 33 30.69 30.71 -59.41
CA SER G 33 31.19 29.36 -59.16
C SER G 33 31.50 29.14 -57.68
N SER G 34 32.15 30.11 -57.03
CA SER G 34 32.61 29.97 -55.67
C SER G 34 32.08 31.09 -54.79
N GLY G 35 32.02 30.83 -53.48
CA GLY G 35 31.49 31.81 -52.56
C GLY G 35 32.41 33.00 -52.36
N LEU G 36 33.67 32.86 -52.74
CA LEU G 36 34.63 33.94 -52.59
C LEU G 36 34.32 35.05 -53.58
N ARG G 37 33.97 36.24 -53.07
CA ARG G 37 33.75 37.38 -53.95
C ARG G 37 35.07 37.95 -54.47
N ILE G 38 36.12 37.89 -53.66
N ILE G 38 36.12 37.89 -53.66
CA ILE G 38 37.40 38.50 -54.05
CA ILE G 38 37.39 38.50 -54.04
C ILE G 38 37.98 37.77 -55.24
C ILE G 38 37.98 37.77 -55.24
N ASN G 39 38.04 36.43 -55.18
CA ASN G 39 38.45 35.60 -56.33
C ASN G 39 39.84 35.95 -56.84
N SER G 40 40.88 35.65 -56.05
CA SER G 40 42.25 35.77 -56.55
C SER G 40 42.56 37.22 -56.94
N ALA G 41 42.82 38.06 -55.94
CA ALA G 41 42.46 39.47 -56.00
C ALA G 41 43.22 40.26 -57.06
N LYS G 42 42.80 40.10 -58.32
CA LYS G 42 42.92 41.15 -59.31
C LYS G 42 42.00 42.31 -58.97
N ASP G 43 41.03 42.10 -58.08
CA ASP G 43 40.15 43.14 -57.57
C ASP G 43 40.83 43.85 -56.40
N ASP G 44 40.07 44.61 -55.62
CA ASP G 44 40.63 45.40 -54.53
C ASP G 44 41.56 44.61 -53.63
N ALA G 45 42.79 45.11 -53.48
CA ALA G 45 43.80 44.40 -52.70
C ALA G 45 43.61 44.61 -51.20
N ALA G 46 43.14 45.79 -50.80
CA ALA G 46 43.00 46.08 -49.39
C ALA G 46 41.99 45.15 -48.73
N GLY G 47 40.86 44.91 -49.39
CA GLY G 47 39.89 43.98 -48.84
C GLY G 47 40.43 42.57 -48.69
N GLN G 48 41.20 42.12 -49.70
CA GLN G 48 41.80 40.78 -49.63
C GLN G 48 42.77 40.69 -48.46
N ALA G 49 43.62 41.71 -48.29
CA ALA G 49 44.59 41.68 -47.20
C ALA G 49 43.89 41.69 -45.84
N ILE G 50 42.86 42.52 -45.69
CA ILE G 50 42.12 42.58 -44.43
C ILE G 50 41.44 41.25 -44.15
N ALA G 51 40.86 40.63 -45.18
CA ALA G 51 40.22 39.33 -45.00
C ALA G 51 41.22 38.27 -44.58
N ASN G 52 42.40 38.26 -45.20
CA ASN G 52 43.43 37.29 -44.82
C ASN G 52 43.86 37.51 -43.38
N ARG G 53 44.04 38.77 -42.97
CA ARG G 53 44.40 39.06 -41.60
C ARG G 53 43.32 38.59 -40.64
N PHE G 54 42.05 38.80 -40.99
CA PHE G 54 40.96 38.37 -40.13
C PHE G 54 40.93 36.84 -39.99
N THR G 55 41.14 36.12 -41.10
CA THR G 55 41.17 34.67 -41.03
C THR G 55 42.31 34.17 -40.15
N SER G 56 43.49 34.78 -40.29
CA SER G 56 44.62 34.41 -39.44
C SER G 56 44.29 34.66 -37.98
N ASN G 57 43.66 35.80 -37.69
CA ASN G 57 43.27 36.12 -36.32
C ASN G 57 42.28 35.08 -35.79
N ILE G 58 41.31 34.69 -36.60
CA ILE G 58 40.31 33.72 -36.16
C ILE G 58 40.96 32.38 -35.84
N LYS G 59 41.87 31.92 -36.71
CA LYS G 59 42.54 30.65 -36.45
C LYS G 59 43.39 30.73 -35.18
N GLY G 60 44.10 31.84 -34.99
CA GLY G 60 44.87 32.00 -33.76
C GLY G 60 44.01 31.98 -32.53
N LEU G 61 42.85 32.64 -32.57
CA LEU G 61 41.94 32.64 -31.43
C LEU G 61 41.41 31.24 -31.15
N THR G 62 41.12 30.46 -32.20
CA THR G 62 40.67 29.09 -31.99
C THR G 62 41.75 28.26 -31.33
N GLN G 63 43.00 28.40 -31.77
CA GLN G 63 44.09 27.69 -31.12
C GLN G 63 44.24 28.11 -29.66
N ALA G 64 44.08 29.41 -29.40
CA ALA G 64 44.15 29.89 -28.03
C ALA G 64 43.05 29.29 -27.17
N ALA G 65 41.85 29.16 -27.72
CA ALA G 65 40.76 28.51 -26.99
C ALA G 65 41.08 27.06 -26.68
N ARG G 66 41.70 26.36 -27.64
CA ARG G 66 42.08 24.97 -27.39
C ARG G 66 43.12 24.87 -26.28
N ASN G 67 44.09 25.79 -26.27
CA ASN G 67 45.06 25.83 -25.19
C ASN G 67 44.39 26.11 -23.85
N ALA G 68 43.40 27.01 -23.86
CA ALA G 68 42.64 27.29 -22.64
C ALA G 68 41.92 26.05 -22.14
N ASN G 69 41.39 25.24 -23.06
CA ASN G 69 40.78 23.98 -22.65
C ASN G 69 41.80 23.03 -22.03
N ASP G 70 43.00 22.95 -22.62
CA ASP G 70 44.07 22.16 -22.00
C ASP G 70 44.31 22.61 -20.56
N GLY G 71 44.44 23.91 -20.35
CA GLY G 71 44.67 24.43 -19.00
C GLY G 71 43.51 24.15 -18.06
N ILE G 72 42.28 24.27 -18.57
CA ILE G 72 41.10 24.12 -17.71
C ILE G 72 40.99 22.67 -17.26
N SER G 73 41.48 21.73 -18.07
CA SER G 73 41.53 20.34 -17.64
C SER G 73 42.66 20.11 -16.64
N VAL G 74 43.84 20.70 -16.88
CA VAL G 74 44.97 20.54 -15.97
C VAL G 74 44.58 20.98 -14.56
N ALA G 75 43.93 22.14 -14.46
CA ALA G 75 43.59 22.70 -13.16
C ALA G 75 42.67 21.78 -12.38
N GLN G 76 41.65 21.22 -13.06
CA GLN G 76 40.68 20.39 -12.35
C GLN G 76 41.30 19.07 -11.92
N THR G 77 42.20 18.51 -12.74
CA THR G 77 42.90 17.30 -12.32
C THR G 77 43.70 17.55 -11.05
N THR G 78 44.49 18.64 -11.03
CA THR G 78 45.29 18.92 -9.84
C THR G 78 44.41 19.21 -8.64
N GLU G 79 43.29 19.91 -8.84
CA GLU G 79 42.39 20.21 -7.75
C GLU G 79 41.80 18.95 -7.14
N GLY G 80 41.39 18.00 -7.99
CA GLY G 80 40.90 16.73 -7.47
C GLY G 80 41.96 15.98 -6.68
N ALA G 81 43.19 15.97 -7.19
CA ALA G 81 44.26 15.32 -6.46
C ALA G 81 44.44 15.93 -5.07
N LEU G 82 44.47 17.26 -4.98
CA LEU G 82 44.67 17.90 -3.68
C LEU G 82 43.47 17.69 -2.75
N SER G 83 42.26 17.63 -3.29
CA SER G 83 41.10 17.32 -2.45
C SER G 83 41.23 15.93 -1.84
N GLU G 84 41.64 14.96 -2.66
CA GLU G 84 41.84 13.60 -2.15
C GLU G 84 42.96 13.57 -1.12
N ILE G 85 43.96 14.44 -1.27
CA ILE G 85 44.99 14.56 -0.24
C ILE G 85 44.40 15.12 1.06
N ASN G 86 43.57 16.15 0.95
CA ASN G 86 43.01 16.81 2.13
C ASN G 86 42.15 15.85 2.94
N ASN G 87 41.44 14.95 2.26
CA ASN G 87 40.65 13.94 2.98
C ASN G 87 41.54 13.14 3.94
N ASN G 88 42.75 12.80 3.49
CA ASN G 88 43.69 12.08 4.34
C ASN G 88 44.08 12.90 5.56
N LEU G 89 44.31 14.21 5.37
CA LEU G 89 44.62 15.06 6.51
C LEU G 89 43.49 15.07 7.52
N GLN G 90 42.25 15.08 7.04
CA GLN G 90 41.11 15.07 7.95
C GLN G 90 41.06 13.77 8.74
N ARG G 91 41.29 12.65 8.04
CA ARG G 91 41.33 11.35 8.72
C ARG G 91 42.43 11.30 9.77
N ILE G 92 43.58 11.91 9.47
CA ILE G 92 44.64 12.05 10.46
C ILE G 92 44.15 12.86 11.65
N ARG G 93 43.43 13.95 11.37
CA ARG G 93 42.98 14.85 12.43
C ARG G 93 42.14 14.12 13.48
N GLU G 94 41.11 13.38 13.04
CA GLU G 94 40.18 12.83 14.04
C GLU G 94 40.88 11.86 14.97
N LEU G 95 41.72 10.99 14.41
CA LEU G 95 42.29 9.95 15.25
C LEU G 95 43.52 10.42 16.00
N THR G 96 44.18 11.50 15.56
CA THR G 96 45.17 12.10 16.44
C THR G 96 44.49 12.83 17.59
N VAL G 97 43.30 13.37 17.35
CA VAL G 97 42.52 13.95 18.44
C VAL G 97 42.19 12.89 19.48
N GLN G 98 41.76 11.70 19.03
CA GLN G 98 41.48 10.66 20.02
C GLN G 98 42.77 10.12 20.65
N ALA G 99 43.88 10.15 19.91
CA ALA G 99 45.14 9.64 20.45
C ALA G 99 45.67 10.56 21.55
N SER G 100 45.45 11.86 21.43
CA SER G 100 45.96 12.79 22.43
C SER G 100 45.40 12.51 23.82
N THR G 101 44.27 11.84 23.90
CA THR G 101 43.64 11.55 25.19
C THR G 101 44.45 10.53 25.96
N GLY G 102 44.56 10.74 27.28
CA GLY G 102 45.43 9.92 28.10
C GLY G 102 44.86 8.58 28.50
N THR G 103 43.56 8.35 28.23
CA THR G 103 42.95 7.07 28.58
C THR G 103 43.58 5.93 27.80
N ASN G 104 43.85 6.15 26.52
CA ASN G 104 44.43 5.09 25.68
C ASN G 104 45.81 4.69 26.20
N SER G 105 46.05 3.39 26.25
CA SER G 105 47.27 2.85 26.82
C SER G 105 48.44 3.04 25.84
N ASP G 106 49.63 2.64 26.31
CA ASP G 106 50.83 2.78 25.50
C ASP G 106 50.75 1.93 24.24
N SER G 107 50.23 0.71 24.35
CA SER G 107 50.10 -0.16 23.18
C SER G 107 49.18 0.45 22.13
N ASP G 108 48.18 1.21 22.57
CA ASP G 108 47.26 1.85 21.64
C ASP G 108 47.98 2.85 20.75
N LEU G 109 48.88 3.63 21.34
CA LEU G 109 49.59 4.67 20.60
C LEU G 109 50.43 4.07 19.48
N ASP G 110 50.92 2.84 19.66
CA ASP G 110 51.71 2.22 18.61
C ASP G 110 50.86 1.93 17.37
N SER G 111 49.65 1.37 17.57
CA SER G 111 48.77 1.13 16.44
C SER G 111 48.32 2.45 15.80
N ILE G 112 48.03 3.45 16.64
CA ILE G 112 47.63 4.75 16.12
C ILE G 112 48.75 5.34 15.25
N GLN G 113 49.99 5.25 15.73
CA GLN G 113 51.12 5.78 14.98
C GLN G 113 51.36 4.98 13.70
N ASP G 114 51.14 3.67 13.75
CA ASP G 114 51.25 2.87 12.52
C ASP G 114 50.25 3.33 11.47
N GLU G 115 48.99 3.52 11.87
CA GLU G 115 48.00 3.98 10.91
C GLU G 115 48.32 5.39 10.43
N ILE G 116 48.84 6.23 11.33
CA ILE G 116 49.24 7.58 10.96
C ILE G 116 50.34 7.54 9.91
N LYS G 117 51.35 6.69 10.12
CA LYS G 117 52.44 6.58 9.16
C LYS G 117 51.94 6.05 7.82
N SER G 118 50.99 5.12 7.86
CA SER G 118 50.38 4.65 6.62
C SER G 118 49.70 5.79 5.87
N ARG G 119 48.95 6.63 6.58
CA ARG G 119 48.29 7.76 5.94
C ARG G 119 49.30 8.75 5.38
N LEU G 120 50.36 9.05 6.14
CA LEU G 120 51.37 9.99 5.67
C LEU G 120 52.08 9.46 4.42
N ASP G 121 52.40 8.17 4.41
CA ASP G 121 53.02 7.57 3.24
C ASP G 121 52.07 7.62 2.05
N GLU G 122 50.78 7.40 2.29
CA GLU G 122 49.81 7.50 1.21
C GLU G 122 49.76 8.92 0.65
N ILE G 123 49.84 9.93 1.53
CA ILE G 123 49.84 11.31 1.10
C ILE G 123 51.08 11.59 0.23
N ASP G 124 52.24 11.14 0.68
CA ASP G 124 53.45 11.35 -0.11
C ASP G 124 53.35 10.63 -1.46
N ARG G 125 52.78 9.42 -1.46
CA ARG G 125 52.64 8.65 -2.69
C ARG G 125 51.71 9.35 -3.67
N VAL G 126 50.55 9.80 -3.20
CA VAL G 126 49.61 10.47 -4.10
C VAL G 126 50.19 11.79 -4.60
N SER G 127 50.99 12.46 -3.76
CA SER G 127 51.64 13.68 -4.21
C SER G 127 52.62 13.39 -5.34
N GLY G 128 53.47 12.37 -5.16
CA GLY G 128 54.46 12.06 -6.17
C GLY G 128 53.86 11.51 -7.46
N GLN G 129 52.83 10.67 -7.33
CA GLN G 129 52.32 9.92 -8.48
C GLN G 129 51.59 10.82 -9.47
N THR G 130 50.71 11.69 -8.97
CA THR G 130 49.78 12.39 -9.85
C THR G 130 50.52 13.19 -10.91
N GLN G 131 50.04 13.10 -12.15
CA GLN G 131 50.70 13.73 -13.27
C GLN G 131 49.70 13.90 -14.41
N PHE G 132 49.99 14.84 -15.31
CA PHE G 132 49.14 15.13 -16.45
C PHE G 132 50.01 15.21 -17.70
N ASN G 133 49.83 14.25 -18.61
CA ASN G 133 50.53 14.25 -19.90
C ASN G 133 52.03 14.34 -19.71
N GLY G 134 52.59 13.37 -18.99
CA GLY G 134 54.01 13.34 -18.74
C GLY G 134 54.55 14.45 -17.89
N VAL G 135 53.70 15.18 -17.19
CA VAL G 135 54.11 16.30 -16.34
C VAL G 135 53.59 16.07 -14.93
N ASN G 136 54.51 15.95 -13.98
CA ASN G 136 54.16 15.76 -12.57
C ASN G 136 53.77 17.13 -12.00
N VAL G 137 52.48 17.29 -11.69
CA VAL G 137 52.01 18.59 -11.22
C VAL G 137 52.59 18.93 -9.85
N LEU G 138 52.63 17.96 -8.93
CA LEU G 138 53.02 18.22 -7.56
C LEU G 138 54.47 17.90 -7.26
N ALA G 139 55.25 17.47 -8.26
CA ALA G 139 56.64 17.10 -8.01
C ALA G 139 57.47 18.29 -7.58
N LYS G 140 57.35 19.41 -8.29
CA LYS G 140 58.15 20.59 -8.00
C LYS G 140 57.26 21.83 -8.04
N ASP G 141 57.60 22.81 -7.20
CA ASP G 141 56.95 24.11 -7.26
C ASP G 141 57.35 24.79 -8.57
N GLY G 142 56.35 25.17 -9.36
CA GLY G 142 56.62 25.73 -10.67
C GLY G 142 55.43 26.46 -11.23
N SER G 143 55.60 26.96 -12.45
CA SER G 143 54.58 27.76 -13.13
C SER G 143 54.37 27.22 -14.54
N MET G 144 53.10 27.20 -14.96
CA MET G 144 52.72 26.84 -16.32
C MET G 144 51.87 27.96 -16.89
N LYS G 145 52.23 28.42 -18.10
CA LYS G 145 51.54 29.54 -18.74
C LYS G 145 50.70 29.00 -19.89
N ILE G 146 49.43 29.36 -19.90
CA ILE G 146 48.51 28.97 -20.98
C ILE G 146 48.38 30.13 -21.96
N GLN G 147 48.69 29.88 -23.22
CA GLN G 147 48.70 30.91 -24.25
C GLN G 147 47.27 31.07 -24.78
N VAL G 148 46.60 32.12 -24.33
CA VAL G 148 45.20 32.36 -24.70
C VAL G 148 45.05 33.60 -25.59
N GLY G 149 46.15 34.13 -26.12
CA GLY G 149 46.07 35.28 -26.98
C GLY G 149 46.70 35.06 -28.34
N ALA G 150 45.99 35.42 -29.40
CA ALA G 150 46.51 35.23 -30.76
C ALA G 150 47.80 36.01 -30.96
N ASN G 151 47.88 37.23 -30.43
CA ASN G 151 49.10 37.99 -30.51
C ASN G 151 50.16 37.39 -29.59
N ASP G 152 51.42 37.76 -29.83
CA ASP G 152 52.52 37.19 -29.06
C ASP G 152 52.55 37.73 -27.64
N GLY G 153 52.83 36.85 -26.69
CA GLY G 153 53.11 37.25 -25.32
C GLY G 153 51.93 37.34 -24.39
N GLN G 154 50.70 37.22 -24.88
CA GLN G 154 49.51 37.32 -24.05
C GLN G 154 49.17 35.93 -23.51
N THR G 155 49.58 35.67 -22.27
CA THR G 155 49.35 34.38 -21.63
C THR G 155 48.81 34.60 -20.23
N ILE G 156 48.13 33.59 -19.71
CA ILE G 156 47.62 33.59 -18.35
C ILE G 156 48.39 32.55 -17.54
N THR G 157 48.93 32.98 -16.41
CA THR G 157 49.83 32.14 -15.63
C THR G 157 49.05 31.23 -14.69
N ILE G 158 49.51 29.98 -14.59
CA ILE G 158 49.02 29.02 -13.60
C ILE G 158 50.18 28.65 -12.69
N ASP G 159 49.96 28.72 -11.38
CA ASP G 159 51.00 28.52 -10.39
C ASP G 159 50.76 27.22 -9.65
N LEU G 160 51.81 26.42 -9.50
CA LEU G 160 51.78 25.17 -8.76
C LEU G 160 52.90 25.18 -7.74
N LYS G 161 52.63 24.70 -6.53
CA LYS G 161 53.62 24.64 -5.48
C LYS G 161 53.82 23.18 -5.06
N LYS G 162 55.06 22.84 -4.73
CA LYS G 162 55.39 21.47 -4.35
C LYS G 162 54.70 21.10 -3.05
N ILE G 163 54.02 19.95 -3.06
CA ILE G 163 53.22 19.52 -1.91
C ILE G 163 53.61 18.10 -1.51
N ASP G 164 54.43 17.96 -0.47
CA ASP G 164 54.70 16.66 0.10
C ASP G 164 54.40 16.64 1.59
N SER G 165 54.74 15.52 2.23
CA SER G 165 54.55 15.40 3.67
C SER G 165 55.38 16.43 4.42
N ASP G 166 56.59 16.71 3.93
CA ASP G 166 57.45 17.67 4.60
C ASP G 166 56.97 19.10 4.39
N THR G 167 56.48 19.41 3.18
CA THR G 167 56.08 20.78 2.87
C THR G 167 54.93 21.24 3.75
N LEU G 168 53.94 20.38 3.97
CA LEU G 168 52.80 20.77 4.80
C LEU G 168 53.21 20.94 6.26
N GLY G 169 54.40 20.50 6.62
CA GLY G 169 54.79 20.61 8.00
C GLY G 169 55.49 19.34 8.48
N LEU G 170 54.83 18.66 9.41
CA LEU G 170 55.41 17.81 10.47
C LEU G 170 56.56 16.96 9.94
N ASN G 171 56.32 16.02 9.02
CA ASN G 171 57.36 15.17 8.44
C ASN G 171 57.97 14.23 9.49
N GLY G 172 57.60 14.42 10.75
CA GLY G 172 58.14 13.61 11.83
C GLY G 172 57.11 13.34 12.90
N PHE G 173 55.85 13.28 12.49
CA PHE G 173 54.71 13.24 13.39
C PHE G 173 54.72 11.95 14.19
N ASN G 174 54.81 12.07 15.51
CA ASN G 174 54.78 10.94 16.44
C ASN G 174 53.86 11.29 17.59
N VAL G 175 53.09 10.31 18.07
CA VAL G 175 52.19 10.50 19.19
C VAL G 175 52.56 9.65 20.39
N ASN G 176 53.47 8.69 20.23
CA ASN G 176 53.87 7.81 21.31
C ASN G 176 55.23 8.19 21.90
N GLY G 177 55.77 9.34 21.53
CA GLY G 177 57.08 9.76 22.04
C GLY G 177 58.22 8.95 21.48
N GLU G 455 60.35 12.07 21.26
CA GLU G 455 59.25 12.76 21.93
C GLU G 455 58.19 13.16 20.91
N SER G 456 56.93 13.17 21.34
CA SER G 456 55.83 13.50 20.44
C SER G 456 55.91 14.96 20.00
N THR G 457 55.14 15.28 18.97
CA THR G 457 55.09 16.65 18.46
C THR G 457 54.55 17.59 19.54
N SER G 458 55.16 18.78 19.61
CA SER G 458 54.78 19.74 20.64
C SER G 458 53.30 20.12 20.52
N ASP G 459 52.83 20.36 19.30
CA ASP G 459 51.43 20.68 19.07
C ASP G 459 50.98 20.06 17.76
N PRO G 460 50.52 18.81 17.80
CA PRO G 460 49.98 18.18 16.57
C PRO G 460 48.84 18.93 15.92
N LEU G 461 47.92 19.47 16.73
CA LEU G 461 46.59 19.80 16.23
C LEU G 461 46.59 21.09 15.40
N ALA G 462 47.16 22.17 15.96
CA ALA G 462 47.21 23.41 15.20
C ALA G 462 48.14 23.29 14.00
N ALA G 463 49.17 22.44 14.11
CA ALA G 463 50.02 22.18 12.96
C ALA G 463 49.23 21.52 11.83
N LEU G 464 48.40 20.53 12.16
CA LEU G 464 47.55 19.93 11.13
C LEU G 464 46.55 20.94 10.58
N ASP G 465 46.00 21.79 11.44
CA ASP G 465 45.08 22.83 10.96
C ASP G 465 45.78 23.77 9.98
N ASP G 466 47.01 24.18 10.31
CA ASP G 466 47.79 25.03 9.42
C ASP G 466 48.05 24.33 8.10
N ALA G 467 48.34 23.03 8.15
CA ALA G 467 48.52 22.27 6.90
C ALA G 467 47.25 22.30 6.06
N ILE G 468 46.10 22.02 6.68
CA ILE G 468 44.85 21.95 5.92
C ILE G 468 44.51 23.30 5.30
N SER G 469 44.78 24.39 6.03
CA SER G 469 44.50 25.72 5.51
C SER G 469 45.24 25.98 4.21
N GLN G 470 46.47 25.45 4.09
CA GLN G 470 47.27 25.67 2.90
C GLN G 470 46.63 25.01 1.68
N ILE G 471 46.18 23.76 1.82
CA ILE G 471 45.50 23.09 0.71
C ILE G 471 44.17 23.78 0.41
N ASP G 472 43.50 24.30 1.44
CA ASP G 472 42.25 25.04 1.20
C ASP G 472 42.51 26.28 0.33
N LYS G 473 43.55 27.03 0.67
CA LYS G 473 43.90 28.20 -0.15
C LYS G 473 44.32 27.77 -1.55
N PHE G 474 44.99 26.62 -1.67
CA PHE G 474 45.40 26.13 -2.98
C PHE G 474 44.18 25.83 -3.85
N ARG G 475 43.18 25.15 -3.27
CA ARG G 475 41.93 24.93 -3.99
C ARG G 475 41.25 26.24 -4.36
N SER G 476 41.31 27.23 -3.46
CA SER G 476 40.72 28.52 -3.78
C SER G 476 41.40 29.13 -5.01
N SER G 477 42.73 29.08 -5.06
CA SER G 477 43.46 29.62 -6.19
C SER G 477 43.14 28.88 -7.48
N LEU G 478 43.08 27.54 -7.42
CA LEU G 478 42.74 26.77 -8.61
C LEU G 478 41.31 27.04 -9.07
N GLY G 479 40.38 27.24 -8.14
CA GLY G 479 39.04 27.62 -8.54
C GLY G 479 39.01 28.98 -9.21
N ALA G 480 39.78 29.92 -8.69
CA ALA G 480 39.84 31.25 -9.32
C ALA G 480 40.38 31.14 -10.74
N VAL G 481 41.48 30.43 -10.93
CA VAL G 481 42.05 30.33 -12.28
C VAL G 481 41.14 29.52 -13.19
N GLN G 482 40.40 28.56 -12.63
CA GLN G 482 39.41 27.81 -13.40
C GLN G 482 38.35 28.75 -13.95
N ASN G 483 37.82 29.63 -13.10
CA ASN G 483 36.84 30.60 -13.56
C ASN G 483 37.43 31.56 -14.60
N ARG G 484 38.69 31.98 -14.39
CA ARG G 484 39.33 32.86 -15.37
C ARG G 484 39.43 32.20 -16.74
N LEU G 485 39.84 30.93 -16.78
CA LEU G 485 39.93 30.23 -18.06
C LEU G 485 38.56 30.06 -18.70
N ASP G 486 37.53 29.78 -17.89
CA ASP G 486 36.19 29.66 -18.46
C ASP G 486 35.75 30.98 -19.10
N SER G 487 35.99 32.09 -18.40
CA SER G 487 35.64 33.40 -18.95
C SER G 487 36.44 33.70 -20.22
N ALA G 488 37.72 33.33 -20.23
CA ALA G 488 38.52 33.52 -21.43
C ALA G 488 37.97 32.73 -22.60
N VAL G 489 37.54 31.48 -22.35
CA VAL G 489 36.99 30.66 -23.43
C VAL G 489 35.71 31.29 -23.99
N THR G 490 34.81 31.73 -23.12
CA THR G 490 33.57 32.30 -23.64
C THR G 490 33.83 33.62 -24.37
N ASN G 491 34.75 34.44 -23.86
CA ASN G 491 35.12 35.67 -24.55
C ASN G 491 35.70 35.37 -25.93
N LEU G 492 36.58 34.37 -26.01
CA LEU G 492 37.18 34.02 -27.30
C LEU G 492 36.12 33.51 -28.26
N ASN G 493 35.16 32.71 -27.77
CA ASN G 493 34.09 32.23 -28.64
C ASN G 493 33.30 33.39 -29.21
N ASN G 494 32.90 34.35 -28.37
CA ASN G 494 32.14 35.49 -28.85
C ASN G 494 32.97 36.30 -29.87
N THR G 495 34.24 36.51 -29.58
CA THR G 495 35.09 37.29 -30.47
C THR G 495 35.24 36.60 -31.83
N THR G 496 35.46 35.28 -31.82
CA THR G 496 35.59 34.55 -33.08
C THR G 496 34.30 34.60 -33.89
N THR G 497 33.15 34.46 -33.23
CA THR G 497 31.89 34.53 -33.97
C THR G 497 31.69 35.91 -34.59
N ASN G 498 31.98 36.97 -33.84
CA ASN G 498 31.83 38.31 -34.40
C ASN G 498 32.79 38.55 -35.56
N LEU G 499 34.05 38.11 -35.41
CA LEU G 499 35.02 38.28 -36.48
C LEU G 499 34.65 37.48 -37.72
N SER G 500 34.12 36.27 -37.53
CA SER G 500 33.66 35.49 -38.67
C SER G 500 32.47 36.16 -39.35
N GLU G 501 31.57 36.76 -38.57
CA GLU G 501 30.47 37.51 -39.17
C GLU G 501 31.00 38.67 -40.01
N ALA G 502 32.02 39.37 -39.51
CA ALA G 502 32.65 40.43 -40.30
C ALA G 502 33.31 39.87 -41.54
N GLN G 503 33.88 38.67 -41.42
CA GLN G 503 34.53 38.01 -42.57
C GLN G 503 33.54 37.79 -43.70
N SER G 504 32.29 37.46 -43.37
CA SER G 504 31.25 37.39 -44.40
C SER G 504 31.04 38.76 -45.03
N ARG G 505 30.93 39.80 -44.21
CA ARG G 505 30.69 41.15 -44.74
C ARG G 505 31.76 41.55 -45.74
N ILE G 506 33.02 41.26 -45.42
CA ILE G 506 34.09 41.77 -46.26
C ILE G 506 34.11 41.09 -47.62
N GLN G 507 33.69 39.80 -47.71
CA GLN G 507 33.38 39.18 -49.01
C GLN G 507 32.47 37.97 -48.83
N ASP G 508 31.35 38.00 -49.54
CA ASP G 508 30.67 36.80 -50.01
C ASP G 508 30.30 37.03 -51.46
N ALA G 509 30.28 35.95 -52.24
CA ALA G 509 29.99 36.09 -53.67
C ALA G 509 28.63 36.72 -53.89
N ASP G 510 27.67 36.43 -53.00
CA ASP G 510 26.36 37.07 -53.01
C ASP G 510 25.67 36.85 -54.36
N TYR G 511 25.29 35.58 -54.57
CA TYR G 511 24.76 35.17 -55.87
C TYR G 511 23.48 35.92 -56.21
N ALA G 512 22.83 36.52 -55.21
CA ALA G 512 21.60 37.25 -55.46
C ALA G 512 21.80 38.34 -56.51
N THR G 513 22.83 39.17 -56.33
CA THR G 513 23.11 40.20 -57.33
C THR G 513 23.81 39.62 -58.55
N GLU G 514 24.62 38.58 -58.35
CA GLU G 514 25.50 38.11 -59.42
C GLU G 514 24.73 37.35 -60.50
N VAL G 515 23.63 36.69 -60.13
CA VAL G 515 22.82 35.99 -61.13
C VAL G 515 22.25 36.98 -62.13
N SER G 516 21.80 38.15 -61.66
CA SER G 516 21.30 39.17 -62.57
C SER G 516 22.37 39.66 -63.52
N ASN G 517 23.60 39.85 -63.00
CA ASN G 517 24.72 40.26 -63.86
C ASN G 517 24.98 39.20 -64.92
N MET G 518 24.97 37.93 -64.53
CA MET G 518 25.17 36.86 -65.50
C MET G 518 24.07 36.87 -66.55
N SER G 519 22.82 37.06 -66.13
CA SER G 519 21.70 37.06 -67.08
C SER G 519 21.84 38.18 -68.09
N LYS G 520 22.11 39.41 -67.62
CA LYS G 520 22.26 40.52 -68.57
C LYS G 520 23.44 40.31 -69.49
N ALA G 521 24.54 39.77 -68.96
CA ALA G 521 25.70 39.52 -69.81
C ALA G 521 25.39 38.50 -70.89
N GLN G 522 24.66 37.42 -70.55
CA GLN G 522 24.25 36.45 -71.54
C GLN G 522 23.37 37.09 -72.61
N ILE G 523 22.39 37.88 -72.17
CA ILE G 523 21.46 38.52 -73.11
C ILE G 523 22.21 39.41 -74.08
N ILE G 524 23.11 40.24 -73.55
CA ILE G 524 23.80 41.20 -74.39
C ILE G 524 24.83 40.52 -75.30
N GLN G 525 25.45 39.44 -74.83
CA GLN G 525 26.33 38.69 -75.71
C GLN G 525 25.56 38.07 -76.87
N GLN G 526 24.40 37.47 -76.59
CA GLN G 526 23.61 36.91 -77.68
C GLN G 526 23.11 38.01 -78.61
N ALA G 527 22.79 39.18 -78.07
CA ALA G 527 22.40 40.31 -78.90
C ALA G 527 23.53 40.74 -79.82
N GLY G 528 24.76 40.81 -79.30
CA GLY G 528 25.89 41.17 -80.15
C GLY G 528 26.14 40.14 -81.23
N ASN G 529 26.06 38.85 -80.88
CA ASN G 529 26.24 37.80 -81.87
C ASN G 529 25.16 37.89 -82.94
N SER G 530 23.93 38.22 -82.55
CA SER G 530 22.84 38.34 -83.53
C SER G 530 23.07 39.53 -84.45
N VAL G 531 23.41 40.69 -83.89
CA VAL G 531 23.54 41.89 -84.73
C VAL G 531 24.75 41.77 -85.64
N LEU G 532 25.77 41.02 -85.23
CA LEU G 532 26.92 40.79 -86.11
C LEU G 532 26.50 40.12 -87.41
N ALA G 533 25.46 39.29 -87.36
CA ALA G 533 24.99 38.61 -88.57
C ALA G 533 24.47 39.61 -89.60
N LYS G 534 23.57 40.51 -89.19
CA LYS G 534 23.07 41.50 -90.15
C LYS G 534 24.17 42.46 -90.56
N ALA G 535 25.11 42.74 -89.64
CA ALA G 535 26.25 43.57 -90.01
C ALA G 535 27.05 42.92 -91.13
N ASN G 536 27.21 41.60 -91.08
CA ASN G 536 27.96 40.90 -92.13
C ASN G 536 27.15 40.78 -93.41
N GLN G 537 25.82 40.74 -93.30
CA GLN G 537 25.00 40.66 -94.51
C GLN G 537 24.75 42.03 -95.13
N VAL G 538 25.14 43.10 -94.45
CA VAL G 538 25.02 44.44 -95.01
C VAL G 538 25.77 44.60 -96.34
N PRO G 539 27.06 44.23 -96.46
CA PRO G 539 27.82 44.65 -97.65
C PRO G 539 27.48 43.93 -98.95
N GLN G 540 26.38 43.18 -98.98
CA GLN G 540 26.03 42.47 -100.22
C GLN G 540 25.60 43.43 -101.33
N GLN G 541 25.34 44.69 -100.99
CA GLN G 541 24.84 45.64 -101.98
C GLN G 541 25.87 45.88 -103.08
N VAL G 542 27.16 45.88 -102.74
CA VAL G 542 28.19 46.10 -103.76
C VAL G 542 28.16 44.98 -104.78
N LEU G 543 28.19 43.73 -104.32
CA LEU G 543 28.15 42.61 -105.24
C LEU G 543 26.85 42.58 -106.03
N SER G 544 25.77 43.09 -105.44
CA SER G 544 24.53 43.24 -106.19
C SER G 544 24.68 44.26 -107.31
N LEU G 545 25.35 45.37 -107.03
CA LEU G 545 25.46 46.45 -108.01
C LEU G 545 26.40 46.10 -109.14
N LEU G 546 27.43 45.30 -108.86
CA LEU G 546 28.38 44.93 -109.92
C LEU G 546 27.69 44.23 -111.08
N GLN G 547 26.63 43.48 -110.80
CA GLN G 547 25.88 42.82 -111.87
C GLN G 547 24.38 43.07 -111.72
N ALA H 2 19.23 35.76 -51.13
CA ALA H 2 20.11 35.57 -49.98
C ALA H 2 21.30 36.51 -50.04
N GLN H 3 22.05 36.59 -48.94
CA GLN H 3 23.21 37.47 -48.86
C GLN H 3 24.50 36.76 -48.47
N VAL H 4 24.45 35.76 -47.58
CA VAL H 4 25.66 35.04 -47.19
C VAL H 4 25.55 33.59 -47.65
N ILE H 5 26.51 33.17 -48.47
CA ILE H 5 26.47 31.81 -49.02
C ILE H 5 27.73 31.05 -48.63
N ASN H 6 28.83 31.78 -48.38
CA ASN H 6 30.06 31.13 -47.94
C ASN H 6 30.04 30.84 -46.44
N THR H 7 29.46 31.75 -45.65
CA THR H 7 29.51 31.68 -44.20
C THR H 7 28.10 31.74 -43.62
N ASN H 8 27.81 30.82 -42.69
CA ASN H 8 26.54 30.83 -41.96
C ASN H 8 26.78 31.43 -40.58
N SER H 9 26.87 32.77 -40.56
CA SER H 9 27.12 33.48 -39.30
C SER H 9 25.94 33.31 -38.34
N LEU H 10 24.72 33.25 -38.87
CA LEU H 10 23.55 33.00 -38.03
C LEU H 10 23.67 31.65 -37.33
N SER H 11 24.16 30.63 -38.05
CA SER H 11 24.41 29.34 -37.42
C SER H 11 25.45 29.47 -36.31
N LEU H 12 26.47 30.32 -36.51
CA LEU H 12 27.47 30.55 -35.48
C LEU H 12 26.84 31.17 -34.24
N ILE H 13 25.92 32.13 -34.43
CA ILE H 13 25.22 32.74 -33.30
C ILE H 13 24.42 31.68 -32.55
N THR H 14 23.69 30.84 -33.28
CA THR H 14 22.90 29.80 -32.64
C THR H 14 23.79 28.83 -31.86
N GLN H 15 24.92 28.45 -32.45
CA GLN H 15 25.85 27.55 -31.76
C GLN H 15 26.43 28.20 -30.51
N ASN H 16 26.69 29.51 -30.56
CA ASN H 16 27.14 30.19 -29.36
C ASN H 16 26.09 30.17 -28.27
N ASN H 17 24.82 30.38 -28.62
CA ASN H 17 23.77 30.31 -27.61
C ASN H 17 23.69 28.91 -26.99
N ILE H 18 23.76 27.88 -27.84
CA ILE H 18 23.73 26.52 -27.33
C ILE H 18 24.92 26.25 -26.42
N ASN H 19 26.12 26.70 -26.81
CA ASN H 19 27.31 26.51 -26.00
C ASN H 19 27.19 27.22 -24.65
N LYS H 20 26.58 28.41 -24.66
CA LYS H 20 26.33 29.12 -23.40
C LYS H 20 25.41 28.30 -22.51
N ASN H 21 24.38 27.68 -23.09
CA ASN H 21 23.48 26.86 -22.28
C ASN H 21 24.17 25.59 -21.79
N GLN H 22 25.21 25.14 -22.52
CA GLN H 22 25.87 23.88 -22.19
C GLN H 22 26.44 23.88 -20.78
N SER H 23 27.14 24.95 -20.41
CA SER H 23 27.76 25.00 -19.09
C SER H 23 26.71 24.97 -17.99
N ALA H 24 25.63 25.72 -18.16
CA ALA H 24 24.55 25.71 -17.18
C ALA H 24 23.94 24.33 -17.04
N LEU H 25 23.67 23.66 -18.15
CA LEU H 25 23.09 22.32 -18.09
C LEU H 25 24.03 21.34 -17.39
N SER H 26 25.31 21.36 -17.76
CA SER H 26 26.26 20.43 -17.17
C SER H 26 26.40 20.67 -15.67
N SER H 27 26.55 21.93 -15.26
CA SER H 27 26.67 22.24 -13.85
C SER H 27 25.42 21.84 -13.08
N SER H 28 24.24 22.11 -13.65
CA SER H 28 23.00 21.80 -12.97
C SER H 28 22.86 20.30 -12.74
N ILE H 29 23.09 19.49 -13.78
CA ILE H 29 22.93 18.04 -13.63
C ILE H 29 24.02 17.47 -12.72
N GLU H 30 25.24 17.99 -12.84
CA GLU H 30 26.33 17.51 -11.98
C GLU H 30 26.02 17.80 -10.51
N ARG H 31 25.49 18.99 -10.21
CA ARG H 31 25.15 19.31 -8.83
C ARG H 31 23.93 18.52 -8.37
N LEU H 32 23.03 18.19 -9.31
CA LEU H 32 21.87 17.38 -8.96
C LEU H 32 22.26 15.96 -8.59
N SER H 33 23.27 15.41 -9.27
CA SER H 33 23.66 14.02 -9.05
C SER H 33 24.17 13.79 -7.63
N SER H 34 25.00 14.71 -7.13
CA SER H 34 25.59 14.58 -5.81
C SER H 34 24.88 15.48 -4.81
N GLY H 35 24.98 15.10 -3.54
CA GLY H 35 24.35 15.89 -2.49
C GLY H 35 25.01 17.24 -2.30
N LEU H 36 26.34 17.29 -2.39
CA LEU H 36 27.08 18.52 -2.13
C LEU H 36 26.77 19.57 -3.18
N ARG H 37 26.50 20.80 -2.74
CA ARG H 37 26.33 21.90 -3.68
C ARG H 37 27.67 22.41 -4.20
N ILE H 38 28.72 22.36 -3.37
N ILE H 38 28.71 22.36 -3.37
CA ILE H 38 30.00 22.93 -3.75
CA ILE H 38 30.00 22.93 -3.75
C ILE H 38 30.60 22.15 -4.91
C ILE H 38 30.60 22.15 -4.91
N ASN H 39 30.67 20.82 -4.78
CA ASN H 39 31.12 19.93 -5.86
C ASN H 39 32.46 20.35 -6.46
N SER H 40 33.54 20.24 -5.66
CA SER H 40 34.88 20.44 -6.21
C SER H 40 35.00 21.86 -6.79
N ALA H 41 35.19 22.85 -5.91
CA ALA H 41 34.59 24.17 -6.08
C ALA H 41 35.07 24.95 -7.28
N LYS H 42 34.45 24.68 -8.43
CA LYS H 42 34.22 25.70 -9.45
C LYS H 42 33.45 26.89 -8.90
N ASP H 43 32.68 26.68 -7.83
CA ASP H 43 31.85 27.69 -7.19
C ASP H 43 32.66 28.47 -6.17
N ASP H 44 31.95 29.22 -5.31
CA ASP H 44 32.60 30.09 -4.33
C ASP H 44 33.64 29.35 -3.52
N ALA H 45 34.87 29.86 -3.53
CA ALA H 45 35.99 29.17 -2.87
C ALA H 45 35.95 29.38 -1.36
N ALA H 46 35.57 30.57 -0.90
CA ALA H 46 35.55 30.85 0.52
C ALA H 46 34.55 29.95 1.24
N GLY H 47 33.38 29.74 0.64
CA GLY H 47 32.41 28.81 1.22
C GLY H 47 32.95 27.40 1.29
N GLN H 48 33.67 26.97 0.26
CA GLN H 48 34.27 25.64 0.27
C GLN H 48 35.29 25.51 1.40
N ALA H 49 36.13 26.53 1.58
CA ALA H 49 37.10 26.48 2.67
C ALA H 49 36.41 26.45 4.04
N ILE H 50 35.37 27.27 4.21
CA ILE H 50 34.64 27.29 5.47
C ILE H 50 34.02 25.93 5.74
N ALA H 51 33.41 25.33 4.72
CA ALA H 51 32.82 24.00 4.88
C ALA H 51 33.88 22.96 5.24
N ASN H 52 35.06 23.07 4.62
CA ASN H 52 36.13 22.11 4.91
C ASN H 52 36.58 22.22 6.36
N ARG H 53 36.75 23.45 6.87
CA ARG H 53 37.09 23.61 8.28
C ARG H 53 35.97 23.13 9.18
N PHE H 54 34.72 23.26 8.72
CA PHE H 54 33.58 22.78 9.49
C PHE H 54 33.63 21.27 9.69
N THR H 55 34.07 20.53 8.67
CA THR H 55 34.22 19.09 8.82
C THR H 55 35.19 18.75 9.95
N SER H 56 36.38 19.36 9.93
CA SER H 56 37.36 19.13 10.99
C SER H 56 36.76 19.49 12.34
N ASN H 57 36.07 20.62 12.43
CA ASN H 57 35.49 21.05 13.68
C ASN H 57 34.51 20.00 14.23
N ILE H 58 33.56 19.58 13.39
CA ILE H 58 32.49 18.68 13.84
C ILE H 58 33.07 17.33 14.25
N LYS H 59 33.97 16.78 13.45
CA LYS H 59 34.53 15.47 13.76
C LYS H 59 35.49 15.51 14.94
N GLY H 60 36.18 16.64 15.12
CA GLY H 60 36.96 16.81 16.34
C GLY H 60 36.10 16.79 17.58
N LEU H 61 34.97 17.50 17.56
CA LEU H 61 34.08 17.48 18.72
C LEU H 61 33.51 16.09 18.99
N THR H 62 33.07 15.38 17.95
CA THR H 62 32.49 14.06 18.22
C THR H 62 33.56 13.10 18.76
N GLN H 63 34.78 13.19 18.24
CA GLN H 63 35.84 12.31 18.73
C GLN H 63 36.20 12.66 20.17
N ALA H 64 36.22 13.96 20.49
CA ALA H 64 36.47 14.37 21.87
C ALA H 64 35.35 13.91 22.80
N ALA H 65 34.12 13.82 22.28
CA ALA H 65 33.03 13.26 23.07
C ALA H 65 33.30 11.80 23.40
N ARG H 66 33.77 11.03 22.43
CA ARG H 66 34.14 9.64 22.72
C ARG H 66 35.27 9.58 23.75
N ASN H 67 36.25 10.47 23.63
CA ASN H 67 37.33 10.52 24.61
C ASN H 67 36.81 10.81 26.01
N ALA H 68 35.82 11.70 26.11
CA ALA H 68 35.19 11.97 27.40
C ALA H 68 34.44 10.74 27.93
N ASN H 69 33.82 9.98 27.03
CA ASN H 69 33.17 8.74 27.43
C ASN H 69 34.18 7.78 28.04
N ASP H 70 35.41 7.77 27.53
CA ASP H 70 36.46 6.97 28.16
C ASP H 70 36.63 7.33 29.64
N GLY H 71 36.69 8.62 29.94
CA GLY H 71 36.87 9.03 31.32
C GLY H 71 35.67 8.72 32.20
N ILE H 72 34.46 8.93 31.66
CA ILE H 72 33.28 8.60 32.46
C ILE H 72 33.20 7.10 32.69
N SER H 73 33.83 6.31 31.82
CA SER H 73 33.89 4.87 32.06
C SER H 73 34.89 4.53 33.15
N VAL H 74 36.08 5.13 33.13
CA VAL H 74 37.11 4.79 34.12
C VAL H 74 36.69 5.24 35.52
N ALA H 75 35.96 6.35 35.61
CA ALA H 75 35.58 6.89 36.90
C ALA H 75 34.71 5.91 37.68
N GLN H 76 33.82 5.20 37.00
CA GLN H 76 32.93 4.27 37.69
C GLN H 76 33.70 3.11 38.30
N THR H 77 34.69 2.57 37.57
CA THR H 77 35.53 1.53 38.14
C THR H 77 36.29 2.05 39.36
N THR H 78 36.81 3.27 39.27
CA THR H 78 37.52 3.84 40.42
C THR H 78 36.61 3.96 41.64
N GLU H 79 35.39 4.47 41.44
CA GLU H 79 34.48 4.66 42.59
C GLU H 79 34.03 3.32 43.14
N GLY H 80 33.83 2.32 42.29
CA GLY H 80 33.49 0.99 42.79
C GLY H 80 34.58 0.40 43.65
N ALA H 81 35.84 0.53 43.21
CA ALA H 81 36.95 0.08 44.04
C ALA H 81 36.98 0.83 45.36
N LEU H 82 36.75 2.14 45.32
CA LEU H 82 36.75 2.94 46.54
C LEU H 82 35.69 2.47 47.52
N SER H 83 34.48 2.22 47.02
CA SER H 83 33.40 1.77 47.90
C SER H 83 33.70 0.41 48.50
N GLU H 84 34.27 -0.50 47.70
CA GLU H 84 34.60 -1.81 48.23
C GLU H 84 35.68 -1.72 49.29
N ILE H 85 36.62 -0.78 49.13
CA ILE H 85 37.62 -0.57 50.17
C ILE H 85 36.98 0.00 51.44
N ASN H 86 36.07 0.96 51.28
CA ASN H 86 35.44 1.60 52.43
C ASN H 86 34.63 0.60 53.24
N ASN H 87 33.99 -0.35 52.56
CA ASN H 87 33.25 -1.39 53.28
C ASN H 87 34.17 -2.17 54.21
N ASN H 88 35.42 -2.42 53.78
CA ASN H 88 36.38 -3.09 54.64
C ASN H 88 36.71 -2.25 55.86
N LEU H 89 36.85 -0.94 55.68
CA LEU H 89 37.12 -0.07 56.83
C LEU H 89 35.96 -0.11 57.83
N GLN H 90 34.72 -0.11 57.34
CA GLN H 90 33.58 -0.23 58.24
C GLN H 90 33.60 -1.57 58.97
N ARG H 91 33.91 -2.65 58.24
CA ARG H 91 34.03 -3.96 58.84
C ARG H 91 35.07 -3.96 59.97
N ILE H 92 36.22 -3.33 59.73
CA ILE H 92 37.26 -3.25 60.74
C ILE H 92 36.80 -2.41 61.93
N ARG H 93 36.13 -1.30 61.67
CA ARG H 93 35.68 -0.41 62.73
C ARG H 93 34.73 -1.11 63.68
N GLU H 94 33.79 -1.89 63.13
CA GLU H 94 32.78 -2.51 63.99
C GLU H 94 33.42 -3.48 64.98
N LEU H 95 34.41 -4.25 64.53
CA LEU H 95 35.12 -5.14 65.45
C LEU H 95 36.04 -4.37 66.38
N THR H 96 36.66 -3.28 65.89
CA THR H 96 37.60 -2.53 66.71
C THR H 96 36.88 -1.86 67.88
N VAL H 97 35.61 -1.49 67.69
CA VAL H 97 34.83 -0.97 68.79
C VAL H 97 34.71 -2.01 69.90
N GLN H 98 34.44 -3.26 69.53
CA GLN H 98 34.27 -4.32 70.51
C GLN H 98 35.60 -4.76 71.11
N ALA H 99 36.70 -4.56 70.37
CA ALA H 99 37.99 -5.11 70.78
C ALA H 99 38.47 -4.50 72.08
N SER H 100 38.29 -3.18 72.26
CA SER H 100 38.81 -2.51 73.43
C SER H 100 38.10 -2.89 74.72
N THR H 101 36.98 -3.62 74.61
CA THR H 101 36.25 -4.04 75.80
C THR H 101 37.12 -4.93 76.68
N GLY H 102 37.14 -4.64 77.98
CA GLY H 102 37.99 -5.38 78.88
C GLY H 102 37.47 -6.76 79.22
N THR H 103 36.19 -7.03 78.92
CA THR H 103 35.63 -8.34 79.21
C THR H 103 36.30 -9.43 78.37
N ASN H 104 36.62 -9.12 77.12
CA ASN H 104 37.21 -10.12 76.24
C ASN H 104 38.58 -10.54 76.73
N SER H 105 38.87 -11.83 76.62
CA SER H 105 40.13 -12.39 77.09
C SER H 105 41.19 -12.34 75.99
N ASP H 106 42.39 -12.82 76.31
CA ASP H 106 43.50 -12.74 75.37
C ASP H 106 43.23 -13.55 74.11
N SER H 107 42.63 -14.73 74.26
CA SER H 107 42.29 -15.54 73.10
C SER H 107 41.28 -14.81 72.21
N ASP H 108 40.32 -14.12 72.82
CA ASP H 108 39.38 -13.32 72.05
C ASP H 108 40.10 -12.21 71.28
N LEU H 109 41.07 -11.55 71.94
CA LEU H 109 41.84 -10.51 71.27
C LEU H 109 42.60 -11.08 70.07
N ASP H 110 43.21 -12.26 70.23
CA ASP H 110 43.94 -12.87 69.12
C ASP H 110 43.02 -13.24 67.98
N SER H 111 41.84 -13.79 68.30
CA SER H 111 40.89 -14.15 67.25
C SER H 111 40.40 -12.91 66.50
N ILE H 112 40.20 -11.81 67.21
CA ILE H 112 39.85 -10.56 66.55
C ILE H 112 40.99 -10.09 65.66
N GLN H 113 42.22 -10.11 66.19
CA GLN H 113 43.38 -9.59 65.48
C GLN H 113 43.62 -10.35 64.18
N ASP H 114 43.39 -11.67 64.19
CA ASP H 114 43.53 -12.44 62.96
C ASP H 114 42.61 -11.91 61.87
N GLU H 115 41.33 -11.67 62.20
CA GLU H 115 40.37 -11.22 61.21
C GLU H 115 40.69 -9.80 60.75
N ILE H 116 41.14 -8.94 61.67
CA ILE H 116 41.51 -7.58 61.27
C ILE H 116 42.71 -7.60 60.33
N LYS H 117 43.69 -8.45 60.62
CA LYS H 117 44.84 -8.57 59.74
C LYS H 117 44.42 -9.08 58.36
N SER H 118 43.50 -10.04 58.33
CA SER H 118 43.00 -10.54 57.05
C SER H 118 42.32 -9.43 56.26
N ARG H 119 41.49 -8.62 56.92
CA ARG H 119 40.84 -7.51 56.24
C ARG H 119 41.84 -6.48 55.74
N LEU H 120 42.85 -6.17 56.56
CA LEU H 120 43.86 -5.20 56.16
C LEU H 120 44.64 -5.68 54.95
N ASP H 121 44.98 -6.98 54.91
CA ASP H 121 45.66 -7.52 53.74
C ASP H 121 44.75 -7.53 52.53
N GLU H 122 43.46 -7.79 52.74
CA GLU H 122 42.50 -7.73 51.63
C GLU H 122 42.41 -6.33 51.07
N ILE H 123 42.54 -5.31 51.92
CA ILE H 123 42.53 -3.93 51.43
C ILE H 123 43.70 -3.68 50.49
N ASP H 124 44.90 -4.14 50.87
CA ASP H 124 46.05 -4.00 49.99
C ASP H 124 45.85 -4.78 48.70
N ARG H 125 45.28 -5.98 48.79
CA ARG H 125 45.04 -6.78 47.59
C ARG H 125 44.10 -6.06 46.63
N VAL H 126 42.96 -5.59 47.13
CA VAL H 126 41.99 -4.93 46.27
C VAL H 126 42.57 -3.64 45.72
N SER H 127 43.39 -2.94 46.50
CA SER H 127 44.06 -1.74 46.00
C SER H 127 44.97 -2.08 44.82
N GLY H 128 45.81 -3.10 44.99
CA GLY H 128 46.78 -3.42 43.95
C GLY H 128 46.16 -3.98 42.69
N GLN H 129 45.16 -4.86 42.84
CA GLN H 129 44.75 -5.69 41.72
C GLN H 129 43.94 -4.90 40.68
N THR H 130 43.06 -4.02 41.13
CA THR H 130 42.17 -3.31 40.21
C THR H 130 42.98 -2.47 39.22
N GLN H 131 42.56 -2.52 37.96
CA GLN H 131 43.25 -1.79 36.89
C GLN H 131 42.27 -1.59 35.75
N PHE H 132 42.47 -0.49 35.02
CA PHE H 132 41.63 -0.15 33.88
C PHE H 132 42.51 -0.04 32.64
N ASN H 133 42.24 -0.88 31.64
CA ASN H 133 42.89 -0.82 30.34
C ASN H 133 44.41 -0.83 30.47
N GLY H 134 44.92 -1.77 31.27
CA GLY H 134 46.35 -1.86 31.47
C GLY H 134 46.93 -0.83 32.41
N VAL H 135 46.09 -0.02 33.06
CA VAL H 135 46.53 1.02 33.98
C VAL H 135 45.84 0.80 35.32
N ASN H 136 46.63 0.69 36.38
CA ASN H 136 46.10 0.58 37.74
C ASN H 136 45.81 1.98 38.26
N VAL H 137 44.53 2.25 38.53
CA VAL H 137 44.15 3.59 38.97
C VAL H 137 44.68 3.88 40.37
N LEU H 138 44.68 2.87 41.25
CA LEU H 138 45.03 3.07 42.64
C LEU H 138 46.49 2.76 42.96
N ALA H 139 47.29 2.37 41.97
CA ALA H 139 48.66 1.96 42.25
C ALA H 139 49.52 3.12 42.71
N LYS H 140 49.50 4.23 41.95
CA LYS H 140 50.42 5.33 42.21
C LYS H 140 49.66 6.65 42.18
N ASP H 141 50.19 7.62 42.93
CA ASP H 141 49.66 8.98 42.88
C ASP H 141 50.09 9.62 41.57
N GLY H 142 49.13 10.24 40.88
CA GLY H 142 49.45 10.87 39.61
C GLY H 142 48.26 11.64 39.07
N SER H 143 48.45 12.19 37.87
CA SER H 143 47.43 12.96 37.18
C SER H 143 47.09 12.28 35.86
N MET H 144 45.79 12.13 35.60
CA MET H 144 45.30 11.51 34.38
C MET H 144 44.56 12.55 33.56
N LYS H 145 44.98 12.72 32.30
CA LYS H 145 44.46 13.76 31.43
C LYS H 145 43.37 13.19 30.53
N ILE H 146 42.23 13.88 30.47
CA ILE H 146 41.15 13.54 29.57
C ILE H 146 40.98 14.68 28.58
N GLN H 147 41.37 14.43 27.33
CA GLN H 147 41.41 15.48 26.31
C GLN H 147 40.00 15.60 25.73
N VAL H 148 39.21 16.53 26.27
CA VAL H 148 37.80 16.64 25.95
C VAL H 148 37.53 17.75 24.94
N GLY H 149 38.54 18.46 24.51
CA GLY H 149 38.39 19.59 23.60
C GLY H 149 38.89 19.24 22.20
N ALA H 150 38.12 19.64 21.20
CA ALA H 150 38.54 19.42 19.81
C ALA H 150 39.79 20.23 19.47
N ASN H 151 40.09 21.24 20.28
CA ASN H 151 41.30 22.03 20.10
C ASN H 151 42.37 21.61 21.10
N ASP H 152 43.51 22.30 21.03
CA ASP H 152 44.67 21.95 21.83
C ASP H 152 44.49 22.38 23.28
N GLY H 153 45.09 21.61 24.19
CA GLY H 153 45.28 22.02 25.56
C GLY H 153 44.11 21.78 26.50
N GLN H 154 42.99 21.28 26.02
CA GLN H 154 41.82 21.09 26.86
C GLN H 154 41.82 19.68 27.42
N THR H 155 42.42 19.53 28.61
CA THR H 155 42.46 18.27 29.32
C THR H 155 41.92 18.48 30.73
N ILE H 156 40.90 17.69 31.09
CA ILE H 156 40.34 17.71 32.44
C ILE H 156 41.16 16.74 33.27
N THR H 157 42.08 17.29 34.05
CA THR H 157 42.98 16.45 34.84
C THR H 157 42.20 15.64 35.88
N ILE H 158 42.51 14.36 35.95
CA ILE H 158 41.92 13.46 36.94
C ILE H 158 42.95 13.25 38.04
N ASP H 159 42.59 13.58 39.27
CA ASP H 159 43.49 13.48 40.41
C ASP H 159 43.38 12.11 41.08
N LEU H 160 44.45 11.32 40.95
CA LEU H 160 44.54 10.00 41.54
C LEU H 160 45.73 9.96 42.47
N LYS H 161 45.51 9.59 43.72
CA LYS H 161 46.57 9.38 44.68
C LYS H 161 46.59 7.91 45.08
N LYS H 162 47.79 7.37 45.29
CA LYS H 162 47.92 5.95 45.60
C LYS H 162 47.20 5.62 46.90
N ILE H 163 46.57 4.44 46.94
CA ILE H 163 45.70 4.06 48.04
C ILE H 163 46.15 2.71 48.61
N ASP H 164 46.91 2.74 49.69
CA ASP H 164 47.28 1.50 50.38
C ASP H 164 47.16 1.70 51.89
N SER H 165 47.35 0.59 52.62
CA SER H 165 47.20 0.63 54.07
C SER H 165 48.19 1.61 54.70
N ASP H 166 49.41 1.67 54.16
CA ASP H 166 50.38 2.64 54.68
C ASP H 166 49.96 4.06 54.34
N THR H 167 49.52 4.29 53.09
CA THR H 167 49.12 5.64 52.68
C THR H 167 47.92 6.12 53.48
N LEU H 168 46.93 5.25 53.67
CA LEU H 168 45.77 5.62 54.49
C LEU H 168 46.16 5.85 55.94
N GLY H 169 47.30 5.32 56.37
CA GLY H 169 47.68 5.52 57.75
C GLY H 169 48.32 4.34 58.46
N LEU H 170 47.64 3.87 59.49
CA LEU H 170 48.18 3.12 60.62
C LEU H 170 49.18 2.05 60.20
N ASN H 171 48.77 0.97 59.53
CA ASN H 171 49.62 -0.09 59.00
C ASN H 171 50.32 -0.86 60.12
N GLY H 172 50.43 -0.24 61.30
CA GLY H 172 50.92 -0.90 62.49
C GLY H 172 49.86 -1.28 63.50
N PHE H 173 48.85 -2.04 63.09
CA PHE H 173 47.63 -2.16 63.90
C PHE H 173 47.73 -3.39 64.79
N ASN H 174 47.50 -3.19 66.09
CA ASN H 174 47.46 -4.27 67.07
C ASN H 174 46.44 -3.92 68.14
N VAL H 175 45.75 -4.94 68.65
CA VAL H 175 44.83 -4.77 69.77
C VAL H 175 45.16 -5.67 70.95
N ASN H 176 46.07 -6.63 70.78
CA ASN H 176 46.43 -7.57 71.84
C ASN H 176 47.86 -7.36 72.35
N GLY H 177 48.45 -6.20 72.05
CA GLY H 177 49.80 -5.92 72.48
C GLY H 177 50.84 -6.70 71.69
N GLU H 455 52.92 -3.81 69.22
CA GLU H 455 52.14 -3.56 70.43
C GLU H 455 50.87 -2.79 70.07
N SER H 456 49.90 -2.76 70.98
CA SER H 456 48.60 -2.18 70.69
C SER H 456 48.73 -0.70 70.30
N THR H 457 47.92 -0.30 69.32
CA THR H 457 47.92 1.09 68.86
C THR H 457 47.38 2.01 69.94
N SER H 458 47.86 3.26 69.93
CA SER H 458 47.48 4.21 70.97
C SER H 458 45.99 4.50 70.95
N ASP H 459 45.41 4.72 69.78
CA ASP H 459 43.99 5.04 69.67
C ASP H 459 43.49 4.68 68.29
N PRO H 460 43.05 3.43 68.09
CA PRO H 460 42.65 2.98 66.74
C PRO H 460 41.53 3.78 66.10
N LEU H 461 40.55 4.20 66.90
CA LEU H 461 39.33 4.79 66.35
C LEU H 461 39.63 6.10 65.62
N ALA H 462 40.51 6.92 66.17
CA ALA H 462 40.86 8.19 65.54
C ALA H 462 41.50 7.96 64.17
N ALA H 463 42.44 7.00 64.10
CA ALA H 463 43.09 6.72 62.82
C ALA H 463 42.11 6.13 61.82
N LEU H 464 41.20 5.28 62.28
CA LEU H 464 40.19 4.72 61.38
C LEU H 464 39.29 5.81 60.81
N ASP H 465 38.84 6.73 61.66
CA ASP H 465 38.03 7.84 61.18
C ASP H 465 38.81 8.71 60.21
N ASP H 466 40.10 8.93 60.49
CA ASP H 466 40.95 9.69 59.58
C ASP H 466 41.01 9.02 58.21
N ALA H 467 41.21 7.70 58.18
CA ALA H 467 41.29 6.99 56.90
C ALA H 467 39.96 7.05 56.16
N ILE H 468 38.85 6.89 56.87
CA ILE H 468 37.54 6.96 56.23
C ILE H 468 37.30 8.34 55.62
N SER H 469 37.65 9.39 56.37
CA SER H 469 37.51 10.74 55.85
C SER H 469 38.41 10.95 54.63
N GLN H 470 39.60 10.36 54.65
CA GLN H 470 40.50 10.48 53.50
C GLN H 470 39.90 9.82 52.26
N ILE H 471 39.28 8.65 52.42
CA ILE H 471 38.63 7.99 51.30
C ILE H 471 37.44 8.80 50.81
N ASP H 472 36.74 9.46 51.73
CA ASP H 472 35.58 10.27 51.36
C ASP H 472 35.98 11.36 50.38
N LYS H 473 37.12 12.01 50.60
CA LYS H 473 37.57 13.05 49.69
C LYS H 473 37.81 12.50 48.29
N PHE H 474 38.42 11.32 48.18
CA PHE H 474 38.67 10.71 46.89
C PHE H 474 37.36 10.42 46.17
N ARG H 475 36.39 9.86 46.89
CA ARG H 475 35.10 9.57 46.27
C ARG H 475 34.41 10.84 45.82
N SER H 476 34.50 11.92 46.62
CA SER H 476 33.91 13.19 46.24
C SER H 476 34.57 13.74 44.99
N SER H 477 35.90 13.63 44.88
CA SER H 477 36.60 14.10 43.70
C SER H 477 36.16 13.34 42.46
N LEU H 478 36.02 12.02 42.57
CA LEU H 478 35.54 11.24 41.42
C LEU H 478 34.11 11.63 41.04
N GLY H 479 33.25 11.87 42.03
CA GLY H 479 31.92 12.36 41.72
C GLY H 479 31.95 13.69 40.98
N ALA H 480 32.83 14.59 41.44
CA ALA H 480 32.97 15.89 40.79
C ALA H 480 33.37 15.73 39.33
N VAL H 481 34.42 14.95 39.07
CA VAL H 481 34.90 14.81 37.70
C VAL H 481 33.87 14.09 36.84
N GLN H 482 33.12 13.15 37.43
CA GLN H 482 32.08 12.47 36.67
C GLN H 482 30.99 13.45 36.24
N ASN H 483 30.56 14.34 37.14
CA ASN H 483 29.58 15.35 36.75
C ASN H 483 30.15 16.30 35.70
N ARG H 484 31.43 16.68 35.84
CA ARG H 484 32.05 17.54 34.85
C ARG H 484 32.06 16.90 33.47
N LEU H 485 32.37 15.60 33.41
CA LEU H 485 32.36 14.91 32.13
C LEU H 485 30.94 14.77 31.59
N ASP H 486 29.95 14.62 32.48
CA ASP H 486 28.56 14.65 32.04
C ASP H 486 28.25 15.95 31.30
N SER H 487 28.60 17.07 31.93
CA SER H 487 28.36 18.38 31.31
C SER H 487 29.16 18.52 30.02
N ALA H 488 30.39 18.03 30.00
CA ALA H 488 31.21 18.12 28.80
C ALA H 488 30.59 17.36 27.64
N VAL H 489 30.11 16.15 27.90
CA VAL H 489 29.51 15.34 26.84
C VAL H 489 28.25 16.01 26.30
N THR H 490 27.37 16.48 27.19
CA THR H 490 26.14 17.09 26.69
C THR H 490 26.43 18.39 25.94
N ASN H 491 27.41 19.16 26.42
CA ASN H 491 27.83 20.36 25.70
C ASN H 491 28.34 20.03 24.32
N LEU H 492 29.19 19.00 24.21
CA LEU H 492 29.71 18.62 22.90
C LEU H 492 28.59 18.16 21.97
N ASN H 493 27.63 17.40 22.48
CA ASN H 493 26.52 16.97 21.64
C ASN H 493 25.74 18.17 21.10
N ASN H 494 25.43 19.13 21.98
CA ASN H 494 24.69 20.31 21.53
C ASN H 494 25.49 21.10 20.50
N THR H 495 26.78 21.28 20.74
CA THR H 495 27.59 22.08 19.84
C THR H 495 27.76 21.38 18.49
N THR H 496 27.84 20.05 18.51
CA THR H 496 27.88 19.30 17.25
C THR H 496 26.58 19.44 16.47
N THR H 497 25.45 19.40 17.17
CA THR H 497 24.18 19.63 16.47
C THR H 497 24.17 21.00 15.80
N ASN H 498 24.60 22.03 16.54
CA ASN H 498 24.63 23.38 15.99
C ASN H 498 25.57 23.49 14.80
N LEU H 499 26.76 22.88 14.90
CA LEU H 499 27.74 22.97 13.83
C LEU H 499 27.26 22.23 12.58
N SER H 500 26.64 21.08 12.75
CA SER H 500 26.09 20.34 11.61
C SER H 500 24.98 21.15 10.94
N GLU H 501 24.11 21.77 11.74
CA GLU H 501 23.08 22.63 11.14
C GLU H 501 23.70 23.80 10.39
N ALA H 502 24.78 24.37 10.95
CA ALA H 502 25.47 25.45 10.25
C ALA H 502 26.04 24.97 8.92
N GLN H 503 26.66 23.79 8.90
CA GLN H 503 27.21 23.27 7.66
C GLN H 503 26.13 23.01 6.64
N SER H 504 24.94 22.60 7.09
CA SER H 504 23.87 22.24 6.17
C SER H 504 23.56 23.37 5.19
N ARG H 505 23.63 24.62 5.64
CA ARG H 505 23.27 25.74 4.79
C ARG H 505 24.28 25.95 3.67
N ILE H 506 25.57 25.83 3.98
CA ILE H 506 26.61 26.21 3.02
C ILE H 506 26.58 25.30 1.80
N GLN H 507 26.53 23.98 2.01
CA GLN H 507 26.50 23.02 0.91
C GLN H 507 25.27 22.12 1.06
N ASP H 508 24.36 22.25 0.10
CA ASP H 508 23.19 21.39 0.00
C ASP H 508 22.64 21.55 -1.41
N ALA H 509 22.16 20.45 -2.00
CA ALA H 509 21.75 20.47 -3.39
C ALA H 509 20.58 21.42 -3.62
N ASP H 510 19.61 21.43 -2.70
CA ASP H 510 18.38 22.21 -2.85
C ASP H 510 17.69 21.84 -4.16
N TYR H 511 17.21 20.59 -4.19
CA TYR H 511 16.73 19.99 -5.42
C TYR H 511 15.63 20.81 -6.08
N ALA H 512 14.90 21.59 -5.28
CA ALA H 512 13.79 22.38 -5.81
C ALA H 512 14.28 23.34 -6.90
N THR H 513 15.39 24.04 -6.64
CA THR H 513 15.94 24.93 -7.66
C THR H 513 16.62 24.14 -8.77
N GLU H 514 17.29 23.03 -8.41
CA GLU H 514 18.12 22.33 -9.39
C GLU H 514 17.29 21.67 -10.47
N VAL H 515 16.16 21.06 -10.10
CA VAL H 515 15.32 20.42 -11.11
C VAL H 515 14.76 21.45 -12.07
N SER H 516 14.33 22.60 -11.56
CA SER H 516 13.83 23.65 -12.43
C SER H 516 14.92 24.17 -13.36
N ASN H 517 16.14 24.37 -12.83
CA ASN H 517 17.24 24.82 -13.67
C ASN H 517 17.56 23.81 -14.76
N MET H 518 17.56 22.52 -14.41
CA MET H 518 17.80 21.47 -15.39
C MET H 518 16.72 21.48 -16.48
N SER H 519 15.46 21.66 -16.08
CA SER H 519 14.40 21.73 -17.07
C SER H 519 14.59 22.91 -18.01
N LYS H 520 14.93 24.08 -17.46
CA LYS H 520 15.15 25.26 -18.30
C LYS H 520 16.29 25.02 -19.28
N ALA H 521 17.40 24.44 -18.79
CA ALA H 521 18.54 24.21 -19.66
C ALA H 521 18.20 23.21 -20.77
N GLN H 522 17.45 22.16 -20.43
CA GLN H 522 17.03 21.20 -21.46
C GLN H 522 16.16 21.87 -22.51
N ILE H 523 15.21 22.71 -22.09
CA ILE H 523 14.35 23.40 -23.04
C ILE H 523 15.18 24.30 -23.94
N ILE H 524 16.14 25.03 -23.36
CA ILE H 524 16.99 25.92 -24.14
C ILE H 524 17.79 25.13 -25.16
N GLN H 525 18.37 24.00 -24.76
CA GLN H 525 19.18 23.22 -25.68
C GLN H 525 18.35 22.67 -26.82
N GLN H 526 17.17 22.13 -26.51
CA GLN H 526 16.30 21.60 -27.57
C GLN H 526 15.87 22.70 -28.52
N ALA H 527 15.50 23.87 -27.98
CA ALA H 527 15.10 24.99 -28.83
C ALA H 527 16.25 25.44 -29.71
N GLY H 528 17.46 25.50 -29.15
CA GLY H 528 18.61 25.92 -29.93
C GLY H 528 18.92 24.97 -31.07
N ASN H 529 18.85 23.66 -30.79
CA ASN H 529 19.06 22.68 -31.87
C ASN H 529 17.96 22.79 -32.92
N SER H 530 16.71 22.97 -32.50
CA SER H 530 15.61 23.09 -33.45
C SER H 530 15.77 24.31 -34.34
N VAL H 531 16.20 25.44 -33.77
CA VAL H 531 16.35 26.64 -34.59
C VAL H 531 17.61 26.57 -35.43
N LEU H 532 18.64 25.85 -34.97
CA LEU H 532 19.81 25.62 -35.81
C LEU H 532 19.44 24.79 -37.03
N ALA H 533 18.49 23.87 -36.87
CA ALA H 533 17.98 23.13 -38.02
C ALA H 533 17.44 24.08 -39.08
N LYS H 534 16.55 25.00 -38.69
CA LYS H 534 15.99 25.94 -39.66
C LYS H 534 17.08 26.87 -40.21
N ALA H 535 18.06 27.21 -39.39
CA ALA H 535 19.18 28.02 -39.87
C ALA H 535 19.92 27.30 -41.00
N ASN H 536 20.14 26.00 -40.85
CA ASN H 536 20.77 25.23 -41.91
C ASN H 536 19.84 25.09 -43.11
N GLN H 537 18.52 25.07 -42.88
CA GLN H 537 17.59 24.93 -43.99
C GLN H 537 17.42 26.23 -44.77
N VAL H 538 17.80 27.36 -44.19
CA VAL H 538 17.62 28.66 -44.84
C VAL H 538 18.31 28.76 -46.20
N PRO H 539 19.59 28.43 -46.36
CA PRO H 539 20.32 28.85 -47.57
C PRO H 539 20.05 28.04 -48.83
N GLN H 540 19.01 27.22 -48.91
CA GLN H 540 18.80 26.50 -50.17
C GLN H 540 18.13 27.35 -51.24
N GLN H 541 17.62 28.54 -50.88
CA GLN H 541 17.03 29.41 -51.90
C GLN H 541 18.08 29.84 -52.93
N VAL H 542 19.36 29.75 -52.58
CA VAL H 542 20.41 30.08 -53.52
C VAL H 542 20.35 29.16 -54.73
N LEU H 543 20.19 27.86 -54.50
CA LEU H 543 20.09 26.91 -55.61
C LEU H 543 18.85 27.18 -56.45
N SER H 544 17.73 27.54 -55.80
CA SER H 544 16.52 27.85 -56.54
C SER H 544 16.70 29.07 -57.44
N LEU H 545 17.44 30.08 -56.95
CA LEU H 545 17.66 31.28 -57.76
C LEU H 545 18.38 30.95 -59.07
N LEU H 546 19.31 29.98 -59.03
CA LEU H 546 20.08 29.65 -60.23
C LEU H 546 19.16 29.10 -61.33
N GLN H 547 18.23 28.23 -60.97
CA GLN H 547 17.35 27.63 -61.96
C GLN H 547 15.88 27.88 -61.60
N ALA I 2 10.50 44.86 -74.50
CA ALA I 2 11.03 45.70 -73.44
C ALA I 2 11.80 46.88 -74.02
N GLN I 3 12.37 47.70 -73.14
CA GLN I 3 13.12 48.88 -73.56
C GLN I 3 14.56 48.87 -73.07
N VAL I 4 14.83 48.27 -71.91
CA VAL I 4 16.15 48.30 -71.29
C VAL I 4 16.62 46.88 -71.09
N ILE I 5 17.91 46.65 -71.33
CA ILE I 5 18.53 45.34 -71.12
C ILE I 5 19.73 45.50 -70.21
N ASN I 6 20.28 46.71 -70.15
CA ASN I 6 21.52 46.93 -69.41
C ASN I 6 21.28 46.86 -67.91
N THR I 7 20.11 47.27 -67.45
CA THR I 7 19.79 47.28 -66.03
C THR I 7 18.36 46.78 -65.82
N ASN I 8 18.16 45.95 -64.81
CA ASN I 8 16.85 45.42 -64.46
C ASN I 8 16.42 46.06 -63.14
N SER I 9 15.55 47.08 -63.24
CA SER I 9 15.12 47.80 -62.05
C SER I 9 14.33 46.90 -61.10
N LEU I 10 13.46 46.06 -61.66
CA LEU I 10 12.63 45.17 -60.84
C LEU I 10 13.49 44.26 -59.98
N SER I 11 14.60 43.77 -60.53
CA SER I 11 15.49 42.89 -59.78
C SER I 11 16.02 43.58 -58.53
N LEU I 12 16.57 44.79 -58.67
CA LEU I 12 17.11 45.50 -57.53
C LEU I 12 16.01 45.88 -56.54
N ILE I 13 14.85 46.28 -57.06
CA ILE I 13 13.73 46.65 -56.19
C ILE I 13 13.33 45.46 -55.32
N THR I 14 13.25 44.27 -55.92
CA THR I 14 12.97 43.07 -55.13
C THR I 14 14.11 42.77 -54.17
N GLN I 15 15.35 42.96 -54.62
CA GLN I 15 16.51 42.60 -53.79
C GLN I 15 16.55 43.40 -52.50
N ASN I 16 16.23 44.69 -52.58
CA ASN I 16 16.24 45.53 -51.38
C ASN I 16 15.27 45.00 -50.33
N ASN I 17 14.07 44.60 -50.76
CA ASN I 17 13.10 44.01 -49.85
C ASN I 17 13.67 42.78 -49.16
N ILE I 18 14.52 42.03 -49.87
CA ILE I 18 15.15 40.85 -49.28
C ILE I 18 16.05 41.27 -48.11
N ASN I 19 16.76 42.38 -48.26
CA ASN I 19 17.63 42.85 -47.18
C ASN I 19 16.82 43.30 -45.97
N LYS I 20 15.77 44.09 -46.20
CA LYS I 20 14.90 44.46 -45.07
C LYS I 20 14.25 43.24 -44.45
N ASN I 21 14.03 42.19 -45.24
CA ASN I 21 13.53 40.94 -44.66
C ASN I 21 14.59 40.28 -43.78
N GLN I 22 15.80 40.14 -44.29
CA GLN I 22 16.80 39.33 -43.62
C GLN I 22 17.30 40.00 -42.33
N SER I 23 17.26 41.34 -42.28
CA SER I 23 17.58 41.98 -41.01
C SER I 23 16.67 41.48 -39.88
N ALA I 24 15.36 41.57 -40.11
CA ALA I 24 14.40 41.11 -39.10
C ALA I 24 14.49 39.61 -38.89
N LEU I 25 14.77 38.86 -39.95
CA LEU I 25 14.87 37.40 -39.82
C LEU I 25 16.04 37.01 -38.94
N SER I 26 17.20 37.63 -39.17
CA SER I 26 18.38 37.36 -38.35
C SER I 26 18.13 37.77 -36.90
N SER I 27 17.44 38.89 -36.70
CA SER I 27 17.06 39.24 -35.33
C SER I 27 16.17 38.18 -34.71
N SER I 28 15.16 37.74 -35.45
CA SER I 28 14.16 36.82 -34.90
C SER I 28 14.77 35.48 -34.53
N ILE I 29 15.65 34.95 -35.39
CA ILE I 29 16.23 33.64 -35.10
C ILE I 29 17.08 33.68 -33.84
N GLU I 30 17.91 34.72 -33.70
CA GLU I 30 18.79 34.78 -32.54
C GLU I 30 18.00 35.07 -31.27
N ARG I 31 16.89 35.80 -31.38
CA ARG I 31 16.01 35.94 -30.21
C ARG I 31 15.34 34.62 -29.86
N LEU I 32 15.00 33.82 -30.87
CA LEU I 32 14.30 32.57 -30.62
C LEU I 32 15.26 31.52 -30.05
N SER I 33 16.54 31.61 -30.40
CA SER I 33 17.52 30.65 -29.90
C SER I 33 17.82 30.89 -28.43
N SER I 34 18.02 32.14 -28.04
CA SER I 34 18.38 32.44 -26.66
C SER I 34 17.14 32.68 -25.81
N GLY I 35 17.28 32.43 -24.51
CA GLY I 35 16.17 32.67 -23.60
C GLY I 35 16.01 34.13 -23.25
N LEU I 36 16.93 34.97 -23.71
CA LEU I 36 16.93 36.39 -23.41
C LEU I 36 16.49 37.17 -24.64
N ARG I 37 15.56 38.10 -24.45
CA ARG I 37 15.19 38.99 -25.55
C ARG I 37 16.24 40.06 -25.80
N ILE I 38 17.17 40.25 -24.86
N ILE I 38 17.16 40.26 -24.86
CA ILE I 38 18.18 41.30 -25.01
CA ILE I 38 18.17 41.30 -25.01
C ILE I 38 19.10 40.99 -26.18
C ILE I 38 19.10 40.99 -26.18
N ASN I 39 19.85 39.88 -26.08
CA ASN I 39 20.70 39.39 -27.16
C ASN I 39 21.68 40.46 -27.66
N SER I 40 22.60 40.89 -26.78
CA SER I 40 23.62 41.85 -27.19
C SER I 40 22.94 43.13 -27.70
N ALA I 41 22.34 43.90 -26.78
CA ALA I 41 21.27 44.81 -27.13
C ALA I 41 21.74 45.96 -28.03
N LYS I 42 21.76 45.70 -29.34
CA LYS I 42 22.02 46.75 -30.31
C LYS I 42 20.96 47.84 -30.24
N ASP I 43 19.81 47.53 -29.65
CA ASP I 43 18.76 48.52 -29.46
C ASP I 43 19.13 49.49 -28.34
N ASP I 44 18.16 50.30 -27.95
CA ASP I 44 18.38 51.30 -26.91
C ASP I 44 18.91 50.64 -25.64
N ALA I 45 19.95 51.25 -25.07
CA ALA I 45 20.71 50.59 -24.01
C ALA I 45 20.00 50.68 -22.67
N ALA I 46 18.99 51.54 -22.56
CA ALA I 46 18.33 51.75 -21.27
C ALA I 46 17.70 50.46 -20.75
N GLY I 47 16.92 49.78 -21.59
CA GLY I 47 16.25 48.56 -21.15
C GLY I 47 17.24 47.50 -20.72
N GLN I 48 18.33 47.34 -21.48
CA GLN I 48 19.36 46.38 -21.12
C GLN I 48 20.02 46.75 -19.79
N ALA I 49 20.35 48.03 -19.61
CA ALA I 49 21.09 48.44 -18.42
C ALA I 49 20.25 48.30 -17.16
N ILE I 50 18.95 48.60 -17.24
CA ILE I 50 18.12 48.47 -16.05
C ILE I 50 18.11 47.03 -15.56
N ALA I 51 17.86 46.07 -16.47
CA ALA I 51 17.89 44.66 -16.07
C ALA I 51 19.29 44.24 -15.66
N ASN I 52 20.31 44.84 -16.25
CA ASN I 52 21.68 44.52 -15.87
C ASN I 52 21.93 44.85 -14.41
N ARG I 53 21.44 46.00 -13.95
CA ARG I 53 21.65 46.34 -12.55
C ARG I 53 20.67 45.61 -11.64
N PHE I 54 19.50 45.23 -12.18
CA PHE I 54 18.65 44.28 -11.46
C PHE I 54 19.39 42.99 -11.12
N THR I 55 20.19 42.49 -12.07
CA THR I 55 20.93 41.26 -11.82
C THR I 55 21.91 41.42 -10.66
N SER I 56 22.65 42.53 -10.64
CA SER I 56 23.61 42.76 -9.57
C SER I 56 22.90 42.96 -8.23
N ASN I 57 21.73 43.60 -8.25
CA ASN I 57 20.95 43.72 -7.02
C ASN I 57 20.50 42.36 -6.51
N ILE I 58 20.03 41.49 -7.42
CA ILE I 58 19.50 40.19 -7.02
C ILE I 58 20.60 39.30 -6.45
N LYS I 59 21.77 39.30 -7.10
CA LYS I 59 22.88 38.49 -6.59
C LYS I 59 23.30 38.95 -5.20
N GLY I 60 23.38 40.27 -4.99
CA GLY I 60 23.71 40.79 -3.68
C GLY I 60 22.68 40.44 -2.63
N LEU I 61 21.39 40.49 -3.00
CA LEU I 61 20.34 40.11 -2.06
C LEU I 61 20.46 38.64 -1.67
N THR I 62 20.76 37.77 -2.65
CA THR I 62 20.91 36.35 -2.34
C THR I 62 22.10 36.11 -1.42
N GLN I 63 23.23 36.80 -1.68
CA GLN I 63 24.39 36.66 -0.81
C GLN I 63 24.07 37.17 0.60
N ALA I 64 23.29 38.25 0.70
CA ALA I 64 22.88 38.77 2.00
C ALA I 64 22.01 37.75 2.73
N ALA I 65 21.10 37.08 2.00
CA ALA I 65 20.29 36.03 2.63
C ALA I 65 21.17 34.91 3.15
N ARG I 66 22.19 34.53 2.37
CA ARG I 66 23.11 33.49 2.84
C ARG I 66 23.85 33.92 4.11
N ASN I 67 24.30 35.18 4.16
CA ASN I 67 24.98 35.67 5.36
C ASN I 67 24.04 35.69 6.56
N ALA I 68 22.77 36.06 6.33
CA ALA I 68 21.79 36.05 7.41
C ALA I 68 21.56 34.64 7.93
N ASN I 69 21.49 33.66 7.03
CA ASN I 69 21.39 32.27 7.46
C ASN I 69 22.66 31.84 8.20
N ASP I 70 23.80 32.43 7.84
CA ASP I 70 25.05 32.08 8.50
C ASP I 70 25.07 32.55 9.95
N GLY I 71 24.67 33.80 10.19
CA GLY I 71 24.81 34.38 11.53
C GLY I 71 23.98 33.68 12.58
N ILE I 72 22.81 33.16 12.19
CA ILE I 72 21.91 32.54 13.16
C ILE I 72 22.56 31.31 13.78
N SER I 73 23.46 30.65 13.04
CA SER I 73 24.16 29.49 13.58
C SER I 73 25.06 29.87 14.75
N VAL I 74 25.82 30.97 14.60
CA VAL I 74 26.66 31.45 15.69
C VAL I 74 25.78 31.85 16.87
N ALA I 75 24.67 32.53 16.59
CA ALA I 75 23.75 32.90 17.67
C ALA I 75 23.28 31.66 18.45
N GLN I 76 22.87 30.62 17.73
CA GLN I 76 22.37 29.41 18.37
C GLN I 76 23.47 28.72 19.17
N THR I 77 24.69 28.67 18.62
CA THR I 77 25.79 28.04 19.34
C THR I 77 26.07 28.75 20.65
N THR I 78 26.13 30.08 20.62
CA THR I 78 26.39 30.82 21.86
C THR I 78 25.25 30.64 22.85
N GLU I 79 24.01 30.63 22.36
CA GLU I 79 22.87 30.42 23.24
C GLU I 79 22.92 29.04 23.89
N GLY I 80 23.30 28.02 23.13
CA GLY I 80 23.43 26.69 23.71
C GLY I 80 24.51 26.62 24.76
N ALA I 81 25.64 27.28 24.52
CA ALA I 81 26.69 27.33 25.54
C ALA I 81 26.18 28.00 26.81
N LEU I 82 25.43 29.10 26.66
CA LEU I 82 24.87 29.78 27.82
C LEU I 82 23.88 28.87 28.56
N SER I 83 23.07 28.13 27.81
CA SER I 83 22.12 27.20 28.42
C SER I 83 22.85 26.14 29.24
N GLU I 84 23.97 25.64 28.70
CA GLU I 84 24.75 24.67 29.46
C GLU I 84 25.33 25.30 30.73
N ILE I 85 25.80 26.54 30.64
CA ILE I 85 26.37 27.21 31.81
C ILE I 85 25.32 27.43 32.89
N ASN I 86 24.07 27.70 32.48
CA ASN I 86 23.02 28.01 33.44
C ASN I 86 22.77 26.84 34.40
N ASN I 87 22.78 25.62 33.88
CA ASN I 87 22.54 24.46 34.73
C ASN I 87 23.64 24.30 35.78
N ASN I 88 24.89 24.52 35.38
CA ASN I 88 26.00 24.47 36.33
C ASN I 88 25.83 25.52 37.42
N LEU I 89 25.45 26.74 37.03
CA LEU I 89 25.22 27.78 38.02
C LEU I 89 24.07 27.40 38.96
N GLN I 90 23.02 26.78 38.43
CA GLN I 90 21.91 26.36 39.26
C GLN I 90 22.34 25.31 40.27
N ARG I 91 23.14 24.33 39.84
CA ARG I 91 23.62 23.30 40.75
C ARG I 91 24.51 23.91 41.83
N ILE I 92 25.35 24.88 41.45
CA ILE I 92 26.15 25.59 42.45
C ILE I 92 25.25 26.28 43.47
N ARG I 93 24.16 26.89 43.01
CA ARG I 93 23.25 27.55 43.93
C ARG I 93 22.62 26.55 44.89
N GLU I 94 22.23 25.37 44.39
CA GLU I 94 21.66 24.35 45.26
C GLU I 94 22.66 23.91 46.32
N LEU I 95 23.90 23.66 45.91
CA LEU I 95 24.88 23.17 46.87
C LEU I 95 25.25 24.27 47.86
N THR I 96 25.18 25.52 47.44
CA THR I 96 25.34 26.63 48.37
C THR I 96 24.21 26.66 49.39
N VAL I 97 22.98 26.41 48.94
CA VAL I 97 21.85 26.30 49.87
C VAL I 97 22.13 25.20 50.90
N GLN I 98 22.68 24.08 50.44
CA GLN I 98 23.12 23.05 51.38
C GLN I 98 24.15 23.58 52.38
N ALA I 99 25.20 24.23 51.87
CA ALA I 99 26.30 24.64 52.73
C ALA I 99 25.90 25.77 53.67
N SER I 100 24.73 26.38 53.43
CA SER I 100 24.31 27.52 54.24
C SER I 100 24.15 27.15 55.71
N THR I 101 23.57 25.98 55.99
CA THR I 101 23.30 25.61 57.37
C THR I 101 24.59 25.28 58.11
N GLY I 102 24.50 25.32 59.45
CA GLY I 102 25.63 24.91 60.27
C GLY I 102 25.60 23.45 60.64
N THR I 103 24.61 22.70 60.14
CA THR I 103 24.52 21.28 60.46
C THR I 103 25.72 20.51 59.92
N ASN I 104 26.16 20.84 58.71
CA ASN I 104 27.28 20.15 58.10
C ASN I 104 28.55 20.38 58.89
N SER I 105 29.38 19.34 59.00
CA SER I 105 30.65 19.46 59.69
C SER I 105 31.70 20.12 58.80
N ASP I 106 32.88 20.34 59.37
CA ASP I 106 33.95 21.01 58.63
C ASP I 106 34.34 20.20 57.40
N SER I 107 34.46 18.88 57.54
CA SER I 107 34.82 18.05 56.40
C SER I 107 33.71 18.07 55.34
N ASP I 108 32.45 18.08 55.78
CA ASP I 108 31.35 18.17 54.83
C ASP I 108 31.40 19.48 54.06
N LEU I 109 31.67 20.59 54.75
CA LEU I 109 31.80 21.87 54.07
C LEU I 109 33.00 21.89 53.14
N ASP I 110 34.08 21.18 53.49
CA ASP I 110 35.23 21.10 52.61
C ASP I 110 34.90 20.33 51.34
N SER I 111 34.16 19.23 51.47
CA SER I 111 33.70 18.50 50.29
C SER I 111 32.79 19.37 49.44
N ILE I 112 31.94 20.17 50.09
CA ILE I 112 31.09 21.11 49.36
C ILE I 112 31.95 22.13 48.61
N GLN I 113 33.00 22.61 49.26
CA GLN I 113 33.95 23.51 48.59
C GLN I 113 34.55 22.86 47.36
N ASP I 114 34.94 21.59 47.48
CA ASP I 114 35.51 20.87 46.35
C ASP I 114 34.53 20.78 45.20
N GLU I 115 33.27 20.44 45.50
CA GLU I 115 32.25 20.37 44.46
C GLU I 115 32.03 21.73 43.80
N ILE I 116 31.94 22.79 44.60
CA ILE I 116 31.74 24.14 44.07
C ILE I 116 32.91 24.52 43.17
N LYS I 117 34.13 24.24 43.61
CA LYS I 117 35.30 24.60 42.82
C LYS I 117 35.33 23.84 41.51
N SER I 118 34.98 22.55 41.53
CA SER I 118 34.92 21.79 40.29
C SER I 118 33.89 22.36 39.33
N ARG I 119 32.70 22.69 39.85
CA ARG I 119 31.66 23.24 39.00
C ARG I 119 32.09 24.58 38.39
N LEU I 120 32.70 25.45 39.22
CA LEU I 120 33.14 26.75 38.73
C LEU I 120 34.26 26.61 37.72
N ASP I 121 35.14 25.63 37.91
CA ASP I 121 36.19 25.38 36.93
C ASP I 121 35.59 24.90 35.61
N GLU I 122 34.53 24.11 35.69
CA GLU I 122 33.83 23.71 34.47
C GLU I 122 33.23 24.93 33.77
N ILE I 123 32.64 25.85 34.53
CA ILE I 123 32.12 27.08 33.94
C ILE I 123 33.23 27.88 33.27
N ASP I 124 34.37 28.00 33.94
CA ASP I 124 35.50 28.73 33.37
C ASP I 124 35.95 28.08 32.07
N ARG I 125 36.06 26.75 32.05
CA ARG I 125 36.51 26.05 30.85
C ARG I 125 35.54 26.26 29.70
N VAL I 126 34.25 25.99 29.92
CA VAL I 126 33.28 26.11 28.83
C VAL I 126 33.20 27.54 28.34
N SER I 127 33.28 28.51 29.26
CA SER I 127 33.20 29.90 28.86
C SER I 127 34.41 30.33 28.04
N GLY I 128 35.61 29.91 28.47
CA GLY I 128 36.82 30.38 27.80
C GLY I 128 37.06 29.70 26.47
N GLN I 129 36.71 28.42 26.36
CA GLN I 129 37.26 27.63 25.26
C GLN I 129 36.37 27.65 24.03
N THR I 130 35.05 27.69 24.21
CA THR I 130 34.13 27.59 23.08
C THR I 130 34.41 28.70 22.07
N GLN I 131 34.33 28.36 20.79
CA GLN I 131 34.70 29.30 19.73
C GLN I 131 34.05 28.89 18.43
N PHE I 132 34.20 29.75 17.42
CA PHE I 132 33.64 29.54 16.09
C PHE I 132 34.54 30.18 15.05
N ASN I 133 35.03 29.38 14.10
CA ASN I 133 35.80 29.86 12.96
C ASN I 133 37.02 30.68 13.41
N GLY I 134 37.66 30.21 14.47
CA GLY I 134 38.78 30.93 15.03
C GLY I 134 38.42 32.15 15.85
N VAL I 135 37.12 32.39 16.05
CA VAL I 135 36.64 33.51 16.85
C VAL I 135 35.89 32.94 18.04
N ASN I 136 36.31 33.32 19.24
CA ASN I 136 35.70 32.84 20.47
C ASN I 136 34.59 33.80 20.87
N VAL I 137 33.36 33.27 20.96
CA VAL I 137 32.20 34.12 21.21
C VAL I 137 32.24 34.68 22.63
N LEU I 138 32.91 33.99 23.54
CA LEU I 138 32.86 34.35 24.96
C LEU I 138 34.20 34.82 25.52
N ALA I 139 35.27 34.78 24.72
CA ALA I 139 36.60 35.10 25.26
C ALA I 139 36.75 36.59 25.56
N LYS I 140 36.27 37.44 24.66
CA LYS I 140 36.43 38.89 24.81
C LYS I 140 35.11 39.58 24.53
N ASP I 141 34.96 40.78 25.09
CA ASP I 141 33.76 41.57 24.92
C ASP I 141 33.81 42.30 23.59
N GLY I 142 32.84 42.02 22.71
CA GLY I 142 32.81 42.63 21.40
C GLY I 142 31.43 42.53 20.79
N SER I 143 31.33 42.96 19.54
CA SER I 143 30.09 42.93 18.78
C SER I 143 30.36 42.40 17.38
N MET I 144 29.38 41.71 16.81
CA MET I 144 29.49 41.09 15.51
C MET I 144 28.60 41.81 14.50
N LYS I 145 29.11 41.99 13.29
CA LYS I 145 28.39 42.67 12.22
C LYS I 145 28.09 41.69 11.11
N ILE I 146 26.84 41.67 10.66
CA ILE I 146 26.38 40.76 9.62
C ILE I 146 25.64 41.57 8.56
N GLN I 147 26.12 41.49 7.33
CA GLN I 147 25.52 42.23 6.23
C GLN I 147 24.24 41.53 5.76
N VAL I 148 23.18 42.31 5.55
CA VAL I 148 21.88 41.76 5.16
C VAL I 148 21.25 42.48 3.98
N GLY I 149 21.93 43.47 3.38
CA GLY I 149 21.33 44.21 2.29
C GLY I 149 22.29 44.43 1.14
N ALA I 150 21.72 44.43 -0.06
CA ALA I 150 22.53 44.68 -1.26
C ALA I 150 23.13 46.08 -1.23
N ASN I 151 22.45 47.01 -0.56
CA ASN I 151 22.99 48.35 -0.41
C ASN I 151 24.24 48.34 0.48
N ASP I 152 25.23 49.13 0.08
CA ASP I 152 26.52 49.12 0.76
C ASP I 152 26.41 49.72 2.16
N GLY I 153 27.24 49.21 3.07
CA GLY I 153 27.36 49.77 4.40
C GLY I 153 26.21 49.49 5.34
N GLN I 154 25.43 48.43 5.11
CA GLN I 154 24.32 48.10 5.98
C GLN I 154 24.59 46.75 6.65
N THR I 155 24.46 46.72 7.97
CA THR I 155 24.73 45.52 8.75
C THR I 155 23.71 45.38 9.87
N ILE I 156 23.47 44.12 10.26
CA ILE I 156 22.66 43.78 11.44
C ILE I 156 23.64 43.46 12.55
N THR I 157 23.28 43.80 13.79
CA THR I 157 24.22 43.78 14.89
C THR I 157 23.70 42.89 16.01
N ILE I 158 24.54 41.96 16.46
CA ILE I 158 24.26 41.16 17.64
C ILE I 158 25.12 41.64 18.80
N ASP I 159 24.58 41.56 20.01
CA ASP I 159 25.27 42.00 21.21
C ASP I 159 25.95 40.80 21.87
N LEU I 160 27.26 40.91 22.08
CA LEU I 160 28.06 39.86 22.71
C LEU I 160 28.81 40.45 23.89
N LYS I 161 28.96 39.65 24.95
CA LYS I 161 29.65 40.07 26.16
C LYS I 161 30.59 38.96 26.61
N LYS I 162 31.77 39.35 27.10
CA LYS I 162 32.71 38.37 27.64
C LYS I 162 32.19 37.81 28.95
N ILE I 163 32.30 36.50 29.12
CA ILE I 163 31.80 35.80 30.29
C ILE I 163 32.86 34.89 30.87
N ASP I 164 33.49 35.32 31.96
CA ASP I 164 34.37 34.44 32.72
C ASP I 164 33.96 34.39 34.18
N SER I 165 34.79 33.73 34.99
CA SER I 165 34.48 33.59 36.41
C SER I 165 34.45 34.93 37.13
N ASP I 166 35.40 35.80 36.83
CA ASP I 166 35.51 37.06 37.58
C ASP I 166 34.45 38.07 37.17
N THR I 167 34.03 38.05 35.91
CA THR I 167 33.09 39.06 35.43
C THR I 167 31.76 38.99 36.17
N LEU I 168 31.24 37.78 36.38
CA LEU I 168 29.93 37.63 37.01
C LEU I 168 29.99 37.95 38.49
N GLY I 169 31.18 38.07 39.05
CA GLY I 169 31.26 38.15 40.48
C GLY I 169 32.51 37.46 41.00
N LEU I 170 32.28 36.40 41.77
CA LEU I 170 33.15 35.89 42.83
C LEU I 170 34.61 35.91 42.43
N ASN I 171 35.05 35.13 41.44
CA ASN I 171 36.46 34.95 41.06
C ASN I 171 37.17 34.18 42.17
N GLY I 172 36.49 34.03 43.31
CA GLY I 172 36.93 33.24 44.44
C GLY I 172 35.77 33.05 45.37
N PHE I 173 35.47 31.81 45.76
CA PHE I 173 34.27 31.53 46.53
C PHE I 173 34.58 30.51 47.63
N ASN I 174 34.11 30.80 48.83
CA ASN I 174 34.27 29.92 49.97
C ASN I 174 33.09 30.11 50.92
N VAL I 175 32.54 29.00 51.40
CA VAL I 175 31.51 29.04 52.44
C VAL I 175 31.80 28.10 53.60
N ASN I 176 32.95 27.42 53.60
CA ASN I 176 33.30 26.57 54.75
C ASN I 176 33.57 27.41 55.99
N GLY I 177 34.14 28.60 55.82
CA GLY I 177 34.43 29.48 56.93
C GLY I 177 35.25 30.69 56.53
N GLU I 455 38.28 33.40 53.39
CA GLU I 455 37.18 33.81 54.25
C GLU I 455 35.84 33.49 53.59
N SER I 456 34.83 33.20 54.40
CA SER I 456 33.51 32.85 53.88
C SER I 456 32.91 34.02 53.12
N THR I 457 32.18 33.72 52.06
CA THR I 457 31.55 34.75 51.25
C THR I 457 30.49 35.48 52.07
N SER I 458 30.46 36.81 51.92
CA SER I 458 29.53 37.63 52.69
C SER I 458 28.08 37.30 52.34
N ASP I 459 27.73 37.32 51.06
CA ASP I 459 26.38 37.02 50.62
C ASP I 459 26.43 36.06 49.42
N PRO I 460 26.43 34.75 49.66
CA PRO I 460 26.55 33.80 48.55
C PRO I 460 25.39 33.85 47.58
N LEU I 461 24.16 33.70 48.11
CA LEU I 461 22.99 33.61 47.25
C LEU I 461 22.79 34.88 46.44
N ALA I 462 23.10 36.04 47.03
CA ALA I 462 22.98 37.29 46.29
C ALA I 462 23.88 37.28 45.06
N ALA I 463 25.14 36.91 45.23
CA ALA I 463 26.04 36.85 44.08
C ALA I 463 25.58 35.81 43.07
N LEU I 464 25.14 34.65 43.56
CA LEU I 464 24.75 33.57 42.65
C LEU I 464 23.54 33.96 41.81
N ASP I 465 22.50 34.52 42.44
CA ASP I 465 21.30 34.84 41.66
C ASP I 465 21.52 36.10 40.81
N ASP I 466 22.41 37.01 41.24
CA ASP I 466 22.80 38.10 40.36
C ASP I 466 23.48 37.58 39.09
N ALA I 467 24.39 36.62 39.24
CA ALA I 467 25.04 36.03 38.08
C ALA I 467 24.03 35.31 37.19
N ILE I 468 23.11 34.57 37.80
CA ILE I 468 22.07 33.89 37.02
C ILE I 468 21.23 34.90 36.25
N SER I 469 20.87 36.01 36.90
CA SER I 469 20.10 37.06 36.21
C SER I 469 20.89 37.66 35.05
N GLN I 470 22.19 37.88 35.25
CA GLN I 470 23.01 38.38 34.16
C GLN I 470 23.03 37.42 32.98
N ILE I 471 23.17 36.12 33.28
CA ILE I 471 23.14 35.12 32.22
C ILE I 471 21.81 35.13 31.48
N ASP I 472 20.71 35.25 32.23
CA ASP I 472 19.39 35.27 31.60
C ASP I 472 19.21 36.49 30.71
N LYS I 473 19.67 37.67 31.18
CA LYS I 473 19.57 38.86 30.35
C LYS I 473 20.38 38.73 29.08
N PHE I 474 21.60 38.18 29.17
CA PHE I 474 22.40 38.00 27.96
C PHE I 474 21.73 37.00 27.02
N ARG I 475 21.14 35.94 27.58
CA ARG I 475 20.46 34.96 26.74
C ARG I 475 19.26 35.58 26.03
N SER I 476 18.50 36.41 26.74
CA SER I 476 17.38 37.11 26.11
C SER I 476 17.85 38.03 25.00
N SER I 477 18.95 38.76 25.25
CA SER I 477 19.49 39.63 24.21
C SER I 477 19.93 38.83 22.99
N LEU I 478 20.55 37.67 23.22
CA LEU I 478 20.96 36.81 22.11
C LEU I 478 19.74 36.31 21.34
N GLY I 479 18.70 35.88 22.04
CA GLY I 479 17.53 35.36 21.35
C GLY I 479 16.76 36.44 20.63
N ALA I 480 16.95 37.70 21.05
CA ALA I 480 16.25 38.81 20.39
C ALA I 480 16.64 38.92 18.92
N VAL I 481 17.93 38.80 18.61
CA VAL I 481 18.38 38.98 17.23
C VAL I 481 17.95 37.81 16.36
N GLN I 482 17.56 36.69 16.96
CA GLN I 482 17.23 35.50 16.19
C GLN I 482 15.98 35.72 15.34
N ASN I 483 14.91 36.21 15.96
CA ASN I 483 13.68 36.46 15.21
C ASN I 483 13.89 37.51 14.14
N ARG I 484 14.70 38.53 14.45
CA ARG I 484 14.95 39.60 13.51
C ARG I 484 15.76 39.11 12.30
N LEU I 485 16.74 38.23 12.54
CA LEU I 485 17.46 37.60 11.44
C LEU I 485 16.55 36.71 10.60
N ASP I 486 15.67 35.95 11.25
CA ASP I 486 14.75 35.11 10.50
C ASP I 486 13.83 35.94 9.62
N SER I 487 13.31 37.04 10.18
CA SER I 487 12.47 37.95 9.40
C SER I 487 13.26 38.55 8.25
N ALA I 488 14.52 38.88 8.48
CA ALA I 488 15.36 39.39 7.39
C ALA I 488 15.50 38.37 6.28
N VAL I 489 15.69 37.09 6.63
CA VAL I 489 15.77 36.05 5.61
C VAL I 489 14.49 35.98 4.80
N THR I 490 13.34 36.00 5.49
CA THR I 490 12.06 35.93 4.79
C THR I 490 11.88 37.12 3.86
N ASN I 491 12.23 38.32 4.33
CA ASN I 491 12.07 39.51 3.52
C ASN I 491 12.99 39.47 2.31
N LEU I 492 14.24 39.02 2.50
CA LEU I 492 15.16 38.95 1.37
C LEU I 492 14.67 37.96 0.32
N ASN I 493 14.17 36.81 0.74
CA ASN I 493 13.63 35.86 -0.23
C ASN I 493 12.43 36.46 -0.97
N ASN I 494 11.50 37.06 -0.23
CA ASN I 494 10.31 37.62 -0.86
C ASN I 494 10.69 38.73 -1.84
N THR I 495 11.61 39.61 -1.45
CA THR I 495 12.03 40.69 -2.32
C THR I 495 12.78 40.17 -3.54
N THR I 496 13.63 39.15 -3.36
CA THR I 496 14.38 38.61 -4.47
C THR I 496 13.46 37.99 -5.51
N THR I 497 12.41 37.30 -5.07
CA THR I 497 11.46 36.73 -6.03
C THR I 497 10.76 37.81 -6.84
N ASN I 498 10.34 38.89 -6.19
CA ASN I 498 9.69 39.99 -6.90
C ASN I 498 10.65 40.65 -7.88
N LEU I 499 11.90 40.86 -7.46
CA LEU I 499 12.89 41.43 -8.35
C LEU I 499 13.12 40.54 -9.57
N SER I 500 13.21 39.22 -9.36
CA SER I 500 13.43 38.30 -10.46
C SER I 500 12.25 38.30 -11.43
N GLU I 501 11.02 38.28 -10.90
CA GLU I 501 9.87 38.26 -11.80
C GLU I 501 9.77 39.56 -12.57
N ALA I 502 10.07 40.70 -11.93
CA ALA I 502 10.09 41.97 -12.64
C ALA I 502 11.15 41.97 -13.74
N GLN I 503 12.33 41.41 -13.46
CA GLN I 503 13.35 41.30 -14.49
C GLN I 503 12.86 40.45 -15.65
N SER I 504 12.15 39.36 -15.36
CA SER I 504 11.62 38.53 -16.44
C SER I 504 10.62 39.32 -17.28
N ARG I 505 9.79 40.16 -16.63
CA ARG I 505 8.93 41.05 -17.40
C ARG I 505 9.76 41.95 -18.30
N ILE I 506 10.87 42.48 -17.77
CA ILE I 506 11.69 43.40 -18.55
C ILE I 506 12.35 42.68 -19.73
N GLN I 507 12.97 41.51 -19.47
CA GLN I 507 13.81 40.84 -20.45
C GLN I 507 13.46 39.35 -20.51
N ASP I 508 12.66 38.98 -21.51
CA ASP I 508 12.40 37.59 -21.85
C ASP I 508 11.99 37.53 -23.32
N ALA I 509 12.41 36.45 -23.99
CA ALA I 509 12.24 36.38 -25.44
C ALA I 509 10.77 36.24 -25.83
N ASP I 510 9.98 35.51 -25.03
CA ASP I 510 8.56 35.29 -25.30
C ASP I 510 8.36 34.65 -26.67
N TYR I 511 8.81 33.39 -26.75
CA TYR I 511 8.86 32.68 -28.03
C TYR I 511 7.51 32.62 -28.73
N ALA I 512 6.41 32.70 -27.96
CA ALA I 512 5.07 32.58 -28.55
C ALA I 512 4.87 33.62 -29.64
N THR I 513 5.26 34.86 -29.38
CA THR I 513 5.15 35.89 -30.40
C THR I 513 6.28 35.76 -31.43
N GLU I 514 7.46 35.32 -30.99
CA GLU I 514 8.64 35.35 -31.85
C GLU I 514 8.52 34.35 -33.00
N VAL I 515 7.89 33.20 -32.75
CA VAL I 515 7.78 32.19 -33.80
C VAL I 515 6.96 32.71 -34.97
N SER I 516 5.93 33.51 -34.68
CA SER I 516 5.12 34.09 -35.75
C SER I 516 5.95 35.02 -36.63
N ASN I 517 6.76 35.89 -36.01
CA ASN I 517 7.60 36.79 -36.78
C ASN I 517 8.64 36.03 -37.60
N MET I 518 9.20 34.98 -37.01
CA MET I 518 10.15 34.14 -37.75
C MET I 518 9.49 33.52 -38.97
N SER I 519 8.27 32.98 -38.80
CA SER I 519 7.57 32.37 -39.92
C SER I 519 7.27 33.40 -41.01
N LYS I 520 6.83 34.59 -40.61
CA LYS I 520 6.56 35.64 -41.59
C LYS I 520 7.82 36.01 -42.35
N ALA I 521 8.94 36.16 -41.64
CA ALA I 521 10.19 36.53 -42.31
C ALA I 521 10.61 35.47 -43.30
N GLN I 522 10.56 34.20 -42.90
CA GLN I 522 10.96 33.12 -43.80
C GLN I 522 10.05 33.04 -45.03
N ILE I 523 8.73 33.14 -44.81
CA ILE I 523 7.80 33.05 -45.93
C ILE I 523 8.01 34.18 -46.91
N ILE I 524 8.15 35.42 -46.40
CA ILE I 524 8.29 36.55 -47.29
C ILE I 524 9.65 36.51 -47.99
N GLN I 525 10.67 35.96 -47.33
CA GLN I 525 11.96 35.77 -47.99
C GLN I 525 11.85 34.81 -49.15
N GLN I 526 11.16 33.68 -48.95
CA GLN I 526 10.95 32.74 -50.06
C GLN I 526 10.18 33.40 -51.19
N ALA I 527 9.14 34.18 -50.85
CA ALA I 527 8.37 34.89 -51.87
C ALA I 527 9.26 35.85 -52.65
N GLY I 528 10.12 36.58 -51.95
CA GLY I 528 11.01 37.52 -52.62
C GLY I 528 12.00 36.82 -53.54
N ASN I 529 12.54 35.69 -53.09
CA ASN I 529 13.46 34.95 -53.95
C ASN I 529 12.76 34.43 -55.20
N SER I 530 11.53 33.92 -55.03
CA SER I 530 10.79 33.41 -56.19
C SER I 530 10.48 34.54 -57.17
N VAL I 531 10.04 35.69 -56.66
CA VAL I 531 9.67 36.78 -57.56
C VAL I 531 10.91 37.40 -58.20
N LEU I 532 12.05 37.35 -57.51
CA LEU I 532 13.30 37.76 -58.14
C LEU I 532 13.67 36.83 -59.29
N ALA I 533 13.53 35.52 -59.08
CA ALA I 533 13.79 34.57 -60.15
C ALA I 533 12.87 34.82 -61.33
N LYS I 534 11.61 35.15 -61.06
CA LYS I 534 10.68 35.49 -62.13
C LYS I 534 11.08 36.80 -62.83
N ALA I 535 11.56 37.78 -62.06
CA ALA I 535 11.90 39.07 -62.64
C ALA I 535 13.17 38.99 -63.47
N ASN I 536 13.98 37.96 -63.25
CA ASN I 536 15.15 37.76 -64.11
C ASN I 536 14.74 37.46 -65.55
N GLN I 537 13.46 37.14 -65.78
CA GLN I 537 12.99 36.76 -67.11
C GLN I 537 12.97 37.96 -68.07
N VAL I 538 12.99 39.18 -67.54
CA VAL I 538 12.72 40.39 -68.32
C VAL I 538 13.63 40.56 -69.54
N PRO I 539 14.96 40.44 -69.42
CA PRO I 539 15.80 40.68 -70.61
C PRO I 539 15.64 39.63 -71.71
N GLN I 540 14.99 38.50 -71.43
CA GLN I 540 14.96 37.39 -72.38
C GLN I 540 14.20 37.74 -73.65
N GLN I 541 13.02 38.36 -73.53
CA GLN I 541 12.18 38.58 -74.72
C GLN I 541 12.81 39.57 -75.68
N VAL I 542 13.83 40.31 -75.24
CA VAL I 542 14.51 41.24 -76.13
C VAL I 542 15.21 40.48 -77.26
N LEU I 543 15.74 39.29 -76.94
CA LEU I 543 16.36 38.46 -77.98
C LEU I 543 15.32 38.06 -79.03
N SER I 544 14.12 37.67 -78.59
CA SER I 544 13.05 37.35 -79.53
C SER I 544 12.69 38.57 -80.37
N LEU I 545 12.68 39.75 -79.75
CA LEU I 545 12.42 40.98 -80.49
C LEU I 545 13.51 41.21 -81.54
N LEU I 546 14.75 40.82 -81.24
CA LEU I 546 15.86 41.09 -82.14
C LEU I 546 15.70 40.34 -83.47
N GLN I 547 15.30 39.08 -83.41
CA GLN I 547 15.16 38.27 -84.61
C GLN I 547 13.71 37.88 -84.85
N ALA J 2 2.03 29.54 -23.15
CA ALA J 2 2.98 30.14 -22.22
C ALA J 2 3.85 31.17 -22.93
N GLN J 3 4.55 31.98 -22.15
CA GLN J 3 5.40 33.03 -22.71
C GLN J 3 6.83 32.98 -22.18
N VAL J 4 7.03 32.64 -20.92
CA VAL J 4 8.34 32.74 -20.26
C VAL J 4 8.83 31.35 -19.93
N ILE J 5 10.10 31.08 -20.23
CA ILE J 5 10.74 29.84 -19.84
C ILE J 5 12.07 30.06 -19.12
N ASN J 6 12.72 31.21 -19.29
CA ASN J 6 14.00 31.44 -18.65
C ASN J 6 13.87 31.42 -17.13
N THR J 7 12.83 32.06 -16.60
CA THR J 7 12.56 32.06 -15.17
C THR J 7 11.09 31.77 -14.94
N ASN J 8 10.81 30.88 -13.99
CA ASN J 8 9.43 30.52 -13.65
C ASN J 8 9.08 31.20 -12.33
N SER J 9 8.32 32.29 -12.42
CA SER J 9 7.91 33.01 -11.21
C SER J 9 7.00 32.16 -10.35
N LEU J 10 6.12 31.36 -10.98
CA LEU J 10 5.23 30.48 -10.23
C LEU J 10 6.03 29.48 -9.40
N SER J 11 7.07 28.91 -9.99
CA SER J 11 7.91 27.97 -9.24
C SER J 11 8.59 28.67 -8.06
N LEU J 12 9.06 29.89 -8.26
CA LEU J 12 9.69 30.63 -7.17
C LEU J 12 8.71 30.89 -6.05
N ILE J 13 7.47 31.27 -6.39
CA ILE J 13 6.45 31.50 -5.37
C ILE J 13 6.18 30.22 -4.60
N THR J 14 6.08 29.09 -5.32
CA THR J 14 5.87 27.81 -4.66
C THR J 14 7.02 27.48 -3.72
N GLN J 15 8.26 27.74 -4.14
CA GLN J 15 9.40 27.48 -3.28
C GLN J 15 9.37 28.35 -2.04
N ASN J 16 8.97 29.62 -2.17
CA ASN J 16 8.84 30.47 -1.00
C ASN J 16 7.80 29.93 -0.04
N ASN J 17 6.65 29.49 -0.56
CA ASN J 17 5.63 28.91 0.31
C ASN J 17 6.15 27.67 1.03
N ILE J 18 6.87 26.81 0.31
CA ILE J 18 7.41 25.60 0.92
C ILE J 18 8.42 25.95 2.00
N ASN J 19 9.28 26.93 1.74
CA ASN J 19 10.26 27.34 2.75
C ASN J 19 9.58 27.92 3.98
N LYS J 20 8.52 28.70 3.78
CA LYS J 20 7.77 29.22 4.91
C LYS J 20 7.12 28.10 5.71
N ASN J 21 6.67 27.04 5.01
CA ASN J 21 6.16 25.86 5.71
C ASN J 21 7.26 25.17 6.50
N GLN J 22 8.49 25.18 5.97
CA GLN J 22 9.59 24.43 6.57
C GLN J 22 9.89 24.88 8.00
N SER J 23 9.84 26.19 8.24
CA SER J 23 10.10 26.68 9.59
C SER J 23 9.07 26.15 10.59
N ALA J 24 7.79 26.18 10.22
CA ALA J 24 6.76 25.66 11.09
C ALA J 24 6.94 24.16 11.31
N LEU J 25 7.29 23.43 10.26
CA LEU J 25 7.48 21.99 10.39
C LEU J 25 8.65 21.68 11.34
N SER J 26 9.76 22.39 11.19
CA SER J 26 10.91 22.17 12.06
C SER J 26 10.58 22.52 13.50
N SER J 27 9.87 23.63 13.71
CA SER J 27 9.45 23.99 15.06
C SER J 27 8.55 22.91 15.65
N SER J 28 7.62 22.39 14.85
CA SER J 28 6.72 21.34 15.33
C SER J 28 7.50 20.11 15.77
N ILE J 29 8.41 19.62 14.92
CA ILE J 29 9.13 18.39 15.25
C ILE J 29 10.04 18.62 16.47
N GLU J 30 10.71 19.77 16.52
CA GLU J 30 11.63 20.03 17.63
C GLU J 30 10.88 20.14 18.95
N ARG J 31 9.74 20.82 18.96
CA ARG J 31 8.95 20.92 20.18
C ARG J 31 8.28 19.59 20.50
N LEU J 32 8.10 18.73 19.49
CA LEU J 32 7.56 17.41 19.75
C LEU J 32 8.60 16.50 20.39
N SER J 33 9.88 16.74 20.09
CA SER J 33 10.93 15.86 20.59
C SER J 33 11.00 15.88 22.11
N SER J 34 10.84 17.05 22.72
CA SER J 34 10.96 17.19 24.17
C SER J 34 9.69 17.82 24.74
N GLY J 35 9.45 17.57 26.03
CA GLY J 35 8.26 18.09 26.66
C GLY J 35 8.32 19.59 26.89
N LEU J 36 9.52 20.14 26.90
CA LEU J 36 9.67 21.58 27.13
C LEU J 36 9.18 22.38 25.94
N ARG J 37 8.29 23.34 26.20
CA ARG J 37 7.82 24.22 25.14
C ARG J 37 8.86 25.26 24.76
N ILE J 38 9.67 25.71 25.73
N ILE J 38 9.67 25.71 25.73
CA ILE J 38 10.65 26.75 25.47
CA ILE J 38 10.65 26.75 25.47
C ILE J 38 11.73 26.24 24.52
C ILE J 38 11.73 26.24 24.53
N ASN J 39 12.50 25.24 24.96
CA ASN J 39 13.48 24.57 24.12
C ASN J 39 14.47 25.53 23.46
N SER J 40 15.29 26.20 24.28
CA SER J 40 16.28 27.14 23.74
C SER J 40 15.58 28.26 23.00
N ALA J 41 15.01 29.22 23.75
CA ALA J 41 13.86 29.99 23.30
C ALA J 41 14.15 30.89 22.12
N LYS J 42 13.98 30.33 20.91
CA LYS J 42 13.93 31.13 19.70
C LYS J 42 12.85 32.20 19.81
N ASP J 43 11.79 31.91 20.54
CA ASP J 43 10.67 32.84 20.71
C ASP J 43 11.03 33.88 21.78
N ASP J 44 10.02 34.60 22.26
CA ASP J 44 10.23 35.60 23.30
C ASP J 44 10.83 34.95 24.55
N ALA J 45 11.89 35.57 25.07
CA ALA J 45 12.66 34.94 26.13
C ALA J 45 12.15 35.33 27.51
N ALA J 46 11.13 36.17 27.58
CA ALA J 46 10.59 36.57 28.89
C ALA J 46 10.05 35.36 29.64
N GLY J 47 9.32 34.49 28.94
CA GLY J 47 8.82 33.29 29.59
C GLY J 47 9.93 32.39 30.08
N GLN J 48 11.00 32.25 29.28
CA GLN J 48 12.13 31.44 29.70
C GLN J 48 12.80 32.02 30.94
N ALA J 49 13.00 33.34 30.95
CA ALA J 49 13.61 33.97 32.12
C ALA J 49 12.73 33.82 33.36
N ILE J 50 11.41 33.94 33.18
CA ILE J 50 10.49 33.73 34.30
C ILE J 50 10.59 32.31 34.81
N ALA J 51 10.66 31.33 33.90
CA ALA J 51 10.70 29.93 34.31
C ALA J 51 12.02 29.59 34.99
N ASN J 52 13.12 30.25 34.61
CA ASN J 52 14.40 29.95 35.23
C ASN J 52 14.39 30.28 36.73
N ARG J 53 13.83 31.45 37.08
CA ARG J 53 13.72 31.81 38.49
C ARG J 53 12.80 30.85 39.24
N PHE J 54 11.75 30.38 38.57
CA PHE J 54 10.87 29.40 39.19
C PHE J 54 11.60 28.09 39.47
N THR J 55 12.43 27.65 38.52
CA THR J 55 13.24 26.45 38.76
C THR J 55 14.17 26.67 39.94
N SER J 56 14.82 27.82 40.01
CA SER J 56 15.69 28.13 41.14
C SER J 56 14.93 28.02 42.45
N ASN J 57 13.74 28.63 42.51
CA ASN J 57 12.94 28.58 43.73
C ASN J 57 12.57 27.15 44.11
N ILE J 58 12.11 26.37 43.13
CA ILE J 58 11.69 24.99 43.39
C ILE J 58 12.83 24.18 43.97
N LYS J 59 13.97 24.20 43.28
CA LYS J 59 15.12 23.41 43.70
C LYS J 59 15.67 23.86 45.04
N GLY J 60 15.76 25.17 45.26
CA GLY J 60 16.24 25.67 46.54
C GLY J 60 15.32 25.30 47.69
N LEU J 61 14.00 25.39 47.48
CA LEU J 61 13.07 25.08 48.56
C LEU J 61 13.08 23.59 48.88
N THR J 62 13.19 22.73 47.86
CA THR J 62 13.29 21.29 48.14
C THR J 62 14.56 20.98 48.92
N GLN J 63 15.68 21.58 48.52
CA GLN J 63 16.93 21.34 49.23
C GLN J 63 16.84 21.83 50.67
N ALA J 64 16.18 22.98 50.87
CA ALA J 64 15.98 23.49 52.23
C ALA J 64 15.08 22.58 53.05
N ALA J 65 14.12 21.93 52.40
CA ALA J 65 13.28 20.96 53.10
C ALA J 65 14.11 19.80 53.61
N ARG J 66 14.99 19.26 52.77
CA ARG J 66 15.88 18.19 53.25
C ARG J 66 16.80 18.69 54.36
N ASN J 67 17.25 19.94 54.25
CA ASN J 67 18.06 20.53 55.32
C ASN J 67 17.29 20.60 56.63
N ALA J 68 16.01 20.98 56.56
CA ALA J 68 15.17 21.03 57.76
C ALA J 68 14.97 19.64 58.35
N ASN J 69 14.90 18.62 57.49
CA ASN J 69 14.83 17.24 57.99
C ASN J 69 16.09 16.89 58.76
N ASP J 70 17.26 17.27 58.25
CA ASP J 70 18.49 17.06 59.01
C ASP J 70 18.43 17.76 60.36
N GLY J 71 17.95 19.00 60.35
CA GLY J 71 17.86 19.75 61.59
C GLY J 71 16.94 19.11 62.63
N ILE J 72 15.80 18.61 62.17
CA ILE J 72 14.87 17.95 63.10
C ILE J 72 15.47 16.66 63.63
N SER J 73 16.28 15.98 62.81
CA SER J 73 17.00 14.81 63.31
C SER J 73 17.94 15.20 64.45
N VAL J 74 18.69 16.29 64.28
CA VAL J 74 19.59 16.74 65.34
C VAL J 74 18.80 17.08 66.60
N ALA J 75 17.66 17.78 66.43
CA ALA J 75 16.85 18.16 67.58
C ALA J 75 16.33 16.93 68.31
N GLN J 76 15.90 15.89 67.57
CA GLN J 76 15.43 14.68 68.20
C GLN J 76 16.54 13.97 68.97
N THR J 77 17.76 13.97 68.42
CA THR J 77 18.89 13.39 69.15
C THR J 77 19.12 14.12 70.48
N THR J 78 19.10 15.45 70.44
CA THR J 78 19.28 16.22 71.68
C THR J 78 18.18 15.92 72.68
N GLU J 79 16.93 15.84 72.20
CA GLU J 79 15.81 15.54 73.08
C GLU J 79 15.97 14.15 73.71
N GLY J 80 16.47 13.19 72.94
CA GLY J 80 16.73 11.87 73.50
C GLY J 80 17.77 11.90 74.59
N ALA J 81 18.84 12.68 74.39
CA ALA J 81 19.84 12.82 75.46
C ALA J 81 19.23 13.41 76.72
N LEU J 82 18.42 14.45 76.58
CA LEU J 82 17.76 15.03 77.75
C LEU J 82 16.81 14.04 78.41
N SER J 83 16.13 13.21 77.61
CA SER J 83 15.27 12.18 78.16
C SER J 83 16.07 11.18 78.99
N GLU J 84 17.26 10.81 78.50
CA GLU J 84 18.12 9.92 79.28
C GLU J 84 18.54 10.56 80.60
N ILE J 85 18.84 11.86 80.58
CA ILE J 85 19.33 12.52 81.80
C ILE J 85 18.22 12.70 82.83
N ASN J 86 17.00 13.01 82.37
CA ASN J 86 15.94 13.47 83.28
C ASN J 86 15.55 12.39 84.29
N ASN J 87 15.36 11.14 83.84
CA ASN J 87 14.96 10.09 84.76
C ASN J 87 16.05 9.80 85.78
N ASN J 88 17.32 9.89 85.36
CA ASN J 88 18.42 9.77 86.31
C ASN J 88 18.35 10.84 87.39
N LEU J 89 18.09 12.09 86.99
CA LEU J 89 17.98 13.15 87.98
C LEU J 89 16.79 12.92 88.92
N GLN J 90 15.66 12.48 88.39
CA GLN J 90 14.49 12.27 89.24
C GLN J 90 14.72 11.12 90.21
N ARG J 91 15.42 10.08 89.76
CA ARG J 91 15.76 8.98 90.66
C ARG J 91 16.74 9.44 91.72
N ILE J 92 17.64 10.36 91.37
CA ILE J 92 18.52 10.98 92.37
C ILE J 92 17.69 11.69 93.42
N ARG J 93 16.66 12.42 93.00
CA ARG J 93 15.78 13.10 93.95
C ARG J 93 15.12 12.10 94.89
N GLU J 94 14.50 11.06 94.34
CA GLU J 94 13.77 10.10 95.18
C GLU J 94 14.72 9.20 95.96
N LEU J 95 16.02 9.25 95.66
CA LEU J 95 16.98 8.54 96.49
C LEU J 95 17.49 9.43 97.62
N THR J 96 17.70 10.71 97.33
CA THR J 96 18.15 11.65 98.36
C THR J 96 17.08 11.87 99.42
N VAL J 97 15.81 11.79 99.04
CA VAL J 97 14.76 11.93 100.04
C VAL J 97 14.88 10.82 101.09
N GLN J 98 15.40 9.66 100.71
CA GLN J 98 15.68 8.61 101.68
C GLN J 98 16.87 8.97 102.55
N ALA J 99 17.91 9.56 101.95
CA ALA J 99 19.11 9.91 102.72
C ALA J 99 18.80 11.00 103.74
N SER J 100 17.75 11.79 103.50
CA SER J 100 17.39 12.84 104.44
C SER J 100 16.96 12.28 105.79
N THR J 101 16.53 11.02 105.81
CA THR J 101 16.08 10.40 107.04
C THR J 101 17.21 10.28 108.05
N GLY J 102 16.90 10.51 109.33
CA GLY J 102 17.92 10.44 110.35
C GLY J 102 18.09 9.06 110.95
N THR J 103 17.13 8.16 110.67
CA THR J 103 17.18 6.83 111.27
C THR J 103 18.35 6.02 110.72
N ASN J 104 18.82 6.36 109.52
CA ASN J 104 19.90 5.61 108.91
C ASN J 104 21.20 5.80 109.68
N SER J 105 21.96 4.71 109.82
CA SER J 105 23.23 4.76 110.50
C SER J 105 24.30 5.37 109.61
N ASP J 106 25.41 5.79 110.24
CA ASP J 106 26.46 6.51 109.51
C ASP J 106 27.06 5.65 108.40
N SER J 107 27.18 4.34 108.64
CA SER J 107 27.75 3.46 107.63
C SER J 107 26.89 3.42 106.37
N ASP J 108 25.56 3.43 106.54
CA ASP J 108 24.67 3.34 105.39
C ASP J 108 24.74 4.58 104.52
N LEU J 109 24.97 5.75 105.13
CA LEU J 109 25.12 6.98 104.36
C LEU J 109 26.31 6.89 103.42
N ASP J 110 27.32 6.10 103.78
CA ASP J 110 28.46 5.89 102.89
C ASP J 110 28.01 5.21 101.59
N SER J 111 27.20 4.15 101.71
CA SER J 111 26.70 3.47 100.51
C SER J 111 25.76 4.38 99.72
N ILE J 112 24.93 5.15 100.41
CA ILE J 112 24.03 6.07 99.71
C ILE J 112 24.84 7.09 98.92
N GLN J 113 25.89 7.66 99.53
CA GLN J 113 26.75 8.59 98.83
C GLN J 113 27.48 7.92 97.68
N ASP J 114 27.88 6.66 97.85
CA ASP J 114 28.53 5.95 96.74
C ASP J 114 27.59 5.84 95.55
N GLU J 115 26.33 5.48 95.81
CA GLU J 115 25.35 5.36 94.72
C GLU J 115 25.12 6.70 94.05
N ILE J 116 24.89 7.75 94.83
CA ILE J 116 24.62 9.06 94.23
C ILE J 116 25.85 9.58 93.48
N LYS J 117 27.05 9.32 94.01
CA LYS J 117 28.27 9.79 93.38
C LYS J 117 28.49 9.08 92.04
N SER J 118 28.27 7.76 92.00
CA SER J 118 28.38 7.04 90.74
C SER J 118 27.34 7.51 89.73
N ARG J 119 26.13 7.79 90.21
CA ARG J 119 25.07 8.21 89.29
C ARG J 119 25.32 9.63 88.78
N LEU J 120 25.93 10.49 89.61
CA LEU J 120 26.43 11.78 89.15
C LEU J 120 27.53 11.60 88.11
N ASP J 121 28.40 10.61 88.32
CA ASP J 121 29.41 10.30 87.31
C ASP J 121 28.76 9.94 85.99
N GLU J 122 27.67 9.17 86.05
CA GLU J 122 26.92 8.85 84.83
C GLU J 122 26.33 10.10 84.19
N ILE J 123 25.80 11.01 84.99
CA ILE J 123 25.26 12.26 84.44
C ILE J 123 26.34 13.03 83.70
N ASP J 124 27.50 13.18 84.33
CA ASP J 124 28.60 13.92 83.69
C ASP J 124 29.09 13.19 82.45
N ARG J 125 29.09 11.85 82.49
CA ARG J 125 29.60 11.07 81.37
C ARG J 125 28.70 11.17 80.15
N VAL J 126 27.39 10.99 80.34
CA VAL J 126 26.48 10.90 79.19
C VAL J 126 26.49 12.20 78.39
N SER J 127 26.53 13.35 79.08
CA SER J 127 26.72 14.61 78.38
C SER J 127 28.13 14.70 77.81
N GLY J 128 29.08 13.96 78.39
CA GLY J 128 30.44 14.00 77.91
C GLY J 128 30.60 13.42 76.52
N GLN J 129 30.08 12.20 76.31
CA GLN J 129 30.35 11.54 75.02
C GLN J 129 29.35 11.96 73.95
N THR J 130 28.15 12.39 74.33
CA THR J 130 27.10 12.60 73.34
C THR J 130 27.53 13.64 72.32
N GLN J 131 27.32 13.32 71.04
CA GLN J 131 27.66 14.22 69.95
C GLN J 131 26.99 13.72 68.68
N PHE J 132 26.78 14.62 67.73
CA PHE J 132 26.14 14.29 66.48
C PHE J 132 26.96 14.86 65.33
N ASN J 133 27.47 13.99 64.47
CA ASN J 133 28.22 14.38 63.28
C ASN J 133 29.37 15.32 63.65
N GLY J 134 30.28 14.81 64.47
CA GLY J 134 31.47 15.56 64.84
C GLY J 134 31.23 16.79 65.69
N VAL J 135 30.02 17.00 66.18
CA VAL J 135 29.66 18.17 66.97
C VAL J 135 29.02 17.70 68.26
N ASN J 136 29.57 18.14 69.39
CA ASN J 136 29.04 17.79 70.71
C ASN J 136 27.92 18.78 71.05
N VAL J 137 26.70 18.27 71.20
CA VAL J 137 25.54 19.13 71.40
C VAL J 137 25.58 19.79 72.78
N LEU J 138 26.05 19.07 73.79
CA LEU J 138 26.03 19.55 75.17
C LEU J 138 27.38 20.06 75.65
N ALA J 139 28.36 20.22 74.75
CA ALA J 139 29.68 20.66 75.17
C ALA J 139 29.66 22.09 75.69
N LYS J 140 28.99 22.99 74.98
CA LYS J 140 29.04 24.41 75.29
C LYS J 140 27.70 25.06 74.98
N ASP J 141 27.44 26.19 75.65
CA ASP J 141 26.29 27.01 75.30
C ASP J 141 26.47 27.60 73.92
N GLY J 142 25.42 27.56 73.11
CA GLY J 142 25.52 28.07 71.75
C GLY J 142 24.17 28.19 71.10
N SER J 143 24.21 28.64 69.84
CA SER J 143 23.02 28.81 69.01
C SER J 143 23.20 28.00 67.73
N MET J 144 22.11 27.44 67.24
CA MET J 144 22.14 26.59 66.05
C MET J 144 21.35 27.25 64.93
N LYS J 145 21.94 27.29 63.74
CA LYS J 145 21.34 27.93 62.58
C LYS J 145 20.92 26.86 61.59
N ILE J 146 19.68 26.95 61.09
CA ILE J 146 19.13 25.98 60.15
C ILE J 146 18.48 26.76 59.01
N GLN J 147 19.17 26.82 57.88
CA GLN J 147 18.64 27.51 56.71
C GLN J 147 17.46 26.73 56.12
N VAL J 148 16.33 27.41 55.93
CA VAL J 148 15.09 26.76 55.51
C VAL J 148 14.40 27.46 54.35
N GLY J 149 15.07 28.36 53.63
CA GLY J 149 14.41 29.06 52.55
C GLY J 149 15.38 29.47 51.46
N ALA J 150 14.84 29.57 50.24
CA ALA J 150 15.64 30.02 49.11
C ALA J 150 16.12 31.45 49.31
N ASN J 151 15.31 32.28 49.98
CA ASN J 151 15.71 33.64 50.29
C ASN J 151 16.92 33.66 51.21
N ASP J 152 17.81 34.63 51.00
CA ASP J 152 19.00 34.73 51.82
C ASP J 152 18.65 35.23 53.21
N GLY J 153 19.60 35.09 54.14
CA GLY J 153 19.35 35.47 55.52
C GLY J 153 18.23 34.69 56.17
N GLN J 154 18.14 33.40 55.88
CA GLN J 154 17.05 32.55 56.34
C GLN J 154 17.61 31.51 57.29
N THR J 155 17.02 31.39 58.48
CA THR J 155 17.53 30.44 59.45
C THR J 155 16.46 30.11 60.48
N ILE J 156 16.69 29.02 61.21
CA ILE J 156 15.92 28.65 62.37
C ILE J 156 16.89 28.50 63.54
N THR J 157 16.56 29.10 64.67
CA THR J 157 17.48 29.23 65.79
C THR J 157 17.08 28.26 66.90
N ILE J 158 18.03 27.41 67.30
CA ILE J 158 17.82 26.52 68.43
C ILE J 158 18.80 26.86 69.55
N ASP J 159 18.29 26.84 70.77
CA ASP J 159 19.09 27.17 71.96
C ASP J 159 19.76 25.89 72.46
N LEU J 160 21.09 25.94 72.58
CA LEU J 160 21.87 24.85 73.13
C LEU J 160 22.56 25.33 74.40
N LYS J 161 22.41 24.57 75.48
CA LYS J 161 23.03 24.89 76.76
C LYS J 161 23.88 23.71 77.20
N LYS J 162 25.10 23.99 77.64
CA LYS J 162 25.94 22.93 78.18
C LYS J 162 25.34 22.42 79.48
N ILE J 163 25.28 21.08 79.60
CA ILE J 163 24.60 20.47 80.73
C ILE J 163 25.54 19.52 81.47
N ASP J 164 26.20 20.03 82.49
CA ASP J 164 27.01 19.21 83.38
C ASP J 164 26.81 19.64 84.83
N SER J 165 27.43 18.90 85.75
CA SER J 165 27.07 18.99 87.16
C SER J 165 27.27 20.40 87.70
N ASP J 166 28.42 21.02 87.41
CA ASP J 166 28.67 22.37 87.91
C ASP J 166 27.73 23.38 87.25
N THR J 167 27.50 23.23 85.93
CA THR J 167 26.60 24.15 85.24
C THR J 167 25.17 24.03 85.76
N LEU J 168 24.71 22.81 86.01
CA LEU J 168 23.34 22.64 86.51
C LEU J 168 23.25 23.03 87.98
N GLY J 169 24.37 23.30 88.61
CA GLY J 169 24.35 23.81 89.97
C GLY J 169 25.41 23.13 90.84
N LEU J 170 24.92 22.47 91.89
CA LEU J 170 25.65 22.21 93.14
C LEU J 170 27.07 21.69 92.86
N ASN J 171 27.24 20.48 92.33
CA ASN J 171 28.53 19.83 92.07
C ASN J 171 29.23 19.50 93.38
N GLY J 172 28.83 20.16 94.47
CA GLY J 172 29.30 19.85 95.81
C GLY J 172 28.32 19.06 96.65
N PHE J 173 27.91 17.87 96.21
CA PHE J 173 26.83 17.15 96.87
C PHE J 173 27.40 16.38 98.06
N ASN J 174 26.86 16.65 99.25
CA ASN J 174 27.31 15.99 100.47
C ASN J 174 26.11 15.78 101.39
N VAL J 175 25.97 14.57 101.91
CA VAL J 175 24.95 14.26 102.91
C VAL J 175 25.53 13.62 104.17
N ASN J 176 26.70 13.02 104.11
CA ASN J 176 27.26 12.29 105.24
C ASN J 176 27.98 13.19 106.25
N GLY J 177 28.09 14.47 105.97
CA GLY J 177 28.75 15.39 106.89
C GLY J 177 29.91 16.13 106.27
N GLU J 455 30.81 19.19 105.72
CA GLU J 455 29.48 19.74 105.92
C GLU J 455 28.53 19.31 104.80
N SER J 456 27.36 18.79 105.19
CA SER J 456 26.39 18.37 104.21
C SER J 456 25.70 19.58 103.56
N THR J 457 24.95 19.30 102.51
CA THR J 457 24.22 20.37 101.81
C THR J 457 23.15 20.96 102.72
N SER J 458 22.96 22.27 102.60
CA SER J 458 21.96 22.96 103.43
C SER J 458 20.56 22.45 103.12
N ASP J 459 20.23 22.29 101.85
CA ASP J 459 18.95 21.73 101.43
C ASP J 459 19.10 21.17 100.02
N PRO J 460 19.55 19.93 99.88
CA PRO J 460 19.76 19.38 98.53
C PRO J 460 18.51 19.36 97.67
N LEU J 461 17.35 19.12 98.29
CA LEU J 461 16.12 18.94 97.52
C LEU J 461 15.79 20.18 96.69
N ALA J 462 16.01 21.36 97.26
CA ALA J 462 15.75 22.60 96.52
C ALA J 462 16.67 22.70 95.30
N ALA J 463 17.94 22.34 95.45
CA ALA J 463 18.86 22.38 94.32
C ALA J 463 18.47 21.38 93.24
N LEU J 464 18.07 20.17 93.64
CA LEU J 464 17.63 19.19 92.66
C LEU J 464 16.37 19.63 91.93
N ASP J 465 15.44 20.26 92.64
CA ASP J 465 14.24 20.79 91.98
C ASP J 465 14.61 21.84 90.95
N ASP J 466 15.53 22.75 91.30
CA ASP J 466 15.96 23.77 90.35
C ASP J 466 16.63 23.14 89.14
N ALA J 467 17.47 22.12 89.35
CA ALA J 467 18.11 21.45 88.24
C ALA J 467 17.10 20.76 87.33
N ILE J 468 16.09 20.12 87.92
CA ILE J 468 15.06 19.45 87.13
C ILE J 468 14.29 20.48 86.31
N SER J 469 13.94 21.62 86.92
CA SER J 469 13.25 22.66 86.17
C SER J 469 14.11 23.21 85.04
N GLN J 470 15.41 23.34 85.29
CA GLN J 470 16.32 23.80 84.25
C GLN J 470 16.36 22.82 83.09
N ILE J 471 16.38 21.53 83.39
CA ILE J 471 16.32 20.52 82.33
C ILE J 471 15.00 20.61 81.57
N ASP J 472 13.90 20.81 82.29
CA ASP J 472 12.59 20.89 81.66
C ASP J 472 12.50 22.07 80.71
N LYS J 473 13.08 23.22 81.10
CA LYS J 473 13.09 24.37 80.20
C LYS J 473 13.78 24.05 78.89
N PHE J 474 14.94 23.40 78.95
CA PHE J 474 15.68 23.05 77.74
C PHE J 474 14.91 22.05 76.91
N ARG J 475 14.26 21.08 77.55
CA ARG J 475 13.46 20.10 76.83
C ARG J 475 12.31 20.78 76.09
N SER J 476 11.63 21.73 76.74
CA SER J 476 10.56 22.46 76.07
C SER J 476 11.09 23.29 74.92
N SER J 477 12.27 23.89 75.11
CA SER J 477 12.88 24.67 74.03
C SER J 477 13.15 23.80 72.81
N LEU J 478 13.66 22.59 73.02
CA LEU J 478 13.83 21.68 71.89
C LEU J 478 12.49 21.24 71.31
N GLY J 479 11.49 21.01 72.17
CA GLY J 479 10.21 20.51 71.69
C GLY J 479 9.49 21.50 70.80
N ALA J 480 9.59 22.79 71.10
CA ALA J 480 8.93 23.80 70.27
C ALA J 480 9.50 23.80 68.85
N VAL J 481 10.82 23.64 68.73
CA VAL J 481 11.46 23.65 67.41
C VAL J 481 10.94 22.49 66.57
N GLN J 482 10.52 21.40 67.21
CA GLN J 482 9.98 20.27 66.47
C GLN J 482 8.74 20.67 65.69
N ASN J 483 7.77 21.28 66.37
CA ASN J 483 6.55 21.75 65.70
C ASN J 483 6.88 22.83 64.68
N ARG J 484 7.83 23.71 65.02
CA ARG J 484 8.21 24.77 64.08
C ARG J 484 8.74 24.18 62.77
N LEU J 485 9.61 23.17 62.87
CA LEU J 485 10.19 22.58 61.68
C LEU J 485 9.16 21.74 60.93
N ASP J 486 8.21 21.13 61.64
CA ASP J 486 7.11 20.46 60.98
C ASP J 486 6.32 21.43 60.10
N SER J 487 5.96 22.58 60.66
CA SER J 487 5.24 23.59 59.89
C SER J 487 6.10 24.07 58.71
N ALA J 488 7.39 24.25 58.95
CA ALA J 488 8.28 24.73 57.90
C ALA J 488 8.36 23.75 56.73
N VAL J 489 8.50 22.46 57.02
CA VAL J 489 8.62 21.48 55.94
C VAL J 489 7.29 21.34 55.20
N THR J 490 6.17 21.43 55.93
CA THR J 490 4.88 21.41 55.25
C THR J 490 4.78 22.58 54.26
N ASN J 491 5.08 23.79 54.72
CA ASN J 491 5.03 24.95 53.82
C ASN J 491 6.00 24.79 52.66
N LEU J 492 7.18 24.23 52.91
CA LEU J 492 8.14 24.05 51.84
C LEU J 492 7.58 23.14 50.76
N ASN J 493 6.93 22.04 51.16
CA ASN J 493 6.32 21.15 50.18
C ASN J 493 5.20 21.83 49.42
N ASN J 494 4.31 22.56 50.13
CA ASN J 494 3.18 23.18 49.44
C ASN J 494 3.65 24.28 48.48
N THR J 495 4.70 25.01 48.84
CA THR J 495 5.22 26.02 47.93
C THR J 495 5.90 25.38 46.73
N THR J 496 6.65 24.29 46.97
CA THR J 496 7.36 23.63 45.89
C THR J 496 6.39 23.07 44.84
N THR J 497 5.31 22.41 45.30
CA THR J 497 4.39 21.82 44.33
C THR J 497 3.68 22.90 43.51
N ASN J 498 3.29 24.00 44.14
CA ASN J 498 2.62 25.08 43.42
C ASN J 498 3.56 25.73 42.40
N LEU J 499 4.81 25.96 42.80
CA LEU J 499 5.77 26.53 41.85
C LEU J 499 6.02 25.57 40.69
N SER J 500 6.09 24.27 40.98
CA SER J 500 6.30 23.29 39.92
C SER J 500 5.14 23.28 38.93
N GLU J 501 3.90 23.30 39.44
CA GLU J 501 2.76 23.28 38.53
C GLU J 501 2.68 24.58 37.74
N ALA J 502 3.03 25.71 38.36
CA ALA J 502 3.06 26.97 37.62
C ALA J 502 4.07 26.92 36.48
N GLN J 503 5.28 26.40 36.76
CA GLN J 503 6.26 26.25 35.70
C GLN J 503 5.75 25.32 34.61
N SER J 504 5.07 24.25 34.99
CA SER J 504 4.50 23.34 34.00
C SER J 504 3.51 24.06 33.10
N ARG J 505 2.67 24.93 33.69
CA ARG J 505 1.81 25.77 32.86
C ARG J 505 2.63 26.63 31.91
N ILE J 506 3.76 27.16 32.40
CA ILE J 506 4.59 28.02 31.56
C ILE J 506 5.28 27.22 30.48
N GLN J 507 5.74 26.00 30.80
CA GLN J 507 6.76 25.30 30.00
C GLN J 507 6.31 23.86 29.68
N ASP J 508 5.10 23.70 29.17
CA ASP J 508 4.63 22.41 28.69
C ASP J 508 4.37 22.50 27.19
N ALA J 509 4.71 21.43 26.47
CA ALA J 509 4.61 21.45 25.02
C ALA J 509 3.18 21.31 24.53
N ASP J 510 2.33 20.60 25.29
CA ASP J 510 0.94 20.35 24.92
C ASP J 510 0.87 19.63 23.56
N TYR J 511 1.35 18.39 23.59
CA TYR J 511 1.52 17.60 22.37
C TYR J 511 0.23 17.51 21.55
N ALA J 512 -0.92 17.53 22.22
CA ALA J 512 -2.19 17.41 21.51
C ALA J 512 -2.38 18.53 20.50
N THR J 513 -2.01 19.75 20.88
CA THR J 513 -2.12 20.87 19.95
C THR J 513 -1.02 20.82 18.89
N GLU J 514 0.18 20.40 19.27
CA GLU J 514 1.33 20.54 18.36
C GLU J 514 1.30 19.47 17.28
N VAL J 515 0.73 18.30 17.57
CA VAL J 515 0.66 17.24 16.57
C VAL J 515 -0.21 17.67 15.39
N SER J 516 -1.27 18.44 15.66
CA SER J 516 -2.11 18.95 14.59
C SER J 516 -1.32 19.89 13.68
N ASN J 517 -0.51 20.77 14.27
CA ASN J 517 0.32 21.67 13.47
C ASN J 517 1.33 20.88 12.64
N MET J 518 1.91 19.84 13.23
CA MET J 518 2.82 18.99 12.48
C MET J 518 2.12 18.35 11.29
N SER J 519 0.90 17.84 11.50
CA SER J 519 0.15 17.22 10.43
C SER J 519 -0.16 18.22 9.32
N LYS J 520 -0.58 19.43 9.69
CA LYS J 520 -0.86 20.45 8.68
C LYS J 520 0.39 20.80 7.90
N ALA J 521 1.53 20.94 8.58
CA ALA J 521 2.78 21.25 7.89
C ALA J 521 3.15 20.13 6.92
N GLN J 522 2.98 18.88 7.34
CA GLN J 522 3.30 17.75 6.47
C GLN J 522 2.39 17.74 5.23
N ILE J 523 1.10 18.02 5.42
CA ILE J 523 0.19 18.06 4.28
C ILE J 523 0.58 19.17 3.32
N ILE J 524 0.88 20.36 3.86
CA ILE J 524 1.23 21.50 3.01
C ILE J 524 2.53 21.23 2.26
N GLN J 525 3.47 20.51 2.88
CA GLN J 525 4.71 20.19 2.18
C GLN J 525 4.46 19.32 0.96
N GLN J 526 3.62 18.29 1.10
CA GLN J 526 3.30 17.43 -0.04
C GLN J 526 2.55 18.22 -1.12
N ALA J 527 1.61 19.07 -0.70
CA ALA J 527 0.89 19.89 -1.67
C ALA J 527 1.84 20.79 -2.44
N GLY J 528 2.77 21.42 -1.74
CA GLY J 528 3.74 22.29 -2.40
C GLY J 528 4.65 21.53 -3.35
N ASN J 529 5.08 20.33 -2.94
CA ASN J 529 5.90 19.52 -3.83
C ASN J 529 5.14 19.14 -5.10
N SER J 530 3.87 18.75 -4.96
CA SER J 530 3.09 18.37 -6.11
C SER J 530 2.89 19.56 -7.06
N VAL J 531 2.55 20.73 -6.51
CA VAL J 531 2.28 21.88 -7.37
C VAL J 531 3.57 22.39 -8.01
N LEU J 532 4.70 22.28 -7.30
CA LEU J 532 5.98 22.63 -7.91
C LEU J 532 6.31 21.68 -9.05
N ALA J 533 6.07 20.38 -8.87
CA ALA J 533 6.31 19.42 -9.93
C ALA J 533 5.44 19.74 -11.14
N LYS J 534 4.18 20.11 -10.91
CA LYS J 534 3.33 20.52 -12.02
C LYS J 534 3.84 21.79 -12.68
N ALA J 535 4.34 22.74 -11.90
CA ALA J 535 4.80 24.01 -12.44
C ALA J 535 6.05 23.84 -13.29
N ASN J 536 6.87 22.82 -12.99
CA ASN J 536 8.06 22.57 -13.80
C ASN J 536 7.67 22.22 -15.25
N GLN J 537 6.42 21.81 -15.46
CA GLN J 537 6.02 21.36 -16.79
C GLN J 537 5.72 22.54 -17.72
N VAL J 538 5.56 23.74 -17.16
CA VAL J 538 5.14 24.91 -17.92
C VAL J 538 6.05 25.20 -19.12
N PRO J 539 7.38 25.18 -18.99
CA PRO J 539 8.21 25.45 -20.17
C PRO J 539 8.06 24.44 -21.30
N GLN J 540 7.55 23.24 -21.01
CA GLN J 540 7.50 22.19 -22.03
C GLN J 540 6.56 22.55 -23.18
N GLN J 541 5.49 23.27 -22.90
CA GLN J 541 4.51 23.58 -23.94
C GLN J 541 5.13 24.44 -25.05
N VAL J 542 6.21 25.16 -24.74
CA VAL J 542 6.82 26.05 -25.71
C VAL J 542 7.40 25.26 -26.88
N LEU J 543 8.05 24.13 -26.59
CA LEU J 543 8.70 23.35 -27.64
C LEU J 543 7.72 22.92 -28.73
N SER J 544 6.47 22.68 -28.34
CA SER J 544 5.45 22.29 -29.32
C SER J 544 5.21 23.40 -30.33
N LEU J 545 5.43 24.65 -29.94
CA LEU J 545 5.18 25.77 -30.84
C LEU J 545 6.26 25.88 -31.90
N LEU J 546 7.44 25.31 -31.64
CA LEU J 546 8.55 25.44 -32.57
C LEU J 546 8.26 24.75 -33.90
N GLN J 547 7.68 23.55 -33.85
CA GLN J 547 7.38 22.81 -35.07
C GLN J 547 5.91 22.40 -35.14
N ALA K 2 0.96 47.57 -98.49
CA ALA K 2 1.06 48.75 -97.64
C ALA K 2 1.55 49.95 -98.43
N GLN K 3 1.51 51.13 -97.81
CA GLN K 3 1.96 52.35 -98.47
C GLN K 3 2.79 53.20 -97.53
N VAL K 4 2.89 52.80 -96.26
CA VAL K 4 3.70 53.53 -95.28
C VAL K 4 5.13 53.02 -95.30
N ILE K 5 5.92 53.50 -96.26
CA ILE K 5 7.32 53.12 -96.33
C ILE K 5 8.13 53.81 -95.24
N ASN K 6 7.84 55.09 -95.00
CA ASN K 6 8.72 55.91 -94.18
C ASN K 6 8.61 55.58 -92.69
N THR K 7 7.38 55.39 -92.19
CA THR K 7 7.15 55.29 -90.76
C THR K 7 6.13 54.20 -90.48
N ASN K 8 6.25 53.58 -89.31
CA ASN K 8 5.38 52.48 -88.88
C ASN K 8 4.79 52.84 -87.52
N SER K 9 3.55 53.36 -87.53
CA SER K 9 2.87 53.69 -86.28
C SER K 9 2.22 52.47 -85.65
N LEU K 10 1.96 51.44 -86.46
CA LEU K 10 1.34 50.22 -85.93
C LEU K 10 2.22 49.59 -84.85
N SER K 11 3.54 49.60 -85.07
CA SER K 11 4.45 49.17 -84.01
C SER K 11 4.35 50.08 -82.80
N LEU K 12 4.25 51.39 -83.02
CA LEU K 12 4.25 52.35 -81.93
C LEU K 12 3.05 52.16 -81.01
N ILE K 13 1.91 51.76 -81.57
CA ILE K 13 0.72 51.55 -80.74
C ILE K 13 0.95 50.41 -79.74
N THR K 14 1.53 49.30 -80.21
CA THR K 14 1.82 48.18 -79.32
C THR K 14 2.82 48.58 -78.25
N GLN K 15 3.85 49.34 -78.63
CA GLN K 15 4.80 49.82 -77.64
C GLN K 15 4.13 50.69 -76.60
N ASN K 16 3.20 51.56 -77.04
CA ASN K 16 2.46 52.39 -76.10
C ASN K 16 1.70 51.53 -75.08
N ASN K 17 0.99 50.52 -75.57
CA ASN K 17 0.25 49.64 -74.67
C ASN K 17 1.19 48.95 -73.69
N ILE K 18 2.32 48.44 -74.19
CA ILE K 18 3.28 47.74 -73.34
C ILE K 18 3.82 48.66 -72.26
N ASN K 19 4.16 49.91 -72.63
CA ASN K 19 4.66 50.87 -71.66
C ASN K 19 3.62 51.21 -70.62
N LYS K 20 2.36 51.38 -71.03
CA LYS K 20 1.29 51.55 -70.04
C LYS K 20 1.18 50.34 -69.13
N ASN K 21 1.61 49.16 -69.61
CA ASN K 21 1.38 47.96 -68.81
C ASN K 21 2.50 47.65 -67.82
N GLN K 22 3.74 48.08 -68.09
CA GLN K 22 4.75 47.83 -67.04
C GLN K 22 4.41 48.56 -65.75
N SER K 23 3.56 49.59 -65.81
CA SER K 23 3.13 50.22 -64.57
C SER K 23 2.44 49.21 -63.66
N ALA K 24 1.43 48.52 -64.19
CA ALA K 24 0.75 47.50 -63.41
C ALA K 24 1.68 46.34 -63.07
N LEU K 25 2.53 45.94 -64.03
CA LEU K 25 3.47 44.86 -63.77
C LEU K 25 4.36 45.17 -62.57
N SER K 26 5.03 46.32 -62.61
CA SER K 26 5.95 46.69 -61.53
C SER K 26 5.21 46.87 -60.22
N SER K 27 4.02 47.49 -60.26
CA SER K 27 3.26 47.68 -59.02
C SER K 27 2.92 46.34 -58.38
N SER K 28 2.43 45.39 -59.18
CA SER K 28 2.11 44.07 -58.64
C SER K 28 3.35 43.38 -58.10
N ILE K 29 4.47 43.47 -58.83
CA ILE K 29 5.69 42.80 -58.39
C ILE K 29 6.17 43.34 -57.05
N GLU K 30 6.16 44.67 -56.88
CA GLU K 30 6.64 45.23 -55.62
C GLU K 30 5.65 44.98 -54.49
N ARG K 31 4.34 45.01 -54.79
CA ARG K 31 3.35 44.72 -53.77
C ARG K 31 3.42 43.25 -53.36
N LEU K 32 4.00 42.40 -54.21
CA LEU K 32 4.29 41.03 -53.80
C LEU K 32 5.57 40.93 -52.97
N SER K 33 6.65 41.55 -53.45
CA SER K 33 7.94 41.42 -52.77
C SER K 33 7.88 42.01 -51.36
N SER K 34 7.28 43.17 -51.21
CA SER K 34 7.11 43.76 -49.89
C SER K 34 5.72 43.45 -49.35
N GLY K 35 5.64 43.25 -48.03
CA GLY K 35 4.40 42.82 -47.43
C GLY K 35 3.31 43.87 -47.49
N LEU K 36 3.68 45.14 -47.33
CA LEU K 36 2.69 46.20 -47.20
C LEU K 36 1.87 46.34 -48.48
N ARG K 37 0.60 46.72 -48.32
CA ARG K 37 -0.19 47.14 -49.47
C ARG K 37 0.16 48.54 -49.91
N ILE K 38 0.43 49.44 -48.95
N ILE K 38 0.43 49.44 -48.95
CA ILE K 38 0.68 50.84 -49.27
CA ILE K 38 0.68 50.84 -49.27
C ILE K 38 2.01 50.98 -50.01
C ILE K 38 2.01 50.98 -50.01
N ASN K 39 3.09 50.41 -49.45
CA ASN K 39 4.38 50.31 -50.13
C ASN K 39 4.94 51.67 -50.57
N SER K 40 5.27 52.53 -49.60
CA SER K 40 5.97 53.77 -49.91
C SER K 40 5.12 54.63 -50.86
N ALA K 41 4.05 55.22 -50.34
CA ALA K 41 2.87 55.53 -51.14
C ALA K 41 3.09 56.61 -52.20
N LYS K 42 3.68 56.21 -53.33
CA LYS K 42 3.43 56.89 -54.58
C LYS K 42 1.95 56.86 -54.95
N ASP K 43 1.23 55.86 -54.44
CA ASP K 43 -0.22 55.78 -54.52
C ASP K 43 -0.79 56.69 -53.42
N ASP K 44 -2.08 56.60 -53.12
CA ASP K 44 -2.74 57.47 -52.15
C ASP K 44 -1.93 57.56 -50.86
N ALA K 45 -1.45 58.77 -50.57
CA ALA K 45 -0.60 58.97 -49.40
C ALA K 45 -1.42 59.13 -48.12
N ALA K 46 -2.73 59.36 -48.26
CA ALA K 46 -3.58 59.47 -47.09
C ALA K 46 -3.59 58.16 -46.30
N GLY K 47 -3.70 57.04 -47.00
CA GLY K 47 -3.59 55.76 -46.32
C GLY K 47 -2.24 55.56 -45.66
N GLN K 48 -1.17 56.04 -46.30
CA GLN K 48 0.15 55.96 -45.69
C GLN K 48 0.22 56.74 -44.40
N ALA K 49 -0.34 57.96 -44.39
CA ALA K 49 -0.33 58.77 -43.17
C ALA K 49 -1.17 58.11 -42.08
N ILE K 50 -2.34 57.59 -42.43
CA ILE K 50 -3.18 56.92 -41.43
C ILE K 50 -2.45 55.70 -40.86
N ALA K 51 -1.79 54.93 -41.73
CA ALA K 51 -1.05 53.76 -41.26
C ALA K 51 0.10 54.16 -40.36
N ASN K 52 0.81 55.25 -40.70
CA ASN K 52 1.90 55.71 -39.86
C ASN K 52 1.39 56.12 -38.48
N ARG K 53 0.26 56.85 -38.45
CA ARG K 53 -0.32 57.24 -37.17
C ARG K 53 -0.73 56.02 -36.36
N PHE K 54 -1.34 55.02 -37.01
CA PHE K 54 -1.77 53.82 -36.29
C PHE K 54 -0.57 53.04 -35.77
N THR K 55 0.50 52.94 -36.57
CA THR K 55 1.69 52.24 -36.11
C THR K 55 2.29 52.94 -34.89
N SER K 56 2.39 54.26 -34.94
CA SER K 56 2.92 55.00 -33.80
C SER K 56 2.05 54.80 -32.56
N ASN K 57 0.73 54.84 -32.75
CA ASN K 57 -0.20 54.65 -31.64
C ASN K 57 -0.05 53.26 -31.03
N ILE K 58 0.10 52.24 -31.88
CA ILE K 58 0.21 50.87 -31.40
C ILE K 58 1.52 50.68 -30.64
N LYS K 59 2.62 51.22 -31.17
CA LYS K 59 3.88 51.12 -30.45
C LYS K 59 3.81 51.82 -29.10
N GLY K 60 3.18 53.00 -29.06
CA GLY K 60 3.01 53.69 -27.79
C GLY K 60 2.17 52.89 -26.80
N LEU K 61 1.07 52.31 -27.27
CA LEU K 61 0.22 51.50 -26.39
C LEU K 61 0.95 50.27 -25.88
N THR K 62 1.73 49.62 -26.74
CA THR K 62 2.49 48.46 -26.32
C THR K 62 3.53 48.84 -25.26
N GLN K 63 4.24 49.94 -25.48
CA GLN K 63 5.22 50.38 -24.49
C GLN K 63 4.56 50.75 -23.18
N ALA K 64 3.41 51.42 -23.23
CA ALA K 64 2.69 51.78 -22.01
C ALA K 64 2.20 50.54 -21.28
N ALA K 65 1.70 49.55 -22.02
CA ALA K 65 1.23 48.32 -21.40
C ALA K 65 2.38 47.59 -20.71
N ARG K 66 3.56 47.57 -21.34
CA ARG K 66 4.72 46.98 -20.70
C ARG K 66 5.11 47.76 -19.45
N ASN K 67 5.05 49.09 -19.51
CA ASN K 67 5.44 49.91 -18.36
C ASN K 67 4.43 49.76 -17.22
N ALA K 68 3.20 49.36 -17.54
CA ALA K 68 2.15 49.30 -16.52
C ALA K 68 2.46 48.27 -15.45
N ASN K 69 3.04 47.12 -15.82
CA ASN K 69 3.30 46.07 -14.85
C ASN K 69 4.36 46.49 -13.83
N ASP K 70 5.11 47.55 -14.12
CA ASP K 70 6.04 48.08 -13.13
C ASP K 70 5.30 48.50 -11.87
N GLY K 71 4.09 49.06 -12.03
CA GLY K 71 3.32 49.46 -10.86
C GLY K 71 2.91 48.29 -9.99
N ILE K 72 2.44 47.21 -10.59
CA ILE K 72 2.03 46.06 -9.79
C ILE K 72 3.24 45.40 -9.15
N SER K 73 4.38 45.39 -9.85
CA SER K 73 5.61 44.87 -9.22
C SER K 73 6.01 45.71 -8.02
N VAL K 74 5.94 47.03 -8.15
CA VAL K 74 6.30 47.91 -7.03
C VAL K 74 5.34 47.69 -5.87
N ALA K 75 4.04 47.59 -6.15
CA ALA K 75 3.06 47.41 -5.09
C ALA K 75 3.22 46.05 -4.41
N GLN K 76 3.56 45.01 -5.18
CA GLN K 76 3.81 43.71 -4.58
C GLN K 76 5.03 43.76 -3.67
N THR K 77 6.09 44.43 -4.10
CA THR K 77 7.26 44.60 -3.25
C THR K 77 6.89 45.35 -1.96
N THR K 78 6.08 46.39 -2.09
CA THR K 78 5.70 47.18 -0.93
C THR K 78 4.84 46.38 0.04
N GLU K 79 3.90 45.58 -0.47
CA GLU K 79 3.07 44.77 0.42
C GLU K 79 3.89 43.68 1.09
N GLY K 80 4.84 43.08 0.36
CA GLY K 80 5.74 42.13 0.97
C GLY K 80 6.57 42.75 2.08
N ALA K 81 7.01 43.99 1.88
CA ALA K 81 7.77 44.69 2.91
C ALA K 81 6.89 44.99 4.13
N LEU K 82 5.67 45.47 3.91
CA LEU K 82 4.84 45.89 5.03
C LEU K 82 4.21 44.70 5.75
N SER K 83 4.26 43.52 5.15
CA SER K 83 3.87 42.32 5.88
C SER K 83 4.74 42.16 7.13
N GLU K 84 6.00 42.54 7.04
CA GLU K 84 6.88 42.53 8.21
C GLU K 84 6.38 43.48 9.27
N ILE K 85 5.99 44.70 8.87
CA ILE K 85 5.47 45.66 9.84
C ILE K 85 4.22 45.11 10.50
N ASN K 86 3.33 44.50 9.72
CA ASN K 86 2.10 43.93 10.26
C ASN K 86 2.41 42.85 11.29
N ASN K 87 3.25 41.89 10.92
CA ASN K 87 3.54 40.77 11.82
C ASN K 87 4.28 41.25 13.07
N ASN K 88 5.23 42.18 12.92
CA ASN K 88 5.99 42.65 14.07
C ASN K 88 5.12 43.48 15.00
N LEU K 89 4.23 44.31 14.45
CA LEU K 89 3.30 45.05 15.28
C LEU K 89 2.36 44.11 16.03
N GLN K 90 1.90 43.05 15.36
CA GLN K 90 1.06 42.06 16.03
C GLN K 90 1.83 41.38 17.15
N ARG K 91 3.09 41.03 16.91
CA ARG K 91 3.89 40.41 17.96
C ARG K 91 4.09 41.36 19.13
N ILE K 92 4.34 42.63 18.86
CA ILE K 92 4.50 43.61 19.93
C ILE K 92 3.21 43.70 20.75
N ARG K 93 2.07 43.75 20.08
CA ARG K 93 0.78 43.71 20.78
C ARG K 93 0.69 42.45 21.64
N GLU K 94 1.23 41.35 21.14
CA GLU K 94 1.16 40.07 21.87
C GLU K 94 1.83 40.17 23.24
N LEU K 95 3.13 40.47 23.27
CA LEU K 95 3.79 40.53 24.58
C LEU K 95 3.42 41.79 25.33
N THR K 96 2.82 42.78 24.68
CA THR K 96 2.23 43.90 25.42
C THR K 96 1.05 43.43 26.25
N VAL K 97 0.17 42.63 25.65
CA VAL K 97 -0.90 41.98 26.42
C VAL K 97 -0.31 41.10 27.51
N GLN K 98 0.79 40.41 27.21
CA GLN K 98 1.43 39.57 28.21
C GLN K 98 1.93 40.39 29.40
N ALA K 99 2.53 41.55 29.13
CA ALA K 99 3.19 42.33 30.18
C ALA K 99 2.21 43.26 30.87
N SER K 100 1.00 43.42 30.33
CA SER K 100 0.03 44.31 30.96
C SER K 100 -0.31 43.86 32.38
N THR K 101 -0.47 42.56 32.58
CA THR K 101 -0.73 42.02 33.91
C THR K 101 0.47 42.25 34.83
N GLY K 102 0.19 42.57 36.09
CA GLY K 102 1.21 42.90 37.07
C GLY K 102 1.80 41.75 37.84
N THR K 103 1.46 40.50 37.51
CA THR K 103 2.04 39.36 38.22
C THR K 103 3.54 39.27 37.99
N ASN K 104 4.00 39.68 36.81
CA ASN K 104 5.43 39.62 36.51
C ASN K 104 6.20 40.62 37.38
N SER K 105 7.45 40.28 37.66
CA SER K 105 8.31 41.16 38.43
C SER K 105 8.90 42.25 37.53
N ASP K 106 9.57 43.21 38.16
CA ASP K 106 10.15 44.33 37.42
C ASP K 106 11.22 43.85 36.45
N SER K 107 12.05 42.89 36.87
CA SER K 107 13.03 42.31 35.97
C SER K 107 12.35 41.62 34.79
N ASP K 108 11.18 41.02 35.03
CA ASP K 108 10.43 40.42 33.93
C ASP K 108 9.99 41.49 32.94
N LEU K 109 9.53 42.63 33.43
CA LEU K 109 9.16 43.73 32.54
C LEU K 109 10.37 44.24 31.77
N ASP K 110 11.53 44.30 32.41
CA ASP K 110 12.74 44.71 31.71
C ASP K 110 13.11 43.74 30.60
N SER K 111 13.01 42.43 30.88
CA SER K 111 13.28 41.44 29.84
C SER K 111 12.29 41.54 28.69
N ILE K 112 11.02 41.83 29.01
CA ILE K 112 10.04 42.06 27.96
C ILE K 112 10.42 43.29 27.13
N GLN K 113 10.85 44.36 27.81
CA GLN K 113 11.20 45.59 27.11
C GLN K 113 12.41 45.39 26.20
N ASP K 114 13.31 44.46 26.57
CA ASP K 114 14.42 44.15 25.68
C ASP K 114 13.93 43.68 24.32
N GLU K 115 13.01 42.71 24.30
CA GLU K 115 12.47 42.21 23.04
C GLU K 115 11.62 43.27 22.37
N ILE K 116 10.94 44.11 23.15
CA ILE K 116 10.19 45.23 22.59
C ILE K 116 11.11 46.16 21.80
N LYS K 117 12.23 46.54 22.40
CA LYS K 117 13.17 47.44 21.72
C LYS K 117 13.76 46.76 20.50
N SER K 118 14.01 45.46 20.58
CA SER K 118 14.48 44.73 19.41
C SER K 118 13.47 44.80 18.27
N ARG K 119 12.18 44.60 18.59
CA ARG K 119 11.14 44.67 17.57
C ARG K 119 11.03 46.07 16.97
N LEU K 120 11.09 47.10 17.80
CA LEU K 120 11.02 48.47 17.28
C LEU K 120 12.21 48.78 16.39
N ASP K 121 13.40 48.34 16.79
CA ASP K 121 14.59 48.53 15.95
C ASP K 121 14.43 47.81 14.62
N GLU K 122 13.89 46.59 14.64
CA GLU K 122 13.66 45.88 13.39
C GLU K 122 12.65 46.61 12.51
N ILE K 123 11.61 47.17 13.12
CA ILE K 123 10.60 47.89 12.34
C ILE K 123 11.23 49.10 11.65
N ASP K 124 11.98 49.90 12.41
CA ASP K 124 12.65 51.05 11.82
C ASP K 124 13.64 50.63 10.75
N ARG K 125 14.35 49.53 10.98
CA ARG K 125 15.29 49.02 9.98
C ARG K 125 14.59 48.69 8.68
N VAL K 126 13.68 47.71 8.71
CA VAL K 126 13.02 47.26 7.50
C VAL K 126 12.25 48.42 6.85
N SER K 127 11.84 49.41 7.64
CA SER K 127 11.32 50.64 7.07
C SER K 127 12.39 51.35 6.26
N GLY K 128 13.61 51.40 6.79
CA GLY K 128 14.66 52.19 6.16
C GLY K 128 15.19 51.56 4.89
N GLN K 129 15.77 50.35 4.99
CA GLN K 129 16.61 49.86 3.90
C GLN K 129 15.80 49.28 2.75
N THR K 130 14.51 49.02 2.94
CA THR K 130 13.71 48.47 1.86
C THR K 130 13.62 49.46 0.70
N GLN K 131 13.66 48.93 -0.52
CA GLN K 131 13.64 49.78 -1.71
C GLN K 131 13.35 48.93 -2.94
N PHE K 132 13.13 49.61 -4.06
CA PHE K 132 12.92 48.96 -5.35
C PHE K 132 13.38 49.91 -6.44
N ASN K 133 14.15 49.37 -7.40
CA ASN K 133 14.66 50.14 -8.53
C ASN K 133 15.43 51.37 -8.05
N GLY K 134 16.16 51.21 -6.95
CA GLY K 134 16.95 52.30 -6.40
C GLY K 134 16.16 53.47 -5.87
N VAL K 135 14.84 53.35 -5.76
CA VAL K 135 13.98 54.39 -5.24
C VAL K 135 13.33 53.86 -3.96
N ASN K 136 13.59 54.51 -2.84
CA ASN K 136 13.08 54.07 -1.56
C ASN K 136 11.56 54.26 -1.52
N VAL K 137 10.85 53.19 -1.18
CA VAL K 137 9.39 53.25 -1.16
C VAL K 137 8.89 53.80 0.17
N LEU K 138 9.71 53.68 1.22
CA LEU K 138 9.30 54.10 2.56
C LEU K 138 10.19 55.17 3.16
N ALA K 139 11.46 55.26 2.74
CA ALA K 139 12.37 56.22 3.36
C ALA K 139 11.95 57.65 3.08
N LYS K 140 11.46 57.92 1.88
CA LYS K 140 10.98 59.25 1.51
C LYS K 140 9.53 59.15 1.04
N ASP K 141 8.72 60.10 1.48
CA ASP K 141 7.33 60.14 1.06
C ASP K 141 7.25 60.72 -0.34
N GLY K 142 6.56 60.02 -1.24
CA GLY K 142 6.42 60.48 -2.60
C GLY K 142 5.29 59.78 -3.31
N SER K 143 5.00 60.23 -4.53
CA SER K 143 3.98 59.63 -5.36
C SER K 143 4.51 59.47 -6.78
N MET K 144 4.00 58.47 -7.48
CA MET K 144 4.39 58.21 -8.86
C MET K 144 3.16 57.76 -9.65
N LYS K 145 3.08 58.20 -10.90
CA LYS K 145 1.98 57.87 -11.78
C LYS K 145 2.52 57.07 -12.96
N ILE K 146 1.94 55.89 -13.20
CA ILE K 146 2.41 55.03 -14.28
C ILE K 146 1.92 55.55 -15.62
N GLN K 147 2.83 55.68 -16.57
CA GLN K 147 2.49 56.14 -17.91
C GLN K 147 1.83 55.00 -18.67
N VAL K 148 0.50 55.03 -18.74
CA VAL K 148 -0.28 53.93 -19.29
C VAL K 148 -0.97 54.29 -20.59
N GLY K 149 -0.49 55.32 -21.29
CA GLY K 149 -1.08 55.71 -22.56
C GLY K 149 -0.11 56.47 -23.41
N ALA K 150 -0.15 56.19 -24.71
CA ALA K 150 0.70 56.92 -25.65
C ALA K 150 0.35 58.39 -25.68
N ASN K 151 -0.95 58.72 -25.61
CA ASN K 151 -1.37 60.10 -25.51
C ASN K 151 -0.91 60.70 -24.19
N ASP K 152 -0.39 61.93 -24.26
CA ASP K 152 0.16 62.57 -23.08
C ASP K 152 -0.94 62.86 -22.06
N GLY K 153 -0.58 62.74 -20.77
CA GLY K 153 -1.48 63.08 -19.69
C GLY K 153 -2.32 61.93 -19.17
N GLN K 154 -2.25 60.74 -19.78
CA GLN K 154 -3.02 59.58 -19.35
C GLN K 154 -2.16 58.78 -18.36
N THR K 155 -2.41 58.96 -17.07
CA THR K 155 -1.63 58.30 -16.04
C THR K 155 -2.54 57.91 -14.87
N ILE K 156 -2.07 56.97 -14.07
CA ILE K 156 -2.78 56.49 -12.89
C ILE K 156 -1.85 56.59 -11.69
N THR K 157 -2.36 57.14 -10.59
CA THR K 157 -1.50 57.52 -9.47
C THR K 157 -1.29 56.36 -8.50
N ILE K 158 -0.06 56.24 -8.00
CA ILE K 158 0.28 55.29 -6.93
C ILE K 158 0.77 56.10 -5.73
N ASP K 159 0.28 55.75 -4.55
CA ASP K 159 0.54 56.48 -3.32
C ASP K 159 1.58 55.75 -2.47
N LEU K 160 2.62 56.48 -2.07
CA LEU K 160 3.61 55.99 -1.12
C LEU K 160 3.72 56.97 0.03
N LYS K 161 4.02 56.45 1.23
CA LYS K 161 4.01 57.24 2.45
C LYS K 161 5.20 56.86 3.33
N LYS K 162 5.54 57.75 4.26
CA LYS K 162 6.45 57.40 5.35
C LYS K 162 5.86 56.27 6.18
N ILE K 163 6.67 55.26 6.46
CA ILE K 163 6.26 54.19 7.35
C ILE K 163 7.36 54.00 8.39
N ASP K 164 7.25 54.71 9.51
CA ASP K 164 8.22 54.61 10.59
C ASP K 164 7.48 54.52 11.93
N SER K 165 8.25 54.15 12.98
CA SER K 165 7.66 54.02 14.31
C SER K 165 7.08 55.34 14.78
N ASP K 166 7.81 56.44 14.57
CA ASP K 166 7.26 57.76 14.88
C ASP K 166 6.12 58.12 13.94
N THR K 167 6.26 57.79 12.66
CA THR K 167 5.20 58.09 11.70
C THR K 167 3.92 57.33 12.04
N LEU K 168 4.04 56.05 12.39
CA LEU K 168 2.88 55.30 12.84
C LEU K 168 2.42 55.78 14.22
N GLY K 169 3.25 56.53 14.91
CA GLY K 169 2.81 57.11 16.16
C GLY K 169 3.88 57.00 17.24
N LEU K 170 3.51 56.27 18.30
CA LEU K 170 4.04 56.40 19.66
C LEU K 170 5.56 56.55 19.68
N ASN K 171 6.33 55.53 19.30
CA ASN K 171 7.80 55.56 19.23
C ASN K 171 8.40 55.68 20.64
N GLY K 172 7.61 56.10 21.61
CA GLY K 172 8.00 56.11 23.01
C GLY K 172 7.44 54.97 23.82
N PHE K 173 7.68 53.73 23.43
CA PHE K 173 6.97 52.59 24.01
C PHE K 173 7.85 51.87 25.01
N ASN K 174 7.42 51.84 26.27
CA ASN K 174 8.10 51.13 27.33
C ASN K 174 7.05 50.46 28.21
N VAL K 175 7.46 49.41 28.93
CA VAL K 175 6.57 48.72 29.85
C VAL K 175 7.01 48.83 31.29
N ASN K 176 8.22 49.31 31.55
CA ASN K 176 8.71 49.41 32.93
C ASN K 176 7.90 50.42 33.73
N GLY K 177 7.62 51.58 33.15
CA GLY K 177 6.88 52.62 33.84
C GLY K 177 7.61 53.95 33.85
N GLU K 455 8.77 57.02 31.33
CA GLU K 455 7.36 56.77 31.58
C GLU K 455 6.77 55.85 30.51
N SER K 456 6.15 54.76 30.95
CA SER K 456 5.51 53.84 30.03
C SER K 456 4.30 54.49 29.37
N THR K 457 3.99 54.02 28.15
CA THR K 457 2.80 54.50 27.47
C THR K 457 1.57 54.15 28.28
N SER K 458 0.71 55.16 28.50
CA SER K 458 -0.45 54.96 29.37
C SER K 458 -1.43 53.96 28.78
N ASP K 459 -1.72 54.08 27.49
CA ASP K 459 -2.70 53.22 26.80
C ASP K 459 -2.02 52.65 25.57
N PRO K 460 -1.24 51.57 25.72
CA PRO K 460 -0.51 51.03 24.57
C PRO K 460 -1.38 50.30 23.57
N LEU K 461 -2.33 49.50 24.05
CA LEU K 461 -3.07 48.60 23.16
C LEU K 461 -3.84 49.37 22.11
N ALA K 462 -4.45 50.49 22.49
CA ALA K 462 -5.16 51.31 21.53
C ALA K 462 -4.22 51.87 20.46
N ALA K 463 -3.02 52.30 20.86
CA ALA K 463 -2.06 52.81 19.89
C ALA K 463 -1.63 51.71 18.91
N LEU K 464 -1.38 50.50 19.43
CA LEU K 464 -1.02 49.39 18.55
C LEU K 464 -2.16 49.07 17.58
N ASP K 465 -3.40 49.04 18.07
CA ASP K 465 -4.54 48.77 17.20
C ASP K 465 -4.67 49.84 16.13
N ASP K 466 -4.48 51.10 16.50
CA ASP K 466 -4.56 52.18 15.52
C ASP K 466 -3.48 52.02 14.45
N ALA K 467 -2.25 51.74 14.86
CA ALA K 467 -1.16 51.58 13.89
C ALA K 467 -1.44 50.43 12.93
N ILE K 468 -1.95 49.32 13.47
CA ILE K 468 -2.38 48.22 12.60
C ILE K 468 -3.45 48.70 11.64
N SER K 469 -4.33 49.59 12.10
CA SER K 469 -5.37 50.12 11.23
C SER K 469 -4.80 50.89 10.05
N GLN K 470 -3.83 51.79 10.30
CA GLN K 470 -3.26 52.52 9.16
C GLN K 470 -2.49 51.58 8.23
N ILE K 471 -1.79 50.59 8.80
CA ILE K 471 -1.09 49.63 7.94
C ILE K 471 -2.08 48.89 7.05
N ASP K 472 -3.21 48.46 7.62
CA ASP K 472 -4.23 47.77 6.84
C ASP K 472 -4.81 48.67 5.76
N LYS K 473 -5.05 49.94 6.08
CA LYS K 473 -5.56 50.87 5.07
C LYS K 473 -4.57 51.05 3.93
N PHE K 474 -3.28 51.18 4.27
CA PHE K 474 -2.26 51.35 3.23
C PHE K 474 -2.18 50.14 2.32
N ARG K 475 -2.20 48.93 2.90
CA ARG K 475 -2.12 47.74 2.07
C ARG K 475 -3.40 47.53 1.27
N SER K 476 -4.54 47.98 1.81
CA SER K 476 -5.79 47.94 1.03
C SER K 476 -5.71 48.86 -0.18
N SER K 477 -5.16 50.07 0.01
CA SER K 477 -4.98 50.97 -1.12
C SER K 477 -4.04 50.36 -2.15
N LEU K 478 -2.98 49.69 -1.69
CA LEU K 478 -2.07 49.02 -2.62
C LEU K 478 -2.79 47.93 -3.40
N GLY K 479 -3.64 47.15 -2.74
CA GLY K 479 -4.41 46.13 -3.45
C GLY K 479 -5.34 46.73 -4.48
N ALA K 480 -6.01 47.83 -4.12
CA ALA K 480 -6.90 48.50 -5.07
C ALA K 480 -6.14 48.99 -6.30
N VAL K 481 -4.97 49.60 -6.09
CA VAL K 481 -4.21 50.10 -7.23
C VAL K 481 -3.66 48.94 -8.05
N GLN K 482 -3.35 47.81 -7.41
CA GLN K 482 -2.95 46.62 -8.17
C GLN K 482 -4.08 46.16 -9.09
N ASN K 483 -5.29 46.10 -8.57
CA ASN K 483 -6.42 45.70 -9.41
C ASN K 483 -6.64 46.68 -10.55
N ARG K 484 -6.55 47.98 -10.26
CA ARG K 484 -6.73 48.98 -11.32
C ARG K 484 -5.65 48.82 -12.39
N LEU K 485 -4.41 48.60 -11.98
CA LEU K 485 -3.32 48.44 -12.95
C LEU K 485 -3.51 47.20 -13.80
N ASP K 486 -3.94 46.09 -13.21
CA ASP K 486 -4.17 44.89 -13.99
C ASP K 486 -5.30 45.08 -14.99
N SER K 487 -6.37 45.76 -14.58
CA SER K 487 -7.44 46.08 -15.52
C SER K 487 -6.91 46.96 -16.66
N ALA K 488 -6.05 47.93 -16.33
CA ALA K 488 -5.45 48.76 -17.36
C ALA K 488 -4.61 47.92 -18.32
N VAL K 489 -3.84 46.97 -17.79
CA VAL K 489 -2.99 46.13 -18.64
C VAL K 489 -3.83 45.31 -19.61
N THR K 490 -4.87 44.65 -19.11
CA THR K 490 -5.66 43.80 -19.99
C THR K 490 -6.41 44.63 -21.04
N ASN K 491 -6.94 45.79 -20.63
CA ASN K 491 -7.64 46.62 -21.60
C ASN K 491 -6.69 47.20 -22.64
N LEU K 492 -5.48 47.57 -22.21
CA LEU K 492 -4.49 48.07 -23.16
C LEU K 492 -4.07 46.98 -24.14
N ASN K 493 -3.91 45.75 -23.66
CA ASN K 493 -3.58 44.65 -24.58
C ASN K 493 -4.69 44.45 -25.59
N ASN K 494 -5.95 44.45 -25.14
CA ASN K 494 -7.06 44.28 -26.07
C ASN K 494 -7.11 45.40 -27.09
N THR K 495 -6.92 46.65 -26.64
CA THR K 495 -6.96 47.79 -27.55
C THR K 495 -5.83 47.73 -28.56
N THR K 496 -4.63 47.34 -28.10
CA THR K 496 -3.51 47.19 -29.02
C THR K 496 -3.80 46.13 -30.07
N THR K 497 -4.39 45.01 -29.66
CA THR K 497 -4.75 43.98 -30.63
C THR K 497 -5.72 44.52 -31.66
N ASN K 498 -6.80 45.18 -31.20
CA ASN K 498 -7.80 45.69 -32.14
C ASN K 498 -7.21 46.71 -33.09
N LEU K 499 -6.33 47.58 -32.59
CA LEU K 499 -5.65 48.53 -33.47
C LEU K 499 -4.73 47.81 -34.45
N SER K 500 -4.19 46.66 -34.05
CA SER K 500 -3.39 45.87 -34.98
C SER K 500 -4.24 45.35 -36.13
N GLU K 501 -5.42 44.79 -35.84
CA GLU K 501 -6.30 44.40 -36.95
C GLU K 501 -6.71 45.61 -37.78
N ALA K 502 -6.91 46.76 -37.12
CA ALA K 502 -7.26 47.96 -37.86
C ALA K 502 -6.18 48.34 -38.88
N GLN K 503 -4.92 48.39 -38.43
CA GLN K 503 -3.85 48.77 -39.34
C GLN K 503 -3.67 47.72 -40.43
N SER K 504 -3.80 46.43 -40.10
CA SER K 504 -3.65 45.40 -41.11
C SER K 504 -4.75 45.50 -42.16
N ARG K 505 -5.97 45.81 -41.74
CA ARG K 505 -7.05 46.02 -42.70
C ARG K 505 -6.78 47.24 -43.57
N ILE K 506 -6.24 48.32 -42.97
CA ILE K 506 -5.93 49.51 -43.75
C ILE K 506 -4.85 49.22 -44.77
N GLN K 507 -3.79 48.51 -44.36
CA GLN K 507 -2.72 48.10 -45.27
C GLN K 507 -2.74 46.58 -45.39
N ASP K 508 -3.57 46.10 -46.31
CA ASP K 508 -3.76 44.67 -46.54
C ASP K 508 -3.40 44.34 -47.98
N ALA K 509 -2.32 43.57 -48.14
CA ALA K 509 -1.89 43.19 -49.49
C ALA K 509 -2.94 42.35 -50.18
N ASP K 510 -3.64 41.50 -49.43
CA ASP K 510 -4.71 40.65 -49.96
C ASP K 510 -4.18 39.81 -51.12
N TYR K 511 -3.28 38.89 -50.77
CA TYR K 511 -2.47 38.20 -51.77
C TYR K 511 -3.32 37.53 -52.83
N ALA K 512 -4.54 37.12 -52.47
CA ALA K 512 -5.40 36.41 -53.42
C ALA K 512 -5.60 37.21 -54.70
N THR K 513 -5.97 38.49 -54.57
CA THR K 513 -6.27 39.29 -55.76
C THR K 513 -5.01 39.71 -56.49
N GLU K 514 -3.90 39.87 -55.77
CA GLU K 514 -2.71 40.44 -56.39
C GLU K 514 -1.89 39.38 -57.12
N VAL K 515 -1.93 38.13 -56.67
CA VAL K 515 -1.16 37.08 -57.34
C VAL K 515 -1.57 36.97 -58.80
N SER K 516 -2.87 37.12 -59.09
CA SER K 516 -3.34 37.02 -60.46
C SER K 516 -2.81 38.15 -61.33
N ASN K 517 -2.52 39.31 -60.73
CA ASN K 517 -2.27 40.52 -61.53
C ASN K 517 -1.01 40.41 -62.36
N MET K 518 0.11 39.96 -61.77
CA MET K 518 1.32 39.88 -62.58
C MET K 518 1.18 38.86 -63.69
N SER K 519 0.50 37.75 -63.43
CA SER K 519 0.21 36.80 -64.50
C SER K 519 -0.56 37.47 -65.62
N LYS K 520 -1.60 38.25 -65.28
CA LYS K 520 -2.29 39.07 -66.26
C LYS K 520 -1.29 39.90 -67.06
N ALA K 521 -0.43 40.63 -66.34
CA ALA K 521 0.57 41.44 -67.01
C ALA K 521 1.46 40.59 -67.91
N GLN K 522 2.24 39.67 -67.33
CA GLN K 522 3.22 38.93 -68.13
C GLN K 522 2.59 38.31 -69.36
N ILE K 523 1.36 37.81 -69.24
CA ILE K 523 0.64 37.33 -70.43
C ILE K 523 0.46 38.46 -71.44
N ILE K 524 0.08 39.66 -70.97
CA ILE K 524 -0.17 40.74 -71.90
C ILE K 524 1.11 41.19 -72.60
N GLN K 525 2.22 41.32 -71.85
CA GLN K 525 3.47 41.70 -72.52
C GLN K 525 3.95 40.60 -73.46
N GLN K 526 3.74 39.33 -73.12
CA GLN K 526 4.13 38.27 -74.04
C GLN K 526 3.34 38.36 -75.34
N ALA K 527 2.02 38.58 -75.23
CA ALA K 527 1.21 38.79 -76.42
C ALA K 527 1.67 40.02 -77.19
N GLY K 528 2.08 41.06 -76.46
CA GLY K 528 2.57 42.26 -77.11
C GLY K 528 3.84 42.02 -77.89
N ASN K 529 4.78 41.25 -77.32
CA ASN K 529 5.99 40.90 -78.04
C ASN K 529 5.65 40.08 -79.28
N SER K 530 4.73 39.13 -79.16
CA SER K 530 4.34 38.33 -80.32
C SER K 530 3.76 39.21 -81.43
N VAL K 531 2.81 40.09 -81.07
CA VAL K 531 2.15 40.92 -82.09
C VAL K 531 3.13 41.93 -82.66
N LEU K 532 4.08 42.41 -81.85
CA LEU K 532 5.10 43.34 -82.35
C LEU K 532 6.01 42.65 -83.34
N ALA K 533 6.42 41.41 -83.04
CA ALA K 533 7.23 40.65 -83.99
C ALA K 533 6.48 40.43 -85.30
N LYS K 534 5.17 40.13 -85.20
CA LYS K 534 4.37 40.01 -86.41
C LYS K 534 4.29 41.32 -87.18
N ALA K 535 4.11 42.44 -86.48
CA ALA K 535 3.88 43.72 -87.13
C ALA K 535 5.17 44.28 -87.74
N ASN K 536 6.33 43.85 -87.23
CA ASN K 536 7.58 44.32 -87.80
C ASN K 536 7.77 43.81 -89.23
N GLN K 537 6.99 42.80 -89.62
CA GLN K 537 7.16 42.22 -90.95
C GLN K 537 6.22 42.84 -91.97
N VAL K 538 5.36 43.76 -91.53
CA VAL K 538 4.32 44.35 -92.37
C VAL K 538 4.86 45.05 -93.62
N PRO K 539 5.90 45.90 -93.53
CA PRO K 539 6.32 46.65 -94.73
C PRO K 539 7.39 45.97 -95.56
N GLN K 540 7.66 44.69 -95.29
CA GLN K 540 8.82 44.04 -95.90
C GLN K 540 8.66 43.89 -97.41
N GLN K 541 7.44 43.61 -97.88
CA GLN K 541 7.23 43.37 -99.31
C GLN K 541 7.52 44.59 -100.16
N VAL K 542 7.59 45.77 -99.54
CA VAL K 542 7.95 46.98 -100.28
C VAL K 542 9.32 46.84 -100.90
N LEU K 543 10.26 46.23 -100.16
CA LEU K 543 11.61 46.02 -100.69
C LEU K 543 11.58 45.10 -101.91
N SER K 544 10.75 44.05 -101.87
CA SER K 544 10.64 43.15 -103.01
C SER K 544 10.01 43.83 -104.22
N LEU K 545 9.01 44.67 -103.98
CA LEU K 545 8.23 45.23 -105.08
C LEU K 545 9.07 46.16 -105.96
N LEU K 546 10.03 46.88 -105.36
CA LEU K 546 10.75 47.90 -106.12
C LEU K 546 11.56 47.29 -107.26
N GLN K 547 12.16 46.13 -107.04
CA GLN K 547 12.93 45.47 -108.08
C GLN K 547 12.45 44.04 -108.31
N ALA L 2 -5.92 32.08 -47.77
CA ALA L 2 -5.80 33.28 -46.94
C ALA L 2 -5.46 34.50 -47.79
N GLN L 3 -5.64 35.69 -47.23
CA GLN L 3 -5.37 36.92 -47.95
C GLN L 3 -4.36 37.80 -47.21
N VAL L 4 -4.47 37.87 -45.88
CA VAL L 4 -3.63 38.77 -45.11
C VAL L 4 -2.57 37.97 -44.36
N ILE L 5 -1.31 38.38 -44.51
CA ILE L 5 -0.20 37.72 -43.84
C ILE L 5 0.68 38.71 -43.08
N ASN L 6 0.70 39.98 -43.48
CA ASN L 6 1.57 40.96 -42.81
C ASN L 6 1.30 41.02 -41.32
N THR L 7 0.04 40.90 -40.92
CA THR L 7 -0.34 40.76 -39.52
C THR L 7 -1.29 39.58 -39.41
N ASN L 8 -0.80 38.48 -38.84
CA ASN L 8 -1.58 37.26 -38.68
C ASN L 8 -2.46 37.44 -37.45
N SER L 9 -3.64 38.04 -37.66
CA SER L 9 -4.54 38.31 -36.55
C SER L 9 -5.01 37.02 -35.89
N LEU L 10 -5.22 35.96 -36.68
CA LEU L 10 -5.79 34.73 -36.15
C LEU L 10 -4.92 34.13 -35.05
N SER L 11 -3.61 34.07 -35.27
CA SER L 11 -2.70 33.57 -34.25
C SER L 11 -2.72 34.50 -33.03
N LEU L 12 -2.87 35.80 -33.26
CA LEU L 12 -2.70 36.77 -32.20
C LEU L 12 -3.93 36.85 -31.30
N ILE L 13 -5.10 36.44 -31.82
CA ILE L 13 -6.32 36.45 -31.00
C ILE L 13 -6.18 35.51 -29.81
N THR L 14 -5.68 34.31 -30.04
CA THR L 14 -5.65 33.29 -28.99
C THR L 14 -4.76 33.72 -27.82
N GLN L 15 -3.67 34.42 -28.13
CA GLN L 15 -2.73 34.81 -27.08
C GLN L 15 -3.40 35.69 -26.03
N ASN L 16 -4.36 36.50 -26.44
CA ASN L 16 -5.08 37.32 -25.47
C ASN L 16 -5.77 36.46 -24.42
N ASN L 17 -6.51 35.44 -24.88
CA ASN L 17 -7.21 34.56 -23.96
C ASN L 17 -6.22 33.79 -23.09
N ILE L 18 -5.12 33.32 -23.69
CA ILE L 18 -4.14 32.56 -22.91
C ILE L 18 -3.53 33.44 -21.82
N ASN L 19 -3.20 34.69 -22.16
CA ASN L 19 -2.63 35.62 -21.19
C ASN L 19 -3.62 35.92 -20.07
N LYS L 20 -4.90 36.09 -20.41
CA LYS L 20 -5.90 36.22 -19.37
C LYS L 20 -5.98 34.94 -18.53
N ASN L 21 -5.62 33.81 -19.12
CA ASN L 21 -5.72 32.54 -18.41
C ASN L 21 -4.62 32.36 -17.36
N GLN L 22 -3.37 32.74 -17.68
CA GLN L 22 -2.32 32.50 -16.67
C GLN L 22 -2.60 33.25 -15.38
N SER L 23 -3.33 34.36 -15.45
CA SER L 23 -3.68 35.08 -14.22
C SER L 23 -4.46 34.19 -13.27
N ALA L 24 -5.56 33.61 -13.78
CA ALA L 24 -6.37 32.71 -12.95
C ALA L 24 -5.58 31.46 -12.57
N LEU L 25 -4.75 30.94 -13.48
CA LEU L 25 -3.98 29.75 -13.18
C LEU L 25 -3.03 29.98 -12.02
N SER L 26 -2.22 31.04 -12.10
CA SER L 26 -1.28 31.35 -11.04
C SER L 26 -2.00 31.68 -9.74
N SER L 27 -3.10 32.42 -9.82
CA SER L 27 -3.86 32.71 -8.61
C SER L 27 -4.32 31.43 -7.94
N SER L 28 -4.95 30.53 -8.69
CA SER L 28 -5.47 29.30 -8.12
C SER L 28 -4.34 28.45 -7.53
N ILE L 29 -3.23 28.33 -8.25
CA ILE L 29 -2.16 27.44 -7.76
C ILE L 29 -1.51 28.03 -6.51
N GLU L 30 -1.43 29.36 -6.43
CA GLU L 30 -0.80 29.96 -5.24
C GLU L 30 -1.75 29.90 -4.05
N ARG L 31 -3.06 30.02 -4.28
CA ARG L 31 -4.02 29.80 -3.19
C ARG L 31 -4.03 28.34 -2.75
N LEU L 32 -3.69 27.42 -3.65
CA LEU L 32 -3.58 26.02 -3.25
C LEU L 32 -2.31 25.77 -2.44
N SER L 33 -1.18 26.34 -2.86
CA SER L 33 0.09 26.04 -2.23
C SER L 33 0.07 26.42 -0.75
N SER L 34 -0.62 27.50 -0.40
CA SER L 34 -0.83 27.83 0.99
C SER L 34 -2.21 27.34 1.44
N GLY L 35 -2.41 27.30 2.75
CA GLY L 35 -3.71 26.92 3.27
C GLY L 35 -4.67 28.10 3.33
N LEU L 36 -4.24 29.26 2.84
CA LEU L 36 -5.01 30.49 2.93
C LEU L 36 -5.47 30.91 1.54
N ARG L 37 -6.49 31.77 1.49
CA ARG L 37 -7.05 32.14 0.19
C ARG L 37 -6.68 33.57 -0.20
N ILE L 38 -6.44 34.44 0.79
N ILE L 38 -6.44 34.44 0.79
CA ILE L 38 -5.99 35.80 0.48
CA ILE L 38 -5.99 35.80 0.48
C ILE L 38 -4.58 35.77 -0.08
C ILE L 38 -4.58 35.77 -0.08
N ASN L 39 -3.62 35.31 0.73
CA ASN L 39 -2.24 35.08 0.31
C ASN L 39 -1.54 36.32 -0.28
N SER L 40 -2.17 37.47 -0.12
CA SER L 40 -1.66 38.70 -0.72
C SER L 40 -2.48 39.92 -0.33
N ALA L 41 -2.08 41.09 -0.84
CA ALA L 41 -2.97 42.25 -0.76
C ALA L 41 -3.80 42.40 -2.02
N LYS L 42 -3.55 41.53 -3.02
CA LYS L 42 -4.23 41.65 -4.31
C LYS L 42 -5.73 41.49 -4.18
N ASP L 43 -6.17 40.52 -3.39
CA ASP L 43 -7.59 40.18 -3.32
C ASP L 43 -8.32 41.18 -2.42
N ASP L 44 -9.57 40.88 -2.08
CA ASP L 44 -10.37 41.77 -1.27
C ASP L 44 -9.69 42.05 0.07
N ALA L 45 -9.27 43.30 0.26
CA ALA L 45 -8.44 43.63 1.41
C ALA L 45 -9.25 43.74 2.69
N ALA L 46 -10.55 44.01 2.58
CA ALA L 46 -11.39 44.08 3.78
C ALA L 46 -11.42 42.75 4.50
N GLY L 47 -11.55 41.66 3.76
CA GLY L 47 -11.63 40.34 4.37
C GLY L 47 -10.38 40.00 5.16
N GLN L 48 -9.21 40.33 4.61
CA GLN L 48 -7.95 40.10 5.32
C GLN L 48 -7.72 41.09 6.44
N ALA L 49 -8.24 42.31 6.33
CA ALA L 49 -8.11 43.27 7.44
C ALA L 49 -8.89 42.80 8.66
N ILE L 50 -10.14 42.37 8.44
CA ILE L 50 -10.92 41.87 9.56
C ILE L 50 -10.26 40.62 10.14
N ALA L 51 -9.69 39.78 9.27
CA ALA L 51 -8.98 38.59 9.74
C ALA L 51 -7.76 38.96 10.58
N ASN L 52 -7.04 40.01 10.18
CA ASN L 52 -5.93 40.51 10.98
C ASN L 52 -6.42 40.95 12.34
N ARG L 53 -7.58 41.60 12.39
CA ARG L 53 -8.16 41.96 13.68
C ARG L 53 -8.45 40.72 14.53
N PHE L 54 -9.04 39.68 13.93
CA PHE L 54 -9.28 38.45 14.68
C PHE L 54 -8.00 37.84 15.20
N THR L 55 -6.91 37.92 14.41
CA THR L 55 -5.65 37.37 14.87
C THR L 55 -5.21 38.04 16.17
N SER L 56 -5.29 39.37 16.21
CA SER L 56 -4.96 40.11 17.43
C SER L 56 -5.85 39.68 18.58
N ASN L 57 -7.16 39.56 18.32
CA ASN L 57 -8.09 39.15 19.38
C ASN L 57 -7.69 37.80 19.95
N ILE L 58 -7.43 36.83 19.08
CA ILE L 58 -7.14 35.47 19.54
C ILE L 58 -5.85 35.41 20.33
N LYS L 59 -4.77 36.02 19.81
CA LYS L 59 -3.51 35.98 20.53
C LYS L 59 -3.61 36.70 21.88
N GLY L 60 -4.30 37.84 21.91
CA GLY L 60 -4.49 38.53 23.17
C GLY L 60 -5.27 37.71 24.17
N LEU L 61 -6.33 37.04 23.71
CA LEU L 61 -7.14 36.22 24.61
C LEU L 61 -6.32 35.05 25.16
N THR L 62 -5.52 34.40 24.31
CA THR L 62 -4.68 33.31 24.78
C THR L 62 -3.68 33.79 25.83
N GLN L 63 -3.04 34.94 25.58
CA GLN L 63 -2.10 35.47 26.57
C GLN L 63 -2.81 35.82 27.88
N ALA L 64 -4.02 36.39 27.79
CA ALA L 64 -4.74 36.76 28.99
C ALA L 64 -5.12 35.53 29.81
N ALA L 65 -5.53 34.45 29.14
CA ALA L 65 -5.82 33.21 29.86
C ALA L 65 -4.57 32.65 30.51
N ARG L 66 -3.45 32.65 29.78
CA ARG L 66 -2.18 32.19 30.34
C ARG L 66 -1.80 33.00 31.57
N ASN L 67 -2.07 34.31 31.53
CA ASN L 67 -1.72 35.17 32.66
C ASN L 67 -2.67 34.94 33.83
N ALA L 68 -3.94 34.65 33.55
CA ALA L 68 -4.89 34.34 34.61
C ALA L 68 -4.54 33.03 35.31
N ASN L 69 -3.88 32.13 34.59
CA ASN L 69 -3.34 30.94 35.25
C ASN L 69 -2.31 31.32 36.32
N ASP L 70 -1.50 32.34 36.03
CA ASP L 70 -0.59 32.85 37.05
C ASP L 70 -1.36 33.38 38.25
N GLY L 71 -2.51 34.03 38.01
CA GLY L 71 -3.31 34.53 39.11
C GLY L 71 -3.86 33.41 39.99
N ILE L 72 -4.36 32.35 39.38
CA ILE L 72 -4.89 31.24 40.19
C ILE L 72 -3.76 30.57 40.96
N SER L 73 -2.57 30.45 40.35
CA SER L 73 -1.43 29.92 41.08
C SER L 73 -1.06 30.78 42.27
N VAL L 74 -1.04 32.10 42.08
CA VAL L 74 -0.76 33.02 43.18
C VAL L 74 -1.77 32.84 44.29
N ALA L 75 -3.06 32.78 43.94
CA ALA L 75 -4.10 32.67 44.94
C ALA L 75 -3.98 31.37 45.73
N GLN L 76 -3.69 30.26 45.04
CA GLN L 76 -3.61 28.98 45.76
C GLN L 76 -2.38 28.93 46.66
N THR L 77 -1.25 29.50 46.20
CA THR L 77 -0.08 29.57 47.08
C THR L 77 -0.39 30.40 48.33
N THR L 78 -1.04 31.55 48.12
CA THR L 78 -1.36 32.41 49.25
C THR L 78 -2.31 31.74 50.23
N GLU L 79 -3.31 31.01 49.72
CA GLU L 79 -4.24 30.36 50.62
C GLU L 79 -3.59 29.18 51.32
N GLY L 80 -2.59 28.56 50.70
CA GLY L 80 -1.83 27.54 51.42
C GLY L 80 -1.07 28.12 52.60
N ALA L 81 -0.39 29.25 52.39
CA ALA L 81 0.26 29.92 53.51
C ALA L 81 -0.75 30.33 54.57
N LEU L 82 -1.92 30.81 54.13
CA LEU L 82 -2.99 31.18 55.04
C LEU L 82 -3.44 29.98 55.86
N SER L 83 -3.55 28.81 55.23
CA SER L 83 -3.95 27.61 55.95
C SER L 83 -2.91 27.24 57.00
N GLU L 84 -1.63 27.36 56.66
CA GLU L 84 -0.60 27.12 57.67
C GLU L 84 -0.78 28.05 58.88
N ILE L 85 -0.94 29.34 58.61
CA ILE L 85 -1.12 30.31 59.70
C ILE L 85 -2.38 29.99 60.50
N ASN L 86 -3.43 29.53 59.82
CA ASN L 86 -4.66 29.16 60.51
C ASN L 86 -4.42 27.99 61.44
N ASN L 87 -3.67 26.98 61.00
CA ASN L 87 -3.37 25.86 61.88
C ASN L 87 -2.58 26.31 63.10
N ASN L 88 -1.58 27.18 62.89
CA ASN L 88 -0.80 27.67 64.03
C ASN L 88 -1.67 28.44 65.01
N LEU L 89 -2.56 29.30 64.49
CA LEU L 89 -3.44 30.08 65.35
C LEU L 89 -4.40 29.17 66.12
N GLN L 90 -4.92 28.14 65.46
CA GLN L 90 -5.81 27.21 66.15
C GLN L 90 -5.08 26.46 67.25
N ARG L 91 -3.82 26.08 66.99
CA ARG L 91 -3.03 25.44 68.02
C ARG L 91 -2.86 26.36 69.22
N ILE L 92 -2.55 27.63 68.97
CA ILE L 92 -2.42 28.59 70.07
C ILE L 92 -3.74 28.72 70.83
N ARG L 93 -4.85 28.82 70.11
CA ARG L 93 -6.15 29.01 70.74
C ARG L 93 -6.50 27.83 71.63
N GLU L 94 -6.25 26.61 71.15
CA GLU L 94 -6.52 25.44 71.97
C GLU L 94 -5.57 25.35 73.15
N LEU L 95 -4.34 25.88 73.00
CA LEU L 95 -3.37 25.77 74.08
C LEU L 95 -3.68 26.74 75.22
N THR L 96 -4.12 27.96 74.90
CA THR L 96 -4.36 28.95 75.96
C THR L 96 -5.38 28.46 76.97
N VAL L 97 -6.28 27.56 76.56
CA VAL L 97 -7.26 27.02 77.50
C VAL L 97 -6.57 26.27 78.62
N GLN L 98 -5.51 25.53 78.29
CA GLN L 98 -4.76 24.81 79.31
C GLN L 98 -4.12 25.77 80.32
N ALA L 99 -3.56 26.87 79.82
CA ALA L 99 -2.93 27.84 80.72
C ALA L 99 -3.95 28.57 81.56
N SER L 100 -5.17 28.75 81.03
CA SER L 100 -6.20 29.47 81.77
C SER L 100 -6.64 28.72 83.02
N THR L 101 -6.39 27.42 83.08
CA THR L 101 -6.81 26.62 84.23
C THR L 101 -6.02 27.02 85.46
N GLY L 102 -6.71 27.12 86.61
CA GLY L 102 -6.08 27.64 87.81
C GLY L 102 -5.15 26.67 88.49
N THR L 103 -5.18 25.40 88.10
CA THR L 103 -4.33 24.41 88.76
C THR L 103 -2.88 24.54 88.33
N ASN L 104 -2.63 25.19 87.19
CA ASN L 104 -1.28 25.34 86.70
C ASN L 104 -0.46 26.23 87.62
N SER L 105 0.78 25.84 87.85
CA SER L 105 1.70 26.64 88.66
C SER L 105 2.33 27.73 87.82
N ASP L 106 3.13 28.57 88.48
CA ASP L 106 3.85 29.62 87.76
C ASP L 106 4.82 29.05 86.74
N SER L 107 5.56 28.01 87.13
CA SER L 107 6.51 27.39 86.22
C SER L 107 5.80 26.78 85.02
N ASP L 108 4.64 26.17 85.24
CA ASP L 108 3.85 25.66 84.12
C ASP L 108 3.44 26.78 83.18
N LEU L 109 3.03 27.92 83.74
CA LEU L 109 2.68 29.06 82.91
C LEU L 109 3.85 29.54 82.08
N ASP L 110 5.04 29.61 82.70
CA ASP L 110 6.23 30.02 81.94
C ASP L 110 6.54 29.03 80.84
N SER L 111 6.41 27.73 81.11
CA SER L 111 6.68 26.72 80.08
C SER L 111 5.71 26.84 78.92
N ILE L 112 4.42 27.08 79.22
CA ILE L 112 3.44 27.30 78.15
C ILE L 112 3.77 28.55 77.37
N GLN L 113 4.29 29.58 78.05
CA GLN L 113 4.65 30.82 77.39
C GLN L 113 5.75 30.59 76.35
N ASP L 114 6.64 29.62 76.60
CA ASP L 114 7.67 29.31 75.62
C ASP L 114 7.06 28.83 74.31
N GLU L 115 6.09 27.91 74.39
CA GLU L 115 5.46 27.42 73.18
C GLU L 115 4.65 28.52 72.50
N ILE L 116 4.00 29.37 73.29
CA ILE L 116 3.27 30.49 72.72
C ILE L 116 4.21 31.39 71.92
N LYS L 117 5.35 31.74 72.52
CA LYS L 117 6.31 32.60 71.85
C LYS L 117 6.88 31.95 70.60
N SER L 118 7.13 30.63 70.65
CA SER L 118 7.63 29.94 69.46
C SER L 118 6.63 30.03 68.32
N ARG L 119 5.35 29.81 68.61
CA ARG L 119 4.32 29.90 67.58
C ARG L 119 4.22 31.32 67.02
N LEU L 120 4.27 32.33 67.89
CA LEU L 120 4.21 33.70 67.38
C LEU L 120 5.40 34.02 66.50
N ASP L 121 6.60 33.60 66.91
CA ASP L 121 7.79 33.85 66.09
C ASP L 121 7.69 33.16 64.74
N GLU L 122 7.23 31.91 64.71
CA GLU L 122 7.13 31.22 63.43
C GLU L 122 6.01 31.82 62.57
N ILE L 123 4.94 32.32 63.18
CA ILE L 123 3.90 32.99 62.43
C ILE L 123 4.46 34.24 61.74
N ASP L 124 5.19 35.06 62.50
CA ASP L 124 5.81 36.24 61.90
C ASP L 124 6.79 35.84 60.82
N ARG L 125 7.54 34.76 61.05
CA ARG L 125 8.51 34.28 60.08
C ARG L 125 7.85 33.89 58.75
N VAL L 126 6.82 33.04 58.82
CA VAL L 126 6.15 32.57 57.61
C VAL L 126 5.46 33.74 56.91
N SER L 127 4.92 34.69 57.69
CA SER L 127 4.29 35.85 57.09
C SER L 127 5.30 36.68 56.30
N GLY L 128 6.42 37.02 56.94
CA GLY L 128 7.38 37.91 56.30
C GLY L 128 8.11 37.28 55.14
N GLN L 129 8.46 35.99 55.26
CA GLN L 129 9.47 35.43 54.36
C GLN L 129 8.86 34.83 53.10
N THR L 130 7.59 34.43 53.14
CA THR L 130 6.99 33.79 51.99
C THR L 130 6.91 34.75 50.81
N GLN L 131 7.15 34.24 49.61
CA GLN L 131 7.12 35.06 48.40
C GLN L 131 6.91 34.16 47.20
N PHE L 132 6.43 34.76 46.12
CA PHE L 132 6.18 34.05 44.87
C PHE L 132 6.69 34.90 43.71
N ASN L 133 7.53 34.31 42.85
CA ASN L 133 8.03 34.96 41.65
C ASN L 133 8.69 36.30 41.99
N GLY L 134 9.44 36.32 43.08
CA GLY L 134 10.10 37.53 43.51
C GLY L 134 9.20 38.58 44.10
N VAL L 135 7.94 38.26 44.37
CA VAL L 135 6.97 39.19 44.92
C VAL L 135 6.53 38.68 46.28
N ASN L 136 6.71 39.50 47.31
CA ASN L 136 6.29 39.14 48.67
C ASN L 136 4.77 39.25 48.73
N VAL L 137 4.09 38.12 48.51
CA VAL L 137 2.64 38.13 48.42
C VAL L 137 2.00 38.47 49.76
N LEU L 138 2.67 38.12 50.85
CA LEU L 138 2.09 38.27 52.18
C LEU L 138 2.81 39.30 53.05
N ALA L 139 4.07 39.60 52.75
CA ALA L 139 4.87 40.44 53.65
C ALA L 139 4.37 41.88 53.67
N LYS L 140 4.08 42.45 52.50
CA LYS L 140 3.73 43.87 52.41
C LYS L 140 2.39 44.05 51.73
N ASP L 141 1.69 45.10 52.11
CA ASP L 141 0.37 45.39 51.57
C ASP L 141 0.50 45.83 50.12
N GLY L 142 -0.57 45.59 49.34
CA GLY L 142 -0.59 45.99 47.95
C GLY L 142 -1.88 45.56 47.30
N SER L 143 -1.97 45.84 45.99
CA SER L 143 -3.11 45.44 45.19
C SER L 143 -2.63 45.18 43.77
N MET L 144 -2.72 43.92 43.34
CA MET L 144 -2.20 43.51 42.04
C MET L 144 -3.37 43.04 41.18
N LYS L 145 -3.40 43.51 39.93
CA LYS L 145 -4.52 43.27 39.02
C LYS L 145 -4.04 42.46 37.84
N ILE L 146 -4.87 41.50 37.41
CA ILE L 146 -4.54 40.61 36.30
C ILE L 146 -5.41 40.99 35.11
N GLN L 147 -4.77 41.34 33.99
CA GLN L 147 -5.50 41.70 32.78
C GLN L 147 -5.96 40.45 32.04
N VAL L 148 -7.25 40.39 31.75
CA VAL L 148 -7.86 39.18 31.19
C VAL L 148 -8.55 39.47 29.85
N GLY L 149 -8.05 40.44 29.08
CA GLY L 149 -8.65 40.71 27.78
C GLY L 149 -7.75 41.56 26.93
N ALA L 150 -7.90 41.40 25.61
CA ALA L 150 -7.10 42.17 24.67
C ALA L 150 -7.51 43.64 24.66
N ASN L 151 -8.70 43.95 25.15
CA ASN L 151 -9.15 45.33 25.19
C ASN L 151 -8.59 46.05 26.41
N ASP L 152 -8.78 47.36 26.42
CA ASP L 152 -8.12 48.24 27.38
C ASP L 152 -8.83 48.24 28.72
N GLY L 153 -8.04 48.33 29.80
CA GLY L 153 -8.57 48.65 31.12
C GLY L 153 -9.19 47.51 31.88
N GLN L 154 -9.24 46.30 31.32
CA GLN L 154 -9.90 45.18 32.00
C GLN L 154 -8.87 44.37 32.78
N THR L 155 -8.95 44.49 34.10
CA THR L 155 -8.14 43.69 35.01
C THR L 155 -9.00 43.21 36.16
N ILE L 156 -8.59 42.11 36.78
CA ILE L 156 -9.25 41.55 37.95
C ILE L 156 -8.44 41.91 39.19
N THR L 157 -9.11 42.45 40.20
CA THR L 157 -8.42 42.88 41.40
C THR L 157 -8.33 41.75 42.42
N ILE L 158 -7.14 41.54 42.95
CA ILE L 158 -6.91 40.62 44.07
C ILE L 158 -6.54 41.44 45.28
N ASP L 159 -7.26 41.24 46.38
CA ASP L 159 -7.04 41.98 47.61
C ASP L 159 -5.88 41.35 48.37
N LEU L 160 -4.74 42.04 48.38
CA LEU L 160 -3.55 41.59 49.09
C LEU L 160 -3.34 42.45 50.32
N LYS L 161 -3.13 41.82 51.46
CA LYS L 161 -2.91 42.52 52.72
C LYS L 161 -1.66 41.99 53.39
N LYS L 162 -0.84 42.89 53.92
CA LYS L 162 0.26 42.45 54.77
C LYS L 162 -0.31 41.90 56.07
N ILE L 163 0.16 40.72 56.45
CA ILE L 163 -0.44 39.98 57.55
C ILE L 163 0.63 39.57 58.55
N ASP L 164 0.87 40.41 59.55
CA ASP L 164 1.85 40.11 60.57
C ASP L 164 1.18 40.04 61.95
N SER L 165 1.91 39.49 62.92
CA SER L 165 1.34 39.25 64.24
C SER L 165 0.74 40.51 64.84
N ASP L 166 1.40 41.65 64.64
CA ASP L 166 0.81 42.93 65.07
C ASP L 166 -0.43 43.25 64.22
N THR L 167 -0.35 43.02 62.91
CA THR L 167 -1.50 43.21 62.05
C THR L 167 -2.61 42.22 62.40
N LEU L 168 -2.25 41.02 62.88
CA LEU L 168 -3.24 40.08 63.35
C LEU L 168 -4.05 40.65 64.51
N GLY L 169 -3.52 41.65 65.18
CA GLY L 169 -4.15 42.10 66.40
C GLY L 169 -3.14 42.16 67.54
N LEU L 170 -3.31 41.22 68.47
CA LEU L 170 -2.82 41.29 69.85
C LEU L 170 -1.42 41.86 69.88
N ASN L 171 -0.41 41.22 69.26
CA ASN L 171 0.98 41.67 69.25
C ASN L 171 1.58 41.57 70.64
N GLY L 172 0.75 41.27 71.64
CA GLY L 172 1.20 41.08 73.00
C GLY L 172 0.63 39.80 73.60
N PHE L 173 1.49 38.87 73.98
CA PHE L 173 1.08 37.58 74.51
C PHE L 173 1.84 37.31 75.81
N ASN L 174 1.09 37.27 76.91
CA ASN L 174 1.66 36.95 78.22
C ASN L 174 0.62 36.24 79.05
N VAL L 175 1.02 35.09 79.61
CA VAL L 175 0.15 34.34 80.51
C VAL L 175 0.65 34.35 81.95
N ASN L 176 1.88 34.79 82.20
CA ASN L 176 2.44 34.82 83.54
C ASN L 176 2.88 36.20 83.99
N GLY L 177 3.31 37.05 83.06
CA GLY L 177 3.77 38.39 83.40
C GLY L 177 5.21 38.65 82.99
N GLU L 455 2.57 43.00 80.31
CA GLU L 455 1.47 42.61 81.20
C GLU L 455 0.62 41.57 80.48
N SER L 456 0.03 40.65 81.25
CA SER L 456 -0.75 39.56 80.66
C SER L 456 -1.94 40.10 79.89
N THR L 457 -2.20 39.48 78.74
CA THR L 457 -3.35 39.87 77.91
C THR L 457 -4.64 39.60 78.68
N SER L 458 -5.58 40.54 78.58
CA SER L 458 -6.82 40.45 79.35
C SER L 458 -7.63 39.22 78.94
N ASP L 459 -7.89 39.07 77.64
CA ASP L 459 -8.70 37.96 77.14
C ASP L 459 -8.23 37.62 75.73
N PRO L 460 -7.23 36.74 75.63
CA PRO L 460 -6.73 36.37 74.30
C PRO L 460 -7.73 35.60 73.45
N LEU L 461 -8.76 35.00 74.07
CA LEU L 461 -9.67 34.14 73.34
C LEU L 461 -10.44 34.92 72.28
N ALA L 462 -11.09 36.02 72.68
CA ALA L 462 -11.92 36.77 71.75
C ALA L 462 -11.10 37.38 70.62
N ALA L 463 -9.92 37.92 70.96
CA ALA L 463 -9.10 38.56 69.93
C ALA L 463 -8.48 37.54 69.00
N LEU L 464 -8.11 36.36 69.53
CA LEU L 464 -7.66 35.28 68.66
C LEU L 464 -8.77 34.82 67.72
N ASP L 465 -10.01 34.76 68.23
CA ASP L 465 -11.14 34.43 67.37
C ASP L 465 -11.35 35.51 66.31
N ASP L 466 -11.12 36.77 66.66
CA ASP L 466 -11.19 37.84 65.68
C ASP L 466 -10.14 37.66 64.59
N ALA L 467 -8.93 37.28 64.98
CA ALA L 467 -7.88 37.00 63.99
C ALA L 467 -8.30 35.84 63.09
N ILE L 468 -8.89 34.80 63.68
CA ILE L 468 -9.41 33.70 62.88
C ILE L 468 -10.45 34.20 61.88
N SER L 469 -11.35 35.08 62.34
CA SER L 469 -12.39 35.62 61.46
C SER L 469 -11.78 36.38 60.29
N GLN L 470 -10.80 37.24 60.56
CA GLN L 470 -10.24 38.04 59.48
C GLN L 470 -9.43 37.18 58.51
N ILE L 471 -8.69 36.19 59.02
CA ILE L 471 -7.94 35.32 58.13
C ILE L 471 -8.88 34.45 57.31
N ASP L 472 -10.03 34.09 57.90
CA ASP L 472 -11.05 33.37 57.15
C ASP L 472 -11.65 34.25 56.05
N LYS L 473 -11.84 35.54 56.34
CA LYS L 473 -12.29 36.46 55.31
C LYS L 473 -11.31 36.51 54.15
N PHE L 474 -10.01 36.59 54.47
CA PHE L 474 -9.00 36.63 53.42
C PHE L 474 -9.01 35.34 52.61
N ARG L 475 -9.13 34.19 53.29
CA ARG L 475 -9.19 32.91 52.58
C ARG L 475 -10.42 32.82 51.68
N SER L 476 -11.57 33.30 52.16
CA SER L 476 -12.78 33.29 51.36
C SER L 476 -12.64 34.18 50.13
N SER L 477 -12.02 35.35 50.31
CA SER L 477 -11.76 36.22 49.16
C SER L 477 -10.85 35.52 48.15
N LEU L 478 -9.83 34.82 48.64
CA LEU L 478 -8.95 34.07 47.73
C LEU L 478 -9.71 32.99 46.97
N GLY L 479 -10.55 32.23 47.66
CA GLY L 479 -11.33 31.20 46.97
C GLY L 479 -12.26 31.80 45.93
N ALA L 480 -12.92 32.91 46.28
CA ALA L 480 -13.79 33.58 45.33
C ALA L 480 -13.03 34.03 44.10
N VAL L 481 -11.85 34.62 44.28
CA VAL L 481 -11.10 35.12 43.13
C VAL L 481 -10.56 33.96 42.30
N GLN L 482 -10.25 32.82 42.93
CA GLN L 482 -9.91 31.63 42.15
C GLN L 482 -11.07 31.22 41.25
N ASN L 483 -12.29 31.21 41.80
CA ASN L 483 -13.45 30.88 40.98
C ASN L 483 -13.62 31.89 39.85
N ARG L 484 -13.40 33.17 40.15
CA ARG L 484 -13.53 34.22 39.14
C ARG L 484 -12.56 34.00 37.99
N LEU L 485 -11.29 33.73 38.31
CA LEU L 485 -10.29 33.53 37.26
C LEU L 485 -10.53 32.23 36.50
N ASP L 486 -11.06 31.20 37.17
CA ASP L 486 -11.43 29.98 36.46
C ASP L 486 -12.51 30.25 35.42
N SER L 487 -13.55 30.98 35.82
CA SER L 487 -14.58 31.37 34.86
C SER L 487 -13.98 32.19 33.73
N ALA L 488 -13.05 33.08 34.07
CA ALA L 488 -12.38 33.90 33.05
C ALA L 488 -11.67 33.03 32.02
N VAL L 489 -10.85 32.08 32.48
CA VAL L 489 -10.07 31.28 31.53
C VAL L 489 -10.99 30.41 30.69
N THR L 490 -12.05 29.87 31.29
CA THR L 490 -13.00 29.09 30.49
C THR L 490 -13.63 29.94 29.40
N ASN L 491 -14.14 31.12 29.75
CA ASN L 491 -14.79 31.98 28.75
C ASN L 491 -13.81 32.39 27.66
N LEU L 492 -12.59 32.75 28.05
CA LEU L 492 -11.59 33.15 27.06
C LEU L 492 -11.25 32.01 26.11
N ASN L 493 -11.12 30.79 26.63
CA ASN L 493 -10.81 29.66 25.74
C ASN L 493 -11.96 29.39 24.78
N ASN L 494 -13.20 29.44 25.27
CA ASN L 494 -14.34 29.23 24.39
C ASN L 494 -14.39 30.30 23.30
N THR L 495 -14.17 31.56 23.68
CA THR L 495 -14.18 32.63 22.69
C THR L 495 -13.03 32.47 21.71
N THR L 496 -11.88 32.00 22.19
CA THR L 496 -10.72 31.77 21.31
C THR L 496 -11.03 30.74 20.24
N THR L 497 -11.67 29.64 20.63
CA THR L 497 -12.01 28.62 19.65
C THR L 497 -12.95 29.16 18.57
N ASN L 498 -13.97 29.91 18.98
CA ASN L 498 -14.92 30.47 18.01
C ASN L 498 -14.25 31.47 17.08
N LEU L 499 -13.43 32.36 17.63
CA LEU L 499 -12.77 33.34 16.78
C LEU L 499 -11.78 32.67 15.82
N SER L 500 -11.13 31.59 16.28
CA SER L 500 -10.22 30.86 15.41
C SER L 500 -10.97 30.21 14.25
N GLU L 501 -12.08 29.53 14.54
CA GLU L 501 -12.80 28.89 13.44
C GLU L 501 -13.40 29.94 12.51
N ALA L 502 -13.83 31.08 13.08
CA ALA L 502 -14.35 32.17 12.26
C ALA L 502 -13.29 32.70 11.30
N GLN L 503 -12.09 32.98 11.81
CA GLN L 503 -11.05 33.52 10.94
C GLN L 503 -10.64 32.49 9.89
N SER L 504 -10.58 31.21 10.27
CA SER L 504 -10.24 30.19 9.28
C SER L 504 -11.31 30.13 8.19
N ARG L 505 -12.57 30.26 8.57
CA ARG L 505 -13.64 30.26 7.57
C ARG L 505 -13.57 31.48 6.66
N ILE L 506 -13.25 32.65 7.22
CA ILE L 506 -13.25 33.87 6.42
C ILE L 506 -12.19 33.79 5.33
N GLN L 507 -11.01 33.27 5.65
CA GLN L 507 -9.98 33.03 4.64
C GLN L 507 -9.49 31.58 4.78
N ASP L 508 -9.84 30.75 3.81
CA ASP L 508 -9.35 29.38 3.74
C ASP L 508 -9.20 28.97 2.29
N ALA L 509 -8.26 28.07 2.04
CA ALA L 509 -8.00 27.62 0.68
C ALA L 509 -9.20 26.87 0.12
N ASP L 510 -9.79 25.98 0.91
CA ASP L 510 -10.95 25.18 0.51
C ASP L 510 -10.63 24.38 -0.75
N TYR L 511 -9.71 23.42 -0.59
CA TYR L 511 -8.98 22.83 -1.70
C TYR L 511 -9.90 22.37 -2.83
N ALA L 512 -11.02 21.74 -2.49
CA ALA L 512 -11.87 21.09 -3.49
C ALA L 512 -12.36 22.10 -4.53
N THR L 513 -12.43 23.38 -4.16
CA THR L 513 -12.91 24.38 -5.09
C THR L 513 -11.84 24.74 -6.11
N GLU L 514 -10.63 25.08 -5.67
CA GLU L 514 -9.65 25.62 -6.59
C GLU L 514 -8.87 24.53 -7.31
N VAL L 515 -8.94 23.28 -6.83
CA VAL L 515 -8.34 22.19 -7.60
C VAL L 515 -8.99 22.11 -8.97
N SER L 516 -10.32 22.19 -9.02
CA SER L 516 -11.02 22.23 -10.29
C SER L 516 -10.60 23.43 -11.11
N ASN L 517 -10.39 24.59 -10.46
CA ASN L 517 -9.99 25.79 -11.18
C ASN L 517 -8.61 25.62 -11.83
N MET L 518 -7.64 25.08 -11.09
CA MET L 518 -6.31 24.90 -11.67
C MET L 518 -6.33 23.86 -12.78
N SER L 519 -7.07 22.76 -12.59
CA SER L 519 -7.17 21.78 -13.67
C SER L 519 -7.81 22.39 -14.91
N LYS L 520 -8.84 23.22 -14.70
CA LYS L 520 -9.51 23.90 -15.79
C LYS L 520 -8.52 24.81 -16.52
N ALA L 521 -7.73 25.56 -15.76
CA ALA L 521 -6.76 26.48 -16.36
C ALA L 521 -5.70 25.75 -17.15
N GLN L 522 -5.20 24.63 -16.63
CA GLN L 522 -4.21 23.85 -17.37
C GLN L 522 -4.82 23.29 -18.65
N ILE L 523 -6.06 22.80 -18.59
CA ILE L 523 -6.72 22.28 -19.79
C ILE L 523 -6.88 23.38 -20.82
N ILE L 524 -7.30 24.57 -20.39
CA ILE L 524 -7.46 25.69 -21.32
C ILE L 524 -6.13 26.10 -21.90
N GLN L 525 -5.06 26.08 -21.09
CA GLN L 525 -3.75 26.45 -21.59
C GLN L 525 -3.26 25.48 -22.66
N GLN L 526 -3.40 24.17 -22.39
CA GLN L 526 -2.98 23.18 -23.37
C GLN L 526 -3.83 23.29 -24.64
N ALA L 527 -5.14 23.51 -24.49
CA ALA L 527 -6.00 23.69 -25.65
C ALA L 527 -5.58 24.91 -26.45
N GLY L 528 -5.22 25.99 -25.76
CA GLY L 528 -4.78 27.18 -26.46
C GLY L 528 -3.49 26.97 -27.22
N ASN L 529 -2.53 26.27 -26.61
CA ASN L 529 -1.30 25.96 -27.33
C ASN L 529 -1.58 25.09 -28.55
N SER L 530 -2.45 24.09 -28.40
CA SER L 530 -2.78 23.21 -29.52
C SER L 530 -3.46 23.99 -30.64
N VAL L 531 -4.42 24.85 -30.30
CA VAL L 531 -5.17 25.56 -31.32
C VAL L 531 -4.28 26.62 -31.98
N LEU L 532 -3.33 27.19 -31.23
CA LEU L 532 -2.38 28.11 -31.84
C LEU L 532 -1.48 27.38 -32.83
N ALA L 533 -1.02 26.18 -32.46
CA ALA L 533 -0.23 25.38 -33.38
C ALA L 533 -1.03 25.01 -34.62
N LYS L 534 -2.33 24.75 -34.46
CA LYS L 534 -3.16 24.42 -35.60
C LYS L 534 -3.46 25.66 -36.45
N ALA L 535 -3.44 26.83 -35.83
CA ALA L 535 -3.87 28.04 -36.53
C ALA L 535 -2.70 28.76 -37.20
N ASN L 536 -1.47 28.46 -36.78
CA ASN L 536 -0.32 29.15 -37.38
C ASN L 536 -0.12 28.77 -38.84
N GLN L 537 -0.80 27.72 -39.31
CA GLN L 537 -0.56 27.22 -40.66
C GLN L 537 -1.38 27.96 -41.70
N VAL L 538 -2.28 28.84 -41.26
CA VAL L 538 -3.19 29.55 -42.16
C VAL L 538 -2.44 30.30 -43.27
N PRO L 539 -1.37 31.06 -42.98
CA PRO L 539 -0.69 31.78 -44.07
C PRO L 539 0.18 30.89 -44.95
N GLN L 540 0.34 29.61 -44.64
CA GLN L 540 1.36 28.80 -45.30
C GLN L 540 1.01 28.46 -46.74
N GLN L 541 -0.29 28.40 -47.07
CA GLN L 541 -0.68 27.87 -48.38
C GLN L 541 -0.31 28.81 -49.52
N VAL L 542 0.12 30.05 -49.22
CA VAL L 542 0.39 31.01 -50.27
C VAL L 542 1.67 30.64 -51.03
N LEU L 543 2.52 29.81 -50.43
CA LEU L 543 3.81 29.52 -51.03
C LEU L 543 3.66 28.84 -52.39
N SER L 544 2.79 27.82 -52.46
CA SER L 544 2.57 27.15 -53.73
C SER L 544 1.86 28.04 -54.73
N LEU L 545 1.10 29.03 -54.23
CA LEU L 545 0.40 29.95 -55.12
C LEU L 545 1.38 30.73 -56.00
N LEU L 546 2.59 30.96 -55.48
CA LEU L 546 3.49 31.91 -56.13
C LEU L 546 4.06 31.35 -57.43
N GLN L 547 4.51 30.09 -57.41
CA GLN L 547 5.10 29.49 -58.60
C GLN L 547 4.27 28.32 -59.09
N ALA M 2 -9.69 29.65 -73.79
CA ALA M 2 -10.51 30.71 -73.20
C ALA M 2 -10.88 31.75 -74.25
N GLN M 3 -11.60 32.78 -73.81
CA GLN M 3 -12.03 33.84 -74.72
C GLN M 3 -11.58 35.21 -74.22
N VAL M 4 -11.41 35.35 -72.91
CA VAL M 4 -11.01 36.61 -72.30
C VAL M 4 -9.55 36.50 -71.89
N ILE M 5 -8.75 37.48 -72.31
CA ILE M 5 -7.33 37.48 -71.96
C ILE M 5 -7.07 38.37 -70.76
N ASN M 6 -7.98 39.32 -70.50
CA ASN M 6 -7.75 40.29 -69.44
C ASN M 6 -8.10 39.72 -68.07
N THR M 7 -9.38 39.44 -67.83
CA THR M 7 -9.88 39.21 -66.48
C THR M 7 -10.34 37.77 -66.33
N ASN M 8 -10.10 37.19 -65.16
CA ASN M 8 -10.52 35.83 -64.84
C ASN M 8 -11.51 35.93 -63.68
N SER M 9 -12.80 36.05 -64.02
CA SER M 9 -13.83 36.19 -63.00
C SER M 9 -14.09 34.87 -62.30
N LEU M 10 -13.68 33.75 -62.91
CA LEU M 10 -13.78 32.46 -62.25
C LEU M 10 -12.95 32.44 -60.97
N SER M 11 -11.69 32.89 -61.05
CA SER M 11 -10.86 33.03 -59.87
C SER M 11 -11.48 34.02 -58.89
N LEU M 12 -12.17 35.03 -59.41
CA LEU M 12 -12.86 35.98 -58.53
C LEU M 12 -13.95 35.29 -57.72
N ILE M 13 -14.72 34.41 -58.35
CA ILE M 13 -15.77 33.67 -57.63
C ILE M 13 -15.16 32.75 -56.60
N THR M 14 -14.09 32.02 -56.97
CA THR M 14 -13.42 31.17 -56.00
C THR M 14 -12.87 31.99 -54.84
N GLN M 15 -12.39 33.20 -55.13
CA GLN M 15 -11.91 34.09 -54.07
C GLN M 15 -13.02 34.50 -53.12
N ASN M 16 -14.18 34.86 -53.67
CA ASN M 16 -15.33 35.16 -52.83
C ASN M 16 -15.70 33.96 -51.96
N ASN M 17 -15.47 32.75 -52.48
CA ASN M 17 -15.81 31.55 -51.72
C ASN M 17 -14.99 31.45 -50.44
N ILE M 18 -13.74 31.91 -50.46
CA ILE M 18 -12.82 31.65 -49.35
C ILE M 18 -13.20 32.46 -48.11
N ASN M 19 -13.58 33.72 -48.30
CA ASN M 19 -13.70 34.62 -47.15
C ASN M 19 -14.87 34.26 -46.24
N LYS M 20 -15.98 33.80 -46.81
CA LYS M 20 -17.12 33.42 -45.99
C LYS M 20 -16.78 32.22 -45.11
N ASN M 21 -16.02 31.27 -45.63
CA ASN M 21 -15.54 30.18 -44.80
C ASN M 21 -14.50 30.66 -43.80
N GLN M 22 -13.70 31.65 -44.19
CA GLN M 22 -12.65 32.15 -43.29
C GLN M 22 -13.24 32.84 -42.07
N SER M 23 -14.39 33.50 -42.23
CA SER M 23 -15.02 34.12 -41.08
C SER M 23 -15.41 33.06 -40.04
N ALA M 24 -16.06 31.98 -40.49
CA ALA M 24 -16.40 30.90 -39.57
C ALA M 24 -15.15 30.22 -39.03
N LEU M 25 -14.09 30.17 -39.84
CA LEU M 25 -12.82 29.64 -39.37
C LEU M 25 -12.30 30.44 -38.18
N SER M 26 -12.24 31.76 -38.33
CA SER M 26 -11.77 32.63 -37.26
C SER M 26 -12.65 32.48 -36.02
N SER M 27 -13.97 32.41 -36.22
CA SER M 27 -14.87 32.17 -35.10
C SER M 27 -14.52 30.86 -34.41
N SER M 28 -14.21 29.81 -35.18
CA SER M 28 -13.94 28.50 -34.59
C SER M 28 -12.67 28.52 -33.76
N ILE M 29 -11.57 29.04 -34.29
CA ILE M 29 -10.34 29.12 -33.49
C ILE M 29 -10.56 29.99 -32.25
N GLU M 30 -11.24 31.13 -32.41
CA GLU M 30 -11.45 31.99 -31.25
C GLU M 30 -12.30 31.28 -30.19
N ARG M 31 -13.22 30.41 -30.63
CA ARG M 31 -14.08 29.71 -29.68
C ARG M 31 -13.36 28.56 -29.00
N LEU M 32 -12.48 27.87 -29.73
CA LEU M 32 -11.64 26.86 -29.11
C LEU M 32 -10.71 27.48 -28.06
N SER M 33 -10.10 28.62 -28.40
CA SER M 33 -9.18 29.25 -27.45
C SER M 33 -9.90 29.74 -26.21
N SER M 34 -11.03 30.42 -26.39
CA SER M 34 -11.78 30.94 -25.26
C SER M 34 -12.60 29.83 -24.61
N GLY M 35 -12.89 30.02 -23.32
CA GLY M 35 -13.73 29.08 -22.62
C GLY M 35 -15.21 29.25 -22.94
N LEU M 36 -15.58 30.41 -23.46
CA LEU M 36 -16.96 30.77 -23.70
C LEU M 36 -17.30 30.69 -25.18
N ARG M 37 -18.54 30.28 -25.46
CA ARG M 37 -19.03 30.27 -26.85
C ARG M 37 -19.35 31.68 -27.33
N ILE M 38 -19.92 32.51 -26.45
N ILE M 38 -19.92 32.51 -26.45
CA ILE M 38 -20.37 33.85 -26.85
CA ILE M 38 -20.37 33.85 -26.85
C ILE M 38 -19.19 34.74 -27.19
C ILE M 38 -19.19 34.74 -27.19
N ASN M 39 -18.35 35.03 -26.20
CA ASN M 39 -17.09 35.76 -26.40
C ASN M 39 -17.28 37.10 -27.10
N SER M 40 -17.93 38.04 -26.40
CA SER M 40 -18.12 39.39 -26.93
C SER M 40 -18.98 39.37 -28.19
N ALA M 41 -20.28 39.16 -28.01
CA ALA M 41 -21.16 38.61 -29.04
C ALA M 41 -21.35 39.50 -30.26
N LYS M 42 -20.57 39.23 -31.31
CA LYS M 42 -20.98 39.58 -32.66
C LYS M 42 -22.27 38.89 -33.07
N ASP M 43 -22.58 37.76 -32.42
CA ASP M 43 -23.84 37.04 -32.54
C ASP M 43 -24.87 37.68 -31.59
N ASP M 44 -25.95 36.96 -31.32
CA ASP M 44 -27.05 37.51 -30.53
C ASP M 44 -26.55 38.06 -29.19
N ALA M 45 -26.99 39.26 -28.85
CA ALA M 45 -26.54 39.91 -27.64
C ALA M 45 -27.33 39.43 -26.42
N ALA M 46 -28.48 38.81 -26.66
CA ALA M 46 -29.31 38.33 -25.55
C ALA M 46 -28.56 37.30 -24.72
N GLY M 47 -27.83 36.39 -25.38
CA GLY M 47 -27.07 35.41 -24.64
C GLY M 47 -26.00 36.03 -23.77
N GLN M 48 -25.26 36.99 -24.32
CA GLN M 48 -24.22 37.67 -23.55
C GLN M 48 -24.81 38.42 -22.36
N ALA M 49 -25.93 39.12 -22.59
CA ALA M 49 -26.55 39.87 -21.50
C ALA M 49 -27.05 38.94 -20.40
N ILE M 50 -27.70 37.83 -20.78
CA ILE M 50 -28.22 36.92 -19.79
C ILE M 50 -27.09 36.23 -19.05
N ALA M 51 -25.98 35.96 -19.74
CA ALA M 51 -24.81 35.39 -19.08
C ALA M 51 -24.23 36.35 -18.05
N ASN M 52 -24.13 37.63 -18.41
CA ASN M 52 -23.64 38.63 -17.46
C ASN M 52 -24.56 38.74 -16.26
N ARG M 53 -25.87 38.75 -16.50
CA ARG M 53 -26.82 38.81 -15.40
C ARG M 53 -26.69 37.60 -14.48
N PHE M 54 -26.55 36.41 -15.06
CA PHE M 54 -26.38 35.20 -14.26
C PHE M 54 -25.10 35.25 -13.45
N THR M 55 -24.00 35.71 -14.05
CA THR M 55 -22.74 35.80 -13.33
C THR M 55 -22.86 36.75 -12.14
N SER M 56 -23.46 37.92 -12.37
CA SER M 56 -23.62 38.89 -11.28
C SER M 56 -24.52 38.33 -10.18
N ASN M 57 -25.62 37.67 -10.56
CA ASN M 57 -26.51 37.09 -9.56
C ASN M 57 -25.80 36.01 -8.75
N ILE M 58 -25.03 35.16 -9.42
CA ILE M 58 -24.31 34.10 -8.72
C ILE M 58 -23.31 34.67 -7.74
N LYS M 59 -22.52 35.66 -8.18
CA LYS M 59 -21.53 36.27 -7.28
C LYS M 59 -22.21 36.93 -6.10
N GLY M 60 -23.39 37.53 -6.32
CA GLY M 60 -24.13 38.10 -5.19
C GLY M 60 -24.50 37.06 -4.14
N LEU M 61 -24.98 35.89 -4.58
CA LEU M 61 -25.34 34.84 -3.63
C LEU M 61 -24.12 34.32 -2.90
N THR M 62 -23.00 34.16 -3.63
CA THR M 62 -21.77 33.75 -2.97
C THR M 62 -21.34 34.75 -1.91
N GLN M 63 -21.46 36.05 -2.22
CA GLN M 63 -21.14 37.07 -1.22
C GLN M 63 -22.06 36.98 -0.01
N ALA M 64 -23.35 36.70 -0.25
CA ALA M 64 -24.30 36.64 0.85
C ALA M 64 -24.06 35.43 1.75
N ALA M 65 -23.54 34.34 1.17
CA ALA M 65 -23.32 33.13 1.95
C ALA M 65 -22.37 33.36 3.12
N ARG M 66 -21.25 34.05 2.85
CA ARG M 66 -20.28 34.29 3.92
C ARG M 66 -20.77 35.33 4.90
N ASN M 67 -21.64 36.26 4.46
CA ASN M 67 -22.29 37.15 5.40
C ASN M 67 -23.15 36.35 6.38
N ALA M 68 -23.88 35.37 5.87
CA ALA M 68 -24.67 34.49 6.73
C ALA M 68 -23.76 33.72 7.69
N ASN M 69 -22.62 33.25 7.20
CA ASN M 69 -21.68 32.56 8.08
C ASN M 69 -21.13 33.49 9.17
N ASP M 70 -20.88 34.74 8.82
CA ASP M 70 -20.47 35.71 9.83
C ASP M 70 -21.55 35.87 10.89
N GLY M 71 -22.81 35.92 10.46
CA GLY M 71 -23.90 35.98 11.40
C GLY M 71 -23.96 34.79 12.34
N ILE M 72 -23.76 33.58 11.80
CA ILE M 72 -23.79 32.41 12.67
C ILE M 72 -22.61 32.44 13.64
N SER M 73 -21.46 32.96 13.20
CA SER M 73 -20.33 33.12 14.11
C SER M 73 -20.66 34.06 15.26
N VAL M 74 -21.30 35.19 14.95
CA VAL M 74 -21.74 36.11 15.99
C VAL M 74 -22.67 35.39 16.96
N ALA M 75 -23.60 34.60 16.42
CA ALA M 75 -24.56 33.90 17.26
C ALA M 75 -23.87 32.91 18.19
N GLN M 76 -22.91 32.15 17.67
CA GLN M 76 -22.19 31.19 18.51
C GLN M 76 -21.41 31.89 19.61
N THR M 77 -20.74 33.01 19.28
CA THR M 77 -19.99 33.72 20.31
C THR M 77 -20.92 34.24 21.41
N THR M 78 -22.05 34.82 21.01
CA THR M 78 -23.01 35.33 21.99
C THR M 78 -23.57 34.18 22.83
N GLU M 79 -23.84 33.04 22.22
CA GLU M 79 -24.34 31.89 22.97
C GLU M 79 -23.32 31.40 23.99
N GLY M 80 -22.05 31.36 23.60
CA GLY M 80 -21.02 30.98 24.55
C GLY M 80 -20.94 31.92 25.74
N ALA M 81 -21.00 33.23 25.47
CA ALA M 81 -21.00 34.20 26.56
C ALA M 81 -22.22 34.02 27.46
N LEU M 82 -23.39 33.80 26.86
CA LEU M 82 -24.61 33.61 27.63
C LEU M 82 -24.53 32.36 28.50
N SER M 83 -23.96 31.28 27.97
CA SER M 83 -23.81 30.06 28.76
C SER M 83 -22.83 30.28 29.91
N GLU M 84 -21.76 31.02 29.67
CA GLU M 84 -20.83 31.34 30.76
C GLU M 84 -21.53 32.14 31.85
N ILE M 85 -22.38 33.09 31.46
CA ILE M 85 -23.15 33.84 32.46
C ILE M 85 -24.12 32.91 33.19
N ASN M 86 -24.75 32.00 32.45
CA ASN M 86 -25.70 31.06 33.04
C ASN M 86 -25.03 30.22 34.11
N ASN M 87 -23.76 29.87 33.91
CA ASN M 87 -23.03 29.12 34.92
C ASN M 87 -23.00 29.88 36.26
N ASN M 88 -22.64 31.16 36.22
CA ASN M 88 -22.61 31.95 37.44
C ASN M 88 -24.00 32.10 38.05
N LEU M 89 -25.02 32.27 37.21
CA LEU M 89 -26.39 32.34 37.72
C LEU M 89 -26.78 31.06 38.44
N GLN M 90 -26.45 29.90 37.87
CA GLN M 90 -26.75 28.64 38.53
C GLN M 90 -26.01 28.50 39.84
N ARG M 91 -24.73 28.90 39.88
CA ARG M 91 -23.98 28.82 41.13
C ARG M 91 -24.60 29.70 42.21
N ILE M 92 -24.98 30.93 41.84
CA ILE M 92 -25.61 31.84 42.80
C ILE M 92 -26.93 31.27 43.29
N ARG M 93 -27.73 30.72 42.37
CA ARG M 93 -28.97 30.05 42.75
C ARG M 93 -28.69 28.91 43.71
N GLU M 94 -27.55 28.24 43.55
CA GLU M 94 -27.16 27.17 44.46
C GLU M 94 -26.92 27.71 45.87
N LEU M 95 -25.94 28.60 46.03
CA LEU M 95 -25.55 28.95 47.39
C LEU M 95 -26.49 29.97 48.03
N THR M 96 -27.44 30.52 47.29
CA THR M 96 -28.47 31.33 47.92
C THR M 96 -29.31 30.47 48.86
N VAL M 97 -29.52 29.21 48.51
CA VAL M 97 -30.21 28.28 49.40
C VAL M 97 -29.42 28.09 50.69
N GLN M 98 -28.09 27.94 50.56
CA GLN M 98 -27.24 27.81 51.75
C GLN M 98 -27.35 29.05 52.63
N ALA M 99 -27.32 30.24 52.02
CA ALA M 99 -27.43 31.47 52.79
C ALA M 99 -28.81 31.60 53.43
N SER M 100 -29.82 31.00 52.80
CA SER M 100 -31.20 31.14 53.29
C SER M 100 -31.37 30.50 54.67
N THR M 101 -30.81 29.32 54.88
CA THR M 101 -30.99 28.61 56.13
C THR M 101 -30.30 29.36 57.27
N GLY M 102 -30.98 29.40 58.43
CA GLY M 102 -30.50 30.23 59.52
C GLY M 102 -29.45 29.56 60.39
N THR M 103 -29.04 28.34 60.03
CA THR M 103 -28.02 27.65 60.83
C THR M 103 -26.70 28.40 60.79
N ASN M 104 -26.34 28.97 59.66
CA ASN M 104 -25.09 29.70 59.54
C ASN M 104 -25.15 31.01 60.34
N SER M 105 -24.01 31.40 60.89
CA SER M 105 -23.93 32.61 61.69
C SER M 105 -23.74 33.83 60.78
N ASP M 106 -23.84 35.02 61.39
CA ASP M 106 -23.75 36.26 60.61
C ASP M 106 -22.40 36.38 59.92
N SER M 107 -21.36 35.78 60.51
CA SER M 107 -20.06 35.74 59.82
C SER M 107 -20.14 34.91 58.55
N ASP M 108 -20.86 33.78 58.60
CA ASP M 108 -21.05 32.98 57.40
C ASP M 108 -21.87 33.73 56.36
N LEU M 109 -22.90 34.46 56.79
CA LEU M 109 -23.64 35.30 55.86
C LEU M 109 -22.74 36.34 55.23
N ASP M 110 -21.84 36.94 56.02
CA ASP M 110 -20.92 37.93 55.49
C ASP M 110 -19.99 37.33 54.43
N SER M 111 -19.45 36.14 54.72
CA SER M 111 -18.56 35.49 53.75
C SER M 111 -19.32 35.12 52.47
N ILE M 112 -20.55 34.62 52.62
CA ILE M 112 -21.35 34.26 51.45
C ILE M 112 -21.65 35.48 50.61
N GLN M 113 -22.02 36.59 51.26
CA GLN M 113 -22.28 37.83 50.54
C GLN M 113 -21.01 38.34 49.87
N ASP M 114 -19.86 38.17 50.52
CA ASP M 114 -18.60 38.56 49.92
C ASP M 114 -18.34 37.78 48.63
N GLU M 115 -18.59 36.47 48.65
CA GLU M 115 -18.43 35.68 47.44
C GLU M 115 -19.43 36.11 46.36
N ILE M 116 -20.68 36.36 46.77
CA ILE M 116 -21.72 36.74 45.81
C ILE M 116 -21.38 38.05 45.13
N LYS M 117 -20.86 39.02 45.89
CA LYS M 117 -20.52 40.31 45.30
C LYS M 117 -19.46 40.15 44.21
N SER M 118 -18.42 39.38 44.49
CA SER M 118 -17.37 39.15 43.51
C SER M 118 -17.91 38.40 42.29
N ARG M 119 -18.79 37.43 42.50
CA ARG M 119 -19.25 36.64 41.35
C ARG M 119 -20.23 37.44 40.51
N LEU M 120 -21.02 38.31 41.13
CA LEU M 120 -21.85 39.26 40.37
C LEU M 120 -20.98 40.25 39.61
N ASP M 121 -19.86 40.65 40.22
CA ASP M 121 -18.89 41.48 39.50
C ASP M 121 -18.38 40.75 38.26
N GLU M 122 -18.13 39.46 38.38
CA GLU M 122 -17.74 38.67 37.21
C GLU M 122 -18.86 38.60 36.18
N ILE M 123 -20.11 38.51 36.63
CA ILE M 123 -21.23 38.51 35.69
C ILE M 123 -21.22 39.79 34.87
N ASP M 124 -21.13 40.94 35.54
CA ASP M 124 -21.06 42.22 34.83
C ASP M 124 -19.81 42.30 33.96
N ARG M 125 -18.70 41.72 34.44
CA ARG M 125 -17.45 41.74 33.70
C ARG M 125 -17.60 41.02 32.36
N VAL M 126 -18.08 39.78 32.40
CA VAL M 126 -18.23 39.00 31.17
C VAL M 126 -19.31 39.61 30.29
N SER M 127 -20.29 40.28 30.90
CA SER M 127 -21.27 41.01 30.11
C SER M 127 -20.61 42.12 29.31
N GLY M 128 -19.73 42.90 29.94
CA GLY M 128 -19.13 44.02 29.26
C GLY M 128 -18.05 43.61 28.27
N GLN M 129 -17.28 42.57 28.58
CA GLN M 129 -16.08 42.26 27.83
C GLN M 129 -16.37 41.61 26.48
N THR M 130 -17.50 40.90 26.39
CA THR M 130 -17.79 40.15 25.16
C THR M 130 -17.83 41.08 23.96
N GLN M 131 -17.18 40.66 22.88
CA GLN M 131 -17.06 41.49 21.68
C GLN M 131 -16.79 40.60 20.48
N PHE M 132 -17.26 41.02 19.31
CA PHE M 132 -16.98 40.36 18.05
C PHE M 132 -16.71 41.42 16.99
N ASN M 133 -15.53 41.36 16.37
CA ASN M 133 -15.16 42.26 15.29
C ASN M 133 -15.29 43.73 15.73
N GLY M 134 -14.90 43.98 16.98
CA GLY M 134 -15.01 45.32 17.53
C GLY M 134 -16.40 45.75 17.90
N VAL M 135 -17.35 44.82 18.04
CA VAL M 135 -18.72 45.13 18.40
C VAL M 135 -19.08 44.38 19.68
N ASN M 136 -19.51 45.12 20.69
CA ASN M 136 -19.93 44.54 21.96
C ASN M 136 -21.43 44.31 21.91
N VAL M 137 -21.83 43.04 21.76
CA VAL M 137 -23.24 42.72 21.60
C VAL M 137 -24.00 42.92 22.90
N LEU M 138 -23.43 42.50 24.03
CA LEU M 138 -24.17 42.56 25.29
C LEU M 138 -24.09 43.93 25.93
N ALA M 139 -23.30 44.84 25.36
CA ALA M 139 -23.14 46.17 25.95
C ALA M 139 -24.46 46.94 25.92
N LYS M 140 -25.19 46.87 24.81
CA LYS M 140 -26.41 47.64 24.64
C LYS M 140 -27.42 46.84 23.83
N ASP M 141 -28.70 47.15 24.05
CA ASP M 141 -29.76 46.57 23.25
C ASP M 141 -29.68 47.10 21.83
N GLY M 142 -29.90 46.22 20.85
CA GLY M 142 -29.81 46.64 19.46
C GLY M 142 -30.29 45.54 18.54
N SER M 143 -30.08 45.78 17.24
CA SER M 143 -30.45 44.83 16.20
C SER M 143 -29.35 44.78 15.16
N MET M 144 -29.02 43.57 14.70
CA MET M 144 -28.01 43.38 13.68
C MET M 144 -28.67 42.84 12.42
N LYS M 145 -28.40 43.48 11.29
CA LYS M 145 -28.99 43.11 10.02
C LYS M 145 -27.99 42.32 9.19
N ILE M 146 -28.44 41.20 8.63
CA ILE M 146 -27.60 40.30 7.86
C ILE M 146 -28.22 40.16 6.48
N GLN M 147 -27.50 40.61 5.45
CA GLN M 147 -27.99 40.62 4.08
C GLN M 147 -27.64 39.29 3.43
N VAL M 148 -28.66 38.51 3.08
CA VAL M 148 -28.47 37.15 2.56
C VAL M 148 -29.02 36.99 1.15
N GLY M 149 -29.20 38.07 0.42
CA GLY M 149 -29.71 38.00 -0.93
C GLY M 149 -28.89 38.84 -1.89
N ALA M 150 -28.69 38.30 -3.10
CA ALA M 150 -27.92 39.03 -4.10
C ALA M 150 -28.61 40.35 -4.45
N ASN M 151 -29.93 40.32 -4.65
CA ASN M 151 -30.67 41.53 -4.92
C ASN M 151 -30.99 42.26 -3.62
N ASP M 152 -31.20 43.57 -3.73
CA ASP M 152 -31.49 44.39 -2.55
C ASP M 152 -32.84 44.04 -1.96
N GLY M 153 -32.96 44.24 -0.65
CA GLY M 153 -34.21 44.03 0.05
C GLY M 153 -34.31 42.72 0.81
N GLN M 154 -33.29 41.86 0.74
CA GLN M 154 -33.29 40.59 1.44
C GLN M 154 -32.31 40.67 2.61
N THR M 155 -32.84 40.73 3.83
CA THR M 155 -32.03 40.76 5.03
C THR M 155 -32.65 39.86 6.08
N ILE M 156 -31.84 39.42 7.03
CA ILE M 156 -32.30 38.65 8.16
C ILE M 156 -31.76 39.28 9.44
N THR M 157 -32.55 39.22 10.50
CA THR M 157 -32.31 39.97 11.72
C THR M 157 -31.99 39.03 12.88
N ILE M 158 -30.92 39.32 13.60
CA ILE M 158 -30.58 38.63 14.85
C ILE M 158 -30.87 39.60 15.99
N ASP M 159 -31.79 39.20 16.86
CA ASP M 159 -32.16 40.05 17.99
C ASP M 159 -31.00 40.12 18.99
N LEU M 160 -30.86 41.29 19.62
CA LEU M 160 -29.87 41.50 20.66
C LEU M 160 -30.53 42.19 21.85
N LYS M 161 -30.12 41.80 23.06
CA LYS M 161 -30.63 42.40 24.27
C LYS M 161 -29.46 42.78 25.16
N LYS M 162 -29.55 43.96 25.78
CA LYS M 162 -28.53 44.36 26.74
C LYS M 162 -28.64 43.51 28.00
N ILE M 163 -27.52 42.93 28.41
CA ILE M 163 -27.52 42.01 29.55
C ILE M 163 -26.51 42.46 30.59
N ASP M 164 -26.96 43.19 31.60
CA ASP M 164 -26.13 43.54 32.73
C ASP M 164 -26.89 43.27 34.04
N SER M 165 -26.22 43.47 35.17
CA SER M 165 -26.86 43.26 36.46
C SER M 165 -28.08 44.15 36.61
N ASP M 166 -28.05 45.35 36.03
CA ASP M 166 -29.21 46.22 36.04
C ASP M 166 -30.36 45.61 35.24
N THR M 167 -30.07 45.16 34.02
CA THR M 167 -31.14 44.66 33.14
C THR M 167 -31.66 43.31 33.61
N LEU M 168 -30.76 42.41 34.03
CA LEU M 168 -31.22 41.08 34.41
C LEU M 168 -32.01 41.11 35.72
N GLY M 169 -31.99 42.24 36.41
CA GLY M 169 -32.83 42.37 37.57
C GLY M 169 -32.21 42.97 38.82
N LEU M 170 -32.14 42.14 39.87
CA LEU M 170 -32.07 42.54 41.28
C LEU M 170 -31.06 43.67 41.50
N ASN M 171 -29.75 43.44 41.34
CA ASN M 171 -28.71 44.45 41.50
C ASN M 171 -28.59 44.90 42.95
N GLY M 172 -29.60 44.59 43.76
CA GLY M 172 -29.63 44.98 45.16
C GLY M 172 -29.52 43.82 46.13
N PHE M 173 -28.68 42.84 45.82
CA PHE M 173 -28.74 41.54 46.48
C PHE M 173 -28.03 41.62 47.82
N ASN M 174 -28.82 41.78 48.89
CA ASN M 174 -28.31 41.80 50.24
C ASN M 174 -28.90 40.61 50.99
N VAL M 175 -28.04 39.87 51.69
CA VAL M 175 -28.47 38.78 52.56
C VAL M 175 -28.09 39.02 54.01
N ASN M 176 -27.46 40.15 54.32
CA ASN M 176 -27.02 40.44 55.68
C ASN M 176 -28.07 41.17 56.51
N GLY M 177 -29.21 41.50 55.93
CA GLY M 177 -30.26 42.18 56.66
C GLY M 177 -29.89 43.60 57.06
N GLU M 455 -32.63 46.95 53.57
CA GLU M 455 -32.49 45.65 54.20
C GLU M 455 -32.19 44.57 53.18
N SER M 456 -32.36 43.31 53.57
CA SER M 456 -32.10 42.19 52.68
C SER M 456 -33.16 42.12 51.58
N THR M 457 -32.80 41.47 50.48
CA THR M 457 -33.74 41.27 49.39
C THR M 457 -34.93 40.44 49.86
N SER M 458 -36.14 40.91 49.54
CA SER M 458 -37.35 40.27 50.06
C SER M 458 -37.49 38.85 49.53
N ASP M 459 -37.25 38.65 48.24
CA ASP M 459 -37.38 37.32 47.64
C ASP M 459 -36.27 37.11 46.63
N PRO M 460 -35.21 36.40 46.98
CA PRO M 460 -34.08 36.26 46.06
C PRO M 460 -34.29 35.19 45.00
N LEU M 461 -35.01 34.12 45.34
CA LEU M 461 -35.12 32.97 44.43
C LEU M 461 -35.99 33.31 43.23
N ALA M 462 -37.09 34.05 43.44
CA ALA M 462 -37.93 34.44 42.32
C ALA M 462 -37.19 35.34 41.34
N ALA M 463 -36.40 36.28 41.86
CA ALA M 463 -35.62 37.15 40.99
C ALA M 463 -34.60 36.36 40.19
N LEU M 464 -33.93 35.39 40.83
CA LEU M 464 -32.98 34.55 40.12
C LEU M 464 -33.68 33.71 39.05
N ASP M 465 -34.87 33.20 39.36
CA ASP M 465 -35.63 32.43 38.38
C ASP M 465 -36.02 33.28 37.17
N ASP M 466 -36.46 34.52 37.42
CA ASP M 466 -36.81 35.40 36.32
C ASP M 466 -35.59 35.76 35.48
N ALA M 467 -34.46 36.02 36.13
CA ALA M 467 -33.23 36.33 35.40
C ALA M 467 -32.80 35.14 34.54
N ILE M 468 -32.91 33.92 35.09
CA ILE M 468 -32.56 32.73 34.33
C ILE M 468 -33.52 32.55 33.16
N SER M 469 -34.81 32.81 33.37
CA SER M 469 -35.78 32.69 32.30
C SER M 469 -35.49 33.67 31.17
N GLN M 470 -35.03 34.88 31.52
CA GLN M 470 -34.65 35.84 30.50
C GLN M 470 -33.49 35.32 29.65
N ILE M 471 -32.49 34.72 30.29
CA ILE M 471 -31.37 34.15 29.56
C ILE M 471 -31.84 33.01 28.67
N ASP M 472 -32.76 32.17 29.18
CA ASP M 472 -33.30 31.09 28.38
C ASP M 472 -34.03 31.61 27.15
N LYS M 473 -34.81 32.68 27.32
CA LYS M 473 -35.49 33.28 26.17
C LYS M 473 -34.49 33.80 25.15
N PHE M 474 -33.43 34.47 25.62
CA PHE M 474 -32.42 34.99 24.71
C PHE M 474 -31.74 33.86 23.96
N ARG M 475 -31.40 32.78 24.66
CA ARG M 475 -30.75 31.64 24.02
C ARG M 475 -31.69 30.93 23.05
N SER M 476 -32.99 30.91 23.37
CA SER M 476 -33.96 30.35 22.43
C SER M 476 -34.02 31.18 21.15
N SER M 477 -34.01 32.50 21.29
CA SER M 477 -33.98 33.36 20.10
C SER M 477 -32.70 33.12 19.30
N LEU M 478 -31.58 32.97 19.99
CA LEU M 478 -30.31 32.70 19.32
C LEU M 478 -30.36 31.38 18.55
N GLY M 479 -30.91 30.33 19.17
CA GLY M 479 -31.05 29.07 18.46
C GLY M 479 -31.97 29.17 17.26
N ALA M 480 -33.07 29.91 17.40
CA ALA M 480 -33.98 30.09 16.29
C ALA M 480 -33.31 30.79 15.13
N VAL M 481 -32.57 31.88 15.40
CA VAL M 481 -31.89 32.59 14.31
C VAL M 481 -30.74 31.75 13.75
N GLN M 482 -30.14 30.89 14.59
CA GLN M 482 -29.08 30.03 14.10
C GLN M 482 -29.63 29.02 13.09
N ASN M 483 -30.79 28.41 13.40
CA ASN M 483 -31.43 27.53 12.44
C ASN M 483 -31.87 28.30 11.20
N ARG M 484 -32.39 29.52 11.39
CA ARG M 484 -32.66 30.42 10.28
C ARG M 484 -31.48 30.51 9.33
N LEU M 485 -30.31 30.87 9.86
CA LEU M 485 -29.15 31.11 9.01
C LEU M 485 -28.61 29.79 8.45
N ASP M 486 -28.80 28.68 9.15
CA ASP M 486 -28.44 27.38 8.59
C ASP M 486 -29.25 27.10 7.33
N SER M 487 -30.57 27.21 7.44
CA SER M 487 -31.42 26.99 6.28
C SER M 487 -31.07 27.97 5.17
N ALA M 488 -30.79 29.23 5.53
CA ALA M 488 -30.45 30.23 4.53
C ALA M 488 -29.16 29.86 3.80
N VAL M 489 -28.12 29.48 4.54
CA VAL M 489 -26.83 29.21 3.89
C VAL M 489 -26.95 27.99 2.97
N THR M 490 -27.63 26.92 3.43
CA THR M 490 -27.75 25.76 2.56
C THR M 490 -28.62 26.07 1.35
N ASN M 491 -29.70 26.85 1.53
CA ASN M 491 -30.55 27.22 0.40
C ASN M 491 -29.77 28.03 -0.63
N LEU M 492 -29.00 29.01 -0.17
CA LEU M 492 -28.20 29.82 -1.09
C LEU M 492 -27.15 28.96 -1.79
N ASN M 493 -26.54 28.01 -1.09
CA ASN M 493 -25.64 27.10 -1.76
C ASN M 493 -26.33 26.36 -2.90
N ASN M 494 -27.49 25.76 -2.63
CA ASN M 494 -28.17 25.00 -3.67
C ASN M 494 -28.56 25.90 -4.84
N THR M 495 -29.09 27.09 -4.54
CA THR M 495 -29.52 28.00 -5.60
C THR M 495 -28.34 28.46 -6.46
N THR M 496 -27.21 28.78 -5.81
CA THR M 496 -26.02 29.15 -6.56
C THR M 496 -25.56 28.01 -7.45
N THR M 497 -25.63 26.78 -6.94
CA THR M 497 -25.20 25.64 -7.73
C THR M 497 -26.08 25.46 -8.96
N ASN M 498 -27.40 25.57 -8.79
CA ASN M 498 -28.31 25.43 -9.92
C ASN M 498 -28.10 26.54 -10.94
N LEU M 499 -27.90 27.78 -10.46
CA LEU M 499 -27.64 28.88 -11.39
C LEU M 499 -26.34 28.68 -12.15
N SER M 500 -25.31 28.19 -11.46
CA SER M 500 -24.04 27.90 -12.12
C SER M 500 -24.22 26.83 -13.20
N GLU M 501 -24.99 25.78 -12.90
CA GLU M 501 -25.26 24.76 -13.89
C GLU M 501 -26.03 25.32 -15.07
N ALA M 502 -26.99 26.21 -14.82
CA ALA M 502 -27.80 26.78 -15.89
C ALA M 502 -26.98 27.70 -16.77
N GLN M 503 -26.04 28.45 -16.18
CA GLN M 503 -25.25 29.39 -16.96
C GLN M 503 -24.45 28.69 -18.04
N SER M 504 -23.89 27.52 -17.73
CA SER M 504 -23.18 26.74 -18.73
C SER M 504 -24.13 26.27 -19.82
N ARG M 505 -25.35 25.89 -19.44
CA ARG M 505 -26.34 25.49 -20.45
C ARG M 505 -26.68 26.65 -21.37
N ILE M 506 -26.60 27.89 -20.85
CA ILE M 506 -26.90 29.06 -21.68
C ILE M 506 -25.92 29.16 -22.84
N GLN M 507 -24.63 29.05 -22.55
CA GLN M 507 -23.61 29.14 -23.58
C GLN M 507 -22.52 28.12 -23.29
N ASP M 508 -22.16 27.34 -24.32
CA ASP M 508 -21.16 26.30 -24.20
C ASP M 508 -20.47 26.10 -25.54
N ALA M 509 -19.21 25.67 -25.49
CA ALA M 509 -18.45 25.49 -26.71
C ALA M 509 -18.95 24.31 -27.52
N ASP M 510 -19.51 23.31 -26.84
CA ASP M 510 -19.88 22.03 -27.45
C ASP M 510 -18.67 21.49 -28.24
N TYR M 511 -17.63 21.18 -27.47
CA TYR M 511 -16.29 21.03 -28.03
C TYR M 511 -16.22 19.96 -29.11
N ALA M 512 -17.12 18.96 -29.07
CA ALA M 512 -17.17 17.98 -30.14
C ALA M 512 -17.49 18.64 -31.47
N THR M 513 -18.69 19.24 -31.58
CA THR M 513 -19.07 19.86 -32.84
C THR M 513 -18.21 21.10 -33.11
N GLU M 514 -17.62 21.68 -32.07
CA GLU M 514 -16.78 22.86 -32.28
C GLU M 514 -15.47 22.47 -32.96
N VAL M 515 -14.84 21.39 -32.49
CA VAL M 515 -13.64 20.87 -33.16
C VAL M 515 -14.00 20.36 -34.56
N SER M 516 -15.19 19.77 -34.70
CA SER M 516 -15.62 19.33 -36.03
C SER M 516 -15.74 20.52 -36.98
N ASN M 517 -16.32 21.62 -36.50
CA ASN M 517 -16.47 22.81 -37.33
C ASN M 517 -15.11 23.41 -37.68
N MET M 518 -14.19 23.43 -36.70
CA MET M 518 -12.84 23.94 -36.98
C MET M 518 -12.15 23.09 -38.04
N SER M 519 -12.25 21.76 -37.93
CA SER M 519 -11.64 20.90 -38.92
C SER M 519 -12.28 21.09 -40.28
N LYS M 520 -13.61 21.21 -40.33
CA LYS M 520 -14.29 21.43 -41.59
C LYS M 520 -13.84 22.74 -42.23
N ALA M 521 -13.75 23.81 -41.45
CA ALA M 521 -13.31 25.09 -41.99
C ALA M 521 -11.88 25.02 -42.50
N GLN M 522 -10.99 24.37 -41.74
CA GLN M 522 -9.60 24.27 -42.17
C GLN M 522 -9.50 23.47 -43.46
N ILE M 523 -10.23 22.37 -43.56
CA ILE M 523 -10.12 21.51 -44.73
C ILE M 523 -10.72 22.18 -45.97
N ILE M 524 -11.84 22.89 -45.79
CA ILE M 524 -12.43 23.59 -46.94
C ILE M 524 -11.55 24.76 -47.34
N GLN M 525 -10.86 25.38 -46.38
CA GLN M 525 -9.91 26.43 -46.71
C GLN M 525 -8.75 25.88 -47.53
N GLN M 526 -8.23 24.71 -47.15
CA GLN M 526 -7.19 24.07 -47.95
C GLN M 526 -7.69 23.75 -49.35
N ALA M 527 -8.90 23.22 -49.45
CA ALA M 527 -9.48 22.94 -50.77
C ALA M 527 -9.63 24.21 -51.59
N GLY M 528 -10.04 25.31 -50.95
CA GLY M 528 -10.19 26.56 -51.68
C GLY M 528 -8.88 27.10 -52.20
N ASN M 529 -7.83 27.06 -51.37
CA ASN M 529 -6.52 27.46 -51.86
C ASN M 529 -6.08 26.58 -53.01
N SER M 530 -6.28 25.27 -52.90
CA SER M 530 -5.88 24.36 -53.96
C SER M 530 -6.61 24.67 -55.26
N VAL M 531 -7.93 24.89 -55.19
CA VAL M 531 -8.69 25.12 -56.42
C VAL M 531 -8.37 26.49 -57.00
N LEU M 532 -8.13 27.50 -56.16
CA LEU M 532 -7.73 28.79 -56.69
C LEU M 532 -6.39 28.71 -57.42
N ALA M 533 -5.42 28.02 -56.80
CA ALA M 533 -4.13 27.83 -57.47
C ALA M 533 -4.31 27.09 -58.79
N LYS M 534 -5.13 26.04 -58.77
CA LYS M 534 -5.40 25.25 -59.97
C LYS M 534 -6.11 26.08 -61.03
N ALA M 535 -6.86 27.10 -60.61
CA ALA M 535 -7.67 27.87 -61.55
C ALA M 535 -6.88 29.00 -62.19
N ASN M 536 -5.87 29.52 -61.49
CA ASN M 536 -5.14 30.67 -62.04
C ASN M 536 -4.54 30.38 -63.41
N GLN M 537 -4.25 29.12 -63.72
CA GLN M 537 -3.54 28.81 -64.96
C GLN M 537 -4.47 28.75 -66.16
N VAL M 538 -5.78 28.86 -65.93
CA VAL M 538 -6.78 28.68 -66.98
C VAL M 538 -6.58 29.64 -68.15
N PRO M 539 -6.42 30.96 -67.94
CA PRO M 539 -6.34 31.86 -69.10
C PRO M 539 -5.03 31.79 -69.87
N GLN M 540 -4.05 31.02 -69.41
CA GLN M 540 -2.73 31.01 -70.04
C GLN M 540 -2.72 30.40 -71.43
N GLN M 541 -3.81 29.75 -71.86
CA GLN M 541 -3.83 29.13 -73.19
C GLN M 541 -3.79 30.15 -74.31
N VAL M 542 -4.00 31.44 -74.01
CA VAL M 542 -3.91 32.47 -75.04
C VAL M 542 -2.50 32.51 -75.63
N LEU M 543 -1.50 32.14 -74.84
CA LEU M 543 -0.14 32.05 -75.37
C LEU M 543 -0.06 30.98 -76.45
N SER M 544 -0.68 29.82 -76.22
CA SER M 544 -0.69 28.77 -77.22
C SER M 544 -1.50 29.18 -78.45
N LEU M 545 -2.57 29.93 -78.23
CA LEU M 545 -3.36 30.40 -79.37
C LEU M 545 -2.53 31.27 -80.31
N LEU M 546 -1.59 32.04 -79.76
CA LEU M 546 -0.72 32.85 -80.61
C LEU M 546 0.14 31.98 -81.51
N GLN M 547 0.83 31.01 -80.94
CA GLN M 547 1.66 30.11 -81.73
C GLN M 547 1.48 28.66 -81.26
N ALA N 2 -16.20 14.69 -24.30
CA ALA N 2 -17.19 15.36 -23.47
C ALA N 2 -17.85 16.50 -24.24
N GLN N 3 -18.49 17.40 -23.51
CA GLN N 3 -19.21 18.53 -24.11
C GLN N 3 -18.67 19.88 -23.67
N VAL N 4 -18.45 20.07 -22.37
CA VAL N 4 -18.13 21.38 -21.80
C VAL N 4 -16.80 21.28 -21.06
N ILE N 5 -15.89 22.19 -21.38
CA ILE N 5 -14.65 22.31 -20.59
C ILE N 5 -14.79 23.41 -19.54
N ASN N 6 -15.58 24.45 -19.85
CA ASN N 6 -15.57 25.66 -19.04
C ASN N 6 -16.12 25.41 -17.64
N THR N 7 -16.92 24.36 -17.45
CA THR N 7 -17.56 24.09 -16.18
C THR N 7 -17.59 22.60 -15.90
N ASN N 8 -17.33 22.23 -14.65
CA ASN N 8 -17.52 20.86 -14.17
C ASN N 8 -18.57 20.94 -13.07
N SER N 9 -19.84 20.88 -13.48
CA SER N 9 -20.93 21.01 -12.51
C SER N 9 -21.11 19.72 -11.71
N LEU N 10 -20.73 18.58 -12.29
CA LEU N 10 -20.89 17.30 -11.61
C LEU N 10 -20.08 17.24 -10.33
N SER N 11 -18.79 17.57 -10.41
CA SER N 11 -17.96 17.66 -9.21
C SER N 11 -18.52 18.70 -8.25
N LEU N 12 -19.19 19.72 -8.78
CA LEU N 12 -19.81 20.74 -7.94
C LEU N 12 -20.96 20.17 -7.13
N ILE N 13 -21.80 19.31 -7.74
CA ILE N 13 -22.85 18.64 -6.98
C ILE N 13 -22.25 17.69 -5.96
N THR N 14 -21.12 17.05 -6.32
CA THR N 14 -20.43 16.21 -5.35
C THR N 14 -19.96 17.04 -4.14
N GLN N 15 -19.44 18.24 -4.39
CA GLN N 15 -19.06 19.13 -3.31
C GLN N 15 -20.28 19.51 -2.47
N ASN N 16 -21.41 19.76 -3.12
CA ASN N 16 -22.66 19.97 -2.39
C ASN N 16 -22.93 18.83 -1.43
N ASN N 17 -22.78 17.59 -1.93
CA ASN N 17 -23.03 16.42 -1.10
C ASN N 17 -22.09 16.37 0.09
N ILE N 18 -20.82 16.71 -0.13
CA ILE N 18 -19.84 16.70 0.97
C ILE N 18 -20.20 17.76 2.01
N ASN N 19 -20.54 18.96 1.56
CA ASN N 19 -20.84 20.04 2.51
C ASN N 19 -22.12 19.76 3.29
N LYS N 20 -23.07 19.03 2.68
CA LYS N 20 -24.23 18.59 3.44
C LYS N 20 -23.83 17.62 4.55
N ASN N 21 -22.86 16.74 4.27
CA ASN N 21 -22.40 15.79 5.28
C ASN N 21 -21.69 16.50 6.42
N GLN N 22 -20.87 17.51 6.10
CA GLN N 22 -19.88 18.02 7.05
C GLN N 22 -20.53 18.50 8.35
N SER N 23 -21.68 19.17 8.26
CA SER N 23 -22.33 19.69 9.46
C SER N 23 -22.74 18.55 10.40
N ALA N 24 -23.37 17.50 9.85
CA ALA N 24 -23.77 16.37 10.67
C ALA N 24 -22.56 15.64 11.24
N LEU N 25 -21.50 15.52 10.44
CA LEU N 25 -20.29 14.87 10.93
C LEU N 25 -19.70 15.63 12.11
N SER N 26 -19.63 16.97 11.99
CA SER N 26 -19.10 17.79 13.07
C SER N 26 -19.96 17.68 14.31
N SER N 27 -21.30 17.70 14.14
CA SER N 27 -22.19 17.56 15.28
C SER N 27 -21.98 16.22 15.97
N SER N 28 -21.85 15.14 15.19
CA SER N 28 -21.66 13.82 15.78
C SER N 28 -20.36 13.73 16.56
N ILE N 29 -19.26 14.22 15.98
CA ILE N 29 -17.98 14.11 16.67
C ILE N 29 -17.98 15.00 17.92
N GLU N 30 -18.57 16.19 17.84
CA GLU N 30 -18.64 17.06 19.00
C GLU N 30 -19.47 16.42 20.11
N ARG N 31 -20.60 15.81 19.76
CA ARG N 31 -21.47 15.24 20.78
C ARG N 31 -20.85 13.99 21.40
N LEU N 32 -20.05 13.26 20.61
CA LEU N 32 -19.31 12.13 21.18
C LEU N 32 -18.22 12.60 22.13
N SER N 33 -17.46 13.62 21.71
CA SER N 33 -16.38 14.13 22.56
C SER N 33 -16.94 14.74 23.84
N SER N 34 -18.02 15.51 23.73
CA SER N 34 -18.62 16.12 24.90
C SER N 34 -19.53 15.13 25.63
N GLY N 35 -19.74 15.40 26.93
CA GLY N 35 -20.57 14.52 27.72
C GLY N 35 -22.04 14.59 27.35
N LEU N 36 -22.54 15.78 27.05
CA LEU N 36 -23.97 16.03 26.93
C LEU N 36 -24.42 15.97 25.48
N ARG N 37 -25.73 15.89 25.28
CA ARG N 37 -26.29 15.75 23.95
C ARG N 37 -26.64 17.10 23.33
N ILE N 38 -27.23 18.00 24.11
N ILE N 38 -27.23 18.00 24.11
CA ILE N 38 -27.71 19.27 23.57
CA ILE N 38 -27.71 19.27 23.57
C ILE N 38 -26.54 20.12 23.07
C ILE N 38 -26.54 20.12 23.07
N ASN N 39 -25.53 20.30 23.92
CA ASN N 39 -24.26 20.93 23.51
C ASN N 39 -24.44 22.33 22.92
N SER N 40 -24.82 23.29 23.76
CA SER N 40 -24.88 24.68 23.30
C SER N 40 -25.91 24.85 22.20
N ALA N 41 -27.18 24.95 22.58
CA ALA N 41 -28.30 24.37 21.84
C ALA N 41 -28.51 24.96 20.46
N LYS N 42 -27.77 24.44 19.48
CA LYS N 42 -28.20 24.42 18.09
C LYS N 42 -29.52 23.69 17.91
N ASP N 43 -29.82 22.75 18.81
CA ASP N 43 -31.01 21.91 18.81
C ASP N 43 -32.12 22.60 19.59
N ASP N 44 -33.17 21.84 19.92
CA ASP N 44 -34.32 22.38 20.64
C ASP N 44 -33.90 23.14 21.89
N ALA N 45 -34.19 24.44 21.92
CA ALA N 45 -33.84 25.25 23.08
C ALA N 45 -34.74 24.93 24.27
N ALA N 46 -35.91 24.34 24.02
CA ALA N 46 -36.77 23.93 25.12
C ALA N 46 -36.08 22.88 25.98
N GLY N 47 -35.40 21.93 25.35
CA GLY N 47 -34.62 20.96 26.11
C GLY N 47 -33.51 21.64 26.90
N GLN N 48 -32.88 22.66 26.31
CA GLN N 48 -31.83 23.40 27.03
C GLN N 48 -32.37 24.04 28.29
N ALA N 49 -33.49 24.78 28.17
CA ALA N 49 -34.06 25.43 29.34
C ALA N 49 -34.55 24.41 30.36
N ILE N 50 -35.13 23.31 29.90
CA ILE N 50 -35.60 22.27 30.80
C ILE N 50 -34.44 21.67 31.58
N ALA N 51 -33.34 21.37 30.89
CA ALA N 51 -32.16 20.83 31.57
C ALA N 51 -31.59 21.83 32.56
N ASN N 52 -31.57 23.12 32.20
CA ASN N 52 -31.08 24.13 33.13
C ASN N 52 -31.94 24.18 34.39
N ARG N 53 -33.26 24.13 34.22
CA ARG N 53 -34.15 24.12 35.38
C ARG N 53 -33.93 22.88 36.23
N PHE N 54 -33.73 21.72 35.58
CA PHE N 54 -33.44 20.50 36.33
C PHE N 54 -32.16 20.64 37.15
N THR N 55 -31.09 21.17 36.54
CA THR N 55 -29.84 21.32 37.26
C THR N 55 -30.00 22.27 38.44
N SER N 56 -30.69 23.40 38.23
CA SER N 56 -30.92 24.33 39.32
C SER N 56 -31.68 23.66 40.46
N ASN N 57 -32.74 22.93 40.13
CA ASN N 57 -33.52 22.26 41.15
C ASN N 57 -32.70 21.23 41.90
N ILE N 58 -31.86 20.46 41.19
CA ILE N 58 -31.07 19.42 41.83
C ILE N 58 -30.06 20.03 42.80
N LYS N 59 -29.34 21.07 42.35
CA LYS N 59 -28.37 21.70 43.25
C LYS N 59 -29.06 22.30 44.47
N GLY N 60 -30.19 22.99 44.25
CA GLY N 60 -30.93 23.54 45.37
C GLY N 60 -31.35 22.48 46.36
N LEU N 61 -31.83 21.34 45.87
CA LEU N 61 -32.32 20.30 46.76
C LEU N 61 -31.18 19.63 47.51
N THR N 62 -30.02 19.46 46.86
CA THR N 62 -28.86 18.91 47.56
C THR N 62 -28.42 19.83 48.69
N GLN N 63 -28.34 21.13 48.41
CA GLN N 63 -27.96 22.07 49.47
C GLN N 63 -29.03 22.10 50.56
N ALA N 64 -30.30 21.91 50.18
CA ALA N 64 -31.37 21.83 51.15
C ALA N 64 -31.19 20.62 52.07
N ALA N 65 -30.78 19.48 51.50
CA ALA N 65 -30.51 18.30 52.31
C ALA N 65 -29.36 18.57 53.29
N ARG N 66 -28.32 19.25 52.82
CA ARG N 66 -27.23 19.60 53.73
C ARG N 66 -27.72 20.52 54.85
N ASN N 67 -28.58 21.47 54.52
CA ASN N 67 -29.15 22.36 55.54
C ASN N 67 -29.97 21.58 56.55
N ALA N 68 -30.74 20.60 56.07
CA ALA N 68 -31.52 19.76 56.98
C ALA N 68 -30.61 18.96 57.90
N ASN N 69 -29.47 18.50 57.38
CA ASN N 69 -28.49 17.83 58.23
C ASN N 69 -27.93 18.77 59.28
N ASP N 70 -27.69 20.03 58.91
CA ASP N 70 -27.26 21.01 59.90
C ASP N 70 -28.32 21.16 60.99
N GLY N 71 -29.59 21.24 60.60
CA GLY N 71 -30.66 21.38 61.58
C GLY N 71 -30.76 20.18 62.51
N ILE N 72 -30.62 18.97 61.96
CA ILE N 72 -30.69 17.78 62.81
C ILE N 72 -29.52 17.76 63.79
N SER N 73 -28.34 18.19 63.34
CA SER N 73 -27.20 18.28 64.26
C SER N 73 -27.49 19.26 65.40
N VAL N 74 -28.07 20.42 65.07
CA VAL N 74 -28.46 21.37 66.11
C VAL N 74 -29.42 20.71 67.09
N ALA N 75 -30.37 19.93 66.56
CA ALA N 75 -31.35 19.27 67.42
C ALA N 75 -30.70 18.31 68.40
N GLN N 76 -29.78 17.46 67.91
CA GLN N 76 -29.11 16.54 68.81
C GLN N 76 -28.25 17.29 69.84
N THR N 77 -27.62 18.39 69.44
CA THR N 77 -26.84 19.16 70.42
C THR N 77 -27.72 19.70 71.53
N THR N 78 -28.87 20.27 71.17
CA THR N 78 -29.77 20.81 72.18
C THR N 78 -30.30 19.71 73.09
N GLU N 79 -30.65 18.56 72.52
CA GLU N 79 -31.12 17.44 73.34
C GLU N 79 -30.03 16.96 74.27
N GLY N 80 -28.78 16.94 73.79
CA GLY N 80 -27.67 16.59 74.66
C GLY N 80 -27.56 17.48 75.87
N ALA N 81 -27.65 18.80 75.65
CA ALA N 81 -27.61 19.73 76.80
C ALA N 81 -28.79 19.50 77.73
N LEU N 82 -29.97 19.28 77.16
CA LEU N 82 -31.15 18.99 77.97
C LEU N 82 -30.94 17.75 78.83
N SER N 83 -30.12 16.81 78.36
CA SER N 83 -29.84 15.61 79.15
C SER N 83 -29.14 15.96 80.46
N GLU N 84 -28.08 16.78 80.40
CA GLU N 84 -27.40 17.16 81.64
C GLU N 84 -28.32 17.98 82.53
N ILE N 85 -29.18 18.82 81.93
CA ILE N 85 -30.12 19.55 82.77
C ILE N 85 -31.06 18.59 83.51
N ASN N 86 -31.60 17.61 82.78
CA ASN N 86 -32.54 16.67 83.37
C ASN N 86 -31.88 15.85 84.47
N ASN N 87 -30.62 15.48 84.29
CA ASN N 87 -29.92 14.73 85.33
C ASN N 87 -29.88 15.51 86.64
N ASN N 88 -29.51 16.79 86.58
CA ASN N 88 -29.44 17.60 87.79
C ASN N 88 -30.81 17.77 88.42
N LEU N 89 -31.84 18.04 87.61
CA LEU N 89 -33.17 18.20 88.18
C LEU N 89 -33.66 16.93 88.86
N GLN N 90 -33.44 15.77 88.23
CA GLN N 90 -33.88 14.51 88.82
C GLN N 90 -33.12 14.23 90.12
N ARG N 91 -31.82 14.49 90.14
CA ARG N 91 -31.04 14.29 91.36
C ARG N 91 -31.56 15.20 92.48
N ILE N 92 -31.85 16.45 92.16
CA ILE N 92 -32.39 17.37 93.16
C ILE N 92 -33.71 16.86 93.70
N ARG N 93 -34.60 16.42 92.80
CA ARG N 93 -35.91 15.94 93.23
C ARG N 93 -35.78 14.72 94.15
N GLU N 94 -34.88 13.80 93.80
CA GLU N 94 -34.71 12.61 94.64
C GLU N 94 -34.12 12.98 96.01
N LEU N 95 -33.13 13.86 96.04
CA LEU N 95 -32.47 14.13 97.32
C LEU N 95 -33.23 15.12 98.18
N THR N 96 -34.24 15.80 97.63
CA THR N 96 -35.06 16.69 98.44
C THR N 96 -35.74 15.95 99.59
N VAL N 97 -36.14 14.70 99.33
CA VAL N 97 -36.87 13.92 100.34
C VAL N 97 -36.00 13.73 101.58
N GLN N 98 -34.70 13.55 101.41
CA GLN N 98 -33.81 13.37 102.55
C GLN N 98 -33.83 14.59 103.46
N ALA N 99 -33.81 15.79 102.87
CA ALA N 99 -33.92 17.01 103.68
C ALA N 99 -35.31 17.15 104.28
N SER N 100 -36.32 16.62 103.59
CA SER N 100 -37.69 16.73 104.08
C SER N 100 -37.89 15.96 105.39
N THR N 101 -37.05 14.96 105.65
CA THR N 101 -37.21 14.15 106.85
C THR N 101 -36.91 14.98 108.10
N GLY N 102 -37.71 14.77 109.16
CA GLY N 102 -37.62 15.61 110.33
C GLY N 102 -36.45 15.30 111.24
N THR N 103 -35.82 14.13 111.07
CA THR N 103 -34.71 13.77 111.94
C THR N 103 -33.49 14.64 111.67
N ASN N 104 -33.44 15.28 110.51
CA ASN N 104 -32.30 16.13 110.16
C ASN N 104 -32.25 17.35 111.07
N SER N 105 -31.04 17.71 111.50
CA SER N 105 -30.83 18.89 112.32
C SER N 105 -30.60 20.10 111.41
N ASP N 106 -30.55 21.29 112.01
CA ASP N 106 -30.38 22.51 111.23
C ASP N 106 -29.09 22.49 110.44
N SER N 107 -28.03 21.92 111.00
CA SER N 107 -26.78 21.76 110.25
C SER N 107 -26.99 20.88 109.03
N ASP N 108 -27.76 19.80 109.18
CA ASP N 108 -28.05 18.94 108.04
C ASP N 108 -28.83 19.69 106.96
N LEU N 109 -29.85 20.43 107.36
CA LEU N 109 -30.60 21.22 106.39
C LEU N 109 -29.68 22.22 105.68
N ASP N 110 -28.74 22.81 106.43
CA ASP N 110 -27.77 23.72 105.81
C ASP N 110 -26.91 22.99 104.80
N SER N 111 -26.49 21.76 105.10
CA SER N 111 -25.65 21.01 104.18
C SER N 111 -26.38 20.69 102.88
N ILE N 112 -27.60 20.15 102.98
CA ILE N 112 -28.38 19.89 101.77
C ILE N 112 -28.71 21.19 101.04
N GLN N 113 -28.91 22.29 101.78
CA GLN N 113 -29.17 23.57 101.13
C GLN N 113 -27.96 24.02 100.32
N ASP N 114 -26.76 23.86 100.87
CA ASP N 114 -25.56 24.19 100.13
C ASP N 114 -25.42 23.33 98.89
N GLU N 115 -25.73 22.03 99.01
CA GLU N 115 -25.67 21.14 97.86
C GLU N 115 -26.65 21.57 96.78
N ILE N 116 -27.86 21.96 97.18
CA ILE N 116 -28.86 22.45 96.23
C ILE N 116 -28.40 23.75 95.59
N LYS N 117 -27.76 24.62 96.37
CA LYS N 117 -27.24 25.87 95.80
C LYS N 117 -26.22 25.58 94.72
N SER N 118 -25.29 24.66 94.99
CA SER N 118 -24.32 24.27 93.97
C SER N 118 -25.00 23.67 92.75
N ARG N 119 -26.03 22.84 92.97
CA ARG N 119 -26.73 22.22 91.86
C ARG N 119 -27.44 23.25 90.99
N LEU N 120 -28.10 24.24 91.60
CA LEU N 120 -28.77 25.27 90.84
C LEU N 120 -27.76 26.15 90.11
N ASP N 121 -26.61 26.41 90.72
CA ASP N 121 -25.55 27.12 90.02
C ASP N 121 -25.12 26.34 88.77
N GLU N 122 -24.99 25.01 88.90
CA GLU N 122 -24.68 24.19 87.74
C GLU N 122 -25.78 24.25 86.68
N ILE N 123 -27.04 24.25 87.13
CA ILE N 123 -28.17 24.30 86.20
C ILE N 123 -28.13 25.59 85.39
N ASP N 124 -27.87 26.72 86.06
CA ASP N 124 -27.75 27.97 85.33
C ASP N 124 -26.51 27.99 84.43
N ARG N 125 -25.41 27.42 84.91
CA ARG N 125 -24.16 27.44 84.15
C ARG N 125 -24.30 26.67 82.84
N VAL N 126 -24.88 25.47 82.89
CA VAL N 126 -25.01 24.66 81.69
C VAL N 126 -25.94 25.33 80.69
N SER N 127 -26.99 26.01 81.18
CA SER N 127 -27.88 26.73 80.28
C SER N 127 -27.18 27.91 79.63
N GLY N 128 -26.40 28.65 80.41
CA GLY N 128 -25.73 29.82 79.87
C GLY N 128 -24.64 29.49 78.85
N GLN N 129 -23.81 28.50 79.16
CA GLN N 129 -22.63 28.26 78.34
C GLN N 129 -22.95 27.55 77.03
N THR N 130 -24.00 26.74 77.01
CA THR N 130 -24.27 25.92 75.84
C THR N 130 -24.57 26.78 74.62
N GLN N 131 -24.03 26.39 73.47
CA GLN N 131 -24.17 27.14 72.24
C GLN N 131 -23.68 26.31 71.07
N PHE N 132 -24.24 26.57 69.89
CA PHE N 132 -23.84 25.92 68.65
C PHE N 132 -23.60 26.98 67.59
N ASN N 133 -22.42 26.92 66.96
CA ASN N 133 -22.06 27.81 65.85
C ASN N 133 -22.26 29.28 66.24
N GLY N 134 -21.86 29.62 67.45
CA GLY N 134 -22.00 30.98 67.95
C GLY N 134 -23.41 31.38 68.32
N VAL N 135 -24.33 30.44 68.44
CA VAL N 135 -25.71 30.72 68.80
C VAL N 135 -26.01 30.03 70.12
N ASN N 136 -26.23 30.83 71.17
CA ASN N 136 -26.60 30.31 72.47
C ASN N 136 -28.06 29.85 72.42
N VAL N 137 -28.25 28.53 72.34
CA VAL N 137 -29.59 28.00 72.10
C VAL N 137 -30.50 28.22 73.31
N LEU N 138 -29.99 28.01 74.51
CA LEU N 138 -30.81 28.07 75.72
C LEU N 138 -30.78 29.43 76.40
N ALA N 139 -30.09 30.42 75.82
CA ALA N 139 -29.96 31.71 76.48
C ALA N 139 -31.29 32.47 76.47
N LYS N 140 -31.98 32.47 75.33
CA LYS N 140 -33.17 33.28 75.18
C LYS N 140 -34.16 32.57 74.27
N ASP N 141 -35.43 32.97 74.39
CA ASP N 141 -36.47 32.46 73.52
C ASP N 141 -36.21 32.86 72.07
N GLY N 142 -36.53 31.97 71.15
CA GLY N 142 -36.33 32.26 69.74
C GLY N 142 -36.93 31.20 68.86
N SER N 143 -36.94 31.49 67.55
CA SER N 143 -37.48 30.60 66.54
C SER N 143 -36.44 30.42 65.45
N MET N 144 -36.34 29.20 64.92
CA MET N 144 -35.23 28.81 64.04
C MET N 144 -35.79 28.28 62.73
N LYS N 145 -35.24 28.76 61.61
CA LYS N 145 -35.68 28.38 60.28
C LYS N 145 -34.60 27.54 59.59
N ILE N 146 -35.04 26.53 58.85
CA ILE N 146 -34.17 25.72 57.98
C ILE N 146 -34.83 25.64 56.62
N GLN N 147 -34.12 26.12 55.59
CA GLN N 147 -34.65 26.12 54.24
C GLN N 147 -34.34 24.78 53.59
N VAL N 148 -35.39 24.07 53.17
CA VAL N 148 -35.27 22.70 52.69
C VAL N 148 -35.81 22.52 51.28
N GLY N 149 -36.04 23.60 50.55
CA GLY N 149 -36.59 23.50 49.22
C GLY N 149 -35.88 24.40 48.24
N ALA N 150 -35.72 23.91 47.02
CA ALA N 150 -35.16 24.74 45.96
C ALA N 150 -36.04 25.94 45.69
N ASN N 151 -37.35 25.75 45.70
CA ASN N 151 -38.28 26.86 45.59
C ASN N 151 -38.27 27.68 46.88
N ASP N 152 -38.67 28.94 46.77
CA ASP N 152 -38.62 29.84 47.91
C ASP N 152 -39.86 29.67 48.79
N GLY N 153 -39.72 30.04 50.06
CA GLY N 153 -40.85 30.10 50.97
C GLY N 153 -41.17 28.81 51.71
N GLN N 154 -40.36 27.78 51.57
CA GLN N 154 -40.61 26.50 52.25
C GLN N 154 -39.53 26.27 53.29
N THR N 155 -39.94 25.93 54.51
CA THR N 155 -39.02 25.72 55.61
C THR N 155 -39.69 24.90 56.70
N ILE N 156 -38.90 24.55 57.72
CA ILE N 156 -39.40 23.93 58.94
C ILE N 156 -38.90 24.76 60.12
N THR N 157 -39.80 24.97 61.08
CA THR N 157 -39.54 25.84 62.21
C THR N 157 -39.19 25.01 63.44
N ILE N 158 -38.06 25.33 64.07
CA ILE N 158 -37.68 24.77 65.36
C ILE N 158 -37.85 25.85 66.42
N ASP N 159 -38.55 25.51 67.49
CA ASP N 159 -38.86 26.46 68.56
C ASP N 159 -37.84 26.29 69.68
N LEU N 160 -37.28 27.40 70.14
CA LEU N 160 -36.32 27.42 71.23
C LEU N 160 -36.79 28.41 72.28
N LYS N 161 -37.10 27.91 73.47
CA LYS N 161 -37.59 28.74 74.57
C LYS N 161 -36.50 28.88 75.62
N LYS N 162 -36.40 30.07 76.22
CA LYS N 162 -35.39 30.33 77.23
C LYS N 162 -35.55 29.40 78.42
N ILE N 163 -34.44 28.82 78.86
CA ILE N 163 -34.46 27.87 79.98
C ILE N 163 -33.42 28.27 81.02
N ASP N 164 -33.88 28.87 82.11
CA ASP N 164 -33.02 29.12 83.26
C ASP N 164 -33.79 28.85 84.56
N SER N 165 -33.07 28.94 85.68
CA SER N 165 -33.70 28.69 86.98
C SER N 165 -34.85 29.65 87.23
N ASP N 166 -34.77 30.87 86.70
CA ASP N 166 -35.86 31.82 86.87
C ASP N 166 -37.10 31.37 86.13
N THR N 167 -36.96 31.03 84.84
CA THR N 167 -38.13 30.64 84.05
C THR N 167 -38.65 29.27 84.46
N LEU N 168 -37.74 28.34 84.80
CA LEU N 168 -38.16 26.97 85.10
C LEU N 168 -39.01 26.90 86.37
N GLY N 169 -38.97 27.94 87.19
CA GLY N 169 -39.68 27.85 88.44
C GLY N 169 -38.89 28.49 89.57
N LEU N 170 -38.50 27.65 90.52
CA LEU N 170 -38.14 28.01 91.90
C LEU N 170 -37.33 29.30 91.98
N ASN N 171 -36.11 29.35 91.45
CA ASN N 171 -35.21 30.52 91.41
C ASN N 171 -34.87 31.02 92.81
N GLY N 172 -35.49 30.44 93.84
CA GLY N 172 -35.27 30.84 95.22
C GLY N 172 -35.40 29.69 96.20
N PHE N 173 -35.15 28.48 95.73
CA PHE N 173 -35.49 27.26 96.46
C PHE N 173 -34.72 27.21 97.77
N ASN N 174 -35.45 27.23 98.88
CA ASN N 174 -34.86 27.20 100.22
C ASN N 174 -35.46 26.02 100.97
N VAL N 175 -34.62 25.32 101.73
CA VAL N 175 -35.08 24.21 102.56
C VAL N 175 -34.87 24.47 104.04
N ASN N 176 -33.94 25.35 104.42
CA ASN N 176 -33.67 25.65 105.82
C ASN N 176 -34.26 26.98 106.26
N GLY N 177 -35.13 27.58 105.46
CA GLY N 177 -35.75 28.84 105.82
C GLY N 177 -34.80 30.02 105.78
N GLU N 455 -36.51 32.11 103.23
CA GLU N 455 -37.82 31.52 103.47
C GLU N 455 -37.96 30.20 102.72
N SER N 456 -38.25 29.12 103.45
CA SER N 456 -38.33 27.81 102.85
C SER N 456 -39.47 27.73 101.84
N THR N 457 -39.25 26.96 100.77
CA THR N 457 -40.25 26.84 99.72
C THR N 457 -41.48 26.12 100.23
N SER N 458 -42.65 26.57 99.77
CA SER N 458 -43.91 26.03 100.27
C SER N 458 -44.15 24.60 99.79
N ASP N 459 -43.98 24.35 98.49
CA ASP N 459 -44.29 23.04 97.91
C ASP N 459 -43.18 22.67 96.92
N PRO N 460 -42.11 22.04 97.42
CA PRO N 460 -40.98 21.73 96.56
C PRO N 460 -41.27 20.69 95.48
N LEU N 461 -41.92 19.60 95.87
CA LEU N 461 -42.05 18.46 94.97
C LEU N 461 -42.91 18.79 93.76
N ALA N 462 -44.02 19.51 93.97
CA ALA N 462 -44.88 19.87 92.84
C ALA N 462 -44.16 20.79 91.87
N ALA N 463 -43.42 21.77 92.38
CA ALA N 463 -42.67 22.67 91.51
C ALA N 463 -41.60 21.91 90.73
N LEU N 464 -40.92 20.97 91.39
CA LEU N 464 -39.91 20.17 90.69
C LEU N 464 -40.55 19.32 89.60
N ASP N 465 -41.71 18.73 89.88
CA ASP N 465 -42.40 17.94 88.87
C ASP N 465 -42.79 18.81 87.68
N ASP N 466 -43.29 20.02 87.95
CA ASP N 466 -43.64 20.93 86.87
C ASP N 466 -42.43 21.31 86.05
N ALA N 467 -41.30 21.57 86.71
CA ALA N 467 -40.07 21.93 86.01
C ALA N 467 -39.60 20.79 85.13
N ILE N 468 -39.69 19.55 85.63
CA ILE N 468 -39.30 18.40 84.83
C ILE N 468 -40.22 18.24 83.63
N SER N 469 -41.53 18.41 83.84
CA SER N 469 -42.49 18.26 82.74
C SER N 469 -42.27 19.32 81.67
N GLN N 470 -41.88 20.53 82.08
CA GLN N 470 -41.63 21.58 81.10
C GLN N 470 -40.52 21.19 80.14
N ILE N 471 -39.43 20.62 80.66
CA ILE N 471 -38.36 20.14 79.79
C ILE N 471 -38.80 18.91 79.02
N ASP N 472 -39.68 18.10 79.61
CA ASP N 472 -40.17 16.90 78.93
C ASP N 472 -40.90 17.27 77.65
N LYS N 473 -41.77 18.29 77.70
CA LYS N 473 -42.46 18.72 76.49
C LYS N 473 -41.47 19.22 75.43
N PHE N 474 -40.46 19.98 75.86
CA PHE N 474 -39.48 20.52 74.92
C PHE N 474 -38.70 19.39 74.26
N ARG N 475 -38.33 18.37 75.03
CA ARG N 475 -37.62 17.22 74.48
C ARG N 475 -38.50 16.44 73.52
N SER N 476 -39.78 16.32 73.82
CA SER N 476 -40.71 15.67 72.89
C SER N 476 -40.78 16.44 71.58
N SER N 477 -40.84 17.78 71.66
CA SER N 477 -40.84 18.60 70.45
C SER N 477 -39.55 18.39 69.66
N LEU N 478 -38.42 18.31 70.36
CA LEU N 478 -37.14 18.04 69.68
C LEU N 478 -37.17 16.69 68.98
N GLY N 479 -37.69 15.65 69.64
CA GLY N 479 -37.78 14.36 68.98
C GLY N 479 -38.66 14.39 67.75
N ALA N 480 -39.81 15.07 67.84
CA ALA N 480 -40.69 15.19 66.69
C ALA N 480 -40.00 15.91 65.53
N VAL N 481 -39.29 16.99 65.83
CA VAL N 481 -38.64 17.74 64.74
C VAL N 481 -37.47 16.93 64.18
N GLN N 482 -36.80 16.12 65.02
CA GLN N 482 -35.77 15.24 64.49
C GLN N 482 -36.34 14.24 63.51
N ASN N 483 -37.47 13.63 63.85
CA ASN N 483 -38.13 12.72 62.91
C ASN N 483 -38.53 13.47 61.63
N ARG N 484 -39.01 14.71 61.78
CA ARG N 484 -39.39 15.51 60.61
C ARG N 484 -38.20 15.73 59.70
N LEU N 485 -37.05 16.12 60.26
CA LEU N 485 -35.87 16.36 59.44
C LEU N 485 -35.33 15.07 58.82
N ASP N 486 -35.41 13.95 59.53
CA ASP N 486 -34.98 12.69 58.93
C ASP N 486 -35.85 12.34 57.72
N SER N 487 -37.17 12.47 57.87
CA SER N 487 -38.07 12.22 56.75
C SER N 487 -37.79 13.18 55.60
N ALA N 488 -37.52 14.45 55.93
CA ALA N 488 -37.20 15.42 54.89
C ALA N 488 -35.93 15.05 54.15
N VAL N 489 -34.90 14.61 54.87
CA VAL N 489 -33.63 14.26 54.24
C VAL N 489 -33.82 13.08 53.29
N THR N 490 -34.51 12.03 53.74
CA THR N 490 -34.71 10.89 52.85
C THR N 490 -35.60 11.24 51.67
N ASN N 491 -36.61 12.09 51.89
CA ASN N 491 -37.44 12.56 50.78
C ASN N 491 -36.61 13.33 49.76
N LEU N 492 -35.72 14.21 50.24
CA LEU N 492 -34.86 14.96 49.35
C LEU N 492 -33.94 14.06 48.55
N ASN N 493 -33.36 13.05 49.21
CA ASN N 493 -32.48 12.13 48.48
C ASN N 493 -33.24 11.39 47.39
N ASN N 494 -34.42 10.85 47.71
CA ASN N 494 -35.19 10.17 46.68
C ASN N 494 -35.57 11.13 45.55
N THR N 495 -36.02 12.33 45.91
CA THR N 495 -36.48 13.29 44.91
C THR N 495 -35.35 13.71 43.99
N THR N 496 -34.16 13.95 44.53
CA THR N 496 -33.04 14.33 43.69
C THR N 496 -32.59 13.17 42.81
N THR N 497 -32.68 11.93 43.31
CA THR N 497 -32.38 10.79 42.44
C THR N 497 -33.35 10.72 41.26
N ASN N 498 -34.64 10.87 41.54
CA ASN N 498 -35.62 10.85 40.44
C ASN N 498 -35.39 11.99 39.46
N LEU N 499 -35.10 13.18 39.98
CA LEU N 499 -34.88 14.33 39.11
C LEU N 499 -33.63 14.13 38.25
N SER N 500 -32.58 13.57 38.84
CA SER N 500 -31.34 13.34 38.10
C SER N 500 -31.57 12.34 36.98
N GLU N 501 -32.26 11.23 37.26
CA GLU N 501 -32.49 10.27 36.19
C GLU N 501 -33.46 10.80 35.16
N ALA N 502 -34.41 11.65 35.57
CA ALA N 502 -35.30 12.29 34.61
C ALA N 502 -34.53 13.21 33.67
N GLN N 503 -33.60 14.00 34.21
CA GLN N 503 -32.77 14.86 33.38
C GLN N 503 -31.90 14.02 32.45
N SER N 504 -31.37 12.90 32.96
CA SER N 504 -30.55 12.02 32.13
C SER N 504 -31.37 11.46 30.96
N ARG N 505 -32.62 11.07 31.22
CA ARG N 505 -33.47 10.56 30.16
C ARG N 505 -33.67 11.58 29.04
N ILE N 506 -33.73 12.87 29.41
CA ILE N 506 -33.99 13.91 28.42
C ILE N 506 -32.85 14.01 27.41
N GLN N 507 -31.62 14.08 27.90
CA GLN N 507 -30.49 14.24 27.00
C GLN N 507 -29.21 13.76 27.66
N ASP N 508 -28.70 12.62 27.20
CA ASP N 508 -27.41 12.09 27.62
C ASP N 508 -26.61 11.73 26.38
N ALA N 509 -25.48 11.07 26.60
CA ALA N 509 -24.60 10.71 25.49
C ALA N 509 -25.25 9.72 24.54
N ASP N 510 -25.77 8.62 25.09
CA ASP N 510 -26.29 7.50 24.29
C ASP N 510 -25.25 7.05 23.26
N TYR N 511 -24.15 6.53 23.79
CA TYR N 511 -22.92 6.35 23.00
C TYR N 511 -23.15 5.49 21.76
N ALA N 512 -24.02 4.49 21.83
CA ALA N 512 -24.14 3.54 20.73
C ALA N 512 -24.62 4.22 19.45
N THR N 513 -25.73 4.96 19.54
CA THR N 513 -26.29 5.57 18.33
C THR N 513 -25.38 6.65 17.78
N GLU N 514 -24.70 7.39 18.66
CA GLU N 514 -23.80 8.45 18.18
C GLU N 514 -22.55 7.86 17.53
N VAL N 515 -22.04 6.76 18.08
CA VAL N 515 -20.91 6.07 17.44
C VAL N 515 -21.31 5.56 16.07
N SER N 516 -22.51 4.98 15.96
CA SER N 516 -22.99 4.52 14.66
C SER N 516 -23.14 5.69 13.69
N ASN N 517 -23.67 6.81 14.18
CA ASN N 517 -23.83 7.99 13.33
C ASN N 517 -22.49 8.50 12.82
N MET N 518 -21.51 8.62 13.73
CA MET N 518 -20.18 9.04 13.32
C MET N 518 -19.59 8.06 12.32
N SER N 519 -19.79 6.77 12.53
CA SER N 519 -19.23 5.76 11.63
C SER N 519 -19.79 5.92 10.23
N LYS N 520 -21.12 5.98 10.09
CA LYS N 520 -21.69 6.06 8.74
C LYS N 520 -21.40 7.42 8.11
N ALA N 521 -21.38 8.48 8.91
CA ALA N 521 -21.02 9.78 8.37
C ALA N 521 -19.59 9.78 7.85
N GLN N 522 -18.67 9.16 8.58
CA GLN N 522 -17.30 9.05 8.10
C GLN N 522 -17.23 8.24 6.81
N ILE N 523 -17.94 7.12 6.76
CA ILE N 523 -17.89 6.25 5.58
C ILE N 523 -18.36 7.01 4.34
N ILE N 524 -19.52 7.69 4.46
CA ILE N 524 -20.00 8.48 3.34
C ILE N 524 -19.08 9.67 3.08
N GLN N 525 -18.32 10.10 4.09
CA GLN N 525 -17.37 11.19 3.89
C GLN N 525 -16.24 10.78 2.96
N GLN N 526 -15.58 9.65 3.24
CA GLN N 526 -14.57 9.20 2.29
C GLN N 526 -15.19 8.76 0.97
N ALA N 527 -16.45 8.32 0.99
CA ALA N 527 -17.13 8.03 -0.27
C ALA N 527 -17.24 9.28 -1.13
N GLY N 528 -17.64 10.41 -0.51
CA GLY N 528 -17.73 11.65 -1.25
C GLY N 528 -16.37 12.14 -1.73
N ASN N 529 -15.35 12.02 -0.87
CA ASN N 529 -14.01 12.42 -1.29
C ASN N 529 -13.55 11.60 -2.49
N SER N 530 -13.78 10.27 -2.45
CA SER N 530 -13.35 9.41 -3.55
C SER N 530 -14.10 9.73 -4.83
N VAL N 531 -15.43 9.92 -4.75
CA VAL N 531 -16.19 10.18 -5.96
C VAL N 531 -15.82 11.54 -6.53
N LEU N 532 -15.56 12.53 -5.68
CA LEU N 532 -15.08 13.82 -6.18
C LEU N 532 -13.74 13.69 -6.87
N ALA N 533 -12.81 12.92 -6.27
CA ALA N 533 -11.50 12.73 -6.88
C ALA N 533 -11.64 12.06 -8.24
N LYS N 534 -12.50 11.06 -8.35
CA LYS N 534 -12.69 10.38 -9.62
C LYS N 534 -13.37 11.30 -10.64
N ALA N 535 -14.31 12.13 -10.19
CA ALA N 535 -15.03 13.01 -11.10
C ALA N 535 -14.14 14.15 -11.58
N ASN N 536 -13.04 14.42 -10.86
CA ASN N 536 -12.10 15.44 -11.32
C ASN N 536 -11.52 15.10 -12.69
N GLN N 537 -11.50 13.81 -13.05
CA GLN N 537 -10.85 13.43 -14.30
C GLN N 537 -11.84 13.36 -15.46
N VAL N 538 -13.07 13.81 -15.24
CA VAL N 538 -14.13 13.71 -16.25
C VAL N 538 -13.79 14.41 -17.57
N PRO N 539 -13.32 15.65 -17.61
CA PRO N 539 -13.30 16.39 -18.87
C PRO N 539 -12.04 16.22 -19.71
N GLN N 540 -10.97 15.58 -19.23
CA GLN N 540 -9.69 15.69 -19.93
C GLN N 540 -9.64 14.94 -21.26
N GLN N 541 -10.64 14.12 -21.58
CA GLN N 541 -10.59 13.38 -22.85
C GLN N 541 -10.70 14.32 -24.05
N VAL N 542 -11.06 15.58 -23.82
CA VAL N 542 -11.13 16.55 -24.91
C VAL N 542 -9.76 16.74 -25.56
N LEU N 543 -8.70 16.49 -24.79
CA LEU N 543 -7.34 16.69 -25.31
C LEU N 543 -7.07 15.77 -26.50
N SER N 544 -7.52 14.52 -26.42
CA SER N 544 -7.30 13.58 -27.51
C SER N 544 -7.95 14.08 -28.81
N LEU N 545 -9.06 14.82 -28.69
CA LEU N 545 -9.71 15.36 -29.87
C LEU N 545 -8.81 16.37 -30.58
N LEU N 546 -8.11 17.20 -29.81
CA LEU N 546 -7.27 18.23 -30.41
C LEU N 546 -6.06 17.63 -31.11
N GLN N 547 -5.39 16.67 -30.48
CA GLN N 547 -4.23 16.03 -31.09
C GLN N 547 -4.37 14.51 -31.06
N ALA O 2 -6.57 24.88 -100.49
CA ALA O 2 -7.81 25.54 -100.07
C ALA O 2 -8.52 26.15 -101.26
N GLN O 3 -9.78 26.54 -101.04
CA GLN O 3 -10.60 27.13 -102.09
C GLN O 3 -11.15 28.51 -101.72
N VAL O 4 -11.21 28.82 -100.43
CA VAL O 4 -11.72 30.10 -99.95
C VAL O 4 -10.72 30.69 -98.97
N ILE O 5 -10.61 32.02 -98.97
CA ILE O 5 -9.72 32.71 -98.03
C ILE O 5 -10.50 33.55 -97.03
N ASN O 6 -11.73 33.92 -97.34
CA ASN O 6 -12.46 34.86 -96.50
C ASN O 6 -12.79 34.27 -95.13
N THR O 7 -13.22 33.01 -95.10
CA THR O 7 -13.77 32.42 -93.88
C THR O 7 -13.01 31.14 -93.52
N ASN O 8 -12.57 31.05 -92.26
CA ASN O 8 -12.05 29.81 -91.70
C ASN O 8 -13.17 29.17 -90.88
N SER O 9 -14.09 28.52 -91.60
CA SER O 9 -15.31 28.01 -90.97
C SER O 9 -14.99 26.95 -89.91
N LEU O 10 -13.88 26.23 -90.08
CA LEU O 10 -13.52 25.20 -89.11
C LEU O 10 -13.26 25.80 -87.74
N SER O 11 -12.56 26.94 -87.69
CA SER O 11 -12.32 27.61 -86.43
C SER O 11 -13.62 28.07 -85.78
N LEU O 12 -14.54 28.60 -86.58
CA LEU O 12 -15.83 29.04 -86.05
C LEU O 12 -16.61 27.86 -85.47
N ILE O 13 -16.58 26.72 -86.15
CA ILE O 13 -17.23 25.53 -85.62
C ILE O 13 -16.59 25.10 -84.32
N THR O 14 -15.24 25.12 -84.26
CA THR O 14 -14.54 24.66 -83.06
C THR O 14 -14.83 25.56 -81.86
N GLN O 15 -14.92 26.88 -82.09
CA GLN O 15 -15.07 27.81 -80.98
C GLN O 15 -16.36 27.57 -80.21
N ASN O 16 -17.43 27.13 -80.89
CA ASN O 16 -18.67 26.82 -80.19
C ASN O 16 -18.46 25.67 -79.20
N ASN O 17 -17.76 24.63 -79.63
CA ASN O 17 -17.43 23.53 -78.72
C ASN O 17 -16.56 24.01 -77.58
N ILE O 18 -15.62 24.91 -77.86
CA ILE O 18 -14.77 25.46 -76.80
C ILE O 18 -15.62 26.19 -75.76
N ASN O 19 -16.58 26.99 -76.22
CA ASN O 19 -17.46 27.70 -75.28
C ASN O 19 -18.30 26.74 -74.47
N LYS O 20 -18.86 25.70 -75.11
CA LYS O 20 -19.67 24.74 -74.38
C LYS O 20 -18.85 24.02 -73.33
N ASN O 21 -17.60 23.68 -73.64
CA ASN O 21 -16.73 23.06 -72.65
C ASN O 21 -16.36 24.04 -71.54
N GLN O 22 -16.17 25.31 -71.89
CA GLN O 22 -15.79 26.31 -70.89
C GLN O 22 -16.90 26.51 -69.87
N SER O 23 -18.15 26.50 -70.32
CA SER O 23 -19.26 26.62 -69.38
C SER O 23 -19.24 25.48 -68.37
N ALA O 24 -19.05 24.25 -68.84
CA ALA O 24 -18.99 23.10 -67.94
C ALA O 24 -17.79 23.20 -66.99
N LEU O 25 -16.65 23.65 -67.51
CA LEU O 25 -15.46 23.80 -66.67
C LEU O 25 -15.71 24.80 -65.56
N SER O 26 -16.28 25.96 -65.90
CA SER O 26 -16.56 26.97 -64.88
C SER O 26 -17.55 26.45 -63.85
N SER O 27 -18.62 25.79 -64.30
CA SER O 27 -19.59 25.24 -63.36
C SER O 27 -18.95 24.22 -62.43
N SER O 28 -18.13 23.32 -62.98
CA SER O 28 -17.51 22.28 -62.18
C SER O 28 -16.54 22.86 -61.16
N ILE O 29 -15.70 23.80 -61.58
CA ILE O 29 -14.70 24.35 -60.67
C ILE O 29 -15.38 25.17 -59.58
N GLU O 30 -16.43 25.92 -59.93
CA GLU O 30 -17.15 26.69 -58.91
C GLU O 30 -17.84 25.76 -57.93
N ARG O 31 -18.41 24.66 -58.43
CA ARG O 31 -19.04 23.68 -57.55
C ARG O 31 -18.01 23.02 -56.65
N LEU O 32 -16.78 22.85 -57.15
CA LEU O 32 -15.72 22.27 -56.35
C LEU O 32 -15.27 23.22 -55.25
N SER O 33 -15.16 24.51 -55.57
CA SER O 33 -14.63 25.48 -54.61
C SER O 33 -15.54 25.59 -53.39
N SER O 34 -16.83 25.75 -53.61
CA SER O 34 -17.78 25.85 -52.51
C SER O 34 -18.28 24.47 -52.11
N GLY O 35 -18.68 24.34 -50.85
CA GLY O 35 -19.21 23.07 -50.38
C GLY O 35 -20.59 22.78 -50.93
N LEU O 36 -21.31 23.82 -51.34
CA LEU O 36 -22.67 23.65 -51.82
C LEU O 36 -22.69 23.11 -53.25
N ARG O 37 -23.53 22.09 -53.48
CA ARG O 37 -23.77 21.60 -54.83
C ARG O 37 -24.69 22.52 -55.61
N ILE O 38 -25.68 23.11 -54.93
N ILE O 38 -25.68 23.11 -54.93
CA ILE O 38 -26.69 23.92 -55.60
CA ILE O 38 -26.68 23.92 -55.61
C ILE O 38 -26.05 25.14 -56.26
C ILE O 38 -26.04 25.13 -56.26
N ASN O 39 -25.24 25.88 -55.49
CA ASN O 39 -24.44 26.99 -56.03
C ASN O 39 -25.29 28.06 -56.70
N SER O 40 -26.13 28.77 -55.93
CA SER O 40 -26.84 29.93 -56.45
C SER O 40 -27.73 29.54 -57.61
N ALA O 41 -28.88 28.93 -57.31
CA ALA O 41 -29.51 27.94 -58.16
C ALA O 41 -30.01 28.47 -59.50
N LYS O 42 -29.11 28.52 -60.48
CA LYS O 42 -29.47 28.41 -61.87
C LYS O 42 -30.10 27.05 -62.18
N ASP O 43 -29.87 26.06 -61.31
CA ASP O 43 -30.41 24.71 -61.45
C ASP O 43 -31.87 24.70 -60.97
N ASP O 44 -32.43 23.52 -60.76
CA ASP O 44 -33.82 23.39 -60.35
C ASP O 44 -34.08 24.14 -59.06
N ALA O 45 -35.13 24.97 -59.06
CA ALA O 45 -35.42 25.80 -57.91
C ALA O 45 -36.05 25.00 -56.78
N ALA O 46 -36.66 23.86 -57.10
CA ALA O 46 -37.31 23.05 -56.08
C ALA O 46 -36.31 22.56 -55.04
N GLY O 47 -35.14 22.11 -55.50
CA GLY O 47 -34.11 21.69 -54.58
C GLY O 47 -33.61 22.81 -53.68
N GLN O 48 -33.43 24.00 -54.26
CA GLN O 48 -32.99 25.15 -53.47
C GLN O 48 -34.03 25.52 -52.42
N ALA O 49 -35.31 25.54 -52.80
CA ALA O 49 -36.36 25.85 -51.83
C ALA O 49 -36.42 24.81 -50.72
N ILE O 50 -36.34 23.53 -51.08
CA ILE O 50 -36.35 22.47 -50.08
C ILE O 50 -35.18 22.61 -49.13
N ALA O 51 -33.98 22.87 -49.68
CA ALA O 51 -32.80 23.00 -48.84
C ALA O 51 -32.90 24.19 -47.90
N ASN O 52 -33.39 25.33 -48.40
CA ASN O 52 -33.51 26.51 -47.55
C ASN O 52 -34.52 26.27 -46.44
N ARG O 53 -35.66 25.65 -46.77
CA ARG O 53 -36.64 25.30 -45.75
C ARG O 53 -36.04 24.37 -44.70
N PHE O 54 -35.20 23.42 -45.13
CA PHE O 54 -34.62 22.49 -44.17
C PHE O 54 -33.59 23.18 -43.27
N THR O 55 -32.81 24.13 -43.83
CA THR O 55 -31.89 24.89 -42.98
C THR O 55 -32.67 25.70 -41.94
N SER O 56 -33.77 26.34 -42.37
CA SER O 56 -34.60 27.08 -41.42
C SER O 56 -35.16 26.16 -40.35
N ASN O 57 -35.59 24.96 -40.75
CA ASN O 57 -36.11 24.00 -39.79
C ASN O 57 -35.04 23.58 -38.80
N ILE O 58 -33.81 23.35 -39.27
CA ILE O 58 -32.73 22.97 -38.38
C ILE O 58 -32.46 24.07 -37.36
N LYS O 59 -32.42 25.33 -37.82
CA LYS O 59 -32.20 26.43 -36.91
C LYS O 59 -33.32 26.53 -35.88
N GLY O 60 -34.57 26.33 -36.32
CA GLY O 60 -35.69 26.36 -35.39
C GLY O 60 -35.62 25.27 -34.35
N LEU O 61 -35.26 24.06 -34.76
CA LEU O 61 -35.13 22.96 -33.82
C LEU O 61 -34.00 23.22 -32.83
N THR O 62 -32.88 23.79 -33.29
CA THR O 62 -31.80 24.12 -32.38
C THR O 62 -32.24 25.16 -31.35
N GLN O 63 -32.97 26.19 -31.80
CA GLN O 63 -33.49 27.19 -30.87
C GLN O 63 -34.45 26.55 -29.87
N ALA O 64 -35.28 25.62 -30.34
CA ALA O 64 -36.20 24.92 -29.44
C ALA O 64 -35.45 24.13 -28.38
N ALA O 65 -34.36 23.46 -28.78
CA ALA O 65 -33.54 22.73 -27.81
C ALA O 65 -32.92 23.66 -26.80
N ARG O 66 -32.42 24.82 -27.24
CA ARG O 66 -31.85 25.79 -26.31
C ARG O 66 -32.91 26.27 -25.32
N ASN O 67 -34.12 26.51 -25.80
CA ASN O 67 -35.21 26.93 -24.91
C ASN O 67 -35.56 25.83 -23.92
N ALA O 68 -35.56 24.58 -24.37
CA ALA O 68 -35.86 23.46 -23.47
C ALA O 68 -34.79 23.34 -22.39
N ASN O 69 -33.55 23.69 -22.71
CA ASN O 69 -32.50 23.73 -21.69
C ASN O 69 -32.83 24.76 -20.61
N ASP O 70 -33.30 25.94 -21.01
CA ASP O 70 -33.73 26.93 -20.03
C ASP O 70 -34.89 26.42 -19.19
N GLY O 71 -35.82 25.72 -19.84
CA GLY O 71 -36.96 25.17 -19.09
C GLY O 71 -36.53 24.17 -18.03
N ILE O 72 -35.65 23.23 -18.39
CA ILE O 72 -35.20 22.25 -17.42
C ILE O 72 -34.40 22.92 -16.31
N SER O 73 -33.63 23.95 -16.65
CA SER O 73 -32.92 24.69 -15.61
C SER O 73 -33.89 25.33 -14.63
N VAL O 74 -34.95 25.95 -15.15
CA VAL O 74 -35.98 26.53 -14.28
C VAL O 74 -36.58 25.46 -13.37
N ALA O 75 -36.86 24.30 -13.94
CA ALA O 75 -37.45 23.23 -13.15
C ALA O 75 -36.53 22.76 -12.02
N GLN O 76 -35.23 22.60 -12.32
CA GLN O 76 -34.30 22.19 -11.27
C GLN O 76 -34.19 23.25 -10.18
N THR O 77 -34.16 24.53 -10.57
CA THR O 77 -34.10 25.59 -9.57
C THR O 77 -35.34 25.57 -8.68
N THR O 78 -36.52 25.40 -9.27
CA THR O 78 -37.74 25.37 -8.48
C THR O 78 -37.75 24.18 -7.53
N GLU O 79 -37.33 23.01 -8.00
CA GLU O 79 -37.31 21.83 -7.12
C GLU O 79 -36.31 22.01 -5.97
N GLY O 80 -35.14 22.57 -6.27
CA GLY O 80 -34.19 22.85 -5.22
C GLY O 80 -34.72 23.83 -4.20
N ALA O 81 -35.49 24.82 -4.67
CA ALA O 81 -36.13 25.74 -3.74
C ALA O 81 -37.15 25.02 -2.86
N LEU O 82 -37.95 24.14 -3.45
CA LEU O 82 -39.00 23.46 -2.69
C LEU O 82 -38.41 22.48 -1.68
N SER O 83 -37.20 21.99 -1.93
CA SER O 83 -36.64 20.93 -1.10
C SER O 83 -36.51 21.36 0.37
N GLU O 84 -36.00 22.56 0.63
CA GLU O 84 -35.76 22.93 2.02
C GLU O 84 -36.98 23.58 2.65
N ILE O 85 -37.95 23.99 1.84
CA ILE O 85 -39.29 24.24 2.37
C ILE O 85 -39.87 22.95 2.92
N ASN O 86 -39.75 21.86 2.16
CA ASN O 86 -40.11 20.53 2.64
C ASN O 86 -39.40 20.19 3.95
N ASN O 87 -38.08 20.36 3.98
CA ASN O 87 -37.31 19.99 5.16
C ASN O 87 -37.72 20.82 6.38
N ASN O 88 -37.90 22.14 6.18
CA ASN O 88 -38.27 23.00 7.30
C ASN O 88 -39.67 22.67 7.80
N LEU O 89 -40.59 22.35 6.89
CA LEU O 89 -41.92 21.93 7.32
C LEU O 89 -41.86 20.62 8.09
N GLN O 90 -40.96 19.72 7.70
CA GLN O 90 -40.78 18.49 8.46
C GLN O 90 -40.27 18.78 9.87
N ARG O 91 -39.34 19.74 9.98
CA ARG O 91 -38.84 20.15 11.30
C ARG O 91 -39.97 20.73 12.15
N ILE O 92 -40.81 21.57 11.56
CA ILE O 92 -41.96 22.10 12.28
C ILE O 92 -42.90 20.98 12.69
N ARG O 93 -43.06 19.99 11.82
CA ARG O 93 -43.93 18.85 12.11
C ARG O 93 -43.45 18.09 13.34
N GLU O 94 -42.14 17.84 13.42
CA GLU O 94 -41.65 17.12 14.58
C GLU O 94 -41.67 17.98 15.84
N LEU O 95 -41.47 19.30 15.69
CA LEU O 95 -41.52 20.15 16.88
C LEU O 95 -42.94 20.29 17.42
N THR O 96 -43.94 20.20 16.54
CA THR O 96 -45.32 20.16 17.02
C THR O 96 -45.56 18.91 17.87
N VAL O 97 -45.02 17.78 17.44
CA VAL O 97 -45.09 16.56 18.23
C VAL O 97 -44.37 16.75 19.57
N GLN O 98 -43.23 17.45 19.54
CA GLN O 98 -42.51 17.75 20.77
C GLN O 98 -43.38 18.55 21.74
N ALA O 99 -44.08 19.57 21.23
CA ALA O 99 -44.85 20.43 22.11
C ALA O 99 -46.22 19.85 22.44
N SER O 100 -46.60 18.75 21.78
CA SER O 100 -47.95 18.21 21.96
C SER O 100 -48.11 17.60 23.36
N THR O 101 -47.01 17.23 24.00
CA THR O 101 -47.10 16.59 25.32
C THR O 101 -47.60 17.59 26.36
N GLY O 102 -48.28 17.06 27.38
CA GLY O 102 -48.74 17.90 28.47
C GLY O 102 -47.72 18.15 29.55
N THR O 103 -46.58 17.45 29.49
CA THR O 103 -45.55 17.64 30.51
C THR O 103 -44.95 19.03 30.46
N ASN O 104 -44.73 19.56 29.25
CA ASN O 104 -44.09 20.86 29.11
C ASN O 104 -44.97 21.97 29.68
N SER O 105 -44.32 22.97 30.26
CA SER O 105 -45.02 24.13 30.80
C SER O 105 -45.12 25.22 29.75
N ASP O 106 -45.63 26.39 30.18
CA ASP O 106 -45.82 27.50 29.26
C ASP O 106 -44.49 28.08 28.82
N SER O 107 -43.49 28.12 29.71
CA SER O 107 -42.19 28.67 29.36
C SER O 107 -41.55 27.89 28.22
N ASP O 108 -41.61 26.56 28.28
CA ASP O 108 -41.09 25.73 27.19
C ASP O 108 -41.88 25.98 25.91
N LEU O 109 -43.20 26.14 26.03
CA LEU O 109 -44.02 26.39 24.86
C LEU O 109 -43.66 27.71 24.20
N ASP O 110 -43.22 28.70 24.98
CA ASP O 110 -42.78 29.96 24.39
C ASP O 110 -41.58 29.76 23.47
N SER O 111 -40.59 29.00 23.93
CA SER O 111 -39.42 28.72 23.09
C SER O 111 -39.81 27.90 21.86
N ILE O 112 -40.69 26.91 22.05
CA ILE O 112 -41.15 26.11 20.92
C ILE O 112 -41.85 26.99 19.89
N GLN O 113 -42.72 27.89 20.35
CA GLN O 113 -43.45 28.75 19.44
C GLN O 113 -42.50 29.73 18.74
N ASP O 114 -41.49 30.22 19.46
CA ASP O 114 -40.49 31.07 18.82
C ASP O 114 -39.78 30.33 17.70
N GLU O 115 -39.40 29.07 17.95
CA GLU O 115 -38.74 28.28 16.92
C GLU O 115 -39.66 28.05 15.72
N ILE O 116 -40.93 27.73 15.98
CA ILE O 116 -41.88 27.50 14.89
C ILE O 116 -42.07 28.76 14.07
N LYS O 117 -42.20 29.91 14.74
CA LYS O 117 -42.36 31.18 14.04
C LYS O 117 -41.13 31.51 13.20
N SER O 118 -39.94 31.25 13.75
CA SER O 118 -38.72 31.49 12.97
C SER O 118 -38.69 30.62 11.73
N ARG O 119 -39.05 29.34 11.86
CA ARG O 119 -39.04 28.45 10.71
C ARG O 119 -40.08 28.88 9.68
N LEU O 120 -41.26 29.29 10.13
CA LEU O 120 -42.29 29.77 9.21
C LEU O 120 -41.85 31.04 8.48
N ASP O 121 -41.18 31.94 9.20
CA ASP O 121 -40.67 33.16 8.55
C ASP O 121 -39.57 32.81 7.55
N GLU O 122 -38.77 31.78 7.85
CA GLU O 122 -37.81 31.29 6.87
C GLU O 122 -38.51 30.76 5.63
N ILE O 123 -39.61 30.04 5.82
CA ILE O 123 -40.41 29.56 4.69
C ILE O 123 -40.88 30.74 3.84
N ASP O 124 -41.40 31.79 4.50
CA ASP O 124 -41.83 32.97 3.78
C ASP O 124 -40.68 33.62 3.02
N ARG O 125 -39.51 33.70 3.66
CA ARG O 125 -38.35 34.30 3.02
C ARG O 125 -37.95 33.55 1.76
N VAL O 126 -37.80 32.22 1.86
CA VAL O 126 -37.39 31.44 0.70
C VAL O 126 -38.45 31.49 -0.38
N SER O 127 -39.73 31.49 0.02
CA SER O 127 -40.82 31.56 -0.96
C SER O 127 -40.78 32.86 -1.74
N GLY O 128 -40.73 33.99 -1.03
CA GLY O 128 -40.78 35.27 -1.71
C GLY O 128 -39.52 35.57 -2.51
N GLN O 129 -38.35 35.26 -1.95
CA GLN O 129 -37.11 35.75 -2.52
C GLN O 129 -36.71 34.99 -3.78
N THR O 130 -37.05 33.71 -3.87
CA THR O 130 -36.61 32.89 -4.99
C THR O 130 -37.16 33.45 -6.31
N GLN O 131 -36.31 33.47 -7.33
CA GLN O 131 -36.69 34.03 -8.62
C GLN O 131 -35.76 33.50 -9.69
N PHE O 132 -36.19 33.60 -10.95
CA PHE O 132 -35.39 33.20 -12.10
C PHE O 132 -35.26 34.41 -13.01
N ASN O 133 -34.30 35.28 -12.72
CA ASN O 133 -34.01 36.47 -13.51
C ASN O 133 -35.28 37.27 -13.80
N GLY O 134 -35.92 37.74 -12.73
CA GLY O 134 -37.15 38.48 -12.84
C GLY O 134 -38.41 37.63 -12.85
N VAL O 135 -38.27 36.31 -12.92
CA VAL O 135 -39.41 35.40 -12.87
C VAL O 135 -39.36 34.70 -11.52
N ASN O 136 -40.16 35.20 -10.57
CA ASN O 136 -40.24 34.64 -9.23
C ASN O 136 -41.11 33.39 -9.26
N VAL O 137 -40.48 32.22 -9.15
CA VAL O 137 -41.17 30.95 -9.39
C VAL O 137 -42.22 30.69 -8.30
N LEU O 138 -41.92 31.08 -7.05
CA LEU O 138 -42.80 30.78 -5.94
C LEU O 138 -43.58 31.97 -5.43
N ALA O 139 -43.23 33.19 -5.84
CA ALA O 139 -43.95 34.36 -5.34
C ALA O 139 -45.29 34.53 -6.05
N LYS O 140 -45.38 34.14 -7.31
CA LYS O 140 -46.59 34.32 -8.10
C LYS O 140 -47.03 33.00 -8.70
N ASP O 141 -48.35 32.85 -8.86
CA ASP O 141 -48.93 31.70 -9.51
C ASP O 141 -49.15 32.03 -10.99
N GLY O 142 -48.71 31.13 -11.87
CA GLY O 142 -48.86 31.35 -13.30
C GLY O 142 -48.32 30.18 -14.08
N SER O 143 -48.47 30.29 -15.40
CA SER O 143 -48.04 29.26 -16.34
C SER O 143 -46.94 29.83 -17.23
N MET O 144 -45.86 29.06 -17.39
CA MET O 144 -44.73 29.44 -18.23
C MET O 144 -44.61 28.44 -19.37
N LYS O 145 -44.46 28.95 -20.59
CA LYS O 145 -44.43 28.12 -21.79
C LYS O 145 -43.04 28.19 -22.42
N ILE O 146 -42.55 27.04 -22.88
CA ILE O 146 -41.28 26.94 -23.59
C ILE O 146 -41.55 26.56 -25.03
N GLN O 147 -41.11 27.41 -25.96
CA GLN O 147 -41.31 27.13 -27.38
C GLN O 147 -40.43 25.97 -27.82
N VAL O 148 -41.07 24.88 -28.23
CA VAL O 148 -40.35 23.63 -28.52
C VAL O 148 -40.75 23.07 -29.88
N GLY O 149 -41.35 23.90 -30.72
CA GLY O 149 -41.78 23.47 -32.03
C GLY O 149 -41.25 24.37 -33.12
N ALA O 150 -40.73 23.75 -34.18
CA ALA O 150 -40.20 24.51 -35.30
C ALA O 150 -41.28 25.40 -35.91
N ASN O 151 -42.47 24.85 -36.12
CA ASN O 151 -43.61 25.66 -36.52
C ASN O 151 -44.11 26.46 -35.32
N ASP O 152 -44.74 27.60 -35.60
CA ASP O 152 -45.20 28.47 -34.53
C ASP O 152 -46.39 27.86 -33.80
N GLY O 153 -46.44 28.07 -32.49
CA GLY O 153 -47.57 27.63 -31.69
C GLY O 153 -47.43 26.29 -31.02
N GLN O 154 -46.34 25.57 -31.25
CA GLN O 154 -46.10 24.27 -30.61
C GLN O 154 -45.25 24.50 -29.37
N THR O 155 -45.90 24.56 -28.20
CA THR O 155 -45.22 24.86 -26.95
C THR O 155 -45.61 23.83 -25.90
N ILE O 156 -44.88 23.84 -24.79
CA ILE O 156 -45.16 22.99 -23.64
C ILE O 156 -45.31 23.89 -22.42
N THR O 157 -46.21 23.52 -21.52
CA THR O 157 -46.59 24.37 -20.40
C THR O 157 -45.96 23.86 -19.10
N ILE O 158 -45.49 24.80 -18.28
CA ILE O 158 -45.06 24.51 -16.91
C ILE O 158 -45.99 25.27 -15.97
N ASP O 159 -46.57 24.55 -15.02
CA ASP O 159 -47.53 25.12 -14.08
C ASP O 159 -46.78 25.41 -12.79
N LEU O 160 -46.78 26.68 -12.37
CA LEU O 160 -46.17 27.11 -11.12
C LEU O 160 -47.22 27.84 -10.30
N LYS O 161 -47.34 27.45 -9.03
CA LYS O 161 -48.27 28.06 -8.10
C LYS O 161 -47.48 28.85 -7.08
N LYS O 162 -48.02 29.97 -6.63
CA LYS O 162 -47.38 30.71 -5.56
C LYS O 162 -47.50 29.92 -4.25
N ILE O 163 -46.36 29.71 -3.60
CA ILE O 163 -46.30 28.84 -2.42
C ILE O 163 -45.71 29.60 -1.24
N ASP O 164 -46.57 30.23 -0.44
CA ASP O 164 -46.15 30.83 0.81
C ASP O 164 -47.05 30.35 1.94
N SER O 165 -46.79 30.84 3.15
CA SER O 165 -47.49 30.33 4.33
C SER O 165 -49.00 30.49 4.21
N ASP O 166 -49.45 31.56 3.54
CA ASP O 166 -50.88 31.81 3.42
C ASP O 166 -51.56 30.74 2.56
N THR O 167 -50.94 30.36 1.44
CA THR O 167 -51.60 29.43 0.53
C THR O 167 -51.63 28.02 1.11
N LEU O 168 -50.62 27.66 1.90
CA LEU O 168 -50.69 26.39 2.62
C LEU O 168 -51.78 26.44 3.69
N GLY O 169 -51.82 27.51 4.47
CA GLY O 169 -52.93 27.72 5.38
C GLY O 169 -52.59 28.12 6.79
N LEU O 170 -53.64 28.38 7.57
CA LEU O 170 -53.61 28.68 9.00
C LEU O 170 -53.08 30.10 9.21
N ASN O 171 -52.52 30.76 8.19
CA ASN O 171 -52.22 32.20 8.26
C ASN O 171 -51.20 32.51 9.34
N GLY O 172 -50.76 31.49 10.08
CA GLY O 172 -49.96 31.66 11.27
C GLY O 172 -50.23 30.52 12.23
N PHE O 173 -49.18 30.01 12.88
CA PHE O 173 -49.27 28.78 13.66
C PHE O 173 -49.05 29.09 15.12
N ASN O 174 -50.02 28.71 15.96
CA ASN O 174 -49.97 28.99 17.40
C ASN O 174 -50.22 27.68 18.13
N VAL O 175 -49.35 27.36 19.09
CA VAL O 175 -49.51 26.13 19.87
C VAL O 175 -50.04 26.44 21.27
N ASN O 176 -49.46 27.44 21.94
CA ASN O 176 -49.83 27.70 23.33
C ASN O 176 -51.16 28.45 23.42
N GLY O 177 -51.42 29.36 22.48
CA GLY O 177 -52.64 30.14 22.51
C GLY O 177 -52.39 31.63 22.45
N GLU O 455 -54.50 31.89 18.59
CA GLU O 455 -55.39 30.81 19.01
C GLU O 455 -54.80 29.46 18.63
N SER O 456 -54.97 28.47 19.50
CA SER O 456 -54.42 27.15 19.26
C SER O 456 -55.08 26.49 18.06
N THR O 457 -54.27 25.79 17.27
CA THR O 457 -54.76 25.12 16.08
C THR O 457 -55.58 23.90 16.45
N SER O 458 -56.68 23.68 15.72
CA SER O 458 -57.53 22.53 16.00
C SER O 458 -56.83 21.21 15.68
N ASP O 459 -56.27 21.10 14.49
CA ASP O 459 -55.58 19.88 14.04
C ASP O 459 -54.22 20.26 13.48
N PRO O 460 -53.23 20.48 14.35
CA PRO O 460 -51.90 20.89 13.87
C PRO O 460 -51.27 19.89 12.93
N LEU O 461 -51.13 18.64 13.39
CA LEU O 461 -50.43 17.64 12.59
C LEU O 461 -51.17 17.32 11.30
N ALA O 462 -52.51 17.27 11.35
CA ALA O 462 -53.28 17.02 10.14
C ALA O 462 -53.09 18.13 9.11
N ALA O 463 -53.11 19.38 9.57
CA ALA O 463 -52.90 20.50 8.65
C ALA O 463 -51.49 20.46 8.06
N LEU O 464 -50.49 20.14 8.90
CA LEU O 464 -49.13 20.03 8.40
C LEU O 464 -49.01 18.92 7.36
N ASP O 465 -49.67 17.79 7.61
CA ASP O 465 -49.65 16.69 6.65
C ASP O 465 -50.29 17.09 5.33
N ASP O 466 -51.42 17.79 5.40
CA ASP O 466 -52.07 18.24 4.17
C ASP O 466 -51.18 19.21 3.40
N ALA O 467 -50.54 20.16 4.10
CA ALA O 467 -49.67 21.12 3.42
C ALA O 467 -48.47 20.43 2.78
N ILE O 468 -47.87 19.47 3.49
CA ILE O 468 -46.69 18.81 2.97
C ILE O 468 -47.07 17.90 1.79
N SER O 469 -48.27 17.31 1.85
CA SER O 469 -48.76 16.56 0.71
C SER O 469 -48.98 17.46 -0.50
N GLN O 470 -49.48 18.67 -0.27
CA GLN O 470 -49.63 19.63 -1.36
C GLN O 470 -48.28 19.96 -1.98
N ILE O 471 -47.27 20.20 -1.15
CA ILE O 471 -45.93 20.47 -1.68
C ILE O 471 -45.42 19.27 -2.46
N ASP O 472 -45.66 18.07 -1.96
CA ASP O 472 -45.21 16.87 -2.66
C ASP O 472 -45.88 16.73 -4.02
N LYS O 473 -47.18 17.05 -4.10
CA LYS O 473 -47.86 17.01 -5.39
C LYS O 473 -47.29 18.04 -6.36
N PHE O 474 -47.00 19.24 -5.86
CA PHE O 474 -46.38 20.25 -6.72
C PHE O 474 -45.04 19.77 -7.26
N ARG O 475 -44.21 19.20 -6.39
CA ARG O 475 -42.92 18.69 -6.83
C ARG O 475 -43.09 17.49 -7.77
N SER O 476 -44.16 16.71 -7.58
CA SER O 476 -44.44 15.60 -8.49
C SER O 476 -44.74 16.11 -9.89
N SER O 477 -45.58 17.16 -9.99
CA SER O 477 -45.85 17.76 -11.29
C SER O 477 -44.58 18.31 -11.90
N LEU O 478 -43.73 18.94 -11.08
CA LEU O 478 -42.49 19.49 -11.59
C LEU O 478 -41.58 18.38 -12.13
N GLY O 479 -41.49 17.25 -11.42
CA GLY O 479 -40.71 16.13 -11.92
C GLY O 479 -41.26 15.56 -13.22
N ALA O 480 -42.59 15.49 -13.32
CA ALA O 480 -43.20 15.01 -14.56
C ALA O 480 -42.85 15.92 -15.73
N VAL O 481 -42.91 17.23 -15.52
CA VAL O 481 -42.60 18.15 -16.62
C VAL O 481 -41.10 18.12 -16.92
N GLN O 482 -40.27 17.84 -15.91
CA GLN O 482 -38.85 17.62 -16.15
C GLN O 482 -38.64 16.45 -17.10
N ASN O 483 -39.32 15.33 -16.82
CA ASN O 483 -39.20 14.15 -17.69
C ASN O 483 -39.67 14.47 -19.10
N ARG O 484 -40.80 15.19 -19.22
CA ARG O 484 -41.31 15.54 -20.53
C ARG O 484 -40.32 16.40 -21.31
N LEU O 485 -39.74 17.42 -20.66
CA LEU O 485 -38.79 18.28 -21.35
C LEU O 485 -37.53 17.53 -21.74
N ASP O 486 -37.04 16.63 -20.89
CA ASP O 486 -35.85 15.88 -21.23
C ASP O 486 -36.10 14.95 -22.43
N SER O 487 -37.25 14.28 -22.44
CA SER O 487 -37.62 13.48 -23.60
C SER O 487 -37.74 14.34 -24.84
N ALA O 488 -38.26 15.56 -24.68
CA ALA O 488 -38.34 16.48 -25.81
C ALA O 488 -36.96 16.84 -26.33
N VAL O 489 -36.00 17.06 -25.43
CA VAL O 489 -34.64 17.38 -25.85
C VAL O 489 -34.04 16.23 -26.65
N THR O 490 -34.21 15.00 -26.15
CA THR O 490 -33.68 13.85 -26.87
C THR O 490 -34.33 13.71 -28.24
N ASN O 491 -35.65 13.88 -28.30
CA ASN O 491 -36.36 13.80 -29.58
C ASN O 491 -35.88 14.88 -30.55
N LEU O 492 -35.66 16.10 -30.04
CA LEU O 492 -35.19 17.17 -30.89
C LEU O 492 -33.79 16.89 -31.42
N ASN O 493 -32.92 16.32 -30.58
CA ASN O 493 -31.59 15.95 -31.07
C ASN O 493 -31.68 14.91 -32.18
N ASN O 494 -32.49 13.87 -31.98
CA ASN O 494 -32.64 12.86 -33.02
C ASN O 494 -33.21 13.47 -34.30
N THR O 495 -34.24 14.31 -34.17
CA THR O 495 -34.88 14.89 -35.34
C THR O 495 -33.93 15.79 -36.10
N THR O 496 -33.15 16.61 -35.40
CA THR O 496 -32.24 17.51 -36.09
C THR O 496 -31.10 16.74 -36.75
N THR O 497 -30.65 15.65 -36.12
CA THR O 497 -29.65 14.82 -36.78
C THR O 497 -30.19 14.22 -38.07
N ASN O 498 -31.39 13.65 -38.03
CA ASN O 498 -31.97 13.06 -39.23
C ASN O 498 -32.22 14.11 -40.30
N LEU O 499 -32.69 15.29 -39.91
CA LEU O 499 -33.00 16.32 -40.89
C LEU O 499 -31.72 16.90 -41.51
N SER O 500 -30.66 17.05 -40.72
CA SER O 500 -29.39 17.49 -41.29
C SER O 500 -28.83 16.43 -42.24
N GLU O 501 -28.96 15.15 -41.87
CA GLU O 501 -28.51 14.10 -42.76
C GLU O 501 -29.29 14.11 -44.07
N ALA O 502 -30.60 14.32 -44.00
CA ALA O 502 -31.40 14.40 -45.22
C ALA O 502 -31.04 15.62 -46.05
N GLN O 503 -30.84 16.77 -45.41
CA GLN O 503 -30.44 17.98 -46.13
C GLN O 503 -29.10 17.79 -46.82
N SER O 504 -28.22 17.00 -46.22
CA SER O 504 -26.92 16.75 -46.83
C SER O 504 -27.08 16.19 -48.24
N ARG O 505 -27.89 15.14 -48.40
CA ARG O 505 -28.04 14.49 -49.70
C ARG O 505 -28.53 15.48 -50.75
N ILE O 506 -29.49 16.32 -50.39
CA ILE O 506 -30.08 17.24 -51.36
C ILE O 506 -29.05 18.25 -51.85
N GLN O 507 -28.26 18.82 -50.93
CA GLN O 507 -27.31 19.88 -51.26
C GLN O 507 -25.91 19.52 -50.72
N ASP O 508 -25.14 18.81 -51.55
CA ASP O 508 -23.76 18.49 -51.22
C ASP O 508 -22.97 18.25 -52.50
N ALA O 509 -21.75 18.80 -52.54
CA ALA O 509 -21.01 18.87 -53.79
C ALA O 509 -20.58 17.47 -54.27
N ASP O 510 -20.21 16.60 -53.35
CA ASP O 510 -19.65 15.28 -53.67
C ASP O 510 -18.41 15.43 -54.55
N TYR O 511 -17.36 15.99 -53.93
CA TYR O 511 -16.14 16.33 -54.65
C TYR O 511 -15.57 15.14 -55.40
N ALA O 512 -15.89 13.92 -54.97
CA ALA O 512 -15.34 12.73 -55.61
C ALA O 512 -15.69 12.67 -57.09
N THR O 513 -16.96 12.95 -57.43
CA THR O 513 -17.32 12.98 -58.85
C THR O 513 -16.96 14.31 -59.48
N GLU O 514 -16.84 15.37 -58.68
CA GLU O 514 -16.59 16.70 -59.22
C GLU O 514 -15.16 16.83 -59.75
N VAL O 515 -14.20 16.19 -59.09
CA VAL O 515 -12.82 16.28 -59.52
C VAL O 515 -12.64 15.62 -60.88
N SER O 516 -13.36 14.52 -61.13
CA SER O 516 -13.30 13.87 -62.43
C SER O 516 -13.83 14.80 -63.51
N ASN O 517 -14.95 15.47 -63.26
CA ASN O 517 -15.48 16.43 -64.23
C ASN O 517 -14.51 17.57 -64.45
N MET O 518 -13.86 18.05 -63.39
CA MET O 518 -12.89 19.12 -63.54
C MET O 518 -11.75 18.70 -64.44
N SER O 519 -11.17 17.51 -64.20
CA SER O 519 -10.05 17.05 -65.03
C SER O 519 -10.49 16.84 -66.46
N LYS O 520 -11.69 16.26 -66.66
CA LYS O 520 -12.23 16.07 -68.00
C LYS O 520 -12.36 17.41 -68.73
N ALA O 521 -12.90 18.41 -68.03
CA ALA O 521 -13.09 19.72 -68.66
C ALA O 521 -11.76 20.38 -69.01
N GLN O 522 -10.77 20.24 -68.13
CA GLN O 522 -9.45 20.80 -68.43
C GLN O 522 -8.85 20.14 -69.67
N ILE O 523 -8.93 18.81 -69.74
CA ILE O 523 -8.39 18.10 -70.89
C ILE O 523 -9.11 18.51 -72.17
N ILE O 524 -10.44 18.62 -72.10
CA ILE O 524 -11.21 19.01 -73.27
C ILE O 524 -10.86 20.43 -73.69
N GLN O 525 -10.64 21.33 -72.73
CA GLN O 525 -10.25 22.69 -73.07
C GLN O 525 -8.91 22.71 -73.80
N GLN O 526 -7.92 21.98 -73.28
CA GLN O 526 -6.62 21.97 -73.94
C GLN O 526 -6.70 21.36 -75.33
N ALA O 527 -7.47 20.26 -75.47
CA ALA O 527 -7.65 19.66 -76.78
C ALA O 527 -8.34 20.61 -77.75
N GLY O 528 -9.35 21.33 -77.26
CA GLY O 528 -10.06 22.27 -78.13
C GLY O 528 -9.17 23.41 -78.57
N ASN O 529 -8.35 23.94 -77.66
CA ASN O 529 -7.41 24.99 -78.05
C ASN O 529 -6.41 24.48 -79.09
N SER O 530 -5.89 23.26 -78.89
CA SER O 530 -4.94 22.72 -79.85
C SER O 530 -5.58 22.53 -81.22
N VAL O 531 -6.78 21.96 -81.26
CA VAL O 531 -7.43 21.72 -82.55
C VAL O 531 -7.85 23.04 -83.19
N LEU O 532 -8.16 24.05 -82.38
CA LEU O 532 -8.41 25.37 -82.92
C LEU O 532 -7.17 25.91 -83.60
N ALA O 533 -6.00 25.75 -82.97
CA ALA O 533 -4.77 26.17 -83.61
C ALA O 533 -4.55 25.44 -84.93
N LYS O 534 -4.74 24.11 -84.92
CA LYS O 534 -4.56 23.33 -86.15
C LYS O 534 -5.49 23.79 -87.25
N ALA O 535 -6.74 24.09 -86.92
CA ALA O 535 -7.66 24.68 -87.89
C ALA O 535 -7.16 26.04 -88.35
N ASN O 536 -6.46 26.77 -87.47
CA ASN O 536 -5.98 28.10 -87.83
C ASN O 536 -4.87 28.03 -88.87
N GLN O 537 -4.00 27.01 -88.82
CA GLN O 537 -2.98 26.94 -89.86
C GLN O 537 -3.56 26.48 -91.21
N VAL O 538 -4.81 26.02 -91.22
CA VAL O 538 -5.42 25.51 -92.45
C VAL O 538 -5.49 26.60 -93.53
N PRO O 539 -5.91 27.83 -93.23
CA PRO O 539 -5.90 28.86 -94.28
C PRO O 539 -4.52 29.18 -94.82
N GLN O 540 -3.44 28.83 -94.11
CA GLN O 540 -2.11 29.25 -94.52
C GLN O 540 -1.74 28.73 -95.91
N GLN O 541 -2.18 27.52 -96.24
CA GLN O 541 -1.69 26.86 -97.45
C GLN O 541 -2.16 27.56 -98.72
N VAL O 542 -3.14 28.46 -98.64
CA VAL O 542 -3.68 29.07 -99.85
C VAL O 542 -2.62 29.96 -100.52
N LEU O 543 -1.76 30.59 -99.72
CA LEU O 543 -0.79 31.52 -100.28
C LEU O 543 0.16 30.83 -101.24
N SER O 544 0.42 29.54 -101.02
CA SER O 544 1.33 28.80 -101.88
C SER O 544 0.80 28.71 -103.30
N LEU O 545 -0.53 28.68 -103.46
CA LEU O 545 -1.11 28.57 -104.79
C LEU O 545 -0.95 29.86 -105.58
N LEU O 546 -0.75 30.99 -104.90
CA LEU O 546 -0.65 32.26 -105.60
C LEU O 546 0.55 32.30 -106.54
N GLN O 547 1.69 31.78 -106.09
CA GLN O 547 2.89 31.76 -106.92
C GLN O 547 3.24 30.34 -107.35
N ALA P 2 -14.12 9.57 -51.69
CA ALA P 2 -14.69 9.94 -50.41
C ALA P 2 -16.00 10.69 -50.60
N GLN P 3 -16.51 11.28 -49.52
CA GLN P 3 -17.78 11.97 -49.53
C GLN P 3 -17.57 13.45 -49.16
N VAL P 4 -18.67 14.16 -48.93
CA VAL P 4 -18.65 15.62 -48.90
C VAL P 4 -17.95 16.12 -47.63
N ILE P 5 -17.29 17.27 -47.76
CA ILE P 5 -16.74 18.00 -46.62
C ILE P 5 -17.80 18.71 -45.79
N ASN P 6 -18.82 19.29 -46.43
CA ASN P 6 -19.70 20.24 -45.75
C ASN P 6 -20.37 19.62 -44.53
N THR P 7 -20.54 18.30 -44.53
CA THR P 7 -21.12 17.62 -43.37
C THR P 7 -20.31 16.36 -43.08
N ASN P 8 -19.78 16.28 -41.87
CA ASN P 8 -19.14 15.06 -41.38
C ASN P 8 -20.23 14.20 -40.74
N SER P 9 -20.80 13.29 -41.52
CA SER P 9 -22.02 12.59 -41.12
C SER P 9 -21.80 11.76 -39.86
N LEU P 10 -20.63 11.13 -39.75
CA LEU P 10 -20.43 10.13 -38.70
C LEU P 10 -20.28 10.78 -37.32
N SER P 11 -19.51 11.86 -37.24
CA SER P 11 -19.31 12.55 -35.96
C SER P 11 -20.61 13.14 -35.44
N LEU P 12 -21.41 13.69 -36.35
CA LEU P 12 -22.69 14.28 -35.95
C LEU P 12 -23.62 13.22 -35.35
N ILE P 13 -23.56 11.99 -35.86
CA ILE P 13 -24.32 10.90 -35.28
C ILE P 13 -23.73 10.50 -33.93
N THR P 14 -22.40 10.40 -33.85
CA THR P 14 -21.75 9.90 -32.64
C THR P 14 -21.97 10.84 -31.45
N GLN P 15 -22.09 12.14 -31.72
CA GLN P 15 -22.27 13.10 -30.64
C GLN P 15 -23.55 12.83 -29.87
N ASN P 16 -24.60 12.37 -30.56
CA ASN P 16 -25.85 12.05 -29.87
C ASN P 16 -25.67 10.87 -28.92
N ASN P 17 -24.97 9.83 -29.35
CA ASN P 17 -24.71 8.70 -28.46
C ASN P 17 -23.91 9.14 -27.25
N ILE P 18 -22.90 9.99 -27.47
CA ILE P 18 -22.13 10.53 -26.36
C ILE P 18 -23.03 11.30 -25.40
N ASN P 19 -23.95 12.10 -25.94
CA ASN P 19 -24.85 12.88 -25.10
C ASN P 19 -25.77 11.98 -24.29
N LYS P 20 -26.30 10.91 -24.90
CA LYS P 20 -27.13 9.99 -24.15
C LYS P 20 -26.35 9.31 -23.03
N ASN P 21 -25.09 8.95 -23.29
CA ASN P 21 -24.31 8.29 -22.26
C ASN P 21 -23.95 9.25 -21.13
N GLN P 22 -23.77 10.54 -21.44
CA GLN P 22 -23.39 11.51 -20.42
C GLN P 22 -24.46 11.63 -19.34
N SER P 23 -25.73 11.63 -19.74
CA SER P 23 -26.81 11.71 -18.76
C SER P 23 -26.77 10.53 -17.81
N ALA P 24 -26.57 9.32 -18.34
CA ALA P 24 -26.48 8.14 -17.48
C ALA P 24 -25.27 8.23 -16.55
N LEU P 25 -24.13 8.69 -17.06
CA LEU P 25 -22.95 8.83 -16.23
C LEU P 25 -23.18 9.79 -15.08
N SER P 26 -23.70 10.99 -15.39
CA SER P 26 -23.94 11.98 -14.35
C SER P 26 -24.96 11.48 -13.34
N SER P 27 -26.05 10.87 -13.82
CA SER P 27 -27.05 10.33 -12.91
C SER P 27 -26.45 9.29 -11.98
N SER P 28 -25.69 8.33 -12.54
CA SER P 28 -25.12 7.27 -11.72
C SER P 28 -24.17 7.83 -10.68
N ILE P 29 -23.32 8.79 -11.07
CA ILE P 29 -22.32 9.29 -10.13
C ILE P 29 -22.97 10.14 -9.04
N GLU P 30 -24.05 10.85 -9.38
CA GLU P 30 -24.71 11.63 -8.34
C GLU P 30 -25.52 10.73 -7.41
N ARG P 31 -26.04 9.61 -7.93
CA ARG P 31 -26.63 8.60 -7.06
C ARG P 31 -25.59 7.99 -6.14
N LEU P 32 -24.36 7.83 -6.64
CA LEU P 32 -23.30 7.25 -5.82
C LEU P 32 -22.85 8.21 -4.73
N SER P 33 -22.68 9.50 -5.07
CA SER P 33 -22.16 10.46 -4.11
C SER P 33 -23.10 10.62 -2.92
N SER P 34 -24.40 10.70 -3.19
CA SER P 34 -25.39 10.83 -2.13
C SER P 34 -25.89 9.45 -1.70
N GLY P 35 -26.36 9.39 -0.46
CA GLY P 35 -26.88 8.13 0.05
C GLY P 35 -28.19 7.73 -0.62
N LEU P 36 -29.04 8.71 -0.91
CA LEU P 36 -30.39 8.42 -1.37
C LEU P 36 -30.40 7.87 -2.79
N ARG P 37 -31.22 6.84 -3.01
CA ARG P 37 -31.51 6.39 -4.37
C ARG P 37 -32.34 7.43 -5.12
N ILE P 38 -33.28 8.08 -4.42
N ILE P 38 -33.28 8.08 -4.42
CA ILE P 38 -34.20 9.01 -5.07
CA ILE P 38 -34.20 9.01 -5.07
C ILE P 38 -33.43 10.20 -5.63
C ILE P 38 -33.43 10.20 -5.63
N ASN P 39 -32.61 10.84 -4.80
CA ASN P 39 -31.72 11.91 -5.25
C ASN P 39 -32.47 13.06 -5.92
N SER P 40 -33.26 13.82 -5.15
CA SER P 40 -33.89 15.02 -5.67
C SER P 40 -34.85 14.69 -6.81
N ALA P 41 -36.05 14.21 -6.46
CA ALA P 41 -36.81 13.30 -7.29
C ALA P 41 -37.28 13.88 -8.62
N LYS P 42 -36.34 13.98 -9.56
CA LYS P 42 -36.65 13.87 -10.98
C LYS P 42 -37.19 12.49 -11.33
N ASP P 43 -36.95 11.50 -10.46
CA ASP P 43 -37.39 10.13 -10.64
C ASP P 43 -38.86 10.00 -10.24
N ASP P 44 -39.33 8.77 -10.05
CA ASP P 44 -40.75 8.52 -9.77
C ASP P 44 -41.23 9.32 -8.57
N ALA P 45 -42.40 9.95 -8.73
CA ALA P 45 -42.93 10.83 -7.70
C ALA P 45 -43.54 10.05 -6.54
N ALA P 46 -44.20 8.92 -6.84
CA ALA P 46 -44.84 8.15 -5.79
C ALA P 46 -43.83 7.67 -4.76
N GLY P 47 -42.66 7.23 -5.22
CA GLY P 47 -41.60 6.86 -4.29
C GLY P 47 -41.17 8.02 -3.41
N GLN P 48 -41.09 9.22 -3.99
CA GLN P 48 -40.70 10.38 -3.19
C GLN P 48 -41.74 10.70 -2.12
N ALA P 49 -43.04 10.65 -2.48
CA ALA P 49 -44.08 10.89 -1.48
C ALA P 49 -44.06 9.84 -0.39
N ILE P 50 -43.87 8.57 -0.77
CA ILE P 50 -43.79 7.48 0.19
C ILE P 50 -42.61 7.69 1.14
N ALA P 51 -41.45 8.04 0.59
CA ALA P 51 -40.27 8.26 1.42
C ALA P 51 -40.45 9.44 2.36
N ASN P 52 -41.10 10.51 1.89
CA ASN P 52 -41.38 11.65 2.75
C ASN P 52 -42.30 11.25 3.89
N ARG P 53 -43.34 10.48 3.59
CA ARG P 53 -44.26 10.04 4.64
C ARG P 53 -43.52 9.17 5.66
N PHE P 54 -42.65 8.27 5.21
CA PHE P 54 -41.87 7.47 6.14
C PHE P 54 -40.96 8.35 7.00
N THR P 55 -40.29 9.34 6.39
CA THR P 55 -39.42 10.20 7.19
C THR P 55 -40.19 10.92 8.28
N SER P 56 -41.34 11.51 7.92
CA SER P 56 -42.16 12.20 8.91
C SER P 56 -42.62 11.24 10.00
N ASN P 57 -43.04 10.05 9.60
CA ASN P 57 -43.53 9.07 10.57
C ASN P 57 -42.41 8.66 11.54
N ILE P 58 -41.20 8.46 11.01
CA ILE P 58 -40.07 8.06 11.85
C ILE P 58 -39.74 9.15 12.87
N LYS P 59 -39.70 10.40 12.41
CA LYS P 59 -39.39 11.48 13.36
C LYS P 59 -40.50 11.61 14.41
N GLY P 60 -41.75 11.47 13.99
CA GLY P 60 -42.85 11.57 14.93
C GLY P 60 -42.82 10.48 15.99
N LEU P 61 -42.53 9.24 15.58
CA LEU P 61 -42.45 8.15 16.55
C LEU P 61 -41.32 8.37 17.54
N THR P 62 -40.16 8.84 17.05
CA THR P 62 -39.04 9.08 17.96
C THR P 62 -39.41 10.14 18.99
N GLN P 63 -40.04 11.23 18.54
CA GLN P 63 -40.40 12.27 19.50
C GLN P 63 -41.49 11.80 20.45
N ALA P 64 -42.39 10.92 19.97
CA ALA P 64 -43.39 10.34 20.85
C ALA P 64 -42.75 9.49 21.94
N ALA P 65 -41.73 8.72 21.58
CA ALA P 65 -40.99 7.96 22.59
C ALA P 65 -40.30 8.88 23.58
N ARG P 66 -39.73 9.98 23.09
CA ARG P 66 -39.10 10.94 23.98
C ARG P 66 -40.12 11.51 24.97
N ASN P 67 -41.32 11.82 24.50
CA ASN P 67 -42.37 12.33 25.38
C ASN P 67 -42.78 11.27 26.39
N ALA P 68 -42.87 10.01 25.95
CA ALA P 68 -43.20 8.92 26.88
C ALA P 68 -42.15 8.78 27.97
N ASN P 69 -40.90 9.09 27.63
CA ASN P 69 -39.84 9.08 28.65
C ASN P 69 -40.14 10.09 29.76
N ASP P 70 -40.54 11.30 29.39
CA ASP P 70 -40.91 12.29 30.40
C ASP P 70 -42.14 11.85 31.18
N GLY P 71 -43.09 11.21 30.50
CA GLY P 71 -44.27 10.72 31.21
C GLY P 71 -43.93 9.70 32.28
N ILE P 72 -43.10 8.72 31.94
CA ILE P 72 -42.72 7.71 32.93
C ILE P 72 -41.87 8.34 34.03
N SER P 73 -41.07 9.35 33.69
CA SER P 73 -40.32 10.06 34.72
C SER P 73 -41.26 10.74 35.72
N VAL P 74 -42.31 11.39 35.23
CA VAL P 74 -43.28 12.03 36.12
C VAL P 74 -43.96 10.99 37.00
N ALA P 75 -44.33 9.86 36.40
CA ALA P 75 -45.00 8.81 37.17
C ALA P 75 -44.11 8.30 38.29
N GLN P 76 -42.84 8.03 37.98
CA GLN P 76 -41.92 7.55 39.00
C GLN P 76 -41.71 8.58 40.10
N THR P 77 -41.59 9.85 39.72
CA THR P 77 -41.43 10.90 40.72
C THR P 77 -42.64 10.97 41.65
N THR P 78 -43.85 10.88 41.09
CA THR P 78 -45.05 10.93 41.91
C THR P 78 -45.12 9.73 42.86
N GLU P 79 -44.75 8.54 42.36
CA GLU P 79 -44.76 7.37 43.24
C GLU P 79 -43.75 7.52 44.37
N GLY P 80 -42.56 8.01 44.06
CA GLY P 80 -41.57 8.24 45.09
C GLY P 80 -42.04 9.27 46.11
N ALA P 81 -42.79 10.27 45.66
CA ALA P 81 -43.37 11.22 46.59
C ALA P 81 -44.39 10.56 47.50
N LEU P 82 -45.25 9.71 46.93
CA LEU P 82 -46.33 9.10 47.73
C LEU P 82 -45.78 8.08 48.72
N SER P 83 -44.60 7.53 48.44
CA SER P 83 -44.04 6.49 49.30
C SER P 83 -43.93 6.95 50.75
N GLU P 84 -43.31 8.10 50.99
CA GLU P 84 -43.07 8.48 52.38
C GLU P 84 -44.31 9.05 53.04
N ILE P 85 -45.26 9.54 52.23
CA ILE P 85 -46.58 9.87 52.78
C ILE P 85 -47.22 8.63 53.36
N ASN P 86 -47.17 7.53 52.61
CA ASN P 86 -47.60 6.24 53.16
C ASN P 86 -46.80 5.89 54.40
N ASN P 87 -45.50 6.18 54.39
CA ASN P 87 -44.65 5.89 55.54
C ASN P 87 -45.10 6.65 56.79
N ASN P 88 -45.38 7.95 56.65
CA ASN P 88 -45.84 8.72 57.81
C ASN P 88 -47.20 8.24 58.28
N LEU P 89 -48.10 7.91 57.36
CA LEU P 89 -49.39 7.37 57.76
C LEU P 89 -49.22 6.07 58.55
N GLN P 90 -48.31 5.20 58.11
CA GLN P 90 -48.05 3.96 58.83
C GLN P 90 -47.49 4.24 60.22
N ARG P 91 -46.58 5.20 60.33
CA ARG P 91 -46.00 5.52 61.64
C ARG P 91 -47.07 6.06 62.58
N ILE P 92 -47.92 6.96 62.09
CA ILE P 92 -48.99 7.52 62.91
C ILE P 92 -49.93 6.42 63.36
N ARG P 93 -50.30 5.52 62.44
CA ARG P 93 -51.18 4.42 62.80
C ARG P 93 -50.53 3.50 63.82
N GLU P 94 -49.23 3.26 63.67
CA GLU P 94 -48.51 2.39 64.60
C GLU P 94 -48.51 2.96 66.01
N LEU P 95 -48.30 4.26 66.13
CA LEU P 95 -48.31 4.85 67.47
C LEU P 95 -49.71 5.19 67.97
N THR P 96 -50.72 5.12 67.11
CA THR P 96 -52.09 5.39 67.55
C THR P 96 -52.54 4.36 68.57
N VAL P 97 -52.23 3.09 68.36
CA VAL P 97 -52.61 2.05 69.32
C VAL P 97 -51.86 2.25 70.64
N GLN P 98 -50.61 2.73 70.56
CA GLN P 98 -49.89 3.10 71.78
C GLN P 98 -50.61 4.21 72.52
N ALA P 99 -51.08 5.22 71.80
CA ALA P 99 -51.81 6.31 72.45
C ALA P 99 -53.17 5.83 72.98
N SER P 100 -53.69 4.74 72.42
CA SER P 100 -55.03 4.29 72.77
C SER P 100 -55.09 3.58 74.12
N THR P 101 -53.95 3.26 74.72
CA THR P 101 -53.96 2.54 75.98
C THR P 101 -54.52 3.39 77.11
N GLY P 102 -55.05 2.73 78.14
CA GLY P 102 -55.63 3.46 79.24
C GLY P 102 -54.61 3.88 80.29
N THR P 103 -53.44 3.22 80.30
CA THR P 103 -52.45 3.51 81.32
C THR P 103 -51.79 4.87 81.10
N ASN P 104 -51.80 5.36 79.86
CA ASN P 104 -51.17 6.63 79.55
C ASN P 104 -51.94 7.80 80.18
N SER P 105 -51.21 8.76 80.72
CA SER P 105 -51.82 9.96 81.29
C SER P 105 -52.10 10.98 80.20
N ASP P 106 -52.85 12.02 80.58
CA ASP P 106 -53.23 13.05 79.62
C ASP P 106 -51.99 13.79 79.10
N SER P 107 -51.01 14.02 79.97
CA SER P 107 -49.78 14.68 79.54
C SER P 107 -49.05 13.85 78.49
N ASP P 108 -48.99 12.53 78.68
CA ASP P 108 -48.39 11.66 77.68
C ASP P 108 -49.18 11.70 76.38
N LEU P 109 -50.51 11.76 76.48
CA LEU P 109 -51.33 11.87 75.27
C LEU P 109 -51.02 13.15 74.51
N ASP P 110 -50.83 14.26 75.22
CA ASP P 110 -50.48 15.51 74.55
C ASP P 110 -49.08 15.44 73.94
N SER P 111 -48.15 14.77 74.63
CA SER P 111 -46.81 14.60 74.08
C SER P 111 -46.85 13.79 72.79
N ILE P 112 -47.69 12.76 72.75
CA ILE P 112 -47.86 11.97 71.53
C ILE P 112 -48.56 12.80 70.45
N GLN P 113 -49.51 13.63 70.86
CA GLN P 113 -50.21 14.49 69.91
C GLN P 113 -49.25 15.49 69.27
N ASP P 114 -48.20 15.87 70.01
CA ASP P 114 -47.16 16.72 69.41
C ASP P 114 -46.53 16.01 68.22
N GLU P 115 -46.18 14.73 68.37
CA GLU P 115 -45.59 13.97 67.28
C GLU P 115 -46.59 13.81 66.13
N ILE P 116 -47.86 13.57 66.46
CA ILE P 116 -48.90 13.50 65.43
C ILE P 116 -48.96 14.79 64.63
N LYS P 117 -48.99 15.93 65.31
CA LYS P 117 -49.10 17.21 64.62
C LYS P 117 -47.87 17.46 63.76
N SER P 118 -46.68 17.11 64.28
CA SER P 118 -45.46 17.30 63.50
C SER P 118 -45.47 16.43 62.24
N ARG P 119 -45.90 15.18 62.37
CA ARG P 119 -45.92 14.29 61.21
C ARG P 119 -46.96 14.75 60.18
N LEU P 120 -48.12 15.24 60.65
CA LEU P 120 -49.11 15.75 59.72
C LEU P 120 -48.61 17.00 59.01
N ASP P 121 -47.89 17.87 59.73
CA ASP P 121 -47.28 19.03 59.09
C ASP P 121 -46.24 18.60 58.06
N GLU P 122 -45.47 17.56 58.36
CA GLU P 122 -44.51 17.04 57.38
C GLU P 122 -45.22 16.52 56.14
N ILE P 123 -46.35 15.82 56.33
CA ILE P 123 -47.12 15.32 55.19
C ILE P 123 -47.60 16.47 54.33
N ASP P 124 -48.15 17.51 54.96
CA ASP P 124 -48.61 18.67 54.19
C ASP P 124 -47.44 19.36 53.48
N ARG P 125 -46.30 19.46 54.16
CA ARG P 125 -45.14 20.12 53.58
C ARG P 125 -44.65 19.38 52.34
N VAL P 126 -44.57 18.05 52.42
CA VAL P 126 -44.08 17.29 51.27
C VAL P 126 -45.14 17.28 50.16
N SER P 127 -46.42 17.31 50.53
CA SER P 127 -47.47 17.40 49.51
C SER P 127 -47.38 18.72 48.74
N GLY P 128 -47.14 19.82 49.45
CA GLY P 128 -47.05 21.11 48.77
C GLY P 128 -45.73 21.31 48.06
N GLN P 129 -44.66 20.70 48.57
CA GLN P 129 -43.33 20.92 48.00
C GLN P 129 -43.18 20.24 46.65
N THR P 130 -43.65 19.00 46.52
CA THR P 130 -43.38 18.22 45.32
C THR P 130 -43.94 18.90 44.07
N GLN P 131 -43.12 18.96 43.03
CA GLN P 131 -43.49 19.61 41.79
C GLN P 131 -42.52 19.19 40.70
N PHE P 132 -43.03 19.12 39.47
CA PHE P 132 -42.24 18.72 38.31
C PHE P 132 -42.35 19.80 37.26
N ASN P 133 -41.20 20.39 36.89
CA ASN P 133 -41.14 21.38 35.82
C ASN P 133 -42.13 22.51 36.06
N GLY P 134 -42.23 22.95 37.31
CA GLY P 134 -43.16 23.99 37.68
C GLY P 134 -44.60 23.54 37.83
N VAL P 135 -44.87 22.25 37.74
CA VAL P 135 -46.23 21.72 37.84
C VAL P 135 -46.32 20.91 39.12
N ASN P 136 -47.26 21.27 39.99
CA ASN P 136 -47.47 20.59 41.25
C ASN P 136 -48.25 19.31 41.00
N VAL P 137 -47.55 18.17 41.06
CA VAL P 137 -48.19 16.89 40.76
C VAL P 137 -49.18 16.51 41.85
N LEU P 138 -48.90 16.88 43.09
CA LEU P 138 -49.76 16.52 44.21
C LEU P 138 -50.74 17.61 44.61
N ALA P 139 -50.40 18.88 44.39
CA ALA P 139 -51.19 19.96 44.99
C ALA P 139 -52.52 20.17 44.29
N LYS P 140 -52.63 19.79 43.01
CA LYS P 140 -53.85 20.00 42.26
C LYS P 140 -54.29 18.70 41.58
N ASP P 141 -55.58 18.43 41.64
CA ASP P 141 -56.16 17.33 40.89
C ASP P 141 -56.29 17.73 39.42
N GLY P 142 -55.96 16.81 38.52
CA GLY P 142 -56.03 17.09 37.11
C GLY P 142 -55.62 15.89 36.29
N SER P 143 -55.62 16.09 34.97
CA SER P 143 -55.25 15.06 34.01
C SER P 143 -54.08 15.54 33.17
N MET P 144 -53.14 14.64 32.90
CA MET P 144 -51.98 14.94 32.07
C MET P 144 -51.97 13.97 30.90
N LYS P 145 -51.59 14.47 29.72
CA LYS P 145 -51.59 13.68 28.49
C LYS P 145 -50.19 13.64 27.90
N ILE P 146 -49.74 12.45 27.54
CA ILE P 146 -48.47 12.27 26.83
C ILE P 146 -48.79 11.83 25.40
N GLN P 147 -48.32 12.62 24.43
CA GLN P 147 -48.62 12.36 23.03
C GLN P 147 -47.73 11.23 22.53
N VAL P 148 -48.34 10.09 22.22
CA VAL P 148 -47.62 8.87 21.89
C VAL P 148 -47.84 8.46 20.42
N GLY P 149 -48.94 8.88 19.82
CA GLY P 149 -49.21 8.49 18.44
C GLY P 149 -48.84 9.56 17.44
N ALA P 150 -48.24 9.15 16.33
CA ALA P 150 -47.82 10.12 15.31
C ALA P 150 -49.00 10.89 14.76
N ASN P 151 -50.13 10.22 14.54
CA ASN P 151 -51.34 10.92 14.13
C ASN P 151 -51.84 11.85 15.22
N ASP P 152 -52.56 12.88 14.80
CA ASP P 152 -52.95 13.95 15.71
C ASP P 152 -54.04 13.50 16.67
N GLY P 153 -54.02 14.05 17.89
CA GLY P 153 -55.10 13.89 18.84
C GLY P 153 -55.07 12.64 19.68
N GLN P 154 -53.98 11.87 19.65
CA GLN P 154 -53.89 10.62 20.40
C GLN P 154 -52.85 10.78 21.51
N THR P 155 -53.27 10.50 22.74
CA THR P 155 -52.43 10.71 23.91
C THR P 155 -52.68 9.60 24.92
N ILE P 156 -51.95 9.67 26.03
CA ILE P 156 -52.11 8.76 27.17
C ILE P 156 -52.38 9.61 28.41
N THR P 157 -53.45 9.30 29.12
CA THR P 157 -53.85 10.11 30.26
C THR P 157 -53.24 9.59 31.55
N ILE P 158 -52.80 10.52 32.40
CA ILE P 158 -52.36 10.23 33.76
C ILE P 158 -53.33 10.91 34.72
N ASP P 159 -53.89 10.12 35.63
CA ASP P 159 -54.85 10.62 36.62
C ASP P 159 -54.10 11.05 37.86
N LEU P 160 -54.06 12.34 38.12
CA LEU P 160 -53.42 12.91 39.30
C LEU P 160 -54.48 13.54 40.19
N LYS P 161 -54.48 13.19 41.47
CA LYS P 161 -55.47 13.64 42.42
C LYS P 161 -54.83 14.53 43.48
N LYS P 162 -55.55 15.57 43.88
CA LYS P 162 -55.11 16.40 44.99
C LYS P 162 -55.01 15.57 46.25
N ILE P 163 -53.82 15.53 46.86
CA ILE P 163 -53.61 14.70 48.03
C ILE P 163 -52.86 15.49 49.11
N ASP P 164 -53.61 16.00 50.08
CA ASP P 164 -53.03 16.49 51.33
C ASP P 164 -53.77 15.89 52.51
N SER P 165 -53.51 16.43 53.71
CA SER P 165 -54.16 15.92 54.90
C SER P 165 -55.68 16.04 54.81
N ASP P 166 -56.17 17.16 54.27
CA ASP P 166 -57.61 17.37 54.17
C ASP P 166 -58.25 16.35 53.23
N THR P 167 -57.62 16.10 52.07
CA THR P 167 -58.18 15.15 51.12
C THR P 167 -58.23 13.74 51.70
N LEU P 168 -57.19 13.32 52.41
CA LEU P 168 -57.23 12.03 53.09
C LEU P 168 -58.34 12.00 54.13
N GLY P 169 -58.49 13.07 54.89
CA GLY P 169 -59.68 13.22 55.70
C GLY P 169 -59.34 13.66 57.11
N LEU P 170 -60.42 13.89 57.86
CA LEU P 170 -60.44 14.19 59.30
C LEU P 170 -60.00 15.63 59.53
N ASN P 171 -59.41 16.33 58.55
CA ASN P 171 -59.16 17.77 58.63
C ASN P 171 -58.22 18.11 59.78
N GLY P 172 -57.80 17.10 60.55
CA GLY P 172 -57.09 17.31 61.79
C GLY P 172 -57.40 16.18 62.74
N PHE P 173 -56.38 15.73 63.47
CA PHE P 173 -56.47 14.50 64.23
C PHE P 173 -56.15 14.78 65.70
N ASN P 174 -56.99 14.29 66.60
CA ASN P 174 -56.92 14.61 68.02
C ASN P 174 -56.90 13.33 68.84
N VAL P 175 -56.06 13.31 69.88
CA VAL P 175 -55.98 12.18 70.79
C VAL P 175 -56.08 12.60 72.25
N ASN P 176 -56.33 13.88 72.52
CA ASN P 176 -56.40 14.37 73.89
C ASN P 176 -57.83 14.51 74.40
N GLY P 177 -58.81 14.01 73.65
CA GLY P 177 -60.20 14.08 74.07
C GLY P 177 -60.73 15.50 74.19
N GLU P 455 -62.77 16.90 71.69
CA GLU P 455 -63.01 15.46 71.59
C GLU P 455 -62.07 14.82 70.58
N SER P 456 -61.57 13.63 70.91
CA SER P 456 -60.70 12.90 70.01
C SER P 456 -61.52 12.31 68.85
N THR P 457 -60.81 11.78 67.87
CA THR P 457 -61.46 11.18 66.70
C THR P 457 -62.30 9.97 67.13
N SER P 458 -63.48 9.84 66.50
CA SER P 458 -64.37 8.74 66.85
C SER P 458 -63.79 7.39 66.46
N ASP P 459 -63.32 7.26 65.22
CA ASP P 459 -62.78 6.00 64.70
C ASP P 459 -61.43 6.26 64.08
N PRO P 460 -60.39 6.40 64.91
CA PRO P 460 -59.05 6.70 64.37
C PRO P 460 -58.53 5.65 63.41
N LEU P 461 -58.47 4.39 63.86
CA LEU P 461 -57.81 3.34 63.10
C LEU P 461 -58.52 3.07 61.78
N ALA P 462 -59.86 3.09 61.79
CA ALA P 462 -60.60 2.86 60.55
C ALA P 462 -60.31 3.94 59.52
N ALA P 463 -60.30 5.20 59.96
CA ALA P 463 -60.00 6.30 59.04
C ALA P 463 -58.56 6.22 58.55
N LEU P 464 -57.63 5.82 59.41
CA LEU P 464 -56.24 5.65 58.98
C LEU P 464 -56.13 4.56 57.92
N ASP P 465 -56.82 3.44 58.12
CA ASP P 465 -56.80 2.37 57.12
C ASP P 465 -57.44 2.85 55.82
N ASP P 466 -58.51 3.64 55.90
CA ASP P 466 -59.12 4.20 54.71
C ASP P 466 -58.15 5.09 53.95
N ALA P 467 -57.40 5.93 54.68
CA ALA P 467 -56.41 6.80 54.04
C ALA P 467 -55.31 5.97 53.38
N ILE P 468 -54.85 4.92 54.05
CA ILE P 468 -53.81 4.06 53.48
C ILE P 468 -54.33 3.40 52.20
N SER P 469 -55.57 2.92 52.21
CA SER P 469 -56.14 2.33 51.01
C SER P 469 -56.27 3.37 49.90
N GLN P 470 -56.62 4.61 50.26
CA GLN P 470 -56.73 5.67 49.27
C GLN P 470 -55.37 5.93 48.62
N ILE P 471 -54.31 5.94 49.40
CA ILE P 471 -52.96 6.07 48.84
C ILE P 471 -52.64 4.88 47.95
N ASP P 472 -53.04 3.68 48.37
CA ASP P 472 -52.70 2.47 47.63
C ASP P 472 -53.37 2.44 46.27
N LYS P 473 -54.63 2.89 46.18
CA LYS P 473 -55.30 2.92 44.88
C LYS P 473 -54.57 3.85 43.91
N PHE P 474 -54.17 5.03 44.39
CA PHE P 474 -53.43 5.96 43.55
C PHE P 474 -52.10 5.35 43.10
N ARG P 475 -51.40 4.68 44.03
CA ARG P 475 -50.12 4.08 43.67
C ARG P 475 -50.30 2.96 42.64
N SER P 476 -51.34 2.16 42.80
CA SER P 476 -51.58 1.07 41.86
C SER P 476 -51.91 1.60 40.47
N SER P 477 -52.78 2.61 40.39
CA SER P 477 -53.10 3.20 39.09
C SER P 477 -51.86 3.83 38.46
N LEU P 478 -51.03 4.49 39.27
CA LEU P 478 -49.82 5.11 38.75
C LEU P 478 -48.85 4.04 38.24
N GLY P 479 -48.73 2.92 38.94
CA GLY P 479 -47.91 1.83 38.44
C GLY P 479 -48.47 1.25 37.15
N ALA P 480 -49.79 1.20 37.04
CA ALA P 480 -50.41 0.72 35.80
C ALA P 480 -50.05 1.62 34.62
N VAL P 481 -50.11 2.93 34.82
CA VAL P 481 -49.73 3.83 33.73
C VAL P 481 -48.23 3.75 33.47
N GLN P 482 -47.43 3.47 34.52
CA GLN P 482 -46.01 3.22 34.30
C GLN P 482 -45.80 2.05 33.35
N ASN P 483 -46.49 0.94 33.60
CA ASN P 483 -46.34 -0.23 32.73
C ASN P 483 -46.83 0.07 31.32
N ARG P 484 -47.94 0.81 31.21
CA ARG P 484 -48.44 1.19 29.88
C ARG P 484 -47.41 2.02 29.13
N LEU P 485 -46.78 2.98 29.81
CA LEU P 485 -45.79 3.81 29.15
C LEU P 485 -44.54 3.02 28.76
N ASP P 486 -44.14 2.05 29.58
CA ASP P 486 -43.01 1.20 29.18
C ASP P 486 -43.34 0.40 27.94
N SER P 487 -44.55 -0.17 27.88
CA SER P 487 -44.98 -0.87 26.68
C SER P 487 -45.01 0.07 25.48
N ALA P 488 -45.45 1.31 25.69
CA ALA P 488 -45.42 2.30 24.62
C ALA P 488 -44.00 2.56 24.15
N VAL P 489 -43.05 2.64 25.08
CA VAL P 489 -41.67 2.91 24.71
C VAL P 489 -41.12 1.79 23.83
N THR P 490 -41.33 0.54 24.24
CA THR P 490 -40.80 -0.56 23.43
C THR P 490 -41.52 -0.66 22.08
N ASN P 491 -42.83 -0.41 22.07
CA ASN P 491 -43.59 -0.36 20.82
C ASN P 491 -42.99 0.68 19.88
N LEU P 492 -42.79 1.90 20.37
CA LEU P 492 -42.23 2.95 19.53
C LEU P 492 -40.85 2.57 19.04
N ASN P 493 -40.02 1.99 19.91
CA ASN P 493 -38.65 1.66 19.52
C ASN P 493 -38.63 0.67 18.35
N ASN P 494 -39.33 -0.46 18.49
CA ASN P 494 -39.24 -1.45 17.43
C ASN P 494 -40.01 -1.00 16.19
N THR P 495 -41.05 -0.18 16.38
CA THR P 495 -41.74 0.38 15.22
C THR P 495 -40.84 1.27 14.40
N THR P 496 -40.06 2.14 15.05
CA THR P 496 -39.10 2.95 14.31
C THR P 496 -38.04 2.08 13.66
N THR P 497 -37.59 1.01 14.33
CA THR P 497 -36.61 0.14 13.69
C THR P 497 -37.15 -0.44 12.39
N ASN P 498 -38.37 -0.99 12.43
CA ASN P 498 -38.95 -1.60 11.23
C ASN P 498 -39.17 -0.56 10.13
N LEU P 499 -39.70 0.61 10.49
CA LEU P 499 -39.98 1.61 9.47
C LEU P 499 -38.69 2.21 8.90
N SER P 500 -37.64 2.30 9.73
CA SER P 500 -36.36 2.77 9.23
C SER P 500 -35.78 1.77 8.23
N GLU P 501 -35.90 0.47 8.52
CA GLU P 501 -35.46 -0.53 7.55
C GLU P 501 -36.26 -0.43 6.26
N ALA P 502 -37.58 -0.24 6.36
CA ALA P 502 -38.40 -0.10 5.17
C ALA P 502 -38.00 1.12 4.35
N GLN P 503 -37.76 2.25 5.01
CA GLN P 503 -37.36 3.46 4.32
C GLN P 503 -35.99 3.28 3.67
N SER P 504 -35.06 2.63 4.36
CA SER P 504 -33.77 2.32 3.76
C SER P 504 -33.92 1.45 2.52
N ARG P 505 -34.90 0.53 2.54
CA ARG P 505 -35.21 -0.21 1.33
C ARG P 505 -35.71 0.73 0.23
N ILE P 506 -36.53 1.71 0.59
CA ILE P 506 -37.11 2.61 -0.41
C ILE P 506 -36.04 3.53 -1.00
N GLN P 507 -35.27 4.20 -0.16
CA GLN P 507 -34.36 5.25 -0.60
C GLN P 507 -32.93 4.92 -0.14
N ASP P 508 -32.23 4.16 -0.97
CA ASP P 508 -30.82 3.88 -0.77
C ASP P 508 -30.20 3.52 -2.10
N ALA P 509 -29.04 4.12 -2.38
CA ALA P 509 -28.47 4.03 -3.73
C ALA P 509 -28.03 2.60 -4.06
N ASP P 510 -27.74 1.79 -3.03
CA ASP P 510 -27.20 0.45 -3.23
C ASP P 510 -25.90 0.52 -4.04
N TYR P 511 -24.89 1.11 -3.40
CA TYR P 511 -23.63 1.47 -4.08
C TYR P 511 -23.03 0.30 -4.86
N ALA P 512 -23.34 -0.93 -4.46
CA ALA P 512 -22.74 -2.09 -5.10
C ALA P 512 -23.09 -2.15 -6.58
N THR P 513 -24.36 -1.90 -6.92
CA THR P 513 -24.74 -1.89 -8.32
C THR P 513 -24.41 -0.56 -8.98
N GLU P 514 -24.31 0.51 -8.19
CA GLU P 514 -24.04 1.83 -8.77
C GLU P 514 -22.61 1.94 -9.26
N VAL P 515 -21.67 1.30 -8.58
CA VAL P 515 -20.27 1.39 -8.99
C VAL P 515 -20.07 0.72 -10.34
N SER P 516 -20.76 -0.41 -10.58
CA SER P 516 -20.68 -1.07 -11.88
C SER P 516 -21.25 -0.16 -12.97
N ASN P 517 -22.38 0.49 -12.70
CA ASN P 517 -22.97 1.39 -13.68
C ASN P 517 -22.05 2.56 -13.99
N MET P 518 -21.40 3.12 -12.97
CA MET P 518 -20.53 4.27 -13.19
C MET P 518 -19.27 3.87 -13.96
N SER P 519 -18.70 2.70 -13.65
CA SER P 519 -17.56 2.21 -14.43
C SER P 519 -17.95 1.95 -15.87
N LYS P 520 -19.12 1.34 -16.08
CA LYS P 520 -19.62 1.10 -17.42
C LYS P 520 -19.80 2.40 -18.19
N ALA P 521 -20.34 3.42 -17.51
CA ALA P 521 -20.55 4.72 -18.16
C ALA P 521 -19.22 5.34 -18.55
N GLN P 522 -18.21 5.25 -17.69
CA GLN P 522 -16.88 5.76 -18.07
C GLN P 522 -16.33 5.01 -19.29
N ILE P 523 -16.47 3.69 -19.31
CA ILE P 523 -15.96 2.92 -20.44
C ILE P 523 -16.65 3.34 -21.72
N ILE P 524 -17.98 3.47 -21.67
CA ILE P 524 -18.75 3.85 -22.85
C ILE P 524 -18.38 5.26 -23.29
N GLN P 525 -18.14 6.16 -22.33
CA GLN P 525 -17.77 7.53 -22.69
C GLN P 525 -16.43 7.57 -23.40
N GLN P 526 -15.44 6.83 -22.89
CA GLN P 526 -14.14 6.83 -23.55
C GLN P 526 -14.22 6.19 -24.93
N ALA P 527 -15.00 5.11 -25.06
CA ALA P 527 -15.19 4.50 -26.37
C ALA P 527 -15.85 5.49 -27.33
N GLY P 528 -16.84 6.24 -26.84
CA GLY P 528 -17.50 7.21 -27.69
C GLY P 528 -16.57 8.32 -28.14
N ASN P 529 -15.72 8.80 -27.24
CA ASN P 529 -14.76 9.84 -27.63
C ASN P 529 -13.77 9.31 -28.66
N SER P 530 -13.27 8.09 -28.46
CA SER P 530 -12.32 7.53 -29.43
C SER P 530 -12.97 7.34 -30.79
N VAL P 531 -14.21 6.82 -30.82
CA VAL P 531 -14.88 6.63 -32.10
C VAL P 531 -15.25 7.97 -32.72
N LEU P 532 -15.50 9.00 -31.90
CA LEU P 532 -15.71 10.34 -32.43
C LEU P 532 -14.46 10.85 -33.13
N ALA P 533 -13.29 10.64 -32.53
CA ALA P 533 -12.05 11.04 -33.18
C ALA P 533 -11.84 10.26 -34.48
N LYS P 534 -12.12 8.97 -34.47
CA LYS P 534 -11.98 8.17 -35.69
C LYS P 534 -12.92 8.67 -36.78
N ALA P 535 -14.13 9.08 -36.42
CA ALA P 535 -15.05 9.65 -37.39
C ALA P 535 -14.55 11.00 -37.89
N ASN P 536 -13.93 11.79 -37.01
CA ASN P 536 -13.40 13.09 -37.41
C ASN P 536 -12.30 12.93 -38.44
N GLN P 537 -11.47 11.89 -38.30
CA GLN P 537 -10.34 11.73 -39.22
C GLN P 537 -10.78 11.29 -40.61
N VAL P 538 -12.06 10.95 -40.77
CA VAL P 538 -12.55 10.36 -42.02
C VAL P 538 -12.44 11.29 -43.23
N PRO P 539 -12.93 12.55 -43.18
CA PRO P 539 -12.98 13.36 -44.41
C PRO P 539 -11.63 13.84 -44.92
N GLN P 540 -10.51 13.35 -44.37
CA GLN P 540 -9.20 13.90 -44.73
C GLN P 540 -8.82 13.56 -46.17
N GLN P 541 -9.37 12.47 -46.71
CA GLN P 541 -8.92 11.99 -48.02
C GLN P 541 -9.41 12.88 -49.15
N VAL P 542 -10.21 13.91 -48.83
CA VAL P 542 -10.70 14.81 -49.86
C VAL P 542 -9.55 15.52 -50.54
N LEU P 543 -8.51 15.89 -49.79
CA LEU P 543 -7.34 16.51 -50.40
C LEU P 543 -6.65 15.54 -51.35
N SER P 544 -6.49 14.28 -50.92
CA SER P 544 -5.89 13.28 -51.79
C SER P 544 -6.68 13.18 -53.10
N LEU P 545 -8.00 13.29 -53.02
CA LEU P 545 -8.81 13.33 -54.23
C LEU P 545 -8.53 14.58 -55.06
N LEU P 546 -8.39 15.74 -54.40
CA LEU P 546 -8.35 17.01 -55.12
C LEU P 546 -7.10 17.14 -55.97
N GLN P 547 -5.92 16.90 -55.39
CA GLN P 547 -4.68 17.16 -56.10
C GLN P 547 -4.37 16.02 -57.06
N ALA Q 2 -4.98 5.96 -75.25
CA ALA Q 2 -6.42 5.80 -75.12
C ALA Q 2 -7.12 6.13 -76.44
N GLN Q 3 -8.41 5.87 -76.50
CA GLN Q 3 -9.19 6.12 -77.71
C GLN Q 3 -10.40 7.00 -77.52
N VAL Q 4 -10.89 7.19 -76.30
CA VAL Q 4 -12.09 8.00 -76.05
C VAL Q 4 -11.75 9.04 -74.99
N ILE Q 5 -12.38 10.21 -75.09
CA ILE Q 5 -12.13 11.30 -74.16
C ILE Q 5 -13.40 11.86 -73.55
N ASN Q 6 -14.57 11.66 -74.17
CA ASN Q 6 -15.80 12.28 -73.67
C ASN Q 6 -16.16 11.76 -72.29
N THR Q 7 -16.03 10.45 -72.07
CA THR Q 7 -16.39 9.84 -70.80
C THR Q 7 -15.29 8.88 -70.37
N ASN Q 8 -15.14 8.72 -69.04
CA ASN Q 8 -14.17 7.80 -68.47
C ASN Q 8 -14.93 6.67 -67.78
N SER Q 9 -14.64 5.43 -68.17
CA SER Q 9 -15.39 4.29 -67.65
C SER Q 9 -14.82 3.81 -66.32
N LEU Q 10 -13.50 3.81 -66.18
CA LEU Q 10 -12.88 3.27 -64.97
C LEU Q 10 -13.27 4.06 -63.73
N SER Q 11 -13.36 5.39 -63.86
CA SER Q 11 -13.71 6.23 -62.72
C SER Q 11 -15.09 5.89 -62.19
N LEU Q 12 -16.02 5.55 -63.08
CA LEU Q 12 -17.37 5.20 -62.63
C LEU Q 12 -17.37 3.94 -61.78
N ILE Q 13 -16.62 2.91 -62.22
CA ILE Q 13 -16.52 1.68 -61.44
C ILE Q 13 -15.86 1.96 -60.09
N THR Q 14 -14.81 2.79 -60.10
CA THR Q 14 -14.13 3.13 -58.85
C THR Q 14 -15.07 3.87 -57.91
N GLN Q 15 -15.89 4.77 -58.44
CA GLN Q 15 -16.87 5.48 -57.61
C GLN Q 15 -17.90 4.51 -57.04
N ASN Q 16 -18.35 3.54 -57.84
CA ASN Q 16 -19.27 2.54 -57.31
C ASN Q 16 -18.65 1.77 -56.15
N ASN Q 17 -17.40 1.33 -56.33
CA ASN Q 17 -16.72 0.57 -55.28
C ASN Q 17 -16.54 1.41 -54.03
N ILE Q 18 -16.16 2.69 -54.19
CA ILE Q 18 -15.91 3.53 -53.03
C ILE Q 18 -17.23 3.85 -52.33
N ASN Q 19 -18.33 3.93 -53.08
CA ASN Q 19 -19.63 4.13 -52.44
C ASN Q 19 -20.03 2.92 -51.62
N LYS Q 20 -19.83 1.72 -52.16
CA LYS Q 20 -20.13 0.52 -51.38
C LYS Q 20 -19.29 0.45 -50.11
N ASN Q 21 -17.99 0.70 -50.24
CA ASN Q 21 -17.13 0.65 -49.06
C ASN Q 21 -17.47 1.77 -48.07
N GLN Q 22 -17.91 2.92 -48.57
CA GLN Q 22 -18.32 4.00 -47.70
C GLN Q 22 -19.55 3.61 -46.89
N SER Q 23 -20.53 2.97 -47.53
CA SER Q 23 -21.68 2.48 -46.79
C SER Q 23 -21.26 1.47 -45.74
N ALA Q 24 -20.38 0.54 -46.10
CA ALA Q 24 -19.92 -0.46 -45.14
C ALA Q 24 -19.21 0.19 -43.96
N LEU Q 25 -18.33 1.16 -44.25
CA LEU Q 25 -17.57 1.83 -43.19
C LEU Q 25 -18.48 2.63 -42.27
N SER Q 26 -19.47 3.34 -42.85
CA SER Q 26 -20.39 4.09 -42.02
C SER Q 26 -21.20 3.18 -41.12
N SER Q 27 -21.69 2.05 -41.67
CA SER Q 27 -22.43 1.10 -40.84
C SER Q 27 -21.56 0.55 -39.72
N SER Q 28 -20.32 0.17 -40.05
CA SER Q 28 -19.43 -0.41 -39.04
C SER Q 28 -19.10 0.62 -37.96
N ILE Q 29 -18.84 1.86 -38.34
CA ILE Q 29 -18.43 2.87 -37.36
C ILE Q 29 -19.61 3.25 -36.47
N GLU Q 30 -20.82 3.30 -37.04
CA GLU Q 30 -22.01 3.55 -36.24
C GLU Q 30 -22.25 2.41 -35.25
N ARG Q 31 -22.07 1.17 -35.70
CA ARG Q 31 -22.24 0.03 -34.80
C ARG Q 31 -21.17 0.01 -33.73
N LEU Q 32 -19.98 0.53 -34.06
CA LEU Q 32 -18.89 0.60 -33.07
C LEU Q 32 -19.15 1.70 -32.06
N SER Q 33 -19.85 2.77 -32.45
CA SER Q 33 -20.05 3.90 -31.57
C SER Q 33 -20.83 3.51 -30.32
N SER Q 34 -21.89 2.72 -30.48
CA SER Q 34 -22.75 2.33 -29.38
C SER Q 34 -22.63 0.84 -29.13
N GLY Q 35 -22.93 0.44 -27.89
CA GLY Q 35 -22.88 -0.98 -27.54
C GLY Q 35 -23.89 -1.81 -28.31
N LEU Q 36 -25.06 -1.23 -28.59
CA LEU Q 36 -26.06 -1.93 -29.37
C LEU Q 36 -25.58 -2.12 -30.80
N ARG Q 37 -25.88 -3.29 -31.38
CA ARG Q 37 -25.61 -3.49 -32.79
C ARG Q 37 -26.82 -3.15 -33.64
N ILE Q 38 -28.01 -3.19 -33.05
N ILE Q 38 -28.01 -3.19 -33.05
CA ILE Q 38 -29.22 -2.95 -33.82
CA ILE Q 38 -29.22 -2.95 -33.82
C ILE Q 38 -29.25 -1.51 -34.34
C ILE Q 38 -29.25 -1.51 -34.34
N ASN Q 39 -29.05 -0.55 -33.45
CA ASN Q 39 -28.83 0.86 -33.82
C ASN Q 39 -29.89 1.40 -34.77
N SER Q 40 -31.13 1.51 -34.29
CA SER Q 40 -32.19 2.12 -35.11
C SER Q 40 -32.37 1.33 -36.39
N ALA Q 41 -33.01 0.16 -36.30
CA ALA Q 41 -32.72 -0.97 -37.18
C ALA Q 41 -33.09 -0.73 -38.63
N LYS Q 42 -32.13 -0.17 -39.38
CA LYS Q 42 -32.16 -0.27 -40.84
C LYS Q 42 -32.25 -1.73 -41.26
N ASP Q 43 -31.69 -2.63 -40.46
CA ASP Q 43 -31.75 -4.06 -40.71
C ASP Q 43 -33.17 -4.59 -40.47
N ASP Q 44 -33.32 -5.91 -40.59
CA ASP Q 44 -34.59 -6.55 -40.31
C ASP Q 44 -34.94 -6.39 -38.84
N ALA Q 45 -36.19 -5.99 -38.58
CA ALA Q 45 -36.62 -5.68 -37.21
C ALA Q 45 -37.02 -6.92 -36.41
N ALA Q 46 -36.78 -8.13 -36.95
CA ALA Q 46 -37.14 -9.33 -36.22
C ALA Q 46 -36.39 -9.42 -34.90
N GLY Q 47 -35.09 -9.15 -34.92
CA GLY Q 47 -34.34 -9.11 -33.67
C GLY Q 47 -34.73 -7.92 -32.79
N GLN Q 48 -35.02 -6.78 -33.42
CA GLN Q 48 -35.31 -5.57 -32.66
C GLN Q 48 -36.59 -5.72 -31.84
N ALA Q 49 -37.63 -6.30 -32.43
CA ALA Q 49 -38.88 -6.49 -31.69
C ALA Q 49 -38.68 -7.42 -30.51
N ILE Q 50 -37.91 -8.50 -30.70
CA ILE Q 50 -37.64 -9.43 -29.61
C ILE Q 50 -36.86 -8.73 -28.50
N ALA Q 51 -35.87 -7.91 -28.88
CA ALA Q 51 -35.09 -7.19 -27.88
C ALA Q 51 -35.96 -6.21 -27.10
N ASN Q 52 -36.87 -5.52 -27.78
CA ASN Q 52 -37.76 -4.60 -27.09
C ASN Q 52 -38.69 -5.33 -26.13
N ARG Q 53 -39.22 -6.47 -26.56
CA ARG Q 53 -40.05 -7.28 -25.66
C ARG Q 53 -39.26 -7.72 -24.44
N PHE Q 54 -38.00 -8.13 -24.64
CA PHE Q 54 -37.17 -8.55 -23.52
C PHE Q 54 -36.89 -7.39 -22.58
N THR Q 55 -36.67 -6.20 -23.13
CA THR Q 55 -36.44 -5.03 -22.30
C THR Q 55 -37.67 -4.72 -21.44
N SER Q 56 -38.86 -4.78 -22.05
CA SER Q 56 -40.08 -4.57 -21.28
C SER Q 56 -40.23 -5.61 -20.18
N ASN Q 57 -39.93 -6.87 -20.50
CA ASN Q 57 -40.02 -7.93 -19.50
C ASN Q 57 -39.06 -7.69 -18.34
N ILE Q 58 -37.82 -7.29 -18.65
CA ILE Q 58 -36.83 -7.05 -17.60
C ILE Q 58 -37.25 -5.89 -16.72
N LYS Q 59 -37.73 -4.81 -17.32
CA LYS Q 59 -38.18 -3.66 -16.53
C LYS Q 59 -39.33 -4.05 -15.62
N GLY Q 60 -40.30 -4.79 -16.14
CA GLY Q 60 -41.41 -5.23 -15.31
C GLY Q 60 -40.97 -6.11 -14.16
N LEU Q 61 -40.07 -7.06 -14.43
CA LEU Q 61 -39.61 -7.95 -13.38
C LEU Q 61 -38.85 -7.18 -12.30
N THR Q 62 -38.02 -6.22 -12.70
CA THR Q 62 -37.29 -5.43 -11.71
C THR Q 62 -38.23 -4.60 -10.85
N GLN Q 63 -39.24 -3.97 -11.46
CA GLN Q 63 -40.19 -3.20 -10.67
C GLN Q 63 -40.97 -4.10 -9.72
N ALA Q 64 -41.35 -5.30 -10.17
CA ALA Q 64 -42.06 -6.23 -9.31
C ALA Q 64 -41.19 -6.68 -8.14
N ALA Q 65 -39.92 -6.96 -8.40
CA ALA Q 65 -39.00 -7.32 -7.33
C ALA Q 65 -38.87 -6.19 -6.32
N ARG Q 66 -38.89 -4.94 -6.81
CA ARG Q 66 -38.87 -3.81 -5.89
C ARG Q 66 -40.13 -3.77 -5.02
N ASN Q 67 -41.30 -4.00 -5.64
CA ASN Q 67 -42.54 -3.94 -4.87
C ASN Q 67 -42.63 -5.06 -3.84
N ALA Q 68 -41.97 -6.18 -4.12
CA ALA Q 68 -41.92 -7.26 -3.14
C ALA Q 68 -41.27 -6.81 -1.84
N ASN Q 69 -40.34 -5.86 -1.93
CA ASN Q 69 -39.75 -5.29 -0.71
C ASN Q 69 -40.79 -4.52 0.10
N ASP Q 70 -41.68 -3.80 -0.56
CA ASP Q 70 -42.79 -3.17 0.15
C ASP Q 70 -43.65 -4.22 0.83
N GLY Q 71 -43.94 -5.31 0.13
CA GLY Q 71 -44.73 -6.38 0.74
C GLY Q 71 -44.08 -6.94 1.99
N ILE Q 72 -42.78 -7.25 1.92
CA ILE Q 72 -42.11 -7.83 3.07
C ILE Q 72 -42.02 -6.83 4.22
N SER Q 73 -41.85 -5.54 3.90
CA SER Q 73 -41.84 -4.53 4.94
C SER Q 73 -43.19 -4.45 5.66
N VAL Q 74 -44.28 -4.50 4.91
CA VAL Q 74 -45.60 -4.50 5.52
C VAL Q 74 -45.76 -5.72 6.43
N ALA Q 75 -45.34 -6.89 5.94
CA ALA Q 75 -45.49 -8.11 6.73
C ALA Q 75 -44.70 -8.02 8.03
N GLN Q 76 -43.46 -7.53 7.97
CA GLN Q 76 -42.64 -7.51 9.16
C GLN Q 76 -43.12 -6.46 10.16
N THR Q 77 -43.61 -5.31 9.67
CA THR Q 77 -44.18 -4.33 10.58
C THR Q 77 -45.40 -4.89 11.30
N THR Q 78 -46.28 -5.57 10.55
CA THR Q 78 -47.45 -6.16 11.18
C THR Q 78 -47.05 -7.23 12.20
N GLU Q 79 -46.02 -8.02 11.88
CA GLU Q 79 -45.55 -9.03 12.83
C GLU Q 79 -44.99 -8.38 14.10
N GLY Q 80 -44.29 -7.26 13.96
CA GLY Q 80 -43.82 -6.55 15.13
C GLY Q 80 -44.96 -6.09 16.02
N ALA Q 81 -46.00 -5.50 15.41
CA ALA Q 81 -47.17 -5.10 16.20
C ALA Q 81 -47.81 -6.31 16.86
N LEU Q 82 -47.83 -7.46 16.17
CA LEU Q 82 -48.39 -8.67 16.74
C LEU Q 82 -47.62 -9.12 17.97
N SER Q 83 -46.29 -9.08 17.91
CA SER Q 83 -45.49 -9.44 19.08
C SER Q 83 -45.75 -8.47 20.23
N GLU Q 84 -45.91 -7.18 19.90
CA GLU Q 84 -46.26 -6.18 20.90
C GLU Q 84 -47.55 -6.57 21.63
N ILE Q 85 -48.58 -6.95 20.87
CA ILE Q 85 -49.85 -7.33 21.49
C ILE Q 85 -49.70 -8.63 22.26
N ASN Q 86 -48.89 -9.56 21.74
CA ASN Q 86 -48.75 -10.88 22.36
C ASN Q 86 -48.12 -10.77 23.74
N ASN Q 87 -47.13 -9.90 23.90
CA ASN Q 87 -46.52 -9.74 25.22
C ASN Q 87 -47.55 -9.26 26.24
N ASN Q 88 -48.38 -8.28 25.85
CA ASN Q 88 -49.40 -7.79 26.76
C ASN Q 88 -50.41 -8.87 27.10
N LEU Q 89 -50.82 -9.67 26.11
CA LEU Q 89 -51.75 -10.76 26.38
C LEU Q 89 -51.16 -11.78 27.34
N GLN Q 90 -49.88 -12.10 27.16
CA GLN Q 90 -49.21 -13.02 28.07
C GLN Q 90 -49.22 -12.48 29.49
N ARG Q 91 -48.91 -11.19 29.65
CA ARG Q 91 -48.94 -10.59 30.98
C ARG Q 91 -50.35 -10.63 31.58
N ILE Q 92 -51.36 -10.35 30.74
CA ILE Q 92 -52.74 -10.35 31.21
C ILE Q 92 -53.12 -11.71 31.76
N ARG Q 93 -52.81 -12.77 31.02
CA ARG Q 93 -53.06 -14.12 31.51
C ARG Q 93 -52.27 -14.39 32.79
N GLU Q 94 -51.03 -13.89 32.85
CA GLU Q 94 -50.18 -14.14 34.01
C GLU Q 94 -50.81 -13.56 35.28
N LEU Q 95 -51.35 -12.35 35.23
CA LEU Q 95 -51.94 -11.84 36.46
C LEU Q 95 -53.39 -12.28 36.62
N THR Q 96 -54.02 -12.79 35.57
CA THR Q 96 -55.30 -13.46 35.76
C THR Q 96 -55.10 -14.70 36.63
N VAL Q 97 -53.96 -15.37 36.45
CA VAL Q 97 -53.60 -16.48 37.34
C VAL Q 97 -53.56 -16.00 38.79
N GLN Q 98 -53.00 -14.80 39.01
CA GLN Q 98 -53.03 -14.22 40.35
C GLN Q 98 -54.46 -14.01 40.84
N ALA Q 99 -55.29 -13.39 39.99
CA ALA Q 99 -56.64 -13.03 40.40
C ALA Q 99 -57.49 -14.27 40.67
N SER Q 100 -57.11 -15.42 40.12
CA SER Q 100 -57.86 -16.64 40.38
C SER Q 100 -57.78 -17.03 41.86
N THR Q 101 -56.70 -16.67 42.54
CA THR Q 101 -56.51 -17.05 43.93
C THR Q 101 -57.57 -16.42 44.81
N GLY Q 102 -58.13 -17.22 45.73
CA GLY Q 102 -59.22 -16.74 46.56
C GLY Q 102 -58.79 -15.95 47.77
N THR Q 103 -57.49 -15.98 48.10
CA THR Q 103 -57.02 -15.27 49.28
C THR Q 103 -57.13 -13.75 49.12
N ASN Q 104 -57.13 -13.28 47.88
CA ASN Q 104 -57.16 -11.85 47.63
C ASN Q 104 -58.47 -11.22 48.07
N SER Q 105 -58.40 -10.00 48.57
CA SER Q 105 -59.59 -9.26 48.95
C SER Q 105 -60.19 -8.53 47.74
N ASP Q 106 -61.29 -7.81 47.99
CA ASP Q 106 -61.94 -7.09 46.90
C ASP Q 106 -61.10 -5.93 46.40
N SER Q 107 -60.38 -5.26 47.31
CA SER Q 107 -59.51 -4.16 46.89
C SER Q 107 -58.37 -4.66 46.01
N ASP Q 108 -57.77 -5.80 46.37
CA ASP Q 108 -56.72 -6.36 45.54
C ASP Q 108 -57.24 -6.76 44.17
N LEU Q 109 -58.45 -7.34 44.12
CA LEU Q 109 -59.07 -7.65 42.85
C LEU Q 109 -59.33 -6.39 42.04
N ASP Q 110 -59.74 -5.30 42.70
CA ASP Q 110 -59.95 -4.04 42.01
C ASP Q 110 -58.65 -3.51 41.41
N SER Q 111 -57.55 -3.62 42.15
CA SER Q 111 -56.26 -3.18 41.62
C SER Q 111 -55.84 -4.04 40.42
N ILE Q 112 -56.01 -5.35 40.53
CA ILE Q 112 -55.67 -6.24 39.43
C ILE Q 112 -56.53 -5.93 38.20
N GLN Q 113 -57.81 -5.63 38.42
CA GLN Q 113 -58.68 -5.30 37.29
C GLN Q 113 -58.31 -3.95 36.70
N ASP Q 114 -57.82 -3.02 37.52
CA ASP Q 114 -57.31 -1.76 36.98
C ASP Q 114 -56.13 -2.02 36.07
N GLU Q 115 -55.22 -2.90 36.48
CA GLU Q 115 -54.10 -3.27 35.61
C GLU Q 115 -54.59 -3.94 34.33
N ILE Q 116 -55.59 -4.82 34.45
CA ILE Q 116 -56.15 -5.50 33.29
C ILE Q 116 -56.75 -4.49 32.32
N LYS Q 117 -57.50 -3.53 32.84
CA LYS Q 117 -58.10 -2.49 32.01
C LYS Q 117 -57.03 -1.67 31.32
N SER Q 118 -55.96 -1.33 32.04
CA SER Q 118 -54.85 -0.59 31.42
C SER Q 118 -54.24 -1.37 30.27
N ARG Q 119 -53.98 -2.67 30.48
CA ARG Q 119 -53.39 -3.49 29.43
C ARG Q 119 -54.32 -3.62 28.22
N LEU Q 120 -55.62 -3.81 28.48
CA LEU Q 120 -56.58 -3.94 27.38
C LEU Q 120 -56.69 -2.65 26.58
N ASP Q 121 -56.71 -1.51 27.28
CA ASP Q 121 -56.73 -0.23 26.59
C ASP Q 121 -55.46 -0.04 25.77
N GLU Q 122 -54.31 -0.45 26.30
CA GLU Q 122 -53.08 -0.36 25.53
C GLU Q 122 -53.13 -1.24 24.29
N ILE Q 123 -53.72 -2.44 24.42
CA ILE Q 123 -53.85 -3.33 23.27
C ILE Q 123 -54.73 -2.70 22.20
N ASP Q 124 -55.88 -2.15 22.61
CA ASP Q 124 -56.75 -1.49 21.64
C ASP Q 124 -56.05 -0.30 20.98
N ARG Q 125 -55.27 0.45 21.76
CA ARG Q 125 -54.56 1.59 21.23
C ARG Q 125 -53.53 1.17 20.18
N VAL Q 126 -52.70 0.18 20.50
CA VAL Q 126 -51.68 -0.24 19.56
C VAL Q 126 -52.31 -0.86 18.32
N SER Q 127 -53.47 -1.51 18.49
CA SER Q 127 -54.20 -2.02 17.34
C SER Q 127 -54.66 -0.89 16.43
N GLY Q 128 -55.31 0.12 17.00
CA GLY Q 128 -55.86 1.20 16.19
C GLY Q 128 -54.80 2.07 15.54
N GLN Q 129 -53.73 2.37 16.28
CA GLN Q 129 -52.81 3.42 15.86
C GLN Q 129 -51.89 2.95 14.73
N THR Q 130 -51.51 1.68 14.74
CA THR Q 130 -50.51 1.21 13.78
C THR Q 130 -51.01 1.37 12.35
N GLN Q 131 -50.12 1.85 11.48
CA GLN Q 131 -50.47 2.09 10.08
C GLN Q 131 -49.19 2.08 9.26
N PHE Q 132 -49.37 1.92 7.95
CA PHE Q 132 -48.25 1.84 7.01
C PHE Q 132 -48.62 2.63 5.76
N ASN Q 133 -48.09 3.85 5.67
CA ASN Q 133 -48.33 4.74 4.52
C ASN Q 133 -49.81 5.06 4.36
N GLY Q 134 -50.41 5.54 5.46
CA GLY Q 134 -51.79 5.97 5.44
C GLY Q 134 -52.82 4.86 5.45
N VAL Q 135 -52.40 3.61 5.55
CA VAL Q 135 -53.30 2.46 5.59
C VAL Q 135 -53.12 1.78 6.94
N ASN Q 136 -54.22 1.69 7.70
CA ASN Q 136 -54.18 1.03 9.00
C ASN Q 136 -54.23 -0.47 8.79
N VAL Q 137 -53.18 -1.16 9.22
CA VAL Q 137 -53.03 -2.58 8.91
C VAL Q 137 -54.06 -3.42 9.68
N LEU Q 138 -54.35 -3.04 10.93
CA LEU Q 138 -55.22 -3.84 11.77
C LEU Q 138 -56.56 -3.19 12.09
N ALA Q 139 -56.89 -2.06 11.46
CA ALA Q 139 -58.17 -1.42 11.75
C ALA Q 139 -59.33 -2.22 11.19
N LYS Q 140 -59.23 -2.65 9.93
CA LYS Q 140 -60.32 -3.34 9.26
C LYS Q 140 -59.79 -4.56 8.53
N ASP Q 141 -60.65 -5.55 8.35
CA ASP Q 141 -60.29 -6.74 7.59
C ASP Q 141 -60.19 -6.39 6.12
N GLY Q 142 -59.18 -6.95 5.45
CA GLY Q 142 -58.98 -6.71 4.04
C GLY Q 142 -57.89 -7.60 3.48
N SER Q 143 -57.77 -7.57 2.16
CA SER Q 143 -56.77 -8.33 1.44
C SER Q 143 -55.86 -7.37 0.69
N MET Q 144 -54.55 -7.58 0.81
CA MET Q 144 -53.55 -6.73 0.16
C MET Q 144 -52.92 -7.48 -0.99
N LYS Q 145 -52.80 -6.81 -2.13
CA LYS Q 145 -52.21 -7.39 -3.34
C LYS Q 145 -50.86 -6.73 -3.59
N ILE Q 146 -49.84 -7.55 -3.80
CA ILE Q 146 -48.51 -7.09 -4.22
C ILE Q 146 -48.23 -7.69 -5.58
N GLN Q 147 -47.90 -6.83 -6.54
CA GLN Q 147 -47.74 -7.23 -7.93
C GLN Q 147 -46.30 -7.68 -8.17
N VAL Q 148 -46.13 -8.95 -8.50
CA VAL Q 148 -44.82 -9.59 -8.55
C VAL Q 148 -44.54 -10.26 -9.89
N GLY Q 149 -45.19 -9.82 -10.96
CA GLY Q 149 -44.98 -10.40 -12.27
C GLY Q 149 -44.99 -9.35 -13.36
N ALA Q 150 -44.05 -9.48 -14.30
CA ALA Q 150 -43.96 -8.53 -15.39
C ALA Q 150 -45.23 -8.53 -16.23
N ASN Q 151 -45.76 -9.71 -16.53
CA ASN Q 151 -47.04 -9.80 -17.21
C ASN Q 151 -48.18 -9.39 -16.27
N ASP Q 152 -49.30 -8.99 -16.86
CA ASP Q 152 -50.41 -8.47 -16.07
C ASP Q 152 -51.15 -9.58 -15.35
N GLY Q 153 -51.84 -9.21 -14.28
CA GLY Q 153 -52.74 -10.12 -13.59
C GLY Q 153 -52.11 -11.01 -12.54
N GLN Q 154 -50.80 -10.91 -12.32
CA GLN Q 154 -50.12 -11.76 -11.34
C GLN Q 154 -49.87 -10.96 -10.07
N THR Q 155 -50.48 -11.41 -8.97
CA THR Q 155 -50.33 -10.76 -7.67
C THR Q 155 -50.09 -11.81 -6.60
N ILE Q 156 -49.39 -11.40 -5.55
CA ILE Q 156 -49.20 -12.21 -4.35
C ILE Q 156 -50.05 -11.60 -3.24
N THR Q 157 -50.77 -12.44 -2.52
CA THR Q 157 -51.83 -11.98 -1.63
C THR Q 157 -51.38 -12.09 -0.17
N ILE Q 158 -51.55 -11.01 0.57
CA ILE Q 158 -51.36 -10.97 2.01
C ILE Q 158 -52.67 -10.57 2.67
N ASP Q 159 -53.14 -11.38 3.61
CA ASP Q 159 -54.43 -11.18 4.25
C ASP Q 159 -54.25 -10.43 5.55
N LEU Q 160 -55.01 -9.36 5.73
CA LEU Q 160 -55.00 -8.56 6.95
C LEU Q 160 -56.35 -8.66 7.64
N LYS Q 161 -56.33 -9.05 8.92
CA LYS Q 161 -57.54 -9.19 9.71
C LYS Q 161 -57.51 -8.16 10.83
N LYS Q 162 -58.64 -7.50 11.06
CA LYS Q 162 -58.71 -6.53 12.14
C LYS Q 162 -58.55 -7.23 13.49
N ILE Q 163 -57.76 -6.61 14.37
CA ILE Q 163 -57.37 -7.24 15.63
C ILE Q 163 -57.68 -6.30 16.79
N ASP Q 164 -58.83 -6.48 17.41
CA ASP Q 164 -59.21 -5.67 18.55
C ASP Q 164 -59.85 -6.54 19.64
N SER Q 165 -59.93 -5.96 20.85
CA SER Q 165 -60.44 -6.72 21.99
C SER Q 165 -61.83 -7.29 21.73
N ASP Q 166 -62.69 -6.52 21.05
CA ASP Q 166 -63.99 -7.06 20.66
C ASP Q 166 -63.83 -8.19 19.66
N THR Q 167 -62.94 -8.02 18.67
CA THR Q 167 -62.71 -9.06 17.68
C THR Q 167 -62.14 -10.31 18.33
N LEU Q 168 -61.19 -10.14 19.26
CA LEU Q 168 -60.57 -11.29 19.91
C LEU Q 168 -61.51 -11.93 20.92
N GLY Q 169 -62.70 -11.37 21.11
CA GLY Q 169 -63.52 -11.89 22.17
C GLY Q 169 -63.94 -10.88 23.22
N LEU Q 170 -63.27 -10.94 24.36
CA LEU Q 170 -63.75 -10.47 25.67
C LEU Q 170 -64.51 -9.16 25.56
N ASN Q 171 -63.88 -8.04 25.18
CA ASN Q 171 -64.54 -6.75 25.00
C ASN Q 171 -65.06 -6.21 26.33
N GLY Q 172 -65.01 -7.02 27.38
CA GLY Q 172 -65.47 -6.66 28.70
C GLY Q 172 -64.71 -7.32 29.83
N PHE Q 173 -63.51 -7.83 29.56
CA PHE Q 173 -62.83 -8.71 30.52
C PHE Q 173 -62.59 -8.01 31.85
N ASN Q 174 -62.94 -8.70 32.93
CA ASN Q 174 -62.79 -8.17 34.28
C ASN Q 174 -62.69 -9.34 35.25
N VAL Q 175 -62.01 -9.11 36.37
CA VAL Q 175 -61.81 -10.13 37.39
C VAL Q 175 -62.35 -9.72 38.74
N ASN Q 176 -62.73 -8.45 38.93
CA ASN Q 176 -63.25 -7.98 40.20
C ASN Q 176 -64.77 -8.00 40.27
N GLY Q 177 -65.45 -8.45 39.21
CA GLY Q 177 -66.90 -8.48 39.20
C GLY Q 177 -67.52 -7.10 39.09
N GLU Q 455 -69.84 -8.09 37.14
CA GLU Q 455 -69.93 -9.50 36.75
C GLU Q 455 -68.63 -9.98 36.13
N SER Q 456 -67.96 -10.91 36.79
CA SER Q 456 -66.69 -11.41 36.31
C SER Q 456 -66.88 -12.33 35.10
N THR Q 457 -65.84 -12.44 34.29
CA THR Q 457 -65.88 -13.31 33.12
C THR Q 457 -65.98 -14.78 33.57
N SER Q 458 -66.78 -15.54 32.83
CA SER Q 458 -67.07 -16.92 33.22
C SER Q 458 -65.81 -17.78 33.19
N ASP Q 459 -65.09 -17.78 32.06
CA ASP Q 459 -63.90 -18.61 31.89
C ASP Q 459 -62.77 -17.76 31.35
N PRO Q 460 -62.03 -17.07 32.21
CA PRO Q 460 -61.00 -16.14 31.74
C PRO Q 460 -59.86 -16.79 30.96
N LEU Q 461 -59.22 -17.79 31.55
CA LEU Q 461 -57.99 -18.33 30.99
C LEU Q 461 -58.25 -19.01 29.64
N ALA Q 462 -59.40 -19.67 29.49
CA ALA Q 462 -59.72 -20.30 28.22
C ALA Q 462 -59.85 -19.26 27.10
N ALA Q 463 -60.55 -18.16 27.38
CA ALA Q 463 -60.69 -17.12 26.38
C ALA Q 463 -59.35 -16.46 26.06
N LEU Q 464 -58.52 -16.25 27.08
CA LEU Q 464 -57.20 -15.68 26.84
C LEU Q 464 -56.35 -16.60 25.98
N ASP Q 465 -56.41 -17.91 26.24
CA ASP Q 465 -55.68 -18.87 25.42
C ASP Q 465 -56.20 -18.87 23.98
N ASP Q 466 -57.51 -18.74 23.81
CA ASP Q 466 -58.07 -18.66 22.46
C ASP Q 466 -57.55 -17.42 21.73
N ALA Q 467 -57.49 -16.28 22.43
CA ALA Q 467 -56.96 -15.07 21.81
C ALA Q 467 -55.50 -15.25 21.43
N ILE Q 468 -54.70 -15.86 22.31
CA ILE Q 468 -53.30 -16.12 22.00
C ILE Q 468 -53.19 -17.04 20.79
N SER Q 469 -54.06 -18.04 20.70
CA SER Q 469 -54.05 -18.95 19.55
C SER Q 469 -54.36 -18.20 18.26
N GLN Q 470 -55.34 -17.29 18.29
CA GLN Q 470 -55.64 -16.50 17.11
C GLN Q 470 -54.46 -15.64 16.69
N ILE Q 471 -53.80 -15.01 17.67
CA ILE Q 471 -52.63 -14.20 17.37
C ILE Q 471 -51.52 -15.05 16.75
N ASP Q 472 -51.31 -16.26 17.29
CA ASP Q 472 -50.29 -17.15 16.76
C ASP Q 472 -50.62 -17.57 15.34
N LYS Q 473 -51.88 -17.86 15.06
CA LYS Q 473 -52.28 -18.22 13.70
C LYS Q 473 -51.99 -17.08 12.72
N PHE Q 474 -52.34 -15.85 13.11
CA PHE Q 474 -52.09 -14.72 12.21
C PHE Q 474 -50.60 -14.51 12.01
N ARG Q 475 -49.81 -14.69 13.07
CA ARG Q 475 -48.35 -14.56 12.94
C ARG Q 475 -47.79 -15.64 12.01
N SER Q 476 -48.31 -16.85 12.11
CA SER Q 476 -47.87 -17.92 11.21
C SER Q 476 -48.21 -17.61 9.77
N SER Q 477 -49.40 -17.05 9.53
CA SER Q 477 -49.75 -16.63 8.17
C SER Q 477 -48.78 -15.58 7.65
N LEU Q 478 -48.44 -14.61 8.48
CA LEU Q 478 -47.48 -13.59 8.05
C LEU Q 478 -46.11 -14.19 7.78
N GLY Q 479 -45.68 -15.14 8.61
CA GLY Q 479 -44.41 -15.80 8.35
C GLY Q 479 -44.41 -16.54 7.03
N ALA Q 480 -45.51 -17.24 6.73
CA ALA Q 480 -45.60 -17.96 5.47
C ALA Q 480 -45.55 -17.01 4.27
N VAL Q 481 -46.29 -15.90 4.33
CA VAL Q 481 -46.29 -14.99 3.19
C VAL Q 481 -44.93 -14.31 3.06
N GLN Q 482 -44.26 -14.04 4.18
CA GLN Q 482 -42.91 -13.49 4.12
C GLN Q 482 -41.94 -14.46 3.45
N ASN Q 483 -42.02 -15.75 3.81
CA ASN Q 483 -41.17 -16.75 3.17
C ASN Q 483 -41.41 -16.80 1.66
N ARG Q 484 -42.69 -16.81 1.27
CA ARG Q 484 -43.02 -16.88 -0.14
C ARG Q 484 -42.50 -15.64 -0.87
N LEU Q 485 -42.62 -14.47 -0.24
CA LEU Q 485 -42.12 -13.24 -0.84
C LEU Q 485 -40.61 -13.26 -1.01
N ASP Q 486 -39.88 -13.76 -0.01
CA ASP Q 486 -38.43 -13.82 -0.11
C ASP Q 486 -38.00 -14.74 -1.24
N SER Q 487 -38.64 -15.92 -1.33
CA SER Q 487 -38.31 -16.84 -2.42
C SER Q 487 -38.65 -16.22 -3.77
N ALA Q 488 -39.76 -15.48 -3.84
CA ALA Q 488 -40.12 -14.81 -5.09
C ALA Q 488 -39.10 -13.74 -5.46
N VAL Q 489 -38.58 -13.01 -4.47
CA VAL Q 489 -37.56 -12.01 -4.76
C VAL Q 489 -36.32 -12.67 -5.34
N THR Q 490 -35.88 -13.78 -4.74
CA THR Q 490 -34.72 -14.48 -5.29
C THR Q 490 -34.99 -14.96 -6.71
N ASN Q 491 -36.17 -15.53 -6.94
CA ASN Q 491 -36.51 -16.03 -8.26
C ASN Q 491 -36.53 -14.92 -9.30
N LEU Q 492 -37.13 -13.77 -8.95
CA LEU Q 492 -37.18 -12.65 -9.88
C LEU Q 492 -35.79 -12.11 -10.17
N ASN Q 493 -34.91 -12.06 -9.16
CA ASN Q 493 -33.54 -11.65 -9.41
C ASN Q 493 -32.87 -12.57 -10.42
N ASN Q 494 -32.98 -13.89 -10.21
CA ASN Q 494 -32.37 -14.84 -11.15
C ASN Q 494 -32.93 -14.64 -12.55
N THR Q 495 -34.27 -14.59 -12.67
CA THR Q 495 -34.89 -14.49 -13.98
C THR Q 495 -34.50 -13.21 -14.69
N THR Q 496 -34.43 -12.10 -13.95
CA THR Q 496 -33.98 -10.84 -14.54
C THR Q 496 -32.55 -10.97 -15.06
N THR Q 497 -31.69 -11.64 -14.31
CA THR Q 497 -30.32 -11.84 -14.79
C THR Q 497 -30.28 -12.67 -16.08
N ASN Q 498 -31.04 -13.75 -16.13
CA ASN Q 498 -31.00 -14.56 -17.36
C ASN Q 498 -31.58 -13.80 -18.56
N LEU Q 499 -32.66 -13.05 -18.35
CA LEU Q 499 -33.20 -12.27 -19.47
C LEU Q 499 -32.26 -11.15 -19.89
N SER Q 500 -31.52 -10.58 -18.93
CA SER Q 500 -30.51 -9.59 -19.30
C SER Q 500 -29.41 -10.23 -20.14
N GLU Q 501 -28.99 -11.44 -19.78
CA GLU Q 501 -28.03 -12.17 -20.60
C GLU Q 501 -28.59 -12.44 -22.00
N ALA Q 502 -29.86 -12.82 -22.08
CA ALA Q 502 -30.47 -13.09 -23.37
C ALA Q 502 -30.52 -11.84 -24.24
N GLN Q 503 -30.88 -10.71 -23.65
CA GLN Q 503 -30.87 -9.45 -24.41
C GLN Q 503 -29.46 -9.09 -24.85
N SER Q 504 -28.47 -9.29 -23.97
CA SER Q 504 -27.10 -8.97 -24.32
C SER Q 504 -26.62 -9.80 -25.50
N ARG Q 505 -26.96 -11.09 -25.51
CA ARG Q 505 -26.55 -11.95 -26.63
C ARG Q 505 -27.17 -11.49 -27.95
N ILE Q 506 -28.44 -11.08 -27.91
CA ILE Q 506 -29.12 -10.69 -29.14
C ILE Q 506 -28.53 -9.40 -29.70
N GLN Q 507 -28.31 -8.40 -28.84
CA GLN Q 507 -27.81 -7.09 -29.26
C GLN Q 507 -26.58 -6.72 -28.42
N ASP Q 508 -25.40 -6.86 -29.03
CA ASP Q 508 -24.15 -6.42 -28.43
C ASP Q 508 -23.16 -6.12 -29.54
N ALA Q 509 -22.36 -5.07 -29.36
CA ALA Q 509 -21.45 -4.63 -30.41
C ALA Q 509 -20.38 -5.68 -30.70
N ASP Q 510 -19.82 -6.29 -29.66
CA ASP Q 510 -18.65 -7.17 -29.80
C ASP Q 510 -17.50 -6.41 -30.45
N TYR Q 511 -16.98 -5.44 -29.70
CA TYR Q 511 -15.93 -4.56 -30.21
C TYR Q 511 -14.76 -5.33 -30.82
N ALA Q 512 -14.53 -6.56 -30.37
CA ALA Q 512 -13.40 -7.34 -30.86
C ALA Q 512 -13.51 -7.58 -32.37
N THR Q 513 -14.71 -7.94 -32.84
CA THR Q 513 -14.87 -8.17 -34.27
C THR Q 513 -15.12 -6.86 -35.01
N GLU Q 514 -15.63 -5.84 -34.32
CA GLU Q 514 -15.97 -4.58 -34.99
C GLU Q 514 -14.73 -3.77 -35.30
N VAL Q 515 -13.71 -3.82 -34.43
CA VAL Q 515 -12.51 -3.02 -34.66
C VAL Q 515 -11.79 -3.49 -35.92
N SER Q 516 -11.74 -4.81 -36.13
CA SER Q 516 -11.10 -5.34 -37.34
C SER Q 516 -11.86 -4.93 -38.59
N ASN Q 517 -13.20 -4.99 -38.54
CA ASN Q 517 -13.99 -4.58 -39.70
C ASN Q 517 -13.80 -3.10 -40.01
N MET Q 518 -13.78 -2.26 -38.98
CA MET Q 518 -13.54 -0.83 -39.20
C MET Q 518 -12.17 -0.57 -39.78
N SER Q 519 -11.14 -1.25 -39.25
CA SER Q 519 -9.79 -1.09 -39.76
C SER Q 519 -9.72 -1.51 -41.23
N LYS Q 520 -10.34 -2.64 -41.57
CA LYS Q 520 -10.35 -3.09 -42.95
C LYS Q 520 -11.08 -2.10 -43.86
N ALA Q 521 -12.21 -1.57 -43.41
CA ALA Q 521 -12.98 -0.65 -44.22
C ALA Q 521 -12.21 0.63 -44.49
N GLN Q 522 -11.48 1.12 -43.48
CA GLN Q 522 -10.67 2.33 -43.69
C GLN Q 522 -9.61 2.09 -44.76
N ILE Q 523 -8.94 0.93 -44.72
CA ILE Q 523 -7.94 0.62 -45.73
C ILE Q 523 -8.56 0.52 -47.10
N ILE Q 524 -9.75 -0.09 -47.19
CA ILE Q 524 -10.42 -0.22 -48.48
C ILE Q 524 -10.76 1.17 -49.03
N GLN Q 525 -11.21 2.07 -48.15
CA GLN Q 525 -11.53 3.42 -48.59
C GLN Q 525 -10.29 4.16 -49.10
N GLN Q 526 -9.18 4.02 -48.38
CA GLN Q 526 -7.94 4.66 -48.83
C GLN Q 526 -7.48 4.09 -50.18
N ALA Q 527 -7.58 2.78 -50.34
CA ALA Q 527 -7.22 2.16 -51.62
C ALA Q 527 -8.13 2.64 -52.74
N GLY Q 528 -9.42 2.76 -52.45
CA GLY Q 528 -10.35 3.29 -53.45
C GLY Q 528 -10.02 4.71 -53.84
N ASN Q 529 -9.65 5.54 -52.88
CA ASN Q 529 -9.26 6.91 -53.19
C ASN Q 529 -8.01 6.94 -54.07
N SER Q 530 -7.02 6.12 -53.74
CA SER Q 530 -5.79 6.09 -54.55
C SER Q 530 -6.07 5.62 -55.97
N VAL Q 531 -6.85 4.56 -56.12
CA VAL Q 531 -7.13 4.04 -57.46
C VAL Q 531 -8.00 5.02 -58.23
N LEU Q 532 -8.87 5.76 -57.53
CA LEU Q 532 -9.62 6.83 -58.19
C LEU Q 532 -8.69 7.90 -58.74
N ALA Q 533 -7.70 8.30 -57.94
CA ALA Q 533 -6.74 9.30 -58.41
C ALA Q 533 -6.00 8.80 -59.64
N LYS Q 534 -5.53 7.55 -59.61
CA LYS Q 534 -4.81 7.01 -60.77
C LYS Q 534 -5.72 6.89 -61.98
N ALA Q 535 -6.97 6.50 -61.78
CA ALA Q 535 -7.92 6.39 -62.89
C ALA Q 535 -8.17 7.75 -63.53
N ASN Q 536 -8.31 8.80 -62.71
CA ASN Q 536 -8.42 10.14 -63.26
C ASN Q 536 -7.16 10.54 -64.00
N GLN Q 537 -6.00 10.07 -63.53
CA GLN Q 537 -4.74 10.38 -64.21
C GLN Q 537 -4.67 9.70 -65.57
N VAL Q 538 -5.26 8.52 -65.71
CA VAL Q 538 -5.10 7.66 -66.89
C VAL Q 538 -5.26 8.38 -68.23
N PRO Q 539 -6.32 9.17 -68.47
CA PRO Q 539 -6.54 9.69 -69.83
C PRO Q 539 -5.64 10.86 -70.22
N GLN Q 540 -4.55 11.12 -69.50
CA GLN Q 540 -3.73 12.30 -69.78
C GLN Q 540 -3.06 12.22 -71.15
N GLN Q 541 -2.83 11.00 -71.65
CA GLN Q 541 -1.97 10.84 -72.82
C GLN Q 541 -2.61 11.31 -74.12
N VAL Q 542 -3.89 11.68 -74.10
CA VAL Q 542 -4.51 12.22 -75.30
C VAL Q 542 -3.82 13.52 -75.72
N LEU Q 543 -3.36 14.30 -74.75
CA LEU Q 543 -2.60 15.51 -75.06
C LEU Q 543 -1.31 15.18 -75.79
N SER Q 544 -0.59 14.16 -75.31
CA SER Q 544 0.62 13.72 -76.00
C SER Q 544 0.31 13.22 -77.40
N LEU Q 545 -0.87 12.61 -77.58
CA LEU Q 545 -1.30 12.24 -78.93
C LEU Q 545 -1.50 13.47 -79.80
N LEU Q 546 -2.09 14.53 -79.24
CA LEU Q 546 -2.42 15.70 -80.05
C LEU Q 546 -1.15 16.43 -80.53
N GLN Q 547 -0.17 16.61 -79.66
CA GLN Q 547 1.03 17.35 -80.03
C GLN Q 547 2.14 16.42 -80.51
N ALA R 2 -12.26 -9.17 -25.60
CA ALA R 2 -13.57 -9.26 -24.96
C ALA R 2 -14.68 -8.95 -25.95
N GLN R 3 -15.90 -9.34 -25.59
CA GLN R 3 -17.05 -9.15 -26.47
C GLN R 3 -18.25 -8.60 -25.70
N VAL R 4 -17.99 -8.01 -24.53
CA VAL R 4 -19.04 -7.55 -23.63
C VAL R 4 -18.81 -6.07 -23.36
N ILE R 5 -19.74 -5.22 -23.80
CA ILE R 5 -19.63 -3.79 -23.55
C ILE R 5 -20.89 -3.23 -22.92
N ASN R 6 -22.06 -3.56 -23.49
CA ASN R 6 -23.30 -2.91 -23.07
C ASN R 6 -23.70 -3.32 -21.66
N THR R 7 -23.71 -4.62 -21.38
CA THR R 7 -24.10 -5.14 -20.08
C THR R 7 -23.14 -6.23 -19.65
N ASN R 8 -22.51 -6.02 -18.49
CA ASN R 8 -21.56 -7.00 -17.97
C ASN R 8 -22.32 -8.17 -17.34
N SER R 9 -22.06 -9.37 -17.85
CA SER R 9 -22.80 -10.54 -17.42
C SER R 9 -22.34 -11.01 -16.03
N LEU R 10 -21.02 -11.00 -15.81
CA LEU R 10 -20.46 -11.57 -14.60
C LEU R 10 -20.88 -10.80 -13.35
N SER R 11 -21.02 -9.48 -13.48
CA SER R 11 -21.38 -8.64 -12.35
C SER R 11 -22.76 -9.00 -11.81
N LEU R 12 -23.69 -9.38 -12.70
CA LEU R 12 -25.02 -9.75 -12.25
C LEU R 12 -24.99 -11.01 -11.40
N ILE R 13 -24.24 -12.02 -11.83
CA ILE R 13 -24.12 -13.25 -11.04
C ILE R 13 -23.45 -12.96 -9.71
N THR R 14 -22.40 -12.13 -9.73
CA THR R 14 -21.72 -11.79 -8.48
C THR R 14 -22.65 -11.06 -7.52
N GLN R 15 -23.48 -10.15 -8.06
CA GLN R 15 -24.43 -9.43 -7.22
C GLN R 15 -25.47 -10.38 -6.64
N ASN R 16 -25.93 -11.35 -7.43
CA ASN R 16 -26.85 -12.35 -6.90
C ASN R 16 -26.22 -13.11 -5.73
N ASN R 17 -24.98 -13.55 -5.90
CA ASN R 17 -24.30 -14.26 -4.82
C ASN R 17 -24.12 -13.36 -3.60
N ILE R 18 -23.82 -12.08 -3.83
CA ILE R 18 -23.64 -11.14 -2.72
C ILE R 18 -24.94 -10.99 -1.94
N ASN R 19 -26.06 -10.87 -2.64
CA ASN R 19 -27.35 -10.76 -1.95
C ASN R 19 -27.67 -12.03 -1.18
N LYS R 20 -27.42 -13.20 -1.78
CA LYS R 20 -27.68 -14.46 -1.10
C LYS R 20 -26.86 -14.58 0.17
N ASN R 21 -25.58 -14.19 0.11
CA ASN R 21 -24.75 -14.25 1.30
C ASN R 21 -25.16 -13.21 2.33
N GLN R 22 -25.58 -12.02 1.88
CA GLN R 22 -25.96 -10.96 2.80
C GLN R 22 -27.20 -11.34 3.60
N SER R 23 -28.15 -12.02 2.96
CA SER R 23 -29.33 -12.47 3.69
C SER R 23 -28.93 -13.36 4.87
N ALA R 24 -28.11 -14.38 4.61
CA ALA R 24 -27.69 -15.29 5.67
C ALA R 24 -26.83 -14.57 6.70
N LEU R 25 -26.01 -13.62 6.28
CA LEU R 25 -25.16 -12.88 7.21
C LEU R 25 -26.01 -12.06 8.18
N SER R 26 -27.01 -11.34 7.65
CA SER R 26 -27.89 -10.56 8.51
C SER R 26 -28.69 -11.47 9.44
N SER R 27 -29.15 -12.61 8.93
CA SER R 27 -29.86 -13.56 9.77
C SER R 27 -28.98 -14.04 10.92
N SER R 28 -27.72 -14.37 10.62
CA SER R 28 -26.81 -14.83 11.65
C SER R 28 -26.53 -13.75 12.68
N ILE R 29 -26.35 -12.50 12.23
CA ILE R 29 -26.09 -11.42 13.17
C ILE R 29 -27.28 -11.21 14.10
N GLU R 30 -28.49 -11.15 13.54
CA GLU R 30 -29.66 -10.91 14.38
C GLU R 30 -29.94 -12.10 15.29
N ARG R 31 -29.59 -13.31 14.85
CA ARG R 31 -29.77 -14.48 15.70
C ARG R 31 -28.74 -14.52 16.81
N LEU R 32 -27.54 -14.00 16.54
CA LEU R 32 -26.50 -13.93 17.56
C LEU R 32 -26.81 -12.84 18.58
N SER R 33 -27.48 -11.78 18.15
CA SER R 33 -27.73 -10.64 19.03
C SER R 33 -28.55 -11.05 20.26
N SER R 34 -29.61 -11.83 20.04
CA SER R 34 -30.48 -12.28 21.12
C SER R 34 -30.27 -13.76 21.37
N GLY R 35 -30.58 -14.19 22.60
CA GLY R 35 -30.46 -15.60 22.94
C GLY R 35 -31.44 -16.46 22.17
N LEU R 36 -32.60 -15.91 21.83
CA LEU R 36 -33.62 -16.66 21.12
C LEU R 36 -33.12 -17.11 19.76
N ARG R 37 -33.35 -18.38 19.41
CA ARG R 37 -33.09 -18.84 18.06
C ARG R 37 -34.19 -18.40 17.10
N ILE R 38 -35.43 -18.36 17.59
N ILE R 38 -35.43 -18.36 17.59
CA ILE R 38 -36.57 -18.09 16.71
CA ILE R 38 -36.57 -18.08 16.70
C ILE R 38 -36.53 -16.65 16.21
C ILE R 38 -36.53 -16.65 16.21
N ASN R 39 -36.40 -15.68 17.12
CA ASN R 39 -36.19 -14.27 16.77
C ASN R 39 -37.30 -13.71 15.87
N SER R 40 -38.53 -13.61 16.42
CA SER R 40 -39.59 -12.91 15.70
C SER R 40 -39.90 -13.63 14.39
N ALA R 41 -40.63 -14.75 14.47
CA ALA R 41 -40.48 -15.87 13.55
C ALA R 41 -40.89 -15.56 12.12
N LYS R 42 -39.99 -14.91 11.39
CA LYS R 42 -39.99 -15.05 9.93
C LYS R 42 -39.91 -16.52 9.55
N ASP R 43 -39.20 -17.32 10.34
CA ASP R 43 -39.08 -18.75 10.15
C ASP R 43 -40.40 -19.45 10.52
N ASP R 44 -40.35 -20.78 10.53
CA ASP R 44 -41.54 -21.57 10.80
C ASP R 44 -42.10 -21.25 12.18
N ALA R 45 -43.35 -20.82 12.21
CA ALA R 45 -44.02 -20.48 13.45
C ALA R 45 -44.59 -21.69 14.18
N ALA R 46 -44.50 -22.88 13.58
CA ALA R 46 -44.94 -24.08 14.26
C ALA R 46 -44.14 -24.33 15.52
N GLY R 47 -42.82 -24.21 15.42
CA GLY R 47 -41.99 -24.30 16.62
C GLY R 47 -42.18 -23.12 17.55
N GLN R 48 -42.42 -21.93 17.00
CA GLN R 48 -42.54 -20.73 17.82
C GLN R 48 -43.78 -20.79 18.70
N ALA R 49 -44.89 -21.32 18.17
CA ALA R 49 -46.11 -21.43 18.96
C ALA R 49 -45.91 -22.33 20.17
N ILE R 50 -45.04 -23.33 20.04
CA ILE R 50 -44.75 -24.22 21.17
C ILE R 50 -44.09 -23.43 22.30
N ALA R 51 -43.09 -22.62 21.97
CA ALA R 51 -42.44 -21.80 22.99
C ALA R 51 -43.40 -20.77 23.55
N ASN R 52 -44.26 -20.20 22.71
CA ASN R 52 -45.23 -19.23 23.18
C ASN R 52 -46.20 -19.85 24.18
N ARG R 53 -46.65 -21.08 23.91
CA ARG R 53 -47.50 -21.79 24.86
C ARG R 53 -46.75 -22.10 26.15
N PHE R 54 -45.49 -22.53 26.04
CA PHE R 54 -44.70 -22.79 27.24
C PHE R 54 -44.51 -21.53 28.07
N THR R 55 -44.47 -20.37 27.43
CA THR R 55 -44.35 -19.13 28.18
C THR R 55 -45.55 -18.95 29.12
N SER R 56 -46.76 -19.06 28.59
CA SER R 56 -47.95 -18.94 29.43
C SER R 56 -47.96 -20.02 30.51
N ASN R 57 -47.63 -21.26 30.12
CA ASN R 57 -47.68 -22.36 31.07
C ASN R 57 -46.70 -22.14 32.22
N ILE R 58 -45.47 -21.72 31.89
CA ILE R 58 -44.45 -21.55 32.92
C ILE R 58 -44.79 -20.36 33.82
N LYS R 59 -45.32 -19.28 33.24
CA LYS R 59 -45.70 -18.15 34.07
C LYS R 59 -46.81 -18.54 35.05
N GLY R 60 -47.81 -19.27 34.56
CA GLY R 60 -48.87 -19.72 35.44
C GLY R 60 -48.38 -20.65 36.54
N LEU R 61 -47.52 -21.62 36.17
CA LEU R 61 -47.03 -22.56 37.17
C LEU R 61 -46.14 -21.87 38.21
N THR R 62 -45.32 -20.92 37.77
CA THR R 62 -44.49 -20.18 38.72
C THR R 62 -45.35 -19.35 39.66
N GLN R 63 -46.40 -18.72 39.13
CA GLN R 63 -47.32 -17.97 39.98
C GLN R 63 -48.03 -18.86 40.99
N ALA R 64 -48.43 -20.05 40.58
CA ALA R 64 -49.11 -20.97 41.49
C ALA R 64 -48.24 -21.31 42.69
N ALA R 65 -46.92 -21.28 42.53
CA ALA R 65 -46.03 -21.54 43.65
C ALA R 65 -46.21 -20.51 44.76
N ARG R 66 -46.22 -19.23 44.41
CA ARG R 66 -46.39 -18.21 45.43
C ARG R 66 -47.84 -18.16 45.93
N ASN R 67 -48.78 -18.57 45.09
CA ASN R 67 -50.15 -18.74 45.58
C ASN R 67 -50.21 -19.78 46.69
N ALA R 68 -49.52 -20.91 46.48
CA ALA R 68 -49.48 -21.95 47.51
C ALA R 68 -48.71 -21.47 48.73
N ASN R 69 -47.70 -20.62 48.53
CA ASN R 69 -47.02 -20.02 49.68
C ASN R 69 -47.97 -19.16 50.50
N ASP R 70 -48.80 -18.36 49.83
CA ASP R 70 -49.80 -17.58 50.55
C ASP R 70 -50.76 -18.49 51.30
N GLY R 71 -51.19 -19.58 50.65
CA GLY R 71 -52.09 -20.52 51.31
C GLY R 71 -51.47 -21.14 52.56
N ILE R 72 -50.20 -21.55 52.47
CA ILE R 72 -49.56 -22.16 53.63
C ILE R 72 -49.34 -21.12 54.73
N SER R 73 -49.11 -19.87 54.35
CA SER R 73 -49.04 -18.81 55.36
C SER R 73 -50.37 -18.66 56.09
N VAL R 74 -51.48 -18.71 55.35
CA VAL R 74 -52.80 -18.69 55.97
C VAL R 74 -52.96 -19.85 56.93
N ALA R 75 -52.51 -21.04 56.50
CA ALA R 75 -52.63 -22.23 57.33
C ALA R 75 -51.84 -22.08 58.63
N GLN R 76 -50.61 -21.57 58.54
CA GLN R 76 -49.82 -21.38 59.76
C GLN R 76 -50.46 -20.35 60.69
N THR R 77 -51.01 -19.27 60.13
CA THR R 77 -51.67 -18.29 60.98
C THR R 77 -52.86 -18.90 61.70
N THR R 78 -53.68 -19.67 60.98
CA THR R 78 -54.84 -20.30 61.61
C THR R 78 -54.40 -21.31 62.67
N GLU R 79 -53.36 -22.08 62.39
CA GLU R 79 -52.88 -23.06 63.36
C GLU R 79 -52.32 -22.37 64.61
N GLY R 80 -51.64 -21.24 64.43
CA GLY R 80 -51.17 -20.49 65.59
C GLY R 80 -52.30 -19.96 66.44
N ALA R 81 -53.37 -19.46 65.79
CA ALA R 81 -54.54 -19.04 66.54
C ALA R 81 -55.15 -20.20 67.31
N LEU R 82 -55.27 -21.37 66.66
CA LEU R 82 -55.82 -22.54 67.35
C LEU R 82 -54.92 -22.96 68.51
N SER R 83 -53.61 -22.85 68.34
CA SER R 83 -52.69 -23.19 69.43
C SER R 83 -52.87 -22.24 70.61
N GLU R 84 -53.04 -20.95 70.34
CA GLU R 84 -53.30 -20.01 71.43
C GLU R 84 -54.63 -20.34 72.11
N ILE R 85 -55.62 -20.82 71.34
CA ILE R 85 -56.91 -21.15 71.93
C ILE R 85 -56.80 -22.38 72.84
N ASN R 86 -56.06 -23.40 72.39
CA ASN R 86 -56.13 -24.71 73.02
C ASN R 86 -55.64 -24.69 74.46
N ASN R 87 -54.59 -23.93 74.74
CA ASN R 87 -54.04 -23.89 76.09
C ASN R 87 -55.05 -23.34 77.09
N ASN R 88 -55.90 -22.42 76.64
CA ASN R 88 -56.95 -21.89 77.51
C ASN R 88 -57.91 -23.00 77.92
N LEU R 89 -58.33 -23.84 76.96
CA LEU R 89 -59.21 -24.96 77.29
C LEU R 89 -58.51 -25.95 78.23
N GLN R 90 -57.21 -26.20 77.98
CA GLN R 90 -56.48 -27.11 78.85
C GLN R 90 -56.43 -26.58 80.29
N ARG R 91 -56.15 -25.29 80.45
CA ARG R 91 -56.15 -24.70 81.79
C ARG R 91 -57.54 -24.74 82.41
N ILE R 92 -58.57 -24.47 81.61
CA ILE R 92 -59.94 -24.51 82.09
C ILE R 92 -60.27 -25.88 82.66
N ARG R 93 -59.92 -26.94 81.93
CA ARG R 93 -60.10 -28.29 82.44
C ARG R 93 -59.27 -28.51 83.71
N GLU R 94 -58.05 -27.99 83.72
CA GLU R 94 -57.16 -28.19 84.87
C GLU R 94 -57.78 -27.66 86.16
N LEU R 95 -58.34 -26.46 86.13
CA LEU R 95 -58.94 -25.96 87.37
C LEU R 95 -60.40 -26.37 87.52
N THR R 96 -61.03 -26.86 86.46
CA THR R 96 -62.35 -27.46 86.61
C THR R 96 -62.26 -28.75 87.42
N VAL R 97 -61.13 -29.44 87.30
CA VAL R 97 -60.87 -30.59 88.18
C VAL R 97 -60.95 -30.16 89.64
N GLN R 98 -60.40 -28.99 89.97
CA GLN R 98 -60.44 -28.51 91.35
C GLN R 98 -61.87 -28.22 91.80
N ALA R 99 -62.70 -27.69 90.89
CA ALA R 99 -64.04 -27.25 91.28
C ALA R 99 -64.92 -28.41 91.71
N SER R 100 -64.58 -29.62 91.27
CA SER R 100 -65.42 -30.78 91.58
C SER R 100 -65.30 -31.18 93.05
N THR R 101 -64.23 -30.75 93.72
CA THR R 101 -64.02 -31.13 95.11
C THR R 101 -65.09 -30.53 96.01
N GLY R 102 -65.60 -31.34 96.93
CA GLY R 102 -66.66 -30.87 97.81
C GLY R 102 -66.16 -30.00 98.96
N THR R 103 -64.86 -30.04 99.25
CA THR R 103 -64.33 -29.27 100.36
C THR R 103 -64.36 -27.78 100.06
N ASN R 104 -64.38 -27.41 98.78
CA ASN R 104 -64.36 -26.01 98.39
C ASN R 104 -65.58 -25.27 98.91
N SER R 105 -65.36 -24.05 99.40
CA SER R 105 -66.45 -23.20 99.81
C SER R 105 -67.03 -22.46 98.61
N ASP R 106 -68.20 -21.84 98.82
CA ASP R 106 -68.85 -21.11 97.73
C ASP R 106 -68.01 -19.93 97.25
N SER R 107 -67.32 -19.25 98.16
CA SER R 107 -66.51 -18.10 97.78
C SER R 107 -65.36 -18.52 96.86
N ASP R 108 -64.70 -19.63 97.18
CA ASP R 108 -63.62 -20.12 96.33
C ASP R 108 -64.14 -20.55 94.96
N LEU R 109 -65.31 -21.20 94.95
CA LEU R 109 -65.93 -21.55 93.67
C LEU R 109 -66.25 -20.31 92.86
N ASP R 110 -66.59 -19.21 93.54
CA ASP R 110 -66.84 -17.96 92.82
C ASP R 110 -65.57 -17.48 92.12
N SER R 111 -64.44 -17.53 92.80
CA SER R 111 -63.19 -17.12 92.18
C SER R 111 -62.83 -18.04 91.02
N ILE R 112 -63.04 -19.34 91.19
CA ILE R 112 -62.78 -20.28 90.10
C ILE R 112 -63.66 -19.96 88.90
N GLN R 113 -64.93 -19.67 89.13
CA GLN R 113 -65.84 -19.37 88.04
C GLN R 113 -65.47 -18.06 87.35
N ASP R 114 -65.02 -17.06 88.11
CA ASP R 114 -64.56 -15.83 87.49
C ASP R 114 -63.32 -16.08 86.62
N GLU R 115 -62.41 -16.92 87.09
CA GLU R 115 -61.25 -17.26 86.26
C GLU R 115 -61.68 -17.99 84.98
N ILE R 116 -62.66 -18.89 85.11
CA ILE R 116 -63.20 -19.57 83.94
C ILE R 116 -63.81 -18.57 82.97
N LYS R 117 -64.56 -17.61 83.49
CA LYS R 117 -65.17 -16.59 82.65
C LYS R 117 -64.12 -15.76 81.93
N SER R 118 -63.03 -15.44 82.63
CA SER R 118 -61.94 -14.71 81.98
C SER R 118 -61.34 -15.53 80.84
N ARG R 119 -61.12 -16.83 81.08
CA ARG R 119 -60.56 -17.67 80.02
C ARG R 119 -61.51 -17.79 78.84
N LEU R 120 -62.81 -17.94 79.10
CA LEU R 120 -63.78 -18.04 78.02
C LEU R 120 -63.86 -16.74 77.21
N ASP R 121 -63.81 -15.60 77.90
CA ASP R 121 -63.78 -14.32 77.20
C ASP R 121 -62.50 -14.17 76.38
N GLU R 122 -61.39 -14.67 76.91
CA GLU R 122 -60.14 -14.65 76.15
C GLU R 122 -60.26 -15.49 74.88
N ILE R 123 -60.87 -16.68 75.00
CA ILE R 123 -61.04 -17.53 73.82
C ILE R 123 -61.93 -16.84 72.79
N ASP R 124 -63.03 -16.25 73.23
CA ASP R 124 -63.94 -15.57 72.31
C ASP R 124 -63.24 -14.39 71.64
N ARG R 125 -62.46 -13.62 72.41
CA ARG R 125 -61.76 -12.48 71.85
C ARG R 125 -60.72 -12.91 70.82
N VAL R 126 -59.91 -13.93 71.14
CA VAL R 126 -58.87 -14.36 70.21
C VAL R 126 -59.49 -14.98 68.97
N SER R 127 -60.68 -15.57 69.10
CA SER R 127 -61.37 -16.08 67.93
C SER R 127 -61.89 -14.95 67.06
N GLY R 128 -62.55 -13.96 67.66
CA GLY R 128 -63.18 -12.90 66.88
C GLY R 128 -62.18 -11.96 66.24
N GLN R 129 -61.18 -11.51 67.01
CA GLN R 129 -60.30 -10.45 66.53
C GLN R 129 -59.31 -10.93 65.47
N THR R 130 -58.95 -12.21 65.51
CA THR R 130 -57.93 -12.73 64.60
C THR R 130 -58.40 -12.63 63.16
N GLN R 131 -57.47 -12.28 62.27
CA GLN R 131 -57.78 -12.15 60.86
C GLN R 131 -56.47 -12.15 60.07
N PHE R 132 -56.58 -12.42 58.77
CA PHE R 132 -55.44 -12.41 57.87
C PHE R 132 -55.83 -11.68 56.59
N ASN R 133 -55.16 -10.57 56.31
CA ASN R 133 -55.38 -9.79 55.10
C ASN R 133 -56.85 -9.39 54.97
N GLY R 134 -57.41 -8.94 56.08
CA GLY R 134 -58.77 -8.43 56.10
C GLY R 134 -59.87 -9.47 56.14
N VAL R 135 -59.51 -10.76 56.22
CA VAL R 135 -60.48 -11.84 56.26
C VAL R 135 -60.40 -12.53 57.62
N ASN R 136 -61.53 -12.60 58.31
CA ASN R 136 -61.59 -13.28 59.60
C ASN R 136 -61.59 -14.77 59.37
N VAL R 137 -60.48 -15.43 59.74
CA VAL R 137 -60.33 -16.85 59.46
C VAL R 137 -61.29 -17.68 60.30
N LEU R 138 -61.54 -17.27 61.54
CA LEU R 138 -62.28 -18.08 62.49
C LEU R 138 -63.67 -17.55 62.80
N ALA R 139 -63.99 -16.32 62.37
CA ALA R 139 -65.26 -15.73 62.77
C ALA R 139 -66.43 -16.33 62.01
N LYS R 140 -66.18 -16.93 60.85
CA LYS R 140 -67.23 -17.51 60.03
C LYS R 140 -66.76 -18.85 59.46
N ASP R 141 -67.74 -19.69 59.14
CA ASP R 141 -67.48 -21.01 58.56
C ASP R 141 -67.73 -20.92 57.05
N GLY R 142 -66.70 -21.20 56.27
CA GLY R 142 -66.84 -21.14 54.82
C GLY R 142 -65.71 -21.89 54.14
N SER R 143 -65.91 -22.12 52.84
CA SER R 143 -64.92 -22.82 52.02
C SER R 143 -64.02 -21.80 51.34
N MET R 144 -62.72 -22.10 51.29
CA MET R 144 -61.72 -21.21 50.74
C MET R 144 -60.94 -21.93 49.66
N LYS R 145 -60.77 -21.27 48.51
CA LYS R 145 -60.13 -21.86 47.34
C LYS R 145 -58.81 -21.16 47.06
N ILE R 146 -57.77 -21.96 46.79
CA ILE R 146 -56.47 -21.46 46.36
C ILE R 146 -56.11 -22.13 45.04
N GLN R 147 -55.76 -21.32 44.05
CA GLN R 147 -55.51 -21.79 42.70
C GLN R 147 -54.04 -22.18 42.56
N VAL R 148 -53.79 -23.42 42.14
CA VAL R 148 -52.44 -23.97 42.06
C VAL R 148 -52.15 -24.58 40.69
N GLY R 149 -52.86 -24.13 39.65
CA GLY R 149 -52.68 -24.68 38.32
C GLY R 149 -52.60 -23.59 37.28
N ALA R 150 -51.84 -23.87 36.22
CA ALA R 150 -51.70 -22.91 35.14
C ALA R 150 -53.03 -22.70 34.43
N ASN R 151 -53.68 -23.79 34.02
CA ASN R 151 -54.96 -23.69 33.33
C ASN R 151 -56.10 -23.54 34.32
N ASP R 152 -57.27 -23.16 33.81
CA ASP R 152 -58.40 -22.84 34.66
C ASP R 152 -59.03 -24.09 35.26
N GLY R 153 -59.75 -23.91 36.36
CA GLY R 153 -60.51 -24.98 36.97
C GLY R 153 -59.78 -25.81 37.99
N GLN R 154 -58.49 -25.56 38.23
CA GLN R 154 -57.69 -26.35 39.14
C GLN R 154 -57.42 -25.54 40.40
N THR R 155 -57.73 -26.11 41.56
CA THR R 155 -57.58 -25.41 42.82
C THR R 155 -57.41 -26.41 43.95
N ILE R 156 -56.94 -25.89 45.09
CA ILE R 156 -56.85 -26.65 46.33
C ILE R 156 -57.74 -25.96 47.37
N THR R 157 -58.51 -26.76 48.11
CA THR R 157 -59.53 -26.23 49.00
C THR R 157 -59.08 -26.36 50.45
N ILE R 158 -59.21 -25.26 51.21
CA ILE R 158 -58.96 -25.24 52.64
C ILE R 158 -60.29 -25.03 53.35
N ASP R 159 -60.55 -25.85 54.36
CA ASP R 159 -61.80 -25.78 55.12
C ASP R 159 -61.57 -24.94 56.36
N LEU R 160 -62.36 -23.86 56.49
CA LEU R 160 -62.31 -22.99 57.66
C LEU R 160 -63.67 -23.03 58.34
N LYS R 161 -63.67 -23.22 59.66
CA LYS R 161 -64.89 -23.38 60.44
C LYS R 161 -64.99 -22.27 61.48
N LYS R 162 -66.20 -21.75 61.66
CA LYS R 162 -66.46 -20.77 62.70
C LYS R 162 -66.19 -21.39 64.08
N ILE R 163 -65.53 -20.62 64.94
CA ILE R 163 -65.17 -21.09 66.28
C ILE R 163 -65.57 -20.07 67.32
N ASP R 164 -66.71 -20.28 67.96
CA ASP R 164 -67.17 -19.44 69.05
C ASP R 164 -67.62 -20.30 70.22
N SER R 165 -67.74 -19.66 71.40
CA SER R 165 -68.05 -20.39 72.62
C SER R 165 -69.29 -21.26 72.47
N ASP R 166 -70.29 -20.77 71.74
CA ASP R 166 -71.46 -21.61 71.46
C ASP R 166 -71.11 -22.72 70.47
N THR R 167 -70.28 -22.41 69.47
CA THR R 167 -69.93 -23.40 68.46
C THR R 167 -69.15 -24.56 69.08
N LEU R 168 -68.18 -24.26 69.95
CA LEU R 168 -67.43 -25.34 70.60
C LEU R 168 -68.28 -26.03 71.65
N GLY R 169 -69.49 -25.54 71.90
CA GLY R 169 -70.25 -26.09 73.00
C GLY R 169 -70.74 -25.09 74.03
N LEU R 170 -70.10 -25.10 75.20
CA LEU R 170 -70.65 -24.71 76.51
C LEU R 170 -71.54 -23.48 76.40
N ASN R 171 -70.99 -22.29 76.12
CA ASN R 171 -71.74 -21.04 75.98
C ASN R 171 -72.42 -20.66 77.29
N GLY R 172 -72.40 -21.55 78.27
CA GLY R 172 -73.04 -21.32 79.55
C GLY R 172 -72.34 -22.02 80.70
N PHE R 173 -71.04 -22.28 80.56
CA PHE R 173 -70.31 -23.16 81.46
C PHE R 173 -70.26 -22.51 82.84
N ASN R 174 -71.05 -23.05 83.76
CA ASN R 174 -71.22 -22.51 85.10
C ASN R 174 -70.82 -23.56 86.12
N VAL R 175 -69.94 -23.19 87.05
CA VAL R 175 -69.51 -24.08 88.12
C VAL R 175 -69.87 -23.56 89.50
N ASN R 176 -70.17 -22.26 89.63
CA ASN R 176 -70.49 -21.68 90.92
C ASN R 176 -71.99 -21.52 91.15
N GLY R 177 -72.82 -21.96 90.20
CA GLY R 177 -74.25 -21.85 90.34
C GLY R 177 -74.76 -20.42 90.22
N GLU R 455 -77.41 -21.62 86.63
CA GLU R 455 -77.42 -23.00 87.09
C GLU R 455 -76.11 -23.70 86.72
N SER R 456 -75.63 -24.56 87.63
CA SER R 456 -74.36 -25.24 87.41
C SER R 456 -74.44 -26.16 86.19
N THR R 457 -73.33 -26.27 85.48
CA THR R 457 -73.28 -27.10 84.28
C THR R 457 -73.46 -28.57 84.65
N SER R 458 -74.24 -29.28 83.84
CA SER R 458 -74.53 -30.68 84.13
C SER R 458 -73.29 -31.56 83.95
N ASP R 459 -72.57 -31.40 82.85
CA ASP R 459 -71.42 -32.22 82.55
C ASP R 459 -70.16 -31.34 82.54
N PRO R 460 -69.34 -31.38 83.58
CA PRO R 460 -68.17 -30.49 83.64
C PRO R 460 -67.07 -30.86 82.66
N LEU R 461 -66.68 -32.14 82.63
CA LEU R 461 -65.45 -32.51 81.94
C LEU R 461 -65.73 -32.98 80.51
N ALA R 462 -66.76 -33.81 80.33
CA ALA R 462 -66.99 -34.45 79.03
C ALA R 462 -67.18 -33.42 77.92
N ALA R 463 -67.88 -32.32 78.22
CA ALA R 463 -68.01 -31.25 77.23
C ALA R 463 -66.66 -30.64 76.90
N LEU R 464 -65.80 -30.49 77.90
CA LEU R 464 -64.45 -29.97 77.64
C LEU R 464 -63.67 -30.89 76.72
N ASP R 465 -63.73 -32.21 76.96
CA ASP R 465 -63.04 -33.13 76.07
C ASP R 465 -63.63 -33.12 74.67
N ASP R 466 -64.95 -32.97 74.56
CA ASP R 466 -65.58 -32.88 73.25
C ASP R 466 -65.09 -31.64 72.50
N ALA R 467 -65.00 -30.51 73.19
CA ALA R 467 -64.49 -29.29 72.56
C ALA R 467 -63.04 -29.47 72.14
N ILE R 468 -62.24 -30.11 72.98
CA ILE R 468 -60.84 -30.35 72.63
C ILE R 468 -60.74 -31.20 71.38
N SER R 469 -61.55 -32.26 71.30
CA SER R 469 -61.52 -33.12 70.11
C SER R 469 -61.97 -32.35 68.87
N GLN R 470 -62.97 -31.48 69.02
CA GLN R 470 -63.37 -30.63 67.90
C GLN R 470 -62.21 -29.76 67.45
N ILE R 471 -61.41 -29.26 68.40
CA ILE R 471 -60.22 -28.48 68.03
C ILE R 471 -59.21 -29.35 67.29
N ASP R 472 -58.97 -30.56 67.79
CA ASP R 472 -57.94 -31.41 67.18
C ASP R 472 -58.33 -31.83 65.76
N LYS R 473 -59.62 -32.02 65.50
CA LYS R 473 -60.03 -32.35 64.13
C LYS R 473 -59.65 -31.25 63.16
N PHE R 474 -59.92 -30.00 63.53
CA PHE R 474 -59.58 -28.87 62.67
C PHE R 474 -58.07 -28.71 62.55
N ARG R 475 -57.34 -28.96 63.64
CA ARG R 475 -55.88 -28.89 63.59
C ARG R 475 -55.32 -29.94 62.63
N SER R 476 -55.85 -31.16 62.67
CA SER R 476 -55.41 -32.21 61.76
C SER R 476 -55.74 -31.85 60.31
N SER R 477 -56.91 -31.25 60.08
CA SER R 477 -57.25 -30.80 58.74
C SER R 477 -56.23 -29.76 58.26
N LEU R 478 -55.87 -28.81 59.13
CA LEU R 478 -54.88 -27.81 58.76
C LEU R 478 -53.53 -28.45 58.44
N GLY R 479 -53.12 -29.44 59.24
CA GLY R 479 -51.86 -30.11 58.97
C GLY R 479 -51.87 -30.85 57.64
N ALA R 480 -52.99 -31.52 57.33
CA ALA R 480 -53.11 -32.19 56.03
C ALA R 480 -53.04 -31.19 54.89
N VAL R 481 -53.70 -30.03 55.05
CA VAL R 481 -53.63 -29.00 54.02
C VAL R 481 -52.21 -28.50 53.86
N GLN R 482 -51.48 -28.34 54.96
CA GLN R 482 -50.10 -27.88 54.88
C GLN R 482 -49.23 -28.88 54.12
N ASN R 483 -49.39 -30.17 54.41
CA ASN R 483 -48.64 -31.19 53.67
C ASN R 483 -49.01 -31.16 52.19
N ARG R 484 -50.30 -31.02 51.88
CA ARG R 484 -50.75 -30.93 50.50
C ARG R 484 -50.08 -29.75 49.79
N LEU R 485 -50.04 -28.60 50.44
CA LEU R 485 -49.48 -27.41 49.82
C LEU R 485 -47.98 -27.54 49.62
N ASP R 486 -47.27 -28.14 50.59
CA ASP R 486 -45.84 -28.36 50.41
C ASP R 486 -45.55 -29.28 49.24
N SER R 487 -46.33 -30.36 49.13
CA SER R 487 -46.17 -31.27 47.98
C SER R 487 -46.46 -30.55 46.68
N ALA R 488 -47.49 -29.70 46.67
CA ALA R 488 -47.81 -28.92 45.47
C ALA R 488 -46.66 -28.00 45.10
N VAL R 489 -46.05 -27.34 46.09
CA VAL R 489 -44.96 -26.41 45.81
C VAL R 489 -43.77 -27.15 45.19
N THR R 490 -43.38 -28.27 45.79
CA THR R 490 -42.22 -28.98 45.23
C THR R 490 -42.53 -29.54 43.85
N ASN R 491 -43.75 -30.03 43.64
CA ASN R 491 -44.13 -30.53 42.32
C ASN R 491 -44.08 -29.43 41.28
N LEU R 492 -44.62 -28.25 41.63
CA LEU R 492 -44.61 -27.12 40.70
C LEU R 492 -43.20 -26.67 40.39
N ASN R 493 -42.32 -26.69 41.40
CA ASN R 493 -40.92 -26.34 41.14
C ASN R 493 -40.30 -27.30 40.15
N ASN R 494 -40.48 -28.61 40.36
CA ASN R 494 -39.90 -29.58 39.43
C ASN R 494 -40.46 -29.40 38.02
N THR R 495 -41.78 -29.26 37.91
CA THR R 495 -42.41 -29.12 36.60
C THR R 495 -41.94 -27.86 35.90
N THR R 496 -41.83 -26.75 36.64
CA THR R 496 -41.35 -25.50 36.05
C THR R 496 -39.92 -25.65 35.56
N THR R 497 -39.08 -26.36 36.32
CA THR R 497 -37.71 -26.59 35.86
C THR R 497 -37.68 -27.40 34.57
N ASN R 498 -38.49 -28.47 34.49
CA ASN R 498 -38.50 -29.28 33.28
C ASN R 498 -39.00 -28.49 32.08
N LEU R 499 -40.06 -27.70 32.26
CA LEU R 499 -40.56 -26.89 31.17
C LEU R 499 -39.57 -25.80 30.76
N SER R 500 -38.83 -25.26 31.74
CA SER R 500 -37.78 -24.31 31.42
C SER R 500 -36.73 -24.94 30.52
N GLU R 501 -36.29 -26.15 30.87
CA GLU R 501 -35.29 -26.83 30.05
C GLU R 501 -35.84 -27.15 28.66
N ALA R 502 -37.11 -27.56 28.58
CA ALA R 502 -37.70 -27.85 27.28
C ALA R 502 -37.76 -26.60 26.40
N GLN R 503 -38.21 -25.48 26.97
CA GLN R 503 -38.26 -24.24 26.20
C GLN R 503 -36.87 -23.80 25.77
N SER R 504 -35.88 -23.96 26.65
CA SER R 504 -34.51 -23.62 26.28
C SER R 504 -34.03 -24.48 25.12
N ARG R 505 -34.34 -25.78 25.15
CA ARG R 505 -33.96 -26.66 24.06
C ARG R 505 -34.61 -26.23 22.75
N ILE R 506 -35.90 -25.87 22.80
CA ILE R 506 -36.61 -25.54 21.56
C ILE R 506 -36.09 -24.23 20.96
N GLN R 507 -35.90 -23.21 21.79
CA GLN R 507 -35.41 -21.91 21.31
C GLN R 507 -34.18 -21.49 22.14
N ASP R 508 -33.00 -21.70 21.55
CA ASP R 508 -31.76 -21.18 22.08
C ASP R 508 -30.80 -20.94 20.92
N ALA R 509 -30.00 -19.88 21.05
CA ALA R 509 -29.09 -19.51 19.97
C ALA R 509 -28.05 -20.60 19.72
N ASP R 510 -27.53 -21.20 20.79
CA ASP R 510 -26.42 -22.15 20.70
C ASP R 510 -25.24 -21.49 20.01
N TYR R 511 -24.69 -20.49 20.71
CA TYR R 511 -23.73 -19.56 20.13
C TYR R 511 -22.56 -20.27 19.44
N ALA R 512 -22.28 -21.51 19.83
CA ALA R 512 -21.13 -22.22 19.27
C ALA R 512 -21.27 -22.40 17.76
N THR R 513 -22.47 -22.78 17.30
CA THR R 513 -22.66 -22.93 15.86
C THR R 513 -22.94 -21.60 15.18
N GLU R 514 -23.43 -20.62 15.93
CA GLU R 514 -23.77 -19.33 15.34
C GLU R 514 -22.52 -18.52 15.00
N VAL R 515 -21.51 -18.57 15.87
CA VAL R 515 -20.28 -17.83 15.62
C VAL R 515 -19.59 -18.35 14.37
N SER R 516 -19.63 -19.66 14.16
CA SER R 516 -19.04 -20.23 12.95
C SER R 516 -19.78 -19.74 11.71
N ASN R 517 -21.12 -19.71 11.76
CA ASN R 517 -21.89 -19.23 10.61
C ASN R 517 -21.57 -17.77 10.32
N MET R 518 -21.48 -16.94 11.36
CA MET R 518 -21.16 -15.53 11.14
C MET R 518 -19.76 -15.37 10.55
N SER R 519 -18.79 -16.12 11.07
CA SER R 519 -17.42 -16.04 10.56
C SER R 519 -17.36 -16.46 9.10
N LYS R 520 -18.07 -17.54 8.74
CA LYS R 520 -18.09 -17.97 7.36
C LYS R 520 -18.78 -16.94 6.47
N ALA R 521 -19.88 -16.37 6.93
CA ALA R 521 -20.63 -15.41 6.11
C ALA R 521 -19.81 -14.16 5.85
N GLN R 522 -19.07 -13.68 6.86
CA GLN R 522 -18.25 -12.49 6.65
C GLN R 522 -17.18 -12.74 5.61
N ILE R 523 -16.53 -13.90 5.67
CA ILE R 523 -15.50 -14.24 4.69
C ILE R 523 -16.11 -14.35 3.30
N ILE R 524 -17.30 -14.93 3.20
CA ILE R 524 -17.98 -15.05 1.91
C ILE R 524 -18.29 -13.66 1.36
N GLN R 525 -18.73 -12.74 2.23
CA GLN R 525 -19.01 -11.38 1.77
C GLN R 525 -17.76 -10.69 1.26
N GLN R 526 -16.64 -10.85 1.98
CA GLN R 526 -15.39 -10.23 1.53
C GLN R 526 -14.96 -10.81 0.19
N ALA R 527 -15.04 -12.13 0.03
CA ALA R 527 -14.68 -12.75 -1.24
C ALA R 527 -15.60 -12.28 -2.36
N GLY R 528 -16.89 -12.12 -2.06
CA GLY R 528 -17.82 -11.64 -3.07
C GLY R 528 -17.49 -10.22 -3.50
N ASN R 529 -17.14 -9.35 -2.56
CA ASN R 529 -16.74 -8.00 -2.92
C ASN R 529 -15.49 -8.00 -3.79
N SER R 530 -14.50 -8.83 -3.42
CA SER R 530 -13.27 -8.89 -4.21
C SER R 530 -13.54 -9.38 -5.63
N VAL R 531 -14.35 -10.43 -5.76
CA VAL R 531 -14.64 -10.97 -7.09
C VAL R 531 -15.51 -10.00 -7.88
N LEU R 532 -16.35 -9.23 -7.19
CA LEU R 532 -17.11 -8.17 -7.87
C LEU R 532 -16.18 -7.13 -8.45
N ALA R 533 -15.17 -6.70 -7.68
CA ALA R 533 -14.20 -5.74 -8.20
C ALA R 533 -13.45 -6.32 -9.40
N LYS R 534 -13.01 -7.57 -9.30
CA LYS R 534 -12.28 -8.17 -10.40
C LYS R 534 -13.16 -8.34 -11.64
N ALA R 535 -14.44 -8.64 -11.44
CA ALA R 535 -15.36 -8.79 -12.57
C ALA R 535 -15.64 -7.44 -13.22
N ASN R 536 -15.77 -6.38 -12.42
CA ASN R 536 -15.93 -5.05 -12.98
C ASN R 536 -14.67 -4.61 -13.72
N GLN R 537 -13.51 -5.16 -13.34
CA GLN R 537 -12.28 -4.82 -14.03
C GLN R 537 -12.22 -5.42 -15.43
N VAL R 538 -13.11 -6.35 -15.74
CA VAL R 538 -13.04 -7.14 -16.98
C VAL R 538 -13.16 -6.30 -18.25
N PRO R 539 -14.12 -5.39 -18.39
CA PRO R 539 -14.31 -4.73 -19.70
C PRO R 539 -13.26 -3.68 -20.04
N GLN R 540 -12.13 -3.62 -19.32
CA GLN R 540 -11.15 -2.56 -19.57
C GLN R 540 -10.48 -2.72 -20.92
N GLN R 541 -10.29 -3.96 -21.38
CA GLN R 541 -9.55 -4.19 -22.62
C GLN R 541 -10.32 -3.74 -23.84
N VAL R 542 -11.59 -3.39 -23.68
CA VAL R 542 -12.34 -2.80 -24.79
C VAL R 542 -11.67 -1.52 -25.25
N LEU R 543 -11.16 -0.72 -24.30
CA LEU R 543 -10.40 0.47 -24.66
C LEU R 543 -9.12 0.11 -25.40
N SER R 544 -8.41 -0.92 -24.93
CA SER R 544 -7.17 -1.32 -25.59
C SER R 544 -7.42 -1.79 -27.01
N LEU R 545 -8.60 -2.35 -27.27
CA LEU R 545 -8.96 -2.67 -28.65
C LEU R 545 -9.02 -1.42 -29.52
N LEU R 546 -9.61 -0.35 -29.00
CA LEU R 546 -9.82 0.85 -29.81
C LEU R 546 -8.50 1.54 -30.14
N GLN R 547 -7.58 1.61 -29.18
CA GLN R 547 -6.31 2.28 -29.40
C GLN R 547 -5.35 1.39 -30.20
N ALA S 2 9.36 6.85 -98.51
CA ALA S 2 8.16 6.01 -98.50
C ALA S 2 7.72 5.68 -99.93
N GLN S 3 6.62 4.95 -100.06
CA GLN S 3 6.08 4.58 -101.35
C GLN S 3 4.59 4.85 -101.48
N VAL S 4 3.86 5.01 -100.38
CA VAL S 4 2.42 5.17 -100.42
C VAL S 4 2.03 6.33 -99.50
N ILE S 5 0.95 7.00 -99.88
CA ILE S 5 0.43 8.11 -99.10
C ILE S 5 -0.95 7.82 -98.51
N ASN S 6 -1.82 7.12 -99.25
CA ASN S 6 -3.22 7.00 -98.86
C ASN S 6 -3.38 6.26 -97.55
N THR S 7 -2.64 5.16 -97.37
CA THR S 7 -2.79 4.31 -96.19
C THR S 7 -1.46 4.20 -95.47
N ASN S 8 -1.43 4.60 -94.20
CA ASN S 8 -0.25 4.42 -93.35
C ASN S 8 -0.47 3.18 -92.49
N SER S 9 -0.48 2.02 -93.18
CA SER S 9 -0.72 0.76 -92.48
C SER S 9 0.34 0.50 -91.41
N LEU S 10 1.55 1.03 -91.62
CA LEU S 10 2.59 0.91 -90.62
C LEU S 10 2.15 1.49 -89.28
N SER S 11 1.54 2.68 -89.31
CA SER S 11 0.95 3.22 -88.09
C SER S 11 -0.30 2.44 -87.70
N LEU S 12 -1.04 1.95 -88.70
CA LEU S 12 -2.33 1.30 -88.44
C LEU S 12 -2.14 0.01 -87.65
N ILE S 13 -0.93 -0.55 -87.68
CA ILE S 13 -0.67 -1.77 -86.91
C ILE S 13 -0.75 -1.50 -85.40
N THR S 14 -0.33 -0.30 -84.98
CA THR S 14 -0.11 -0.02 -83.56
C THR S 14 -1.41 -0.08 -82.76
N GLN S 15 -2.52 0.40 -83.33
CA GLN S 15 -3.76 0.47 -82.57
C GLN S 15 -4.25 -0.90 -82.11
N ASN S 16 -3.81 -1.97 -82.79
CA ASN S 16 -4.14 -3.31 -82.31
C ASN S 16 -3.55 -3.55 -80.93
N ASN S 17 -2.24 -3.32 -80.78
CA ASN S 17 -1.61 -3.45 -79.47
C ASN S 17 -2.18 -2.45 -78.49
N ILE S 18 -2.51 -1.24 -78.98
CA ILE S 18 -3.10 -0.23 -78.10
C ILE S 18 -4.42 -0.73 -77.51
N ASN S 19 -5.27 -1.33 -78.35
CA ASN S 19 -6.56 -1.83 -77.86
C ASN S 19 -6.38 -3.00 -76.92
N LYS S 20 -5.46 -3.91 -77.24
CA LYS S 20 -5.21 -5.05 -76.35
C LYS S 20 -4.73 -4.56 -74.99
N ASN S 21 -3.81 -3.59 -74.96
CA ASN S 21 -3.35 -3.08 -73.69
C ASN S 21 -4.40 -2.25 -72.98
N GLN S 22 -5.31 -1.61 -73.74
CA GLN S 22 -6.44 -0.96 -73.10
C GLN S 22 -7.32 -1.95 -72.36
N SER S 23 -7.60 -3.10 -72.99
CA SER S 23 -8.37 -4.13 -72.32
C SER S 23 -7.63 -4.62 -71.07
N ALA S 24 -6.33 -4.90 -71.20
CA ALA S 24 -5.57 -5.40 -70.06
C ALA S 24 -5.51 -4.37 -68.94
N LEU S 25 -5.30 -3.10 -69.28
CA LEU S 25 -5.18 -2.04 -68.28
C LEU S 25 -6.50 -1.82 -67.57
N SER S 26 -7.61 -1.80 -68.31
CA SER S 26 -8.91 -1.65 -67.69
C SER S 26 -9.20 -2.79 -66.74
N SER S 27 -8.91 -4.03 -67.17
CA SER S 27 -9.12 -5.17 -66.29
C SER S 27 -8.27 -5.06 -65.03
N SER S 28 -7.00 -4.68 -65.18
CA SER S 28 -6.10 -4.60 -64.04
C SER S 28 -6.54 -3.52 -63.05
N ILE S 29 -6.89 -2.34 -63.55
CA ILE S 29 -7.31 -1.25 -62.67
C ILE S 29 -8.62 -1.60 -61.97
N GLU S 30 -9.58 -2.18 -62.71
CA GLU S 30 -10.85 -2.53 -62.09
C GLU S 30 -10.66 -3.61 -61.04
N ARG S 31 -9.76 -4.57 -61.30
CA ARG S 31 -9.46 -5.60 -60.32
C ARG S 31 -8.76 -5.00 -59.09
N LEU S 32 -7.91 -4.01 -59.31
CA LEU S 32 -7.22 -3.35 -58.20
C LEU S 32 -8.20 -2.58 -57.32
N SER S 33 -9.14 -1.86 -57.94
CA SER S 33 -10.07 -1.04 -57.18
C SER S 33 -10.98 -1.89 -56.31
N SER S 34 -11.61 -2.90 -56.91
CA SER S 34 -12.42 -3.82 -56.14
C SER S 34 -11.53 -4.74 -55.32
N GLY S 35 -12.11 -5.32 -54.27
CA GLY S 35 -11.31 -6.15 -53.38
C GLY S 35 -11.01 -7.52 -53.95
N LEU S 36 -11.84 -8.01 -54.86
CA LEU S 36 -11.79 -9.39 -55.29
C LEU S 36 -11.49 -9.50 -56.79
N ARG S 37 -10.82 -10.60 -57.15
CA ARG S 37 -10.29 -10.76 -58.50
C ARG S 37 -11.38 -11.14 -59.50
N ILE S 38 -12.45 -11.77 -59.03
N ILE S 38 -12.45 -11.76 -59.04
CA ILE S 38 -13.46 -12.32 -59.94
CA ILE S 38 -13.46 -12.32 -59.94
C ILE S 38 -14.14 -11.21 -60.73
C ILE S 38 -14.14 -11.21 -60.73
N ASN S 39 -14.81 -10.30 -60.04
CA ASN S 39 -15.37 -9.08 -60.64
C ASN S 39 -16.35 -9.38 -61.77
N SER S 40 -17.50 -9.96 -61.41
CA SER S 40 -18.58 -10.14 -62.39
C SER S 40 -18.12 -11.02 -63.53
N ALA S 41 -17.98 -12.32 -63.28
CA ALA S 41 -17.02 -13.16 -63.98
C ALA S 41 -17.34 -13.40 -65.44
N LYS S 42 -16.98 -12.41 -66.27
CA LYS S 42 -16.59 -12.67 -67.65
C LYS S 42 -15.28 -13.45 -67.72
N ASP S 43 -14.55 -13.56 -66.60
CA ASP S 43 -13.27 -14.23 -66.55
C ASP S 43 -13.40 -15.70 -66.18
N ASP S 44 -13.96 -15.99 -65.00
CA ASP S 44 -14.03 -17.35 -64.48
C ASP S 44 -15.42 -17.58 -63.88
N ALA S 45 -16.35 -18.08 -64.69
CA ALA S 45 -17.71 -18.29 -64.23
C ALA S 45 -17.78 -19.36 -63.14
N ALA S 46 -17.01 -20.43 -63.29
CA ALA S 46 -17.04 -21.50 -62.30
C ALA S 46 -16.55 -21.00 -60.94
N GLY S 47 -15.46 -20.23 -60.93
CA GLY S 47 -14.99 -19.65 -59.68
C GLY S 47 -16.00 -18.71 -59.07
N GLN S 48 -16.71 -17.94 -59.90
CA GLN S 48 -17.72 -17.03 -59.39
C GLN S 48 -18.88 -17.80 -58.73
N ALA S 49 -19.34 -18.87 -59.38
CA ALA S 49 -20.41 -19.67 -58.79
C ALA S 49 -19.94 -20.33 -57.49
N ILE S 50 -18.71 -20.84 -57.48
CA ILE S 50 -18.18 -21.45 -56.26
C ILE S 50 -18.12 -20.43 -55.13
N ALA S 51 -17.63 -19.23 -55.42
CA ALA S 51 -17.56 -18.18 -54.40
C ALA S 51 -18.93 -17.76 -53.92
N ASN S 52 -19.91 -17.69 -54.84
CA ASN S 52 -21.27 -17.34 -54.44
C ASN S 52 -21.85 -18.39 -53.49
N ARG S 53 -21.67 -19.67 -53.82
CA ARG S 53 -22.14 -20.72 -52.92
C ARG S 53 -21.41 -20.67 -51.58
N PHE S 54 -20.12 -20.35 -51.60
CA PHE S 54 -19.36 -20.23 -50.36
C PHE S 54 -19.90 -19.10 -49.49
N THR S 55 -20.19 -17.95 -50.10
CA THR S 55 -20.78 -16.85 -49.35
C THR S 55 -22.12 -17.24 -48.76
N SER S 56 -22.96 -17.92 -49.55
CA SER S 56 -24.25 -18.35 -49.03
C SER S 56 -24.09 -19.28 -47.84
N ASN S 57 -23.18 -20.25 -47.94
CA ASN S 57 -22.98 -21.18 -46.84
C ASN S 57 -22.41 -20.50 -45.61
N ILE S 58 -21.47 -19.56 -45.79
CA ILE S 58 -20.86 -18.88 -44.65
C ILE S 58 -21.89 -18.03 -43.93
N LYS S 59 -22.69 -17.27 -44.67
CA LYS S 59 -23.71 -16.44 -44.04
C LYS S 59 -24.76 -17.31 -43.36
N GLY S 60 -25.13 -18.44 -43.98
CA GLY S 60 -26.05 -19.37 -43.34
C GLY S 60 -25.50 -19.92 -42.05
N LEU S 61 -24.20 -20.26 -42.03
CA LEU S 61 -23.59 -20.78 -40.81
C LEU S 61 -23.54 -19.71 -39.72
N THR S 62 -23.24 -18.46 -40.11
CA THR S 62 -23.25 -17.38 -39.13
C THR S 62 -24.64 -17.21 -38.52
N GLN S 63 -25.68 -17.20 -39.35
CA GLN S 63 -27.04 -17.08 -38.83
C GLN S 63 -27.42 -18.30 -37.98
N ALA S 64 -26.93 -19.48 -38.35
CA ALA S 64 -27.24 -20.68 -37.57
C ALA S 64 -26.57 -20.63 -36.21
N ALA S 65 -25.31 -20.18 -36.15
CA ALA S 65 -24.65 -20.01 -34.86
C ALA S 65 -25.36 -18.98 -34.02
N ARG S 66 -25.85 -17.90 -34.64
CA ARG S 66 -26.64 -16.92 -33.92
C ARG S 66 -27.93 -17.54 -33.37
N ASN S 67 -28.59 -18.37 -34.18
CA ASN S 67 -29.80 -19.05 -33.72
C ASN S 67 -29.50 -19.95 -32.55
N ALA S 68 -28.37 -20.66 -32.59
CA ALA S 68 -27.98 -21.52 -31.48
C ALA S 68 -27.72 -20.71 -30.22
N ASN S 69 -27.05 -19.55 -30.37
CA ASN S 69 -26.79 -18.70 -29.21
C ASN S 69 -28.08 -18.12 -28.65
N ASP S 70 -29.06 -17.86 -29.52
CA ASP S 70 -30.36 -17.40 -29.04
C ASP S 70 -31.10 -18.50 -28.31
N GLY S 71 -31.00 -19.74 -28.80
CA GLY S 71 -31.72 -20.85 -28.20
C GLY S 71 -31.12 -21.30 -26.88
N ILE S 72 -29.79 -21.25 -26.76
CA ILE S 72 -29.14 -21.76 -25.56
C ILE S 72 -29.57 -20.99 -24.33
N SER S 73 -29.97 -19.73 -24.51
CA SER S 73 -30.45 -18.94 -23.37
C SER S 73 -31.72 -19.55 -22.77
N VAL S 74 -32.52 -20.22 -23.59
CA VAL S 74 -33.76 -20.82 -23.10
C VAL S 74 -33.46 -21.87 -22.03
N ALA S 75 -32.44 -22.69 -22.27
CA ALA S 75 -32.10 -23.75 -21.33
C ALA S 75 -31.73 -23.19 -19.96
N GLN S 76 -30.86 -22.19 -19.93
CA GLN S 76 -30.43 -21.64 -18.65
C GLN S 76 -31.56 -20.84 -17.99
N THR S 77 -32.40 -20.18 -18.79
CA THR S 77 -33.55 -19.48 -18.23
C THR S 77 -34.49 -20.45 -17.54
N THR S 78 -34.75 -21.60 -18.16
CA THR S 78 -35.58 -22.62 -17.52
C THR S 78 -34.89 -23.21 -16.29
N GLU S 79 -33.59 -23.48 -16.39
CA GLU S 79 -32.86 -24.05 -15.27
C GLU S 79 -32.87 -23.13 -14.06
N GLY S 80 -32.91 -21.81 -14.30
CA GLY S 80 -33.01 -20.87 -13.20
C GLY S 80 -34.25 -21.09 -12.36
N ALA S 81 -35.41 -21.25 -13.02
CA ALA S 81 -36.65 -21.52 -12.29
C ALA S 81 -36.64 -22.92 -11.69
N LEU S 82 -35.98 -23.86 -12.36
CA LEU S 82 -35.88 -25.22 -11.81
C LEU S 82 -35.19 -25.22 -10.45
N SER S 83 -34.12 -24.42 -10.30
CA SER S 83 -33.44 -24.34 -9.02
C SER S 83 -34.36 -23.81 -7.93
N GLU S 84 -35.14 -22.77 -8.25
CA GLU S 84 -36.05 -22.19 -7.26
C GLU S 84 -37.13 -23.19 -6.87
N ILE S 85 -37.61 -23.98 -7.83
CA ILE S 85 -38.55 -25.05 -7.51
C ILE S 85 -37.90 -26.08 -6.61
N ASN S 86 -36.63 -26.41 -6.89
CA ASN S 86 -35.92 -27.38 -6.08
C ASN S 86 -35.78 -26.92 -4.64
N ASN S 87 -35.50 -25.63 -4.43
CA ASN S 87 -35.38 -25.12 -3.07
C ASN S 87 -36.69 -25.26 -2.31
N ASN S 88 -37.81 -24.94 -2.96
CA ASN S 88 -39.10 -25.07 -2.29
C ASN S 88 -39.42 -26.52 -1.99
N LEU S 89 -39.06 -27.44 -2.90
CA LEU S 89 -39.23 -28.86 -2.62
C LEU S 89 -38.40 -29.29 -1.42
N GLN S 90 -37.15 -28.80 -1.35
CA GLN S 90 -36.30 -29.10 -0.20
C GLN S 90 -36.93 -28.62 1.08
N ARG S 91 -37.47 -27.40 1.07
CA ARG S 91 -38.11 -26.85 2.26
C ARG S 91 -39.35 -27.65 2.64
N ILE S 92 -40.10 -28.10 1.63
CA ILE S 92 -41.31 -28.90 1.88
C ILE S 92 -40.93 -30.19 2.58
N ARG S 93 -39.89 -30.87 2.08
CA ARG S 93 -39.40 -32.07 2.73
C ARG S 93 -38.93 -31.77 4.16
N GLU S 94 -38.28 -30.62 4.33
CA GLU S 94 -37.82 -30.21 5.65
C GLU S 94 -38.97 -30.13 6.65
N LEU S 95 -40.02 -29.39 6.33
CA LEU S 95 -41.07 -29.25 7.35
C LEU S 95 -41.96 -30.49 7.40
N THR S 96 -41.94 -31.32 6.37
CA THR S 96 -42.59 -32.62 6.46
C THR S 96 -41.92 -33.48 7.53
N VAL S 97 -40.59 -33.45 7.57
CA VAL S 97 -39.87 -34.17 8.63
C VAL S 97 -40.31 -33.69 10.00
N GLN S 98 -40.45 -32.37 10.16
CA GLN S 98 -40.88 -31.82 11.45
C GLN S 98 -42.30 -32.24 11.79
N ALA S 99 -43.20 -32.20 10.81
CA ALA S 99 -44.60 -32.50 11.08
C ALA S 99 -44.82 -33.99 11.29
N SER S 100 -43.85 -34.82 10.89
CA SER S 100 -44.00 -36.26 11.04
C SER S 100 -44.14 -36.66 12.51
N THR S 101 -43.33 -36.06 13.39
CA THR S 101 -43.37 -36.42 14.79
C THR S 101 -44.69 -35.98 15.43
N GLY S 102 -45.25 -36.83 16.28
CA GLY S 102 -46.56 -36.58 16.86
C GLY S 102 -46.57 -35.59 17.99
N THR S 103 -45.39 -35.13 18.44
CA THR S 103 -45.36 -34.16 19.53
C THR S 103 -46.05 -32.86 19.14
N ASN S 104 -46.06 -32.53 17.86
CA ASN S 104 -46.72 -31.34 17.39
C ASN S 104 -48.24 -31.45 17.58
N SER S 105 -48.86 -30.35 17.99
CA SER S 105 -50.29 -30.34 18.22
C SER S 105 -51.04 -30.16 16.90
N ASP S 106 -52.37 -30.10 17.01
CA ASP S 106 -53.19 -29.93 15.82
C ASP S 106 -53.00 -28.55 15.21
N SER S 107 -52.87 -27.51 16.04
CA SER S 107 -52.59 -26.18 15.53
C SER S 107 -51.22 -26.12 14.88
N ASP S 108 -50.26 -26.86 15.43
CA ASP S 108 -48.94 -26.96 14.81
C ASP S 108 -49.06 -27.49 13.39
N LEU S 109 -49.80 -28.59 13.22
CA LEU S 109 -49.98 -29.18 11.90
C LEU S 109 -50.76 -28.25 10.99
N ASP S 110 -51.69 -27.47 11.55
CA ASP S 110 -52.44 -26.53 10.73
C ASP S 110 -51.54 -25.43 10.18
N SER S 111 -50.69 -24.85 11.01
CA SER S 111 -49.74 -23.85 10.54
C SER S 111 -48.76 -24.46 9.54
N ILE S 112 -48.31 -25.68 9.81
CA ILE S 112 -47.40 -26.35 8.90
C ILE S 112 -48.06 -26.52 7.53
N GLN S 113 -49.29 -27.03 7.51
CA GLN S 113 -50.04 -27.20 6.28
C GLN S 113 -50.25 -25.87 5.57
N ASP S 114 -50.43 -24.79 6.33
CA ASP S 114 -50.49 -23.47 5.70
C ASP S 114 -49.20 -23.16 4.96
N GLU S 115 -48.06 -23.52 5.56
CA GLU S 115 -46.77 -23.29 4.89
C GLU S 115 -46.64 -24.12 3.62
N ILE S 116 -47.04 -25.41 3.67
CA ILE S 116 -47.05 -26.21 2.44
C ILE S 116 -47.97 -25.61 1.39
N LYS S 117 -49.14 -25.12 1.81
CA LYS S 117 -50.07 -24.52 0.85
C LYS S 117 -49.42 -23.33 0.18
N SER S 118 -48.74 -22.49 0.95
CA SER S 118 -48.02 -21.35 0.39
C SER S 118 -46.97 -21.79 -0.61
N ARG S 119 -46.16 -22.79 -0.24
CA ARG S 119 -45.08 -23.22 -1.13
C ARG S 119 -45.61 -23.83 -2.42
N LEU S 120 -46.66 -24.64 -2.34
CA LEU S 120 -47.23 -25.23 -3.55
C LEU S 120 -47.90 -24.19 -4.43
N ASP S 121 -48.54 -23.19 -3.83
CA ASP S 121 -49.08 -22.10 -4.62
C ASP S 121 -47.98 -21.36 -5.36
N GLU S 122 -46.85 -21.11 -4.68
CA GLU S 122 -45.74 -20.44 -5.34
C GLU S 122 -45.15 -21.30 -6.45
N ILE S 123 -45.08 -22.62 -6.23
CA ILE S 123 -44.57 -23.52 -7.27
C ILE S 123 -45.48 -23.47 -8.50
N ASP S 124 -46.79 -23.50 -8.29
CA ASP S 124 -47.70 -23.38 -9.42
C ASP S 124 -47.55 -22.04 -10.11
N ARG S 125 -47.36 -20.97 -9.34
CA ARG S 125 -47.20 -19.64 -9.92
C ARG S 125 -45.94 -19.57 -10.78
N VAL S 126 -44.82 -20.10 -10.29
CA VAL S 126 -43.58 -20.06 -11.07
C VAL S 126 -43.69 -20.96 -12.30
N SER S 127 -44.42 -22.07 -12.18
CA SER S 127 -44.68 -22.90 -13.35
C SER S 127 -45.43 -22.12 -14.42
N GLY S 128 -46.45 -21.36 -14.00
CA GLY S 128 -47.24 -20.60 -14.95
C GLY S 128 -46.50 -19.43 -15.55
N GLN S 129 -45.66 -18.75 -14.75
CA GLN S 129 -45.19 -17.43 -15.15
C GLN S 129 -43.85 -17.48 -15.89
N THR S 130 -43.01 -18.46 -15.58
CA THR S 130 -41.70 -18.53 -16.23
C THR S 130 -41.87 -18.67 -17.74
N GLN S 131 -41.37 -17.67 -18.48
CA GLN S 131 -41.58 -17.61 -19.92
C GLN S 131 -40.33 -17.11 -20.60
N PHE S 132 -40.19 -17.47 -21.87
CA PHE S 132 -39.09 -17.01 -22.72
C PHE S 132 -39.67 -16.57 -24.06
N ASN S 133 -39.47 -15.32 -24.41
CA ASN S 133 -39.94 -14.76 -25.68
C ASN S 133 -41.44 -14.94 -25.84
N GLY S 134 -42.17 -14.77 -24.75
CA GLY S 134 -43.62 -14.90 -24.77
C GLY S 134 -44.14 -16.32 -24.80
N VAL S 135 -43.26 -17.32 -24.72
CA VAL S 135 -43.65 -18.72 -24.75
C VAL S 135 -43.36 -19.31 -23.37
N ASN S 136 -44.39 -19.84 -22.72
CA ASN S 136 -44.24 -20.44 -21.41
C ASN S 136 -43.50 -21.76 -21.54
N VAL S 137 -42.31 -21.84 -20.94
CA VAL S 137 -41.47 -23.02 -21.09
C VAL S 137 -42.06 -24.23 -20.36
N LEU S 138 -42.62 -24.01 -19.16
CA LEU S 138 -43.04 -25.09 -18.30
C LEU S 138 -44.55 -25.23 -18.19
N ALA S 139 -45.33 -24.43 -18.92
CA ALA S 139 -46.78 -24.54 -18.82
C ALA S 139 -47.30 -25.80 -19.50
N LYS S 140 -46.80 -26.10 -20.71
CA LYS S 140 -47.28 -27.23 -21.48
C LYS S 140 -46.09 -28.05 -21.97
N ASP S 141 -46.32 -29.35 -22.13
CA ASP S 141 -45.31 -30.23 -22.68
C ASP S 141 -45.14 -29.96 -24.17
N GLY S 142 -43.90 -30.01 -24.64
CA GLY S 142 -43.63 -29.76 -26.05
C GLY S 142 -42.16 -29.89 -26.35
N SER S 143 -41.83 -29.81 -27.63
CA SER S 143 -40.46 -29.90 -28.11
C SER S 143 -40.16 -28.73 -29.02
N MET S 144 -39.01 -28.09 -28.80
CA MET S 144 -38.56 -26.98 -29.61
C MET S 144 -37.33 -27.41 -30.42
N LYS S 145 -37.35 -27.14 -31.71
CA LYS S 145 -36.25 -27.47 -32.60
C LYS S 145 -35.50 -26.18 -32.95
N ILE S 146 -34.18 -26.21 -32.76
CA ILE S 146 -33.33 -25.04 -33.00
C ILE S 146 -32.49 -25.30 -34.24
N GLN S 147 -32.68 -24.47 -35.26
CA GLN S 147 -31.99 -24.64 -36.53
C GLN S 147 -30.54 -24.18 -36.38
N VAL S 148 -29.61 -25.09 -36.63
CA VAL S 148 -28.18 -24.84 -36.42
C VAL S 148 -27.34 -25.19 -37.65
N GLY S 149 -27.94 -25.19 -38.83
CA GLY S 149 -27.20 -25.55 -40.04
C GLY S 149 -27.67 -24.73 -41.23
N ALA S 150 -26.72 -24.47 -42.13
CA ALA S 150 -27.04 -23.74 -43.35
C ALA S 150 -27.99 -24.54 -44.22
N ASN S 151 -27.81 -25.86 -44.28
CA ASN S 151 -28.67 -26.71 -45.10
C ASN S 151 -30.08 -26.79 -44.51
N ASP S 152 -31.05 -27.08 -45.37
CA ASP S 152 -32.43 -27.16 -44.93
C ASP S 152 -32.70 -28.44 -44.15
N GLY S 153 -33.63 -28.37 -43.20
CA GLY S 153 -34.11 -29.54 -42.51
C GLY S 153 -33.20 -30.09 -41.43
N GLN S 154 -32.26 -29.31 -40.92
CA GLN S 154 -31.36 -29.76 -39.86
C GLN S 154 -31.59 -28.91 -38.62
N THR S 155 -31.70 -29.57 -37.46
CA THR S 155 -32.02 -28.91 -36.21
C THR S 155 -31.53 -29.76 -35.05
N ILE S 156 -31.49 -29.14 -33.88
CA ILE S 156 -31.15 -29.82 -32.63
C ILE S 156 -32.34 -29.68 -31.69
N THR S 157 -32.74 -30.80 -31.07
CA THR S 157 -33.97 -30.82 -30.31
C THR S 157 -33.73 -30.51 -28.83
N ILE S 158 -34.51 -29.58 -28.30
CA ILE S 158 -34.61 -29.35 -26.86
C ILE S 158 -36.05 -29.63 -26.45
N ASP S 159 -36.22 -30.52 -25.48
CA ASP S 159 -37.54 -30.98 -25.05
C ASP S 159 -37.92 -30.26 -23.77
N LEU S 160 -39.14 -29.73 -23.74
CA LEU S 160 -39.68 -29.06 -22.56
C LEU S 160 -40.83 -29.86 -22.00
N LYS S 161 -40.72 -30.25 -20.74
CA LYS S 161 -41.76 -31.01 -20.04
C LYS S 161 -42.45 -30.09 -19.05
N LYS S 162 -43.78 -30.08 -19.07
CA LYS S 162 -44.52 -29.24 -18.15
C LYS S 162 -44.24 -29.67 -16.71
N ILE S 163 -44.01 -28.67 -15.85
CA ILE S 163 -43.61 -28.92 -14.48
C ILE S 163 -44.49 -28.11 -13.54
N ASP S 164 -45.54 -28.73 -13.03
CA ASP S 164 -46.40 -28.08 -12.06
C ASP S 164 -46.58 -28.96 -10.83
N SER S 165 -47.28 -28.42 -9.83
CA SER S 165 -47.51 -29.16 -8.60
C SER S 165 -48.29 -30.45 -8.85
N ASP S 166 -49.31 -30.38 -9.70
CA ASP S 166 -50.12 -31.56 -9.97
C ASP S 166 -49.34 -32.60 -10.78
N THR S 167 -48.60 -32.16 -11.79
CA THR S 167 -47.93 -33.11 -12.69
C THR S 167 -46.89 -33.93 -11.94
N LEU S 168 -46.11 -33.28 -11.08
CA LEU S 168 -45.05 -34.01 -10.37
C LEU S 168 -45.61 -34.98 -9.34
N GLY S 169 -46.89 -34.89 -9.05
CA GLY S 169 -47.41 -35.74 -8.01
C GLY S 169 -48.52 -35.06 -7.22
N LEU S 170 -48.25 -34.89 -5.93
CA LEU S 170 -49.22 -34.85 -4.84
C LEU S 170 -50.46 -34.03 -5.19
N ASN S 171 -50.35 -32.71 -5.42
CA ASN S 171 -51.47 -31.84 -5.76
C ASN S 171 -52.46 -31.76 -4.58
N GLY S 172 -52.23 -32.57 -3.56
CA GLY S 172 -53.13 -32.63 -2.42
C GLY S 172 -52.39 -32.90 -1.12
N PHE S 173 -51.14 -32.50 -1.03
CA PHE S 173 -50.25 -32.86 0.07
C PHE S 173 -50.83 -32.33 1.37
N ASN S 174 -51.15 -33.24 2.28
CA ASN S 174 -51.77 -32.91 3.56
C ASN S 174 -51.03 -33.64 4.67
N VAL S 175 -50.78 -32.94 5.77
CA VAL S 175 -50.12 -33.52 6.93
C VAL S 175 -50.92 -33.38 8.21
N ASN S 176 -52.01 -32.60 8.21
CA ASN S 176 -52.82 -32.40 9.39
C ASN S 176 -54.08 -33.26 9.38
N GLY S 177 -54.21 -34.18 8.44
CA GLY S 177 -55.39 -35.03 8.35
C GLY S 177 -56.61 -34.28 7.84
N GLU S 455 -57.74 -36.69 4.82
CA GLU S 455 -56.78 -37.72 5.23
C GLU S 455 -55.36 -37.32 4.86
N SER S 456 -54.42 -37.61 5.76
CA SER S 456 -53.02 -37.25 5.53
C SER S 456 -52.43 -38.10 4.42
N THR S 457 -51.32 -37.61 3.86
CA THR S 457 -50.62 -38.35 2.81
C THR S 457 -50.10 -39.67 3.34
N SER S 458 -50.28 -40.73 2.54
CA SER S 458 -49.88 -42.07 2.98
C SER S 458 -48.38 -42.18 3.17
N ASP S 459 -47.61 -41.63 2.24
CA ASP S 459 -46.15 -41.71 2.32
C ASP S 459 -45.54 -40.41 1.79
N PRO S 460 -45.56 -39.35 2.59
CA PRO S 460 -45.12 -38.04 2.09
C PRO S 460 -43.68 -38.01 1.59
N LEU S 461 -42.75 -38.62 2.32
CA LEU S 461 -41.34 -38.44 2.00
C LEU S 461 -40.95 -39.15 0.71
N ALA S 462 -41.51 -40.35 0.48
CA ALA S 462 -41.23 -41.04 -0.78
C ALA S 462 -41.75 -40.26 -1.98
N ALA S 463 -42.97 -39.71 -1.87
CA ALA S 463 -43.51 -38.90 -2.96
C ALA S 463 -42.67 -37.65 -3.19
N LEU S 464 -42.22 -37.01 -2.11
CA LEU S 464 -41.36 -35.83 -2.26
C LEU S 464 -40.05 -36.19 -2.92
N ASP S 465 -39.46 -37.33 -2.56
CA ASP S 465 -38.24 -37.79 -3.20
C ASP S 465 -38.46 -38.05 -4.68
N ASP S 466 -39.60 -38.65 -5.04
CA ASP S 466 -39.92 -38.86 -6.45
C ASP S 466 -40.04 -37.54 -7.19
N ALA S 467 -40.69 -36.55 -6.56
CA ALA S 467 -40.81 -35.24 -7.19
C ALA S 467 -39.45 -34.60 -7.40
N ILE S 468 -38.56 -34.73 -6.42
CA ILE S 468 -37.20 -34.20 -6.57
C ILE S 468 -36.46 -34.93 -7.68
N SER S 469 -36.67 -36.25 -7.80
CA SER S 469 -36.01 -37.02 -8.83
C SER S 469 -36.44 -36.57 -10.22
N GLN S 470 -37.73 -36.30 -10.39
CA GLN S 470 -38.19 -35.79 -11.69
C GLN S 470 -37.50 -34.47 -12.04
N ILE S 471 -37.38 -33.57 -11.06
CA ILE S 471 -36.75 -32.28 -11.29
C ILE S 471 -35.28 -32.46 -11.64
N ASP S 472 -34.61 -33.38 -10.95
CA ASP S 472 -33.19 -33.63 -11.22
C ASP S 472 -33.00 -34.22 -12.62
N LYS S 473 -33.91 -35.11 -13.04
CA LYS S 473 -33.85 -35.63 -14.40
C LYS S 473 -34.00 -34.52 -15.43
N PHE S 474 -34.94 -33.61 -15.19
CA PHE S 474 -35.12 -32.49 -16.10
C PHE S 474 -33.87 -31.61 -16.14
N ARG S 475 -33.25 -31.39 -14.97
CA ARG S 475 -32.00 -30.63 -14.92
C ARG S 475 -30.92 -31.31 -15.73
N SER S 476 -30.82 -32.64 -15.61
CA SER S 476 -29.80 -33.37 -16.35
C SER S 476 -30.01 -33.25 -17.85
N SER S 477 -31.27 -33.34 -18.30
CA SER S 477 -31.55 -33.17 -19.72
C SER S 477 -31.16 -31.78 -20.20
N LEU S 478 -31.51 -30.75 -19.42
CA LEU S 478 -31.15 -29.38 -19.81
C LEU S 478 -29.64 -29.19 -19.84
N GLY S 479 -28.93 -29.75 -18.87
CA GLY S 479 -27.47 -29.65 -18.89
C GLY S 479 -26.85 -30.34 -20.09
N ALA S 480 -27.38 -31.52 -20.45
CA ALA S 480 -26.88 -32.23 -21.62
C ALA S 480 -27.09 -31.40 -22.88
N VAL S 481 -28.28 -30.82 -23.04
CA VAL S 481 -28.53 -30.03 -24.24
C VAL S 481 -27.70 -28.76 -24.23
N GLN S 482 -27.39 -28.22 -23.04
CA GLN S 482 -26.51 -27.06 -22.97
C GLN S 482 -25.10 -27.40 -23.45
N ASN S 483 -24.56 -28.53 -23.01
CA ASN S 483 -23.25 -28.95 -23.50
C ASN S 483 -23.28 -29.17 -25.00
N ARG S 484 -24.35 -29.81 -25.50
CA ARG S 484 -24.48 -30.03 -26.93
C ARG S 484 -24.51 -28.71 -27.69
N LEU S 485 -25.24 -27.71 -27.17
CA LEU S 485 -25.34 -26.42 -27.86
C LEU S 485 -24.01 -25.70 -27.86
N ASP S 486 -23.26 -25.78 -26.75
CA ASP S 486 -21.93 -25.18 -26.72
C ASP S 486 -21.03 -25.82 -27.77
N SER S 487 -21.06 -27.15 -27.86
CA SER S 487 -20.27 -27.84 -28.87
C SER S 487 -20.70 -27.43 -30.28
N ALA S 488 -22.01 -27.30 -30.50
CA ALA S 488 -22.50 -26.89 -31.81
C ALA S 488 -22.04 -25.49 -32.16
N VAL S 489 -22.07 -24.57 -31.20
CA VAL S 489 -21.66 -23.20 -31.46
C VAL S 489 -20.17 -23.14 -31.82
N THR S 490 -19.33 -23.81 -31.04
CA THR S 490 -17.90 -23.78 -31.36
C THR S 490 -17.63 -24.48 -32.69
N ASN S 491 -18.39 -25.53 -33.00
CA ASN S 491 -18.29 -26.17 -34.30
C ASN S 491 -18.60 -25.20 -35.43
N LEU S 492 -19.71 -24.48 -35.31
CA LEU S 492 -20.09 -23.56 -36.38
C LEU S 492 -19.07 -22.45 -36.54
N ASN S 493 -18.55 -21.92 -35.43
CA ASN S 493 -17.55 -20.86 -35.53
C ASN S 493 -16.27 -21.37 -36.20
N ASN S 494 -15.78 -22.54 -35.77
CA ASN S 494 -14.54 -23.08 -36.33
C ASN S 494 -14.71 -23.43 -37.80
N THR S 495 -15.88 -23.95 -38.18
CA THR S 495 -16.11 -24.27 -39.59
C THR S 495 -16.25 -23.00 -40.42
N THR S 496 -16.89 -21.97 -39.86
CA THR S 496 -17.09 -20.72 -40.59
C THR S 496 -15.77 -20.03 -40.88
N THR S 497 -14.84 -20.01 -39.91
CA THR S 497 -13.58 -19.34 -40.17
C THR S 497 -12.79 -20.05 -41.26
N ASN S 498 -12.79 -21.39 -41.27
CA ASN S 498 -12.10 -22.12 -42.33
C ASN S 498 -12.78 -21.94 -43.67
N LEU S 499 -14.13 -21.86 -43.68
CA LEU S 499 -14.84 -21.63 -44.93
C LEU S 499 -14.52 -20.25 -45.49
N SER S 500 -14.41 -19.24 -44.62
CA SER S 500 -14.03 -17.91 -45.08
C SER S 500 -12.60 -17.91 -45.61
N GLU S 501 -11.69 -18.62 -44.94
CA GLU S 501 -10.32 -18.72 -45.45
C GLU S 501 -10.30 -19.39 -46.82
N ALA S 502 -11.09 -20.46 -46.99
CA ALA S 502 -11.16 -21.13 -48.29
C ALA S 502 -11.72 -20.20 -49.36
N GLN S 503 -12.75 -19.44 -49.02
CA GLN S 503 -13.32 -18.49 -49.98
C GLN S 503 -12.30 -17.43 -50.37
N SER S 504 -11.43 -17.04 -49.42
CA SER S 504 -10.48 -15.98 -49.69
C SER S 504 -9.57 -16.31 -50.86
N ARG S 505 -9.01 -17.52 -50.88
CA ARG S 505 -8.04 -17.87 -51.93
C ARG S 505 -8.70 -17.91 -53.30
N ILE S 506 -9.98 -18.29 -53.36
CA ILE S 506 -10.68 -18.35 -54.64
C ILE S 506 -10.89 -16.95 -55.19
N GLN S 507 -11.31 -16.01 -54.34
CA GLN S 507 -11.58 -14.63 -54.76
C GLN S 507 -10.80 -13.67 -53.86
N ASP S 508 -9.57 -13.37 -54.27
CA ASP S 508 -8.76 -12.36 -53.61
C ASP S 508 -8.02 -11.53 -54.66
N ALA S 509 -7.77 -10.27 -54.32
CA ALA S 509 -7.06 -9.40 -55.25
C ALA S 509 -5.65 -9.88 -55.49
N ASP S 510 -4.95 -10.28 -54.43
CA ASP S 510 -3.53 -10.64 -54.49
C ASP S 510 -2.73 -9.45 -55.03
N TYR S 511 -2.73 -8.39 -54.22
CA TYR S 511 -2.26 -7.07 -54.65
C TYR S 511 -0.82 -7.11 -55.13
N ALA S 512 -0.03 -8.07 -54.65
CA ALA S 512 1.39 -8.13 -54.98
C ALA S 512 1.60 -8.21 -56.50
N THR S 513 0.77 -8.98 -57.20
CA THR S 513 0.92 -9.06 -58.64
C THR S 513 0.13 -7.98 -59.34
N GLU S 514 -0.97 -7.51 -58.72
CA GLU S 514 -1.83 -6.53 -59.39
C GLU S 514 -1.16 -5.18 -59.50
N VAL S 515 -0.37 -4.79 -58.49
CA VAL S 515 0.36 -3.53 -58.58
C VAL S 515 1.35 -3.57 -59.74
N SER S 516 2.08 -4.68 -59.86
CA SER S 516 3.02 -4.83 -60.97
C SER S 516 2.30 -4.87 -62.31
N ASN S 517 1.13 -5.51 -62.37
CA ASN S 517 0.37 -5.53 -63.61
C ASN S 517 -0.11 -4.15 -64.01
N MET S 518 -0.55 -3.36 -63.04
CA MET S 518 -0.96 -1.99 -63.33
C MET S 518 0.22 -1.16 -63.84
N SER S 519 1.38 -1.29 -63.19
CA SER S 519 2.56 -0.57 -63.66
C SER S 519 2.94 -1.02 -65.07
N LYS S 520 2.85 -2.32 -65.34
CA LYS S 520 3.13 -2.86 -66.66
C LYS S 520 2.19 -2.25 -67.70
N ALA S 521 0.89 -2.25 -67.41
CA ALA S 521 -0.08 -1.72 -68.37
C ALA S 521 0.16 -0.24 -68.63
N GLN S 522 0.46 0.53 -67.58
CA GLN S 522 0.74 1.95 -67.78
C GLN S 522 1.98 2.15 -68.64
N ILE S 523 3.05 1.38 -68.38
CA ILE S 523 4.27 1.50 -69.17
C ILE S 523 3.99 1.17 -70.63
N ILE S 524 3.26 0.08 -70.88
CA ILE S 524 2.94 -0.30 -72.25
C ILE S 524 2.13 0.80 -72.93
N GLN S 525 1.18 1.38 -72.20
CA GLN S 525 0.36 2.45 -72.80
C GLN S 525 1.20 3.65 -73.19
N GLN S 526 2.06 4.12 -72.28
CA GLN S 526 2.89 5.28 -72.62
C GLN S 526 3.82 4.97 -73.78
N ALA S 527 4.43 3.79 -73.79
CA ALA S 527 5.33 3.43 -74.88
C ALA S 527 4.60 3.38 -76.21
N GLY S 528 3.41 2.77 -76.23
CA GLY S 528 2.65 2.69 -77.47
C GLY S 528 2.18 4.04 -77.94
N ASN S 529 1.71 4.89 -77.01
CA ASN S 529 1.26 6.22 -77.40
C ASN S 529 2.42 7.06 -77.91
N SER S 530 3.62 6.82 -77.39
CA SER S 530 4.79 7.54 -77.90
C SER S 530 5.17 7.04 -79.30
N VAL S 531 5.16 5.73 -79.51
CA VAL S 531 5.59 5.19 -80.80
C VAL S 531 4.55 5.49 -81.88
N LEU S 532 3.28 5.64 -81.51
CA LEU S 532 2.25 5.94 -82.49
C LEU S 532 2.49 7.29 -83.16
N ALA S 533 2.97 8.27 -82.38
CA ALA S 533 3.26 9.57 -82.96
C ALA S 533 4.33 9.49 -84.04
N LYS S 534 5.41 8.74 -83.78
CA LYS S 534 6.46 8.60 -84.77
C LYS S 534 5.98 7.78 -85.97
N ALA S 535 5.13 6.78 -85.73
CA ALA S 535 4.58 6.01 -86.84
C ALA S 535 3.73 6.89 -87.74
N ASN S 536 2.91 7.76 -87.15
CA ASN S 536 2.13 8.71 -87.95
C ASN S 536 3.05 9.73 -88.63
N GLN S 537 4.19 10.01 -88.00
CA GLN S 537 5.14 10.96 -88.58
C GLN S 537 5.81 10.41 -89.83
N VAL S 538 6.07 9.10 -89.85
CA VAL S 538 6.83 8.43 -90.91
C VAL S 538 6.55 8.95 -92.33
N PRO S 539 5.29 9.08 -92.78
CA PRO S 539 5.07 9.48 -94.18
C PRO S 539 5.35 10.95 -94.47
N GLN S 540 6.00 11.65 -93.53
CA GLN S 540 6.26 13.08 -93.73
C GLN S 540 7.20 13.32 -94.91
N GLN S 541 8.06 12.34 -95.23
CA GLN S 541 9.10 12.57 -96.22
C GLN S 541 8.52 12.74 -97.63
N VAL S 542 7.28 12.34 -97.85
CA VAL S 542 6.70 12.43 -99.18
C VAL S 542 6.57 13.89 -99.63
N LEU S 543 6.18 14.77 -98.71
CA LEU S 543 6.06 16.18 -99.05
C LEU S 543 7.41 16.77 -99.42
N SER S 544 8.46 16.37 -98.71
CA SER S 544 9.81 16.80 -99.10
C SER S 544 10.18 16.26 -100.48
N LEU S 545 9.77 15.02 -100.77
CA LEU S 545 10.04 14.45 -102.09
C LEU S 545 9.34 15.24 -103.18
N LEU S 546 8.13 15.75 -102.90
CA LEU S 546 7.38 16.47 -103.92
C LEU S 546 8.12 17.70 -104.41
N GLN S 547 8.72 18.46 -103.48
CA GLN S 547 9.53 19.61 -103.87
C GLN S 547 10.82 19.63 -103.06
N ALA T 2 1.78 -8.54 -47.84
CA ALA T 2 0.39 -9.00 -47.77
C ALA T 2 -0.26 -8.95 -49.15
N GLN T 3 -1.28 -9.79 -49.36
CA GLN T 3 -1.94 -9.82 -50.67
C GLN T 3 -3.47 -9.87 -50.55
N VAL T 4 -4.05 -9.47 -49.43
CA VAL T 4 -5.49 -9.51 -49.30
C VAL T 4 -5.93 -8.47 -48.29
N ILE T 5 -7.07 -7.84 -48.56
CA ILE T 5 -7.66 -6.86 -47.66
C ILE T 5 -9.03 -7.37 -47.22
N ASN T 6 -9.74 -8.03 -48.14
CA ASN T 6 -11.12 -8.43 -47.90
C ASN T 6 -11.26 -9.24 -46.62
N THR T 7 -10.43 -10.27 -46.47
CA THR T 7 -10.54 -11.19 -45.35
C THR T 7 -9.16 -11.36 -44.71
N ASN T 8 -9.02 -10.83 -43.49
CA ASN T 8 -7.80 -11.05 -42.70
C ASN T 8 -8.07 -12.26 -41.81
N SER T 9 -8.15 -13.44 -42.44
CA SER T 9 -8.38 -14.67 -41.69
C SER T 9 -7.30 -14.88 -40.65
N LEU T 10 -6.09 -14.40 -40.94
CA LEU T 10 -5.00 -14.46 -39.97
C LEU T 10 -5.39 -13.80 -38.66
N SER T 11 -6.01 -12.62 -38.74
CA SER T 11 -6.53 -11.99 -37.53
C SER T 11 -7.84 -12.65 -37.09
N LEU T 12 -8.57 -13.26 -38.03
CA LEU T 12 -9.89 -13.81 -37.73
C LEU T 12 -9.80 -14.98 -36.77
N ILE T 13 -8.77 -15.83 -36.92
CA ILE T 13 -8.67 -17.01 -36.07
C ILE T 13 -8.37 -16.61 -34.62
N THR T 14 -7.70 -15.47 -34.43
CA THR T 14 -7.47 -14.98 -33.08
C THR T 14 -8.79 -14.65 -32.39
N GLN T 15 -9.79 -14.23 -33.15
CA GLN T 15 -11.12 -14.00 -32.57
C GLN T 15 -11.70 -15.30 -32.03
N ASN T 16 -11.57 -16.40 -32.79
CA ASN T 16 -12.02 -17.69 -32.31
C ASN T 16 -11.28 -18.08 -31.04
N ASN T 17 -9.97 -17.81 -31.01
CA ASN T 17 -9.19 -18.09 -29.80
C ASN T 17 -9.73 -17.30 -28.61
N ILE T 18 -10.04 -16.02 -28.82
CA ILE T 18 -10.56 -15.18 -27.74
C ILE T 18 -11.89 -15.70 -27.24
N ASN T 19 -12.79 -16.09 -28.15
CA ASN T 19 -14.07 -16.62 -27.71
C ASN T 19 -13.90 -17.95 -26.96
N LYS T 20 -12.94 -18.77 -27.38
CA LYS T 20 -12.67 -20.01 -26.66
C LYS T 20 -12.18 -19.72 -25.24
N ASN T 21 -11.32 -18.71 -25.09
CA ASN T 21 -10.81 -18.39 -23.76
C ASN T 21 -11.87 -17.71 -22.89
N GLN T 22 -12.84 -17.05 -23.53
CA GLN T 22 -13.85 -16.30 -22.78
C GLN T 22 -14.71 -17.22 -21.92
N SER T 23 -15.09 -18.38 -22.45
CA SER T 23 -15.88 -19.32 -21.66
C SER T 23 -15.13 -19.81 -20.43
N ALA T 24 -13.84 -20.11 -20.60
CA ALA T 24 -13.03 -20.54 -19.47
C ALA T 24 -12.91 -19.44 -18.43
N LEU T 25 -12.69 -18.20 -18.87
CA LEU T 25 -12.61 -17.09 -17.91
C LEU T 25 -13.92 -16.92 -17.15
N SER T 26 -15.05 -16.94 -17.86
CA SER T 26 -16.33 -16.75 -17.20
C SER T 26 -16.62 -17.87 -16.22
N SER T 27 -16.35 -19.12 -16.61
CA SER T 27 -16.58 -20.24 -15.71
C SER T 27 -15.69 -20.14 -14.47
N SER T 28 -14.42 -19.78 -14.66
CA SER T 28 -13.52 -19.64 -13.51
C SER T 28 -14.00 -18.56 -12.56
N ILE T 29 -14.42 -17.41 -13.10
CA ILE T 29 -14.87 -16.32 -12.23
C ILE T 29 -16.14 -16.71 -11.48
N GLU T 30 -17.11 -17.30 -12.18
CA GLU T 30 -18.37 -17.64 -11.51
C GLU T 30 -18.16 -18.74 -10.47
N ARG T 31 -17.25 -19.67 -10.75
CA ARG T 31 -16.92 -20.69 -9.76
C ARG T 31 -16.16 -20.10 -8.58
N LEU T 32 -15.41 -19.03 -8.83
CA LEU T 32 -14.69 -18.37 -7.75
C LEU T 32 -15.63 -17.57 -6.85
N SER T 33 -16.71 -17.04 -7.45
CA SER T 33 -17.61 -16.16 -6.69
C SER T 33 -18.27 -16.89 -5.53
N SER T 34 -18.74 -18.11 -5.76
CA SER T 34 -19.41 -18.89 -4.73
C SER T 34 -18.58 -20.13 -4.40
N GLY T 35 -18.85 -20.69 -3.21
CA GLY T 35 -18.09 -21.85 -2.78
C GLY T 35 -18.33 -23.07 -3.65
N LEU T 36 -19.53 -23.17 -4.22
CA LEU T 36 -19.86 -24.34 -5.04
C LEU T 36 -19.06 -24.33 -6.33
N ARG T 37 -18.51 -25.49 -6.68
CA ARG T 37 -17.94 -25.66 -8.02
C ARG T 37 -19.06 -25.81 -9.05
N ILE T 38 -20.19 -26.38 -8.64
N ILE T 38 -20.19 -26.39 -8.64
CA ILE T 38 -21.24 -26.75 -9.58
CA ILE T 38 -21.24 -26.75 -9.59
C ILE T 38 -21.80 -25.51 -10.27
C ILE T 38 -21.80 -25.51 -10.28
N ASN T 39 -22.43 -24.63 -9.51
CA ASN T 39 -22.89 -23.33 -10.03
C ASN T 39 -23.85 -23.49 -11.22
N SER T 40 -25.05 -24.02 -10.95
CA SER T 40 -26.06 -24.16 -11.99
C SER T 40 -25.62 -25.12 -13.09
N ALA T 41 -25.68 -26.42 -12.80
CA ALA T 41 -24.86 -27.43 -13.45
C ALA T 41 -25.14 -27.65 -14.92
N LYS T 42 -24.55 -26.78 -15.76
CA LYS T 42 -24.18 -27.16 -17.11
C LYS T 42 -23.08 -28.21 -17.09
N ASP T 43 -22.39 -28.36 -15.95
CA ASP T 43 -21.39 -29.39 -15.72
C ASP T 43 -22.06 -30.71 -15.37
N ASP T 44 -21.29 -31.65 -14.83
CA ASP T 44 -21.80 -32.99 -14.51
C ASP T 44 -23.08 -32.90 -13.70
N ALA T 45 -24.19 -33.36 -14.30
CA ALA T 45 -25.49 -33.29 -13.64
C ALA T 45 -25.62 -34.34 -12.56
N ALA T 46 -24.93 -35.47 -12.71
CA ALA T 46 -25.01 -36.53 -11.71
C ALA T 46 -24.51 -36.04 -10.35
N GLY T 47 -23.39 -35.31 -10.34
CA GLY T 47 -22.93 -34.72 -9.09
C GLY T 47 -23.92 -33.73 -8.51
N GLN T 48 -24.58 -32.96 -9.37
CA GLN T 48 -25.61 -32.03 -8.90
C GLN T 48 -26.75 -32.77 -8.22
N ALA T 49 -27.23 -33.85 -8.83
CA ALA T 49 -28.31 -34.62 -8.22
C ALA T 49 -27.87 -35.25 -6.91
N ILE T 50 -26.64 -35.79 -6.87
CA ILE T 50 -26.14 -36.40 -5.65
C ILE T 50 -26.05 -35.37 -4.53
N ALA T 51 -25.52 -34.19 -4.82
CA ALA T 51 -25.44 -33.14 -3.81
C ALA T 51 -26.83 -32.69 -3.38
N ASN T 52 -27.78 -32.61 -4.32
CA ASN T 52 -29.14 -32.24 -3.97
C ASN T 52 -29.75 -33.23 -2.99
N ARG T 53 -29.53 -34.53 -3.23
CA ARG T 53 -30.06 -35.54 -2.30
C ARG T 53 -29.35 -35.48 -0.96
N PHE T 54 -28.05 -35.20 -0.97
CA PHE T 54 -27.32 -35.05 0.30
C PHE T 54 -27.86 -33.89 1.13
N THR T 55 -28.22 -32.79 0.47
CA THR T 55 -28.83 -31.68 1.20
C THR T 55 -30.11 -32.13 1.89
N SER T 56 -30.96 -32.87 1.18
CA SER T 56 -32.19 -33.39 1.76
C SER T 56 -31.90 -34.25 2.98
N ASN T 57 -30.94 -35.18 2.85
CA ASN T 57 -30.64 -36.07 3.97
C ASN T 57 -30.10 -35.30 5.16
N ILE T 58 -29.20 -34.35 4.94
CA ILE T 58 -28.58 -33.62 6.04
C ILE T 58 -29.61 -32.76 6.76
N LYS T 59 -30.43 -32.05 6.00
CA LYS T 59 -31.46 -31.22 6.62
C LYS T 59 -32.48 -32.05 7.39
N GLY T 60 -32.88 -33.19 6.81
CA GLY T 60 -33.77 -34.08 7.54
C GLY T 60 -33.14 -34.60 8.81
N LEU T 61 -31.84 -34.91 8.79
CA LEU T 61 -31.17 -35.39 9.98
C LEU T 61 -31.13 -34.33 11.07
N THR T 62 -30.86 -33.07 10.68
CA THR T 62 -30.86 -31.99 11.67
C THR T 62 -32.23 -31.82 12.30
N GLN T 63 -33.28 -31.81 11.46
CA GLN T 63 -34.63 -31.69 12.00
C GLN T 63 -34.97 -32.87 12.90
N ALA T 64 -34.50 -34.07 12.53
CA ALA T 64 -34.77 -35.25 13.34
C ALA T 64 -34.08 -35.16 14.70
N ALA T 65 -32.87 -34.63 14.74
CA ALA T 65 -32.18 -34.44 16.02
C ALA T 65 -32.94 -33.45 16.89
N ARG T 66 -33.40 -32.34 16.30
CA ARG T 66 -34.22 -31.40 17.05
C ARG T 66 -35.49 -32.08 17.58
N ASN T 67 -36.11 -32.92 16.75
CA ASN T 67 -37.31 -33.62 17.14
C ASN T 67 -37.05 -34.57 18.31
N ALA T 68 -35.91 -35.26 18.27
CA ALA T 68 -35.57 -36.18 19.36
C ALA T 68 -35.33 -35.44 20.67
N ASN T 69 -34.70 -34.26 20.60
CA ASN T 69 -34.54 -33.46 21.82
C ASN T 69 -35.90 -33.02 22.35
N ASP T 70 -36.79 -32.57 21.46
CA ASP T 70 -38.14 -32.19 21.89
C ASP T 70 -38.84 -33.37 22.54
N GLY T 71 -38.63 -34.57 22.01
CA GLY T 71 -39.23 -35.75 22.61
C GLY T 71 -38.69 -36.06 23.99
N ILE T 72 -37.36 -35.99 24.16
CA ILE T 72 -36.75 -36.36 25.44
C ILE T 72 -37.15 -35.37 26.52
N SER T 73 -37.46 -34.13 26.14
CA SER T 73 -38.01 -33.19 27.12
C SER T 73 -39.28 -33.73 27.77
N VAL T 74 -40.15 -34.36 26.96
CA VAL T 74 -41.39 -34.94 27.47
C VAL T 74 -41.09 -36.02 28.49
N ALA T 75 -40.13 -36.89 28.19
CA ALA T 75 -39.77 -37.96 29.10
C ALA T 75 -39.24 -37.40 30.42
N GLN T 76 -38.43 -36.36 30.35
CA GLN T 76 -37.93 -35.74 31.59
C GLN T 76 -39.08 -35.20 32.43
N THR T 77 -40.02 -34.50 31.80
CA THR T 77 -41.17 -33.95 32.55
C THR T 77 -41.98 -35.07 33.19
N THR T 78 -42.25 -36.13 32.43
CA THR T 78 -43.02 -37.25 32.96
C THR T 78 -42.28 -37.92 34.12
N GLU T 79 -40.96 -38.05 34.02
CA GLU T 79 -40.21 -38.65 35.11
C GLU T 79 -40.25 -37.79 36.37
N GLY T 80 -40.23 -36.47 36.22
CA GLY T 80 -40.38 -35.61 37.38
C GLY T 80 -41.75 -35.77 38.05
N ALA T 81 -42.80 -35.82 37.24
CA ALA T 81 -44.13 -36.06 37.80
C ALA T 81 -44.20 -37.40 38.53
N LEU T 82 -43.61 -38.43 37.93
CA LEU T 82 -43.52 -39.73 38.58
C LEU T 82 -42.78 -39.64 39.91
N SER T 83 -41.70 -38.85 39.95
CA SER T 83 -40.96 -38.67 41.18
C SER T 83 -41.86 -38.15 42.28
N GLU T 84 -42.59 -37.08 42.00
CA GLU T 84 -43.46 -36.49 43.02
C GLU T 84 -44.53 -37.48 43.46
N ILE T 85 -45.13 -38.19 42.50
CA ILE T 85 -46.12 -39.20 42.86
C ILE T 85 -45.52 -40.24 43.80
N ASN T 86 -44.29 -40.65 43.53
CA ASN T 86 -43.63 -41.65 44.36
C ASN T 86 -43.40 -41.12 45.77
N ASN T 87 -42.98 -39.85 45.90
CA ASN T 87 -42.80 -39.32 47.25
C ASN T 87 -44.12 -39.35 48.02
N ASN T 88 -45.21 -38.93 47.37
CA ASN T 88 -46.50 -38.95 48.07
C ASN T 88 -46.88 -40.38 48.49
N LEU T 89 -46.76 -41.34 47.57
CA LEU T 89 -47.20 -42.69 47.87
C LEU T 89 -46.30 -43.33 48.92
N GLN T 90 -44.99 -43.04 48.89
CA GLN T 90 -44.09 -43.59 49.88
C GLN T 90 -44.36 -42.97 51.26
N ARG T 91 -44.76 -41.70 51.29
CA ARG T 91 -45.18 -41.11 52.56
C ARG T 91 -46.41 -41.82 53.10
N ILE T 92 -47.36 -42.13 52.22
CA ILE T 92 -48.53 -42.93 52.63
C ILE T 92 -48.08 -44.26 53.23
N ARG T 93 -47.18 -44.96 52.55
CA ARG T 93 -46.71 -46.25 53.03
C ARG T 93 -46.00 -46.11 54.38
N GLU T 94 -45.17 -45.08 54.53
CA GLU T 94 -44.42 -44.91 55.77
C GLU T 94 -45.35 -44.64 56.95
N LEU T 95 -46.41 -43.85 56.75
CA LEU T 95 -47.29 -43.59 57.88
C LEU T 95 -48.35 -44.67 58.06
N THR T 96 -48.49 -45.59 57.10
CA THR T 96 -49.47 -46.66 57.23
C THR T 96 -49.22 -47.50 58.49
N VAL T 97 -47.95 -47.73 58.82
CA VAL T 97 -47.62 -48.58 59.97
C VAL T 97 -48.14 -47.96 61.26
N GLN T 98 -48.28 -46.63 61.29
CA GLN T 98 -48.89 -45.99 62.45
C GLN T 98 -50.34 -46.40 62.61
N ALA T 99 -51.08 -46.47 61.50
CA ALA T 99 -52.47 -46.89 61.57
C ALA T 99 -52.58 -48.39 61.87
N SER T 100 -51.60 -49.17 61.41
CA SER T 100 -51.65 -50.61 61.62
C SER T 100 -51.52 -50.96 63.11
N THR T 101 -50.84 -50.12 63.87
CA THR T 101 -50.66 -50.38 65.30
C THR T 101 -51.99 -50.29 66.03
N GLY T 102 -52.24 -51.25 66.92
CA GLY T 102 -53.55 -51.32 67.56
C GLY T 102 -53.70 -50.36 68.72
N THR T 103 -52.59 -49.77 69.19
CA THR T 103 -52.65 -48.89 70.35
C THR T 103 -53.43 -47.61 70.04
N ASN T 104 -53.38 -47.16 68.79
CA ASN T 104 -54.04 -45.92 68.42
C ASN T 104 -55.56 -46.04 68.55
N SER T 105 -56.20 -44.93 68.93
CA SER T 105 -57.65 -44.91 69.09
C SER T 105 -58.32 -44.59 67.76
N ASP T 106 -59.66 -44.59 67.79
CA ASP T 106 -60.43 -44.39 66.55
C ASP T 106 -60.25 -42.99 66.01
N SER T 107 -60.15 -41.98 66.89
CA SER T 107 -59.96 -40.61 66.42
C SER T 107 -58.64 -40.45 65.67
N ASP T 108 -57.59 -41.07 66.18
CA ASP T 108 -56.32 -41.07 65.46
C ASP T 108 -56.45 -41.74 64.11
N LEU T 109 -57.23 -42.83 64.05
CA LEU T 109 -57.48 -43.49 62.77
C LEU T 109 -58.18 -42.55 61.79
N ASP T 110 -59.16 -41.79 62.28
CA ASP T 110 -59.83 -40.83 61.41
C ASP T 110 -58.88 -39.76 60.91
N SER T 111 -58.01 -39.27 61.80
CA SER T 111 -57.03 -38.26 61.40
C SER T 111 -56.09 -38.79 60.32
N ILE T 112 -55.60 -40.03 60.51
CA ILE T 112 -54.72 -40.64 59.53
C ILE T 112 -55.46 -40.87 58.22
N GLN T 113 -56.75 -41.24 58.30
CA GLN T 113 -57.55 -41.42 57.09
C GLN T 113 -57.68 -40.11 56.33
N ASP T 114 -57.90 -39.01 57.03
CA ASP T 114 -57.96 -37.71 56.38
C ASP T 114 -56.62 -37.35 55.73
N GLU T 115 -55.52 -37.62 56.44
CA GLU T 115 -54.19 -37.34 55.89
C GLU T 115 -53.95 -38.13 54.61
N ILE T 116 -54.37 -39.40 54.59
CA ILE T 116 -54.25 -40.21 53.38
C ILE T 116 -55.13 -39.67 52.27
N LYS T 117 -56.39 -39.38 52.58
CA LYS T 117 -57.31 -38.89 51.56
C LYS T 117 -56.76 -37.63 50.90
N SER T 118 -56.09 -36.78 51.68
CA SER T 118 -55.40 -35.65 51.08
C SER T 118 -54.37 -36.11 50.06
N ARG T 119 -53.58 -37.13 50.40
CA ARG T 119 -52.55 -37.61 49.48
C ARG T 119 -53.15 -38.24 48.23
N LEU T 120 -54.24 -38.99 48.37
CA LEU T 120 -54.87 -39.58 47.21
C LEU T 120 -55.46 -38.51 46.29
N ASP T 121 -56.07 -37.48 46.89
CA ASP T 121 -56.52 -36.34 46.09
C ASP T 121 -55.34 -35.68 45.40
N GLU T 122 -54.18 -35.63 46.07
CA GLU T 122 -52.99 -35.06 45.44
C GLU T 122 -52.53 -35.87 44.24
N ILE T 123 -52.49 -37.20 44.36
CA ILE T 123 -52.01 -37.99 43.24
C ILE T 123 -53.00 -37.92 42.08
N ASP T 124 -54.29 -37.90 42.37
CA ASP T 124 -55.28 -37.71 41.30
C ASP T 124 -55.11 -36.34 40.64
N ARG T 125 -54.87 -35.29 41.44
CA ARG T 125 -54.72 -33.96 40.90
C ARG T 125 -53.49 -33.86 40.01
N VAL T 126 -52.38 -34.46 40.43
CA VAL T 126 -51.17 -34.41 39.61
C VAL T 126 -51.33 -35.26 38.37
N SER T 127 -52.11 -36.35 38.46
CA SER T 127 -52.41 -37.15 37.28
C SER T 127 -53.17 -36.31 36.25
N GLY T 128 -54.14 -35.54 36.72
CA GLY T 128 -54.85 -34.65 35.82
C GLY T 128 -54.08 -33.39 35.49
N GLN T 129 -52.95 -33.17 36.18
CA GLN T 129 -52.24 -31.90 36.08
C GLN T 129 -51.18 -31.91 34.98
N THR T 130 -50.21 -32.81 35.09
CA THR T 130 -49.04 -32.75 34.22
C THR T 130 -49.45 -32.94 32.76
N GLN T 131 -48.92 -32.08 31.89
CA GLN T 131 -49.24 -32.12 30.48
C GLN T 131 -48.16 -31.38 29.71
N PHE T 132 -47.86 -31.88 28.51
CA PHE T 132 -46.81 -31.33 27.65
C PHE T 132 -47.43 -31.00 26.30
N ASN T 133 -47.29 -29.74 25.89
CA ASN T 133 -47.80 -29.28 24.59
C ASN T 133 -49.30 -29.56 24.46
N GLY T 134 -50.02 -29.38 25.57
CA GLY T 134 -51.45 -29.60 25.58
C GLY T 134 -51.88 -31.05 25.59
N VAL T 135 -50.95 -31.98 25.73
CA VAL T 135 -51.25 -33.41 25.75
C VAL T 135 -51.00 -33.94 27.15
N ASN T 136 -52.03 -34.54 27.75
CA ASN T 136 -51.94 -35.08 29.10
C ASN T 136 -51.19 -36.41 29.03
N VAL T 137 -49.97 -36.42 29.56
CA VAL T 137 -49.12 -37.62 29.44
C VAL T 137 -49.65 -38.75 30.32
N LEU T 138 -50.21 -38.42 31.49
CA LEU T 138 -50.60 -39.43 32.45
C LEU T 138 -52.11 -39.60 32.58
N ALA T 139 -52.92 -38.74 31.97
CA ALA T 139 -54.37 -38.85 32.13
C ALA T 139 -54.92 -40.06 31.37
N LYS T 140 -54.43 -40.28 30.15
CA LYS T 140 -54.97 -41.33 29.30
C LYS T 140 -53.84 -42.17 28.72
N ASP T 141 -54.04 -43.48 28.72
CA ASP T 141 -53.07 -44.40 28.15
C ASP T 141 -53.02 -44.24 26.63
N GLY T 142 -51.82 -44.28 26.08
CA GLY T 142 -51.65 -44.15 24.65
C GLY T 142 -50.23 -44.41 24.22
N SER T 143 -50.05 -44.57 22.91
CA SER T 143 -48.75 -44.82 22.31
C SER T 143 -48.24 -43.53 21.70
N MET T 144 -46.93 -43.30 21.80
CA MET T 144 -46.31 -42.07 21.35
C MET T 144 -45.13 -42.41 20.44
N LYS T 145 -45.07 -41.78 19.28
CA LYS T 145 -44.02 -42.01 18.30
C LYS T 145 -43.15 -40.78 18.15
N ILE T 146 -41.83 -40.99 18.09
CA ILE T 146 -40.88 -39.92 17.81
C ILE T 146 -40.17 -40.25 16.50
N GLN T 147 -40.29 -39.35 15.53
CA GLN T 147 -39.72 -39.57 14.20
C GLN T 147 -38.33 -38.95 14.18
N VAL T 148 -37.30 -39.80 14.08
CA VAL T 148 -35.91 -39.37 14.15
C VAL T 148 -35.12 -39.76 12.90
N GLY T 149 -35.78 -39.89 11.76
CA GLY T 149 -35.11 -40.32 10.56
C GLY T 149 -35.42 -39.42 9.38
N ALA T 150 -34.65 -39.60 8.31
CA ALA T 150 -34.86 -38.81 7.10
C ALA T 150 -36.05 -39.32 6.29
N ASN T 151 -36.37 -40.61 6.42
CA ASN T 151 -37.41 -41.21 5.60
C ASN T 151 -38.59 -41.67 6.46
N ASP T 152 -39.73 -41.90 5.81
CA ASP T 152 -40.92 -42.38 6.50
C ASP T 152 -40.73 -43.82 6.96
N GLY T 153 -41.51 -44.21 7.98
CA GLY T 153 -41.35 -45.50 8.59
C GLY T 153 -40.16 -45.62 9.50
N GLN T 154 -39.61 -44.50 9.96
CA GLN T 154 -38.35 -44.43 10.67
C GLN T 154 -38.57 -43.66 11.97
N THR T 155 -39.01 -44.35 13.01
CA THR T 155 -39.44 -43.69 14.23
C THR T 155 -38.96 -44.48 15.45
N ILE T 156 -39.01 -43.81 16.61
CA ILE T 156 -38.82 -44.44 17.91
C ILE T 156 -40.07 -44.22 18.74
N THR T 157 -40.56 -45.29 19.36
CA THR T 157 -41.84 -45.28 20.04
C THR T 157 -41.64 -45.04 21.53
N ILE T 158 -42.45 -44.14 22.09
CA ILE T 158 -42.52 -43.92 23.52
C ILE T 158 -43.87 -44.45 24.01
N ASP T 159 -43.84 -45.24 25.08
CA ASP T 159 -45.05 -45.83 25.64
C ASP T 159 -45.50 -45.03 26.84
N LEU T 160 -46.77 -44.65 26.84
CA LEU T 160 -47.39 -43.92 27.95
C LEU T 160 -48.58 -44.70 28.48
N LYS T 161 -48.62 -44.84 29.80
CA LYS T 161 -49.72 -45.53 30.48
C LYS T 161 -50.35 -44.57 31.48
N LYS T 162 -51.69 -44.55 31.52
CA LYS T 162 -52.39 -43.67 32.44
C LYS T 162 -52.07 -44.04 33.89
N ILE T 163 -51.88 -43.01 34.72
CA ILE T 163 -51.47 -43.20 36.10
C ILE T 163 -52.48 -42.52 37.02
N ASP T 164 -53.43 -43.30 37.52
CA ASP T 164 -54.48 -42.76 38.38
C ASP T 164 -54.55 -43.54 39.69
N SER T 165 -55.26 -42.96 40.66
CA SER T 165 -55.47 -43.65 41.92
C SER T 165 -56.24 -44.95 41.72
N ASP T 166 -57.26 -44.93 40.85
CA ASP T 166 -57.99 -46.16 40.55
C ASP T 166 -57.20 -47.06 39.61
N THR T 167 -56.49 -46.47 38.64
CA THR T 167 -55.73 -47.26 37.69
C THR T 167 -54.62 -48.04 38.38
N LEU T 168 -53.92 -47.39 39.31
CA LEU T 168 -52.89 -48.10 40.08
C LEU T 168 -53.49 -49.07 41.08
N GLY T 169 -54.81 -49.06 41.24
CA GLY T 169 -55.43 -49.96 42.17
C GLY T 169 -56.48 -49.39 43.10
N LEU T 170 -56.20 -49.41 44.41
CA LEU T 170 -57.20 -49.48 45.49
C LEU T 170 -58.35 -48.51 45.22
N ASN T 171 -58.14 -47.19 45.33
CA ASN T 171 -59.14 -46.15 45.15
C ASN T 171 -60.22 -46.23 46.22
N GLY T 172 -60.38 -47.39 46.85
CA GLY T 172 -61.15 -47.55 48.06
C GLY T 172 -60.31 -47.73 49.30
N PHE T 173 -59.39 -46.81 49.60
CA PHE T 173 -58.41 -47.04 50.65
C PHE T 173 -58.98 -46.60 51.98
N ASN T 174 -59.11 -47.55 52.91
CA ASN T 174 -59.71 -47.32 54.21
C ASN T 174 -58.82 -47.90 55.30
N VAL T 175 -58.73 -47.22 56.44
CA VAL T 175 -57.96 -47.68 57.57
C VAL T 175 -58.75 -47.68 58.87
N ASN T 176 -59.85 -46.93 58.94
CA ASN T 176 -60.62 -46.82 60.18
C ASN T 176 -61.89 -47.65 60.17
N GLY T 177 -62.07 -48.53 59.19
CA GLY T 177 -63.26 -49.37 59.12
C GLY T 177 -64.49 -48.63 58.64
N GLU T 455 -65.75 -50.79 55.97
CA GLU T 455 -64.79 -51.89 55.94
C GLU T 455 -63.44 -51.41 55.41
N SER T 456 -62.39 -51.62 56.20
CA SER T 456 -61.06 -51.20 55.80
C SER T 456 -60.50 -52.11 54.72
N THR T 457 -59.35 -51.72 54.18
CA THR T 457 -58.70 -52.52 53.15
C THR T 457 -58.20 -53.84 53.74
N SER T 458 -58.22 -54.88 52.91
CA SER T 458 -57.81 -56.20 53.37
C SER T 458 -56.35 -56.24 53.76
N ASP T 459 -55.48 -55.63 52.95
CA ASP T 459 -54.05 -55.64 53.21
C ASP T 459 -53.39 -54.46 52.51
N PRO T 460 -53.34 -53.29 53.14
CA PRO T 460 -52.81 -52.09 52.48
C PRO T 460 -51.36 -52.22 52.05
N LEU T 461 -50.55 -52.94 52.83
CA LEU T 461 -49.11 -52.98 52.56
C LEU T 461 -48.81 -53.61 51.21
N ALA T 462 -49.43 -54.76 50.91
CA ALA T 462 -49.15 -55.44 49.65
C ALA T 462 -49.59 -54.59 48.46
N ALA T 463 -50.76 -53.95 48.56
CA ALA T 463 -51.24 -53.12 47.46
C ALA T 463 -50.36 -51.90 47.25
N LEU T 464 -49.89 -51.28 48.35
CA LEU T 464 -48.98 -50.15 48.22
C LEU T 464 -47.66 -50.57 47.57
N ASP T 465 -47.15 -51.74 47.95
CA ASP T 465 -45.94 -52.26 47.31
C ASP T 465 -46.18 -52.51 45.83
N ASP T 466 -47.36 -53.03 45.48
CA ASP T 466 -47.70 -53.26 44.08
C ASP T 466 -47.72 -51.94 43.31
N ALA T 467 -48.31 -50.90 43.89
CA ALA T 467 -48.33 -49.60 43.23
C ALA T 467 -46.92 -49.05 43.06
N ILE T 468 -46.07 -49.22 44.08
CA ILE T 468 -44.68 -48.81 43.96
C ILE T 468 -43.99 -49.55 42.82
N SER T 469 -44.26 -50.85 42.69
CA SER T 469 -43.66 -51.63 41.62
C SER T 469 -44.14 -51.14 40.25
N GLN T 470 -45.43 -50.82 40.13
CA GLN T 470 -45.94 -50.28 38.87
C GLN T 470 -45.23 -48.97 38.52
N ILE T 471 -45.08 -48.08 39.50
CA ILE T 471 -44.41 -46.80 39.26
C ILE T 471 -42.97 -47.03 38.84
N ASP T 472 -42.28 -47.97 39.51
CA ASP T 472 -40.88 -48.23 39.18
C ASP T 472 -40.74 -48.84 37.79
N LYS T 473 -41.69 -49.69 37.40
CA LYS T 473 -41.65 -50.25 36.03
C LYS T 473 -41.83 -49.15 35.00
N PHE T 474 -42.77 -48.22 35.24
CA PHE T 474 -42.96 -47.12 34.30
C PHE T 474 -41.72 -46.24 34.26
N ARG T 475 -41.06 -46.07 35.41
CA ARG T 475 -39.78 -45.36 35.45
C ARG T 475 -38.74 -46.06 34.58
N SER T 476 -38.67 -47.38 34.67
CA SER T 476 -37.71 -48.12 33.86
C SER T 476 -37.99 -47.90 32.38
N SER T 477 -39.26 -47.91 31.99
CA SER T 477 -39.61 -47.66 30.60
C SER T 477 -39.16 -46.26 30.16
N LEU T 478 -39.43 -45.25 30.99
CA LEU T 478 -39.03 -43.88 30.64
C LEU T 478 -37.52 -43.73 30.58
N GLY T 479 -36.79 -44.36 31.50
CA GLY T 479 -35.34 -44.33 31.43
C GLY T 479 -34.81 -44.98 30.16
N ALA T 480 -35.42 -46.11 29.78
CA ALA T 480 -35.03 -46.77 28.54
C ALA T 480 -35.26 -45.86 27.33
N VAL T 481 -36.40 -45.18 27.29
CA VAL T 481 -36.68 -44.34 26.12
C VAL T 481 -35.79 -43.09 26.14
N GLN T 482 -35.43 -42.60 27.32
CA GLN T 482 -34.48 -41.48 27.39
C GLN T 482 -33.11 -41.88 26.85
N ASN T 483 -32.64 -43.08 27.22
CA ASN T 483 -31.40 -43.59 26.66
C ASN T 483 -31.53 -43.77 25.15
N ARG T 484 -32.68 -44.28 24.70
CA ARG T 484 -32.98 -44.37 23.28
C ARG T 484 -32.77 -43.03 22.59
N LEU T 485 -33.35 -41.98 23.16
CA LEU T 485 -33.31 -40.67 22.51
C LEU T 485 -31.90 -40.08 22.55
N ASP T 486 -31.16 -40.32 23.62
CA ASP T 486 -29.76 -39.88 23.65
C ASP T 486 -28.96 -40.55 22.55
N SER T 487 -29.12 -41.87 22.39
CA SER T 487 -28.42 -42.57 21.32
C SER T 487 -28.85 -42.04 19.96
N ALA T 488 -30.14 -41.76 19.79
CA ALA T 488 -30.62 -41.23 18.51
C ALA T 488 -30.01 -39.88 18.21
N VAL T 489 -29.95 -39.00 19.21
CA VAL T 489 -29.39 -37.66 18.98
C VAL T 489 -27.92 -37.74 18.61
N THR T 490 -27.14 -38.52 19.36
CA THR T 490 -25.72 -38.60 19.03
C THR T 490 -25.51 -39.25 17.67
N ASN T 491 -26.31 -40.26 17.33
CA ASN T 491 -26.24 -40.86 16.00
C ASN T 491 -26.52 -39.83 14.91
N LEU T 492 -27.62 -39.08 15.04
CA LEU T 492 -28.01 -38.15 14.01
C LEU T 492 -26.96 -37.07 13.84
N ASN T 493 -26.42 -36.54 14.95
CA ASN T 493 -25.43 -35.48 14.84
C ASN T 493 -24.14 -35.98 14.21
N ASN T 494 -23.65 -37.14 14.66
CA ASN T 494 -22.40 -37.66 14.12
C ASN T 494 -22.54 -37.99 12.64
N THR T 495 -23.67 -38.59 12.25
CA THR T 495 -23.89 -38.87 10.84
C THR T 495 -24.03 -37.58 10.04
N THR T 496 -24.62 -36.55 10.63
CA THR T 496 -24.79 -35.28 9.94
C THR T 496 -23.44 -34.65 9.62
N THR T 497 -22.50 -34.68 10.57
CA THR T 497 -21.18 -34.10 10.29
C THR T 497 -20.49 -34.82 9.14
N ASN T 498 -20.52 -36.15 9.15
CA ASN T 498 -19.87 -36.91 8.08
C ASN T 498 -20.55 -36.66 6.73
N LEU T 499 -21.88 -36.59 6.73
CA LEU T 499 -22.60 -36.33 5.48
C LEU T 499 -22.31 -34.93 4.96
N SER T 500 -22.17 -33.96 5.86
CA SER T 500 -21.82 -32.61 5.45
C SER T 500 -20.43 -32.57 4.83
N GLU T 501 -19.47 -33.28 5.43
CA GLU T 501 -18.14 -33.34 4.85
C GLU T 501 -18.17 -34.02 3.48
N ALA T 502 -18.95 -35.10 3.35
CA ALA T 502 -19.06 -35.80 2.07
C ALA T 502 -19.66 -34.89 1.00
N GLN T 503 -20.71 -34.15 1.34
CA GLN T 503 -21.30 -33.21 0.39
C GLN T 503 -20.31 -32.11 0.02
N SER T 504 -19.56 -31.62 1.01
CA SER T 504 -18.57 -30.58 0.74
C SER T 504 -17.52 -31.07 -0.25
N ARG T 505 -17.10 -32.32 -0.13
CA ARG T 505 -16.11 -32.84 -1.07
C ARG T 505 -16.65 -32.87 -2.50
N ILE T 506 -17.92 -33.24 -2.67
CA ILE T 506 -18.47 -33.34 -4.02
C ILE T 506 -18.52 -31.97 -4.69
N GLN T 507 -18.93 -30.95 -3.96
CA GLN T 507 -19.00 -29.57 -4.48
C GLN T 507 -18.17 -28.65 -3.57
N ASP T 508 -17.00 -28.27 -4.06
CA ASP T 508 -16.10 -27.35 -3.37
C ASP T 508 -15.30 -26.57 -4.39
N ALA T 509 -15.11 -25.27 -4.12
CA ALA T 509 -14.34 -24.44 -5.04
C ALA T 509 -12.85 -24.79 -5.01
N ASP T 510 -12.31 -24.99 -3.81
CA ASP T 510 -10.88 -25.19 -3.62
C ASP T 510 -10.13 -24.00 -4.20
N TYR T 511 -10.29 -22.84 -3.56
CA TYR T 511 -9.82 -21.56 -4.10
C TYR T 511 -8.38 -21.63 -4.57
N ALA T 512 -7.57 -22.52 -3.98
CA ALA T 512 -6.15 -22.57 -4.28
C ALA T 512 -5.90 -22.83 -5.77
N THR T 513 -6.75 -23.66 -6.39
CA THR T 513 -6.57 -23.93 -7.82
C THR T 513 -7.41 -22.99 -8.67
N GLU T 514 -8.50 -22.46 -8.13
CA GLU T 514 -9.38 -21.63 -8.93
C GLU T 514 -8.78 -20.24 -9.16
N VAL T 515 -8.08 -19.70 -8.17
CA VAL T 515 -7.46 -18.39 -8.34
C VAL T 515 -6.38 -18.45 -9.41
N SER T 516 -5.64 -19.55 -9.46
CA SER T 516 -4.63 -19.73 -10.51
C SER T 516 -5.27 -19.81 -11.88
N ASN T 517 -6.40 -20.52 -11.98
CA ASN T 517 -7.13 -20.58 -13.26
C ASN T 517 -7.59 -19.20 -13.68
N MET T 518 -8.12 -18.42 -12.75
CA MET T 518 -8.55 -17.06 -13.07
C MET T 518 -7.39 -16.21 -13.55
N SER T 519 -6.25 -16.28 -12.85
CA SER T 519 -5.08 -15.49 -13.25
C SER T 519 -4.59 -15.89 -14.63
N LYS T 520 -4.51 -17.19 -14.89
CA LYS T 520 -4.08 -17.66 -16.20
C LYS T 520 -5.04 -17.21 -17.30
N ALA T 521 -6.35 -17.27 -17.02
CA ALA T 521 -7.32 -16.84 -18.02
C ALA T 521 -7.18 -15.36 -18.32
N GLN T 522 -6.97 -14.53 -17.29
CA GLN T 522 -6.75 -13.10 -17.52
C GLN T 522 -5.51 -12.86 -18.36
N ILE T 523 -4.41 -13.55 -18.04
CA ILE T 523 -3.17 -13.35 -18.79
C ILE T 523 -3.35 -13.76 -20.25
N ILE T 524 -4.00 -14.90 -20.48
CA ILE T 524 -4.19 -15.38 -21.84
C ILE T 524 -5.10 -14.43 -22.62
N GLN T 525 -6.13 -13.90 -21.97
CA GLN T 525 -7.00 -12.95 -22.66
C GLN T 525 -6.25 -11.67 -23.03
N GLN T 526 -5.41 -11.17 -22.12
CA GLN T 526 -4.62 -9.99 -22.44
C GLN T 526 -3.70 -10.25 -23.63
N ALA T 527 -3.00 -11.39 -23.62
CA ALA T 527 -2.11 -11.73 -24.72
C ALA T 527 -2.88 -11.88 -26.02
N GLY T 528 -4.07 -12.50 -25.95
CA GLY T 528 -4.89 -12.63 -27.14
C GLY T 528 -5.33 -11.31 -27.71
N ASN T 529 -5.69 -10.36 -26.85
CA ASN T 529 -6.05 -9.03 -27.31
C ASN T 529 -4.86 -8.35 -27.99
N SER T 530 -3.68 -8.47 -27.38
CA SER T 530 -2.48 -7.86 -27.97
C SER T 530 -2.17 -8.46 -29.33
N VAL T 531 -2.24 -9.79 -29.45
CA VAL T 531 -1.93 -10.40 -30.73
C VAL T 531 -3.04 -10.14 -31.74
N LEU T 532 -4.26 -9.91 -31.27
CA LEU T 532 -5.32 -9.49 -32.18
C LEU T 532 -5.00 -8.15 -32.81
N ALA T 533 -4.51 -7.20 -32.00
CA ALA T 533 -4.07 -5.92 -32.56
C ALA T 533 -2.89 -6.11 -33.51
N LYS T 534 -1.94 -6.97 -33.12
CA LYS T 534 -0.74 -7.18 -33.94
C LYS T 534 -1.09 -7.85 -35.26
N ALA T 535 -2.20 -8.61 -35.29
CA ALA T 535 -2.63 -9.23 -36.54
C ALA T 535 -3.52 -8.29 -37.34
N ASN T 536 -4.20 -7.36 -36.66
CA ASN T 536 -4.99 -6.36 -37.37
C ASN T 536 -4.10 -5.37 -38.11
N GLN T 537 -2.91 -5.10 -37.58
CA GLN T 537 -2.04 -4.11 -38.21
C GLN T 537 -1.41 -4.65 -39.50
N VAL T 538 -1.55 -5.95 -39.77
CA VAL T 538 -0.85 -6.59 -40.88
C VAL T 538 -1.20 -6.03 -42.26
N PRO T 539 -2.48 -5.87 -42.63
CA PRO T 539 -2.77 -5.45 -44.02
C PRO T 539 -2.43 -4.00 -44.33
N GLN T 540 -1.70 -3.31 -43.46
CA GLN T 540 -1.39 -1.90 -43.71
C GLN T 540 -0.48 -1.73 -44.92
N GLN T 541 0.48 -2.64 -45.11
CA GLN T 541 1.51 -2.43 -46.13
C GLN T 541 0.95 -2.49 -47.55
N VAL T 542 -0.29 -2.93 -47.71
CA VAL T 542 -0.92 -2.87 -49.03
C VAL T 542 -1.00 -1.44 -49.52
N LEU T 543 -1.23 -0.50 -48.60
CA LEU T 543 -1.24 0.91 -48.96
C LEU T 543 0.12 1.36 -49.48
N SER T 544 1.20 0.96 -48.80
CA SER T 544 2.53 1.31 -49.27
C SER T 544 2.82 0.67 -50.62
N LEU T 545 2.27 -0.53 -50.85
CA LEU T 545 2.37 -1.14 -52.16
C LEU T 545 1.67 -0.29 -53.22
N LEU T 546 0.49 0.25 -52.89
CA LEU T 546 -0.22 1.09 -53.84
C LEU T 546 0.55 2.36 -54.16
N GLN T 547 1.15 2.97 -53.15
CA GLN T 547 1.91 4.20 -53.35
C GLN T 547 3.14 4.24 -52.46
N ALA U 2 25.79 14.23 -118.97
CA ALA U 2 24.80 13.18 -119.16
C ALA U 2 24.76 12.74 -120.63
N GLN U 3 24.13 11.59 -120.88
CA GLN U 3 24.06 11.05 -122.24
C GLN U 3 22.63 10.79 -122.68
N VAL U 4 21.75 10.33 -121.79
CA VAL U 4 20.40 9.92 -122.15
C VAL U 4 19.41 10.64 -121.24
N ILE U 5 18.21 10.88 -121.76
CA ILE U 5 17.19 11.56 -120.97
C ILE U 5 16.03 10.61 -120.64
N ASN U 6 15.84 9.59 -121.46
CA ASN U 6 14.67 8.71 -121.29
C ASN U 6 14.75 7.91 -120.00
N THR U 7 15.88 7.25 -119.75
CA THR U 7 16.03 6.38 -118.60
C THR U 7 17.24 6.82 -117.78
N ASN U 8 17.04 7.01 -116.48
CA ASN U 8 18.13 7.33 -115.56
C ASN U 8 18.30 6.18 -114.56
N SER U 9 19.43 5.48 -114.67
CA SER U 9 19.68 4.30 -113.86
C SER U 9 19.91 4.66 -112.39
N LEU U 10 20.51 5.82 -112.14
CA LEU U 10 20.81 6.21 -110.76
C LEU U 10 19.54 6.35 -109.94
N SER U 11 18.50 6.94 -110.53
CA SER U 11 17.22 7.02 -109.83
C SER U 11 16.67 5.64 -109.52
N LEU U 12 16.81 4.71 -110.46
CA LEU U 12 16.35 3.34 -110.22
C LEU U 12 17.10 2.69 -109.07
N ILE U 13 18.42 2.89 -109.02
CA ILE U 13 19.21 2.32 -107.93
C ILE U 13 18.80 2.92 -106.60
N THR U 14 18.59 4.24 -106.56
CA THR U 14 18.20 4.88 -105.31
C THR U 14 16.83 4.40 -104.84
N GLN U 15 15.88 4.25 -105.77
CA GLN U 15 14.57 3.72 -105.40
C GLN U 15 14.69 2.32 -104.83
N ASN U 16 15.55 1.49 -105.42
CA ASN U 16 15.78 0.15 -104.88
C ASN U 16 16.34 0.21 -103.48
N ASN U 17 17.27 1.15 -103.23
CA ASN U 17 17.83 1.28 -101.89
C ASN U 17 16.77 1.68 -100.88
N ILE U 18 15.90 2.63 -101.23
CA ILE U 18 14.83 3.02 -100.31
C ILE U 18 13.86 1.87 -100.09
N ASN U 19 13.59 1.08 -101.13
CA ASN U 19 12.73 -0.09 -100.96
C ASN U 19 13.37 -1.10 -100.02
N LYS U 20 14.69 -1.27 -100.13
CA LYS U 20 15.41 -2.14 -99.19
C LYS U 20 15.25 -1.64 -97.76
N ASN U 21 15.39 -0.32 -97.57
CA ASN U 21 15.33 0.24 -96.22
C ASN U 21 13.91 0.20 -95.66
N GLN U 22 12.91 0.21 -96.53
CA GLN U 22 11.52 0.29 -96.08
C GLN U 22 11.13 -0.92 -95.24
N SER U 23 11.52 -2.12 -95.67
CA SER U 23 11.20 -3.31 -94.91
C SER U 23 11.83 -3.27 -93.52
N ALA U 24 13.08 -2.82 -93.44
CA ALA U 24 13.74 -2.70 -92.14
C ALA U 24 13.03 -1.70 -91.25
N LEU U 25 12.62 -0.56 -91.82
CA LEU U 25 11.89 0.43 -91.01
C LEU U 25 10.56 -0.14 -90.51
N SER U 26 9.81 -0.79 -91.39
CA SER U 26 8.51 -1.33 -90.99
C SER U 26 8.67 -2.37 -89.90
N SER U 27 9.64 -3.28 -90.06
CA SER U 27 9.88 -4.30 -89.06
C SER U 27 10.30 -3.68 -87.74
N SER U 28 11.20 -2.69 -87.78
CA SER U 28 11.66 -2.06 -86.55
C SER U 28 10.52 -1.35 -85.83
N ILE U 29 9.67 -0.63 -86.56
CA ILE U 29 8.61 0.11 -85.91
C ILE U 29 7.54 -0.83 -85.34
N GLU U 30 7.17 -1.87 -86.10
CA GLU U 30 6.19 -2.82 -85.57
C GLU U 30 6.75 -3.58 -84.37
N ARG U 31 8.05 -3.86 -84.39
CA ARG U 31 8.69 -4.54 -83.26
C ARG U 31 8.79 -3.60 -82.06
N LEU U 32 8.91 -2.30 -82.30
CA LEU U 32 8.98 -1.33 -81.22
C LEU U 32 7.61 -1.13 -80.58
N SER U 33 6.57 -1.06 -81.40
CA SER U 33 5.22 -0.83 -80.87
C SER U 33 4.75 -2.00 -80.02
N SER U 34 4.93 -3.23 -80.51
CA SER U 34 4.62 -4.40 -79.72
C SER U 34 5.79 -4.72 -78.80
N GLY U 35 5.50 -5.47 -77.73
CA GLY U 35 6.56 -5.83 -76.80
C GLY U 35 7.36 -7.03 -77.25
N LEU U 36 6.85 -7.78 -78.22
CA LEU U 36 7.42 -9.06 -78.60
C LEU U 36 8.35 -8.91 -79.79
N ARG U 37 9.56 -9.47 -79.67
CA ARG U 37 10.48 -9.51 -80.80
C ARG U 37 9.92 -10.37 -81.92
N ILE U 38 9.25 -11.47 -81.57
N ILE U 38 9.24 -11.46 -81.56
CA ILE U 38 8.67 -12.37 -82.57
CA ILE U 38 8.67 -12.37 -82.57
C ILE U 38 7.64 -11.64 -83.41
C ILE U 38 7.64 -11.64 -83.41
N ASN U 39 6.55 -11.19 -82.79
CA ASN U 39 5.54 -10.37 -83.46
C ASN U 39 4.98 -11.03 -84.71
N SER U 40 4.26 -12.15 -84.53
CA SER U 40 3.61 -12.83 -85.64
C SER U 40 4.63 -13.30 -86.66
N ALA U 41 5.39 -14.35 -86.31
CA ALA U 41 6.72 -14.58 -86.85
C ALA U 41 6.77 -14.90 -88.34
N LYS U 42 7.03 -13.87 -89.14
CA LYS U 42 7.73 -14.04 -90.40
C LYS U 42 9.22 -14.28 -90.19
N ASP U 43 9.71 -14.09 -88.96
CA ASP U 43 11.13 -14.15 -88.65
C ASP U 43 11.63 -15.58 -88.45
N ASP U 44 11.10 -16.25 -87.43
CA ASP U 44 11.58 -17.56 -87.03
C ASP U 44 10.43 -18.37 -86.42
N ALA U 45 10.16 -19.54 -86.99
CA ALA U 45 9.04 -20.36 -86.54
C ALA U 45 9.36 -21.04 -85.21
N ALA U 46 10.62 -21.47 -85.04
CA ALA U 46 10.99 -22.22 -83.83
C ALA U 46 10.78 -21.37 -82.58
N GLY U 47 11.17 -20.10 -82.63
CA GLY U 47 10.96 -19.24 -81.47
C GLY U 47 9.49 -19.10 -81.12
N GLN U 48 8.64 -18.89 -82.12
CA GLN U 48 7.21 -18.75 -81.86
C GLN U 48 6.63 -20.03 -81.27
N ALA U 49 7.00 -21.18 -81.82
CA ALA U 49 6.47 -22.44 -81.30
C ALA U 49 6.92 -22.66 -79.86
N ILE U 50 8.20 -22.43 -79.58
CA ILE U 50 8.70 -22.62 -78.22
C ILE U 50 8.01 -21.66 -77.26
N ALA U 51 7.83 -20.40 -77.66
CA ALA U 51 7.16 -19.42 -76.81
C ALA U 51 5.73 -19.82 -76.53
N ASN U 52 5.00 -20.28 -77.55
CA ASN U 52 3.62 -20.70 -77.34
C ASN U 52 3.54 -21.88 -76.38
N ARG U 53 4.44 -22.84 -76.54
CA ARG U 53 4.47 -23.98 -75.62
C ARG U 53 4.75 -23.52 -74.20
N PHE U 54 5.70 -22.59 -74.03
CA PHE U 54 5.99 -22.06 -72.70
C PHE U 54 4.78 -21.37 -72.10
N THR U 55 4.06 -20.56 -72.89
CA THR U 55 2.89 -19.86 -72.36
C THR U 55 1.84 -20.84 -71.88
N SER U 56 1.50 -21.83 -72.71
CA SER U 56 0.50 -22.81 -72.31
C SER U 56 0.95 -23.58 -71.08
N ASN U 57 2.22 -23.97 -71.04
CA ASN U 57 2.74 -24.74 -69.91
C ASN U 57 2.65 -23.92 -68.62
N ILE U 58 3.04 -22.64 -68.69
CA ILE U 58 3.03 -21.78 -67.52
C ILE U 58 1.60 -21.57 -67.01
N LYS U 59 0.66 -21.36 -67.93
CA LYS U 59 -0.74 -21.24 -67.51
C LYS U 59 -1.21 -22.51 -66.83
N GLY U 60 -0.77 -23.66 -67.34
CA GLY U 60 -1.12 -24.92 -66.69
C GLY U 60 -0.60 -25.01 -65.26
N LEU U 61 0.66 -24.63 -65.05
CA LEU U 61 1.21 -24.62 -63.69
C LEU U 61 0.45 -23.65 -62.78
N THR U 62 0.09 -22.48 -63.29
CA THR U 62 -0.63 -21.52 -62.47
C THR U 62 -1.98 -22.10 -62.01
N GLN U 63 -2.73 -22.66 -62.96
CA GLN U 63 -4.02 -23.24 -62.62
C GLN U 63 -3.85 -24.41 -61.65
N ALA U 64 -2.80 -25.22 -61.86
CA ALA U 64 -2.55 -26.35 -60.97
C ALA U 64 -2.24 -25.89 -59.55
N ALA U 65 -1.46 -24.81 -59.42
CA ALA U 65 -1.15 -24.29 -58.09
C ALA U 65 -2.41 -23.80 -57.39
N ARG U 66 -3.29 -23.13 -58.12
CA ARG U 66 -4.54 -22.68 -57.51
C ARG U 66 -5.39 -23.88 -57.07
N ASN U 67 -5.42 -24.93 -57.90
CA ASN U 67 -6.14 -26.14 -57.51
C ASN U 67 -5.56 -26.76 -56.24
N ALA U 68 -4.24 -26.75 -56.13
CA ALA U 68 -3.59 -27.29 -54.93
C ALA U 68 -3.97 -26.48 -53.70
N ASN U 69 -4.06 -25.15 -53.84
CA ASN U 69 -4.53 -24.33 -52.72
C ASN U 69 -5.95 -24.71 -52.31
N ASP U 70 -6.81 -24.96 -53.30
CA ASP U 70 -8.17 -25.40 -52.98
C ASP U 70 -8.15 -26.72 -52.22
N GLY U 71 -7.30 -27.65 -52.64
CA GLY U 71 -7.18 -28.92 -51.92
C GLY U 71 -6.72 -28.73 -50.49
N ILE U 72 -5.77 -27.80 -50.27
CA ILE U 72 -5.33 -27.50 -48.91
C ILE U 72 -6.50 -26.98 -48.08
N SER U 73 -7.34 -26.13 -48.67
CA SER U 73 -8.51 -25.63 -47.96
C SER U 73 -9.45 -26.76 -47.55
N VAL U 74 -9.70 -27.69 -48.48
CA VAL U 74 -10.57 -28.83 -48.14
C VAL U 74 -9.97 -29.62 -46.99
N ALA U 75 -8.67 -29.88 -47.05
CA ALA U 75 -8.02 -30.69 -46.04
C ALA U 75 -8.08 -30.01 -44.66
N GLN U 76 -7.88 -28.69 -44.62
CA GLN U 76 -7.90 -28.01 -43.33
C GLN U 76 -9.31 -27.95 -42.75
N THR U 77 -10.34 -27.83 -43.61
CA THR U 77 -11.70 -27.95 -43.10
C THR U 77 -11.95 -29.32 -42.48
N THR U 78 -11.50 -30.38 -43.16
CA THR U 78 -11.65 -31.72 -42.60
C THR U 78 -10.91 -31.86 -41.28
N GLU U 79 -9.70 -31.29 -41.18
CA GLU U 79 -8.94 -31.37 -39.96
C GLU U 79 -9.67 -30.68 -38.80
N GLY U 80 -10.26 -29.51 -39.08
CA GLY U 80 -11.05 -28.85 -38.06
C GLY U 80 -12.20 -29.71 -37.57
N ALA U 81 -12.91 -30.35 -38.51
CA ALA U 81 -14.03 -31.21 -38.11
C ALA U 81 -13.56 -32.35 -37.22
N LEU U 82 -12.44 -32.98 -37.59
CA LEU U 82 -11.94 -34.10 -36.79
C LEU U 82 -11.49 -33.66 -35.40
N SER U 83 -10.88 -32.47 -35.29
CA SER U 83 -10.54 -31.95 -33.96
C SER U 83 -11.81 -31.75 -33.12
N GLU U 84 -12.85 -31.20 -33.75
CA GLU U 84 -14.12 -30.99 -33.05
C GLU U 84 -14.67 -32.31 -32.52
N ILE U 85 -14.53 -33.39 -33.31
CA ILE U 85 -14.98 -34.70 -32.86
C ILE U 85 -14.10 -35.22 -31.72
N ASN U 86 -12.79 -35.01 -31.83
CA ASN U 86 -11.85 -35.44 -30.79
C ASN U 86 -12.23 -34.87 -29.43
N ASN U 87 -12.66 -33.59 -29.41
CA ASN U 87 -13.08 -33.00 -28.14
C ASN U 87 -14.21 -33.80 -27.50
N ASN U 88 -15.22 -34.16 -28.30
CA ASN U 88 -16.34 -34.93 -27.77
C ASN U 88 -15.90 -36.30 -27.27
N LEU U 89 -14.98 -36.95 -28.00
CA LEU U 89 -14.48 -38.24 -27.52
C LEU U 89 -13.78 -38.10 -26.17
N GLN U 90 -13.00 -37.03 -25.98
CA GLN U 90 -12.33 -36.83 -24.70
C GLN U 90 -13.36 -36.64 -23.57
N ARG U 91 -14.39 -35.84 -23.84
CA ARG U 91 -15.43 -35.64 -22.84
C ARG U 91 -16.10 -36.97 -22.48
N ILE U 92 -16.42 -37.77 -23.49
CA ILE U 92 -17.02 -39.07 -23.23
C ILE U 92 -16.08 -39.96 -22.44
N ARG U 93 -14.77 -39.84 -22.68
CA ARG U 93 -13.84 -40.65 -21.92
C ARG U 93 -13.90 -40.33 -20.43
N GLU U 94 -13.90 -39.03 -20.07
CA GLU U 94 -14.07 -38.73 -18.65
C GLU U 94 -15.41 -39.21 -18.11
N LEU U 95 -16.49 -39.01 -18.86
CA LEU U 95 -17.79 -39.41 -18.30
C LEU U 95 -17.88 -40.92 -18.13
N THR U 96 -17.29 -41.69 -19.05
CA THR U 96 -17.24 -43.14 -18.87
C THR U 96 -16.41 -43.52 -17.65
N VAL U 97 -15.26 -42.88 -17.47
CA VAL U 97 -14.43 -43.17 -16.30
C VAL U 97 -15.21 -42.88 -15.03
N GLN U 98 -15.95 -41.77 -14.99
CA GLN U 98 -16.74 -41.44 -13.82
C GLN U 98 -17.86 -42.46 -13.59
N ALA U 99 -18.53 -42.88 -14.66
CA ALA U 99 -19.66 -43.79 -14.51
C ALA U 99 -19.19 -45.20 -14.18
N SER U 100 -17.90 -45.48 -14.38
CA SER U 100 -17.38 -46.81 -14.06
C SER U 100 -17.42 -47.09 -12.56
N THR U 101 -17.64 -46.06 -11.75
CA THR U 101 -17.61 -46.21 -10.31
C THR U 101 -18.82 -47.01 -9.81
N GLY U 102 -18.63 -47.75 -8.72
CA GLY U 102 -19.72 -48.50 -8.13
C GLY U 102 -20.55 -47.69 -7.14
N THR U 103 -20.10 -46.51 -6.76
CA THR U 103 -20.84 -45.72 -5.79
C THR U 103 -22.12 -45.14 -6.38
N ASN U 104 -22.09 -44.78 -7.66
CA ASN U 104 -23.23 -44.11 -8.28
C ASN U 104 -24.44 -45.03 -8.32
N SER U 105 -25.61 -44.45 -8.07
CA SER U 105 -26.85 -45.19 -8.08
C SER U 105 -27.35 -45.35 -9.52
N ASP U 106 -28.52 -45.98 -9.65
CA ASP U 106 -29.09 -46.24 -10.97
C ASP U 106 -29.50 -44.94 -11.67
N SER U 107 -30.03 -43.98 -10.90
CA SER U 107 -30.40 -42.71 -11.49
C SER U 107 -29.20 -41.96 -12.06
N ASP U 108 -28.07 -41.99 -11.34
CA ASP U 108 -26.85 -41.37 -11.82
C ASP U 108 -26.39 -42.02 -13.12
N LEU U 109 -26.42 -43.36 -13.17
CA LEU U 109 -26.04 -44.07 -14.38
C LEU U 109 -26.96 -43.71 -15.53
N ASP U 110 -28.26 -43.58 -15.26
CA ASP U 110 -29.20 -43.19 -16.31
C ASP U 110 -28.90 -41.80 -16.84
N SER U 111 -28.60 -40.86 -15.93
CA SER U 111 -28.27 -39.50 -16.36
C SER U 111 -27.02 -39.47 -17.24
N ILE U 112 -25.98 -40.19 -16.81
CA ILE U 112 -24.75 -40.23 -17.60
C ILE U 112 -25.00 -40.92 -18.94
N GLN U 113 -25.81 -41.97 -18.95
CA GLN U 113 -26.13 -42.64 -20.20
C GLN U 113 -26.86 -41.72 -21.16
N ASP U 114 -27.81 -40.93 -20.65
CA ASP U 114 -28.51 -39.97 -21.50
C ASP U 114 -27.55 -38.93 -22.04
N GLU U 115 -26.63 -38.43 -21.21
CA GLU U 115 -25.68 -37.44 -21.68
C GLU U 115 -24.79 -38.01 -22.79
N ILE U 116 -24.30 -39.24 -22.59
CA ILE U 116 -23.44 -39.85 -23.61
C ILE U 116 -24.22 -40.11 -24.89
N LYS U 117 -25.50 -40.48 -24.77
CA LYS U 117 -26.32 -40.70 -25.96
C LYS U 117 -26.48 -39.39 -26.72
N SER U 118 -26.73 -38.28 -26.01
CA SER U 118 -26.82 -36.98 -26.67
C SER U 118 -25.51 -36.62 -27.35
N ARG U 119 -24.39 -36.90 -26.69
CA ARG U 119 -23.09 -36.62 -27.30
C ARG U 119 -22.88 -37.47 -28.55
N LEU U 120 -23.30 -38.73 -28.51
CA LEU U 120 -23.21 -39.58 -29.69
C LEU U 120 -24.02 -39.02 -30.85
N ASP U 121 -25.24 -38.55 -30.55
CA ASP U 121 -26.06 -37.96 -31.59
C ASP U 121 -25.41 -36.71 -32.15
N GLU U 122 -24.79 -35.90 -31.28
CA GLU U 122 -24.07 -34.73 -31.75
C GLU U 122 -22.90 -35.12 -32.66
N ILE U 123 -22.17 -36.17 -32.29
CA ILE U 123 -21.05 -36.62 -33.13
C ILE U 123 -21.55 -37.06 -34.49
N ASP U 124 -22.62 -37.85 -34.52
CA ASP U 124 -23.18 -38.29 -35.80
C ASP U 124 -23.64 -37.10 -36.63
N ARG U 125 -24.28 -36.12 -35.99
CA ARG U 125 -24.75 -34.95 -36.72
C ARG U 125 -23.60 -34.15 -37.32
N VAL U 126 -22.57 -33.86 -36.51
CA VAL U 126 -21.46 -33.05 -37.02
C VAL U 126 -20.73 -33.79 -38.13
N SER U 127 -20.59 -35.12 -38.00
CA SER U 127 -19.96 -35.89 -39.05
C SER U 127 -20.78 -35.86 -40.33
N GLY U 128 -22.11 -35.96 -40.21
CA GLY U 128 -22.94 -36.01 -41.40
C GLY U 128 -23.07 -34.68 -42.12
N GLN U 129 -23.24 -33.59 -41.38
CA GLN U 129 -23.64 -32.34 -42.01
C GLN U 129 -22.45 -31.52 -42.49
N THR U 130 -21.24 -31.86 -42.04
CA THR U 130 -20.05 -31.18 -42.56
C THR U 130 -19.93 -31.44 -44.05
N GLN U 131 -19.62 -30.39 -44.81
CA GLN U 131 -19.60 -30.50 -46.26
C GLN U 131 -18.75 -29.37 -46.85
N PHE U 132 -18.18 -29.63 -48.01
CA PHE U 132 -17.40 -28.66 -48.76
C PHE U 132 -17.96 -28.58 -50.18
N ASN U 133 -18.54 -27.43 -50.52
CA ASN U 133 -19.06 -27.17 -51.86
C ASN U 133 -20.03 -28.27 -52.30
N GLY U 134 -20.95 -28.62 -51.41
CA GLY U 134 -21.93 -29.64 -51.73
C GLY U 134 -21.44 -31.07 -51.67
N VAL U 135 -20.25 -31.30 -51.10
CA VAL U 135 -19.70 -32.65 -50.99
C VAL U 135 -19.43 -32.93 -49.52
N ASN U 136 -19.97 -34.04 -49.03
CA ASN U 136 -19.77 -34.46 -47.64
C ASN U 136 -18.47 -35.23 -47.55
N VAL U 137 -17.48 -34.67 -46.87
CA VAL U 137 -16.15 -35.26 -46.85
C VAL U 137 -16.13 -36.54 -46.02
N LEU U 138 -16.86 -36.57 -44.90
CA LEU U 138 -16.81 -37.71 -43.99
C LEU U 138 -18.03 -38.61 -44.07
N ALA U 139 -19.14 -38.15 -44.65
CA ALA U 139 -20.35 -38.97 -44.69
C ALA U 139 -20.14 -40.22 -45.55
N LYS U 140 -19.46 -40.08 -46.68
CA LYS U 140 -19.26 -41.18 -47.60
C LYS U 140 -17.78 -41.49 -47.73
N ASP U 141 -17.43 -42.76 -47.58
CA ASP U 141 -16.04 -43.18 -47.72
C ASP U 141 -15.60 -43.06 -49.17
N GLY U 142 -14.37 -42.60 -49.38
CA GLY U 142 -13.84 -42.48 -50.72
C GLY U 142 -12.52 -41.74 -50.70
N SER U 143 -12.03 -41.44 -51.89
CA SER U 143 -10.79 -40.69 -52.06
C SER U 143 -11.01 -39.62 -53.13
N MET U 144 -10.38 -38.46 -52.96
CA MET U 144 -10.59 -37.33 -53.84
C MET U 144 -9.43 -37.19 -54.80
N LYS U 145 -9.75 -36.85 -56.06
CA LYS U 145 -8.76 -36.66 -57.11
C LYS U 145 -8.65 -35.18 -57.42
N ILE U 146 -7.44 -34.64 -57.33
CA ILE U 146 -7.18 -33.23 -57.59
C ILE U 146 -6.02 -33.13 -58.57
N GLN U 147 -5.97 -32.03 -59.32
CA GLN U 147 -4.97 -31.84 -60.36
C GLN U 147 -3.93 -30.83 -59.89
N VAL U 148 -2.66 -31.21 -59.96
CA VAL U 148 -1.55 -30.33 -59.59
C VAL U 148 -0.46 -30.31 -60.64
N GLY U 149 -0.74 -30.76 -61.85
CA GLY U 149 0.26 -30.82 -62.90
C GLY U 149 -0.30 -30.36 -64.23
N ALA U 150 0.53 -29.62 -64.97
CA ALA U 150 0.12 -29.17 -66.30
C ALA U 150 -0.03 -30.35 -67.25
N ASN U 151 0.88 -31.31 -67.18
CA ASN U 151 0.79 -32.49 -68.04
C ASN U 151 -0.37 -33.38 -67.60
N ASP U 152 -0.79 -34.26 -68.51
CA ASP U 152 -1.91 -35.14 -68.21
C ASP U 152 -1.49 -36.24 -67.23
N GLY U 153 -2.34 -36.46 -66.23
CA GLY U 153 -2.19 -37.60 -65.35
C GLY U 153 -1.28 -37.42 -64.16
N GLN U 154 -0.58 -36.29 -64.06
CA GLN U 154 0.32 -36.03 -62.93
C GLN U 154 -0.48 -35.34 -61.83
N THR U 155 -0.89 -36.11 -60.82
CA THR U 155 -1.82 -35.62 -59.81
C THR U 155 -1.44 -36.17 -58.44
N ILE U 156 -2.07 -35.60 -57.42
CA ILE U 156 -1.93 -36.07 -56.04
C ILE U 156 -3.32 -36.44 -55.52
N THR U 157 -3.40 -37.55 -54.81
CA THR U 157 -4.67 -38.13 -54.38
C THR U 157 -4.85 -37.95 -52.88
N ILE U 158 -6.01 -37.44 -52.48
CA ILE U 158 -6.31 -37.22 -51.07
C ILE U 158 -7.11 -38.41 -50.55
N ASP U 159 -6.79 -38.83 -49.32
CA ASP U 159 -7.44 -39.96 -48.68
C ASP U 159 -8.47 -39.47 -47.68
N LEU U 160 -9.70 -39.97 -47.81
CA LEU U 160 -10.79 -39.66 -46.89
C LEU U 160 -11.33 -40.96 -46.31
N LYS U 161 -11.72 -40.92 -45.04
CA LYS U 161 -12.29 -42.08 -44.37
C LYS U 161 -13.66 -41.72 -43.81
N LYS U 162 -14.64 -42.59 -44.04
CA LYS U 162 -15.96 -42.42 -43.46
C LYS U 162 -15.87 -42.53 -41.94
N ILE U 163 -16.46 -41.57 -41.25
CA ILE U 163 -16.40 -41.58 -39.78
C ILE U 163 -17.77 -41.30 -39.17
N ASP U 164 -18.38 -42.34 -38.59
CA ASP U 164 -19.59 -42.19 -37.80
C ASP U 164 -19.51 -43.10 -36.59
N SER U 165 -20.56 -43.04 -35.74
CA SER U 165 -20.57 -43.83 -34.52
C SER U 165 -20.41 -45.32 -34.81
N ASP U 166 -21.13 -45.82 -35.81
CA ASP U 166 -20.98 -47.23 -36.19
C ASP U 166 -19.61 -47.48 -36.82
N THR U 167 -19.20 -46.61 -37.75
CA THR U 167 -17.96 -46.87 -38.49
C THR U 167 -16.75 -46.84 -37.58
N LEU U 168 -16.69 -45.89 -36.64
CA LEU U 168 -15.57 -45.83 -35.71
C LEU U 168 -15.56 -47.04 -34.79
N GLY U 169 -16.67 -47.79 -34.74
CA GLY U 169 -16.75 -48.89 -33.81
C GLY U 169 -18.08 -49.05 -33.09
N LEU U 170 -18.04 -48.87 -31.78
CA LEU U 170 -19.01 -49.41 -30.81
C LEU U 170 -20.45 -49.23 -31.30
N ASN U 171 -20.94 -48.01 -31.50
CA ASN U 171 -22.33 -47.76 -31.90
C ASN U 171 -23.26 -48.22 -30.77
N GLY U 172 -22.70 -48.68 -29.66
CA GLY U 172 -23.48 -49.38 -28.67
C GLY U 172 -23.18 -49.03 -27.22
N PHE U 173 -22.89 -47.77 -26.93
CA PHE U 173 -22.58 -47.34 -25.57
C PHE U 173 -23.78 -47.54 -24.66
N ASN U 174 -23.70 -48.55 -23.79
CA ASN U 174 -24.61 -48.70 -22.67
C ASN U 174 -23.77 -48.89 -21.42
N VAL U 175 -23.97 -48.03 -20.44
CA VAL U 175 -23.29 -48.16 -19.16
C VAL U 175 -24.25 -48.35 -17.99
N ASN U 176 -25.52 -48.02 -18.17
CA ASN U 176 -26.53 -48.22 -17.14
C ASN U 176 -27.32 -49.52 -17.33
N GLY U 177 -26.97 -50.31 -18.33
CA GLY U 177 -27.67 -51.55 -18.59
C GLY U 177 -29.04 -51.33 -19.22
N GLU U 455 -28.11 -54.07 -23.03
CA GLU U 455 -27.01 -54.65 -22.28
C GLU U 455 -25.84 -53.68 -22.16
N SER U 456 -25.33 -53.54 -20.94
CA SER U 456 -24.21 -52.63 -20.70
C SER U 456 -22.97 -53.10 -21.45
N THR U 457 -22.18 -52.13 -21.93
CA THR U 457 -20.98 -52.45 -22.69
C THR U 457 -19.98 -53.20 -21.82
N SER U 458 -19.34 -54.22 -22.40
CA SER U 458 -18.43 -55.07 -21.65
C SER U 458 -17.15 -54.33 -21.28
N ASP U 459 -16.52 -53.65 -22.23
CA ASP U 459 -15.23 -53.01 -22.02
C ASP U 459 -15.18 -51.71 -22.82
N PRO U 460 -15.58 -50.60 -22.21
CA PRO U 460 -15.67 -49.34 -22.98
C PRO U 460 -14.35 -48.59 -23.14
N LEU U 461 -13.47 -48.67 -22.14
CA LEU U 461 -12.31 -47.78 -22.10
C LEU U 461 -11.34 -48.07 -23.25
N ALA U 462 -11.02 -49.34 -23.48
CA ALA U 462 -10.09 -49.69 -24.54
C ALA U 462 -10.65 -49.32 -25.90
N ALA U 463 -11.96 -49.53 -26.10
CA ALA U 463 -12.56 -49.18 -27.38
C ALA U 463 -12.59 -47.67 -27.59
N LEU U 464 -12.82 -46.90 -26.53
CA LEU U 464 -12.69 -45.45 -26.63
C LEU U 464 -11.29 -45.04 -27.03
N ASP U 465 -10.28 -45.66 -26.41
CA ASP U 465 -8.90 -45.35 -26.78
C ASP U 465 -8.63 -45.72 -28.23
N ASP U 466 -9.19 -46.84 -28.69
CA ASP U 466 -9.03 -47.25 -30.08
C ASP U 466 -9.68 -46.25 -31.04
N ALA U 467 -10.87 -45.76 -30.70
CA ALA U 467 -11.52 -44.76 -31.54
C ALA U 467 -10.72 -43.47 -31.60
N ILE U 468 -10.18 -43.06 -30.44
CA ILE U 468 -9.32 -41.88 -30.43
C ILE U 468 -8.08 -42.11 -31.30
N SER U 469 -7.52 -43.31 -31.23
CA SER U 469 -6.37 -43.63 -32.08
C SER U 469 -6.73 -43.58 -33.56
N GLN U 470 -7.93 -44.05 -33.91
CA GLN U 470 -8.38 -43.99 -35.29
C GLN U 470 -8.48 -42.54 -35.77
N ILE U 471 -9.12 -41.69 -34.97
CA ILE U 471 -9.23 -40.27 -35.32
C ILE U 471 -7.84 -39.65 -35.45
N ASP U 472 -6.93 -40.03 -34.54
CA ASP U 472 -5.57 -39.50 -34.56
C ASP U 472 -4.84 -39.91 -35.83
N LYS U 473 -5.00 -41.17 -36.25
CA LYS U 473 -4.38 -41.63 -37.49
C LYS U 473 -4.93 -40.87 -38.68
N PHE U 474 -6.25 -40.64 -38.70
CA PHE U 474 -6.84 -39.90 -39.80
C PHE U 474 -6.28 -38.48 -39.86
N ARG U 475 -6.17 -37.82 -38.70
CA ARG U 475 -5.64 -36.46 -38.70
C ARG U 475 -4.17 -36.42 -39.08
N SER U 476 -3.42 -37.47 -38.71
CA SER U 476 -2.03 -37.56 -39.16
C SER U 476 -1.96 -37.65 -40.68
N SER U 477 -2.84 -38.45 -41.28
CA SER U 477 -2.88 -38.54 -42.73
C SER U 477 -3.21 -37.19 -43.36
N LEU U 478 -4.19 -36.48 -42.78
CA LEU U 478 -4.52 -35.15 -43.30
C LEU U 478 -3.34 -34.18 -43.19
N GLY U 479 -2.63 -34.21 -42.05
CA GLY U 479 -1.47 -33.35 -41.92
C GLY U 479 -0.40 -33.67 -42.96
N ALA U 480 -0.15 -34.95 -43.19
CA ALA U 480 0.85 -35.34 -44.18
C ALA U 480 0.45 -34.87 -45.57
N VAL U 481 -0.82 -35.04 -45.95
CA VAL U 481 -1.23 -34.65 -47.29
C VAL U 481 -1.21 -33.12 -47.42
N GLN U 482 -1.52 -32.39 -46.35
CA GLN U 482 -1.43 -30.94 -46.39
C GLN U 482 0.01 -30.49 -46.62
N ASN U 483 0.96 -31.11 -45.91
CA ASN U 483 2.37 -30.78 -46.13
C ASN U 483 2.80 -31.09 -47.56
N ARG U 484 2.38 -32.25 -48.07
CA ARG U 484 2.72 -32.62 -49.44
C ARG U 484 2.15 -31.64 -50.45
N LEU U 485 0.93 -31.16 -50.20
CA LEU U 485 0.33 -30.18 -51.09
C LEU U 485 1.06 -28.85 -51.04
N ASP U 486 1.41 -28.38 -49.84
CA ASP U 486 2.06 -27.08 -49.71
C ASP U 486 3.43 -27.08 -50.37
N SER U 487 4.19 -28.16 -50.19
CA SER U 487 5.48 -28.25 -50.86
C SER U 487 5.31 -28.19 -52.38
N ALA U 488 4.27 -28.87 -52.89
CA ALA U 488 4.00 -28.83 -54.33
C ALA U 488 3.66 -27.41 -54.78
N VAL U 489 2.88 -26.68 -53.99
CA VAL U 489 2.54 -25.31 -54.37
C VAL U 489 3.80 -24.45 -54.47
N THR U 490 4.68 -24.56 -53.46
CA THR U 490 5.91 -23.77 -53.49
C THR U 490 6.78 -24.14 -54.68
N ASN U 491 6.92 -25.44 -54.96
CA ASN U 491 7.76 -25.86 -56.08
C ASN U 491 7.18 -25.40 -57.41
N LEU U 492 5.86 -25.49 -57.57
CA LEU U 492 5.23 -25.05 -58.82
C LEU U 492 5.41 -23.56 -59.02
N ASN U 493 5.24 -22.76 -57.96
CA ASN U 493 5.50 -21.33 -58.09
C ASN U 493 6.95 -21.08 -58.51
N ASN U 494 7.89 -21.73 -57.84
CA ASN U 494 9.31 -21.48 -58.10
C ASN U 494 9.66 -21.83 -59.55
N THR U 495 9.21 -22.99 -60.03
CA THR U 495 9.55 -23.38 -61.40
C THR U 495 8.79 -22.56 -62.42
N THR U 496 7.60 -22.07 -62.07
CA THR U 496 6.87 -21.19 -62.97
C THR U 496 7.64 -19.90 -63.21
N THR U 497 8.27 -19.38 -62.15
CA THR U 497 9.08 -18.17 -62.31
C THR U 497 10.25 -18.41 -63.25
N ASN U 498 10.93 -19.55 -63.10
CA ASN U 498 12.06 -19.85 -63.99
C ASN U 498 11.61 -20.04 -65.43
N LEU U 499 10.45 -20.66 -65.62
CA LEU U 499 9.90 -20.80 -66.98
C LEU U 499 9.60 -19.43 -67.57
N SER U 500 9.05 -18.52 -66.77
CA SER U 500 8.79 -17.17 -67.25
C SER U 500 10.09 -16.47 -67.64
N GLU U 501 11.13 -16.62 -66.82
CA GLU U 501 12.42 -16.00 -67.14
C GLU U 501 13.01 -16.58 -68.41
N ALA U 502 12.90 -17.90 -68.60
CA ALA U 502 13.37 -18.51 -69.83
C ALA U 502 12.63 -17.97 -71.05
N GLN U 503 11.29 -17.87 -70.94
CA GLN U 503 10.52 -17.29 -72.03
C GLN U 503 10.96 -15.87 -72.32
N SER U 504 11.27 -15.10 -71.26
CA SER U 504 11.77 -13.75 -71.46
C SER U 504 13.08 -13.76 -72.24
N ARG U 505 14.00 -14.65 -71.87
CA ARG U 505 15.27 -14.73 -72.57
C ARG U 505 15.07 -15.18 -74.02
N ILE U 506 13.98 -15.88 -74.30
CA ILE U 506 13.72 -16.30 -75.68
C ILE U 506 13.29 -15.11 -76.53
N GLN U 507 12.17 -14.47 -76.20
CA GLN U 507 11.56 -13.48 -77.10
C GLN U 507 11.06 -12.24 -76.34
N ASP U 508 11.94 -11.24 -76.22
CA ASP U 508 11.58 -9.92 -75.74
C ASP U 508 12.12 -8.86 -76.71
N ALA U 509 11.54 -7.66 -76.63
CA ALA U 509 11.84 -6.64 -77.61
C ALA U 509 13.30 -6.18 -77.53
N ASP U 510 13.81 -5.97 -76.32
CA ASP U 510 15.15 -5.41 -76.10
C ASP U 510 15.25 -4.02 -76.75
N TYR U 511 14.47 -3.10 -76.18
CA TYR U 511 14.37 -1.75 -76.73
C TYR U 511 15.72 -1.06 -76.82
N ALA U 512 16.67 -1.44 -75.97
CA ALA U 512 17.96 -0.75 -75.92
C ALA U 512 18.63 -0.73 -77.29
N THR U 513 18.54 -1.84 -78.03
CA THR U 513 19.04 -1.85 -79.40
C THR U 513 17.93 -1.48 -80.38
N GLU U 514 16.67 -1.66 -79.98
CA GLU U 514 15.57 -1.52 -80.94
C GLU U 514 15.37 -0.06 -81.33
N VAL U 515 15.36 0.85 -80.36
CA VAL U 515 15.15 2.26 -80.67
C VAL U 515 16.33 2.79 -81.47
N SER U 516 17.54 2.35 -81.15
CA SER U 516 18.71 2.75 -81.92
C SER U 516 18.60 2.28 -83.37
N ASN U 517 18.17 1.03 -83.58
CA ASN U 517 17.98 0.54 -84.93
C ASN U 517 16.93 1.33 -85.67
N MET U 518 15.83 1.67 -85.00
CA MET U 518 14.77 2.43 -85.65
C MET U 518 15.26 3.82 -86.05
N SER U 519 15.99 4.49 -85.15
CA SER U 519 16.54 5.80 -85.48
C SER U 519 17.51 5.71 -86.64
N LYS U 520 18.38 4.69 -86.63
CA LYS U 520 19.32 4.49 -87.72
C LYS U 520 18.59 4.31 -89.04
N ALA U 521 17.57 3.46 -89.06
CA ALA U 521 16.84 3.21 -90.30
C ALA U 521 16.13 4.47 -90.80
N GLN U 522 15.58 5.27 -89.88
CA GLN U 522 14.93 6.51 -90.29
C GLN U 522 15.93 7.50 -90.88
N ILE U 523 17.12 7.58 -90.28
CA ILE U 523 18.16 8.44 -90.84
C ILE U 523 18.56 7.97 -92.23
N ILE U 524 18.70 6.65 -92.40
CA ILE U 524 19.04 6.12 -93.72
C ILE U 524 17.95 6.45 -94.74
N GLN U 525 16.68 6.36 -94.32
CA GLN U 525 15.59 6.70 -95.23
C GLN U 525 15.64 8.17 -95.65
N GLN U 526 15.87 9.06 -94.68
CA GLN U 526 15.96 10.48 -95.01
C GLN U 526 17.12 10.74 -95.98
N ALA U 527 18.28 10.12 -95.71
CA ALA U 527 19.43 10.30 -96.59
C ALA U 527 19.13 9.76 -97.99
N GLY U 528 18.48 8.61 -98.07
CA GLY U 528 18.15 8.05 -99.37
C GLY U 528 17.20 8.91 -100.16
N ASN U 529 16.19 9.46 -99.49
CA ASN U 529 15.26 10.38 -100.17
C ASN U 529 15.99 11.61 -100.68
N SER U 530 16.87 12.18 -99.85
CA SER U 530 17.63 13.35 -100.27
C SER U 530 18.51 13.04 -101.46
N VAL U 531 19.17 11.87 -101.44
CA VAL U 531 20.06 11.51 -102.55
C VAL U 531 19.27 11.25 -103.82
N LEU U 532 18.08 10.66 -103.69
CA LEU U 532 17.21 10.50 -104.86
C LEU U 532 16.86 11.86 -105.45
N ALA U 533 16.41 12.79 -104.61
CA ALA U 533 16.06 14.12 -105.10
C ALA U 533 17.24 14.78 -105.78
N LYS U 534 18.43 14.67 -105.18
CA LYS U 534 19.63 15.27 -105.77
C LYS U 534 19.96 14.62 -107.11
N ALA U 535 19.86 13.30 -107.20
CA ALA U 535 20.22 12.59 -108.43
C ALA U 535 19.25 12.92 -109.55
N ASN U 536 18.03 13.34 -109.19
CA ASN U 536 17.08 13.69 -110.25
C ASN U 536 17.42 15.01 -110.95
N GLN U 537 18.42 15.77 -110.50
CA GLN U 537 18.78 17.02 -111.18
C GLN U 537 19.62 16.77 -112.42
N VAL U 538 20.12 15.54 -112.60
CA VAL U 538 20.98 15.22 -113.74
C VAL U 538 20.32 15.52 -115.09
N PRO U 539 19.02 15.21 -115.31
CA PRO U 539 18.42 15.46 -116.64
C PRO U 539 18.52 16.88 -117.19
N GLN U 540 18.36 17.91 -116.36
CA GLN U 540 18.22 19.27 -116.88
C GLN U 540 19.48 19.75 -117.59
N GLN U 541 20.62 19.10 -117.35
CA GLN U 541 21.80 19.42 -118.14
C GLN U 541 21.59 19.10 -119.61
N VAL U 542 20.77 18.09 -119.91
CA VAL U 542 20.43 17.81 -121.31
C VAL U 542 19.68 18.99 -121.91
N LEU U 543 18.70 19.53 -121.19
CA LEU U 543 18.01 20.73 -121.65
C LEU U 543 18.99 21.87 -121.85
N SER U 544 19.96 22.00 -120.95
CA SER U 544 20.96 23.06 -121.09
C SER U 544 21.76 22.90 -122.38
N LEU U 545 22.19 21.67 -122.69
CA LEU U 545 22.98 21.46 -123.91
C LEU U 545 22.10 21.62 -125.17
N LEU U 546 20.79 21.42 -125.04
CA LEU U 546 19.91 21.62 -126.19
C LEU U 546 19.96 23.07 -126.66
N GLN U 547 20.07 24.02 -125.74
CA GLN U 547 20.28 25.42 -126.09
C GLN U 547 21.37 26.03 -125.22
N ALA V 2 17.32 -0.10 -69.61
CA ALA V 2 16.95 -1.49 -69.42
C ALA V 2 16.72 -2.18 -70.75
N GLN V 3 16.28 -3.44 -70.71
CA GLN V 3 16.09 -4.16 -71.98
C GLN V 3 14.83 -5.02 -72.01
N VAL V 4 14.00 -5.04 -70.96
CA VAL V 4 12.82 -5.89 -70.92
C VAL V 4 11.72 -5.15 -70.18
N ILE V 5 10.50 -5.19 -70.74
CA ILE V 5 9.33 -4.58 -70.11
C ILE V 5 8.22 -5.60 -69.91
N ASN V 6 7.99 -6.47 -70.90
CA ASN V 6 6.81 -7.34 -70.88
C ASN V 6 6.76 -8.20 -69.62
N THR V 7 7.91 -8.61 -69.11
CA THR V 7 8.00 -9.34 -67.86
C THR V 7 8.98 -8.64 -66.93
N ASN V 8 8.49 -8.23 -65.77
CA ASN V 8 9.33 -7.62 -64.74
C ASN V 8 9.58 -8.72 -63.71
N SER V 9 10.34 -9.72 -64.16
CA SER V 9 10.39 -11.00 -63.46
C SER V 9 11.19 -10.91 -62.16
N LEU V 10 12.06 -9.92 -62.04
CA LEU V 10 12.80 -9.76 -60.80
C LEU V 10 11.86 -9.46 -59.64
N SER V 11 10.94 -8.52 -59.82
CA SER V 11 9.94 -8.27 -58.80
C SER V 11 9.03 -9.49 -58.63
N LEU V 12 8.93 -10.32 -59.66
CA LEU V 12 8.14 -11.54 -59.54
C LEU V 12 8.82 -12.53 -58.60
N ILE V 13 10.14 -12.64 -58.66
CA ILE V 13 10.87 -13.44 -57.68
C ILE V 13 10.77 -12.79 -56.30
N THR V 14 10.76 -11.46 -56.26
CA THR V 14 10.51 -10.78 -55.00
C THR V 14 9.17 -11.19 -54.41
N GLN V 15 8.14 -11.30 -55.27
CA GLN V 15 6.84 -11.80 -54.83
C GLN V 15 6.93 -13.24 -54.36
N ASN V 16 7.79 -14.04 -55.01
CA ASN V 16 8.04 -15.39 -54.51
C ASN V 16 8.52 -15.35 -53.06
N ASN V 17 9.50 -14.48 -52.78
CA ASN V 17 10.04 -14.39 -51.42
C ASN V 17 8.99 -13.86 -50.44
N ILE V 18 8.15 -12.92 -50.90
CA ILE V 18 7.07 -12.42 -50.07
C ILE V 18 6.10 -13.55 -49.71
N ASN V 19 5.74 -14.37 -50.71
CA ASN V 19 4.86 -15.51 -50.45
C ASN V 19 5.52 -16.49 -49.49
N LYS V 20 6.82 -16.71 -49.65
CA LYS V 20 7.55 -17.61 -48.76
C LYS V 20 7.50 -17.11 -47.32
N ASN V 21 7.71 -15.81 -47.11
CA ASN V 21 7.69 -15.27 -45.76
C ASN V 21 6.28 -15.19 -45.21
N GLN V 22 5.27 -15.17 -46.09
CA GLN V 22 3.89 -15.08 -45.65
C GLN V 22 3.51 -16.27 -44.77
N SER V 23 3.88 -17.48 -45.19
CA SER V 23 3.54 -18.66 -44.43
C SER V 23 4.21 -18.64 -43.06
N ALA V 24 5.47 -18.22 -43.00
CA ALA V 24 6.16 -18.13 -41.71
C ALA V 24 5.48 -17.11 -40.80
N LEU V 25 5.11 -15.95 -41.35
CA LEU V 25 4.43 -14.94 -40.55
C LEU V 25 3.11 -15.44 -40.01
N SER V 26 2.31 -16.07 -40.87
CA SER V 26 1.01 -16.57 -40.46
C SER V 26 1.15 -17.65 -39.40
N SER V 27 2.10 -18.57 -39.60
CA SER V 27 2.32 -19.64 -38.62
C SER V 27 2.77 -19.06 -37.28
N SER V 28 3.68 -18.09 -37.31
CA SER V 28 4.16 -17.49 -36.07
C SER V 28 3.02 -16.79 -35.32
N ILE V 29 2.18 -16.05 -36.04
CA ILE V 29 1.11 -15.33 -35.35
C ILE V 29 0.05 -16.28 -34.81
N GLU V 30 -0.31 -17.30 -35.60
CA GLU V 30 -1.30 -18.26 -35.11
C GLU V 30 -0.76 -19.03 -33.92
N ARG V 31 0.53 -19.34 -33.91
CA ARG V 31 1.14 -20.00 -32.76
C ARG V 31 1.13 -19.07 -31.54
N LEU V 32 1.43 -17.79 -31.76
CA LEU V 32 1.49 -16.85 -30.64
C LEU V 32 0.11 -16.61 -30.03
N SER V 33 -0.92 -16.53 -30.86
CA SER V 33 -2.27 -16.27 -30.35
C SER V 33 -2.75 -17.40 -29.45
N SER V 34 -2.46 -18.64 -29.82
CA SER V 34 -2.84 -19.78 -29.00
C SER V 34 -1.76 -20.08 -27.97
N GLY V 35 -2.17 -20.76 -26.89
CA GLY V 35 -1.20 -21.21 -25.91
C GLY V 35 -0.47 -22.45 -26.37
N LEU V 36 -0.95 -23.09 -27.42
CA LEU V 36 -0.41 -24.36 -27.90
C LEU V 36 0.43 -24.16 -29.15
N ARG V 37 1.63 -24.72 -29.13
CA ARG V 37 2.51 -24.67 -30.29
C ARG V 37 1.94 -25.47 -31.46
N ILE V 38 1.34 -26.62 -31.17
N ILE V 38 1.34 -26.62 -31.17
CA ILE V 38 0.94 -27.55 -32.23
CA ILE V 38 0.94 -27.55 -32.23
C ILE V 38 -0.11 -26.90 -33.14
C ILE V 38 -0.11 -26.90 -33.14
N ASN V 39 -1.22 -26.46 -32.55
CA ASN V 39 -2.21 -25.64 -33.27
C ASN V 39 -2.72 -26.30 -34.54
N SER V 40 -3.48 -27.40 -34.39
CA SER V 40 -4.09 -28.05 -35.56
C SER V 40 -3.03 -28.59 -36.50
N ALA V 41 -2.46 -29.73 -36.16
CA ALA V 41 -1.07 -30.08 -36.46
C ALA V 41 -0.73 -30.24 -37.94
N LYS V 42 -0.37 -29.13 -38.57
CA LYS V 42 0.53 -29.14 -39.72
C LYS V 42 1.97 -29.42 -39.33
N ASP V 43 2.31 -29.32 -38.05
CA ASP V 43 3.69 -29.32 -37.60
C ASP V 43 4.26 -30.72 -37.47
N ASP V 44 3.70 -31.51 -36.55
CA ASP V 44 4.23 -32.83 -36.22
C ASP V 44 3.09 -33.71 -35.73
N ALA V 45 2.75 -34.74 -36.51
CA ALA V 45 1.66 -35.63 -36.13
C ALA V 45 1.99 -36.38 -34.83
N ALA V 46 3.25 -36.80 -34.67
CA ALA V 46 3.64 -37.55 -33.49
C ALA V 46 3.46 -36.72 -32.22
N GLY V 47 3.89 -35.46 -32.26
CA GLY V 47 3.75 -34.61 -31.08
C GLY V 47 2.30 -34.38 -30.71
N GLN V 48 1.46 -34.12 -31.71
CA GLN V 48 0.03 -33.94 -31.44
C GLN V 48 -0.59 -35.21 -30.88
N ALA V 49 -0.20 -36.37 -31.42
CA ALA V 49 -0.73 -37.64 -30.92
C ALA V 49 -0.35 -37.86 -29.47
N ILE V 50 0.92 -37.61 -29.13
CA ILE V 50 1.36 -37.80 -27.76
C ILE V 50 0.67 -36.81 -26.84
N ALA V 51 0.46 -35.58 -27.32
CA ALA V 51 -0.24 -34.58 -26.52
C ALA V 51 -1.69 -35.00 -26.26
N ASN V 52 -2.37 -35.53 -27.28
CA ASN V 52 -3.74 -35.99 -27.09
C ASN V 52 -3.79 -37.14 -26.08
N ARG V 53 -2.85 -38.07 -26.18
CA ARG V 53 -2.82 -39.17 -25.20
C ARG V 53 -2.57 -38.64 -23.80
N PHE V 54 -1.68 -37.66 -23.65
CA PHE V 54 -1.49 -37.04 -22.34
C PHE V 54 -2.76 -36.38 -21.83
N THR V 55 -3.47 -35.68 -22.71
CA THR V 55 -4.72 -35.05 -22.28
C THR V 55 -5.68 -36.10 -21.75
N SER V 56 -5.89 -37.17 -22.50
CA SER V 56 -6.80 -38.23 -22.04
C SER V 56 -6.34 -38.83 -20.72
N ASN V 57 -5.03 -39.08 -20.60
CA ASN V 57 -4.48 -39.70 -19.40
C ASN V 57 -4.72 -38.81 -18.18
N ILE V 58 -4.41 -37.51 -18.30
CA ILE V 58 -4.53 -36.60 -17.17
C ILE V 58 -5.99 -36.40 -16.79
N LYS V 59 -6.87 -36.24 -17.78
CA LYS V 59 -8.29 -36.08 -17.50
C LYS V 59 -8.83 -37.30 -16.75
N GLY V 60 -8.43 -38.51 -17.20
CA GLY V 60 -8.89 -39.72 -16.54
C GLY V 60 -8.41 -39.86 -15.11
N LEU V 61 -7.12 -39.61 -14.86
CA LEU V 61 -6.63 -39.68 -13.48
C LEU V 61 -7.20 -38.57 -12.60
N THR V 62 -7.50 -37.40 -13.15
CA THR V 62 -8.18 -36.41 -12.33
C THR V 62 -9.55 -36.91 -11.88
N GLN V 63 -10.32 -37.47 -12.82
CA GLN V 63 -11.62 -38.01 -12.45
C GLN V 63 -11.47 -39.15 -11.46
N ALA V 64 -10.44 -39.98 -11.62
CA ALA V 64 -10.24 -41.13 -10.74
C ALA V 64 -9.83 -40.69 -9.33
N ALA V 65 -9.00 -39.65 -9.23
CA ALA V 65 -8.63 -39.14 -7.91
C ALA V 65 -9.83 -38.58 -7.19
N ARG V 66 -10.66 -37.80 -7.89
CA ARG V 66 -11.87 -37.33 -7.22
C ARG V 66 -12.79 -38.49 -6.88
N ASN V 67 -12.79 -39.54 -7.70
CA ASN V 67 -13.56 -40.74 -7.39
C ASN V 67 -13.11 -41.38 -6.09
N ALA V 68 -11.80 -41.51 -5.89
CA ALA V 68 -11.28 -42.12 -4.67
C ALA V 68 -11.61 -41.27 -3.45
N ASN V 69 -11.45 -39.94 -3.57
CA ASN V 69 -11.82 -39.08 -2.45
C ASN V 69 -13.31 -39.17 -2.15
N ASP V 70 -14.15 -39.35 -3.18
CA ASP V 70 -15.56 -39.61 -2.94
C ASP V 70 -15.77 -40.93 -2.19
N GLY V 71 -15.02 -41.96 -2.58
CA GLY V 71 -15.21 -43.26 -1.98
C GLY V 71 -14.78 -43.30 -0.51
N ILE V 72 -13.86 -42.41 -0.13
CA ILE V 72 -13.46 -42.33 1.28
C ILE V 72 -14.65 -41.99 2.18
N SER V 73 -15.61 -41.24 1.66
CA SER V 73 -16.71 -40.72 2.49
C SER V 73 -17.60 -41.84 3.02
N VAL V 74 -17.97 -42.79 2.16
CA VAL V 74 -18.84 -43.88 2.62
C VAL V 74 -18.11 -44.72 3.66
N ALA V 75 -16.80 -44.91 3.49
CA ALA V 75 -16.02 -45.65 4.47
C ALA V 75 -16.02 -44.94 5.82
N GLN V 76 -15.86 -43.61 5.81
CA GLN V 76 -15.84 -42.89 7.08
C GLN V 76 -17.21 -42.88 7.74
N THR V 77 -18.28 -42.79 6.94
CA THR V 77 -19.63 -42.86 7.51
C THR V 77 -19.87 -44.22 8.15
N THR V 78 -19.46 -45.30 7.47
CA THR V 78 -19.59 -46.64 8.04
C THR V 78 -18.77 -46.77 9.31
N GLU V 79 -17.56 -46.20 9.33
CA GLU V 79 -16.74 -46.26 10.54
C GLU V 79 -17.44 -45.56 11.70
N GLY V 80 -18.07 -44.40 11.44
CA GLY V 80 -18.81 -43.72 12.49
C GLY V 80 -19.96 -44.56 13.01
N ALA V 81 -20.72 -45.18 12.10
CA ALA V 81 -21.84 -46.02 12.52
C ALA V 81 -21.35 -47.19 13.38
N LEU V 82 -20.26 -47.84 12.98
CA LEU V 82 -19.71 -48.94 13.76
C LEU V 82 -19.19 -48.48 15.11
N SER V 83 -18.61 -47.27 15.18
CA SER V 83 -18.19 -46.74 16.48
C SER V 83 -19.38 -46.54 17.40
N GLU V 84 -20.48 -45.99 16.86
CA GLU V 84 -21.68 -45.81 17.67
C GLU V 84 -22.25 -47.14 18.13
N ILE V 85 -22.20 -48.16 17.27
CA ILE V 85 -22.62 -49.50 17.68
C ILE V 85 -21.71 -50.05 18.77
N ASN V 86 -20.41 -49.79 18.65
CA ASN V 86 -19.45 -50.22 19.67
C ASN V 86 -19.79 -49.61 21.02
N ASN V 87 -20.22 -48.36 21.04
CA ASN V 87 -20.64 -47.75 22.30
C ASN V 87 -21.74 -48.56 22.97
N ASN V 88 -22.77 -48.93 22.21
CA ASN V 88 -23.89 -49.70 22.76
C ASN V 88 -23.44 -51.07 23.23
N LEU V 89 -22.60 -51.75 22.44
CA LEU V 89 -22.13 -53.07 22.86
C LEU V 89 -21.28 -52.99 24.13
N GLN V 90 -20.44 -51.95 24.25
CA GLN V 90 -19.67 -51.78 25.48
C GLN V 90 -20.59 -51.53 26.67
N ARG V 91 -21.63 -50.72 26.48
CA ARG V 91 -22.58 -50.47 27.57
C ARG V 91 -23.27 -51.76 28.00
N ILE V 92 -23.73 -52.56 27.04
CA ILE V 92 -24.38 -53.83 27.38
C ILE V 92 -23.40 -54.76 28.07
N ARG V 93 -22.15 -54.77 27.61
CA ARG V 93 -21.12 -55.61 28.21
C ARG V 93 -20.90 -55.25 29.67
N GLU V 94 -20.87 -53.95 29.98
CA GLU V 94 -20.63 -53.54 31.36
C GLU V 94 -21.88 -53.71 32.21
N LEU V 95 -23.06 -53.66 31.60
CA LEU V 95 -24.30 -53.75 32.38
C LEU V 95 -24.68 -55.20 32.66
N THR V 96 -24.25 -56.13 31.79
CA THR V 96 -24.50 -57.54 32.06
C THR V 96 -23.81 -57.99 33.34
N VAL V 97 -22.68 -57.35 33.68
CA VAL V 97 -21.99 -57.67 34.93
C VAL V 97 -22.90 -57.35 36.12
N GLN V 98 -23.57 -56.20 36.08
CA GLN V 98 -24.56 -55.90 37.11
C GLN V 98 -25.71 -56.90 37.08
N ALA V 99 -26.16 -57.27 35.88
CA ALA V 99 -27.28 -58.20 35.77
C ALA V 99 -26.93 -59.56 36.36
N SER V 100 -25.65 -59.91 36.38
CA SER V 100 -25.24 -61.24 36.81
C SER V 100 -25.28 -61.39 38.32
N THR V 101 -25.27 -60.27 39.05
CA THR V 101 -25.25 -60.31 40.50
C THR V 101 -26.50 -60.99 41.05
N GLY V 102 -26.33 -61.88 42.02
CA GLY V 102 -27.44 -62.64 42.55
C GLY V 102 -28.29 -61.89 43.56
N THR V 103 -27.84 -60.70 43.98
CA THR V 103 -28.62 -59.93 44.94
C THR V 103 -29.88 -59.37 44.31
N ASN V 104 -29.89 -59.20 42.99
CA ASN V 104 -31.02 -58.59 42.31
C ASN V 104 -32.26 -59.48 42.38
N SER V 105 -33.41 -58.84 42.52
CA SER V 105 -34.68 -59.55 42.52
C SER V 105 -35.20 -59.69 41.09
N ASP V 106 -36.40 -60.27 40.96
CA ASP V 106 -36.98 -60.49 39.64
C ASP V 106 -37.38 -59.18 38.97
N SER V 107 -37.84 -58.20 39.75
CA SER V 107 -38.22 -56.92 39.17
C SER V 107 -37.00 -56.21 38.59
N ASP V 108 -35.87 -56.25 39.29
CA ASP V 108 -34.65 -55.66 38.75
C ASP V 108 -34.21 -56.37 37.48
N LEU V 109 -34.33 -57.70 37.46
CA LEU V 109 -33.99 -58.45 36.25
C LEU V 109 -34.90 -58.07 35.09
N ASP V 110 -36.19 -57.86 35.37
CA ASP V 110 -37.11 -57.44 34.31
C ASP V 110 -36.77 -56.05 33.79
N SER V 111 -36.40 -55.13 34.68
CA SER V 111 -35.98 -53.81 34.23
C SER V 111 -34.73 -53.89 33.37
N ILE V 112 -33.76 -54.71 33.78
CA ILE V 112 -32.55 -54.89 32.98
C ILE V 112 -32.88 -55.51 31.63
N GLN V 113 -33.83 -56.46 31.61
CA GLN V 113 -34.25 -57.05 30.35
C GLN V 113 -34.88 -56.01 29.43
N ASP V 114 -35.71 -55.12 29.99
CA ASP V 114 -36.28 -54.03 29.20
C ASP V 114 -35.19 -53.15 28.63
N GLU V 115 -34.20 -52.80 29.45
CA GLU V 115 -33.11 -51.94 29.00
C GLU V 115 -32.32 -52.59 27.87
N ILE V 116 -31.97 -53.87 28.03
CA ILE V 116 -31.15 -54.53 27.02
C ILE V 116 -31.96 -54.75 25.73
N LYS V 117 -33.27 -55.01 25.87
CA LYS V 117 -34.10 -55.14 24.67
C LYS V 117 -34.20 -53.82 23.92
N SER V 118 -34.33 -52.71 24.66
CA SER V 118 -34.33 -51.40 24.03
C SER V 118 -33.00 -51.15 23.29
N ARG V 119 -31.89 -51.53 23.92
CA ARG V 119 -30.60 -51.38 23.26
C ARG V 119 -30.51 -52.26 22.01
N LEU V 120 -31.07 -53.46 22.08
CA LEU V 120 -31.11 -54.33 20.89
C LEU V 120 -31.89 -53.67 19.77
N ASP V 121 -33.02 -53.06 20.10
CA ASP V 121 -33.82 -52.37 19.09
C ASP V 121 -33.04 -51.22 18.47
N GLU V 122 -32.33 -50.45 19.30
CA GLU V 122 -31.47 -49.39 18.76
C GLU V 122 -30.38 -49.94 17.86
N ILE V 123 -29.80 -51.09 18.21
CA ILE V 123 -28.79 -51.70 17.33
C ILE V 123 -29.41 -52.04 15.98
N ASP V 124 -30.56 -52.70 15.99
CA ASP V 124 -31.21 -53.07 14.73
C ASP V 124 -31.59 -51.84 13.92
N ARG V 125 -32.06 -50.79 14.59
CA ARG V 125 -32.44 -49.57 13.89
C ARG V 125 -31.23 -48.90 13.27
N VAL V 126 -30.15 -48.72 14.03
CA VAL V 126 -28.97 -48.05 13.46
C VAL V 126 -28.38 -48.88 12.33
N SER V 127 -28.53 -50.21 12.40
CA SER V 127 -28.08 -51.04 11.29
C SER V 127 -28.92 -50.82 10.05
N GLY V 128 -30.24 -50.89 10.19
CA GLY V 128 -31.11 -50.86 9.02
C GLY V 128 -31.22 -49.48 8.38
N GLN V 129 -31.31 -48.44 9.22
CA GLN V 129 -31.68 -47.12 8.71
C GLN V 129 -30.53 -46.43 7.98
N THR V 130 -29.28 -46.66 8.41
CA THR V 130 -28.16 -45.95 7.82
C THR V 130 -28.06 -46.26 6.33
N GLN V 131 -27.83 -45.22 5.54
CA GLN V 131 -27.75 -45.36 4.10
C GLN V 131 -26.86 -44.27 3.52
N PHE V 132 -26.21 -44.59 2.40
CA PHE V 132 -25.30 -43.68 1.72
C PHE V 132 -25.72 -43.59 0.25
N ASN V 133 -26.08 -42.39 -0.19
CA ASN V 133 -26.53 -42.15 -1.55
C ASN V 133 -27.67 -43.09 -1.93
N GLY V 134 -28.60 -43.27 -0.99
CA GLY V 134 -29.73 -44.16 -1.21
C GLY V 134 -29.41 -45.63 -1.15
N VAL V 135 -28.22 -46.00 -0.66
CA VAL V 135 -27.79 -47.39 -0.58
C VAL V 135 -27.47 -47.73 0.86
N ASN V 136 -28.02 -48.83 1.34
CA ASN V 136 -27.77 -49.31 2.70
C ASN V 136 -26.48 -50.11 2.71
N VAL V 137 -25.55 -49.72 3.57
CA VAL V 137 -24.22 -50.33 3.55
C VAL V 137 -24.15 -51.52 4.51
N LEU V 138 -24.94 -51.51 5.58
CA LEU V 138 -24.93 -52.58 6.56
C LEU V 138 -26.16 -53.47 6.50
N ALA V 139 -27.12 -53.18 5.62
CA ALA V 139 -28.32 -54.00 5.54
C ALA V 139 -28.04 -55.34 4.88
N LYS V 140 -27.10 -55.37 3.93
CA LYS V 140 -26.81 -56.58 3.17
C LYS V 140 -25.31 -56.67 2.94
N ASP V 141 -24.77 -57.87 3.19
CA ASP V 141 -23.33 -58.07 3.05
C ASP V 141 -22.96 -58.11 1.57
N GLY V 142 -21.92 -57.35 1.22
CA GLY V 142 -21.49 -57.26 -0.16
C GLY V 142 -20.17 -56.54 -0.28
N SER V 143 -19.77 -56.29 -1.52
CA SER V 143 -18.52 -55.64 -1.84
C SER V 143 -18.78 -54.43 -2.73
N MET V 144 -18.02 -53.36 -2.52
CA MET V 144 -18.16 -52.13 -3.28
C MET V 144 -16.89 -51.91 -4.11
N LYS V 145 -17.07 -51.58 -5.38
CA LYS V 145 -15.96 -51.35 -6.31
C LYS V 145 -15.69 -49.86 -6.41
N ILE V 146 -14.41 -49.49 -6.29
CA ILE V 146 -13.97 -48.10 -6.42
C ILE V 146 -12.98 -48.04 -7.57
N GLN V 147 -13.23 -47.13 -8.51
CA GLN V 147 -12.44 -47.01 -9.73
C GLN V 147 -11.47 -45.85 -9.58
N VAL V 148 -10.18 -46.17 -9.49
CA VAL V 148 -9.14 -45.18 -9.19
C VAL V 148 -8.05 -45.13 -10.27
N GLY V 149 -8.36 -45.59 -11.47
CA GLY V 149 -7.37 -45.60 -12.54
C GLY V 149 -8.02 -45.44 -13.89
N ALA V 150 -7.43 -44.58 -14.73
CA ALA V 150 -7.97 -44.38 -16.06
C ALA V 150 -7.74 -45.60 -16.94
N ASN V 151 -6.90 -46.52 -16.49
CA ASN V 151 -6.66 -47.74 -17.25
C ASN V 151 -7.89 -48.64 -17.23
N ASP V 152 -7.85 -49.69 -18.04
CA ASP V 152 -9.03 -50.51 -18.28
C ASP V 152 -9.33 -51.42 -17.10
N GLY V 153 -10.59 -51.42 -16.68
CA GLY V 153 -11.09 -52.41 -15.73
C GLY V 153 -10.34 -52.47 -14.41
N GLN V 154 -10.07 -51.33 -13.81
CA GLN V 154 -9.31 -51.26 -12.57
C GLN V 154 -10.23 -50.80 -11.44
N THR V 155 -10.27 -51.57 -10.35
CA THR V 155 -11.09 -51.25 -9.19
C THR V 155 -10.35 -51.63 -7.91
N ILE V 156 -10.73 -50.97 -6.82
CA ILE V 156 -10.36 -51.37 -5.48
C ILE V 156 -11.64 -51.74 -4.74
N THR V 157 -11.68 -52.96 -4.21
CA THR V 157 -12.89 -53.52 -3.62
C THR V 157 -12.97 -53.18 -2.14
N ILE V 158 -14.05 -52.52 -1.75
CA ILE V 158 -14.37 -52.31 -0.34
C ILE V 158 -15.41 -53.33 0.07
N ASP V 159 -15.12 -54.08 1.13
CA ASP V 159 -15.99 -55.15 1.60
C ASP V 159 -16.81 -54.65 2.78
N LEU V 160 -18.13 -54.75 2.66
CA LEU V 160 -19.05 -54.35 3.71
C LEU V 160 -19.73 -55.60 4.27
N LYS V 161 -19.68 -55.75 5.59
CA LYS V 161 -20.29 -56.89 6.26
C LYS V 161 -21.61 -56.45 6.87
N LYS V 162 -22.68 -57.18 6.56
CA LYS V 162 -23.99 -56.86 7.13
C LYS V 162 -23.97 -57.11 8.63
N ILE V 163 -24.30 -56.08 9.40
CA ILE V 163 -24.27 -56.17 10.86
C ILE V 163 -25.66 -55.95 11.42
N ASP V 164 -26.40 -57.05 11.63
CA ASP V 164 -27.65 -56.99 12.37
C ASP V 164 -27.47 -57.72 13.70
N SER V 165 -28.56 -57.85 14.45
CA SER V 165 -28.50 -58.57 15.72
C SER V 165 -28.14 -60.04 15.51
N ASP V 166 -28.67 -60.65 14.45
CA ASP V 166 -28.38 -62.05 14.17
C ASP V 166 -26.93 -62.24 13.74
N THR V 167 -26.46 -61.42 12.81
CA THR V 167 -25.12 -61.62 12.27
C THR V 167 -24.06 -61.41 13.35
N LEU V 168 -24.27 -60.44 14.26
CA LEU V 168 -23.32 -60.26 15.35
C LEU V 168 -23.37 -61.43 16.33
N GLY V 169 -24.36 -62.31 16.20
CA GLY V 169 -24.49 -63.44 17.09
C GLY V 169 -25.87 -63.70 17.69
N LEU V 170 -25.98 -63.65 19.01
CA LEU V 170 -27.04 -64.32 19.77
C LEU V 170 -28.42 -64.13 19.15
N ASN V 171 -28.94 -62.90 19.03
CA ASN V 171 -30.29 -62.64 18.53
C ASN V 171 -31.31 -63.15 19.55
N GLY V 172 -30.81 -63.75 20.64
CA GLY V 172 -31.65 -64.35 21.66
C GLY V 172 -31.31 -63.95 23.08
N PHE V 173 -31.25 -62.66 23.36
CA PHE V 173 -30.92 -62.16 24.69
C PHE V 173 -32.14 -62.27 25.61
N ASN V 174 -31.93 -62.89 26.77
CA ASN V 174 -32.83 -62.84 27.91
C ASN V 174 -32.00 -63.05 29.16
N VAL V 175 -32.30 -62.31 30.21
CA VAL V 175 -31.64 -62.49 31.49
C VAL V 175 -32.62 -62.77 32.61
N ASN V 176 -33.91 -62.75 32.32
CA ASN V 176 -34.94 -62.94 33.32
C ASN V 176 -35.81 -64.15 33.04
N GLY V 177 -35.33 -65.09 32.24
CA GLY V 177 -36.07 -66.31 31.94
C GLY V 177 -36.96 -66.18 30.72
N GLU V 455 -35.22 -68.60 26.25
CA GLU V 455 -34.55 -68.84 27.53
C GLU V 455 -33.30 -67.98 27.65
N SER V 456 -32.83 -67.79 28.87
CA SER V 456 -31.67 -66.94 29.11
C SER V 456 -30.42 -67.53 28.46
N THR V 457 -29.52 -66.64 28.03
CA THR V 457 -28.29 -67.06 27.38
C THR V 457 -27.37 -67.76 28.36
N SER V 458 -26.68 -68.80 27.88
CA SER V 458 -25.81 -69.58 28.76
C SER V 458 -24.56 -68.80 29.15
N ASP V 459 -23.89 -68.18 28.18
CA ASP V 459 -22.64 -67.45 28.43
C ASP V 459 -22.71 -66.11 27.73
N PRO V 460 -23.47 -65.15 28.31
CA PRO V 460 -23.61 -63.85 27.66
C PRO V 460 -22.31 -63.09 27.48
N LEU V 461 -21.44 -63.12 28.50
CA LEU V 461 -20.27 -62.25 28.50
C LEU V 461 -19.29 -62.62 27.37
N ALA V 462 -19.04 -63.92 27.18
CA ALA V 462 -18.12 -64.33 26.13
C ALA V 462 -18.68 -64.03 24.74
N ALA V 463 -19.99 -64.24 24.56
CA ALA V 463 -20.62 -63.91 23.28
C ALA V 463 -20.55 -62.41 22.99
N LEU V 464 -20.76 -61.58 24.01
CA LEU V 464 -20.65 -60.14 23.82
C LEU V 464 -19.22 -59.74 23.46
N ASP V 465 -18.24 -60.37 24.10
CA ASP V 465 -16.84 -60.13 23.72
C ASP V 465 -16.59 -60.53 22.28
N ASP V 466 -17.17 -61.67 21.86
CA ASP V 466 -17.01 -62.10 20.47
C ASP V 466 -17.63 -61.10 19.50
N ALA V 467 -18.80 -60.56 19.85
CA ALA V 467 -19.44 -59.55 19.01
C ALA V 467 -18.60 -58.29 18.92
N ILE V 468 -18.00 -57.87 20.05
CA ILE V 468 -17.13 -56.71 20.03
C ILE V 468 -15.92 -56.95 19.15
N SER V 469 -15.33 -58.13 19.23
CA SER V 469 -14.20 -58.46 18.37
C SER V 469 -14.60 -58.47 16.91
N GLN V 470 -15.79 -58.98 16.60
CA GLN V 470 -16.28 -58.99 15.23
C GLN V 470 -16.44 -57.57 14.70
N ILE V 471 -16.95 -56.67 15.55
CA ILE V 471 -17.08 -55.25 15.15
C ILE V 471 -15.69 -54.65 14.93
N ASP V 472 -14.74 -55.00 15.79
CA ASP V 472 -13.39 -54.46 15.67
C ASP V 472 -12.73 -54.90 14.37
N LYS V 473 -12.98 -56.14 13.94
CA LYS V 473 -12.45 -56.60 12.66
C LYS V 473 -12.97 -55.74 11.51
N PHE V 474 -14.27 -55.45 11.51
CA PHE V 474 -14.86 -54.64 10.46
C PHE V 474 -14.27 -53.23 10.48
N ARG V 475 -14.09 -52.67 11.67
CA ARG V 475 -13.50 -51.35 11.79
C ARG V 475 -12.05 -51.34 11.27
N SER V 476 -11.30 -52.42 11.55
CA SER V 476 -9.94 -52.51 11.04
C SER V 476 -9.92 -52.56 9.52
N SER V 477 -10.85 -53.32 8.92
CA SER V 477 -10.94 -53.35 7.47
C SER V 477 -11.26 -51.97 6.90
N LEU V 478 -12.16 -51.24 7.57
CA LEU V 478 -12.47 -49.87 7.14
C LEU V 478 -11.25 -48.97 7.23
N GLY V 479 -10.48 -49.08 8.31
CA GLY V 479 -9.25 -48.31 8.41
C GLY V 479 -8.29 -48.63 7.27
N ALA V 480 -8.17 -49.92 6.94
CA ALA V 480 -7.30 -50.33 5.85
C ALA V 480 -7.72 -49.71 4.52
N VAL V 481 -9.02 -49.77 4.21
CA VAL V 481 -9.48 -49.26 2.93
C VAL V 481 -9.35 -47.74 2.88
N GLN V 482 -9.62 -47.06 4.01
CA GLN V 482 -9.45 -45.62 4.03
C GLN V 482 -7.99 -45.23 3.78
N ASN V 483 -7.06 -45.96 4.42
CA ASN V 483 -5.64 -45.68 4.20
C ASN V 483 -5.25 -45.91 2.75
N ARG V 484 -5.76 -47.00 2.16
CA ARG V 484 -5.46 -47.29 0.74
C ARG V 484 -5.97 -46.17 -0.16
N LEU V 485 -7.21 -45.74 0.04
CA LEU V 485 -7.77 -44.70 -0.81
C LEU V 485 -7.03 -43.37 -0.64
N ASP V 486 -6.64 -43.03 0.60
CA ASP V 486 -5.88 -41.81 0.80
C ASP V 486 -4.54 -41.87 0.09
N SER V 487 -3.82 -42.99 0.22
CA SER V 487 -2.55 -43.14 -0.46
C SER V 487 -2.73 -43.06 -1.97
N ALA V 488 -3.80 -43.67 -2.49
CA ALA V 488 -4.06 -43.61 -3.93
C ALA V 488 -4.35 -42.18 -4.39
N VAL V 489 -5.07 -41.41 -3.57
CA VAL V 489 -5.37 -40.03 -3.94
C VAL V 489 -4.09 -39.21 -4.03
N THR V 490 -3.21 -39.35 -3.04
CA THR V 490 -1.92 -38.66 -3.12
C THR V 490 -1.13 -39.14 -4.34
N ASN V 491 -1.19 -40.45 -4.62
CA ASN V 491 -0.53 -41.00 -5.80
C ASN V 491 -0.99 -40.32 -7.08
N LEU V 492 -2.31 -40.26 -7.27
CA LEU V 492 -2.84 -39.69 -8.51
C LEU V 492 -2.58 -38.20 -8.61
N ASN V 493 -2.65 -37.48 -7.48
CA ASN V 493 -2.29 -36.06 -7.52
C ASN V 493 -0.85 -35.87 -7.97
N ASN V 494 0.07 -36.59 -7.35
CA ASN V 494 1.49 -36.42 -7.67
C ASN V 494 1.77 -36.80 -9.13
N THR V 495 1.20 -37.91 -9.61
CA THR V 495 1.47 -38.32 -10.98
C THR V 495 0.78 -37.40 -11.97
N THR V 496 -0.37 -36.82 -11.58
CA THR V 496 -1.06 -35.88 -12.45
C THR V 496 -0.22 -34.62 -12.66
N THR V 497 0.42 -34.13 -11.59
CA THR V 497 1.31 -32.98 -11.78
C THR V 497 2.45 -33.30 -12.73
N ASN V 498 3.06 -34.48 -12.58
CA ASN V 498 4.18 -34.87 -13.43
C ASN V 498 3.73 -35.00 -14.89
N LEU V 499 2.57 -35.61 -15.12
CA LEU V 499 2.07 -35.75 -16.49
C LEU V 499 1.72 -34.41 -17.11
N SER V 500 1.17 -33.49 -16.30
CA SER V 500 0.90 -32.15 -16.80
C SER V 500 2.19 -31.44 -17.19
N GLU V 501 3.22 -31.56 -16.37
CA GLU V 501 4.52 -30.97 -16.71
C GLU V 501 5.09 -31.60 -17.97
N ALA V 502 4.95 -32.91 -18.11
CA ALA V 502 5.43 -33.59 -19.31
C ALA V 502 4.70 -33.10 -20.55
N GLN V 503 3.37 -32.99 -20.47
CA GLN V 503 2.60 -32.51 -21.61
C GLN V 503 2.98 -31.08 -21.95
N SER V 504 3.25 -30.25 -20.94
CA SER V 504 3.76 -28.91 -21.20
C SER V 504 5.08 -28.96 -21.95
N ARG V 505 6.01 -29.79 -21.48
CA ARG V 505 7.31 -29.89 -22.15
C ARG V 505 7.16 -30.38 -23.58
N ILE V 506 6.11 -31.16 -23.86
CA ILE V 506 5.85 -31.60 -25.23
C ILE V 506 5.54 -30.39 -26.11
N GLN V 507 4.68 -29.49 -25.64
CA GLN V 507 4.27 -28.34 -26.43
C GLN V 507 3.71 -27.24 -25.54
N ASP V 508 4.20 -26.02 -25.74
CA ASP V 508 3.59 -24.81 -25.23
C ASP V 508 3.86 -23.68 -26.21
N ALA V 509 3.33 -22.49 -25.89
CA ALA V 509 3.51 -21.35 -26.77
C ALA V 509 4.98 -20.99 -26.92
N ASP V 510 5.73 -20.99 -25.82
CA ASP V 510 7.13 -20.54 -25.80
C ASP V 510 7.23 -19.12 -26.36
N TYR V 511 6.61 -18.19 -25.61
CA TYR V 511 6.40 -16.83 -26.11
C TYR V 511 7.71 -16.13 -26.45
N ALA V 512 8.78 -16.44 -25.71
CA ALA V 512 10.03 -15.68 -25.83
C ALA V 512 10.58 -15.75 -27.26
N THR V 513 10.69 -16.95 -27.82
CA THR V 513 11.18 -17.08 -29.19
C THR V 513 10.10 -16.72 -30.20
N GLU V 514 8.83 -16.87 -29.82
CA GLU V 514 7.75 -16.69 -30.78
C GLU V 514 7.55 -15.22 -31.12
N VAL V 515 7.65 -14.34 -30.12
CA VAL V 515 7.55 -12.91 -30.39
C VAL V 515 8.72 -12.45 -31.26
N SER V 516 9.91 -13.00 -31.02
CA SER V 516 11.06 -12.67 -31.85
C SER V 516 10.84 -13.13 -33.29
N ASN V 517 10.32 -14.34 -33.47
CA ASN V 517 10.04 -14.83 -34.81
C ASN V 517 9.00 -13.96 -35.51
N MET V 518 7.97 -13.55 -34.79
CA MET V 518 6.95 -12.69 -35.38
C MET V 518 7.53 -11.34 -35.78
N SER V 519 8.38 -10.77 -34.93
CA SER V 519 8.99 -9.49 -35.26
C SER V 519 9.87 -9.60 -36.50
N LYS V 520 10.68 -10.66 -36.57
CA LYS V 520 11.53 -10.85 -37.74
C LYS V 520 10.69 -11.06 -38.99
N ALA V 521 9.61 -11.82 -38.90
CA ALA V 521 8.74 -12.02 -40.05
C ALA V 521 8.14 -10.70 -40.51
N GLN V 522 7.70 -9.87 -39.56
CA GLN V 522 7.16 -8.56 -39.92
C GLN V 522 8.20 -7.69 -40.61
N ILE V 523 9.43 -7.66 -40.07
CA ILE V 523 10.48 -6.84 -40.66
C ILE V 523 10.79 -7.31 -42.08
N ILE V 524 10.92 -8.62 -42.26
CA ILE V 524 11.22 -9.16 -43.59
C ILE V 524 10.07 -8.89 -44.54
N GLN V 525 8.83 -8.93 -44.05
CA GLN V 525 7.68 -8.62 -44.90
C GLN V 525 7.72 -7.18 -45.38
N GLN V 526 7.99 -6.24 -44.46
CA GLN V 526 8.06 -4.83 -44.86
C GLN V 526 9.20 -4.61 -45.85
N ALA V 527 10.36 -5.23 -45.59
CA ALA V 527 11.47 -5.10 -46.51
C ALA V 527 11.13 -5.67 -47.88
N GLY V 528 10.43 -6.80 -47.90
CA GLY V 528 10.03 -7.39 -49.17
C GLY V 528 9.08 -6.51 -49.96
N ASN V 529 8.09 -5.91 -49.29
CA ASN V 529 7.20 -5.00 -49.98
C ASN V 529 7.96 -3.79 -50.52
N SER V 530 8.88 -3.24 -49.71
CA SER V 530 9.66 -2.10 -50.16
C SER V 530 10.50 -2.44 -51.39
N VAL V 531 11.19 -3.58 -51.36
CA VAL V 531 12.04 -3.94 -52.49
C VAL V 531 11.19 -4.30 -53.70
N LEU V 532 10.00 -4.86 -53.50
CA LEU V 532 9.10 -5.10 -54.62
C LEU V 532 8.70 -3.80 -55.30
N ALA V 533 8.33 -2.78 -54.50
CA ALA V 533 7.99 -1.49 -55.09
C ALA V 533 9.18 -0.90 -55.82
N LYS V 534 10.37 -0.98 -55.22
CA LYS V 534 11.53 -0.34 -55.84
C LYS V 534 11.98 -1.11 -57.09
N ALA V 535 11.68 -2.40 -57.15
CA ALA V 535 11.97 -3.19 -58.34
C ALA V 535 10.99 -2.84 -59.45
N ASN V 536 9.72 -2.59 -59.10
CA ASN V 536 8.80 -2.04 -60.08
C ASN V 536 9.19 -0.62 -60.49
N GLN V 537 10.01 0.05 -59.68
CA GLN V 537 10.53 1.37 -60.05
C GLN V 537 11.63 1.28 -61.11
N VAL V 538 12.06 0.07 -61.45
CA VAL V 538 13.13 -0.11 -62.44
C VAL V 538 12.70 0.18 -63.87
N PRO V 539 11.67 -0.47 -64.42
CA PRO V 539 11.52 -0.50 -65.89
C PRO V 539 11.09 0.80 -66.53
N GLN V 540 10.85 1.88 -65.77
CA GLN V 540 10.44 3.13 -66.40
C GLN V 540 11.57 3.77 -67.20
N GLN V 541 12.80 3.24 -67.08
CA GLN V 541 13.92 3.79 -67.82
C GLN V 541 13.77 3.59 -69.33
N VAL V 542 12.89 2.67 -69.74
CA VAL V 542 12.71 2.43 -71.17
C VAL V 542 12.10 3.65 -71.84
N LEU V 543 11.26 4.40 -71.12
CA LEU V 543 10.72 5.64 -71.67
C LEU V 543 11.84 6.64 -71.91
N SER V 544 12.77 6.77 -70.96
CA SER V 544 13.92 7.64 -71.17
C SER V 544 14.73 7.17 -72.36
N LEU V 545 14.86 5.85 -72.53
CA LEU V 545 15.58 5.32 -73.68
C LEU V 545 14.89 5.68 -74.99
N LEU V 546 13.56 5.62 -75.01
CA LEU V 546 12.82 5.78 -76.27
C LEU V 546 13.01 7.19 -76.83
N GLN V 547 12.92 8.20 -75.97
CA GLN V 547 13.34 9.53 -76.34
C GLN V 547 14.65 9.86 -75.61
#